data_8YKA
#
_entry.id   8YKA
#
_cell.length_a   1.00
_cell.length_b   1.00
_cell.length_c   1.00
_cell.angle_alpha   90.00
_cell.angle_beta   90.00
_cell.angle_gamma   90.00
#
_symmetry.space_group_name_H-M   'P 1'
#
loop_
_entity.id
_entity.type
_entity.pdbx_description
1 polymer 'Transitional endoplasmic reticulum ATPase'
2 polymer 'Deubiquitinating protein VCPIP1'
#
loop_
_entity_poly.entity_id
_entity_poly.type
_entity_poly.pdbx_seq_one_letter_code
_entity_poly.pdbx_strand_id
1 'polypeptide(L)'
;LSTAILKQKNRPNRLIVDEAINEDNSVVSLSQPKMDELQLFRGDTVLLKGKKRREAVCIVLSDDTCSDEKIRMNRVVRNN
LRVRLGDVISIQPCPDVKYGKRIHVLPIDDTVEGITGNLFEVYLKPYFLEAYRPIRKGDIFLVRGGMRAVEFKVVETDPS
PYCIVAPDTVIHCEGEPIKREDEEESLNEVGYDDIGGCRKQLAQIKEMVELPLRHPALFKAIGVKPPRGILLYGPPGTGK
TLIARAVANETGAFFFLINGPEIMSKLAGESESNLRKAFEEAEKNAPAIIFIDELDAIAPKREKTHGEVERRIVSQLLTL
MDGLKQRAHVIVMAATNRPNSIDPALRRFGRFDREVDIGIPDATGRLEILQIHTKNMKLADDVDLEQVANETHGHVGADL
AALCSEAALQAIRKKMDLIDLEDETIDAEVMNSLAVTMDDFRWALSQSNPSALRETVVEVPQVTWEDIGGLEDVKRELQE
LVQYPVEHPDKFLKFGMTPSKGVLFYGPPGCGKTLLAKAIANECQANFISIKGPELLTMWFGESEANVREIFDKARQAAP
CVLFFDELDSIAKARGGNIGDGGGAADRVINQILTEMDGMSTKKNVFIIGATNRPDIIDPAILRPGRLDQLIYIPLPDEK
SRVAILKANLRKSPVAKDVDLEFLAKMTNGFSGADLTEICQRACKLAIRESIESEIRRERERQTNPSAMEVEEDDPVPEI
RRDHFEEAMRFARRSVSDNDIRKYEMFAQTLQQSRGFGSFRFPS
;
A,B,E,F,C,D
2 'polypeptide(L)'
;GVTGAPKKNTELVKVMGLSNYHCKLLSPILARYGMDKQTGRAKLLRDMNQGELFDCALLGDRAFLIEPEHVNTVGYGKDR
SGSLLYLHDTLEDIKRANKSQECLIPVHVDGDGHCLVHAVSRALVGRELFWHALRENLKQHFQQHLARYQALFHDFIDAA
EWEDIINECDPLFVPPEGVPLGLRNIHIFGLANVLHRPIILLDSLSGMRSSGDYSATFLPGLIPAEKCTGKDGHLNKPIC
IAWSSSGRNHYIPLVGIKGAALPKLPMNLLPKAWGVPQDLIKKYIKLEEDGGCVIGGDRSLQDKYLLRLVAAMEEVFMDK
HGIHPSLVADVHQYFYRRTGVIGVQPEEVTAAAKKAVMDNRLHKCLLCGALSELHVPPEWLAPGGKLYNLAKSTHGQLRT
DKNYSFPLNNLVCSYDSVKDVLVPDYGMSNLTACNWCHGTSVRKVRGDGSIVYLDGDRTNSRSTGGKCGCGFKHFWDGKE
YDNLPEAFPITLEWGGRVVRETVYWFQYESDSSLNSNVYDVAMKLVTKHFPGEFGSEILVQKVVHTILHQTAKKNPDDYT
PVNIDGAHA
;
2,3,1
#
# COMPACT_ATOMS: atom_id res chain seq x y z
N LEU A 1 -41.11 -17.45 35.79
CA LEU A 1 -42.00 -16.67 34.93
C LEU A 1 -41.81 -17.06 33.46
N SER A 2 -40.65 -17.61 33.13
CA SER A 2 -40.32 -17.95 31.75
C SER A 2 -40.61 -19.42 31.44
N THR A 3 -40.14 -20.33 32.28
CA THR A 3 -40.28 -21.76 32.06
C THR A 3 -41.25 -22.39 33.07
N ALA A 4 -42.28 -21.67 33.46
CA ALA A 4 -43.33 -22.20 34.32
C ALA A 4 -44.41 -22.93 33.54
N ILE A 5 -44.20 -23.16 32.25
CA ILE A 5 -45.26 -23.64 31.36
C ILE A 5 -45.49 -25.14 31.42
N LEU A 6 -44.52 -25.91 31.93
CA LEU A 6 -44.64 -27.37 31.94
C LEU A 6 -45.29 -27.90 33.22
N LYS A 7 -46.18 -27.12 33.83
CA LYS A 7 -46.93 -27.58 34.99
C LYS A 7 -47.81 -28.76 34.61
N GLN A 8 -47.98 -29.69 35.55
CA GLN A 8 -48.65 -30.95 35.23
C GLN A 8 -50.16 -30.87 35.37
N LYS A 9 -50.68 -30.03 36.26
CA LYS A 9 -52.12 -29.84 36.47
C LYS A 9 -52.81 -31.17 36.76
N ASN A 10 -52.46 -31.74 37.91
CA ASN A 10 -52.96 -33.07 38.28
C ASN A 10 -54.47 -33.07 38.43
N ARG A 11 -55.06 -34.25 38.21
CA ARG A 11 -56.45 -34.55 38.44
C ARG A 11 -56.57 -35.72 39.41
N PRO A 12 -57.70 -35.86 40.10
CA PRO A 12 -57.81 -36.93 41.11
C PRO A 12 -57.61 -38.33 40.56
N ASN A 13 -58.02 -38.61 39.32
CA ASN A 13 -58.01 -39.96 38.77
C ASN A 13 -56.67 -40.34 38.13
N ARG A 14 -55.58 -39.69 38.53
CA ARG A 14 -54.26 -39.98 37.99
C ARG A 14 -53.61 -41.08 38.82
N LEU A 15 -53.41 -42.25 38.20
CA LEU A 15 -52.77 -43.38 38.85
C LEU A 15 -51.62 -43.86 37.97
N ILE A 16 -50.48 -44.17 38.61
CA ILE A 16 -49.31 -44.66 37.91
C ILE A 16 -49.50 -46.13 37.61
N VAL A 17 -49.41 -46.49 36.32
CA VAL A 17 -49.63 -47.89 35.95
C VAL A 17 -48.55 -48.78 36.57
N ASP A 18 -48.88 -50.06 36.71
CA ASP A 18 -47.97 -51.03 37.31
C ASP A 18 -48.18 -52.38 36.65
N GLU A 19 -47.49 -53.39 37.16
CA GLU A 19 -47.59 -54.74 36.64
C GLU A 19 -48.70 -55.51 37.33
N ALA A 20 -49.38 -56.36 36.56
CA ALA A 20 -50.41 -57.26 37.08
C ALA A 20 -49.96 -58.69 36.93
N ILE A 21 -50.18 -59.49 37.97
CA ILE A 21 -49.72 -60.88 37.99
C ILE A 21 -50.63 -61.81 37.20
N ASN A 22 -51.73 -61.32 36.64
CA ASN A 22 -52.68 -62.13 35.90
C ASN A 22 -52.62 -61.78 34.42
N GLU A 23 -52.73 -62.80 33.57
CA GLU A 23 -52.79 -62.59 32.13
C GLU A 23 -54.05 -61.85 31.70
N ASP A 24 -55.05 -61.77 32.57
CA ASP A 24 -56.28 -61.05 32.24
C ASP A 24 -55.98 -59.59 31.93
N ASN A 25 -56.51 -59.10 30.82
CA ASN A 25 -56.34 -57.71 30.42
C ASN A 25 -57.27 -56.77 31.15
N SER A 26 -58.31 -57.29 31.79
CA SER A 26 -59.39 -56.48 32.36
C SER A 26 -59.27 -56.37 33.87
N VAL A 27 -58.04 -56.29 34.36
CA VAL A 27 -57.78 -56.10 35.78
C VAL A 27 -57.56 -54.62 36.04
N VAL A 28 -58.23 -54.08 37.06
CA VAL A 28 -58.05 -52.71 37.50
C VAL A 28 -57.71 -52.72 38.98
N SER A 29 -56.67 -51.99 39.35
CA SER A 29 -56.25 -51.84 40.74
C SER A 29 -56.42 -50.38 41.12
N LEU A 30 -57.21 -50.13 42.15
CA LEU A 30 -57.64 -48.79 42.49
C LEU A 30 -57.41 -48.52 43.97
N SER A 31 -57.30 -47.24 44.31
CA SER A 31 -57.44 -46.86 45.70
C SER A 31 -58.91 -46.93 46.10
N GLN A 32 -59.16 -47.29 47.35
CA GLN A 32 -60.54 -47.34 47.83
C GLN A 32 -61.30 -46.04 47.63
N PRO A 33 -60.74 -44.85 47.90
CA PRO A 33 -61.46 -43.62 47.53
C PRO A 33 -61.68 -43.48 46.04
N LYS A 34 -60.90 -44.15 45.20
CA LYS A 34 -61.06 -43.99 43.75
C LYS A 34 -62.29 -44.74 43.24
N MET A 35 -62.61 -45.88 43.83
CA MET A 35 -63.79 -46.63 43.41
C MET A 35 -65.06 -45.83 43.62
N ASP A 36 -65.22 -45.25 44.81
CA ASP A 36 -66.42 -44.52 45.17
C ASP A 36 -66.30 -43.02 44.94
N GLU A 37 -65.18 -42.55 44.40
CA GLU A 37 -65.01 -41.12 44.12
C GLU A 37 -65.71 -40.74 42.82
N LEU A 38 -65.31 -41.37 41.71
CA LEU A 38 -66.00 -41.21 40.43
C LEU A 38 -67.22 -42.10 40.31
N GLN A 39 -67.71 -42.65 41.43
CA GLN A 39 -68.90 -43.49 41.44
C GLN A 39 -68.74 -44.68 40.50
N LEU A 40 -67.60 -45.36 40.59
CA LEU A 40 -67.28 -46.41 39.64
C LEU A 40 -68.18 -47.61 39.83
N PHE A 41 -69.22 -47.71 39.00
CA PHE A 41 -70.15 -48.82 39.10
C PHE A 41 -69.47 -50.11 38.65
N ARG A 42 -69.52 -51.12 39.51
CA ARG A 42 -68.79 -52.35 39.24
C ARG A 42 -69.37 -53.07 38.04
N GLY A 43 -68.49 -53.58 37.17
CA GLY A 43 -68.89 -54.29 35.98
C GLY A 43 -68.97 -53.46 34.72
N ASP A 44 -68.96 -52.13 34.82
CA ASP A 44 -69.05 -51.28 33.66
C ASP A 44 -67.66 -51.08 33.05
N THR A 45 -67.59 -50.23 32.02
CA THR A 45 -66.34 -49.96 31.31
C THR A 45 -65.94 -48.51 31.53
N VAL A 46 -64.72 -48.29 32.01
CA VAL A 46 -64.18 -46.95 32.23
C VAL A 46 -63.15 -46.66 31.14
N LEU A 47 -63.11 -45.40 30.72
CA LEU A 47 -62.23 -44.99 29.63
C LEU A 47 -60.86 -44.62 30.19
N LEU A 48 -59.83 -45.28 29.68
CA LEU A 48 -58.44 -44.98 30.04
C LEU A 48 -57.80 -44.20 28.90
N LYS A 49 -57.25 -43.04 29.22
CA LYS A 49 -56.76 -42.08 28.24
C LYS A 49 -55.26 -41.87 28.42
N GLY A 50 -54.49 -42.36 27.45
CA GLY A 50 -53.04 -42.21 27.46
C GLY A 50 -52.59 -40.96 26.72
N LYS A 51 -51.42 -41.04 26.12
CA LYS A 51 -50.87 -39.96 25.31
C LYS A 51 -50.85 -40.38 23.85
N LYS A 52 -50.87 -39.38 22.96
CA LYS A 52 -51.13 -39.58 21.53
C LYS A 52 -52.50 -40.23 21.31
N ARG A 53 -53.38 -40.11 22.31
CA ARG A 53 -54.66 -40.81 22.36
C ARG A 53 -54.50 -42.32 22.22
N ARG A 54 -53.29 -42.83 22.45
CA ARG A 54 -53.07 -44.27 22.51
C ARG A 54 -53.77 -44.80 23.75
N GLU A 55 -54.86 -45.54 23.56
CA GLU A 55 -55.75 -45.87 24.65
C GLU A 55 -56.20 -47.32 24.56
N ALA A 56 -56.54 -47.88 25.72
CA ALA A 56 -57.19 -49.17 25.85
C ALA A 56 -57.82 -49.21 27.23
N VAL A 57 -59.00 -49.81 27.33
CA VAL A 57 -59.84 -49.67 28.50
C VAL A 57 -59.93 -51.00 29.24
N CYS A 58 -60.59 -50.97 30.40
CA CYS A 58 -60.74 -52.15 31.25
C CYS A 58 -62.07 -52.05 31.98
N ILE A 59 -62.54 -53.20 32.44
CA ILE A 59 -63.73 -53.24 33.29
C ILE A 59 -63.34 -52.83 34.70
N VAL A 60 -64.18 -52.02 35.33
CA VAL A 60 -63.91 -51.54 36.69
C VAL A 60 -64.57 -52.48 37.68
N LEU A 61 -63.79 -52.95 38.66
CA LEU A 61 -64.24 -53.92 39.64
C LEU A 61 -63.71 -53.51 41.01
N SER A 62 -64.04 -54.30 42.02
CA SER A 62 -63.58 -54.06 43.39
C SER A 62 -62.31 -54.85 43.63
N ASP A 63 -61.20 -54.33 43.10
CA ASP A 63 -59.87 -54.92 43.28
C ASP A 63 -58.92 -53.79 43.65
N ASP A 64 -58.71 -53.60 44.96
CA ASP A 64 -57.87 -52.54 45.47
C ASP A 64 -56.56 -53.05 46.06
N THR A 65 -56.10 -54.23 45.64
CA THR A 65 -54.94 -54.87 46.25
C THR A 65 -53.64 -54.11 46.03
N CYS A 66 -53.59 -53.16 45.10
CA CYS A 66 -52.36 -52.43 44.83
C CYS A 66 -52.33 -51.16 45.68
N SER A 67 -51.40 -50.26 45.37
CA SER A 67 -51.23 -49.04 46.14
C SER A 67 -52.34 -48.03 45.79
N ASP A 68 -52.24 -46.84 46.40
CA ASP A 68 -53.31 -45.85 46.25
C ASP A 68 -53.27 -45.16 44.89
N GLU A 69 -52.06 -44.86 44.38
CA GLU A 69 -51.92 -44.19 43.10
C GLU A 69 -51.30 -45.09 42.04
N LYS A 70 -51.56 -46.40 42.12
CA LYS A 70 -51.15 -47.32 41.08
C LYS A 70 -52.31 -48.17 40.61
N ILE A 71 -52.20 -48.64 39.38
CA ILE A 71 -53.18 -49.53 38.76
C ILE A 71 -52.44 -50.66 38.05
N ARG A 72 -52.98 -51.87 38.17
CA ARG A 72 -52.35 -53.06 37.63
C ARG A 72 -53.06 -53.48 36.33
N MET A 73 -52.27 -53.70 35.28
CA MET A 73 -52.75 -54.30 34.05
C MET A 73 -51.65 -55.18 33.49
N ASN A 74 -51.98 -55.94 32.45
CA ASN A 74 -50.98 -56.72 31.74
C ASN A 74 -50.49 -55.94 30.53
N ARG A 75 -49.72 -56.60 29.67
CA ARG A 75 -49.06 -55.89 28.58
C ARG A 75 -50.06 -55.35 27.55
N VAL A 76 -51.20 -56.00 27.38
CA VAL A 76 -52.14 -55.60 26.32
C VAL A 76 -52.58 -54.15 26.53
N VAL A 77 -53.29 -53.89 27.62
CA VAL A 77 -53.87 -52.57 27.84
C VAL A 77 -52.79 -51.52 28.06
N ARG A 78 -51.80 -51.83 28.89
CA ARG A 78 -50.75 -50.87 29.19
C ARG A 78 -49.99 -50.45 27.93
N ASN A 79 -49.59 -51.44 27.12
CA ASN A 79 -48.83 -51.14 25.92
C ASN A 79 -49.69 -50.43 24.89
N ASN A 80 -50.98 -50.79 24.79
CA ASN A 80 -51.87 -50.04 23.91
C ASN A 80 -52.06 -48.62 24.38
N LEU A 81 -51.89 -48.36 25.68
CA LEU A 81 -51.88 -47.00 26.19
C LEU A 81 -50.59 -46.27 25.82
N ARG A 82 -49.53 -47.02 25.50
CA ARG A 82 -48.25 -46.46 25.04
C ARG A 82 -47.67 -45.47 26.04
N VAL A 83 -47.79 -45.80 27.32
CA VAL A 83 -47.15 -45.05 28.40
C VAL A 83 -46.48 -46.04 29.33
N ARG A 84 -45.28 -45.70 29.81
CA ARG A 84 -44.52 -46.57 30.68
C ARG A 84 -45.01 -46.44 32.12
N LEU A 85 -44.26 -47.05 33.04
CA LEU A 85 -44.54 -46.91 34.47
C LEU A 85 -43.92 -45.62 34.97
N GLY A 86 -44.73 -44.77 35.58
CA GLY A 86 -44.30 -43.43 35.94
C GLY A 86 -45.10 -42.39 35.19
N ASP A 87 -46.08 -42.86 34.41
CA ASP A 87 -47.00 -41.99 33.69
C ASP A 87 -48.42 -42.33 34.12
N VAL A 88 -49.17 -41.31 34.53
CA VAL A 88 -50.53 -41.50 35.03
C VAL A 88 -51.51 -41.43 33.88
N ILE A 89 -52.65 -42.07 34.07
CA ILE A 89 -53.77 -42.03 33.13
C ILE A 89 -55.05 -41.78 33.91
N SER A 90 -55.82 -40.79 33.48
CA SER A 90 -57.07 -40.48 34.14
C SER A 90 -58.08 -41.59 33.88
N ILE A 91 -58.26 -42.48 34.85
CA ILE A 91 -59.27 -43.51 34.78
C ILE A 91 -60.63 -42.87 35.01
N GLN A 92 -61.44 -42.80 33.96
CA GLN A 92 -62.69 -42.07 34.04
C GLN A 92 -63.75 -42.74 33.17
N PRO A 93 -64.91 -43.08 33.75
CA PRO A 93 -65.97 -43.73 32.95
C PRO A 93 -66.61 -42.74 32.00
N CYS A 94 -66.34 -42.93 30.70
CA CYS A 94 -67.04 -42.21 29.65
C CYS A 94 -68.30 -42.99 29.31
N PRO A 95 -69.46 -42.35 29.15
CA PRO A 95 -70.71 -43.12 29.05
C PRO A 95 -70.82 -44.02 27.83
N ASP A 96 -69.77 -44.08 27.01
CA ASP A 96 -69.73 -44.99 25.86
C ASP A 96 -69.37 -46.41 26.32
N VAL A 97 -70.24 -46.98 27.15
CA VAL A 97 -70.15 -48.36 27.59
C VAL A 97 -70.90 -49.19 26.56
N LYS A 98 -70.21 -49.64 25.52
CA LYS A 98 -70.86 -50.24 24.37
C LYS A 98 -70.03 -51.38 23.82
N TYR A 99 -70.68 -52.21 23.01
CA TYR A 99 -70.00 -53.28 22.28
C TYR A 99 -69.71 -52.83 20.85
N GLY A 100 -68.65 -53.37 20.27
CA GLY A 100 -68.36 -53.11 18.87
C GLY A 100 -69.35 -53.83 17.96
N LYS A 101 -69.51 -53.28 16.75
CA LYS A 101 -70.41 -53.86 15.76
C LYS A 101 -69.71 -54.88 14.89
N ARG A 102 -68.65 -54.46 14.19
CA ARG A 102 -67.82 -55.35 13.38
C ARG A 102 -66.38 -54.89 13.51
N ILE A 103 -65.48 -55.82 13.80
CA ILE A 103 -64.06 -55.54 13.85
C ILE A 103 -63.34 -56.41 12.84
N HIS A 104 -62.23 -55.90 12.33
CA HIS A 104 -61.35 -56.64 11.43
C HIS A 104 -59.97 -56.72 12.09
N VAL A 105 -59.47 -57.92 12.29
CA VAL A 105 -58.20 -58.12 12.96
C VAL A 105 -57.12 -58.39 11.92
N LEU A 106 -55.93 -57.84 12.18
CA LEU A 106 -54.76 -58.07 11.34
C LEU A 106 -53.71 -58.84 12.12
N PRO A 107 -53.61 -60.15 11.94
CA PRO A 107 -52.63 -60.93 12.69
C PRO A 107 -51.21 -60.63 12.26
N ILE A 108 -50.29 -60.81 13.21
CA ILE A 108 -48.86 -60.68 12.97
C ILE A 108 -48.25 -62.08 12.95
N ASP A 109 -47.45 -62.37 11.91
CA ASP A 109 -47.09 -63.74 11.59
C ASP A 109 -46.33 -64.42 12.72
N ASP A 110 -45.25 -63.79 13.20
CA ASP A 110 -44.43 -64.45 14.21
C ASP A 110 -45.15 -64.59 15.54
N THR A 111 -46.00 -63.61 15.88
CA THR A 111 -46.78 -63.72 17.11
C THR A 111 -47.86 -64.79 16.99
N VAL A 112 -48.57 -64.82 15.87
CA VAL A 112 -49.69 -65.74 15.71
C VAL A 112 -49.20 -67.18 15.56
N GLU A 113 -48.12 -67.38 14.81
CA GLU A 113 -47.66 -68.73 14.51
C GLU A 113 -47.30 -69.48 15.80
N GLY A 114 -47.13 -70.79 15.67
CA GLY A 114 -47.14 -71.67 16.81
C GLY A 114 -48.50 -72.31 16.94
N ILE A 115 -49.34 -71.77 17.82
CA ILE A 115 -50.74 -72.13 17.88
C ILE A 115 -51.52 -71.16 16.99
N THR A 116 -52.12 -71.67 15.93
CA THR A 116 -52.84 -70.85 14.96
C THR A 116 -54.33 -71.16 14.94
N GLY A 117 -54.70 -72.41 14.68
CA GLY A 117 -56.10 -72.79 14.64
C GLY A 117 -56.87 -71.96 13.62
N ASN A 118 -58.08 -71.55 14.02
CA ASN A 118 -58.89 -70.63 13.25
C ASN A 118 -59.07 -69.35 14.05
N LEU A 119 -59.07 -68.21 13.36
CA LEU A 119 -59.10 -66.93 14.05
C LEU A 119 -60.33 -66.83 14.96
N PHE A 120 -61.53 -67.07 14.41
CA PHE A 120 -62.73 -66.96 15.22
C PHE A 120 -62.73 -67.96 16.37
N GLU A 121 -62.79 -69.26 16.04
CA GLU A 121 -63.01 -70.30 17.05
C GLU A 121 -61.99 -70.21 18.18
N VAL A 122 -60.73 -69.90 17.87
CA VAL A 122 -59.65 -69.97 18.84
C VAL A 122 -59.43 -68.65 19.56
N TYR A 123 -59.47 -67.52 18.84
CA TYR A 123 -59.07 -66.25 19.43
C TYR A 123 -60.17 -65.22 19.54
N LEU A 124 -61.25 -65.31 18.75
CA LEU A 124 -62.23 -64.24 18.70
C LEU A 124 -63.51 -64.56 19.44
N LYS A 125 -63.96 -65.82 19.42
CA LYS A 125 -65.14 -66.15 20.21
C LYS A 125 -64.80 -66.23 21.70
N PRO A 126 -63.93 -67.17 22.15
CA PRO A 126 -63.83 -67.41 23.60
C PRO A 126 -63.05 -66.34 24.34
N TYR A 127 -62.04 -65.76 23.69
CA TYR A 127 -61.29 -64.65 24.27
C TYR A 127 -62.12 -63.38 24.35
N PHE A 128 -63.29 -63.36 23.71
CA PHE A 128 -64.20 -62.22 23.76
C PHE A 128 -65.61 -62.63 24.16
N LEU A 129 -65.83 -63.90 24.52
CA LEU A 129 -67.16 -64.39 24.89
C LEU A 129 -67.54 -63.92 26.29
N GLU A 130 -68.17 -62.75 26.37
CA GLU A 130 -68.71 -62.22 27.62
C GLU A 130 -67.63 -62.09 28.69
N ALA A 131 -66.37 -62.02 28.28
CA ALA A 131 -65.24 -61.96 29.19
C ALA A 131 -64.88 -60.53 29.59
N TYR A 132 -65.58 -59.53 29.05
CA TYR A 132 -65.35 -58.13 29.39
C TYR A 132 -63.90 -57.72 29.16
N ARG A 133 -63.31 -58.20 28.06
CA ARG A 133 -61.97 -57.79 27.68
C ARG A 133 -62.08 -56.74 26.59
N PRO A 134 -62.02 -55.45 26.92
CA PRO A 134 -62.34 -54.41 25.94
C PRO A 134 -61.11 -53.91 25.19
N ILE A 135 -61.38 -53.38 23.99
CA ILE A 135 -60.35 -52.80 23.14
C ILE A 135 -60.88 -51.51 22.50
N ARG A 136 -59.95 -50.71 21.99
CA ARG A 136 -60.24 -49.42 21.39
C ARG A 136 -60.20 -49.52 19.87
N LYS A 137 -61.06 -48.73 19.22
CA LYS A 137 -61.09 -48.69 17.75
C LYS A 137 -59.75 -48.19 17.21
N GLY A 138 -59.26 -48.87 16.18
CA GLY A 138 -58.06 -48.44 15.49
C GLY A 138 -56.77 -48.62 16.25
N ASP A 139 -56.58 -49.77 16.88
CA ASP A 139 -55.37 -50.06 17.62
C ASP A 139 -54.69 -51.32 17.10
N ILE A 140 -53.52 -51.60 17.66
CA ILE A 140 -52.75 -52.81 17.39
C ILE A 140 -52.45 -53.42 18.75
N PHE A 141 -53.23 -54.42 19.13
CA PHE A 141 -53.24 -54.92 20.50
C PHE A 141 -52.65 -56.32 20.57
N LEU A 142 -52.68 -56.90 21.77
CA LEU A 142 -52.11 -58.21 22.05
C LEU A 142 -53.21 -59.16 22.49
N VAL A 143 -53.18 -60.38 21.97
CA VAL A 143 -54.14 -61.43 22.31
C VAL A 143 -53.38 -62.54 23.03
N ARG A 144 -53.68 -62.74 24.31
CA ARG A 144 -53.15 -63.87 25.05
C ARG A 144 -54.10 -65.06 24.99
N GLY A 145 -54.52 -65.42 23.78
CA GLY A 145 -55.37 -66.56 23.53
C GLY A 145 -54.63 -67.85 23.23
N GLY A 146 -53.31 -67.83 23.21
CA GLY A 146 -52.54 -69.03 22.91
C GLY A 146 -51.40 -69.26 23.88
N MET A 147 -50.34 -69.93 23.40
CA MET A 147 -49.22 -70.28 24.26
C MET A 147 -48.32 -69.08 24.55
N ARG A 148 -48.32 -68.08 23.69
CA ARG A 148 -47.43 -66.93 23.85
C ARG A 148 -48.12 -65.70 23.29
N ALA A 149 -47.36 -64.64 23.03
CA ALA A 149 -47.92 -63.40 22.56
C ALA A 149 -48.46 -63.54 21.14
N VAL A 150 -49.72 -63.14 20.96
CA VAL A 150 -50.38 -63.10 19.66
C VAL A 150 -51.00 -61.73 19.50
N GLU A 151 -50.65 -61.02 18.44
CA GLU A 151 -51.09 -59.64 18.26
C GLU A 151 -52.00 -59.50 17.05
N PHE A 152 -53.00 -58.64 17.17
CA PHE A 152 -53.91 -58.30 16.09
C PHE A 152 -53.95 -56.80 15.86
N LYS A 153 -54.88 -56.33 15.04
CA LYS A 153 -55.15 -54.92 14.85
C LYS A 153 -56.64 -54.67 14.93
N VAL A 154 -57.02 -53.55 15.54
CA VAL A 154 -58.40 -53.08 15.50
C VAL A 154 -58.55 -52.17 14.29
N VAL A 155 -59.56 -52.43 13.46
CA VAL A 155 -59.75 -51.65 12.24
C VAL A 155 -61.10 -50.94 12.30
N GLU A 156 -62.18 -51.71 12.38
CA GLU A 156 -63.54 -51.18 12.37
C GLU A 156 -64.15 -51.40 13.75
N THR A 157 -64.94 -50.43 14.21
CA THR A 157 -65.59 -50.52 15.51
C THR A 157 -66.66 -49.45 15.61
N ASP A 158 -67.88 -49.85 16.00
CA ASP A 158 -68.96 -48.87 16.16
C ASP A 158 -68.67 -47.86 17.26
N PRO A 159 -68.31 -48.25 18.50
CA PRO A 159 -67.86 -47.25 19.47
C PRO A 159 -66.42 -46.82 19.21
N SER A 160 -66.24 -45.63 18.64
CA SER A 160 -64.90 -45.17 18.31
C SER A 160 -63.99 -45.02 19.53
N PRO A 161 -64.42 -44.40 20.66
CA PRO A 161 -63.51 -44.29 21.80
C PRO A 161 -63.06 -45.63 22.35
N TYR A 162 -64.00 -46.48 22.74
CA TYR A 162 -63.66 -47.76 23.37
C TYR A 162 -64.90 -48.65 23.39
N CYS A 163 -64.66 -49.96 23.42
CA CYS A 163 -65.74 -50.94 23.32
C CYS A 163 -65.27 -52.26 23.88
N ILE A 164 -66.22 -53.14 24.16
CA ILE A 164 -65.96 -54.56 24.38
C ILE A 164 -66.39 -55.30 23.14
N VAL A 165 -65.50 -56.12 22.58
CA VAL A 165 -65.83 -56.94 21.42
C VAL A 165 -66.47 -58.24 21.94
N ALA A 166 -67.66 -58.54 21.45
CA ALA A 166 -68.42 -59.72 21.81
C ALA A 166 -68.61 -60.62 20.59
N PRO A 167 -69.14 -61.83 20.78
CA PRO A 167 -69.57 -62.61 19.61
C PRO A 167 -70.66 -61.93 18.80
N ASP A 168 -71.39 -60.97 19.40
CA ASP A 168 -72.28 -60.13 18.62
C ASP A 168 -71.51 -59.33 17.57
N THR A 169 -70.24 -59.06 17.83
CA THR A 169 -69.38 -58.38 16.86
C THR A 169 -68.87 -59.41 15.87
N VAL A 170 -69.38 -59.34 14.63
CA VAL A 170 -69.00 -60.30 13.60
C VAL A 170 -67.65 -59.90 13.04
N ILE A 171 -66.67 -60.80 13.13
CA ILE A 171 -65.28 -60.51 12.80
C ILE A 171 -64.92 -61.27 11.54
N HIS A 172 -64.51 -60.54 10.50
CA HIS A 172 -64.05 -61.17 9.28
C HIS A 172 -62.73 -61.88 9.52
N CYS A 173 -62.63 -63.12 9.03
CA CYS A 173 -61.47 -63.96 9.29
C CYS A 173 -60.49 -63.99 8.11
N GLU A 174 -60.52 -62.98 7.25
CA GLU A 174 -59.57 -62.86 6.15
C GLU A 174 -58.39 -61.97 6.51
N GLY A 175 -58.02 -61.92 7.79
CA GLY A 175 -56.90 -61.10 8.20
C GLY A 175 -55.59 -61.56 7.58
N GLU A 176 -54.73 -60.58 7.29
CA GLU A 176 -53.44 -60.83 6.66
C GLU A 176 -52.32 -60.72 7.68
N PRO A 177 -51.24 -61.48 7.50
CA PRO A 177 -50.10 -61.36 8.42
C PRO A 177 -49.48 -59.98 8.38
N ILE A 178 -49.12 -59.49 9.57
CA ILE A 178 -48.44 -58.21 9.73
C ILE A 178 -47.08 -58.50 10.36
N LYS A 179 -46.29 -57.45 10.54
CA LYS A 179 -44.92 -57.56 11.01
C LYS A 179 -44.76 -56.87 12.36
N ARG A 180 -43.78 -57.34 13.14
CA ARG A 180 -43.42 -56.67 14.38
C ARG A 180 -42.91 -55.26 14.10
N GLU A 181 -42.13 -55.11 13.03
CA GLU A 181 -41.60 -53.80 12.64
C GLU A 181 -42.65 -52.91 12.00
N ASP A 182 -43.78 -53.46 11.56
CA ASP A 182 -44.85 -52.61 11.03
C ASP A 182 -45.43 -51.71 12.11
N GLU A 183 -45.39 -52.14 13.37
CA GLU A 183 -45.81 -51.28 14.46
C GLU A 183 -44.90 -50.06 14.59
N GLU A 184 -43.60 -50.26 14.35
CA GLU A 184 -42.65 -49.15 14.45
C GLU A 184 -42.93 -48.07 13.42
N GLU A 185 -43.44 -48.46 12.24
CA GLU A 185 -43.77 -47.48 11.21
C GLU A 185 -44.77 -46.45 11.72
N SER A 186 -45.87 -46.92 12.31
CA SER A 186 -46.82 -46.00 12.92
C SER A 186 -46.24 -45.33 14.16
N LEU A 187 -45.48 -46.07 14.97
CA LEU A 187 -44.89 -45.52 16.18
C LEU A 187 -43.73 -44.58 15.91
N ASN A 188 -43.45 -44.25 14.64
CA ASN A 188 -42.51 -43.19 14.32
C ASN A 188 -43.08 -41.84 14.75
N GLU A 189 -44.30 -41.84 15.27
CA GLU A 189 -44.84 -40.67 15.96
C GLU A 189 -44.12 -40.51 17.29
N VAL A 190 -43.28 -39.49 17.37
CA VAL A 190 -42.41 -39.31 18.52
C VAL A 190 -43.20 -38.72 19.67
N GLY A 191 -42.93 -39.21 20.88
CA GLY A 191 -43.48 -38.60 22.07
C GLY A 191 -42.72 -37.34 22.43
N TYR A 192 -43.12 -36.73 23.53
CA TYR A 192 -42.48 -35.50 23.97
C TYR A 192 -41.18 -35.74 24.73
N ASP A 193 -40.94 -36.96 25.21
CA ASP A 193 -39.80 -37.24 26.07
C ASP A 193 -38.49 -37.39 25.33
N ASP A 194 -38.48 -37.35 24.01
CA ASP A 194 -37.33 -37.73 23.20
C ASP A 194 -36.57 -36.53 22.64
N ILE A 195 -36.44 -35.46 23.43
CA ILE A 195 -35.62 -34.32 23.05
C ILE A 195 -34.68 -34.01 24.19
N GLY A 196 -33.39 -33.91 23.88
CA GLY A 196 -32.41 -33.55 24.87
C GLY A 196 -31.63 -32.31 24.52
N GLY A 197 -31.01 -31.68 25.51
CA GLY A 197 -30.30 -30.45 25.26
C GLY A 197 -31.17 -29.27 24.90
N CYS A 198 -32.49 -29.40 25.04
CA CYS A 198 -33.44 -28.35 24.71
C CYS A 198 -34.45 -28.20 25.84
N ARG A 199 -33.96 -28.20 27.09
CA ARG A 199 -34.85 -27.90 28.21
C ARG A 199 -35.39 -26.49 28.11
N LYS A 200 -34.56 -25.55 27.64
CA LYS A 200 -34.93 -24.14 27.55
C LYS A 200 -35.65 -23.82 26.25
N GLN A 201 -35.03 -24.14 25.11
CA GLN A 201 -35.59 -23.81 23.81
C GLN A 201 -36.88 -24.55 23.48
N LEU A 202 -37.36 -25.40 24.38
CA LEU A 202 -38.66 -26.03 24.15
C LEU A 202 -39.78 -25.36 24.94
N ALA A 203 -39.44 -24.64 26.01
CA ALA A 203 -40.44 -23.80 26.66
C ALA A 203 -40.92 -22.70 25.73
N GLN A 204 -40.00 -22.12 24.95
CA GLN A 204 -40.40 -21.10 23.99
C GLN A 204 -41.36 -21.67 22.95
N ILE A 205 -41.12 -22.89 22.50
CA ILE A 205 -42.05 -23.49 21.56
C ILE A 205 -43.37 -23.79 22.24
N LYS A 206 -43.34 -24.29 23.47
CA LYS A 206 -44.59 -24.55 24.18
C LYS A 206 -45.39 -23.29 24.45
N GLU A 207 -44.75 -22.13 24.48
CA GLU A 207 -45.52 -20.91 24.69
C GLU A 207 -45.98 -20.28 23.38
N MET A 208 -45.15 -20.33 22.33
CA MET A 208 -45.57 -19.78 21.05
C MET A 208 -46.64 -20.66 20.40
N VAL A 209 -46.51 -21.97 20.55
CA VAL A 209 -47.46 -22.95 20.02
C VAL A 209 -48.08 -23.58 21.26
N GLU A 210 -48.97 -24.56 21.08
CA GLU A 210 -49.60 -25.32 22.15
C GLU A 210 -50.63 -24.51 22.91
N LEU A 211 -50.55 -23.20 22.83
CA LEU A 211 -51.64 -22.34 23.28
C LEU A 211 -52.60 -22.03 22.14
N PRO A 212 -52.12 -21.61 20.96
CA PRO A 212 -53.05 -21.31 19.86
C PRO A 212 -53.51 -22.54 19.08
N LEU A 213 -53.28 -23.74 19.57
CA LEU A 213 -53.83 -24.93 18.94
C LEU A 213 -54.83 -25.65 19.82
N ARG A 214 -54.50 -25.87 21.09
CA ARG A 214 -55.44 -26.56 21.98
C ARG A 214 -56.66 -25.72 22.31
N HIS A 215 -56.62 -24.41 22.08
CA HIS A 215 -57.77 -23.53 22.33
C HIS A 215 -57.79 -22.43 21.29
N PRO A 216 -58.28 -22.73 20.10
CA PRO A 216 -58.49 -21.65 19.10
C PRO A 216 -59.46 -20.60 19.59
N ALA A 217 -60.46 -20.99 20.38
CA ALA A 217 -61.47 -20.05 20.84
C ALA A 217 -60.85 -18.91 21.63
N LEU A 218 -59.97 -19.23 22.58
CA LEU A 218 -59.40 -18.22 23.46
C LEU A 218 -58.72 -17.12 22.66
N PHE A 219 -57.66 -17.48 21.93
CA PHE A 219 -56.84 -16.49 21.25
C PHE A 219 -57.54 -15.90 20.04
N LYS A 220 -58.49 -16.62 19.44
CA LYS A 220 -59.27 -16.05 18.35
C LYS A 220 -60.24 -14.98 18.87
N ALA A 221 -60.97 -15.29 19.95
CA ALA A 221 -62.00 -14.38 20.42
C ALA A 221 -61.39 -13.16 21.12
N ILE A 222 -60.35 -13.36 21.93
CA ILE A 222 -59.76 -12.24 22.64
C ILE A 222 -59.13 -11.25 21.67
N GLY A 223 -58.91 -11.65 20.42
CA GLY A 223 -58.36 -10.77 19.41
C GLY A 223 -56.85 -10.70 19.37
N VAL A 224 -56.16 -11.46 20.20
CA VAL A 224 -54.70 -11.51 20.14
C VAL A 224 -54.29 -12.23 18.85
N LYS A 225 -53.04 -12.01 18.45
CA LYS A 225 -52.58 -12.53 17.17
C LYS A 225 -51.60 -13.67 17.37
N PRO A 226 -51.96 -14.89 17.00
CA PRO A 226 -51.03 -16.02 17.13
C PRO A 226 -49.95 -15.92 16.07
N PRO A 227 -48.83 -16.62 16.26
CA PRO A 227 -47.77 -16.60 15.25
C PRO A 227 -48.20 -17.33 13.99
N ARG A 228 -47.59 -16.92 12.88
CA ARG A 228 -47.78 -17.59 11.60
C ARG A 228 -46.45 -17.95 10.96
N GLY A 229 -45.37 -17.97 11.73
CA GLY A 229 -44.10 -18.46 11.25
C GLY A 229 -43.06 -18.50 12.33
N ILE A 230 -42.38 -19.63 12.47
CA ILE A 230 -41.29 -19.81 13.41
C ILE A 230 -40.09 -20.31 12.63
N LEU A 231 -38.93 -19.74 12.88
CA LEU A 231 -37.74 -20.06 12.10
C LEU A 231 -36.73 -20.63 13.08
N LEU A 232 -36.81 -21.94 13.31
CA LEU A 232 -35.80 -22.63 14.09
C LEU A 232 -34.48 -22.64 13.33
N TYR A 233 -33.38 -22.47 14.04
CA TYR A 233 -32.10 -22.63 13.37
C TYR A 233 -31.00 -22.93 14.38
N GLY A 234 -30.03 -23.71 13.93
CA GLY A 234 -28.89 -24.10 14.73
C GLY A 234 -27.90 -24.84 13.87
N PRO A 235 -26.86 -25.41 14.47
CA PRO A 235 -25.92 -26.19 13.68
C PRO A 235 -26.61 -27.40 13.08
N PRO A 236 -26.14 -27.86 11.93
CA PRO A 236 -26.81 -29.00 11.28
C PRO A 236 -26.67 -30.26 12.13
N GLY A 237 -27.78 -30.98 12.29
CA GLY A 237 -27.78 -32.25 12.99
C GLY A 237 -28.29 -32.24 14.41
N THR A 238 -28.84 -31.13 14.89
CA THR A 238 -29.37 -31.08 16.25
C THR A 238 -30.78 -31.64 16.36
N GLY A 239 -31.28 -32.29 15.32
CA GLY A 239 -32.59 -32.90 15.38
C GLY A 239 -33.73 -31.92 15.54
N LYS A 240 -33.97 -31.12 14.51
CA LYS A 240 -35.01 -30.11 14.54
C LYS A 240 -36.36 -30.66 14.09
N THR A 241 -36.38 -31.48 13.04
CA THR A 241 -37.62 -32.16 12.66
C THR A 241 -38.17 -32.99 13.79
N LEU A 242 -37.29 -33.52 14.65
CA LEU A 242 -37.75 -34.22 15.84
C LEU A 242 -38.52 -33.28 16.76
N ILE A 243 -38.01 -32.06 16.94
CA ILE A 243 -38.70 -31.07 17.77
C ILE A 243 -40.06 -30.75 17.16
N ALA A 244 -40.11 -30.57 15.85
CA ALA A 244 -41.38 -30.24 15.20
C ALA A 244 -42.39 -31.37 15.36
N ARG A 245 -41.95 -32.63 15.18
CA ARG A 245 -42.88 -33.74 15.35
C ARG A 245 -43.34 -33.88 16.78
N ALA A 246 -42.45 -33.66 17.75
CA ALA A 246 -42.87 -33.71 19.14
C ALA A 246 -43.93 -32.67 19.42
N VAL A 247 -43.67 -31.43 19.04
CA VAL A 247 -44.61 -30.34 19.32
C VAL A 247 -45.92 -30.55 18.59
N ALA A 248 -45.88 -31.18 17.41
CA ALA A 248 -47.11 -31.36 16.65
C ALA A 248 -47.92 -32.54 17.16
N ASN A 249 -47.34 -33.74 17.13
CA ASN A 249 -48.05 -34.93 17.56
C ASN A 249 -48.42 -34.88 19.04
N GLU A 250 -47.73 -34.07 19.84
CA GLU A 250 -48.06 -34.03 21.26
C GLU A 250 -49.33 -33.23 21.54
N THR A 251 -49.68 -32.29 20.66
CA THR A 251 -50.89 -31.49 20.85
C THR A 251 -52.01 -31.89 19.90
N GLY A 252 -51.96 -33.10 19.35
CA GLY A 252 -53.00 -33.56 18.47
C GLY A 252 -53.19 -32.71 17.23
N ALA A 253 -52.09 -32.39 16.55
CA ALA A 253 -52.11 -31.55 15.36
C ALA A 253 -51.50 -32.29 14.19
N PHE A 254 -52.19 -32.28 13.06
CA PHE A 254 -51.66 -32.90 11.85
C PHE A 254 -50.37 -32.22 11.44
N PHE A 255 -49.34 -33.02 11.18
CA PHE A 255 -48.00 -32.50 10.91
C PHE A 255 -47.61 -32.90 9.50
N PHE A 256 -47.55 -31.93 8.59
CA PHE A 256 -47.22 -32.17 7.20
C PHE A 256 -45.83 -31.63 6.93
N LEU A 257 -44.90 -32.51 6.58
CA LEU A 257 -43.50 -32.15 6.38
C LEU A 257 -43.24 -31.94 4.89
N ILE A 258 -42.77 -30.75 4.54
CA ILE A 258 -42.33 -30.45 3.17
C ILE A 258 -40.82 -30.60 3.16
N ASN A 259 -40.34 -31.55 2.37
CA ASN A 259 -38.91 -31.78 2.30
C ASN A 259 -38.22 -30.64 1.58
N GLY A 260 -36.93 -30.48 1.86
CA GLY A 260 -36.17 -29.39 1.30
C GLY A 260 -35.78 -29.58 -0.16
N PRO A 261 -34.89 -30.53 -0.41
CA PRO A 261 -34.46 -30.75 -1.80
C PRO A 261 -35.49 -31.48 -2.64
N GLU A 262 -36.38 -32.25 -2.02
CA GLU A 262 -37.39 -32.98 -2.78
C GLU A 262 -38.29 -32.03 -3.57
N ILE A 263 -38.26 -30.73 -3.26
CA ILE A 263 -39.01 -29.76 -4.04
C ILE A 263 -38.33 -29.49 -5.38
N MET A 264 -37.08 -28.98 -5.35
CA MET A 264 -36.38 -28.72 -6.60
C MET A 264 -35.77 -29.95 -7.27
N SER A 265 -35.96 -31.15 -6.73
CA SER A 265 -35.55 -32.35 -7.47
C SER A 265 -36.53 -32.71 -8.56
N LYS A 266 -37.43 -31.79 -8.89
CA LYS A 266 -38.52 -32.03 -9.80
C LYS A 266 -38.51 -31.00 -10.92
N LEU A 267 -39.41 -31.20 -11.88
CA LEU A 267 -39.36 -30.46 -13.13
C LEU A 267 -39.71 -28.99 -12.92
N ALA A 268 -39.22 -28.16 -13.84
CA ALA A 268 -39.61 -26.75 -13.86
C ALA A 268 -41.12 -26.62 -14.05
N GLY A 269 -41.74 -25.81 -13.20
CA GLY A 269 -43.18 -25.69 -13.21
C GLY A 269 -43.92 -26.80 -12.51
N GLU A 270 -43.21 -27.70 -11.85
CA GLU A 270 -43.83 -28.79 -11.10
C GLU A 270 -43.68 -28.64 -9.60
N SER A 271 -42.59 -28.01 -9.14
CA SER A 271 -42.40 -27.78 -7.72
C SER A 271 -43.46 -26.84 -7.16
N GLU A 272 -43.80 -25.80 -7.90
CA GLU A 272 -44.86 -24.89 -7.48
C GLU A 272 -46.13 -25.65 -7.18
N SER A 273 -46.45 -26.65 -8.01
CA SER A 273 -47.62 -27.47 -7.76
C SER A 273 -47.53 -28.16 -6.41
N ASN A 274 -46.34 -28.64 -6.05
CA ASN A 274 -46.18 -29.33 -4.76
C ASN A 274 -46.37 -28.37 -3.60
N LEU A 275 -45.78 -27.17 -3.69
CA LEU A 275 -46.00 -26.20 -2.62
C LEU A 275 -47.47 -25.86 -2.48
N ARG A 276 -48.17 -25.66 -3.61
CA ARG A 276 -49.58 -25.34 -3.54
C ARG A 276 -50.39 -26.48 -2.93
N LYS A 277 -50.15 -27.71 -3.38
CA LYS A 277 -50.91 -28.85 -2.86
C LYS A 277 -50.56 -29.19 -1.43
N ALA A 278 -49.43 -28.69 -0.91
CA ALA A 278 -49.15 -28.82 0.50
C ALA A 278 -49.88 -27.77 1.33
N PHE A 279 -49.70 -26.50 1.01
CA PHE A 279 -50.40 -25.45 1.73
C PHE A 279 -51.91 -25.49 1.55
N GLU A 280 -52.42 -26.23 0.57
CA GLU A 280 -53.86 -26.25 0.35
C GLU A 280 -54.56 -27.44 0.97
N GLU A 281 -53.84 -28.46 1.43
CA GLU A 281 -54.46 -29.46 2.28
C GLU A 281 -54.08 -29.30 3.74
N ALA A 282 -52.98 -28.62 4.04
CA ALA A 282 -52.72 -28.26 5.42
C ALA A 282 -53.83 -27.34 5.95
N GLU A 283 -54.25 -26.37 5.15
CA GLU A 283 -55.39 -25.53 5.52
C GLU A 283 -56.69 -26.31 5.53
N LYS A 284 -56.73 -27.49 4.90
CA LYS A 284 -57.98 -28.21 4.76
C LYS A 284 -58.29 -29.06 6.00
N ASN A 285 -57.33 -29.86 6.45
CA ASN A 285 -57.59 -30.85 7.48
C ASN A 285 -58.00 -30.26 8.83
N ALA A 286 -57.09 -29.57 9.49
CA ALA A 286 -57.22 -29.34 10.93
C ALA A 286 -56.21 -28.27 11.37
N PRO A 287 -56.18 -27.87 12.65
CA PRO A 287 -55.00 -27.15 13.14
C PRO A 287 -53.75 -27.95 12.82
N ALA A 288 -52.93 -27.43 11.91
CA ALA A 288 -51.87 -28.21 11.31
C ALA A 288 -50.54 -27.51 11.51
N ILE A 289 -49.49 -28.17 11.03
CA ILE A 289 -48.14 -27.62 11.01
C ILE A 289 -47.48 -28.02 9.71
N ILE A 290 -46.81 -27.07 9.07
CA ILE A 290 -45.92 -27.35 7.95
C ILE A 290 -44.50 -27.12 8.43
N PHE A 291 -43.65 -28.10 8.24
CA PHE A 291 -42.25 -27.97 8.62
C PHE A 291 -41.46 -27.93 7.32
N ILE A 292 -41.14 -26.73 6.85
CA ILE A 292 -40.41 -26.59 5.60
C ILE A 292 -38.95 -26.86 5.91
N ASP A 293 -38.56 -28.13 5.81
CA ASP A 293 -37.24 -28.56 6.20
C ASP A 293 -36.21 -28.07 5.19
N GLU A 294 -35.00 -27.81 5.65
CA GLU A 294 -33.90 -27.36 4.81
C GLU A 294 -34.31 -26.17 3.94
N LEU A 295 -34.73 -25.09 4.61
CA LEU A 295 -35.25 -23.92 3.90
C LEU A 295 -34.18 -23.25 3.06
N ASP A 296 -32.95 -23.15 3.55
CA ASP A 296 -31.91 -22.47 2.79
C ASP A 296 -31.60 -23.16 1.47
N ALA A 297 -32.25 -24.26 1.14
CA ALA A 297 -32.09 -24.93 -0.13
C ALA A 297 -33.17 -24.57 -1.14
N ILE A 298 -34.27 -23.97 -0.70
CA ILE A 298 -35.32 -23.50 -1.59
C ILE A 298 -35.56 -22.00 -1.45
N ALA A 299 -34.70 -21.31 -0.72
CA ALA A 299 -34.76 -19.85 -0.67
C ALA A 299 -33.43 -19.26 -0.21
N PRO A 300 -32.36 -19.39 -0.99
CA PRO A 300 -31.07 -18.84 -0.59
C PRO A 300 -31.09 -17.31 -0.68
N LYS A 301 -29.94 -16.71 -0.38
CA LYS A 301 -29.73 -15.31 -0.71
C LYS A 301 -29.83 -15.13 -2.23
N ARG A 302 -29.91 -13.88 -2.67
CA ARG A 302 -30.07 -13.66 -4.10
C ARG A 302 -28.85 -14.17 -4.86
N GLU A 303 -27.66 -13.99 -4.30
CA GLU A 303 -26.43 -14.30 -5.01
C GLU A 303 -26.35 -15.78 -5.39
N LYS A 304 -26.62 -16.68 -4.46
CA LYS A 304 -26.63 -18.10 -4.77
C LYS A 304 -27.79 -18.48 -5.69
N THR A 305 -28.87 -17.71 -5.68
CA THR A 305 -29.94 -17.93 -6.64
C THR A 305 -29.52 -17.41 -8.00
N HIS A 306 -29.64 -18.25 -9.02
CA HIS A 306 -29.07 -17.88 -10.31
C HIS A 306 -30.10 -17.67 -11.40
N GLY A 307 -30.94 -18.67 -11.68
CA GLY A 307 -31.89 -18.58 -12.77
C GLY A 307 -33.12 -17.79 -12.39
N GLU A 308 -34.12 -17.85 -13.26
CA GLU A 308 -35.42 -17.29 -12.94
C GLU A 308 -36.42 -18.33 -12.45
N VAL A 309 -36.40 -19.53 -13.05
CA VAL A 309 -37.28 -20.61 -12.62
C VAL A 309 -37.00 -21.00 -11.18
N GLU A 310 -35.87 -20.57 -10.63
CA GLU A 310 -35.57 -20.75 -9.21
C GLU A 310 -35.91 -19.52 -8.37
N ARG A 311 -35.92 -18.32 -8.96
CA ARG A 311 -36.54 -17.18 -8.27
C ARG A 311 -38.04 -17.11 -8.51
N ARG A 312 -38.65 -18.22 -8.92
CA ARG A 312 -40.09 -18.32 -8.98
C ARG A 312 -40.66 -19.14 -7.83
N ILE A 313 -39.92 -20.15 -7.38
CA ILE A 313 -40.32 -20.91 -6.21
C ILE A 313 -40.33 -20.03 -4.97
N VAL A 314 -39.35 -19.14 -4.85
CA VAL A 314 -39.29 -18.24 -3.70
C VAL A 314 -40.53 -17.36 -3.66
N SER A 315 -40.87 -16.75 -4.80
CA SER A 315 -42.04 -15.88 -4.83
C SER A 315 -43.32 -16.67 -4.60
N GLN A 316 -43.38 -17.91 -5.09
CA GLN A 316 -44.55 -18.74 -4.83
C GLN A 316 -44.68 -19.01 -3.34
N LEU A 317 -43.56 -19.30 -2.67
CA LEU A 317 -43.58 -19.49 -1.23
C LEU A 317 -44.06 -18.24 -0.50
N LEU A 318 -43.58 -17.08 -0.94
CA LEU A 318 -44.00 -15.82 -0.31
C LEU A 318 -45.50 -15.59 -0.47
N THR A 319 -46.02 -15.74 -1.68
CA THR A 319 -47.43 -15.47 -1.89
C THR A 319 -48.30 -16.53 -1.23
N LEU A 320 -47.74 -17.71 -0.97
CA LEU A 320 -48.49 -18.70 -0.20
C LEU A 320 -48.50 -18.34 1.28
N MET A 321 -47.37 -17.88 1.82
CA MET A 321 -47.36 -17.49 3.23
C MET A 321 -48.24 -16.29 3.51
N ASP A 322 -48.26 -15.30 2.62
CA ASP A 322 -49.17 -14.18 2.83
C ASP A 322 -50.62 -14.55 2.52
N GLY A 323 -50.88 -15.75 2.02
CA GLY A 323 -52.22 -16.25 1.92
C GLY A 323 -52.79 -16.82 3.19
N LEU A 324 -52.00 -16.81 4.26
CA LEU A 324 -52.46 -17.29 5.55
C LEU A 324 -53.29 -16.21 6.24
N LYS A 325 -54.49 -16.58 6.65
CA LYS A 325 -55.39 -15.68 7.36
C LYS A 325 -55.92 -16.40 8.60
N GLN A 326 -56.55 -15.61 9.48
CA GLN A 326 -56.82 -16.09 10.84
C GLN A 326 -57.78 -17.27 10.86
N ARG A 327 -58.60 -17.43 9.82
CA ARG A 327 -59.47 -18.60 9.75
C ARG A 327 -58.67 -19.88 9.64
N ALA A 328 -57.57 -19.86 8.87
CA ALA A 328 -56.89 -21.10 8.49
C ALA A 328 -56.37 -21.86 9.70
N HIS A 329 -55.87 -21.13 10.69
CA HIS A 329 -55.38 -21.72 11.94
C HIS A 329 -54.19 -22.65 11.68
N VAL A 330 -53.45 -22.36 10.60
CA VAL A 330 -52.29 -23.11 10.19
C VAL A 330 -51.05 -22.35 10.62
N ILE A 331 -50.01 -23.08 11.04
CA ILE A 331 -48.79 -22.48 11.55
C ILE A 331 -47.60 -23.12 10.85
N VAL A 332 -46.80 -22.29 10.19
CA VAL A 332 -45.65 -22.75 9.41
C VAL A 332 -44.40 -22.57 10.26
N MET A 333 -43.50 -23.55 10.20
CA MET A 333 -42.20 -23.40 10.84
C MET A 333 -41.13 -23.98 9.95
N ALA A 334 -40.01 -23.27 9.83
CA ALA A 334 -38.93 -23.64 8.93
C ALA A 334 -37.69 -24.00 9.73
N ALA A 335 -36.64 -24.39 9.03
CA ALA A 335 -35.40 -24.82 9.68
C ALA A 335 -34.22 -24.52 8.77
N THR A 336 -33.55 -23.40 9.00
CA THR A 336 -32.26 -23.13 8.40
C THR A 336 -31.18 -23.42 9.46
N ASN A 337 -29.95 -23.05 9.15
CA ASN A 337 -28.87 -23.19 10.11
C ASN A 337 -28.37 -21.88 10.67
N ARG A 338 -28.34 -20.82 9.85
CA ARG A 338 -28.05 -19.48 10.31
C ARG A 338 -29.08 -18.54 9.71
N PRO A 339 -29.39 -17.43 10.38
CA PRO A 339 -30.38 -16.50 9.83
C PRO A 339 -29.92 -15.78 8.57
N ASN A 340 -28.61 -15.74 8.31
CA ASN A 340 -28.12 -15.03 7.13
C ASN A 340 -28.45 -15.79 5.85
N SER A 341 -28.36 -17.12 5.87
CA SER A 341 -28.47 -17.90 4.65
C SER A 341 -29.83 -17.74 3.98
N ILE A 342 -30.89 -17.58 4.76
CA ILE A 342 -32.22 -17.44 4.19
C ILE A 342 -32.33 -16.13 3.41
N ASP A 343 -33.26 -16.10 2.48
CA ASP A 343 -33.53 -14.89 1.69
C ASP A 343 -34.05 -13.79 2.61
N PRO A 344 -33.46 -12.60 2.59
CA PRO A 344 -33.92 -11.54 3.51
C PRO A 344 -35.37 -11.13 3.33
N ALA A 345 -35.98 -11.39 2.18
CA ALA A 345 -37.37 -10.99 1.98
C ALA A 345 -38.32 -11.79 2.86
N LEU A 346 -37.89 -12.95 3.36
CA LEU A 346 -38.77 -13.80 4.15
C LEU A 346 -38.92 -13.29 5.58
N ARG A 347 -37.89 -12.64 6.13
CA ARG A 347 -37.95 -12.21 7.53
C ARG A 347 -38.87 -11.02 7.75
N ARG A 348 -39.41 -10.43 6.69
CA ARG A 348 -40.32 -9.30 6.82
C ARG A 348 -41.53 -9.69 7.66
N PHE A 349 -42.21 -8.68 8.19
CA PHE A 349 -43.30 -8.91 9.12
C PHE A 349 -44.43 -9.68 8.46
N GLY A 350 -45.03 -10.60 9.22
CA GLY A 350 -46.14 -11.38 8.75
C GLY A 350 -45.77 -12.71 8.13
N ARG A 351 -44.48 -12.98 7.88
CA ARG A 351 -44.07 -14.21 7.25
C ARG A 351 -43.23 -15.10 8.17
N PHE A 352 -42.10 -14.62 8.66
CA PHE A 352 -41.19 -15.42 9.48
C PHE A 352 -40.58 -14.58 10.58
N ASP A 353 -41.40 -13.80 11.28
CA ASP A 353 -40.88 -12.84 12.23
C ASP A 353 -40.19 -13.47 13.45
N ARG A 354 -40.91 -14.24 14.25
CA ARG A 354 -40.32 -14.75 15.48
C ARG A 354 -39.39 -15.91 15.17
N GLU A 355 -38.33 -16.02 15.98
CA GLU A 355 -37.16 -16.77 15.54
C GLU A 355 -36.52 -17.42 16.76
N VAL A 356 -36.89 -18.67 17.02
CA VAL A 356 -36.30 -19.48 18.09
C VAL A 356 -34.91 -19.87 17.64
N ASP A 357 -34.07 -20.32 18.58
CA ASP A 357 -32.68 -20.65 18.28
C ASP A 357 -32.26 -21.90 19.04
N ILE A 358 -32.34 -23.06 18.38
CA ILE A 358 -31.66 -24.24 18.87
C ILE A 358 -30.16 -24.03 18.77
N GLY A 359 -29.41 -24.65 19.68
CA GLY A 359 -27.98 -24.47 19.74
C GLY A 359 -27.27 -25.75 20.15
N ILE A 360 -25.95 -25.66 20.19
CA ILE A 360 -25.14 -26.80 20.65
C ILE A 360 -25.56 -27.18 22.06
N PRO A 361 -25.82 -28.46 22.34
CA PRO A 361 -26.20 -28.83 23.70
C PRO A 361 -25.06 -28.59 24.68
N ASP A 362 -25.44 -28.36 25.93
CA ASP A 362 -24.51 -27.93 26.96
C ASP A 362 -24.14 -29.12 27.86
N ALA A 363 -23.42 -28.83 28.94
CA ALA A 363 -22.74 -29.88 29.70
C ALA A 363 -23.70 -30.89 30.30
N THR A 364 -24.98 -30.53 30.44
CA THR A 364 -25.98 -31.49 30.88
C THR A 364 -26.90 -31.94 29.76
N GLY A 365 -27.02 -31.14 28.69
CA GLY A 365 -27.74 -31.61 27.52
C GLY A 365 -27.11 -32.86 26.95
N ARG A 366 -25.78 -32.92 26.90
CA ARG A 366 -25.12 -34.12 26.40
C ARG A 366 -25.42 -35.31 27.29
N LEU A 367 -25.41 -35.11 28.60
CA LEU A 367 -25.73 -36.21 29.51
C LEU A 367 -27.13 -36.73 29.25
N GLU A 368 -28.10 -35.83 29.09
CA GLU A 368 -29.48 -36.28 28.96
C GLU A 368 -29.70 -36.92 27.59
N ILE A 369 -29.01 -36.41 26.57
CA ILE A 369 -29.08 -37.02 25.24
C ILE A 369 -28.50 -38.42 25.28
N LEU A 370 -27.37 -38.60 25.97
CA LEU A 370 -26.78 -39.92 26.09
C LEU A 370 -27.73 -40.88 26.80
N GLN A 371 -28.40 -40.40 27.85
CA GLN A 371 -29.40 -41.24 28.51
C GLN A 371 -30.56 -41.58 27.58
N ILE A 372 -30.96 -40.66 26.70
CA ILE A 372 -31.99 -40.97 25.71
C ILE A 372 -31.52 -42.08 24.78
N HIS A 373 -30.29 -41.93 24.25
CA HIS A 373 -29.83 -42.86 23.22
C HIS A 373 -29.47 -44.23 23.79
N THR A 374 -29.08 -44.31 25.06
CA THR A 374 -28.63 -45.56 25.64
C THR A 374 -29.69 -46.22 26.54
N LYS A 375 -30.95 -46.12 26.18
CA LYS A 375 -31.99 -46.86 26.90
C LYS A 375 -32.31 -48.19 26.23
N ASN A 376 -31.55 -48.56 25.20
CA ASN A 376 -31.67 -49.87 24.58
C ASN A 376 -30.42 -50.72 24.72
N MET A 377 -29.26 -50.10 24.87
CA MET A 377 -28.03 -50.84 25.08
C MET A 377 -28.01 -51.41 26.49
N LYS A 378 -27.12 -52.39 26.70
CA LYS A 378 -27.07 -53.12 27.95
C LYS A 378 -25.74 -52.76 28.62
N LEU A 379 -25.78 -51.64 29.35
CA LEU A 379 -24.57 -51.03 29.87
C LEU A 379 -24.00 -51.83 31.02
N ALA A 380 -22.68 -51.96 31.05
CA ALA A 380 -22.01 -52.56 32.19
C ALA A 380 -22.09 -51.62 33.38
N ASP A 381 -21.78 -52.16 34.57
CA ASP A 381 -21.92 -51.38 35.79
C ASP A 381 -21.01 -50.15 35.79
N ASP A 382 -19.77 -50.31 35.37
CA ASP A 382 -18.76 -49.27 35.52
C ASP A 382 -18.90 -48.14 34.52
N VAL A 383 -19.98 -48.08 33.75
CA VAL A 383 -20.17 -46.97 32.82
C VAL A 383 -20.75 -45.79 33.59
N ASP A 384 -20.17 -44.61 33.36
CA ASP A 384 -20.52 -43.39 34.09
C ASP A 384 -20.80 -42.35 33.02
N LEU A 385 -22.05 -42.28 32.56
CA LEU A 385 -22.41 -41.36 31.49
C LEU A 385 -22.21 -39.91 31.92
N GLU A 386 -22.37 -39.63 33.22
CA GLU A 386 -22.04 -38.30 33.73
C GLU A 386 -20.57 -37.96 33.53
N GLN A 387 -19.71 -38.97 33.36
CA GLN A 387 -18.30 -38.70 33.13
C GLN A 387 -18.03 -38.46 31.65
N VAL A 388 -18.53 -39.33 30.78
CA VAL A 388 -18.27 -39.18 29.35
C VAL A 388 -18.95 -37.93 28.81
N ALA A 389 -20.09 -37.54 29.39
CA ALA A 389 -20.75 -36.31 28.96
C ALA A 389 -19.86 -35.10 29.18
N ASN A 390 -18.97 -35.16 30.16
CA ASN A 390 -18.03 -34.07 30.38
C ASN A 390 -16.93 -34.05 29.33
N GLU A 391 -16.64 -35.19 28.71
CA GLU A 391 -15.52 -35.26 27.78
C GLU A 391 -15.93 -34.72 26.41
N THR A 392 -17.08 -35.14 25.90
CA THR A 392 -17.52 -34.75 24.57
C THR A 392 -17.75 -33.24 24.53
N HIS A 393 -16.90 -32.52 23.81
CA HIS A 393 -16.99 -31.06 23.83
C HIS A 393 -17.81 -30.51 22.68
N GLY A 394 -17.39 -30.73 21.44
CA GLY A 394 -18.05 -30.14 20.30
C GLY A 394 -19.20 -30.92 19.74
N HIS A 395 -19.50 -32.09 20.29
CA HIS A 395 -20.52 -32.96 19.74
C HIS A 395 -21.89 -32.32 19.86
N VAL A 396 -22.77 -32.67 18.92
CA VAL A 396 -24.14 -32.18 18.91
C VAL A 396 -25.07 -33.36 19.11
N GLY A 397 -26.37 -33.13 19.03
CA GLY A 397 -27.34 -34.18 19.29
C GLY A 397 -27.34 -35.32 18.30
N ALA A 398 -26.39 -35.31 17.37
CA ALA A 398 -26.24 -36.38 16.39
C ALA A 398 -24.94 -37.16 16.55
N ASP A 399 -23.84 -36.49 16.89
CA ASP A 399 -22.59 -37.20 17.14
C ASP A 399 -22.69 -38.17 18.30
N LEU A 400 -23.56 -37.91 19.27
CA LEU A 400 -23.65 -38.82 20.40
C LEU A 400 -24.30 -40.14 19.99
N ALA A 401 -25.23 -40.12 19.04
CA ALA A 401 -25.74 -41.36 18.50
C ALA A 401 -24.63 -42.15 17.83
N ALA A 402 -23.77 -41.46 17.06
CA ALA A 402 -22.65 -42.15 16.44
C ALA A 402 -21.64 -42.64 17.46
N LEU A 403 -21.49 -41.93 18.57
CA LEU A 403 -20.59 -42.39 19.63
C LEU A 403 -21.11 -43.66 20.26
N CYS A 404 -22.40 -43.70 20.57
CA CYS A 404 -23.00 -44.94 21.05
C CYS A 404 -22.83 -46.07 20.03
N SER A 405 -23.01 -45.74 18.75
CA SER A 405 -22.85 -46.74 17.70
C SER A 405 -21.43 -47.30 17.69
N GLU A 406 -20.44 -46.42 17.76
CA GLU A 406 -19.05 -46.88 17.73
C GLU A 406 -18.71 -47.69 18.97
N ALA A 407 -19.26 -47.33 20.13
CA ALA A 407 -19.00 -48.12 21.33
C ALA A 407 -19.61 -49.52 21.21
N ALA A 408 -20.87 -49.59 20.75
CA ALA A 408 -21.50 -50.90 20.58
C ALA A 408 -20.76 -51.73 19.55
N LEU A 409 -20.31 -51.10 18.45
CA LEU A 409 -19.56 -51.83 17.45
C LEU A 409 -18.21 -52.29 18.00
N GLN A 410 -17.60 -51.48 18.88
CA GLN A 410 -16.35 -51.88 19.49
C GLN A 410 -16.54 -53.12 20.34
N ALA A 411 -17.65 -53.20 21.08
CA ALA A 411 -17.95 -54.41 21.83
C ALA A 411 -18.19 -55.59 20.89
N ILE A 412 -19.00 -55.39 19.86
CA ILE A 412 -19.35 -56.47 18.95
C ILE A 412 -18.12 -56.90 18.14
N ARG A 413 -17.09 -56.06 18.10
CA ARG A 413 -15.84 -56.46 17.48
C ARG A 413 -14.97 -57.22 18.47
N LYS A 414 -14.92 -56.76 19.73
CA LYS A 414 -14.29 -57.56 20.76
C LYS A 414 -15.05 -58.86 21.03
N LYS A 415 -16.10 -59.11 20.26
CA LYS A 415 -16.65 -60.45 20.07
C LYS A 415 -15.71 -61.33 19.26
N MET A 416 -14.63 -61.88 19.85
CA MET A 416 -13.58 -62.33 18.95
C MET A 416 -13.35 -63.85 18.92
N ASP A 417 -13.22 -64.52 20.07
CA ASP A 417 -12.61 -65.85 20.06
C ASP A 417 -13.50 -66.93 19.46
N LEU A 418 -14.65 -67.21 20.09
CA LEU A 418 -15.27 -68.53 19.91
C LEU A 418 -16.69 -68.52 19.33
N ILE A 419 -17.00 -67.62 18.39
CA ILE A 419 -18.20 -67.76 17.56
C ILE A 419 -17.74 -67.76 16.11
N ASP A 420 -18.16 -68.77 15.35
CA ASP A 420 -17.69 -68.95 13.98
C ASP A 420 -18.02 -67.72 13.12
N LEU A 421 -17.25 -67.55 12.05
CA LEU A 421 -17.36 -66.37 11.20
C LEU A 421 -18.77 -66.26 10.60
N GLU A 422 -19.30 -67.38 10.12
CA GLU A 422 -20.65 -67.44 9.57
C GLU A 422 -21.64 -68.08 10.53
N ASP A 423 -21.35 -68.03 11.83
CA ASP A 423 -22.17 -68.70 12.84
C ASP A 423 -23.50 -67.96 12.98
N GLU A 424 -24.50 -68.43 12.23
CA GLU A 424 -25.84 -67.88 12.37
C GLU A 424 -26.43 -68.24 13.73
N THR A 425 -25.90 -69.28 14.37
CA THR A 425 -26.37 -69.65 15.70
C THR A 425 -25.79 -68.69 16.73
N ILE A 426 -26.01 -67.40 16.51
CA ILE A 426 -25.62 -66.39 17.49
C ILE A 426 -26.55 -66.54 18.70
N ASP A 427 -26.01 -67.01 19.81
CA ASP A 427 -26.85 -67.26 20.98
C ASP A 427 -27.48 -65.96 21.46
N ALA A 428 -28.71 -66.07 21.96
CA ALA A 428 -29.43 -64.90 22.43
C ALA A 428 -28.67 -64.19 23.55
N GLU A 429 -27.86 -64.94 24.31
CA GLU A 429 -27.06 -64.32 25.35
C GLU A 429 -26.03 -63.35 24.76
N VAL A 430 -25.64 -63.57 23.51
CA VAL A 430 -24.79 -62.59 22.84
C VAL A 430 -25.51 -61.25 22.76
N MET A 431 -26.80 -61.27 22.41
CA MET A 431 -27.59 -60.05 22.38
C MET A 431 -28.03 -59.57 23.75
N ASN A 432 -27.93 -60.40 24.79
CA ASN A 432 -28.38 -59.94 26.10
C ASN A 432 -27.32 -60.06 27.20
N SER A 433 -26.07 -60.39 26.86
CA SER A 433 -24.97 -60.33 27.81
C SER A 433 -23.87 -59.40 27.31
N LEU A 434 -24.26 -58.36 26.59
CA LEU A 434 -23.31 -57.35 26.15
C LEU A 434 -22.91 -56.47 27.32
N ALA A 435 -21.60 -56.22 27.44
CA ALA A 435 -21.05 -55.46 28.56
C ALA A 435 -20.18 -54.34 27.98
N VAL A 436 -20.79 -53.20 27.70
CA VAL A 436 -20.07 -52.03 27.21
C VAL A 436 -19.46 -51.33 28.42
N THR A 437 -18.14 -51.16 28.41
CA THR A 437 -17.43 -50.58 29.52
C THR A 437 -17.00 -49.16 29.18
N MET A 438 -16.30 -48.51 30.13
CA MET A 438 -15.66 -47.26 29.82
C MET A 438 -14.58 -47.41 28.76
N ASP A 439 -14.00 -48.60 28.63
CA ASP A 439 -13.00 -48.83 27.60
C ASP A 439 -13.59 -48.61 26.21
N ASP A 440 -14.76 -49.18 25.96
CA ASP A 440 -15.41 -49.02 24.67
C ASP A 440 -15.78 -47.56 24.41
N PHE A 441 -16.30 -46.88 25.43
CA PHE A 441 -16.70 -45.49 25.24
C PHE A 441 -15.50 -44.58 24.99
N ARG A 442 -14.39 -44.80 25.70
CA ARG A 442 -13.20 -44.01 25.44
C ARG A 442 -12.63 -44.33 24.06
N TRP A 443 -12.66 -45.61 23.66
CA TRP A 443 -12.27 -45.98 22.30
C TRP A 443 -13.06 -45.18 21.27
N ALA A 444 -14.39 -45.20 21.40
CA ALA A 444 -15.23 -44.48 20.47
C ALA A 444 -14.94 -42.99 20.51
N LEU A 445 -14.78 -42.43 21.71
CA LEU A 445 -14.55 -41.01 21.87
C LEU A 445 -13.25 -40.56 21.23
N SER A 446 -12.26 -41.43 21.19
CA SER A 446 -11.00 -41.08 20.56
C SER A 446 -11.06 -41.12 19.04
N GLN A 447 -12.15 -41.62 18.46
CA GLN A 447 -12.23 -41.84 17.02
C GLN A 447 -13.17 -40.88 16.31
N SER A 448 -14.06 -40.20 17.02
CA SER A 448 -15.09 -39.39 16.40
C SER A 448 -14.58 -37.96 16.20
N ASN A 449 -14.62 -37.48 14.96
CA ASN A 449 -14.40 -36.07 14.70
C ASN A 449 -15.64 -35.29 15.12
N PRO A 450 -15.55 -34.38 16.07
CA PRO A 450 -16.73 -33.62 16.47
C PRO A 450 -17.23 -32.74 15.34
N SER A 451 -18.55 -32.56 15.29
CA SER A 451 -19.16 -31.88 14.16
C SER A 451 -18.94 -30.37 14.21
N ALA A 452 -19.07 -29.76 15.38
CA ALA A 452 -19.24 -28.32 15.50
C ALA A 452 -18.29 -27.72 16.53
N LEU A 453 -17.00 -28.04 16.40
CA LEU A 453 -16.03 -27.45 17.30
C LEU A 453 -15.75 -25.97 17.02
N ARG A 454 -16.29 -25.43 15.93
CA ARG A 454 -16.00 -24.06 15.53
C ARG A 454 -17.20 -23.13 15.72
N GLU A 455 -17.98 -23.36 16.76
CA GLU A 455 -19.12 -22.53 17.09
C GLU A 455 -18.91 -21.90 18.46
N THR A 456 -19.30 -20.63 18.59
CA THR A 456 -19.31 -20.00 19.90
C THR A 456 -20.26 -20.75 20.83
N VAL A 457 -19.83 -20.97 22.06
CA VAL A 457 -20.59 -21.72 23.03
C VAL A 457 -21.21 -20.74 24.02
N VAL A 458 -22.53 -20.75 24.09
CA VAL A 458 -23.28 -19.84 24.95
C VAL A 458 -23.86 -20.69 26.07
N GLU A 459 -23.14 -20.78 27.19
CA GLU A 459 -23.60 -21.59 28.31
C GLU A 459 -23.03 -21.02 29.60
N VAL A 460 -23.78 -21.19 30.68
CA VAL A 460 -23.41 -20.70 32.00
C VAL A 460 -22.15 -21.42 32.46
N PRO A 461 -21.11 -20.70 32.86
CA PRO A 461 -19.87 -21.36 33.28
C PRO A 461 -20.04 -21.98 34.66
N GLN A 462 -19.11 -22.89 34.98
CA GLN A 462 -19.17 -23.65 36.22
C GLN A 462 -18.01 -23.31 37.16
N VAL A 463 -17.70 -22.04 37.29
CA VAL A 463 -16.72 -21.59 38.27
C VAL A 463 -17.46 -20.92 39.43
N THR A 464 -16.79 -20.81 40.57
CA THR A 464 -17.33 -20.12 41.73
C THR A 464 -16.29 -19.16 42.25
N TRP A 465 -16.69 -18.34 43.24
CA TRP A 465 -15.78 -17.32 43.76
C TRP A 465 -14.58 -17.93 44.47
N GLU A 466 -14.77 -19.01 45.19
CA GLU A 466 -13.62 -19.52 45.93
C GLU A 466 -12.63 -20.26 45.07
N ASP A 467 -12.75 -20.17 43.75
CA ASP A 467 -11.67 -20.53 42.86
C ASP A 467 -10.74 -19.36 42.57
N ILE A 468 -11.07 -18.18 43.09
CA ILE A 468 -10.17 -17.03 43.08
C ILE A 468 -9.84 -16.59 44.49
N GLY A 469 -10.84 -16.48 45.35
CA GLY A 469 -10.63 -16.00 46.70
C GLY A 469 -10.22 -14.55 46.72
N GLY A 470 -10.32 -13.91 47.88
CA GLY A 470 -9.93 -12.52 47.96
C GLY A 470 -10.72 -11.67 46.98
N LEU A 471 -10.04 -10.66 46.44
CA LEU A 471 -10.65 -9.71 45.50
C LEU A 471 -11.95 -9.15 46.08
N GLU A 472 -11.91 -8.81 47.37
CA GLU A 472 -13.11 -8.47 48.11
C GLU A 472 -13.74 -7.16 47.67
N ASP A 473 -13.02 -6.34 46.90
CA ASP A 473 -13.57 -5.08 46.40
C ASP A 473 -14.03 -5.18 44.96
N VAL A 474 -13.25 -5.83 44.10
CA VAL A 474 -13.72 -6.12 42.75
C VAL A 474 -14.96 -6.98 42.81
N LYS A 475 -15.09 -7.82 43.83
CA LYS A 475 -16.30 -8.61 44.00
C LYS A 475 -17.53 -7.74 44.11
N ARG A 476 -17.51 -6.75 45.00
CA ARG A 476 -18.69 -5.92 45.18
C ARG A 476 -18.90 -5.00 43.99
N GLU A 477 -17.83 -4.42 43.47
CA GLU A 477 -17.97 -3.46 42.39
C GLU A 477 -18.28 -4.14 41.07
N LEU A 478 -18.16 -5.47 41.00
CA LEU A 478 -18.68 -6.24 39.89
C LEU A 478 -20.06 -6.82 40.16
N GLN A 479 -20.43 -6.99 41.43
CA GLN A 479 -21.82 -7.31 41.75
C GLN A 479 -22.73 -6.15 41.36
N GLU A 480 -22.38 -4.93 41.79
CA GLU A 480 -23.25 -3.78 41.64
C GLU A 480 -23.53 -3.44 40.18
N LEU A 481 -22.92 -4.17 39.26
CA LEU A 481 -23.03 -3.86 37.85
C LEU A 481 -23.58 -4.99 37.01
N VAL A 482 -23.63 -6.22 37.54
CA VAL A 482 -24.22 -7.34 36.80
C VAL A 482 -25.30 -8.05 37.58
N GLN A 483 -25.34 -7.96 38.90
CA GLN A 483 -26.35 -8.64 39.71
C GLN A 483 -27.52 -7.72 40.06
N TYR A 484 -27.23 -6.56 40.63
CA TYR A 484 -28.30 -5.61 40.97
C TYR A 484 -29.15 -5.22 39.77
N PRO A 485 -28.59 -4.90 38.59
CA PRO A 485 -29.46 -4.47 37.48
C PRO A 485 -30.24 -5.61 36.85
N VAL A 486 -30.16 -6.80 37.43
CA VAL A 486 -30.91 -7.96 36.97
C VAL A 486 -31.91 -8.42 38.01
N GLU A 487 -31.43 -8.70 39.23
CA GLU A 487 -32.30 -9.27 40.26
C GLU A 487 -33.23 -8.25 40.88
N HIS A 488 -32.86 -6.97 40.86
CA HIS A 488 -33.64 -5.92 41.51
C HIS A 488 -33.87 -4.76 40.56
N PRO A 489 -34.58 -5.00 39.45
CA PRO A 489 -34.77 -3.92 38.46
C PRO A 489 -35.59 -2.76 38.98
N ASP A 490 -36.59 -3.03 39.82
CA ASP A 490 -37.53 -1.98 40.23
C ASP A 490 -36.83 -0.83 40.93
N LYS A 491 -35.70 -1.09 41.59
CA LYS A 491 -34.95 -0.02 42.21
C LYS A 491 -34.47 0.98 41.17
N PHE A 492 -34.02 0.48 40.01
CA PHE A 492 -33.49 1.36 38.97
C PHE A 492 -34.57 2.18 38.29
N LEU A 493 -35.85 1.88 38.54
CA LEU A 493 -36.95 2.74 38.13
C LEU A 493 -37.42 3.66 39.24
N LYS A 494 -37.36 3.20 40.50
CA LYS A 494 -37.71 4.07 41.61
C LYS A 494 -36.80 5.30 41.64
N PHE A 495 -35.52 5.10 41.45
CA PHE A 495 -34.59 6.20 41.20
C PHE A 495 -34.46 6.39 39.69
N GLY A 496 -33.55 7.25 39.26
CA GLY A 496 -33.42 7.58 37.86
C GLY A 496 -32.21 6.99 37.16
N MET A 497 -31.36 6.25 37.86
CA MET A 497 -30.12 5.77 37.26
C MET A 497 -30.39 4.79 36.13
N THR A 498 -29.64 4.95 35.05
CA THR A 498 -29.56 4.00 33.94
C THR A 498 -28.41 3.05 34.18
N PRO A 499 -28.62 1.74 34.01
CA PRO A 499 -27.53 0.79 34.23
C PRO A 499 -26.38 1.04 33.27
N SER A 500 -25.16 0.82 33.76
CA SER A 500 -24.00 0.92 32.90
C SER A 500 -23.97 -0.28 31.96
N LYS A 501 -23.17 -0.15 30.89
CA LYS A 501 -23.11 -1.18 29.87
C LYS A 501 -21.67 -1.59 29.59
N GLY A 502 -20.84 -1.63 30.61
CA GLY A 502 -19.48 -2.05 30.37
C GLY A 502 -18.57 -1.83 31.53
N VAL A 503 -17.52 -2.65 31.57
CA VAL A 503 -16.41 -2.55 32.51
C VAL A 503 -15.16 -2.91 31.75
N LEU A 504 -14.05 -2.25 32.08
CA LEU A 504 -12.77 -2.56 31.45
C LEU A 504 -11.78 -2.96 32.53
N PHE A 505 -11.46 -4.24 32.59
CA PHE A 505 -10.38 -4.71 33.44
C PHE A 505 -9.04 -4.31 32.85
N TYR A 506 -8.01 -4.33 33.68
CA TYR A 506 -6.64 -4.18 33.21
C TYR A 506 -5.70 -4.63 34.32
N GLY A 507 -4.65 -5.35 33.94
CA GLY A 507 -3.69 -5.84 34.91
C GLY A 507 -2.62 -6.67 34.25
N PRO A 508 -1.71 -7.22 35.07
CA PRO A 508 -0.68 -8.07 34.52
C PRO A 508 -1.29 -9.29 33.86
N PRO A 509 -0.62 -9.87 32.86
CA PRO A 509 -1.20 -11.00 32.16
C PRO A 509 -1.23 -12.24 33.03
N GLY A 510 -2.36 -12.97 32.97
CA GLY A 510 -2.54 -14.16 33.78
C GLY A 510 -2.71 -13.86 35.25
N CYS A 511 -3.81 -13.21 35.62
CA CYS A 511 -4.08 -12.91 37.02
C CYS A 511 -5.50 -13.22 37.43
N GLY A 512 -6.27 -13.93 36.60
CA GLY A 512 -7.67 -14.15 36.90
C GLY A 512 -8.61 -13.19 36.21
N LYS A 513 -8.20 -12.61 35.09
CA LYS A 513 -9.06 -11.71 34.35
C LYS A 513 -10.16 -12.45 33.59
N THR A 514 -10.08 -13.77 33.51
CA THR A 514 -11.14 -14.59 32.94
C THR A 514 -11.98 -15.27 34.00
N LEU A 515 -11.34 -15.73 35.08
CA LEU A 515 -12.09 -16.40 36.14
C LEU A 515 -13.06 -15.44 36.82
N LEU A 516 -12.77 -14.13 36.77
CA LEU A 516 -13.69 -13.16 37.35
C LEU A 516 -14.94 -13.02 36.49
N ALA A 517 -14.77 -12.94 35.18
CA ALA A 517 -15.93 -12.89 34.30
C ALA A 517 -16.77 -14.14 34.41
N LYS A 518 -16.12 -15.31 34.40
CA LYS A 518 -16.87 -16.56 34.54
C LYS A 518 -17.57 -16.63 35.88
N ALA A 519 -16.89 -16.21 36.95
CA ALA A 519 -17.50 -16.26 38.27
C ALA A 519 -18.73 -15.37 38.35
N ILE A 520 -18.64 -14.14 37.85
CA ILE A 520 -19.79 -13.25 37.95
C ILE A 520 -20.90 -13.70 37.01
N ALA A 521 -20.56 -14.31 35.88
CA ALA A 521 -21.59 -14.90 35.03
C ALA A 521 -22.30 -16.03 35.74
N ASN A 522 -21.55 -16.84 36.49
CA ASN A 522 -22.16 -17.91 37.27
C ASN A 522 -23.09 -17.35 38.33
N GLU A 523 -22.70 -16.24 38.96
CA GLU A 523 -23.43 -15.74 40.12
C GLU A 523 -24.88 -15.43 39.79
N CYS A 524 -25.12 -14.75 38.68
CA CYS A 524 -26.48 -14.35 38.31
C CYS A 524 -27.09 -15.23 37.24
N GLN A 525 -26.57 -16.45 37.07
CA GLN A 525 -27.06 -17.42 36.09
C GLN A 525 -27.25 -16.77 34.73
N ALA A 526 -26.13 -16.30 34.18
CA ALA A 526 -26.13 -15.55 32.94
C ALA A 526 -25.17 -16.20 31.96
N ASN A 527 -25.59 -16.30 30.71
CA ASN A 527 -24.76 -16.88 29.67
C ASN A 527 -23.46 -16.09 29.55
N PHE A 528 -22.46 -16.71 28.91
CA PHE A 528 -21.11 -16.16 28.90
C PHE A 528 -20.49 -16.39 27.52
N ILE A 529 -20.58 -15.39 26.67
CA ILE A 529 -19.92 -15.42 25.36
C ILE A 529 -18.51 -14.86 25.53
N SER A 530 -17.52 -15.60 25.07
CA SER A 530 -16.13 -15.18 25.16
C SER A 530 -15.56 -15.02 23.76
N ILE A 531 -14.89 -13.90 23.51
CA ILE A 531 -14.28 -13.60 22.23
C ILE A 531 -12.80 -13.36 22.46
N LYS A 532 -11.98 -14.34 22.12
CA LYS A 532 -10.56 -14.29 22.43
C LYS A 532 -9.85 -13.34 21.47
N GLY A 533 -8.52 -13.30 21.55
CA GLY A 533 -7.73 -12.40 20.75
C GLY A 533 -7.72 -12.73 19.27
N PRO A 534 -7.32 -13.96 18.93
CA PRO A 534 -7.31 -14.35 17.52
C PRO A 534 -8.64 -14.17 16.81
N GLU A 535 -9.75 -14.40 17.49
CA GLU A 535 -11.04 -14.27 16.83
C GLU A 535 -11.37 -12.83 16.46
N LEU A 536 -10.61 -11.86 16.98
CA LEU A 536 -10.71 -10.46 16.55
C LEU A 536 -9.62 -10.11 15.55
N LEU A 537 -8.40 -10.50 15.86
CA LEU A 537 -7.27 -10.21 14.99
C LEU A 537 -7.47 -10.83 13.61
N THR A 538 -8.23 -11.92 13.52
CA THR A 538 -8.63 -12.43 12.22
C THR A 538 -9.52 -11.46 11.48
N MET A 539 -10.46 -10.81 12.19
CA MET A 539 -11.28 -9.80 11.54
C MET A 539 -10.43 -8.65 11.04
N TRP A 540 -9.39 -8.27 11.78
CA TRP A 540 -8.61 -7.14 11.31
C TRP A 540 -7.79 -7.47 10.08
N PHE A 541 -7.70 -8.74 9.69
CA PHE A 541 -6.95 -9.17 8.51
C PHE A 541 -7.87 -9.51 7.35
N GLY A 542 -8.92 -8.72 7.16
CA GLY A 542 -9.85 -8.96 6.08
C GLY A 542 -11.09 -8.11 6.24
N GLU A 543 -12.25 -8.77 6.17
CA GLU A 543 -13.50 -8.11 6.44
C GLU A 543 -13.63 -7.76 7.92
N SER A 544 -14.39 -6.70 8.18
CA SER A 544 -14.94 -6.46 9.51
C SER A 544 -16.44 -6.35 9.31
N GLU A 545 -17.17 -5.95 10.35
CA GLU A 545 -18.58 -5.56 10.26
C GLU A 545 -19.47 -6.67 9.71
N ALA A 546 -18.88 -7.83 9.42
CA ALA A 546 -19.64 -8.98 8.99
C ALA A 546 -19.71 -10.05 10.04
N ASN A 547 -18.90 -9.95 11.08
CA ASN A 547 -18.95 -10.87 12.21
C ASN A 547 -19.28 -10.18 13.51
N VAL A 548 -18.82 -8.93 13.70
CA VAL A 548 -19.08 -8.23 14.95
C VAL A 548 -20.57 -8.01 15.14
N ARG A 549 -21.26 -7.58 14.09
CA ARG A 549 -22.71 -7.52 14.13
C ARG A 549 -23.30 -8.86 14.49
N GLU A 550 -22.73 -9.94 13.94
CA GLU A 550 -23.21 -11.29 14.26
C GLU A 550 -22.98 -11.61 15.73
N ILE A 551 -21.83 -11.20 16.28
CA ILE A 551 -21.54 -11.48 17.68
C ILE A 551 -22.55 -10.80 18.58
N PHE A 552 -22.82 -9.52 18.32
CA PHE A 552 -23.78 -8.82 19.19
C PHE A 552 -25.20 -9.32 18.99
N ASP A 553 -25.57 -9.69 17.77
CA ASP A 553 -26.90 -10.25 17.55
C ASP A 553 -27.05 -11.60 18.23
N LYS A 554 -25.98 -12.39 18.27
CA LYS A 554 -25.99 -13.62 19.05
C LYS A 554 -26.13 -13.33 20.53
N ALA A 555 -25.43 -12.32 21.02
CA ALA A 555 -25.53 -11.98 22.43
C ALA A 555 -26.93 -11.51 22.80
N ARG A 556 -27.61 -10.83 21.88
CA ARG A 556 -28.93 -10.30 22.19
C ARG A 556 -29.93 -11.41 22.47
N GLN A 557 -29.88 -12.50 21.71
CA GLN A 557 -30.83 -13.60 21.88
C GLN A 557 -30.48 -14.51 23.04
N ALA A 558 -29.55 -14.13 23.91
CA ALA A 558 -29.22 -14.91 25.08
C ALA A 558 -29.11 -14.02 26.31
N ALA A 559 -30.03 -13.08 26.44
CA ALA A 559 -30.02 -12.20 27.58
C ALA A 559 -30.29 -12.99 28.86
N PRO A 560 -29.57 -12.71 29.96
CA PRO A 560 -28.49 -11.71 30.01
C PRO A 560 -27.10 -12.27 29.70
N CYS A 561 -26.47 -11.79 28.64
CA CYS A 561 -25.09 -12.18 28.34
C CYS A 561 -24.11 -11.32 29.12
N VAL A 562 -22.86 -11.77 29.14
CA VAL A 562 -21.77 -11.05 29.79
C VAL A 562 -20.56 -10.93 28.87
N LEU A 563 -20.79 -10.68 27.57
CA LEU A 563 -19.76 -10.70 26.53
C LEU A 563 -18.40 -10.25 27.05
N PHE A 564 -17.38 -11.05 26.82
CA PHE A 564 -16.05 -10.81 27.38
C PHE A 564 -15.06 -10.69 26.23
N PHE A 565 -14.76 -9.45 25.85
CA PHE A 565 -13.81 -9.17 24.78
C PHE A 565 -12.40 -9.21 25.36
N ASP A 566 -11.81 -10.39 25.37
CA ASP A 566 -10.47 -10.55 25.90
C ASP A 566 -9.47 -9.97 24.92
N GLU A 567 -8.41 -9.36 25.46
CA GLU A 567 -7.38 -8.70 24.66
C GLU A 567 -7.98 -7.73 23.63
N LEU A 568 -8.60 -6.68 24.17
CA LEU A 568 -9.07 -5.60 23.30
C LEU A 568 -7.90 -4.92 22.60
N ASP A 569 -6.75 -4.82 23.28
CA ASP A 569 -5.61 -4.12 22.72
C ASP A 569 -4.91 -4.89 21.61
N SER A 570 -5.33 -6.14 21.35
CA SER A 570 -4.58 -7.03 20.47
C SER A 570 -4.27 -6.39 19.13
N ILE A 571 -5.25 -5.72 18.53
CA ILE A 571 -5.00 -5.01 17.29
C ILE A 571 -4.00 -3.89 17.51
N ALA A 572 -4.16 -3.15 18.60
CA ALA A 572 -3.30 -2.00 18.84
C ALA A 572 -1.85 -2.39 19.04
N LYS A 573 -1.60 -3.60 19.52
CA LYS A 573 -0.21 -4.07 19.67
C LYS A 573 0.24 -4.93 18.51
N ALA A 574 -0.68 -5.37 17.65
CA ALA A 574 -0.31 -6.04 16.41
C ALA A 574 -0.16 -5.06 15.26
N ARG A 575 -0.40 -3.78 15.51
CA ARG A 575 -0.21 -2.72 14.53
C ARG A 575 0.86 -1.76 15.02
N GLY A 576 1.96 -2.33 15.50
CA GLY A 576 3.06 -1.58 16.08
C GLY A 576 2.94 -1.37 17.57
N GLY A 577 2.10 -0.45 18.00
CA GLY A 577 1.81 -0.28 19.41
C GLY A 577 2.75 0.68 20.11
N ASN A 578 2.22 1.84 20.52
CA ASN A 578 2.91 2.85 21.33
C ASN A 578 4.03 3.50 20.52
N ILE A 579 4.35 2.92 19.37
CA ILE A 579 5.16 3.56 18.34
C ILE A 579 4.40 3.47 17.03
N GLY A 580 4.15 2.24 16.58
CA GLY A 580 3.26 1.99 15.46
C GLY A 580 3.60 2.82 14.24
N ASP A 581 2.60 3.56 13.77
CA ASP A 581 2.72 4.43 12.61
C ASP A 581 1.75 5.59 12.83
N GLY A 582 1.42 6.31 11.76
CA GLY A 582 0.40 7.33 11.86
C GLY A 582 -0.95 6.74 12.21
N GLY A 583 -1.44 7.01 13.41
CA GLY A 583 -2.73 6.49 13.83
C GLY A 583 -3.13 6.88 15.24
N GLY A 584 -4.39 7.28 15.40
CA GLY A 584 -4.93 7.64 16.69
C GLY A 584 -5.75 6.51 17.27
N ALA A 585 -5.23 5.31 17.09
CA ALA A 585 -5.75 3.99 17.45
C ALA A 585 -6.88 3.54 16.53
N ALA A 586 -7.50 4.42 15.75
CA ALA A 586 -7.77 4.19 14.33
C ALA A 586 -7.92 2.73 13.92
N ASP A 587 -8.82 1.95 14.51
CA ASP A 587 -8.92 0.54 14.19
C ASP A 587 -10.12 0.23 13.34
N ARG A 588 -9.93 -0.67 12.37
CA ARG A 588 -11.01 -1.09 11.51
C ARG A 588 -12.07 -1.88 12.27
N VAL A 589 -11.66 -2.57 13.33
CA VAL A 589 -12.57 -3.43 14.08
C VAL A 589 -13.16 -2.72 15.28
N ILE A 590 -12.31 -2.13 16.12
CA ILE A 590 -12.79 -1.51 17.37
C ILE A 590 -13.88 -0.50 17.07
N ASN A 591 -13.73 0.25 15.98
CA ASN A 591 -14.78 1.19 15.59
C ASN A 591 -16.12 0.50 15.41
N GLN A 592 -16.11 -0.72 14.87
CA GLN A 592 -17.36 -1.47 14.73
C GLN A 592 -17.94 -1.84 16.08
N ILE A 593 -17.08 -2.20 17.04
CA ILE A 593 -17.55 -2.47 18.38
C ILE A 593 -18.20 -1.24 18.98
N LEU A 594 -17.62 -0.06 18.74
CA LEU A 594 -18.25 1.18 19.21
C LEU A 594 -19.62 1.37 18.57
N THR A 595 -19.69 1.16 17.26
CA THR A 595 -20.95 1.37 16.55
C THR A 595 -22.05 0.46 17.09
N GLU A 596 -21.71 -0.79 17.38
CA GLU A 596 -22.71 -1.70 17.91
C GLU A 596 -22.94 -1.52 19.41
N MET A 597 -21.99 -0.92 20.12
CA MET A 597 -22.17 -0.65 21.54
C MET A 597 -23.01 0.60 21.79
N ASP A 598 -23.14 1.47 20.79
CA ASP A 598 -24.07 2.57 20.93
C ASP A 598 -25.49 2.14 20.61
N GLY A 599 -25.69 1.54 19.43
CA GLY A 599 -27.00 1.07 19.04
C GLY A 599 -27.44 -0.17 19.79
N MET A 600 -27.46 -0.09 21.12
CA MET A 600 -27.81 -1.22 21.97
C MET A 600 -28.62 -0.69 23.15
N SER A 601 -29.86 -1.14 23.26
CA SER A 601 -30.74 -0.67 24.32
C SER A 601 -30.32 -1.24 25.66
N THR A 602 -30.34 -0.39 26.70
CA THR A 602 -29.93 -0.83 28.02
C THR A 602 -30.86 -1.89 28.58
N LYS A 603 -32.11 -1.94 28.09
CA LYS A 603 -33.11 -2.83 28.66
C LYS A 603 -32.85 -4.30 28.37
N LYS A 604 -31.90 -4.61 27.48
CA LYS A 604 -31.69 -5.98 27.04
C LYS A 604 -30.75 -6.77 27.93
N ASN A 605 -30.06 -6.12 28.88
CA ASN A 605 -29.18 -6.79 29.82
C ASN A 605 -28.08 -7.58 29.10
N VAL A 606 -27.24 -6.84 28.39
CA VAL A 606 -26.05 -7.41 27.76
C VAL A 606 -24.86 -6.57 28.23
N PHE A 607 -24.13 -7.07 29.22
CA PHE A 607 -23.03 -6.33 29.82
C PHE A 607 -21.72 -6.76 29.16
N ILE A 608 -20.92 -5.77 28.79
CA ILE A 608 -19.71 -6.01 28.00
C ILE A 608 -18.52 -5.80 28.91
N ILE A 609 -17.68 -6.81 29.04
CA ILE A 609 -16.47 -6.72 29.83
C ILE A 609 -15.27 -6.87 28.91
N GLY A 610 -14.31 -5.95 29.03
CA GLY A 610 -13.06 -6.05 28.32
C GLY A 610 -11.95 -6.53 29.24
N ALA A 611 -10.76 -6.66 28.65
CA ALA A 611 -9.59 -7.03 29.42
C ALA A 611 -8.36 -6.67 28.61
N THR A 612 -7.50 -5.82 29.14
CA THR A 612 -6.34 -5.35 28.42
C THR A 612 -5.11 -5.51 29.30
N ASN A 613 -4.07 -6.15 28.76
CA ASN A 613 -2.81 -6.23 29.46
C ASN A 613 -2.14 -4.87 29.57
N ARG A 614 -2.53 -3.92 28.73
CA ARG A 614 -1.94 -2.59 28.72
C ARG A 614 -3.07 -1.58 28.77
N PRO A 615 -3.10 -0.70 29.78
CA PRO A 615 -4.26 0.18 29.98
C PRO A 615 -4.23 1.50 29.22
N ASP A 616 -3.14 1.81 28.53
CA ASP A 616 -2.96 3.13 27.94
C ASP A 616 -2.97 3.13 26.43
N ILE A 617 -2.29 2.19 25.77
CA ILE A 617 -2.24 2.16 24.32
C ILE A 617 -3.59 1.93 23.67
N ILE A 618 -4.61 1.58 24.46
CA ILE A 618 -5.93 1.36 23.90
C ILE A 618 -6.51 2.67 23.40
N ASP A 619 -7.53 2.55 22.55
CA ASP A 619 -8.23 3.72 22.03
C ASP A 619 -8.88 4.47 23.19
N PRO A 620 -8.73 5.79 23.27
CA PRO A 620 -9.46 6.56 24.28
C PRO A 620 -10.94 6.75 23.96
N ALA A 621 -11.41 6.30 22.80
CA ALA A 621 -12.81 6.50 22.44
C ALA A 621 -13.75 5.58 23.19
N ILE A 622 -13.28 4.46 23.72
CA ILE A 622 -14.15 3.58 24.49
C ILE A 622 -14.24 4.06 25.93
N LEU A 623 -13.16 4.59 26.50
CA LEU A 623 -13.13 5.02 27.89
C LEU A 623 -13.78 6.40 28.02
N ARG A 624 -15.02 6.47 27.53
CA ARG A 624 -15.82 7.68 27.52
C ARG A 624 -17.22 7.33 28.00
N PRO A 625 -17.86 8.21 28.76
CA PRO A 625 -19.18 7.87 29.32
C PRO A 625 -20.17 7.45 28.26
N GLY A 626 -20.94 6.41 28.56
CA GLY A 626 -21.82 5.77 27.61
C GLY A 626 -21.29 4.46 27.08
N ARG A 627 -20.00 4.19 27.26
CA ARG A 627 -19.37 2.96 26.80
C ARG A 627 -18.64 2.38 28.02
N LEU A 628 -17.72 1.45 27.77
CA LEU A 628 -16.91 0.91 28.86
C LEU A 628 -16.32 2.10 29.61
N ASP A 629 -16.78 2.32 30.83
CA ASP A 629 -16.64 3.63 31.48
C ASP A 629 -15.56 3.68 32.53
N GLN A 630 -15.48 2.69 33.41
CA GLN A 630 -14.56 2.70 34.52
C GLN A 630 -13.60 1.54 34.41
N LEU A 631 -12.41 1.71 34.99
CA LEU A 631 -11.35 0.73 34.90
C LEU A 631 -11.20 0.06 36.25
N ILE A 632 -11.23 -1.26 36.25
CA ILE A 632 -10.93 -2.05 37.44
C ILE A 632 -9.53 -2.62 37.28
N TYR A 633 -8.73 -2.53 38.33
CA TYR A 633 -7.35 -2.97 38.29
C TYR A 633 -7.24 -4.28 39.05
N ILE A 634 -6.86 -5.34 38.35
CA ILE A 634 -6.78 -6.68 38.92
C ILE A 634 -5.35 -6.94 39.36
N PRO A 635 -5.04 -6.85 40.65
CA PRO A 635 -3.65 -7.01 41.09
C PRO A 635 -3.23 -8.46 41.04
N LEU A 636 -1.94 -8.68 41.29
CA LEU A 636 -1.43 -10.03 41.43
C LEU A 636 -2.01 -10.67 42.68
N PRO A 637 -2.23 -11.98 42.66
CA PRO A 637 -2.74 -12.67 43.85
C PRO A 637 -1.81 -12.47 45.03
N ASP A 638 -2.38 -12.28 46.22
CA ASP A 638 -1.50 -11.93 47.34
C ASP A 638 -1.36 -12.97 48.45
N GLU A 639 -2.41 -13.32 49.19
CA GLU A 639 -2.23 -14.44 50.12
C GLU A 639 -3.35 -15.47 50.10
N LYS A 640 -4.59 -15.03 50.30
CA LYS A 640 -5.70 -15.97 50.32
C LYS A 640 -5.98 -16.49 48.93
N SER A 641 -5.84 -15.61 47.93
CA SER A 641 -6.08 -16.01 46.56
C SER A 641 -5.08 -17.06 46.09
N ARG A 642 -3.85 -17.04 46.60
CA ARG A 642 -2.90 -18.05 46.17
C ARG A 642 -3.25 -19.41 46.75
N VAL A 643 -3.64 -19.46 48.02
CA VAL A 643 -4.13 -20.69 48.61
C VAL A 643 -5.32 -21.21 47.83
N ALA A 644 -6.26 -20.33 47.49
CA ALA A 644 -7.44 -20.75 46.74
C ALA A 644 -7.08 -21.27 45.36
N ILE A 645 -6.15 -20.60 44.65
CA ILE A 645 -5.76 -21.06 43.33
C ILE A 645 -5.07 -22.41 43.40
N LEU A 646 -4.19 -22.61 44.38
CA LEU A 646 -3.52 -23.90 44.51
C LEU A 646 -4.54 -25.00 44.81
N LYS A 647 -5.47 -24.74 45.73
CA LYS A 647 -6.46 -25.74 46.06
C LYS A 647 -7.51 -25.93 44.97
N ALA A 648 -7.55 -25.02 43.98
CA ALA A 648 -8.45 -25.24 42.85
C ALA A 648 -7.75 -25.93 41.70
N ASN A 649 -6.43 -25.79 41.59
CA ASN A 649 -5.69 -26.59 40.61
C ASN A 649 -5.51 -28.03 41.08
N LEU A 650 -5.27 -28.24 42.38
CA LEU A 650 -5.01 -29.58 42.91
C LEU A 650 -6.28 -30.28 43.36
N ARG A 651 -7.43 -29.96 42.79
CA ARG A 651 -8.68 -30.59 43.17
C ARG A 651 -9.02 -31.79 42.29
N LYS A 652 -8.34 -31.98 41.17
CA LYS A 652 -8.59 -33.10 40.28
C LYS A 652 -7.65 -34.28 40.54
N SER A 653 -6.55 -34.05 41.26
CA SER A 653 -5.49 -35.04 41.35
C SER A 653 -5.27 -35.48 42.80
N PRO A 654 -5.04 -36.77 43.03
CA PRO A 654 -4.79 -37.24 44.40
C PRO A 654 -3.55 -36.62 45.02
N VAL A 655 -3.75 -35.85 46.08
CA VAL A 655 -2.67 -35.18 46.79
C VAL A 655 -2.44 -35.92 48.09
N ALA A 656 -1.26 -35.72 48.67
CA ALA A 656 -0.92 -36.36 49.94
C ALA A 656 -1.61 -35.62 51.08
N LYS A 657 -1.28 -36.00 52.31
CA LYS A 657 -1.87 -35.40 53.50
C LYS A 657 -1.04 -34.28 54.09
N ASP A 658 0.28 -34.40 54.03
CA ASP A 658 1.18 -33.40 54.61
C ASP A 658 1.57 -32.32 53.62
N VAL A 659 1.01 -32.33 52.41
CA VAL A 659 1.30 -31.27 51.44
C VAL A 659 0.75 -29.96 51.99
N ASP A 660 1.66 -29.05 52.34
CA ASP A 660 1.30 -27.83 53.06
C ASP A 660 1.10 -26.70 52.06
N LEU A 661 -0.07 -26.73 51.40
CA LEU A 661 -0.42 -25.62 50.52
C LEU A 661 -0.49 -24.31 51.29
N GLU A 662 -0.91 -24.36 52.55
CA GLU A 662 -0.91 -23.16 53.39
C GLU A 662 0.50 -22.61 53.61
N PHE A 663 1.52 -23.42 53.35
CA PHE A 663 2.91 -22.96 53.33
C PHE A 663 3.41 -22.65 51.94
N LEU A 664 3.06 -23.48 50.96
CA LEU A 664 3.54 -23.25 49.59
C LEU A 664 3.05 -21.91 49.07
N ALA A 665 1.79 -21.56 49.33
CA ALA A 665 1.30 -20.25 48.95
C ALA A 665 1.88 -19.16 49.83
N LYS A 666 2.30 -19.49 51.04
CA LYS A 666 2.90 -18.50 51.92
C LYS A 666 4.32 -18.14 51.50
N MET A 667 4.99 -19.00 50.74
CA MET A 667 6.35 -18.70 50.33
C MET A 667 6.43 -17.96 49.00
N THR A 668 5.74 -18.47 47.97
CA THR A 668 5.86 -17.93 46.61
C THR A 668 5.15 -16.58 46.53
N ASN A 669 5.93 -15.50 46.52
CA ASN A 669 5.34 -14.17 46.66
C ASN A 669 4.82 -13.59 45.34
N GLY A 670 5.71 -13.37 44.39
CA GLY A 670 5.33 -12.61 43.21
C GLY A 670 4.84 -13.45 42.04
N PHE A 671 4.04 -14.46 42.32
CA PHE A 671 3.66 -15.46 41.32
C PHE A 671 2.31 -15.12 40.71
N SER A 672 2.20 -15.31 39.40
CA SER A 672 0.96 -15.01 38.70
C SER A 672 -0.11 -16.02 39.07
N GLY A 673 -1.29 -15.84 38.49
CA GLY A 673 -2.31 -16.87 38.58
C GLY A 673 -2.13 -18.00 37.61
N ALA A 674 -1.15 -17.88 36.71
CA ALA A 674 -0.83 -18.93 35.76
C ALA A 674 0.63 -19.38 35.87
N ASP A 675 1.29 -19.07 36.98
CA ASP A 675 2.56 -19.70 37.34
C ASP A 675 2.41 -20.58 38.57
N LEU A 676 1.24 -20.59 39.19
CA LEU A 676 0.91 -21.57 40.19
C LEU A 676 0.24 -22.79 39.56
N THR A 677 0.02 -22.75 38.26
CA THR A 677 -0.50 -23.89 37.50
C THR A 677 0.62 -24.62 36.78
N GLU A 678 1.87 -24.23 37.01
CA GLU A 678 3.01 -25.02 36.61
C GLU A 678 3.89 -25.40 37.80
N ILE A 679 3.54 -24.96 39.00
CA ILE A 679 3.99 -25.65 40.19
C ILE A 679 3.01 -26.77 40.53
N CYS A 680 1.95 -26.91 39.74
CA CYS A 680 0.91 -27.89 39.99
C CYS A 680 0.71 -28.86 38.84
N GLN A 681 1.33 -28.62 37.69
CA GLN A 681 1.46 -29.63 36.65
C GLN A 681 2.84 -30.25 36.62
N ARG A 682 3.88 -29.42 36.60
CA ARG A 682 5.24 -29.92 36.69
C ARG A 682 5.49 -30.65 38.01
N ALA A 683 4.57 -30.55 38.97
CA ALA A 683 4.58 -31.41 40.13
C ALA A 683 3.81 -32.71 39.91
N CYS A 684 3.15 -32.86 38.76
CA CYS A 684 2.48 -34.09 38.39
C CYS A 684 3.23 -34.88 37.33
N LYS A 685 3.97 -34.21 36.45
CA LYS A 685 4.85 -34.90 35.52
C LYS A 685 6.07 -35.48 36.20
N LEU A 686 6.28 -35.17 37.47
CA LEU A 686 7.29 -35.84 38.28
C LEU A 686 6.71 -37.01 39.05
N ALA A 687 5.39 -37.23 38.93
CA ALA A 687 4.73 -38.42 39.46
C ALA A 687 4.34 -39.39 38.36
N ILE A 688 3.83 -38.89 37.23
CA ILE A 688 3.64 -39.75 36.07
C ILE A 688 4.94 -40.43 35.70
N ARG A 689 6.04 -39.68 35.69
CA ARG A 689 7.35 -40.26 35.46
C ARG A 689 7.64 -41.38 36.44
N GLU A 690 7.48 -41.10 37.74
CA GLU A 690 7.90 -42.07 38.73
C GLU A 690 7.04 -43.32 38.73
N SER A 691 5.72 -43.19 38.65
CA SER A 691 4.85 -44.35 38.53
C SER A 691 5.09 -45.14 37.26
N ILE A 692 5.25 -44.47 36.11
CA ILE A 692 5.42 -45.18 34.86
C ILE A 692 6.82 -45.75 34.70
N GLU A 693 7.76 -45.33 35.55
CA GLU A 693 9.06 -45.96 35.64
C GLU A 693 9.04 -47.16 36.60
N SER A 694 8.36 -47.00 37.73
CA SER A 694 8.26 -48.10 38.68
C SER A 694 7.53 -49.29 38.08
N GLU A 695 6.48 -49.04 37.29
CA GLU A 695 5.79 -50.15 36.62
C GLU A 695 6.75 -50.94 35.74
N ILE A 696 7.50 -50.25 34.88
CA ILE A 696 8.38 -50.93 33.95
C ILE A 696 9.51 -51.64 34.69
N ARG A 697 10.07 -50.99 35.72
CA ARG A 697 11.14 -51.61 36.47
C ARG A 697 10.65 -52.86 37.19
N ARG A 698 9.43 -52.82 37.73
CA ARG A 698 8.86 -54.01 38.35
C ARG A 698 8.63 -55.11 37.33
N GLU A 699 8.17 -54.74 36.12
CA GLU A 699 7.90 -55.76 35.10
C GLU A 699 9.18 -56.44 34.66
N ARG A 700 10.25 -55.68 34.42
CA ARG A 700 11.52 -56.31 34.08
C ARG A 700 12.10 -57.08 35.26
N GLU A 701 11.84 -56.59 36.48
CA GLU A 701 12.35 -57.24 37.68
C GLU A 701 11.82 -58.66 37.81
N ARG A 702 10.51 -58.83 37.68
CA ARG A 702 9.88 -60.11 38.00
C ARG A 702 10.16 -61.19 36.96
N GLN A 703 10.76 -60.85 35.82
CA GLN A 703 11.23 -61.89 34.90
C GLN A 703 12.42 -62.63 35.44
N THR A 704 13.04 -62.17 36.53
CA THR A 704 14.04 -62.97 37.23
C THR A 704 13.37 -64.15 37.94
N ASN A 705 12.16 -63.95 38.46
CA ASN A 705 11.37 -65.01 39.07
C ASN A 705 9.98 -65.02 38.44
N PRO A 706 9.88 -65.45 37.17
CA PRO A 706 8.55 -65.56 36.55
C PRO A 706 7.65 -66.58 37.22
N SER A 707 8.23 -67.50 37.99
CA SER A 707 7.46 -68.50 38.73
C SER A 707 7.13 -68.07 40.15
N ALA A 708 7.49 -66.83 40.53
CA ALA A 708 7.24 -66.38 41.90
C ALA A 708 5.75 -66.36 42.21
N MET A 709 4.93 -65.84 41.29
CA MET A 709 3.48 -65.82 41.39
C MET A 709 3.03 -64.79 42.43
N GLU A 710 3.97 -64.23 43.18
CA GLU A 710 3.70 -63.13 44.09
C GLU A 710 4.33 -61.88 43.47
N VAL A 711 3.55 -61.25 42.59
CA VAL A 711 3.98 -60.05 41.88
C VAL A 711 2.83 -59.07 41.88
N GLU A 712 2.97 -57.97 41.13
CA GLU A 712 1.88 -57.01 40.90
C GLU A 712 1.45 -56.33 42.20
N GLU A 713 2.38 -55.58 42.79
CA GLU A 713 2.03 -54.73 43.92
C GLU A 713 0.96 -53.75 43.49
N ASP A 714 0.00 -53.49 44.39
CA ASP A 714 -1.21 -52.77 43.99
C ASP A 714 -0.90 -51.36 43.50
N ASP A 715 -0.01 -50.65 44.19
CA ASP A 715 0.34 -49.31 43.74
C ASP A 715 1.73 -48.92 44.21
N PRO A 716 2.63 -48.55 43.29
CA PRO A 716 3.95 -48.08 43.71
C PRO A 716 3.94 -46.62 44.15
N VAL A 717 3.16 -45.80 43.45
CA VAL A 717 3.02 -44.38 43.79
C VAL A 717 1.56 -43.98 43.54
N PRO A 718 0.74 -43.92 44.58
CA PRO A 718 -0.67 -43.55 44.41
C PRO A 718 -0.98 -42.07 44.63
N GLU A 719 0.02 -41.20 44.70
CA GLU A 719 -0.15 -39.99 45.47
C GLU A 719 0.91 -38.97 45.05
N ILE A 720 0.51 -37.70 44.98
CA ILE A 720 1.44 -36.65 44.56
C ILE A 720 2.59 -36.52 45.57
N ARG A 721 2.31 -36.71 46.85
CA ARG A 721 3.35 -37.16 47.77
C ARG A 721 4.53 -36.20 47.91
N ARG A 722 4.37 -35.17 48.75
CA ARG A 722 5.38 -34.14 49.01
C ARG A 722 6.79 -34.70 49.02
N ASP A 723 7.76 -33.88 48.59
CA ASP A 723 9.06 -34.16 47.97
C ASP A 723 8.93 -34.27 46.46
N HIS A 724 7.75 -34.05 45.89
CA HIS A 724 7.63 -33.69 44.48
C HIS A 724 7.60 -32.18 44.30
N PHE A 725 6.80 -31.49 45.11
CA PHE A 725 6.83 -30.03 45.09
C PHE A 725 8.21 -29.52 45.48
N GLU A 726 8.92 -30.25 46.34
CA GLU A 726 10.31 -29.92 46.63
C GLU A 726 11.13 -29.83 45.36
N GLU A 727 10.85 -30.71 44.40
CA GLU A 727 11.57 -30.70 43.12
C GLU A 727 10.90 -29.81 42.09
N ALA A 728 9.57 -29.83 42.02
CA ALA A 728 8.87 -29.01 41.03
C ALA A 728 9.07 -27.53 41.28
N MET A 729 9.37 -27.14 42.52
CA MET A 729 9.62 -25.74 42.82
C MET A 729 10.98 -25.28 42.31
N ARG A 730 11.73 -26.16 41.66
CA ARG A 730 13.02 -25.81 41.08
C ARG A 730 12.89 -25.27 39.67
N PHE A 731 11.72 -25.39 39.05
CA PHE A 731 11.43 -24.86 37.74
C PHE A 731 10.28 -23.86 37.78
N ALA A 732 10.20 -23.08 38.86
CA ALA A 732 9.15 -22.09 39.02
C ALA A 732 9.69 -20.73 38.59
N ARG A 733 9.09 -20.14 37.56
CA ARG A 733 9.57 -18.89 36.99
C ARG A 733 8.56 -17.78 37.22
N ARG A 734 9.03 -16.67 37.77
CA ARG A 734 8.22 -15.48 37.94
CA ARG A 734 8.20 -15.49 37.94
C ARG A 734 7.97 -14.84 36.58
N SER A 735 6.71 -14.82 36.13
CA SER A 735 6.41 -14.32 34.80
C SER A 735 6.61 -12.81 34.71
N VAL A 736 6.06 -12.06 35.66
CA VAL A 736 6.09 -10.61 35.61
C VAL A 736 7.18 -10.11 36.54
N SER A 737 8.24 -9.58 35.95
CA SER A 737 9.34 -9.05 36.74
C SER A 737 8.93 -7.75 37.43
N ASP A 738 9.60 -7.45 38.54
CA ASP A 738 9.26 -6.29 39.33
C ASP A 738 9.44 -4.98 38.58
N ASN A 739 10.20 -4.97 37.49
CA ASN A 739 10.33 -3.78 36.67
C ASN A 739 9.15 -3.58 35.74
N ASP A 740 8.22 -4.54 35.67
CA ASP A 740 7.07 -4.43 34.81
C ASP A 740 5.76 -4.27 35.56
N ILE A 741 5.71 -4.60 36.86
CA ILE A 741 4.53 -4.33 37.65
C ILE A 741 4.49 -2.88 38.12
N ARG A 742 5.55 -2.11 37.89
CA ARG A 742 5.50 -0.70 38.21
C ARG A 742 4.55 0.05 37.30
N LYS A 743 4.48 -0.35 36.03
CA LYS A 743 3.69 0.37 35.04
C LYS A 743 2.20 0.34 35.35
N TYR A 744 1.74 -0.62 36.16
CA TYR A 744 0.33 -0.69 36.51
C TYR A 744 0.04 0.00 37.85
N GLU A 745 0.91 -0.20 38.84
CA GLU A 745 0.73 0.48 40.11
C GLU A 745 0.83 1.99 39.93
N MET A 746 1.77 2.45 39.11
CA MET A 746 1.96 3.87 38.87
C MET A 746 0.95 4.42 37.87
N PHE A 747 0.02 3.59 37.40
CA PHE A 747 -1.19 4.05 36.73
C PHE A 747 -2.34 4.16 37.72
N ALA A 748 -2.58 3.08 38.46
CA ALA A 748 -3.69 3.08 39.41
C ALA A 748 -3.54 4.19 40.44
N GLN A 749 -2.31 4.44 40.92
CA GLN A 749 -2.09 5.55 41.82
C GLN A 749 -2.35 6.89 41.13
N THR A 750 -2.28 6.94 39.80
CA THR A 750 -2.57 8.17 39.08
C THR A 750 -4.06 8.36 38.83
N LEU A 751 -4.83 7.27 38.79
CA LEU A 751 -6.28 7.42 38.80
C LEU A 751 -6.75 8.07 40.10
N GLN A 752 -6.17 7.66 41.22
CA GLN A 752 -6.26 8.43 42.44
C GLN A 752 -5.35 9.65 42.35
N GLN A 753 -5.37 10.50 43.37
CA GLN A 753 -4.63 11.77 43.37
C GLN A 753 -5.21 12.73 42.34
N SER A 754 -6.16 12.25 41.54
CA SER A 754 -7.02 13.09 40.72
C SER A 754 -8.44 13.07 41.28
N ARG A 755 -8.54 12.94 42.60
CA ARG A 755 -9.79 12.69 43.29
C ARG A 755 -9.67 13.35 44.66
N GLY A 756 -10.50 12.93 45.59
CA GLY A 756 -10.32 13.35 46.96
C GLY A 756 -10.74 14.77 47.24
N PHE A 757 -12.04 15.04 47.16
CA PHE A 757 -12.54 16.32 47.59
C PHE A 757 -12.82 16.37 49.09
N GLY A 758 -12.69 15.24 49.78
CA GLY A 758 -12.27 15.25 51.17
C GLY A 758 -13.10 16.12 52.08
N SER A 759 -12.53 17.28 52.41
CA SER A 759 -13.12 18.24 53.34
C SER A 759 -14.47 18.76 52.86
N PHE A 760 -14.94 18.28 51.70
CA PHE A 760 -16.28 18.64 51.26
C PHE A 760 -17.30 18.27 52.32
N ARG A 761 -18.19 19.21 52.62
CA ARG A 761 -19.18 19.04 53.68
C ARG A 761 -20.27 20.05 53.44
N PHE A 762 -21.51 19.58 53.30
CA PHE A 762 -22.61 20.49 53.07
C PHE A 762 -22.80 21.40 54.27
N PRO A 763 -23.25 22.64 54.06
CA PRO A 763 -23.36 23.59 55.17
C PRO A 763 -24.32 23.10 56.24
N SER A 764 -24.01 23.45 57.48
CA SER A 764 -24.83 23.07 58.64
C SER A 764 -25.06 21.57 58.73
N LEU B 1 -65.59 32.26 -2.09
CA LEU B 1 -65.96 32.23 -3.50
C LEU B 1 -64.81 31.74 -4.37
N SER B 2 -63.74 31.24 -3.73
CA SER B 2 -62.64 30.66 -4.48
C SER B 2 -62.14 29.38 -3.83
N THR B 3 -62.43 29.20 -2.53
CA THR B 3 -61.87 28.13 -1.73
C THR B 3 -62.89 27.48 -0.80
N ALA B 4 -64.12 27.21 -1.29
CA ALA B 4 -65.17 26.84 -0.35
C ALA B 4 -65.91 25.51 -0.69
N ILE B 5 -65.64 24.73 -1.74
CA ILE B 5 -66.27 23.43 -1.87
C ILE B 5 -65.43 22.43 -1.10
N LEU B 6 -64.35 22.91 -0.51
CA LEU B 6 -63.36 22.09 0.16
C LEU B 6 -63.87 21.46 1.45
N LYS B 7 -65.03 21.89 1.95
CA LYS B 7 -65.58 21.33 3.17
C LYS B 7 -66.32 20.03 2.87
N GLN B 8 -66.41 19.16 3.88
CA GLN B 8 -67.10 17.89 3.76
C GLN B 8 -68.58 17.95 4.13
N LYS B 9 -69.21 19.12 3.98
CA LYS B 9 -70.60 19.37 4.36
C LYS B 9 -70.79 19.18 5.87
N ASN B 10 -70.01 19.98 6.61
CA ASN B 10 -70.27 20.18 8.02
C ASN B 10 -71.41 21.19 8.20
N ARG B 11 -72.32 20.87 9.11
CA ARG B 11 -73.55 21.64 9.23
C ARG B 11 -73.68 22.28 10.60
N PRO B 12 -74.30 23.47 10.66
CA PRO B 12 -74.61 24.06 11.97
C PRO B 12 -75.57 23.22 12.79
N ASN B 13 -76.41 22.41 12.15
CA ASN B 13 -77.40 21.59 12.85
C ASN B 13 -76.95 20.14 13.00
N ARG B 14 -75.65 19.90 13.12
CA ARG B 14 -75.18 18.57 13.50
C ARG B 14 -75.75 18.17 14.84
N LEU B 15 -76.24 16.94 14.92
CA LEU B 15 -76.77 16.38 16.15
C LEU B 15 -75.81 15.31 16.66
N ILE B 16 -75.37 15.48 17.90
CA ILE B 16 -74.35 14.63 18.50
C ILE B 16 -75.03 13.42 19.12
N VAL B 17 -74.27 12.33 19.26
CA VAL B 17 -74.84 11.06 19.74
C VAL B 17 -75.35 11.21 21.17
N ASP B 18 -76.57 10.73 21.40
CA ASP B 18 -77.14 10.64 22.74
C ASP B 18 -77.81 9.28 22.87
N GLU B 19 -77.67 8.69 24.06
CA GLU B 19 -78.13 7.34 24.29
C GLU B 19 -79.66 7.30 24.41
N ALA B 20 -80.24 6.18 23.99
CA ALA B 20 -81.68 5.97 24.07
C ALA B 20 -81.97 4.63 24.74
N ILE B 21 -83.17 4.52 25.29
CA ILE B 21 -83.63 3.30 25.94
C ILE B 21 -84.75 2.62 25.14
N ASN B 22 -84.95 3.02 23.90
CA ASN B 22 -86.02 2.49 23.07
C ASN B 22 -85.52 1.34 22.22
N GLU B 23 -86.46 0.54 21.71
CA GLU B 23 -86.13 -0.63 20.91
C GLU B 23 -86.52 -0.50 19.45
N ASP B 24 -87.27 0.54 19.08
CA ASP B 24 -87.58 0.77 17.67
C ASP B 24 -86.31 1.18 16.94
N ASN B 25 -86.11 0.62 15.75
CA ASN B 25 -84.85 0.77 15.03
C ASN B 25 -84.86 1.89 14.01
N SER B 26 -85.92 2.71 13.96
CA SER B 26 -85.90 3.88 13.09
C SER B 26 -86.59 5.09 13.71
N VAL B 27 -86.62 5.18 15.04
CA VAL B 27 -87.19 6.32 15.74
C VAL B 27 -86.06 7.29 16.08
N VAL B 28 -86.29 8.57 15.78
CA VAL B 28 -85.28 9.61 16.03
C VAL B 28 -85.84 10.61 17.03
N SER B 29 -85.01 10.98 17.99
CA SER B 29 -85.33 12.05 18.94
C SER B 29 -84.51 13.26 18.52
N LEU B 30 -85.19 14.25 17.94
CA LEU B 30 -84.53 15.37 17.30
C LEU B 30 -84.76 16.63 18.12
N SER B 31 -84.13 17.72 17.68
CA SER B 31 -84.43 19.02 18.24
C SER B 31 -85.83 19.45 17.79
N GLN B 32 -86.44 20.33 18.60
CA GLN B 32 -87.77 20.83 18.24
C GLN B 32 -87.77 21.60 16.92
N PRO B 33 -86.82 22.53 16.65
CA PRO B 33 -86.86 23.23 15.35
C PRO B 33 -86.29 22.41 14.21
N LYS B 34 -86.11 21.09 14.41
CA LYS B 34 -85.56 20.27 13.34
C LYS B 34 -86.52 20.17 12.17
N MET B 35 -87.81 19.99 12.45
CA MET B 35 -88.80 20.02 11.38
C MET B 35 -88.91 21.40 10.75
N ASP B 36 -88.31 22.41 11.38
CA ASP B 36 -88.57 23.81 11.05
C ASP B 36 -87.47 24.45 10.23
N GLU B 37 -86.20 24.10 10.48
CA GLU B 37 -85.10 24.78 9.79
C GLU B 37 -85.18 24.58 8.29
N LEU B 38 -85.04 23.35 7.83
CA LEU B 38 -85.24 23.02 6.42
C LEU B 38 -86.71 22.79 6.09
N GLN B 39 -87.62 23.17 6.98
CA GLN B 39 -89.05 22.92 6.83
C GLN B 39 -89.32 21.45 6.57
N LEU B 40 -88.71 20.59 7.38
CA LEU B 40 -88.80 19.14 7.22
C LEU B 40 -90.23 18.70 7.52
N PHE B 41 -90.98 18.33 6.49
CA PHE B 41 -92.32 17.82 6.67
C PHE B 41 -92.28 16.35 7.08
N ARG B 42 -93.38 15.91 7.69
CA ARG B 42 -93.54 14.50 8.00
C ARG B 42 -93.93 13.74 6.74
N GLY B 43 -93.50 12.48 6.67
CA GLY B 43 -93.79 11.63 5.54
C GLY B 43 -92.59 11.29 4.67
N ASP B 44 -91.40 11.75 5.02
CA ASP B 44 -90.19 11.45 4.27
C ASP B 44 -89.19 10.73 5.17
N THR B 45 -88.00 10.51 4.63
CA THR B 45 -86.89 9.89 5.36
C THR B 45 -85.62 10.69 5.12
N VAL B 46 -84.90 11.00 6.18
CA VAL B 46 -83.70 11.82 6.08
C VAL B 46 -82.50 10.94 5.71
N LEU B 47 -81.44 11.59 5.24
CA LEU B 47 -80.21 10.93 4.82
C LEU B 47 -79.11 11.28 5.80
N LEU B 48 -78.95 10.45 6.83
CA LEU B 48 -77.91 10.66 7.82
C LEU B 48 -76.58 10.14 7.29
N LYS B 49 -75.53 10.94 7.47
CA LYS B 49 -74.22 10.63 6.90
C LYS B 49 -73.27 10.13 7.97
N GLY B 50 -72.61 9.00 7.69
CA GLY B 50 -71.61 8.45 8.57
C GLY B 50 -70.22 8.53 7.96
N LYS B 51 -69.68 7.40 7.49
CA LYS B 51 -68.37 7.37 6.88
C LYS B 51 -68.33 6.30 5.79
N LYS B 52 -67.41 6.48 4.85
CA LYS B 52 -67.09 5.48 3.81
C LYS B 52 -68.30 5.12 2.97
N ARG B 53 -69.29 6.01 2.92
CA ARG B 53 -70.61 5.77 2.32
C ARG B 53 -71.34 4.61 3.00
N ARG B 54 -70.78 4.06 4.07
CA ARG B 54 -71.42 3.03 4.88
C ARG B 54 -72.26 3.74 5.93
N GLU B 55 -73.55 3.92 5.63
CA GLU B 55 -74.43 4.74 6.44
C GLU B 55 -75.67 3.93 6.80
N ALA B 56 -76.56 4.55 7.55
CA ALA B 56 -77.86 3.97 7.88
C ALA B 56 -78.83 5.11 8.10
N VAL B 57 -80.01 5.00 7.51
CA VAL B 57 -81.01 6.07 7.53
C VAL B 57 -82.17 5.66 8.42
N CYS B 58 -83.08 6.61 8.64
CA CYS B 58 -84.24 6.41 9.48
C CYS B 58 -85.48 6.90 8.76
N ILE B 59 -86.63 6.61 9.33
CA ILE B 59 -87.83 7.35 9.02
C ILE B 59 -87.92 8.52 10.01
N VAL B 60 -87.99 9.72 9.48
CA VAL B 60 -87.96 10.92 10.31
C VAL B 60 -89.39 11.22 10.76
N LEU B 61 -89.61 11.15 12.07
CA LEU B 61 -90.93 11.35 12.65
C LEU B 61 -90.93 12.66 13.43
N SER B 62 -92.13 13.18 13.65
CA SER B 62 -92.26 14.39 14.46
C SER B 62 -92.14 14.05 15.94
N ASP B 63 -91.03 13.42 16.31
CA ASP B 63 -90.69 13.10 17.70
C ASP B 63 -89.48 13.95 18.05
N ASP B 64 -89.75 15.19 18.46
CA ASP B 64 -88.71 16.16 18.75
C ASP B 64 -88.52 16.37 20.25
N THR B 65 -88.68 15.31 21.03
CA THR B 65 -88.61 15.41 22.48
C THR B 65 -87.19 15.59 23.01
N CYS B 66 -86.18 15.48 22.15
CA CYS B 66 -84.80 15.62 22.56
C CYS B 66 -84.45 17.10 22.70
N SER B 67 -83.16 17.39 22.88
CA SER B 67 -82.69 18.76 23.01
C SER B 67 -82.16 19.27 21.68
N ASP B 68 -81.76 20.55 21.67
CA ASP B 68 -81.37 21.23 20.45
C ASP B 68 -79.93 20.95 20.02
N GLU B 69 -79.16 20.21 20.82
CA GLU B 69 -77.74 20.01 20.55
C GLU B 69 -77.37 18.60 20.14
N LYS B 70 -78.21 17.60 20.39
CA LYS B 70 -77.83 16.21 20.21
C LYS B 70 -79.00 15.43 19.63
N ILE B 71 -78.71 14.17 19.29
CA ILE B 71 -79.70 13.22 18.79
C ILE B 71 -79.69 11.99 19.67
N ARG B 72 -80.88 11.57 20.10
CA ARG B 72 -81.03 10.36 20.90
C ARG B 72 -81.40 9.19 19.99
N MET B 73 -80.56 8.16 19.98
CA MET B 73 -80.76 7.01 19.10
C MET B 73 -80.36 5.75 19.83
N ASN B 74 -80.82 4.62 19.30
CA ASN B 74 -80.46 3.31 19.80
C ASN B 74 -79.11 2.89 19.22
N ARG B 75 -78.73 1.63 19.41
CA ARG B 75 -77.52 1.12 18.78
C ARG B 75 -77.68 1.05 17.27
N VAL B 76 -78.87 0.70 16.79
CA VAL B 76 -79.07 0.23 15.42
C VAL B 76 -78.56 1.22 14.40
N VAL B 77 -79.18 2.40 14.33
CA VAL B 77 -78.89 3.32 13.22
C VAL B 77 -77.51 3.94 13.39
N ARG B 78 -77.17 4.38 14.60
CA ARG B 78 -75.89 5.04 14.81
C ARG B 78 -74.73 4.10 14.50
N ASN B 79 -74.84 2.83 14.91
CA ASN B 79 -73.77 1.88 14.65
C ASN B 79 -73.77 1.38 13.21
N ASN B 80 -74.95 1.20 12.60
CA ASN B 80 -75.00 0.76 11.21
C ASN B 80 -74.66 1.88 10.24
N LEU B 81 -74.60 3.12 10.73
CA LEU B 81 -73.92 4.21 10.04
C LEU B 81 -72.41 4.02 10.05
N ARG B 82 -71.93 2.89 10.57
CA ARG B 82 -70.51 2.56 10.63
C ARG B 82 -69.72 3.67 11.29
N VAL B 83 -70.31 4.27 12.32
CA VAL B 83 -69.67 5.30 13.13
C VAL B 83 -69.97 5.00 14.59
N ARG B 84 -68.92 5.00 15.41
CA ARG B 84 -69.12 4.86 16.83
C ARG B 84 -69.72 6.15 17.41
N LEU B 85 -70.19 6.06 18.64
CA LEU B 85 -70.61 7.26 19.37
C LEU B 85 -69.38 8.13 19.59
N GLY B 86 -69.30 9.23 18.85
CA GLY B 86 -68.11 10.05 18.84
C GLY B 86 -67.68 10.43 17.43
N ASP B 87 -68.53 10.14 16.46
CA ASP B 87 -68.32 10.51 15.07
C ASP B 87 -69.38 11.51 14.64
N VAL B 88 -68.98 12.48 13.82
CA VAL B 88 -69.90 13.49 13.35
C VAL B 88 -70.87 12.88 12.34
N ILE B 89 -72.16 13.23 12.47
CA ILE B 89 -73.21 12.70 11.61
C ILE B 89 -74.03 13.88 11.10
N SER B 90 -74.17 13.97 9.79
CA SER B 90 -74.96 15.02 9.16
C SER B 90 -76.44 14.62 9.14
N ILE B 91 -77.31 15.60 9.35
CA ILE B 91 -78.74 15.42 9.15
C ILE B 91 -79.16 16.17 7.89
N GLN B 92 -79.86 15.48 7.01
CA GLN B 92 -80.30 16.05 5.74
C GLN B 92 -81.40 15.17 5.15
N PRO B 93 -82.51 15.77 4.71
CA PRO B 93 -83.59 14.96 4.14
C PRO B 93 -83.18 14.30 2.84
N CYS B 94 -83.77 13.15 2.56
CA CYS B 94 -83.58 12.46 1.29
C CYS B 94 -84.93 12.15 0.67
N PRO B 95 -85.22 12.65 -0.53
CA PRO B 95 -86.57 12.45 -1.10
C PRO B 95 -86.78 11.06 -1.69
N ASP B 96 -85.89 10.13 -1.39
CA ASP B 96 -85.96 8.77 -1.93
C ASP B 96 -86.89 7.89 -1.09
N VAL B 97 -88.12 8.36 -0.95
CA VAL B 97 -89.16 7.60 -0.25
C VAL B 97 -89.70 6.61 -1.27
N LYS B 98 -89.13 5.41 -1.27
CA LYS B 98 -89.42 4.39 -2.27
C LYS B 98 -89.79 3.09 -1.59
N TYR B 99 -90.48 2.23 -2.32
CA TYR B 99 -90.90 0.94 -1.78
C TYR B 99 -90.12 -0.18 -2.47
N GLY B 100 -89.57 -1.09 -1.66
CA GLY B 100 -88.66 -2.10 -2.16
C GLY B 100 -89.35 -3.09 -3.08
N LYS B 101 -88.77 -3.27 -4.28
CA LYS B 101 -89.30 -4.23 -5.23
C LYS B 101 -88.87 -5.65 -4.88
N ARG B 102 -87.56 -5.87 -4.76
CA ARG B 102 -87.01 -7.17 -4.39
C ARG B 102 -85.78 -6.92 -3.53
N ILE B 103 -85.88 -7.24 -2.24
CA ILE B 103 -84.80 -6.94 -1.30
C ILE B 103 -84.09 -8.23 -0.91
N HIS B 104 -82.99 -8.10 -0.17
CA HIS B 104 -82.20 -9.26 0.23
C HIS B 104 -81.55 -8.94 1.57
N VAL B 105 -82.19 -9.36 2.66
CA VAL B 105 -81.64 -9.24 4.00
C VAL B 105 -81.10 -10.60 4.44
N LEU B 106 -79.84 -10.62 4.87
CA LEU B 106 -79.16 -11.87 5.16
C LEU B 106 -79.16 -12.11 6.67
N PRO B 107 -79.87 -13.11 7.17
CA PRO B 107 -79.89 -13.38 8.60
C PRO B 107 -78.62 -14.07 9.07
N ILE B 108 -78.46 -14.10 10.39
CA ILE B 108 -77.46 -14.92 11.05
C ILE B 108 -78.19 -15.91 11.94
N ASP B 109 -77.87 -17.20 11.79
CA ASP B 109 -78.72 -18.25 12.33
C ASP B 109 -78.79 -18.22 13.84
N ASP B 110 -77.67 -17.93 14.52
CA ASP B 110 -77.66 -17.98 15.98
C ASP B 110 -78.66 -16.98 16.57
N THR B 111 -78.82 -15.82 15.94
CA THR B 111 -79.88 -14.90 16.32
C THR B 111 -81.23 -15.37 15.80
N VAL B 112 -81.24 -16.19 14.74
CA VAL B 112 -82.50 -16.61 14.13
C VAL B 112 -82.99 -17.91 14.75
N GLU B 113 -82.08 -18.75 15.26
CA GLU B 113 -82.43 -20.08 15.75
C GLU B 113 -83.55 -20.06 16.78
N GLY B 114 -84.23 -21.19 16.94
CA GLY B 114 -85.49 -21.24 17.65
C GLY B 114 -86.65 -21.49 16.69
N ILE B 115 -87.43 -20.47 16.38
CA ILE B 115 -88.50 -20.56 15.41
C ILE B 115 -87.91 -20.30 14.02
N THR B 116 -88.19 -21.21 13.08
CA THR B 116 -87.66 -21.08 11.72
C THR B 116 -88.76 -20.87 10.69
N GLY B 117 -89.69 -21.81 10.57
CA GLY B 117 -90.80 -21.69 9.62
C GLY B 117 -90.32 -21.34 8.23
N ASN B 118 -91.09 -20.45 7.58
CA ASN B 118 -90.68 -19.82 6.33
C ASN B 118 -90.22 -18.41 6.64
N LEU B 119 -89.10 -18.00 6.05
CA LEU B 119 -88.49 -16.72 6.39
C LEU B 119 -89.49 -15.58 6.24
N PHE B 120 -90.23 -15.57 5.12
CA PHE B 120 -91.19 -14.50 4.88
C PHE B 120 -92.21 -14.38 6.01
N GLU B 121 -93.07 -15.37 6.17
CA GLU B 121 -94.20 -15.22 7.09
C GLU B 121 -93.76 -15.16 8.55
N VAL B 122 -92.65 -15.81 8.90
CA VAL B 122 -92.23 -15.82 10.30
C VAL B 122 -91.46 -14.57 10.68
N TYR B 123 -90.67 -13.99 9.78
CA TYR B 123 -89.82 -12.87 10.17
C TYR B 123 -90.09 -11.58 9.43
N LEU B 124 -90.35 -11.63 8.12
CA LEU B 124 -90.64 -10.41 7.38
C LEU B 124 -92.01 -9.85 7.70
N LYS B 125 -92.91 -10.68 8.26
CA LYS B 125 -94.20 -10.15 8.72
C LYS B 125 -94.06 -9.27 9.94
N PRO B 126 -93.59 -9.77 11.10
CA PRO B 126 -93.59 -8.92 12.30
C PRO B 126 -92.54 -7.82 12.28
N TYR B 127 -91.69 -7.77 11.27
CA TYR B 127 -90.68 -6.72 11.15
C TYR B 127 -91.08 -5.62 10.18
N PHE B 128 -91.60 -5.96 9.01
CA PHE B 128 -91.92 -4.98 7.98
C PHE B 128 -93.37 -4.56 7.96
N LEU B 129 -94.19 -5.00 8.92
CA LEU B 129 -95.63 -4.75 8.90
C LEU B 129 -95.86 -3.27 9.26
N GLU B 130 -95.51 -2.40 8.31
CA GLU B 130 -95.70 -0.95 8.44
C GLU B 130 -95.13 -0.43 9.76
N ALA B 131 -93.97 -0.96 10.13
CA ALA B 131 -93.39 -0.71 11.45
C ALA B 131 -92.45 0.49 11.48
N TYR B 132 -92.60 1.43 10.55
CA TYR B 132 -91.73 2.61 10.47
C TYR B 132 -90.26 2.21 10.41
N ARG B 133 -89.93 1.29 9.50
CA ARG B 133 -88.59 0.74 9.45
C ARG B 133 -87.99 0.82 8.05
N PRO B 134 -87.45 1.96 7.64
CA PRO B 134 -86.65 2.01 6.43
C PRO B 134 -85.17 1.76 6.74
N ILE B 135 -84.47 1.29 5.71
CA ILE B 135 -83.07 0.88 5.83
C ILE B 135 -82.27 1.58 4.75
N ARG B 136 -80.96 1.37 4.79
CA ARG B 136 -80.06 1.79 3.72
C ARG B 136 -79.47 0.54 3.07
N LYS B 137 -79.39 0.58 1.74
CA LYS B 137 -78.99 -0.60 0.97
C LYS B 137 -77.56 -1.00 1.30
N GLY B 138 -77.41 -2.19 1.87
CA GLY B 138 -76.11 -2.74 2.21
C GLY B 138 -75.77 -2.77 3.69
N ASP B 139 -76.75 -2.67 4.58
CA ASP B 139 -76.52 -2.57 6.02
C ASP B 139 -76.72 -3.92 6.69
N ILE B 140 -76.48 -3.93 8.00
CA ILE B 140 -76.86 -5.05 8.87
C ILE B 140 -77.55 -4.42 10.07
N PHE B 141 -78.87 -4.29 10.00
CA PHE B 141 -79.64 -3.69 11.08
C PHE B 141 -79.82 -4.66 12.23
N LEU B 142 -80.09 -4.11 13.41
CA LEU B 142 -80.30 -4.88 14.63
C LEU B 142 -81.78 -4.93 14.94
N VAL B 143 -82.30 -6.14 15.15
CA VAL B 143 -83.73 -6.36 15.37
C VAL B 143 -83.95 -6.61 16.85
N ARG B 144 -84.71 -5.72 17.49
CA ARG B 144 -85.14 -5.91 18.87
C ARG B 144 -86.61 -6.35 18.95
N GLY B 145 -87.11 -6.95 17.87
CA GLY B 145 -88.49 -7.42 17.83
C GLY B 145 -88.64 -8.80 18.41
N GLY B 146 -87.65 -9.22 19.16
CA GLY B 146 -87.69 -10.48 19.89
C GLY B 146 -87.07 -10.27 21.26
N MET B 147 -86.82 -11.38 21.96
CA MET B 147 -86.20 -11.31 23.27
C MET B 147 -84.72 -10.98 23.21
N ARG B 148 -84.08 -11.20 22.06
CA ARG B 148 -82.63 -11.13 21.96
C ARG B 148 -82.24 -10.38 20.70
N ALA B 149 -80.98 -9.95 20.64
CA ALA B 149 -80.48 -9.14 19.56
C ALA B 149 -80.36 -9.98 18.28
N VAL B 150 -81.01 -9.53 17.21
CA VAL B 150 -81.02 -10.24 15.94
C VAL B 150 -80.63 -9.26 14.84
N GLU B 151 -79.75 -9.69 13.94
CA GLU B 151 -79.31 -8.85 12.84
C GLU B 151 -79.53 -9.55 11.51
N PHE B 152 -80.02 -8.80 10.53
CA PHE B 152 -80.14 -9.25 9.16
C PHE B 152 -79.30 -8.35 8.26
N LYS B 153 -78.55 -8.97 7.35
CA LYS B 153 -77.60 -8.28 6.50
C LYS B 153 -78.26 -7.85 5.20
N VAL B 154 -78.48 -6.55 5.05
CA VAL B 154 -79.04 -5.99 3.82
C VAL B 154 -77.99 -6.09 2.72
N VAL B 155 -78.40 -6.59 1.56
CA VAL B 155 -77.50 -6.68 0.41
C VAL B 155 -78.13 -6.00 -0.80
N GLU B 156 -79.35 -6.40 -1.15
CA GLU B 156 -80.02 -5.92 -2.35
C GLU B 156 -81.20 -5.03 -1.99
N THR B 157 -81.28 -3.89 -2.66
CA THR B 157 -82.42 -2.98 -2.57
C THR B 157 -82.59 -2.34 -3.95
N ASP B 158 -83.78 -2.50 -4.53
CA ASP B 158 -83.97 -2.09 -5.92
C ASP B 158 -83.67 -0.61 -6.15
N PRO B 159 -84.15 0.33 -5.33
CA PRO B 159 -83.63 1.71 -5.44
C PRO B 159 -82.17 1.74 -5.02
N SER B 160 -81.36 2.46 -5.80
CA SER B 160 -79.92 2.43 -5.59
C SER B 160 -79.51 2.97 -4.22
N PRO B 161 -79.92 4.17 -3.77
CA PRO B 161 -79.52 4.62 -2.43
C PRO B 161 -80.13 3.76 -1.32
N TYR B 162 -81.46 3.71 -1.26
CA TYR B 162 -82.19 2.97 -0.24
C TYR B 162 -83.69 3.08 -0.52
N CYS B 163 -84.51 2.46 0.33
CA CYS B 163 -85.96 2.64 0.21
C CYS B 163 -86.62 2.31 1.54
N ILE B 164 -87.89 2.69 1.65
CA ILE B 164 -88.76 2.23 2.71
C ILE B 164 -89.33 0.89 2.23
N VAL B 165 -88.73 -0.21 2.69
CA VAL B 165 -89.15 -1.53 2.25
C VAL B 165 -90.55 -1.79 2.76
N ALA B 166 -91.47 -2.10 1.85
CA ALA B 166 -92.86 -2.31 2.25
C ALA B 166 -93.35 -3.70 1.81
N PRO B 167 -94.17 -4.35 2.63
CA PRO B 167 -94.78 -5.62 2.20
C PRO B 167 -95.75 -5.47 1.06
N ASP B 168 -96.19 -4.25 0.75
CA ASP B 168 -97.12 -4.05 -0.36
C ASP B 168 -96.50 -4.52 -1.68
N THR B 169 -95.23 -4.22 -1.89
CA THR B 169 -94.48 -4.82 -2.99
C THR B 169 -93.77 -6.07 -2.48
N VAL B 170 -93.78 -7.11 -3.31
CA VAL B 170 -93.37 -8.44 -2.87
C VAL B 170 -91.95 -8.40 -2.29
N ILE B 171 -91.75 -9.17 -1.22
CA ILE B 171 -90.46 -9.29 -0.56
C ILE B 171 -90.04 -10.75 -0.57
N HIS B 172 -88.88 -11.04 -1.13
CA HIS B 172 -88.40 -12.42 -1.21
C HIS B 172 -87.90 -12.90 0.15
N CYS B 173 -88.01 -14.21 0.37
CA CYS B 173 -87.47 -14.87 1.55
C CYS B 173 -86.13 -15.55 1.24
N GLU B 174 -85.36 -14.98 0.32
CA GLU B 174 -84.10 -15.58 -0.11
C GLU B 174 -82.91 -15.09 0.73
N GLY B 175 -83.17 -14.63 1.94
CA GLY B 175 -82.08 -14.40 2.87
C GLY B 175 -81.46 -15.71 3.32
N GLU B 176 -80.18 -15.64 3.64
CA GLU B 176 -79.45 -16.85 3.99
C GLU B 176 -78.66 -16.65 5.29
N PRO B 177 -78.51 -17.70 6.09
CA PRO B 177 -77.79 -17.55 7.37
C PRO B 177 -76.32 -17.21 7.14
N ILE B 178 -75.85 -16.20 7.87
CA ILE B 178 -74.48 -15.72 7.79
C ILE B 178 -73.83 -15.92 9.15
N LYS B 179 -72.55 -15.55 9.24
CA LYS B 179 -71.76 -15.73 10.44
C LYS B 179 -71.11 -14.42 10.84
N ARG B 180 -70.81 -14.27 12.13
CA ARG B 180 -70.15 -13.06 12.62
C ARG B 180 -68.77 -12.90 12.01
N GLU B 181 -68.14 -14.01 11.61
CA GLU B 181 -66.79 -13.98 11.05
C GLU B 181 -66.71 -13.19 9.75
N ASP B 182 -67.84 -12.98 9.07
CA ASP B 182 -67.85 -12.32 7.77
C ASP B 182 -67.84 -10.81 7.87
N GLU B 183 -67.82 -10.25 9.07
CA GLU B 183 -67.85 -8.79 9.21
C GLU B 183 -66.49 -8.17 8.89
N GLU B 184 -65.40 -8.86 9.23
CA GLU B 184 -64.07 -8.30 9.01
C GLU B 184 -63.73 -8.18 7.54
N GLU B 185 -64.36 -8.99 6.68
CA GLU B 185 -64.07 -8.88 5.25
C GLU B 185 -64.65 -7.59 4.68
N SER B 186 -65.82 -7.17 5.15
CA SER B 186 -66.36 -5.87 4.78
C SER B 186 -65.63 -4.74 5.50
N LEU B 187 -65.21 -4.98 6.75
CA LEU B 187 -64.43 -4.02 7.51
C LEU B 187 -62.99 -3.95 7.05
N ASN B 188 -62.62 -4.72 6.01
CA ASN B 188 -61.36 -4.48 5.33
C ASN B 188 -61.28 -3.04 4.85
N GLU B 189 -62.42 -2.45 4.53
CA GLU B 189 -62.51 -1.01 4.30
C GLU B 189 -62.19 -0.29 5.61
N VAL B 190 -61.00 0.30 5.68
CA VAL B 190 -60.50 0.89 6.91
C VAL B 190 -60.77 2.39 6.89
N GLY B 191 -61.29 2.90 8.01
CA GLY B 191 -61.56 4.32 8.13
C GLY B 191 -60.30 5.17 8.08
N TYR B 192 -60.46 6.47 8.28
CA TYR B 192 -59.32 7.37 8.14
C TYR B 192 -58.45 7.38 9.38
N ASP B 193 -59.06 7.33 10.56
CA ASP B 193 -58.37 7.55 11.83
C ASP B 193 -57.67 6.30 12.37
N ASP B 194 -57.52 5.25 11.57
CA ASP B 194 -56.83 4.04 12.02
C ASP B 194 -55.36 4.03 11.62
N ILE B 195 -54.74 5.19 11.52
CA ILE B 195 -53.31 5.32 11.23
C ILE B 195 -52.71 6.26 12.26
N GLY B 196 -51.58 5.87 12.82
CA GLY B 196 -50.91 6.65 13.84
C GLY B 196 -49.48 6.96 13.45
N GLY B 197 -48.97 8.07 13.97
CA GLY B 197 -47.60 8.45 13.71
C GLY B 197 -47.34 9.00 12.33
N CYS B 198 -48.40 9.27 11.55
CA CYS B 198 -48.25 9.76 10.19
C CYS B 198 -48.97 11.08 9.98
N ARG B 199 -49.34 11.78 11.06
CA ARG B 199 -50.07 13.04 10.93
C ARG B 199 -49.27 14.07 10.16
N LYS B 200 -47.94 13.92 10.11
CA LYS B 200 -47.12 14.87 9.36
C LYS B 200 -47.17 14.59 7.86
N GLN B 201 -47.05 13.33 7.46
CA GLN B 201 -47.03 12.96 6.04
C GLN B 201 -48.42 12.73 5.48
N LEU B 202 -49.36 12.25 6.28
CA LEU B 202 -50.71 12.05 5.78
C LEU B 202 -51.30 13.34 5.27
N ALA B 203 -50.91 14.48 5.83
CA ALA B 203 -51.35 15.76 5.29
C ALA B 203 -50.84 15.95 3.86
N GLN B 204 -49.59 15.55 3.60
CA GLN B 204 -49.07 15.64 2.24
C GLN B 204 -49.84 14.73 1.31
N ILE B 205 -50.07 13.48 1.72
CA ILE B 205 -50.83 12.56 0.87
C ILE B 205 -52.20 13.14 0.57
N LYS B 206 -52.84 13.72 1.58
CA LYS B 206 -54.15 14.35 1.36
C LYS B 206 -54.06 15.45 0.32
N GLU B 207 -53.21 16.45 0.57
CA GLU B 207 -53.14 17.58 -0.36
C GLU B 207 -52.81 17.13 -1.77
N MET B 208 -52.09 16.01 -1.91
CA MET B 208 -51.79 15.51 -3.25
C MET B 208 -52.99 14.80 -3.86
N VAL B 209 -53.83 14.16 -3.06
CA VAL B 209 -54.75 13.14 -3.56
C VAL B 209 -56.21 13.61 -3.60
N GLU B 210 -56.78 14.07 -2.48
CA GLU B 210 -58.24 14.29 -2.54
C GLU B 210 -58.62 15.42 -3.47
N LEU B 211 -57.83 16.49 -3.51
CA LEU B 211 -58.17 17.58 -4.43
C LEU B 211 -58.24 17.11 -5.88
N PRO B 212 -57.31 16.30 -6.40
CA PRO B 212 -57.52 15.72 -7.73
C PRO B 212 -58.68 14.75 -7.81
N LEU B 213 -59.10 14.14 -6.71
CA LEU B 213 -60.08 13.05 -6.78
C LEU B 213 -61.50 13.49 -6.49
N ARG B 214 -61.74 14.30 -5.47
CA ARG B 214 -63.10 14.72 -5.16
C ARG B 214 -63.52 15.98 -5.92
N HIS B 215 -62.65 16.53 -6.77
CA HIS B 215 -62.96 17.74 -7.52
C HIS B 215 -62.26 17.69 -8.87
N PRO B 216 -62.67 16.77 -9.74
CA PRO B 216 -62.04 16.67 -11.07
C PRO B 216 -62.21 17.93 -11.90
N ALA B 217 -63.35 18.61 -11.75
CA ALA B 217 -63.66 19.75 -12.61
C ALA B 217 -62.64 20.85 -12.46
N LEU B 218 -62.19 21.12 -11.23
CA LEU B 218 -61.22 22.18 -11.01
C LEU B 218 -59.92 21.90 -11.77
N PHE B 219 -59.41 20.67 -11.68
CA PHE B 219 -58.18 20.32 -12.38
C PHE B 219 -58.36 20.38 -13.89
N LYS B 220 -59.46 19.81 -14.40
CA LYS B 220 -59.67 19.83 -15.83
C LYS B 220 -59.82 21.25 -16.35
N ALA B 221 -60.42 22.14 -15.55
CA ALA B 221 -60.67 23.51 -15.98
C ALA B 221 -59.41 24.35 -15.94
N ILE B 222 -58.80 24.49 -14.76
CA ILE B 222 -57.59 25.30 -14.67
C ILE B 222 -56.43 24.69 -15.44
N GLY B 223 -56.46 23.38 -15.68
CA GLY B 223 -55.44 22.73 -16.45
C GLY B 223 -54.23 22.26 -15.68
N VAL B 224 -54.13 22.59 -14.39
CA VAL B 224 -53.02 22.07 -13.60
C VAL B 224 -53.11 20.55 -13.58
N LYS B 225 -51.95 19.90 -13.58
CA LYS B 225 -51.95 18.47 -13.77
C LYS B 225 -51.76 17.75 -12.45
N PRO B 226 -52.66 16.84 -12.10
CA PRO B 226 -52.46 16.03 -10.91
C PRO B 226 -51.30 15.08 -11.09
N PRO B 227 -50.74 14.57 -10.00
CA PRO B 227 -49.60 13.65 -10.15
C PRO B 227 -50.00 12.36 -10.83
N ARG B 228 -49.09 11.85 -11.64
CA ARG B 228 -49.30 10.57 -12.30
C ARG B 228 -48.89 9.40 -11.44
N GLY B 229 -48.21 9.65 -10.31
CA GLY B 229 -47.93 8.59 -9.38
C GLY B 229 -47.13 9.01 -8.17
N ILE B 230 -47.59 8.62 -6.99
CA ILE B 230 -46.87 8.83 -5.76
C ILE B 230 -45.96 7.64 -5.54
N LEU B 231 -44.90 7.81 -4.76
CA LEU B 231 -44.02 6.70 -4.40
C LEU B 231 -43.73 6.83 -2.90
N LEU B 232 -44.56 6.20 -2.09
CA LEU B 232 -44.26 6.11 -0.67
C LEU B 232 -43.02 5.27 -0.48
N TYR B 233 -42.26 5.57 0.58
CA TYR B 233 -41.18 4.66 0.92
C TYR B 233 -40.86 4.81 2.40
N GLY B 234 -40.46 3.71 3.01
CA GLY B 234 -40.10 3.69 4.41
C GLY B 234 -39.70 2.31 4.84
N PRO B 235 -39.27 2.14 6.09
CA PRO B 235 -38.89 0.83 6.56
C PRO B 235 -40.07 -0.12 6.49
N PRO B 236 -39.83 -1.41 6.27
CA PRO B 236 -40.93 -2.34 6.07
C PRO B 236 -41.80 -2.44 7.31
N GLY B 237 -43.10 -2.64 7.08
CA GLY B 237 -44.03 -2.85 8.16
C GLY B 237 -44.53 -1.61 8.87
N THR B 238 -44.34 -0.42 8.30
CA THR B 238 -44.88 0.79 8.90
C THR B 238 -46.33 1.04 8.50
N GLY B 239 -47.01 0.03 7.98
CA GLY B 239 -48.41 0.18 7.62
C GLY B 239 -48.63 1.15 6.47
N LYS B 240 -48.18 0.77 5.28
CA LYS B 240 -48.34 1.60 4.08
C LYS B 240 -49.55 1.20 3.25
N THR B 241 -49.78 -0.10 3.05
CA THR B 241 -51.01 -0.50 2.39
C THR B 241 -52.23 -0.04 3.16
N LEU B 242 -52.12 0.05 4.48
CA LEU B 242 -53.20 0.63 5.27
C LEU B 242 -53.40 2.10 4.92
N ILE B 243 -52.30 2.82 4.72
CA ILE B 243 -52.40 4.23 4.33
C ILE B 243 -53.11 4.35 2.99
N ALA B 244 -52.74 3.50 2.03
CA ALA B 244 -53.41 3.55 0.73
C ALA B 244 -54.89 3.23 0.85
N ARG B 245 -55.24 2.21 1.63
CA ARG B 245 -56.65 1.89 1.80
C ARG B 245 -57.40 3.02 2.47
N ALA B 246 -56.80 3.67 3.46
CA ALA B 246 -57.45 4.81 4.09
C ALA B 246 -57.71 5.91 3.07
N VAL B 247 -56.66 6.30 2.34
CA VAL B 247 -56.76 7.42 1.42
C VAL B 247 -57.77 7.13 0.32
N ALA B 248 -57.90 5.87 -0.09
CA ALA B 248 -58.85 5.55 -1.16
C ALA B 248 -60.20 5.10 -0.66
N ASN B 249 -60.37 4.89 0.65
CA ASN B 249 -61.65 4.51 1.20
C ASN B 249 -62.39 5.66 1.85
N GLU B 250 -61.70 6.74 2.23
CA GLU B 250 -62.40 7.91 2.73
C GLU B 250 -62.52 9.02 1.70
N THR B 251 -62.15 8.77 0.45
CA THR B 251 -62.36 9.73 -0.62
C THR B 251 -63.36 9.25 -1.65
N GLY B 252 -63.93 8.06 -1.46
CA GLY B 252 -64.86 7.51 -2.43
C GLY B 252 -64.21 7.24 -3.78
N ALA B 253 -63.31 6.27 -3.82
CA ALA B 253 -62.55 5.95 -5.02
C ALA B 253 -62.18 4.47 -5.02
N PHE B 254 -62.54 3.79 -6.12
CA PHE B 254 -62.25 2.38 -6.25
C PHE B 254 -60.77 2.11 -6.03
N PHE B 255 -60.46 0.97 -5.41
CA PHE B 255 -59.10 0.64 -5.00
C PHE B 255 -58.75 -0.73 -5.55
N PHE B 256 -57.59 -0.82 -6.21
CA PHE B 256 -57.11 -2.07 -6.77
C PHE B 256 -55.69 -2.30 -6.29
N LEU B 257 -55.43 -3.47 -5.73
CA LEU B 257 -54.15 -3.79 -5.14
C LEU B 257 -53.43 -4.81 -6.00
N ILE B 258 -52.23 -4.45 -6.46
CA ILE B 258 -51.37 -5.36 -7.19
C ILE B 258 -50.22 -5.76 -6.28
N ASN B 259 -50.15 -7.05 -5.95
CA ASN B 259 -49.08 -7.52 -5.09
C ASN B 259 -47.79 -7.69 -5.90
N GLY B 260 -46.67 -7.70 -5.19
CA GLY B 260 -45.39 -7.82 -5.84
C GLY B 260 -45.07 -9.24 -6.24
N PRO B 261 -44.88 -10.11 -5.25
CA PRO B 261 -44.60 -11.52 -5.59
C PRO B 261 -45.69 -12.19 -6.38
N GLU B 262 -46.95 -11.86 -6.15
CA GLU B 262 -48.03 -12.52 -6.87
C GLU B 262 -47.92 -12.31 -8.37
N ILE B 263 -47.26 -11.23 -8.79
CA ILE B 263 -47.01 -11.04 -10.22
C ILE B 263 -45.79 -11.84 -10.66
N MET B 264 -44.71 -11.77 -9.89
CA MET B 264 -43.44 -12.40 -10.25
C MET B 264 -43.40 -13.89 -9.95
N SER B 265 -44.55 -14.51 -9.68
CA SER B 265 -44.57 -15.94 -9.38
C SER B 265 -45.40 -16.75 -10.35
N LYS B 266 -45.83 -16.19 -11.46
CA LYS B 266 -46.61 -16.92 -12.44
C LYS B 266 -45.75 -17.29 -13.64
N LEU B 267 -46.35 -18.06 -14.55
CA LEU B 267 -45.63 -18.56 -15.71
C LEU B 267 -45.07 -17.41 -16.53
N ALA B 268 -43.82 -17.56 -16.96
CA ALA B 268 -43.14 -16.53 -17.74
C ALA B 268 -43.95 -16.17 -18.98
N GLY B 269 -44.42 -14.93 -19.04
CA GLY B 269 -45.33 -14.48 -20.08
C GLY B 269 -46.76 -14.34 -19.64
N GLU B 270 -47.11 -14.78 -18.43
CA GLU B 270 -48.46 -14.61 -17.90
C GLU B 270 -48.55 -13.43 -16.94
N SER B 271 -47.46 -13.05 -16.29
CA SER B 271 -47.49 -11.93 -15.36
C SER B 271 -47.83 -10.63 -16.08
N GLU B 272 -47.21 -10.39 -17.24
CA GLU B 272 -47.48 -9.18 -18.00
C GLU B 272 -48.97 -9.08 -18.33
N SER B 273 -49.60 -10.22 -18.63
CA SER B 273 -51.04 -10.21 -18.85
C SER B 273 -51.78 -9.72 -17.62
N ASN B 274 -51.33 -10.12 -16.43
CA ASN B 274 -51.99 -9.65 -15.21
C ASN B 274 -51.82 -8.16 -15.02
N LEU B 275 -50.61 -7.64 -15.29
CA LEU B 275 -50.42 -6.20 -15.20
C LEU B 275 -51.33 -5.46 -16.16
N ARG B 276 -51.46 -5.97 -17.39
CA ARG B 276 -52.34 -5.34 -18.36
C ARG B 276 -53.79 -5.39 -17.93
N LYS B 277 -54.24 -6.54 -17.43
CA LYS B 277 -55.64 -6.66 -17.01
C LYS B 277 -55.91 -5.96 -15.69
N ALA B 278 -54.87 -5.50 -15.00
CA ALA B 278 -55.06 -4.63 -13.84
C ALA B 278 -55.19 -3.18 -14.26
N PHE B 279 -54.20 -2.65 -14.97
CA PHE B 279 -54.29 -1.28 -15.45
C PHE B 279 -55.44 -1.07 -16.44
N GLU B 280 -55.94 -2.12 -17.08
CA GLU B 280 -57.08 -1.98 -17.98
C GLU B 280 -58.39 -1.96 -17.20
N GLU B 281 -58.53 -2.85 -16.23
CA GLU B 281 -59.75 -2.91 -15.45
C GLU B 281 -59.91 -1.66 -14.58
N ALA B 282 -58.80 -1.13 -14.06
CA ALA B 282 -58.88 0.05 -13.22
C ALA B 282 -59.39 1.26 -13.99
N GLU B 283 -58.84 1.50 -15.18
CA GLU B 283 -59.23 2.66 -15.96
C GLU B 283 -60.71 2.64 -16.32
N LYS B 284 -61.28 1.45 -16.49
CA LYS B 284 -62.71 1.36 -16.79
C LYS B 284 -63.55 1.93 -15.64
N ASN B 285 -63.15 1.65 -14.41
CA ASN B 285 -63.94 2.01 -13.24
C ASN B 285 -63.77 3.49 -12.91
N ALA B 286 -64.21 3.87 -11.72
CA ALA B 286 -64.22 5.23 -11.20
C ALA B 286 -62.79 5.75 -11.07
N PRO B 287 -62.57 7.02 -10.67
CA PRO B 287 -61.20 7.42 -10.31
C PRO B 287 -60.62 6.43 -9.33
N ALA B 288 -59.62 5.69 -9.76
CA ALA B 288 -59.14 4.53 -9.02
C ALA B 288 -57.81 4.84 -8.36
N ILE B 289 -57.28 3.85 -7.65
CA ILE B 289 -55.95 3.91 -7.07
C ILE B 289 -55.35 2.53 -7.21
N ILE B 290 -54.29 2.41 -8.00
CA ILE B 290 -53.51 1.19 -8.06
C ILE B 290 -52.34 1.32 -7.10
N PHE B 291 -52.22 0.36 -6.20
CA PHE B 291 -51.15 0.35 -5.21
C PHE B 291 -50.25 -0.82 -5.54
N ILE B 292 -49.18 -0.55 -6.29
CA ILE B 292 -48.25 -1.61 -6.67
C ILE B 292 -47.32 -1.86 -5.50
N ASP B 293 -47.73 -2.77 -4.62
CA ASP B 293 -46.97 -3.00 -3.41
C ASP B 293 -45.69 -3.78 -3.72
N GLU B 294 -44.70 -3.61 -2.84
CA GLU B 294 -43.44 -4.35 -2.94
C GLU B 294 -42.79 -4.13 -4.31
N LEU B 295 -42.74 -2.87 -4.73
CA LEU B 295 -42.28 -2.55 -6.07
C LEU B 295 -40.83 -2.94 -6.29
N ASP B 296 -40.02 -2.99 -5.25
CA ASP B 296 -38.64 -3.40 -5.48
C ASP B 296 -38.50 -4.90 -5.70
N ALA B 297 -39.61 -5.59 -5.92
CA ALA B 297 -39.60 -6.99 -6.32
C ALA B 297 -39.91 -7.21 -7.78
N ILE B 298 -40.74 -6.37 -8.39
CA ILE B 298 -41.03 -6.48 -9.82
C ILE B 298 -40.22 -5.47 -10.63
N ALA B 299 -39.35 -4.72 -9.98
CA ALA B 299 -38.51 -3.75 -10.67
C ALA B 299 -37.29 -3.42 -9.83
N PRO B 300 -36.38 -4.37 -9.63
CA PRO B 300 -35.21 -4.08 -8.80
C PRO B 300 -34.23 -3.19 -9.54
N LYS B 301 -33.06 -2.94 -8.96
CA LYS B 301 -32.01 -2.33 -9.74
C LYS B 301 -31.63 -3.26 -10.88
N ARG B 302 -31.15 -2.66 -11.98
CA ARG B 302 -30.68 -3.47 -13.10
C ARG B 302 -29.66 -4.49 -12.64
N GLU B 303 -28.78 -4.09 -11.71
CA GLU B 303 -27.73 -4.95 -11.18
C GLU B 303 -28.26 -6.20 -10.49
N LYS B 304 -29.57 -6.30 -10.28
CA LYS B 304 -30.20 -7.56 -9.91
C LYS B 304 -30.90 -8.23 -11.08
N THR B 305 -31.41 -7.45 -12.03
CA THR B 305 -32.03 -8.03 -13.21
C THR B 305 -31.00 -8.78 -14.04
N HIS B 306 -31.21 -10.06 -14.23
CA HIS B 306 -30.28 -10.84 -15.04
C HIS B 306 -30.96 -11.59 -16.17
N GLY B 307 -32.14 -12.16 -15.94
CA GLY B 307 -32.87 -12.81 -16.99
C GLY B 307 -33.48 -11.81 -17.95
N GLU B 308 -34.09 -12.35 -19.00
CA GLU B 308 -34.79 -11.49 -19.95
C GLU B 308 -36.24 -11.24 -19.53
N VAL B 309 -36.96 -12.31 -19.17
CA VAL B 309 -38.32 -12.14 -18.68
C VAL B 309 -38.33 -11.31 -17.41
N GLU B 310 -37.21 -11.28 -16.68
CA GLU B 310 -37.13 -10.40 -15.53
C GLU B 310 -37.09 -8.93 -15.94
N ARG B 311 -36.59 -8.63 -17.14
CA ARG B 311 -36.57 -7.26 -17.65
C ARG B 311 -37.67 -6.99 -18.67
N ARG B 312 -38.65 -7.87 -18.81
CA ARG B 312 -39.78 -7.57 -19.67
C ARG B 312 -40.98 -7.06 -18.89
N ILE B 313 -41.14 -7.49 -17.65
CA ILE B 313 -42.19 -6.96 -16.80
C ILE B 313 -41.94 -5.49 -16.51
N VAL B 314 -40.68 -5.11 -16.33
CA VAL B 314 -40.37 -3.70 -16.10
C VAL B 314 -40.77 -2.86 -17.30
N SER B 315 -40.45 -3.33 -18.51
CA SER B 315 -40.82 -2.58 -19.70
C SER B 315 -42.33 -2.49 -19.85
N GLN B 316 -43.04 -3.59 -19.55
CA GLN B 316 -44.50 -3.54 -19.60
C GLN B 316 -45.05 -2.54 -18.61
N LEU B 317 -44.47 -2.50 -17.42
CA LEU B 317 -44.89 -1.53 -16.42
C LEU B 317 -44.68 -0.10 -16.89
N LEU B 318 -43.51 0.17 -17.48
CA LEU B 318 -43.23 1.51 -17.97
C LEU B 318 -44.18 1.91 -19.09
N THR B 319 -44.45 0.99 -20.02
CA THR B 319 -45.39 1.28 -21.10
C THR B 319 -46.77 1.61 -20.54
N LEU B 320 -47.26 0.78 -19.62
CA LEU B 320 -48.58 1.04 -19.03
C LEU B 320 -48.57 2.36 -18.27
N MET B 321 -47.46 2.67 -17.61
CA MET B 321 -47.35 3.89 -16.82
C MET B 321 -47.47 5.12 -17.71
N ASP B 322 -46.56 5.25 -18.67
CA ASP B 322 -46.58 6.41 -19.56
C ASP B 322 -47.76 6.38 -20.52
N GLY B 323 -48.50 5.27 -20.58
CA GLY B 323 -49.74 5.26 -21.34
C GLY B 323 -50.85 6.03 -20.65
N LEU B 324 -50.67 6.34 -19.38
CA LEU B 324 -51.64 7.15 -18.65
C LEU B 324 -51.59 8.60 -19.13
N LYS B 325 -52.76 9.20 -19.32
CA LYS B 325 -52.89 10.63 -19.54
C LYS B 325 -54.16 11.09 -18.87
N GLN B 326 -54.43 12.40 -18.95
CA GLN B 326 -55.43 13.04 -18.10
C GLN B 326 -56.83 12.47 -18.32
N ARG B 327 -57.08 11.81 -19.45
CA ARG B 327 -58.39 11.26 -19.74
C ARG B 327 -58.83 10.26 -18.66
N ALA B 328 -57.97 9.31 -18.34
CA ALA B 328 -58.39 8.16 -17.53
C ALA B 328 -58.69 8.57 -16.10
N HIS B 329 -57.98 9.58 -15.58
CA HIS B 329 -58.15 10.05 -14.20
C HIS B 329 -57.78 8.97 -13.19
N VAL B 330 -56.71 8.25 -13.47
CA VAL B 330 -56.20 7.20 -12.60
C VAL B 330 -54.92 7.69 -11.95
N ILE B 331 -54.68 7.23 -10.72
CA ILE B 331 -53.49 7.61 -9.97
C ILE B 331 -52.87 6.37 -9.37
N VAL B 332 -51.55 6.25 -9.49
CA VAL B 332 -50.80 5.08 -9.07
C VAL B 332 -49.93 5.45 -7.88
N MET B 333 -49.70 4.50 -6.98
CA MET B 333 -48.71 4.71 -5.94
C MET B 333 -48.02 3.38 -5.63
N ALA B 334 -46.83 3.47 -5.08
CA ALA B 334 -45.98 2.30 -4.90
C ALA B 334 -45.52 2.20 -3.45
N ALA B 335 -44.56 1.32 -3.19
CA ALA B 335 -44.03 1.14 -1.85
C ALA B 335 -42.69 0.44 -1.95
N THR B 336 -41.66 1.03 -1.37
CA THR B 336 -40.33 0.44 -1.36
C THR B 336 -39.63 0.85 -0.07
N ASN B 337 -38.67 0.04 0.36
CA ASN B 337 -38.05 0.32 1.65
C ASN B 337 -37.08 1.48 1.60
N ARG B 338 -36.32 1.59 0.50
CA ARG B 338 -35.31 2.63 0.37
C ARG B 338 -35.36 3.11 -1.07
N PRO B 339 -35.32 4.42 -1.30
CA PRO B 339 -35.59 4.93 -2.65
C PRO B 339 -34.63 4.46 -3.71
N ASN B 340 -33.35 4.28 -3.40
CA ASN B 340 -32.38 3.97 -4.43
C ASN B 340 -32.38 2.50 -4.84
N SER B 341 -33.16 1.66 -4.17
CA SER B 341 -33.27 0.25 -4.51
C SER B 341 -34.29 -0.01 -5.60
N ILE B 342 -34.65 1.00 -6.38
CA ILE B 342 -35.62 0.87 -7.45
C ILE B 342 -34.89 1.14 -8.76
N ASP B 343 -35.42 0.61 -9.85
CA ASP B 343 -34.81 0.81 -11.15
C ASP B 343 -34.87 2.29 -11.50
N PRO B 344 -33.72 2.94 -11.74
CA PRO B 344 -33.73 4.40 -11.95
C PRO B 344 -34.54 4.85 -13.15
N ALA B 345 -34.87 3.95 -14.07
CA ALA B 345 -35.70 4.35 -15.21
C ALA B 345 -37.11 4.70 -14.82
N LEU B 346 -37.51 4.43 -13.57
CA LEU B 346 -38.87 4.72 -13.13
C LEU B 346 -39.03 6.16 -12.66
N ARG B 347 -38.00 6.74 -12.04
CA ARG B 347 -38.16 8.07 -11.48
C ARG B 347 -38.20 9.18 -12.52
N ARG B 348 -37.93 8.88 -13.79
CA ARG B 348 -38.02 9.90 -14.81
C ARG B 348 -39.38 10.56 -14.79
N PHE B 349 -39.43 11.81 -15.23
CA PHE B 349 -40.65 12.59 -15.10
C PHE B 349 -41.79 11.96 -15.89
N GLY B 350 -42.96 11.96 -15.27
CA GLY B 350 -44.14 11.37 -15.86
C GLY B 350 -44.52 10.01 -15.31
N ARG B 351 -43.66 9.39 -14.51
CA ARG B 351 -43.95 8.05 -14.02
C ARG B 351 -44.13 8.01 -12.50
N PHE B 352 -43.10 8.35 -11.74
CA PHE B 352 -43.06 8.44 -10.27
C PHE B 352 -42.34 9.70 -9.84
N ASP B 353 -42.81 10.83 -10.37
CA ASP B 353 -42.13 12.10 -10.15
C ASP B 353 -42.00 12.44 -8.66
N ARG B 354 -43.10 12.39 -7.93
CA ARG B 354 -43.11 12.88 -6.56
C ARG B 354 -43.14 11.71 -5.60
N GLU B 355 -42.54 11.92 -4.42
CA GLU B 355 -42.11 10.79 -3.60
C GLU B 355 -42.21 11.16 -2.13
N VAL B 356 -43.32 10.79 -1.50
CA VAL B 356 -43.53 11.00 -0.07
C VAL B 356 -42.61 10.06 0.69
N ASP B 357 -42.41 10.29 1.98
CA ASP B 357 -41.49 9.49 2.78
C ASP B 357 -42.13 9.24 4.14
N ILE B 358 -42.73 8.07 4.30
CA ILE B 358 -43.11 7.60 5.63
C ILE B 358 -41.86 7.22 6.40
N GLY B 359 -41.77 7.67 7.65
CA GLY B 359 -40.63 7.41 8.48
C GLY B 359 -41.01 6.66 9.74
N ILE B 360 -39.98 6.33 10.53
CA ILE B 360 -40.21 5.69 11.82
C ILE B 360 -41.04 6.62 12.69
N PRO B 361 -42.09 6.14 13.35
CA PRO B 361 -42.91 7.02 14.18
C PRO B 361 -42.10 7.60 15.33
N ASP B 362 -42.47 8.81 15.74
CA ASP B 362 -41.76 9.51 16.80
C ASP B 362 -42.51 9.36 18.13
N ALA B 363 -42.03 10.06 19.16
CA ALA B 363 -42.40 9.73 20.54
C ALA B 363 -43.91 9.80 20.78
N THR B 364 -44.61 10.66 20.05
CA THR B 364 -46.06 10.72 20.18
C THR B 364 -46.78 9.82 19.19
N GLY B 365 -46.15 9.55 18.04
CA GLY B 365 -46.71 8.57 17.13
C GLY B 365 -46.83 7.20 17.77
N ARG B 366 -45.83 6.81 18.56
CA ARG B 366 -45.91 5.54 19.25
C ARG B 366 -47.09 5.52 20.21
N LEU B 367 -47.31 6.64 20.92
CA LEU B 367 -48.45 6.71 21.83
C LEU B 367 -49.75 6.53 21.08
N GLU B 368 -49.89 7.18 19.93
CA GLU B 368 -51.12 7.05 19.16
C GLU B 368 -51.30 5.62 18.65
N ILE B 369 -50.22 5.01 18.16
CA ILE B 369 -50.31 3.64 17.67
C ILE B 369 -50.71 2.70 18.80
N LEU B 370 -50.15 2.90 19.98
CA LEU B 370 -50.50 2.06 21.13
C LEU B 370 -51.95 2.25 21.52
N GLN B 371 -52.43 3.50 21.54
CA GLN B 371 -53.82 3.75 21.86
C GLN B 371 -54.77 3.20 20.80
N ILE B 372 -54.28 2.97 19.58
CA ILE B 372 -55.11 2.33 18.56
C ILE B 372 -55.12 0.82 18.76
N HIS B 373 -53.94 0.23 18.96
CA HIS B 373 -53.86 -1.23 19.06
C HIS B 373 -54.35 -1.76 20.40
N THR B 374 -54.57 -0.91 21.40
CA THR B 374 -55.15 -1.35 22.67
C THR B 374 -56.49 -0.71 22.93
N LYS B 375 -57.33 -0.58 21.90
CA LYS B 375 -58.70 -0.12 22.09
C LYS B 375 -59.68 -1.27 22.28
N ASN B 376 -59.19 -2.51 22.31
CA ASN B 376 -60.03 -3.68 22.57
C ASN B 376 -59.72 -4.35 23.88
N MET B 377 -58.47 -4.32 24.33
CA MET B 377 -58.06 -5.00 25.56
C MET B 377 -58.72 -4.33 26.76
N LYS B 378 -58.78 -5.08 27.86
CA LYS B 378 -59.25 -4.55 29.13
C LYS B 378 -58.01 -4.19 29.96
N LEU B 379 -57.47 -3.01 29.68
CA LEU B 379 -56.30 -2.53 30.41
C LEU B 379 -56.65 -2.25 31.85
N ALA B 380 -55.74 -2.61 32.75
CA ALA B 380 -55.93 -2.27 34.15
C ALA B 380 -55.75 -0.77 34.35
N ASP B 381 -56.24 -0.27 35.49
CA ASP B 381 -56.23 1.16 35.73
C ASP B 381 -54.82 1.71 35.90
N ASP B 382 -53.88 0.87 36.31
CA ASP B 382 -52.50 1.32 36.52
C ASP B 382 -51.69 1.38 35.24
N VAL B 383 -52.32 1.15 34.08
CA VAL B 383 -51.59 1.23 32.82
C VAL B 383 -51.14 2.68 32.60
N ASP B 384 -50.02 2.84 31.89
CA ASP B 384 -49.47 4.16 31.62
C ASP B 384 -48.83 4.09 30.24
N LEU B 385 -49.59 4.45 29.21
CA LEU B 385 -49.13 4.29 27.83
C LEU B 385 -48.13 5.38 27.46
N GLU B 386 -48.33 6.60 27.95
CA GLU B 386 -47.35 7.66 27.74
C GLU B 386 -46.00 7.29 28.33
N GLN B 387 -45.96 6.37 29.29
CA GLN B 387 -44.70 5.85 29.78
C GLN B 387 -44.07 4.91 28.75
N VAL B 388 -44.76 3.82 28.43
CA VAL B 388 -44.18 2.78 27.58
C VAL B 388 -43.81 3.33 26.21
N ALA B 389 -44.53 4.34 25.74
CA ALA B 389 -44.18 4.94 24.45
C ALA B 389 -42.80 5.61 24.51
N ASN B 390 -42.34 5.98 25.70
CA ASN B 390 -41.12 6.79 25.78
C ASN B 390 -39.87 5.95 25.54
N GLU B 391 -39.84 4.72 26.04
CA GLU B 391 -38.58 3.98 26.00
C GLU B 391 -38.48 3.04 24.80
N THR B 392 -39.58 2.79 24.10
CA THR B 392 -39.50 2.00 22.88
C THR B 392 -38.87 2.83 21.77
N HIS B 393 -37.55 2.71 21.60
CA HIS B 393 -36.81 3.61 20.73
C HIS B 393 -36.29 2.98 19.46
N GLY B 394 -36.85 1.85 19.03
CA GLY B 394 -36.50 1.31 17.74
C GLY B 394 -37.70 0.69 17.04
N HIS B 395 -38.85 0.77 17.68
CA HIS B 395 -40.02 0.04 17.20
C HIS B 395 -40.72 0.80 16.08
N VAL B 396 -41.38 0.06 15.20
CA VAL B 396 -42.14 0.63 14.11
C VAL B 396 -43.60 0.21 14.26
N GLY B 397 -44.43 0.58 13.29
CA GLY B 397 -45.87 0.40 13.43
C GLY B 397 -46.32 -1.04 13.57
N ALA B 398 -45.46 -2.00 13.25
CA ALA B 398 -45.80 -3.41 13.39
C ALA B 398 -45.26 -4.03 14.66
N ASP B 399 -44.15 -3.51 15.19
CA ASP B 399 -43.59 -4.07 16.42
C ASP B 399 -44.50 -3.80 17.62
N LEU B 400 -45.16 -2.64 17.64
CA LEU B 400 -45.98 -2.30 18.79
C LEU B 400 -47.20 -3.21 18.90
N ALA B 401 -47.78 -3.59 17.76
CA ALA B 401 -48.88 -4.54 17.79
C ALA B 401 -48.43 -5.88 18.36
N ALA B 402 -47.26 -6.34 17.95
CA ALA B 402 -46.71 -7.59 18.50
C ALA B 402 -46.45 -7.45 19.99
N LEU B 403 -45.96 -6.29 20.42
CA LEU B 403 -45.69 -6.06 21.83
C LEU B 403 -46.97 -6.14 22.66
N CYS B 404 -48.02 -5.48 22.20
CA CYS B 404 -49.30 -5.56 22.92
C CYS B 404 -49.84 -6.99 22.92
N SER B 405 -49.72 -7.69 21.79
CA SER B 405 -50.11 -9.09 21.73
C SER B 405 -49.35 -9.91 22.78
N GLU B 406 -48.05 -9.64 22.91
CA GLU B 406 -47.23 -10.38 23.86
C GLU B 406 -47.67 -10.09 25.30
N ALA B 407 -48.00 -8.84 25.59
CA ALA B 407 -48.48 -8.51 26.94
C ALA B 407 -49.79 -9.22 27.24
N ALA B 408 -50.70 -9.25 26.27
CA ALA B 408 -51.95 -9.98 26.48
C ALA B 408 -51.70 -11.46 26.70
N LEU B 409 -50.79 -12.04 25.94
CA LEU B 409 -50.45 -13.45 26.13
C LEU B 409 -49.86 -13.68 27.51
N GLN B 410 -49.05 -12.75 28.02
CA GLN B 410 -48.50 -12.89 29.35
C GLN B 410 -49.59 -12.85 30.42
N ALA B 411 -50.58 -11.98 30.24
CA ALA B 411 -51.71 -11.99 31.17
C ALA B 411 -52.43 -13.32 31.14
N ILE B 412 -52.66 -13.86 29.94
CA ILE B 412 -53.27 -15.19 29.81
C ILE B 412 -52.43 -16.23 30.56
N ARG B 413 -51.11 -16.17 30.39
CA ARG B 413 -50.23 -17.15 31.00
C ARG B 413 -50.32 -17.10 32.53
N LYS B 414 -50.29 -15.89 33.09
CA LYS B 414 -50.49 -15.78 34.52
C LYS B 414 -51.88 -16.20 34.97
N LYS B 415 -52.86 -16.21 34.06
CA LYS B 415 -54.17 -16.75 34.39
C LYS B 415 -54.23 -18.27 34.31
N MET B 416 -53.21 -18.92 33.73
CA MET B 416 -53.30 -20.34 33.44
C MET B 416 -53.21 -21.21 34.70
N ASP B 417 -52.76 -20.66 35.83
CA ASP B 417 -52.67 -21.45 37.05
C ASP B 417 -54.04 -21.95 37.48
N LEU B 418 -55.06 -21.08 37.39
CA LEU B 418 -56.42 -21.43 37.75
C LEU B 418 -57.24 -21.96 36.59
N ILE B 419 -56.72 -21.88 35.37
CA ILE B 419 -57.41 -22.45 34.21
C ILE B 419 -57.16 -23.95 34.19
N ASP B 420 -58.24 -24.72 34.07
CA ASP B 420 -58.11 -26.16 34.00
C ASP B 420 -57.39 -26.58 32.73
N LEU B 421 -56.60 -27.65 32.82
CA LEU B 421 -55.80 -28.08 31.68
C LEU B 421 -56.66 -28.51 30.50
N GLU B 422 -57.92 -28.86 30.76
CA GLU B 422 -58.88 -29.21 29.73
C GLU B 422 -60.10 -28.30 29.77
N ASP B 423 -59.88 -27.05 30.19
CA ASP B 423 -60.99 -26.10 30.40
C ASP B 423 -61.50 -25.63 29.05
N GLU B 424 -62.26 -26.50 28.39
CA GLU B 424 -63.00 -26.06 27.21
C GLU B 424 -64.10 -25.09 27.61
N THR B 425 -64.73 -25.32 28.76
CA THR B 425 -65.77 -24.44 29.28
C THR B 425 -65.11 -23.28 30.05
N ILE B 426 -64.37 -22.46 29.30
CA ILE B 426 -63.66 -21.34 29.90
C ILE B 426 -64.68 -20.40 30.53
N ASP B 427 -64.53 -20.17 31.83
CA ASP B 427 -65.54 -19.44 32.58
C ASP B 427 -65.57 -17.97 32.15
N ALA B 428 -66.67 -17.30 32.53
CA ALA B 428 -66.94 -15.96 32.01
C ALA B 428 -65.83 -14.99 32.40
N GLU B 429 -65.43 -14.99 33.67
CA GLU B 429 -64.38 -14.07 34.10
C GLU B 429 -63.03 -14.45 33.52
N VAL B 430 -62.82 -15.73 33.21
CA VAL B 430 -61.60 -16.14 32.53
C VAL B 430 -61.54 -15.52 31.13
N MET B 431 -62.69 -15.21 30.54
CA MET B 431 -62.76 -14.54 29.26
C MET B 431 -62.81 -13.02 29.38
N ASN B 432 -63.28 -12.49 30.51
CA ASN B 432 -63.60 -11.08 30.61
C ASN B 432 -62.87 -10.32 31.71
N SER B 433 -62.50 -10.97 32.81
CA SER B 433 -61.88 -10.27 33.94
C SER B 433 -60.40 -10.00 33.74
N LEU B 434 -59.89 -10.20 32.52
CA LEU B 434 -58.47 -10.02 32.26
C LEU B 434 -58.07 -8.57 32.42
N ALA B 435 -56.90 -8.34 33.03
CA ALA B 435 -56.40 -6.99 33.27
C ALA B 435 -54.89 -7.02 33.16
N VAL B 436 -54.36 -6.26 32.21
CA VAL B 436 -52.93 -6.26 31.93
C VAL B 436 -52.28 -5.13 32.73
N THR B 437 -51.13 -5.42 33.33
CA THR B 437 -50.46 -4.48 34.21
C THR B 437 -49.14 -4.03 33.61
N MET B 438 -48.52 -3.04 34.27
CA MET B 438 -47.20 -2.57 33.84
C MET B 438 -46.14 -3.64 34.00
N ASP B 439 -46.33 -4.57 34.93
CA ASP B 439 -45.48 -5.76 34.97
C ASP B 439 -45.47 -6.44 33.61
N ASP B 440 -46.66 -6.67 33.05
CA ASP B 440 -46.77 -7.36 31.78
C ASP B 440 -46.10 -6.58 30.66
N PHE B 441 -46.31 -5.27 30.59
CA PHE B 441 -45.72 -4.49 29.51
C PHE B 441 -44.21 -4.41 29.63
N ARG B 442 -43.67 -4.23 30.85
CA ARG B 442 -42.22 -4.22 30.96
C ARG B 442 -41.63 -5.58 30.61
N TRP B 443 -42.29 -6.67 31.02
CA TRP B 443 -41.83 -8.00 30.64
C TRP B 443 -41.80 -8.15 29.12
N ALA B 444 -42.92 -7.85 28.47
CA ALA B 444 -42.99 -8.03 27.02
C ALA B 444 -42.02 -7.11 26.29
N LEU B 445 -41.84 -5.89 26.79
CA LEU B 445 -40.87 -4.98 26.19
C LEU B 445 -39.47 -5.54 26.29
N SER B 446 -39.10 -6.08 27.45
CA SER B 446 -37.80 -6.73 27.57
C SER B 446 -37.69 -7.95 26.69
N GLN B 447 -38.81 -8.57 26.31
CA GLN B 447 -38.79 -9.71 25.40
C GLN B 447 -39.15 -9.33 23.97
N SER B 448 -38.81 -8.12 23.54
CA SER B 448 -39.03 -7.69 22.17
C SER B 448 -37.71 -7.24 21.57
N ASN B 449 -37.50 -7.58 20.30
CA ASN B 449 -36.33 -7.13 19.56
C ASN B 449 -36.74 -6.08 18.55
N PRO B 450 -36.30 -4.84 18.68
CA PRO B 450 -36.72 -3.80 17.73
C PRO B 450 -36.25 -4.11 16.33
N SER B 451 -37.04 -3.66 15.35
CA SER B 451 -36.76 -3.95 13.95
C SER B 451 -35.98 -2.85 13.25
N ALA B 452 -35.91 -1.66 13.84
CA ALA B 452 -35.39 -0.47 13.16
C ALA B 452 -34.41 0.28 14.05
N LEU B 453 -33.44 -0.44 14.62
CA LEU B 453 -32.45 0.21 15.47
C LEU B 453 -31.35 0.91 14.69
N ARG B 454 -31.26 0.74 13.38
CA ARG B 454 -30.12 1.22 12.60
C ARG B 454 -30.55 2.20 11.51
N GLU B 455 -31.40 3.15 11.85
CA GLU B 455 -31.82 4.19 10.91
C GLU B 455 -31.71 5.54 11.59
N THR B 456 -31.15 6.52 10.86
CA THR B 456 -31.07 7.87 11.38
C THR B 456 -32.47 8.38 11.71
N VAL B 457 -32.62 8.93 12.90
CA VAL B 457 -33.92 9.34 13.42
C VAL B 457 -34.07 10.84 13.19
N VAL B 458 -35.18 11.22 12.59
CA VAL B 458 -35.43 12.60 12.20
C VAL B 458 -36.67 13.05 12.97
N GLU B 459 -36.46 13.72 14.09
CA GLU B 459 -37.58 14.13 14.93
C GLU B 459 -37.14 15.28 15.82
N VAL B 460 -38.06 16.20 16.08
CA VAL B 460 -37.77 17.42 16.84
C VAL B 460 -37.32 17.04 18.25
N PRO B 461 -36.15 17.46 18.68
CA PRO B 461 -35.67 17.09 20.02
C PRO B 461 -36.38 17.89 21.10
N GLN B 462 -36.30 17.37 22.33
CA GLN B 462 -37.04 17.90 23.45
C GLN B 462 -36.21 18.68 24.44
N VAL B 463 -34.88 18.66 24.35
CA VAL B 463 -34.06 19.40 25.30
C VAL B 463 -34.12 20.87 24.97
N THR B 464 -34.35 21.69 25.99
CA THR B 464 -34.64 23.11 25.80
C THR B 464 -33.53 23.96 26.41
N TRP B 465 -33.63 25.27 26.14
CA TRP B 465 -32.63 26.24 26.58
C TRP B 465 -32.47 26.31 28.09
N GLU B 466 -33.38 25.68 28.85
CA GLU B 466 -33.33 25.78 30.29
C GLU B 466 -32.41 24.75 30.94
N ASP B 467 -31.92 23.78 30.16
CA ASP B 467 -30.98 22.81 30.71
C ASP B 467 -29.56 23.37 30.73
N ILE B 468 -29.07 23.86 29.60
CA ILE B 468 -27.72 24.38 29.55
C ILE B 468 -27.59 25.61 30.43
N GLY B 469 -28.47 26.59 30.25
CA GLY B 469 -28.36 27.84 30.97
C GLY B 469 -27.11 28.62 30.61
N GLY B 470 -27.06 29.89 30.96
CA GLY B 470 -25.89 30.66 30.60
C GLY B 470 -25.68 30.67 29.09
N LEU B 471 -24.41 30.74 28.69
CA LEU B 471 -24.04 30.75 27.29
C LEU B 471 -24.84 31.78 26.51
N GLU B 472 -24.93 32.98 27.08
CA GLU B 472 -25.80 34.00 26.52
C GLU B 472 -25.35 34.44 25.14
N ASP B 473 -24.05 34.64 24.94
CA ASP B 473 -23.56 35.05 23.63
C ASP B 473 -23.85 34.01 22.57
N VAL B 474 -23.63 32.73 22.90
CA VAL B 474 -23.86 31.67 21.93
C VAL B 474 -25.34 31.56 21.61
N LYS B 475 -26.21 31.80 22.58
CA LYS B 475 -27.64 31.76 22.33
C LYS B 475 -28.03 32.71 21.21
N ARG B 476 -27.55 33.96 21.28
CA ARG B 476 -27.89 34.94 20.27
C ARG B 476 -27.18 34.66 18.94
N GLU B 477 -25.89 34.34 18.99
CA GLU B 477 -25.17 34.07 17.75
C GLU B 477 -25.62 32.78 17.08
N LEU B 478 -26.40 31.95 17.77
CA LEU B 478 -26.96 30.76 17.16
C LEU B 478 -28.42 30.92 16.78
N GLN B 479 -29.16 31.80 17.46
CA GLN B 479 -30.47 32.19 16.95
C GLN B 479 -30.32 32.85 15.60
N GLU B 480 -29.42 33.82 15.48
CA GLU B 480 -29.39 34.66 14.29
C GLU B 480 -28.93 33.92 13.04
N LEU B 481 -28.69 32.62 13.14
CA LEU B 481 -28.33 31.82 11.99
C LEU B 481 -29.25 30.65 11.71
N VAL B 482 -30.14 30.31 12.65
CA VAL B 482 -31.01 29.15 12.45
C VAL B 482 -32.47 29.57 12.51
N GLN B 483 -32.78 30.61 13.28
CA GLN B 483 -34.17 31.01 13.46
C GLN B 483 -34.59 32.14 12.54
N TYR B 484 -33.81 33.23 12.51
CA TYR B 484 -34.16 34.35 11.64
C TYR B 484 -34.32 33.97 10.17
N PRO B 485 -33.48 33.13 9.57
CA PRO B 485 -33.72 32.77 8.16
C PRO B 485 -34.91 31.84 7.97
N VAL B 486 -35.68 31.61 9.03
CA VAL B 486 -36.85 30.74 8.98
C VAL B 486 -38.12 31.51 9.33
N GLU B 487 -38.09 32.27 10.42
CA GLU B 487 -39.27 32.98 10.89
C GLU B 487 -39.52 34.29 10.16
N HIS B 488 -38.49 34.90 9.61
CA HIS B 488 -38.61 36.19 8.93
C HIS B 488 -37.82 36.16 7.64
N PRO B 489 -38.25 35.36 6.66
CA PRO B 489 -37.48 35.24 5.41
C PRO B 489 -37.57 36.47 4.53
N ASP B 490 -38.58 37.30 4.69
CA ASP B 490 -38.72 38.47 3.83
C ASP B 490 -37.76 39.58 4.20
N LYS B 491 -37.37 39.68 5.47
CA LYS B 491 -36.32 40.61 5.85
C LYS B 491 -35.04 40.34 5.09
N PHE B 492 -34.74 39.06 4.82
CA PHE B 492 -33.55 38.71 4.08
C PHE B 492 -33.67 39.05 2.60
N LEU B 493 -34.85 39.45 2.14
CA LEU B 493 -35.03 39.96 0.80
C LEU B 493 -35.08 41.48 0.75
N LYS B 494 -35.57 42.13 1.82
CA LYS B 494 -35.51 43.59 1.87
C LYS B 494 -34.09 44.08 1.70
N PHE B 495 -33.16 43.55 2.50
CA PHE B 495 -31.74 43.69 2.24
C PHE B 495 -31.31 42.54 1.33
N GLY B 496 -30.05 42.53 0.94
CA GLY B 496 -29.60 41.60 -0.09
C GLY B 496 -28.88 40.38 0.43
N MET B 497 -28.75 40.26 1.74
CA MET B 497 -27.98 39.17 2.32
C MET B 497 -28.53 37.81 1.93
N THR B 498 -27.62 36.85 1.75
CA THR B 498 -27.79 35.42 1.66
C THR B 498 -27.51 34.77 3.01
N PRO B 499 -28.37 33.86 3.44
CA PRO B 499 -28.22 33.28 4.77
C PRO B 499 -26.95 32.45 4.87
N SER B 500 -26.42 32.36 6.09
CA SER B 500 -25.30 31.46 6.35
C SER B 500 -25.78 30.02 6.30
N LYS B 501 -24.83 29.10 6.11
CA LYS B 501 -25.14 27.69 6.06
C LYS B 501 -24.18 26.88 6.92
N GLY B 502 -23.65 27.46 7.99
CA GLY B 502 -22.76 26.69 8.81
C GLY B 502 -22.17 27.36 10.04
N VAL B 503 -21.90 26.56 11.06
CA VAL B 503 -21.24 26.98 12.28
C VAL B 503 -20.26 25.87 12.62
N LEU B 504 -19.28 26.18 13.46
CA LEU B 504 -18.32 25.16 13.90
C LEU B 504 -18.00 25.41 15.37
N PHE B 505 -18.72 24.72 16.25
CA PHE B 505 -18.38 24.75 17.66
C PHE B 505 -17.04 24.08 17.89
N TYR B 506 -16.30 24.57 18.87
CA TYR B 506 -15.09 23.90 19.33
C TYR B 506 -14.86 24.26 20.78
N GLY B 507 -14.48 23.28 21.59
CA GLY B 507 -14.29 23.49 23.00
C GLY B 507 -13.71 22.28 23.68
N PRO B 508 -13.50 22.37 24.99
CA PRO B 508 -12.99 21.20 25.72
C PRO B 508 -13.94 20.04 25.55
N PRO B 509 -13.41 18.83 25.43
CA PRO B 509 -14.25 17.69 25.04
C PRO B 509 -15.27 17.35 26.11
N GLY B 510 -16.48 17.02 25.67
CA GLY B 510 -17.57 16.75 26.58
C GLY B 510 -17.96 17.94 27.42
N CYS B 511 -18.48 18.98 26.77
CA CYS B 511 -18.84 20.21 27.47
C CYS B 511 -20.20 20.71 27.01
N GLY B 512 -21.12 19.80 26.69
CA GLY B 512 -22.41 20.21 26.20
C GLY B 512 -22.38 20.87 24.84
N LYS B 513 -21.57 20.33 23.92
CA LYS B 513 -21.58 20.82 22.55
C LYS B 513 -22.71 20.23 21.72
N THR B 514 -23.23 19.07 22.12
CA THR B 514 -24.40 18.49 21.46
C THR B 514 -25.68 19.14 21.91
N LEU B 515 -25.78 19.47 23.19
CA LEU B 515 -27.04 20.00 23.73
C LEU B 515 -27.40 21.35 23.14
N LEU B 516 -26.43 22.07 22.59
CA LEU B 516 -26.74 23.35 21.96
C LEU B 516 -27.43 23.15 20.62
N ALA B 517 -26.97 22.16 19.84
CA ALA B 517 -27.66 21.85 18.59
C ALA B 517 -29.10 21.43 18.87
N LYS B 518 -29.30 20.55 19.84
CA LYS B 518 -30.66 20.13 20.16
C LYS B 518 -31.49 21.28 20.71
N ALA B 519 -30.89 22.15 21.52
CA ALA B 519 -31.63 23.28 22.05
C ALA B 519 -32.12 24.20 20.94
N ILE B 520 -31.22 24.58 20.03
CA ILE B 520 -31.62 25.49 18.96
C ILE B 520 -32.59 24.80 18.01
N ALA B 521 -32.43 23.49 17.79
CA ALA B 521 -33.40 22.77 16.98
C ALA B 521 -34.75 22.71 17.65
N ASN B 522 -34.77 22.72 18.98
CA ASN B 522 -36.02 22.71 19.72
C ASN B 522 -36.69 24.06 19.69
N GLU B 523 -35.91 25.14 19.60
CA GLU B 523 -36.51 26.47 19.52
C GLU B 523 -37.38 26.62 18.29
N CYS B 524 -36.80 26.53 17.11
CA CYS B 524 -37.52 26.80 15.87
C CYS B 524 -38.31 25.61 15.37
N GLN B 525 -38.48 24.58 16.19
CA GLN B 525 -39.20 23.36 15.81
C GLN B 525 -38.70 22.83 14.47
N ALA B 526 -37.43 22.45 14.47
CA ALA B 526 -36.77 21.92 13.29
C ALA B 526 -36.33 20.50 13.55
N ASN B 527 -36.34 19.69 12.49
CA ASN B 527 -35.80 18.35 12.61
C ASN B 527 -34.33 18.41 12.98
N PHE B 528 -33.78 17.27 13.39
CA PHE B 528 -32.41 17.22 13.89
C PHE B 528 -31.81 15.87 13.54
N ILE B 529 -30.88 15.87 12.59
CA ILE B 529 -30.19 14.66 12.16
C ILE B 529 -28.79 14.71 12.72
N SER B 530 -28.43 13.71 13.51
CA SER B 530 -27.13 13.65 14.17
C SER B 530 -26.27 12.59 13.49
N ILE B 531 -25.06 12.97 13.12
CA ILE B 531 -24.09 12.06 12.52
C ILE B 531 -22.89 11.99 13.45
N LYS B 532 -22.59 10.81 13.95
CA LYS B 532 -21.56 10.64 14.96
C LYS B 532 -20.24 10.24 14.30
N GLY B 533 -19.15 10.46 15.02
CA GLY B 533 -17.82 10.17 14.53
C GLY B 533 -17.61 8.72 14.17
N PRO B 534 -17.92 7.82 15.11
CA PRO B 534 -17.81 6.37 14.82
C PRO B 534 -18.59 5.91 13.60
N GLU B 535 -19.35 6.81 12.98
CA GLU B 535 -20.07 6.51 11.75
C GLU B 535 -19.34 7.02 10.52
N LEU B 536 -18.85 8.27 10.54
CA LEU B 536 -18.03 8.78 9.44
C LEU B 536 -16.76 7.95 9.30
N LEU B 537 -16.13 7.66 10.43
CA LEU B 537 -14.90 6.88 10.40
C LEU B 537 -15.13 5.49 9.83
N THR B 538 -16.37 5.00 9.85
CA THR B 538 -16.69 3.79 9.09
C THR B 538 -16.58 4.04 7.60
N MET B 539 -17.14 5.16 7.13
CA MET B 539 -17.04 5.48 5.71
C MET B 539 -15.59 5.61 5.28
N TRP B 540 -14.72 6.09 6.16
CA TRP B 540 -13.32 6.23 5.76
C TRP B 540 -12.62 4.87 5.63
N PHE B 541 -13.21 3.81 6.18
CA PHE B 541 -12.64 2.46 6.11
C PHE B 541 -13.29 1.62 5.03
N GLY B 542 -13.62 2.20 3.90
CA GLY B 542 -14.24 1.45 2.82
C GLY B 542 -14.82 2.36 1.77
N GLU B 543 -16.08 2.13 1.41
CA GLU B 543 -16.76 3.06 0.54
C GLU B 543 -16.94 4.40 1.24
N SER B 544 -16.84 5.46 0.46
CA SER B 544 -17.32 6.76 0.87
C SER B 544 -18.23 7.26 -0.23
N GLU B 545 -18.64 8.52 -0.16
CA GLU B 545 -19.06 9.25 -1.36
C GLU B 545 -20.27 8.62 -2.04
N ALA B 546 -20.80 7.55 -1.46
CA ALA B 546 -22.08 6.98 -1.88
C ALA B 546 -23.12 7.02 -0.79
N ASN B 547 -22.75 7.39 0.43
CA ASN B 547 -23.67 7.49 1.55
C ASN B 547 -23.81 8.91 2.07
N VAL B 548 -22.78 9.73 1.92
CA VAL B 548 -22.89 11.14 2.29
C VAL B 548 -23.94 11.82 1.44
N ARG B 549 -23.93 11.52 0.13
CA ARG B 549 -24.99 11.99 -0.75
C ARG B 549 -26.35 11.60 -0.21
N GLU B 550 -26.49 10.37 0.28
CA GLU B 550 -27.79 9.92 0.73
C GLU B 550 -28.17 10.60 2.05
N ILE B 551 -27.18 10.87 2.91
CA ILE B 551 -27.45 11.60 4.15
C ILE B 551 -27.99 12.98 3.84
N PHE B 552 -27.34 13.68 2.92
CA PHE B 552 -27.80 15.02 2.55
C PHE B 552 -29.16 14.97 1.88
N ASP B 553 -29.39 13.99 1.01
CA ASP B 553 -30.69 13.90 0.35
C ASP B 553 -31.79 13.48 1.31
N LYS B 554 -31.45 12.81 2.41
CA LYS B 554 -32.41 12.57 3.47
C LYS B 554 -32.74 13.85 4.20
N ALA B 555 -31.71 14.65 4.52
CA ALA B 555 -31.96 15.91 5.19
C ALA B 555 -32.74 16.87 4.31
N ARG B 556 -32.62 16.73 2.99
CA ARG B 556 -33.31 17.64 2.09
C ARG B 556 -34.81 17.40 2.09
N GLN B 557 -35.24 16.15 2.13
CA GLN B 557 -36.67 15.84 2.13
C GLN B 557 -37.33 16.04 3.48
N ALA B 558 -36.64 16.62 4.45
CA ALA B 558 -37.19 16.81 5.78
C ALA B 558 -36.86 18.19 6.32
N ALA B 559 -36.81 19.19 5.44
CA ALA B 559 -36.43 20.53 5.85
C ALA B 559 -37.45 21.10 6.84
N PRO B 560 -37.02 21.98 7.75
CA PRO B 560 -35.64 22.44 7.94
C PRO B 560 -34.83 21.60 8.94
N CYS B 561 -33.73 21.02 8.49
CA CYS B 561 -32.89 20.24 9.36
C CYS B 561 -31.80 21.11 10.01
N VAL B 562 -31.09 20.52 10.96
CA VAL B 562 -29.94 21.15 11.59
C VAL B 562 -28.76 20.19 11.61
N LEU B 563 -28.56 19.46 10.51
CA LEU B 563 -27.57 18.38 10.41
C LEU B 563 -26.33 18.66 11.24
N PHE B 564 -25.96 17.73 12.10
CA PHE B 564 -24.93 17.96 13.11
C PHE B 564 -23.85 16.91 12.91
N PHE B 565 -22.78 17.30 12.22
CA PHE B 565 -21.63 16.42 12.01
C PHE B 565 -20.77 16.47 13.25
N ASP B 566 -20.97 15.51 14.14
CA ASP B 566 -20.17 15.46 15.36
C ASP B 566 -18.78 14.93 15.04
N GLU B 567 -17.77 15.54 15.66
CA GLU B 567 -16.37 15.12 15.53
C GLU B 567 -15.93 15.11 14.07
N LEU B 568 -15.92 16.30 13.49
CA LEU B 568 -15.40 16.45 12.13
C LEU B 568 -13.92 16.12 12.02
N ASP B 569 -13.20 16.13 13.14
CA ASP B 569 -11.77 15.81 13.15
C ASP B 569 -11.49 14.33 13.31
N SER B 570 -12.52 13.49 13.33
CA SER B 570 -12.33 12.07 13.60
C SER B 570 -11.39 11.44 12.58
N ILE B 571 -11.68 11.63 11.29
CA ILE B 571 -10.81 11.07 10.26
C ILE B 571 -9.41 11.67 10.36
N ALA B 572 -9.32 12.98 10.63
CA ALA B 572 -8.03 13.63 10.64
C ALA B 572 -7.12 13.09 11.73
N LYS B 573 -7.66 12.86 12.92
CA LYS B 573 -6.81 12.31 13.97
C LYS B 573 -6.74 10.78 13.94
N ALA B 574 -7.57 10.13 13.14
CA ALA B 574 -7.46 8.69 12.93
C ALA B 574 -6.59 8.35 11.74
N ARG B 575 -5.92 9.35 11.16
CA ARG B 575 -5.02 9.12 10.04
C ARG B 575 -3.59 9.46 10.39
N GLY B 576 -3.33 10.08 11.54
CA GLY B 576 -1.97 10.37 11.93
C GLY B 576 -1.82 11.67 12.69
N GLY B 577 -2.77 12.59 12.56
CA GLY B 577 -2.65 13.86 13.23
C GLY B 577 -1.42 14.61 12.77
N ASN B 578 -1.47 15.16 11.54
CA ASN B 578 -0.28 15.50 10.76
C ASN B 578 0.46 14.22 10.43
N ILE B 579 -0.18 13.36 9.64
CA ILE B 579 0.35 12.05 9.28
C ILE B 579 1.79 12.18 8.77
N GLY B 580 2.60 11.17 9.08
CA GLY B 580 4.00 11.20 8.71
C GLY B 580 4.26 11.13 7.22
N ASP B 581 3.47 10.32 6.50
CA ASP B 581 3.73 10.13 5.07
C ASP B 581 3.52 11.41 4.27
N GLY B 582 2.77 12.36 4.80
CA GLY B 582 2.65 13.66 4.15
C GLY B 582 1.25 14.23 4.06
N GLY B 583 0.25 13.35 3.88
CA GLY B 583 -1.11 13.76 3.59
C GLY B 583 -1.63 14.94 4.39
N GLY B 584 -1.97 16.02 3.70
CA GLY B 584 -2.27 17.27 4.38
C GLY B 584 -3.70 17.47 4.86
N ALA B 585 -4.67 17.48 3.95
CA ALA B 585 -6.02 17.83 4.35
C ALA B 585 -7.09 16.86 3.86
N ALA B 586 -6.95 16.36 2.64
CA ALA B 586 -8.04 15.63 2.01
C ALA B 586 -8.10 14.20 2.52
N ASP B 587 -9.32 13.71 2.74
CA ASP B 587 -9.47 12.42 3.40
C ASP B 587 -10.65 11.63 2.81
N ARG B 588 -11.06 11.97 1.60
CA ARG B 588 -12.01 11.17 0.82
C ARG B 588 -13.43 11.24 1.39
N VAL B 589 -13.60 11.84 2.57
CA VAL B 589 -14.93 11.94 3.15
C VAL B 589 -15.30 13.40 3.35
N ILE B 590 -14.42 14.17 3.99
CA ILE B 590 -14.65 15.60 4.12
C ILE B 590 -14.78 16.24 2.75
N ASN B 591 -13.97 15.78 1.79
CA ASN B 591 -14.10 16.25 0.42
C ASN B 591 -15.50 16.03 -0.12
N GLN B 592 -16.09 14.87 0.18
CA GLN B 592 -17.45 14.62 -0.28
C GLN B 592 -18.45 15.54 0.40
N ILE B 593 -18.23 15.80 1.69
CA ILE B 593 -19.08 16.76 2.38
C ILE B 593 -19.00 18.12 1.72
N LEU B 594 -17.81 18.52 1.27
CA LEU B 594 -17.68 19.77 0.54
C LEU B 594 -18.48 19.73 -0.76
N THR B 595 -18.28 18.67 -1.54
CA THR B 595 -18.95 18.57 -2.84
C THR B 595 -20.45 18.66 -2.68
N GLU B 596 -21.00 18.02 -1.65
CA GLU B 596 -22.44 18.08 -1.44
C GLU B 596 -22.86 19.41 -0.84
N MET B 597 -22.05 19.98 0.05
CA MET B 597 -22.40 21.22 0.71
C MET B 597 -22.53 22.36 -0.29
N ASP B 598 -21.58 22.45 -1.23
CA ASP B 598 -21.66 23.52 -2.24
C ASP B 598 -22.86 23.32 -3.15
N GLY B 599 -23.14 22.09 -3.55
CA GLY B 599 -24.26 21.82 -4.42
C GLY B 599 -25.58 21.72 -3.67
N MET B 600 -25.93 22.78 -2.94
CA MET B 600 -27.15 22.78 -2.15
C MET B 600 -27.59 24.24 -2.00
N SER B 601 -28.67 24.60 -2.69
CA SER B 601 -29.12 25.99 -2.68
C SER B 601 -29.59 26.38 -1.29
N THR B 602 -29.30 27.62 -0.91
CA THR B 602 -29.63 28.11 0.43
C THR B 602 -31.13 28.22 0.67
N LYS B 603 -31.94 28.11 -0.38
CA LYS B 603 -33.39 28.23 -0.23
C LYS B 603 -34.00 27.11 0.58
N LYS B 604 -33.28 26.00 0.79
CA LYS B 604 -33.88 24.80 1.36
C LYS B 604 -33.88 24.76 2.88
N ASN B 605 -33.20 25.72 3.54
CA ASN B 605 -33.15 25.79 5.00
C ASN B 605 -32.61 24.50 5.61
N VAL B 606 -31.36 24.21 5.26
CA VAL B 606 -30.60 23.14 5.89
C VAL B 606 -29.32 23.75 6.43
N PHE B 607 -29.11 23.65 7.74
CA PHE B 607 -28.00 24.30 8.41
C PHE B 607 -27.08 23.24 8.99
N ILE B 608 -25.81 23.32 8.65
CA ILE B 608 -24.85 22.27 8.95
C ILE B 608 -23.99 22.76 10.12
N ILE B 609 -24.07 22.05 11.23
CA ILE B 609 -23.34 22.40 12.44
C ILE B 609 -22.29 21.33 12.69
N GLY B 610 -21.02 21.74 12.75
CA GLY B 610 -19.95 20.86 13.12
C GLY B 610 -19.62 20.95 14.60
N ALA B 611 -18.70 20.11 15.03
CA ALA B 611 -18.22 20.16 16.40
C ALA B 611 -16.91 19.39 16.52
N THR B 612 -15.86 20.06 16.97
CA THR B 612 -14.54 19.44 17.06
C THR B 612 -13.90 19.78 18.38
N ASN B 613 -13.00 18.91 18.82
CA ASN B 613 -12.18 19.16 19.99
C ASN B 613 -10.76 19.54 19.64
N ARG B 614 -10.35 19.34 18.39
CA ARG B 614 -9.01 19.66 17.90
C ARG B 614 -9.18 20.66 16.76
N PRO B 615 -9.41 21.92 17.08
CA PRO B 615 -9.77 22.87 16.03
C PRO B 615 -8.58 23.46 15.31
N ASP B 616 -7.58 22.64 14.98
CA ASP B 616 -6.51 23.08 14.09
C ASP B 616 -6.27 22.07 12.98
N ILE B 617 -6.35 20.77 13.31
CA ILE B 617 -6.24 19.74 12.29
C ILE B 617 -7.46 19.67 11.38
N ILE B 618 -8.53 20.37 11.73
CA ILE B 618 -9.69 20.42 10.86
C ILE B 618 -9.28 20.98 9.51
N ASP B 619 -9.83 20.42 8.45
CA ASP B 619 -9.39 20.75 7.11
C ASP B 619 -9.59 22.24 6.85
N PRO B 620 -8.53 22.97 6.47
CA PRO B 620 -8.70 24.41 6.20
C PRO B 620 -9.56 24.71 4.99
N ALA B 621 -10.02 23.70 4.27
CA ALA B 621 -10.88 23.90 3.11
C ALA B 621 -12.34 24.03 3.47
N ILE B 622 -12.71 23.91 4.75
CA ILE B 622 -14.09 24.14 5.15
C ILE B 622 -14.26 25.47 5.88
N LEU B 623 -13.19 26.04 6.40
CA LEU B 623 -13.30 27.32 7.10
C LEU B 623 -13.12 28.46 6.11
N ARG B 624 -13.89 28.42 5.03
CA ARG B 624 -13.81 29.36 3.93
C ARG B 624 -15.22 29.85 3.61
N PRO B 625 -15.38 31.12 3.25
CA PRO B 625 -16.73 31.65 3.00
C PRO B 625 -17.45 30.85 1.92
N GLY B 626 -18.75 30.64 2.15
CA GLY B 626 -19.55 29.73 1.36
C GLY B 626 -19.72 28.37 1.99
N ARG B 627 -18.90 28.04 2.98
CA ARG B 627 -19.00 26.79 3.72
C ARG B 627 -19.08 27.18 5.19
N LEU B 628 -18.87 26.21 6.09
CA LEU B 628 -18.84 26.51 7.52
C LEU B 628 -17.95 27.72 7.75
N ASP B 629 -18.55 28.84 8.17
CA ASP B 629 -17.86 30.13 8.10
C ASP B 629 -17.10 30.47 9.37
N GLN B 630 -17.80 30.52 10.51
CA GLN B 630 -17.23 31.05 11.73
C GLN B 630 -16.95 29.93 12.72
N LEU B 631 -16.38 30.30 13.86
CA LEU B 631 -16.09 29.38 14.94
C LEU B 631 -16.59 30.00 16.23
N ILE B 632 -17.33 29.21 17.01
CA ILE B 632 -17.82 29.62 18.31
C ILE B 632 -17.20 28.72 19.36
N TYR B 633 -16.60 29.33 20.38
CA TYR B 633 -15.82 28.60 21.38
C TYR B 633 -16.72 28.38 22.59
N ILE B 634 -17.09 27.12 22.84
CA ILE B 634 -17.97 26.76 23.93
C ILE B 634 -17.16 26.56 25.20
N PRO B 635 -17.15 27.51 26.13
CA PRO B 635 -16.29 27.39 27.30
C PRO B 635 -16.82 26.37 28.30
N LEU B 636 -16.04 26.10 29.35
CA LEU B 636 -16.53 25.25 30.42
C LEU B 636 -17.62 25.98 31.19
N PRO B 637 -18.58 25.24 31.75
CA PRO B 637 -19.66 25.88 32.50
C PRO B 637 -19.13 26.71 33.65
N ASP B 638 -19.77 27.86 33.91
CA ASP B 638 -19.16 28.81 34.82
C ASP B 638 -19.71 28.82 36.25
N GLU B 639 -20.95 29.26 36.46
CA GLU B 639 -21.57 29.10 37.78
C GLU B 639 -23.06 28.80 37.70
N LYS B 640 -23.73 29.31 36.66
CA LYS B 640 -25.18 29.15 36.57
C LYS B 640 -25.51 27.96 35.69
N SER B 641 -24.77 27.79 34.61
CA SER B 641 -24.93 26.61 33.78
C SER B 641 -24.72 25.34 34.59
N ARG B 642 -23.83 25.37 35.58
CA ARG B 642 -23.63 24.19 36.41
C ARG B 642 -24.86 23.90 37.27
N VAL B 643 -25.47 24.94 37.83
CA VAL B 643 -26.70 24.74 38.60
C VAL B 643 -27.78 24.15 37.71
N ALA B 644 -27.92 24.69 36.51
CA ALA B 644 -28.96 24.17 35.61
C ALA B 644 -28.66 22.74 35.18
N ILE B 645 -27.39 22.41 34.94
CA ILE B 645 -27.03 21.05 34.56
C ILE B 645 -27.34 20.08 35.68
N LEU B 646 -27.03 20.45 36.92
CA LEU B 646 -27.32 19.58 38.04
C LEU B 646 -28.83 19.39 38.19
N LYS B 647 -29.59 20.48 38.10
CA LYS B 647 -31.04 20.35 38.22
C LYS B 647 -31.67 19.65 37.02
N ALA B 648 -30.94 19.54 35.91
CA ALA B 648 -31.46 18.77 34.78
C ALA B 648 -31.15 17.29 34.93
N ASN B 649 -29.98 16.95 35.46
CA ASN B 649 -29.64 15.56 35.68
C ASN B 649 -30.40 14.96 36.85
N LEU B 650 -30.74 15.77 37.86
CA LEU B 650 -31.42 15.27 39.05
C LEU B 650 -32.94 15.40 38.96
N ARG B 651 -33.51 15.30 37.76
CA ARG B 651 -34.94 15.51 37.61
C ARG B 651 -35.74 14.22 37.77
N LYS B 652 -35.27 13.12 37.18
CA LYS B 652 -36.01 11.86 37.24
C LYS B 652 -35.82 11.11 38.55
N SER B 653 -34.83 11.48 39.35
CA SER B 653 -34.51 10.76 40.58
C SER B 653 -35.03 11.55 41.77
N PRO B 654 -35.92 10.98 42.58
CA PRO B 654 -36.42 11.69 43.76
C PRO B 654 -35.32 12.16 44.70
N VAL B 655 -35.11 13.47 44.78
CA VAL B 655 -34.04 14.04 45.58
C VAL B 655 -34.61 14.51 46.91
N ALA B 656 -33.72 14.61 47.91
CA ALA B 656 -34.10 15.22 49.17
C ALA B 656 -34.35 16.71 48.98
N LYS B 657 -35.11 17.28 49.91
CA LYS B 657 -35.48 18.68 49.83
C LYS B 657 -34.49 19.60 50.53
N ASP B 658 -33.51 19.05 51.24
CA ASP B 658 -32.49 19.85 51.91
C ASP B 658 -31.15 19.79 51.20
N VAL B 659 -31.12 19.34 49.95
CA VAL B 659 -29.90 19.36 49.15
C VAL B 659 -29.70 20.75 48.59
N ASP B 660 -28.48 21.28 48.71
CA ASP B 660 -28.15 22.63 48.28
C ASP B 660 -27.30 22.53 47.01
N LEU B 661 -27.99 22.52 45.86
CA LEU B 661 -27.28 22.52 44.59
C LEU B 661 -26.55 23.84 44.36
N GLU B 662 -27.02 24.91 44.98
CA GLU B 662 -26.33 26.20 44.87
C GLU B 662 -24.96 26.19 45.52
N PHE B 663 -24.70 25.24 46.40
CA PHE B 663 -23.39 25.05 47.04
C PHE B 663 -22.55 24.03 46.29
N LEU B 664 -23.17 22.91 45.91
CA LEU B 664 -22.46 21.87 45.18
C LEU B 664 -21.99 22.38 43.83
N ALA B 665 -22.71 23.33 43.24
CA ALA B 665 -22.26 23.94 42.00
C ALA B 665 -21.29 25.09 42.24
N LYS B 666 -21.14 25.52 43.49
CA LYS B 666 -20.21 26.60 43.80
C LYS B 666 -18.84 26.09 44.19
N MET B 667 -18.76 24.88 44.75
CA MET B 667 -17.44 24.30 45.01
C MET B 667 -16.84 23.65 43.77
N THR B 668 -17.60 22.80 43.09
CA THR B 668 -17.10 22.26 41.83
C THR B 668 -16.86 23.40 40.87
N ASN B 669 -15.60 23.69 40.56
CA ASN B 669 -15.23 24.93 39.89
C ASN B 669 -14.84 24.73 38.44
N GLY B 670 -13.83 23.90 38.17
CA GLY B 670 -13.39 23.69 36.80
C GLY B 670 -13.98 22.44 36.19
N PHE B 671 -15.03 21.92 36.82
CA PHE B 671 -15.62 20.66 36.38
C PHE B 671 -16.25 20.81 35.01
N SER B 672 -16.18 19.75 34.23
CA SER B 672 -16.76 19.77 32.89
C SER B 672 -18.28 19.66 32.98
N GLY B 673 -18.91 19.59 31.82
CA GLY B 673 -20.33 19.28 31.76
C GLY B 673 -20.64 17.82 31.77
N ALA B 674 -19.60 16.98 31.71
CA ALA B 674 -19.77 15.53 31.73
C ALA B 674 -19.22 14.88 32.99
N ASP B 675 -18.70 15.67 33.94
CA ASP B 675 -18.37 15.16 35.26
C ASP B 675 -19.29 15.73 36.33
N LEU B 676 -20.35 16.42 35.93
CA LEU B 676 -21.49 16.65 36.80
C LEU B 676 -22.64 15.74 36.45
N THR B 677 -22.55 15.01 35.35
CA THR B 677 -23.46 13.92 35.03
C THR B 677 -22.97 12.60 35.60
N GLU B 678 -21.75 12.58 36.14
CA GLU B 678 -21.24 11.44 36.89
C GLU B 678 -21.54 11.57 38.37
N ILE B 679 -21.30 12.75 38.96
CA ILE B 679 -21.64 13.00 40.34
C ILE B 679 -23.10 12.71 40.61
N CYS B 680 -23.96 12.97 39.63
CA CYS B 680 -25.39 12.77 39.79
C CYS B 680 -25.84 11.36 39.45
N GLN B 681 -24.91 10.46 39.15
CA GLN B 681 -25.19 9.03 39.03
C GLN B 681 -24.48 8.20 40.09
N ARG B 682 -23.20 8.45 40.31
CA ARG B 682 -22.50 7.78 41.39
C ARG B 682 -23.11 8.12 42.75
N ALA B 683 -23.90 9.18 42.83
CA ALA B 683 -24.69 9.46 44.02
C ALA B 683 -26.03 8.78 43.99
N CYS B 684 -26.30 7.95 42.97
CA CYS B 684 -27.49 7.11 42.96
C CYS B 684 -27.18 5.69 43.37
N LYS B 685 -26.12 5.09 42.83
CA LYS B 685 -25.67 3.79 43.28
C LYS B 685 -25.46 3.74 44.79
N LEU B 686 -24.97 4.82 45.38
CA LEU B 686 -24.80 4.86 46.82
C LEU B 686 -26.12 4.93 47.55
N ALA B 687 -27.23 5.18 46.85
CA ALA B 687 -28.55 5.08 47.42
C ALA B 687 -29.30 3.85 46.92
N ILE B 688 -29.00 3.37 45.72
CA ILE B 688 -29.51 2.08 45.28
C ILE B 688 -28.96 0.97 46.16
N ARG B 689 -27.63 0.97 46.35
CA ARG B 689 -26.99 -0.08 47.12
C ARG B 689 -27.50 -0.11 48.56
N GLU B 690 -27.62 1.07 49.18
CA GLU B 690 -28.14 1.12 50.54
C GLU B 690 -29.61 0.75 50.61
N SER B 691 -30.31 0.70 49.48
CA SER B 691 -31.68 0.23 49.47
C SER B 691 -31.76 -1.29 49.39
N ILE B 692 -31.06 -1.90 48.42
CA ILE B 692 -31.05 -3.36 48.37
C ILE B 692 -30.43 -3.95 49.63
N GLU B 693 -29.38 -3.33 50.15
CA GLU B 693 -28.74 -3.83 51.36
C GLU B 693 -29.74 -3.93 52.50
N SER B 694 -30.47 -2.84 52.76
CA SER B 694 -31.39 -2.84 53.88
C SER B 694 -32.61 -3.71 53.61
N GLU B 695 -33.04 -3.82 52.35
CA GLU B 695 -34.11 -4.75 52.01
C GLU B 695 -33.71 -6.18 52.36
N ILE B 696 -32.50 -6.57 51.96
CA ILE B 696 -32.03 -7.93 52.21
C ILE B 696 -31.85 -8.16 53.70
N ARG B 697 -31.29 -7.17 54.41
CA ARG B 697 -31.06 -7.35 55.84
C ARG B 697 -32.37 -7.42 56.62
N ARG B 698 -33.39 -6.69 56.17
CA ARG B 698 -34.70 -6.82 56.81
C ARG B 698 -35.32 -8.17 56.54
N GLU B 699 -35.27 -8.63 55.29
CA GLU B 699 -35.78 -9.97 55.01
C GLU B 699 -35.04 -11.03 55.81
N ARG B 700 -33.75 -10.80 56.09
CA ARG B 700 -33.00 -11.67 56.97
C ARG B 700 -33.56 -11.65 58.38
N GLU B 701 -33.53 -10.47 59.01
CA GLU B 701 -33.85 -10.40 60.44
C GLU B 701 -35.28 -10.82 60.72
N ARG B 702 -36.21 -10.55 59.80
CA ARG B 702 -37.57 -11.00 59.99
C ARG B 702 -37.65 -12.52 60.03
N GLN B 703 -36.89 -13.19 59.17
CA GLN B 703 -36.84 -14.65 59.20
C GLN B 703 -36.09 -15.17 60.41
N THR B 704 -35.22 -14.35 61.02
CA THR B 704 -34.63 -14.73 62.30
C THR B 704 -35.70 -14.87 63.38
N ASN B 705 -36.70 -13.99 63.34
CA ASN B 705 -37.82 -14.02 64.28
C ASN B 705 -39.12 -14.05 63.48
N PRO B 706 -39.43 -15.19 62.86
CA PRO B 706 -40.69 -15.27 62.09
C PRO B 706 -41.92 -15.03 62.93
N SER B 707 -41.88 -15.38 64.21
CA SER B 707 -43.01 -15.14 65.10
C SER B 707 -43.15 -13.68 65.49
N ALA B 708 -42.14 -12.85 65.19
CA ALA B 708 -42.22 -11.43 65.56
C ALA B 708 -43.39 -10.75 64.89
N MET B 709 -43.79 -11.21 63.69
CA MET B 709 -45.01 -10.80 63.03
C MET B 709 -44.93 -9.35 62.56
N GLU B 710 -43.84 -8.66 62.91
CA GLU B 710 -43.70 -7.24 62.60
C GLU B 710 -43.66 -7.03 61.10
N VAL B 711 -44.70 -6.38 60.57
CA VAL B 711 -44.85 -6.23 59.13
C VAL B 711 -45.25 -4.80 58.81
N GLU B 712 -45.55 -4.53 57.53
CA GLU B 712 -46.03 -3.23 57.07
C GLU B 712 -44.98 -2.13 57.26
N GLU B 713 -43.72 -2.47 57.01
CA GLU B 713 -42.67 -1.47 56.95
C GLU B 713 -42.62 -0.90 55.54
N ASP B 714 -42.88 0.40 55.41
CA ASP B 714 -43.04 1.02 54.10
C ASP B 714 -41.76 1.07 53.28
N ASP B 715 -40.72 1.77 53.76
CA ASP B 715 -39.46 1.86 53.02
C ASP B 715 -38.37 2.47 53.87
N PRO B 716 -37.12 2.01 53.76
CA PRO B 716 -36.03 2.61 54.53
C PRO B 716 -35.39 3.80 53.86
N VAL B 717 -35.36 3.82 52.53
CA VAL B 717 -34.69 4.88 51.78
C VAL B 717 -35.48 5.17 50.51
N PRO B 718 -36.36 6.17 50.50
CA PRO B 718 -37.06 6.58 49.27
C PRO B 718 -36.44 7.79 48.56
N GLU B 719 -35.22 8.19 48.90
CA GLU B 719 -34.80 9.56 48.70
C GLU B 719 -33.28 9.61 48.61
N ILE B 720 -32.76 10.43 47.70
CA ILE B 720 -31.31 10.51 47.51
C ILE B 720 -30.60 10.96 48.78
N ARG B 721 -31.29 11.74 49.63
CA ARG B 721 -30.89 11.80 51.03
C ARG B 721 -29.48 12.31 51.26
N ARG B 722 -29.27 13.63 51.22
CA ARG B 722 -27.97 14.24 51.45
C ARG B 722 -27.19 13.54 52.56
N ASP B 723 -25.86 13.52 52.41
CA ASP B 723 -24.88 12.55 52.94
C ASP B 723 -24.73 11.37 51.99
N HIS B 724 -25.36 11.45 50.82
CA HIS B 724 -24.93 10.67 49.67
C HIS B 724 -23.95 11.46 48.81
N PHE B 725 -24.34 12.67 48.41
CA PHE B 725 -23.44 13.53 47.65
C PHE B 725 -22.15 13.77 48.42
N GLU B 726 -22.25 13.92 49.74
CA GLU B 726 -21.06 14.11 50.57
C GLU B 726 -20.11 12.93 50.49
N GLU B 727 -20.54 11.81 49.90
CA GLU B 727 -19.66 10.67 49.66
C GLU B 727 -19.32 10.50 48.18
N ALA B 728 -20.28 10.75 47.29
CA ALA B 728 -20.00 10.67 45.86
C ALA B 728 -19.00 11.72 45.41
N MET B 729 -18.84 12.81 46.16
CA MET B 729 -17.81 13.79 45.86
C MET B 729 -16.40 13.25 46.06
N ARG B 730 -16.25 12.11 46.73
CA ARG B 730 -14.93 11.55 46.95
C ARG B 730 -14.37 10.85 45.71
N PHE B 731 -15.22 10.49 44.76
CA PHE B 731 -14.78 9.87 43.51
C PHE B 731 -15.03 10.80 42.31
N ALA B 732 -14.93 12.11 42.51
CA ALA B 732 -15.26 13.07 41.48
C ALA B 732 -13.97 13.64 40.90
N ARG B 733 -13.63 13.21 39.70
CA ARG B 733 -12.40 13.64 39.03
C ARG B 733 -12.66 14.87 38.17
N ARG B 734 -11.58 15.40 37.63
CA ARG B 734 -11.63 16.53 36.70
CA ARG B 734 -11.64 16.52 36.70
C ARG B 734 -11.20 16.03 35.32
N SER B 735 -12.05 16.25 34.32
CA SER B 735 -11.74 15.76 32.98
C SER B 735 -10.58 16.52 32.37
N VAL B 736 -10.70 17.84 32.27
CA VAL B 736 -9.74 18.67 31.56
C VAL B 736 -8.92 19.45 32.59
N SER B 737 -7.62 19.21 32.58
CA SER B 737 -6.72 19.94 33.45
C SER B 737 -6.54 21.36 32.94
N ASP B 738 -5.89 22.19 33.75
CA ASP B 738 -5.76 23.61 33.42
C ASP B 738 -4.96 23.81 32.14
N ASN B 739 -3.89 23.04 31.96
CA ASN B 739 -3.14 23.08 30.71
C ASN B 739 -3.98 22.69 29.51
N ASP B 740 -5.06 21.93 29.72
CA ASP B 740 -6.00 21.62 28.65
C ASP B 740 -7.02 22.71 28.43
N ILE B 741 -6.96 23.79 29.21
CA ILE B 741 -7.80 24.96 29.02
C ILE B 741 -7.01 26.10 28.41
N ARG B 742 -5.79 26.32 28.89
CA ARG B 742 -4.97 27.39 28.32
C ARG B 742 -4.37 26.93 27.00
N LYS B 743 -4.91 25.84 26.46
CA LYS B 743 -4.64 25.42 25.10
C LYS B 743 -5.67 25.92 24.11
N TYR B 744 -6.96 25.97 24.50
CA TYR B 744 -8.01 26.58 23.70
C TYR B 744 -8.09 28.08 23.93
N GLU B 745 -7.86 28.53 25.15
CA GLU B 745 -7.88 29.96 25.42
C GLU B 745 -6.72 30.66 24.73
N MET B 746 -5.71 29.91 24.31
CA MET B 746 -4.58 30.43 23.56
C MET B 746 -4.74 30.18 22.06
N PHE B 747 -5.82 29.53 21.65
CA PHE B 747 -6.22 29.45 20.25
C PHE B 747 -7.25 30.52 19.90
N ALA B 748 -8.13 30.84 20.85
CA ALA B 748 -9.05 31.95 20.64
C ALA B 748 -8.29 33.24 20.39
N GLN B 749 -7.26 33.52 21.18
CA GLN B 749 -6.42 34.69 20.98
C GLN B 749 -5.48 34.55 19.81
N THR B 750 -5.60 33.46 19.04
CA THR B 750 -5.01 33.37 17.71
C THR B 750 -6.02 33.68 16.62
N LEU B 751 -7.24 33.18 16.74
CA LEU B 751 -8.31 33.69 15.87
C LEU B 751 -8.57 35.17 16.13
N GLN B 752 -8.61 35.55 17.40
CA GLN B 752 -8.63 36.95 17.77
C GLN B 752 -7.24 37.53 17.54
N GLN B 753 -7.04 38.80 17.92
CA GLN B 753 -5.75 39.47 17.82
C GLN B 753 -5.31 39.64 16.37
N SER B 754 -6.14 39.21 15.42
CA SER B 754 -5.99 39.57 14.01
C SER B 754 -7.14 40.46 13.58
N ARG B 755 -7.73 41.17 14.54
CA ARG B 755 -8.93 41.97 14.34
C ARG B 755 -8.69 43.29 15.05
N GLY B 756 -9.75 44.06 15.28
CA GLY B 756 -9.63 45.23 16.11
C GLY B 756 -9.38 46.52 15.36
N PHE B 757 -10.22 46.80 14.38
CA PHE B 757 -10.23 48.09 13.72
C PHE B 757 -11.32 49.00 14.27
N GLY B 758 -11.92 48.63 15.41
CA GLY B 758 -12.97 49.40 16.04
C GLY B 758 -12.63 50.86 16.26
N SER B 759 -11.35 51.22 16.12
CA SER B 759 -10.96 52.62 16.08
C SER B 759 -11.55 53.32 14.86
N PHE B 760 -12.01 52.56 13.87
CA PHE B 760 -12.52 53.15 12.63
C PHE B 760 -13.69 54.09 12.92
N ARG B 761 -13.62 55.28 12.33
CA ARG B 761 -14.63 56.32 12.55
C ARG B 761 -14.83 57.07 11.25
N PHE B 762 -16.07 57.30 10.88
CA PHE B 762 -16.36 58.04 9.65
C PHE B 762 -16.16 59.52 9.89
N PRO B 763 -15.30 60.20 9.13
CA PRO B 763 -15.02 61.62 9.41
C PRO B 763 -16.24 62.50 9.18
N SER B 764 -16.18 63.68 9.79
CA SER B 764 -17.26 64.66 9.75
C SER B 764 -18.55 64.07 10.31
N LEU C 1 20.40 -45.43 -27.23
CA LEU C 1 19.35 -46.26 -26.64
C LEU C 1 17.98 -45.61 -26.80
N SER C 2 17.98 -44.33 -27.20
CA SER C 2 16.73 -43.58 -27.34
C SER C 2 16.20 -43.61 -28.77
N THR C 3 17.05 -43.32 -29.75
CA THR C 3 16.66 -43.26 -31.15
C THR C 3 17.26 -44.40 -31.97
N ALA C 4 17.38 -45.58 -31.37
CA ALA C 4 17.82 -46.77 -32.08
C ALA C 4 16.68 -47.46 -32.83
N ILE C 5 15.51 -46.80 -32.94
CA ILE C 5 14.30 -47.47 -33.41
C ILE C 5 14.14 -47.43 -34.93
N LEU C 6 14.86 -46.56 -35.63
CA LEU C 6 14.70 -46.42 -37.08
C LEU C 6 15.66 -47.32 -37.85
N LYS C 7 16.02 -48.47 -37.30
CA LYS C 7 16.86 -49.43 -38.01
C LYS C 7 16.15 -49.95 -39.25
N GLN C 8 16.92 -50.24 -40.29
CA GLN C 8 16.33 -50.57 -41.58
C GLN C 8 16.01 -52.05 -41.72
N LYS C 9 16.78 -52.93 -41.08
CA LYS C 9 16.56 -54.39 -41.11
C LYS C 9 16.50 -54.89 -42.56
N ASN C 10 17.66 -54.81 -43.22
CA ASN C 10 17.75 -55.15 -44.64
C ASN C 10 17.45 -56.63 -44.87
N ARG C 11 16.98 -56.93 -46.08
CA ARG C 11 16.77 -58.26 -46.60
C ARG C 11 17.58 -58.44 -47.88
N PRO C 12 17.91 -59.67 -48.26
CA PRO C 12 18.76 -59.87 -49.45
C PRO C 12 18.16 -59.31 -50.73
N ASN C 13 16.84 -59.34 -50.90
CA ASN C 13 16.21 -58.95 -52.15
C ASN C 13 15.94 -57.44 -52.24
N ARG C 14 16.66 -56.63 -51.48
CA ARG C 14 16.50 -55.18 -51.52
C ARG C 14 17.37 -54.60 -52.61
N LEU C 15 16.75 -54.05 -53.64
CA LEU C 15 17.45 -53.44 -54.77
C LEU C 15 16.93 -52.03 -54.99
N ILE C 16 17.84 -51.10 -55.25
CA ILE C 16 17.50 -49.71 -55.48
C ILE C 16 17.01 -49.57 -56.92
N VAL C 17 15.79 -49.04 -57.09
CA VAL C 17 15.25 -48.89 -58.44
C VAL C 17 16.11 -47.92 -59.25
N ASP C 18 16.05 -48.06 -60.56
CA ASP C 18 16.82 -47.22 -61.47
C ASP C 18 16.05 -47.04 -62.77
N GLU C 19 16.68 -46.37 -63.73
CA GLU C 19 16.05 -46.07 -65.01
C GLU C 19 16.32 -47.20 -66.00
N ALA C 20 15.31 -47.49 -66.83
CA ALA C 20 15.43 -48.45 -67.92
C ALA C 20 15.28 -47.72 -69.24
N ILE C 21 16.18 -48.03 -70.19
CA ILE C 21 16.20 -47.35 -71.48
C ILE C 21 15.12 -47.83 -72.43
N ASN C 22 14.31 -48.81 -72.04
CA ASN C 22 13.28 -49.37 -72.88
C ASN C 22 11.90 -49.02 -72.32
N GLU C 23 10.94 -48.78 -73.22
CA GLU C 23 9.57 -48.54 -72.81
C GLU C 23 8.92 -49.78 -72.21
N ASP C 24 9.55 -50.95 -72.35
CA ASP C 24 9.00 -52.17 -71.77
C ASP C 24 8.86 -52.03 -70.27
N ASN C 25 7.66 -52.33 -69.77
CA ASN C 25 7.38 -52.27 -68.33
C ASN C 25 7.86 -53.51 -67.60
N SER C 26 8.13 -54.60 -68.31
CA SER C 26 8.40 -55.90 -67.72
C SER C 26 9.89 -56.23 -67.78
N VAL C 27 10.73 -55.22 -67.62
CA VAL C 27 12.17 -55.40 -67.57
C VAL C 27 12.58 -55.48 -66.10
N VAL C 28 13.39 -56.48 -65.77
CA VAL C 28 13.94 -56.64 -64.43
C VAL C 28 15.46 -56.73 -64.55
N SER C 29 16.16 -55.93 -63.76
CA SER C 29 17.61 -55.93 -63.71
C SER C 29 18.03 -56.41 -62.33
N LEU C 30 18.75 -57.53 -62.30
CA LEU C 30 19.02 -58.24 -61.07
C LEU C 30 20.51 -58.52 -60.96
N SER C 31 20.98 -58.72 -59.73
CA SER C 31 22.28 -59.32 -59.55
C SER C 31 22.20 -60.79 -59.93
N GLN C 32 23.28 -61.31 -60.50
CA GLN C 32 23.30 -62.71 -60.92
C GLN C 32 22.91 -63.68 -59.80
N PRO C 33 23.41 -63.55 -58.57
CA PRO C 33 22.88 -64.42 -57.50
C PRO C 33 21.40 -64.22 -57.24
N LYS C 34 20.86 -63.02 -57.48
CA LYS C 34 19.48 -62.73 -57.12
C LYS C 34 18.50 -63.58 -57.91
N MET C 35 18.79 -63.86 -59.18
CA MET C 35 17.96 -64.80 -59.94
C MET C 35 17.95 -66.17 -59.29
N ASP C 36 19.12 -66.65 -58.89
CA ASP C 36 19.25 -68.00 -58.35
C ASP C 36 19.21 -68.04 -56.83
N GLU C 37 19.04 -66.90 -56.16
CA GLU C 37 18.88 -66.91 -54.71
C GLU C 37 17.45 -67.28 -54.32
N LEU C 38 16.49 -66.48 -54.76
CA LEU C 38 15.08 -66.80 -54.58
C LEU C 38 14.55 -67.77 -55.63
N GLN C 39 15.46 -68.42 -56.36
CA GLN C 39 15.08 -69.41 -57.37
C GLN C 39 14.13 -68.81 -58.41
N LEU C 40 14.51 -67.65 -58.95
CA LEU C 40 13.62 -66.92 -59.83
C LEU C 40 13.44 -67.64 -61.16
N PHE C 41 12.37 -68.42 -61.27
CA PHE C 41 12.13 -69.19 -62.47
C PHE C 41 11.83 -68.28 -63.65
N ARG C 42 12.39 -68.61 -64.81
CA ARG C 42 12.27 -67.76 -65.98
C ARG C 42 10.83 -67.71 -66.46
N GLY C 43 10.35 -66.49 -66.72
CA GLY C 43 9.03 -66.29 -67.29
C GLY C 43 7.90 -66.10 -66.29
N ASP C 44 8.14 -66.35 -65.01
CA ASP C 44 7.09 -66.20 -64.01
C ASP C 44 6.94 -64.74 -63.60
N THR C 45 6.04 -64.49 -62.65
CA THR C 45 5.77 -63.15 -62.17
C THR C 45 6.20 -63.03 -60.71
N VAL C 46 7.04 -62.04 -60.42
CA VAL C 46 7.53 -61.80 -59.07
C VAL C 46 6.84 -60.56 -58.51
N LEU C 47 6.53 -60.61 -57.21
CA LEU C 47 5.80 -59.54 -56.55
C LEU C 47 6.78 -58.48 -56.07
N LEU C 48 6.54 -57.23 -56.49
CA LEU C 48 7.33 -56.08 -56.06
C LEU C 48 6.50 -55.30 -55.06
N LYS C 49 7.06 -55.07 -53.87
CA LYS C 49 6.34 -54.55 -52.72
C LYS C 49 6.96 -53.21 -52.31
N GLY C 50 6.25 -52.13 -52.58
CA GLY C 50 6.70 -50.79 -52.25
C GLY C 50 6.22 -50.35 -50.87
N LYS C 51 6.03 -49.05 -50.71
CA LYS C 51 5.50 -48.48 -49.49
C LYS C 51 4.08 -47.98 -49.72
N LYS C 52 3.31 -47.90 -48.62
CA LYS C 52 1.86 -47.70 -48.67
C LYS C 52 1.19 -48.81 -49.46
N ARG C 53 1.87 -49.96 -49.58
CA ARG C 53 1.48 -51.08 -50.44
C ARG C 53 1.28 -50.64 -51.89
N ARG C 54 1.80 -49.47 -52.25
CA ARG C 54 1.81 -49.05 -53.65
C ARG C 54 2.75 -49.96 -54.42
N GLU C 55 2.20 -50.79 -55.31
CA GLU C 55 2.96 -51.88 -55.89
C GLU C 55 2.63 -52.03 -57.37
N ALA C 56 3.57 -52.62 -58.09
CA ALA C 56 3.39 -53.03 -59.48
C ALA C 56 4.50 -54.03 -59.77
N VAL C 57 4.20 -55.05 -60.55
CA VAL C 57 5.06 -56.21 -60.67
C VAL C 57 5.62 -56.32 -62.08
N CYS C 58 6.49 -57.32 -62.27
CA CYS C 58 7.18 -57.53 -63.54
C CYS C 58 7.45 -59.01 -63.72
N ILE C 59 7.74 -59.39 -64.96
CA ILE C 59 8.18 -60.75 -65.26
C ILE C 59 9.68 -60.83 -64.99
N VAL C 60 10.12 -61.95 -64.43
CA VAL C 60 11.52 -62.15 -64.11
C VAL C 60 12.20 -62.93 -65.23
N LEU C 61 13.32 -62.41 -65.72
CA LEU C 61 14.06 -63.00 -66.83
C LEU C 61 15.54 -62.85 -66.56
N SER C 62 16.35 -63.30 -67.52
CA SER C 62 17.81 -63.24 -67.39
C SER C 62 18.32 -61.96 -68.04
N ASP C 63 18.14 -60.86 -67.31
CA ASP C 63 18.65 -59.54 -67.71
C ASP C 63 19.34 -58.94 -66.50
N ASP C 64 20.63 -59.21 -66.35
CA ASP C 64 21.41 -58.78 -65.20
C ASP C 64 22.41 -57.68 -65.53
N THR C 65 22.19 -56.94 -66.63
CA THR C 65 23.17 -55.97 -67.11
C THR C 65 23.40 -54.81 -66.16
N CYS C 66 22.52 -54.59 -65.17
CA CYS C 66 22.68 -53.48 -64.26
C CYS C 66 23.58 -53.90 -63.09
N SER C 67 23.63 -53.07 -62.06
CA SER C 67 24.49 -53.33 -60.91
C SER C 67 23.90 -54.42 -60.03
N ASP C 68 24.56 -54.68 -58.89
CA ASP C 68 24.14 -55.77 -58.03
C ASP C 68 22.90 -55.42 -57.23
N GLU C 69 22.78 -54.17 -56.77
CA GLU C 69 21.65 -53.76 -55.95
C GLU C 69 20.77 -52.72 -56.62
N LYS C 70 20.72 -52.74 -57.95
CA LYS C 70 19.79 -51.90 -58.69
C LYS C 70 18.94 -52.72 -59.65
N ILE C 71 17.77 -52.18 -59.97
CA ILE C 71 16.82 -52.79 -60.89
C ILE C 71 16.29 -51.71 -61.83
N ARG C 72 16.11 -52.07 -63.10
CA ARG C 72 15.69 -51.14 -64.13
C ARG C 72 14.23 -51.38 -64.47
N MET C 73 13.43 -50.31 -64.46
CA MET C 73 12.06 -50.33 -64.96
C MET C 73 11.77 -48.99 -65.61
N ASN C 74 10.58 -48.90 -66.20
CA ASN C 74 10.12 -47.64 -66.76
C ASN C 74 9.12 -46.98 -65.80
N ARG C 75 8.48 -45.90 -66.26
CA ARG C 75 7.64 -45.10 -65.37
C ARG C 75 6.37 -45.84 -64.95
N VAL C 76 6.02 -46.91 -65.65
CA VAL C 76 4.80 -47.64 -65.30
C VAL C 76 4.94 -48.31 -63.94
N VAL C 77 5.90 -49.22 -63.82
CA VAL C 77 6.02 -50.01 -62.60
C VAL C 77 6.57 -49.17 -61.45
N ARG C 78 7.64 -48.41 -61.69
CA ARG C 78 8.32 -47.70 -60.62
C ARG C 78 7.41 -46.67 -59.96
N ASN C 79 6.76 -45.84 -60.77
CA ASN C 79 5.89 -44.81 -60.19
C ASN C 79 4.70 -45.42 -59.48
N ASN C 80 4.15 -46.50 -60.01
CA ASN C 80 3.09 -47.21 -59.30
C ASN C 80 3.58 -47.78 -57.98
N LEU C 81 4.88 -48.06 -57.87
CA LEU C 81 5.46 -48.44 -56.58
C LEU C 81 5.52 -47.25 -55.63
N ARG C 82 5.44 -46.02 -56.17
CA ARG C 82 5.42 -44.79 -55.37
C ARG C 82 6.63 -44.69 -54.43
N VAL C 83 7.78 -45.12 -54.93
CA VAL C 83 9.05 -44.94 -54.24
C VAL C 83 10.08 -44.45 -55.27
N ARG C 84 10.88 -43.47 -54.86
CA ARG C 84 11.85 -42.87 -55.76
C ARG C 84 13.10 -43.75 -55.86
N LEU C 85 14.14 -43.20 -56.49
CA LEU C 85 15.42 -43.89 -56.58
C LEU C 85 16.20 -43.65 -55.30
N GLY C 86 16.64 -44.73 -54.67
CA GLY C 86 17.23 -44.64 -53.34
C GLY C 86 16.38 -45.35 -52.32
N ASP C 87 15.31 -45.99 -52.78
CA ASP C 87 14.42 -46.79 -51.95
C ASP C 87 14.37 -48.20 -52.53
N VAL C 88 14.63 -49.19 -51.68
CA VAL C 88 14.71 -50.58 -52.11
C VAL C 88 13.33 -51.22 -52.01
N ILE C 89 13.11 -52.24 -52.83
CA ILE C 89 11.89 -53.04 -52.81
C ILE C 89 12.28 -54.51 -52.86
N SER C 90 11.73 -55.30 -51.93
CA SER C 90 11.99 -56.73 -51.92
C SER C 90 11.32 -57.39 -53.10
N ILE C 91 12.11 -57.68 -54.13
CA ILE C 91 11.63 -58.44 -55.28
C ILE C 91 11.52 -59.90 -54.86
N GLN C 92 10.28 -60.40 -54.79
CA GLN C 92 10.07 -61.74 -54.28
C GLN C 92 8.86 -62.38 -54.95
N PRO C 93 9.02 -63.59 -55.49
CA PRO C 93 7.89 -64.26 -56.16
C PRO C 93 6.86 -64.75 -55.15
N CYS C 94 5.71 -64.08 -55.12
CA CYS C 94 4.56 -64.56 -54.38
C CYS C 94 3.81 -65.54 -55.27
N PRO C 95 3.37 -66.70 -54.76
CA PRO C 95 2.84 -67.75 -55.66
C PRO C 95 1.57 -67.36 -56.40
N ASP C 96 1.11 -66.12 -56.24
CA ASP C 96 -0.02 -65.61 -57.01
C ASP C 96 0.42 -65.17 -58.40
N VAL C 97 0.92 -66.13 -59.16
CA VAL C 97 1.27 -65.95 -60.57
C VAL C 97 0.01 -66.25 -61.36
N LYS C 98 -0.82 -65.23 -61.57
CA LYS C 98 -2.15 -65.43 -62.12
C LYS C 98 -2.52 -64.29 -63.06
N TYR C 99 -3.54 -64.54 -63.89
CA TYR C 99 -4.09 -63.52 -64.76
C TYR C 99 -5.33 -62.90 -64.13
N GLY C 100 -5.56 -61.62 -64.42
CA GLY C 100 -6.79 -60.98 -63.98
C GLY C 100 -8.00 -61.54 -64.72
N LYS C 101 -9.16 -61.43 -64.06
CA LYS C 101 -10.39 -61.95 -64.64
C LYS C 101 -11.09 -60.92 -65.51
N ARG C 102 -11.45 -59.77 -64.93
CA ARG C 102 -12.08 -58.69 -65.66
C ARG C 102 -11.71 -57.38 -64.98
N ILE C 103 -11.12 -56.45 -65.74
CA ILE C 103 -10.66 -55.18 -65.20
C ILE C 103 -11.46 -54.06 -65.84
N HIS C 104 -11.57 -52.95 -65.11
CA HIS C 104 -12.19 -51.72 -65.60
C HIS C 104 -11.15 -50.62 -65.54
N VAL C 105 -10.90 -49.96 -66.67
CA VAL C 105 -9.88 -48.92 -66.74
C VAL C 105 -10.56 -47.55 -66.74
N LEU C 106 -9.90 -46.60 -66.09
CA LEU C 106 -10.39 -45.22 -66.05
C LEU C 106 -9.40 -44.31 -66.76
N PRO C 107 -9.65 -43.93 -68.01
CA PRO C 107 -8.71 -43.08 -68.73
C PRO C 107 -8.66 -41.66 -68.17
N ILE C 108 -7.50 -41.03 -68.33
CA ILE C 108 -7.30 -39.63 -67.98
C ILE C 108 -7.24 -38.82 -69.27
N ASP C 109 -8.02 -37.73 -69.33
CA ASP C 109 -8.30 -37.08 -70.60
C ASP C 109 -7.03 -36.57 -71.29
N ASP C 110 -6.21 -35.80 -70.57
CA ASP C 110 -5.05 -35.19 -71.21
C ASP C 110 -4.01 -36.23 -71.60
N THR C 111 -3.87 -37.29 -70.81
CA THR C 111 -2.94 -38.35 -71.18
C THR C 111 -3.46 -39.17 -72.35
N VAL C 112 -4.75 -39.50 -72.33
CA VAL C 112 -5.31 -40.35 -73.38
C VAL C 112 -5.42 -39.58 -74.70
N GLU C 113 -5.85 -38.33 -74.64
CA GLU C 113 -6.12 -37.56 -75.86
C GLU C 113 -4.84 -37.42 -76.70
N GLY C 114 -5.03 -36.98 -77.94
CA GLY C 114 -4.01 -37.13 -78.95
C GLY C 114 -4.34 -38.33 -79.81
N ILE C 115 -3.71 -39.47 -79.52
CA ILE C 115 -4.10 -40.74 -80.11
C ILE C 115 -5.12 -41.38 -79.17
N THR C 116 -6.35 -41.56 -79.66
CA THR C 116 -7.43 -42.10 -78.86
C THR C 116 -7.86 -43.49 -79.33
N GLY C 117 -8.24 -43.62 -80.60
CA GLY C 117 -8.64 -44.91 -81.13
C GLY C 117 -9.77 -45.53 -80.34
N ASN C 118 -9.66 -46.84 -80.12
CA ASN C 118 -10.58 -47.58 -79.27
C ASN C 118 -9.77 -48.26 -78.17
N LEU C 119 -10.33 -48.25 -76.95
CA LEU C 119 -9.59 -48.73 -75.79
C LEU C 119 -9.15 -50.18 -75.95
N PHE C 120 -10.10 -51.07 -76.28
CA PHE C 120 -9.75 -52.47 -76.43
C PHE C 120 -8.84 -52.69 -77.63
N GLU C 121 -9.14 -52.03 -78.76
CA GLU C 121 -8.38 -52.27 -79.98
C GLU C 121 -6.95 -51.75 -79.86
N VAL C 122 -6.75 -50.58 -79.27
CA VAL C 122 -5.47 -49.90 -79.29
C VAL C 122 -4.70 -50.10 -77.99
N TYR C 123 -5.37 -50.02 -76.84
CA TYR C 123 -4.69 -49.98 -75.56
C TYR C 123 -4.90 -51.22 -74.71
N LEU C 124 -5.92 -52.02 -74.97
CA LEU C 124 -6.23 -53.15 -74.09
C LEU C 124 -5.92 -54.51 -74.69
N LYS C 125 -6.16 -54.71 -75.99
CA LYS C 125 -5.77 -55.99 -76.57
C LYS C 125 -4.26 -56.09 -76.75
N PRO C 126 -3.62 -55.23 -77.59
CA PRO C 126 -2.21 -55.50 -77.95
C PRO C 126 -1.23 -55.16 -76.84
N TYR C 127 -1.54 -54.12 -76.06
CA TYR C 127 -0.71 -53.78 -74.90
C TYR C 127 -0.79 -54.83 -73.80
N PHE C 128 -1.73 -55.76 -73.89
CA PHE C 128 -1.86 -56.84 -72.93
C PHE C 128 -1.92 -58.21 -73.61
N LEU C 129 -1.68 -58.28 -74.91
CA LEU C 129 -1.76 -59.52 -75.68
C LEU C 129 -0.57 -60.42 -75.40
N GLU C 130 -0.64 -61.22 -74.34
CA GLU C 130 0.38 -62.22 -74.02
C GLU C 130 1.77 -61.60 -73.88
N ALA C 131 1.82 -60.31 -73.56
CA ALA C 131 3.07 -59.57 -73.47
C ALA C 131 3.70 -59.63 -72.09
N TYR C 132 3.06 -60.31 -71.14
CA TYR C 132 3.58 -60.45 -69.77
C TYR C 132 3.84 -59.09 -69.14
N ARG C 133 2.95 -58.13 -69.40
CA ARG C 133 3.05 -56.81 -68.80
C ARG C 133 2.04 -56.72 -67.65
N PRO C 134 2.45 -56.96 -66.41
CA PRO C 134 1.50 -57.13 -65.32
C PRO C 134 1.18 -55.83 -64.59
N ILE C 135 -0.01 -55.81 -63.99
CA ILE C 135 -0.46 -54.68 -63.18
C ILE C 135 -1.13 -55.22 -61.91
N ARG C 136 -1.26 -54.33 -60.93
CA ARG C 136 -1.79 -54.65 -59.61
C ARG C 136 -3.22 -54.16 -59.48
N LYS C 137 -4.04 -54.91 -58.72
CA LYS C 137 -5.42 -54.52 -58.48
C LYS C 137 -5.48 -53.20 -57.73
N GLY C 138 -6.33 -52.30 -58.20
CA GLY C 138 -6.58 -51.05 -57.50
C GLY C 138 -5.49 -50.02 -57.61
N ASP C 139 -4.96 -49.80 -58.81
CA ASP C 139 -3.91 -48.83 -59.04
C ASP C 139 -4.32 -47.81 -60.09
N ILE C 140 -3.44 -46.83 -60.29
CA ILE C 140 -3.57 -45.81 -61.33
C ILE C 140 -2.25 -45.83 -62.08
N PHE C 141 -2.19 -46.59 -63.17
CA PHE C 141 -0.94 -46.94 -63.82
C PHE C 141 -0.77 -46.17 -65.13
N LEU C 142 0.30 -46.51 -65.85
CA LEU C 142 0.66 -45.86 -67.10
C LEU C 142 0.59 -46.87 -68.24
N VAL C 143 0.00 -46.45 -69.36
CA VAL C 143 -0.12 -47.28 -70.56
C VAL C 143 0.73 -46.64 -71.65
N ARG C 144 1.81 -47.32 -72.04
CA ARG C 144 2.58 -46.91 -73.21
C ARG C 144 2.12 -47.63 -74.47
N GLY C 145 0.82 -47.57 -74.73
CA GLY C 145 0.23 -48.12 -75.93
C GLY C 145 0.11 -47.14 -77.07
N GLY C 146 0.54 -45.90 -76.88
CA GLY C 146 0.45 -44.89 -77.92
C GLY C 146 1.72 -44.09 -78.09
N MET C 147 1.58 -42.83 -78.51
CA MET C 147 2.74 -41.99 -78.77
C MET C 147 3.42 -41.50 -77.49
N ARG C 148 2.67 -41.33 -76.41
CA ARG C 148 3.21 -40.75 -75.19
C ARG C 148 2.46 -41.35 -74.00
N ALA C 149 2.56 -40.69 -72.85
CA ALA C 149 2.00 -41.23 -71.62
C ALA C 149 0.48 -41.28 -71.69
N VAL C 150 -0.08 -42.46 -71.42
CA VAL C 150 -1.52 -42.69 -71.31
C VAL C 150 -1.75 -43.44 -70.02
N GLU C 151 -2.63 -42.92 -69.16
CA GLU C 151 -2.85 -43.48 -67.84
C GLU C 151 -4.26 -44.02 -67.69
N PHE C 152 -4.39 -45.14 -66.99
CA PHE C 152 -5.68 -45.73 -66.65
C PHE C 152 -5.79 -45.93 -65.14
N LYS C 153 -6.83 -46.64 -64.71
CA LYS C 153 -6.99 -47.08 -63.33
C LYS C 153 -7.34 -48.56 -63.31
N VAL C 154 -6.77 -49.30 -62.37
CA VAL C 154 -7.17 -50.67 -62.10
C VAL C 154 -8.30 -50.65 -61.08
N VAL C 155 -9.40 -51.32 -61.38
CA VAL C 155 -10.57 -51.31 -60.50
C VAL C 155 -10.86 -52.72 -60.01
N GLU C 156 -11.16 -53.62 -60.95
CA GLU C 156 -11.56 -54.99 -60.63
C GLU C 156 -10.48 -55.95 -61.11
N THR C 157 -10.15 -56.94 -60.28
CA THR C 157 -9.10 -57.89 -60.62
C THR C 157 -9.22 -59.10 -59.70
N ASP C 158 -9.26 -60.30 -60.31
CA ASP C 158 -9.35 -61.52 -59.51
C ASP C 158 -8.13 -61.73 -58.62
N PRO C 159 -6.87 -61.68 -59.13
CA PRO C 159 -5.73 -61.70 -58.21
C PRO C 159 -5.50 -60.34 -57.58
N SER C 160 -5.88 -60.20 -56.31
CA SER C 160 -5.76 -58.90 -55.65
C SER C 160 -4.32 -58.41 -55.53
N PRO C 161 -3.34 -59.23 -55.10
CA PRO C 161 -1.96 -58.72 -55.01
C PRO C 161 -1.41 -58.23 -56.35
N TYR C 162 -1.38 -59.11 -57.35
CA TYR C 162 -0.79 -58.75 -58.64
C TYR C 162 -1.20 -59.79 -59.67
N CYS C 163 -1.20 -59.37 -60.93
CA CYS C 163 -1.66 -60.21 -62.03
C CYS C 163 -1.13 -59.67 -63.34
N ILE C 164 -1.21 -60.51 -64.38
CA ILE C 164 -1.05 -60.08 -65.76
C ILE C 164 -2.43 -60.00 -66.39
N VAL C 165 -2.77 -58.86 -66.96
CA VAL C 165 -4.04 -58.72 -67.68
C VAL C 165 -3.83 -59.22 -69.10
N ALA C 166 -4.66 -60.16 -69.51
CA ALA C 166 -4.59 -60.81 -70.81
C ALA C 166 -5.84 -60.50 -71.62
N PRO C 167 -5.88 -60.88 -72.90
CA PRO C 167 -7.15 -60.80 -73.64
C PRO C 167 -8.24 -61.67 -73.04
N ASP C 168 -7.87 -62.68 -72.25
CA ASP C 168 -8.87 -63.41 -71.48
C ASP C 168 -9.60 -62.50 -70.50
N THR C 169 -8.95 -61.41 -70.09
CA THR C 169 -9.54 -60.42 -69.19
C THR C 169 -10.43 -59.49 -70.01
N VAL C 170 -11.74 -59.62 -69.83
CA VAL C 170 -12.70 -58.80 -70.57
C VAL C 170 -12.77 -57.43 -69.91
N ILE C 171 -12.40 -56.39 -70.66
CA ILE C 171 -12.26 -55.04 -70.14
C ILE C 171 -13.38 -54.17 -70.70
N HIS C 172 -14.18 -53.60 -69.80
CA HIS C 172 -15.24 -52.70 -70.22
C HIS C 172 -14.64 -51.42 -70.79
N CYS C 173 -15.19 -50.96 -71.92
CA CYS C 173 -14.66 -49.81 -72.63
C CYS C 173 -15.47 -48.54 -72.38
N GLU C 174 -16.28 -48.52 -71.32
CA GLU C 174 -17.02 -47.33 -70.92
C GLU C 174 -16.29 -46.54 -69.85
N GLY C 175 -14.96 -46.58 -69.85
CA GLY C 175 -14.20 -45.83 -68.88
C GLY C 175 -14.40 -44.34 -69.01
N GLU C 176 -14.39 -43.65 -67.87
CA GLU C 176 -14.65 -42.22 -67.83
C GLU C 176 -13.33 -41.45 -67.73
N PRO C 177 -13.29 -40.26 -68.32
CA PRO C 177 -12.09 -39.43 -68.19
C PRO C 177 -11.81 -39.06 -66.73
N ILE C 178 -10.53 -39.11 -66.37
CA ILE C 178 -10.07 -38.74 -65.03
C ILE C 178 -9.11 -37.55 -65.19
N LYS C 179 -8.67 -37.01 -64.07
CA LYS C 179 -7.84 -35.82 -64.04
C LYS C 179 -6.46 -36.15 -63.48
N ARG C 180 -5.46 -35.38 -63.91
CA ARG C 180 -4.12 -35.52 -63.35
C ARG C 180 -4.13 -35.16 -61.87
N GLU C 181 -4.88 -34.14 -61.49
CA GLU C 181 -4.99 -33.75 -60.09
C GLU C 181 -5.84 -34.72 -59.27
N ASP C 182 -6.62 -35.59 -59.92
CA ASP C 182 -7.36 -36.61 -59.18
C ASP C 182 -6.41 -37.59 -58.50
N GLU C 183 -5.22 -37.79 -59.06
CA GLU C 183 -4.23 -38.66 -58.41
C GLU C 183 -3.76 -38.05 -57.09
N GLU C 184 -3.69 -36.72 -57.03
CA GLU C 184 -3.25 -36.06 -55.80
C GLU C 184 -4.22 -36.28 -54.65
N GLU C 185 -5.52 -36.42 -54.96
CA GLU C 185 -6.51 -36.64 -53.92
C GLU C 185 -6.23 -37.92 -53.15
N SER C 186 -6.05 -39.04 -53.86
CA SER C 186 -5.65 -40.27 -53.21
C SER C 186 -4.24 -40.17 -52.63
N LEU C 187 -3.34 -39.48 -53.33
CA LEU C 187 -1.97 -39.30 -52.86
C LEU C 187 -1.84 -38.27 -51.74
N ASN C 188 -2.97 -37.83 -51.15
CA ASN C 188 -2.89 -37.02 -49.94
C ASN C 188 -2.45 -37.89 -48.78
N GLU C 189 -2.33 -39.20 -49.02
CA GLU C 189 -1.68 -40.11 -48.10
C GLU C 189 -0.19 -39.77 -48.04
N VAL C 190 0.23 -39.15 -46.96
CA VAL C 190 1.60 -38.66 -46.84
C VAL C 190 2.54 -39.81 -46.54
N GLY C 191 3.71 -39.78 -47.15
CA GLY C 191 4.77 -40.71 -46.81
C GLY C 191 5.41 -40.34 -45.50
N TYR C 192 6.39 -41.15 -45.10
CA TYR C 192 7.08 -40.91 -43.84
C TYR C 192 8.17 -39.86 -43.97
N ASP C 193 8.62 -39.53 -45.17
CA ASP C 193 9.77 -38.67 -45.37
C ASP C 193 9.45 -37.19 -45.21
N ASP C 194 8.19 -36.82 -45.05
CA ASP C 194 7.75 -35.43 -45.18
C ASP C 194 7.52 -34.74 -43.84
N ILE C 195 8.37 -35.02 -42.86
CA ILE C 195 8.34 -34.32 -41.58
C ILE C 195 9.73 -33.80 -41.28
N GLY C 196 9.82 -32.52 -40.94
CA GLY C 196 11.09 -31.92 -40.60
C GLY C 196 11.10 -31.33 -39.21
N GLY C 197 12.29 -31.12 -38.65
CA GLY C 197 12.39 -30.61 -37.30
C GLY C 197 11.88 -31.56 -36.24
N CYS C 198 11.64 -32.81 -36.58
CA CYS C 198 11.13 -33.82 -35.65
C CYS C 198 11.94 -35.11 -35.77
N ARG C 199 13.26 -34.98 -35.83
CA ARG C 199 14.09 -36.17 -35.80
C ARG C 199 13.96 -36.89 -34.47
N LYS C 200 13.79 -36.14 -33.39
CA LYS C 200 13.67 -36.70 -32.04
C LYS C 200 12.24 -37.07 -31.69
N GLN C 201 11.32 -36.10 -31.79
CA GLN C 201 9.94 -36.33 -31.38
C GLN C 201 9.21 -37.32 -32.28
N LEU C 202 9.82 -37.78 -33.36
CA LEU C 202 9.23 -38.86 -34.13
C LEU C 202 9.82 -40.22 -33.75
N ALA C 203 10.84 -40.24 -32.90
CA ALA C 203 11.28 -41.51 -32.32
C ALA C 203 10.30 -41.97 -31.25
N GLN C 204 9.81 -41.04 -30.43
CA GLN C 204 8.88 -41.41 -29.37
C GLN C 204 7.58 -41.95 -29.95
N ILE C 205 7.09 -41.35 -31.03
CA ILE C 205 5.87 -41.87 -31.64
C ILE C 205 6.10 -43.26 -32.21
N LYS C 206 7.30 -43.52 -32.73
CA LYS C 206 7.60 -44.85 -33.26
C LYS C 206 7.70 -45.91 -32.17
N GLU C 207 7.88 -45.52 -30.91
CA GLU C 207 7.95 -46.53 -29.85
C GLU C 207 6.63 -46.66 -29.11
N MET C 208 5.95 -45.55 -28.83
CA MET C 208 4.61 -45.64 -28.26
C MET C 208 3.65 -46.28 -29.25
N VAL C 209 3.80 -45.96 -30.53
CA VAL C 209 2.97 -46.51 -31.59
C VAL C 209 3.92 -47.35 -32.45
N GLU C 210 3.38 -48.00 -33.49
CA GLU C 210 4.10 -48.77 -34.49
C GLU C 210 4.56 -50.12 -33.95
N LEU C 211 4.64 -50.25 -32.63
CA LEU C 211 4.84 -51.55 -32.02
C LEU C 211 3.51 -52.22 -31.70
N PRO C 212 2.56 -51.52 -31.07
CA PRO C 212 1.26 -52.13 -30.78
C PRO C 212 0.28 -52.14 -31.95
N LEU C 213 0.72 -51.81 -33.16
CA LEU C 213 -0.16 -51.93 -34.32
C LEU C 213 0.32 -52.98 -35.31
N ARG C 214 1.61 -52.99 -35.64
CA ARG C 214 2.11 -54.01 -36.56
C ARG C 214 2.10 -55.41 -35.95
N HIS C 215 1.99 -55.53 -34.63
CA HIS C 215 1.97 -56.83 -33.97
C HIS C 215 1.07 -56.75 -32.75
N PRO C 216 -0.24 -56.88 -32.94
CA PRO C 216 -1.13 -56.96 -31.78
C PRO C 216 -0.83 -58.14 -30.87
N ALA C 217 -0.42 -59.27 -31.44
CA ALA C 217 -0.19 -60.48 -30.65
C ALA C 217 0.95 -60.28 -29.66
N LEU C 218 2.03 -59.63 -30.09
CA LEU C 218 3.23 -59.54 -29.26
C LEU C 218 2.95 -58.82 -27.94
N PHE C 219 2.17 -57.75 -27.99
CA PHE C 219 1.90 -56.99 -26.79
C PHE C 219 0.64 -57.43 -26.08
N LYS C 220 -0.37 -57.91 -26.82
CA LYS C 220 -1.56 -58.45 -26.17
C LYS C 220 -1.24 -59.72 -25.40
N ALA C 221 -0.48 -60.64 -26.01
CA ALA C 221 -0.23 -61.93 -25.36
C ALA C 221 0.63 -61.78 -24.11
N ILE C 222 1.69 -60.97 -24.18
CA ILE C 222 2.55 -60.78 -23.02
C ILE C 222 1.80 -60.08 -21.90
N GLY C 223 0.70 -59.40 -22.23
CA GLY C 223 -0.10 -58.73 -21.24
C GLY C 223 0.32 -57.31 -20.90
N VAL C 224 1.33 -56.77 -21.57
CA VAL C 224 1.69 -55.37 -21.36
C VAL C 224 0.59 -54.48 -21.90
N LYS C 225 0.55 -53.24 -21.40
CA LYS C 225 -0.56 -52.35 -21.70
C LYS C 225 -0.14 -51.31 -22.73
N PRO C 226 -0.70 -51.33 -23.93
CA PRO C 226 -0.39 -50.30 -24.91
C PRO C 226 -1.06 -48.99 -24.54
N PRO C 227 -0.59 -47.87 -25.09
CA PRO C 227 -1.23 -46.59 -24.80
C PRO C 227 -2.61 -46.50 -25.42
N ARG C 228 -3.46 -45.70 -24.78
CA ARG C 228 -4.79 -45.42 -25.31
C ARG C 228 -5.03 -43.92 -25.43
N GLY C 229 -3.98 -43.12 -25.39
CA GLY C 229 -4.09 -41.70 -25.64
C GLY C 229 -2.75 -41.01 -25.67
N ILE C 230 -2.51 -40.23 -26.72
CA ILE C 230 -1.29 -39.43 -26.85
C ILE C 230 -1.73 -38.00 -27.07
N LEU C 231 -1.08 -37.07 -26.39
CA LEU C 231 -1.48 -35.67 -26.45
C LEU C 231 -0.30 -34.89 -26.99
N LEU C 232 -0.21 -34.81 -28.32
CA LEU C 232 0.79 -33.96 -28.95
C LEU C 232 0.45 -32.50 -28.68
N TYR C 233 1.47 -31.67 -28.47
CA TYR C 233 1.19 -30.25 -28.40
C TYR C 233 2.47 -29.45 -28.65
N GLY C 234 2.27 -28.25 -29.19
CA GLY C 234 3.35 -27.34 -29.50
C GLY C 234 2.75 -26.04 -29.98
N PRO C 235 3.59 -25.12 -30.47
CA PRO C 235 3.06 -23.89 -31.01
C PRO C 235 2.18 -24.17 -32.22
N PRO C 236 1.19 -23.33 -32.46
CA PRO C 236 0.27 -23.58 -33.59
C PRO C 236 1.01 -23.48 -34.91
N GLY C 237 0.79 -24.46 -35.78
CA GLY C 237 1.34 -24.43 -37.11
C GLY C 237 2.57 -25.29 -37.36
N THR C 238 2.99 -26.11 -36.40
CA THR C 238 4.12 -27.00 -36.60
C THR C 238 3.75 -28.27 -37.35
N GLY C 239 2.58 -28.30 -37.98
CA GLY C 239 2.16 -29.47 -38.73
C GLY C 239 2.02 -30.71 -37.89
N LYS C 240 1.16 -30.64 -36.87
CA LYS C 240 0.90 -31.81 -36.03
C LYS C 240 0.01 -32.83 -36.73
N THR C 241 -1.02 -32.38 -37.45
CA THR C 241 -1.88 -33.32 -38.16
C THR C 241 -1.12 -34.07 -39.25
N LEU C 242 -0.03 -33.48 -39.75
CA LEU C 242 0.81 -34.21 -40.69
C LEU C 242 1.48 -35.40 -40.03
N ILE C 243 1.90 -35.24 -38.78
CA ILE C 243 2.61 -36.31 -38.09
C ILE C 243 1.72 -37.53 -37.93
N ALA C 244 0.45 -37.31 -37.60
CA ALA C 244 -0.44 -38.44 -37.34
C ALA C 244 -0.70 -39.24 -38.62
N ARG C 245 -0.73 -38.57 -39.77
CA ARG C 245 -0.94 -39.31 -41.01
C ARG C 245 0.28 -40.15 -41.38
N ALA C 246 1.48 -39.60 -41.20
CA ALA C 246 2.68 -40.38 -41.46
C ALA C 246 2.73 -41.59 -40.55
N VAL C 247 2.50 -41.38 -39.26
CA VAL C 247 2.53 -42.50 -38.31
C VAL C 247 1.42 -43.49 -38.60
N ALA C 248 0.27 -43.03 -39.09
CA ALA C 248 -0.83 -43.94 -39.36
C ALA C 248 -0.65 -44.65 -40.70
N ASN C 249 -0.52 -43.89 -41.79
CA ASN C 249 -0.45 -44.50 -43.11
C ASN C 249 0.79 -45.35 -43.31
N GLU C 250 1.88 -45.06 -42.59
CA GLU C 250 3.10 -45.84 -42.78
C GLU C 250 3.04 -47.20 -42.10
N THR C 251 2.16 -47.37 -41.12
CA THR C 251 2.00 -48.67 -40.48
C THR C 251 0.75 -49.39 -40.94
N GLY C 252 0.15 -48.96 -42.04
CA GLY C 252 -1.05 -49.59 -42.56
C GLY C 252 -2.21 -49.54 -41.60
N ALA C 253 -2.49 -48.38 -41.04
CA ALA C 253 -3.56 -48.21 -40.07
C ALA C 253 -4.54 -47.15 -40.56
N PHE C 254 -5.83 -47.47 -40.50
CA PHE C 254 -6.86 -46.52 -40.89
C PHE C 254 -6.82 -45.29 -40.00
N PHE C 255 -6.82 -44.12 -40.61
CA PHE C 255 -6.66 -42.85 -39.90
C PHE C 255 -7.93 -42.04 -40.07
N PHE C 256 -8.66 -41.83 -38.99
CA PHE C 256 -9.93 -41.12 -39.02
C PHE C 256 -9.78 -39.80 -38.28
N LEU C 257 -9.97 -38.70 -39.00
CA LEU C 257 -9.75 -37.37 -38.46
C LEU C 257 -11.08 -36.80 -37.96
N ILE C 258 -11.12 -36.43 -36.69
CA ILE C 258 -12.23 -35.69 -36.12
C ILE C 258 -11.81 -34.23 -36.04
N ASN C 259 -12.49 -33.37 -36.77
CA ASN C 259 -12.13 -31.97 -36.78
C ASN C 259 -12.50 -31.30 -35.46
N GLY C 260 -11.83 -30.21 -35.15
CA GLY C 260 -12.04 -29.54 -33.90
C GLY C 260 -13.31 -28.73 -33.83
N PRO C 261 -13.38 -27.64 -34.59
CA PRO C 261 -14.60 -26.82 -34.56
C PRO C 261 -15.77 -27.47 -35.27
N GLU C 262 -15.53 -28.26 -36.31
CA GLU C 262 -16.62 -28.87 -37.06
C GLU C 262 -17.52 -29.72 -36.18
N ILE C 263 -17.05 -30.10 -34.98
CA ILE C 263 -17.91 -30.78 -34.03
C ILE C 263 -18.92 -29.81 -33.41
N MET C 264 -18.42 -28.71 -32.84
CA MET C 264 -19.32 -27.75 -32.20
C MET C 264 -20.05 -26.86 -33.18
N SER C 265 -19.71 -26.89 -34.46
CA SER C 265 -20.38 -26.04 -35.42
C SER C 265 -21.75 -26.56 -35.81
N LYS C 266 -22.28 -27.50 -35.05
CA LYS C 266 -23.53 -28.18 -35.40
C LYS C 266 -24.55 -28.01 -34.28
N LEU C 267 -25.76 -28.47 -34.56
CA LEU C 267 -26.89 -28.23 -33.66
C LEU C 267 -26.71 -28.95 -32.34
N ALA C 268 -27.29 -28.37 -31.30
CA ALA C 268 -27.28 -29.01 -29.98
C ALA C 268 -27.94 -30.38 -30.04
N GLY C 269 -27.29 -31.37 -29.45
CA GLY C 269 -27.75 -32.73 -29.55
C GLY C 269 -27.37 -33.45 -30.82
N GLU C 270 -26.73 -32.76 -31.76
CA GLU C 270 -26.21 -33.36 -32.97
C GLU C 270 -24.70 -33.48 -32.95
N SER C 271 -24.02 -32.60 -32.22
CA SER C 271 -22.57 -32.70 -32.05
C SER C 271 -22.21 -34.01 -31.35
N GLU C 272 -22.95 -34.36 -30.29
CA GLU C 272 -22.72 -35.63 -29.62
C GLU C 272 -22.81 -36.80 -30.57
N SER C 273 -23.78 -36.75 -31.49
CA SER C 273 -24.00 -37.90 -32.38
C SER C 273 -22.85 -38.07 -33.35
N ASN C 274 -22.00 -37.06 -33.49
CA ASN C 274 -20.86 -37.20 -34.40
C ASN C 274 -19.67 -37.83 -33.72
N LEU C 275 -19.45 -37.53 -32.44
CA LEU C 275 -18.40 -38.21 -31.70
C LEU C 275 -18.66 -39.71 -31.64
N ARG C 276 -19.90 -40.12 -31.34
CA ARG C 276 -20.20 -41.53 -31.24
C ARG C 276 -19.95 -42.25 -32.56
N LYS C 277 -20.46 -41.71 -33.66
CA LYS C 277 -20.29 -42.37 -34.96
C LYS C 277 -18.86 -42.30 -35.46
N ALA C 278 -17.93 -41.79 -34.66
CA ALA C 278 -16.51 -41.84 -34.98
C ALA C 278 -15.78 -42.90 -34.16
N PHE C 279 -15.92 -42.87 -32.84
CA PHE C 279 -15.39 -43.93 -32.00
C PHE C 279 -16.04 -45.28 -32.24
N GLU C 280 -17.21 -45.31 -32.88
CA GLU C 280 -17.92 -46.57 -33.08
C GLU C 280 -17.69 -47.20 -34.44
N GLU C 281 -17.04 -46.48 -35.37
CA GLU C 281 -16.61 -47.12 -36.61
C GLU C 281 -15.11 -47.30 -36.69
N ALA C 282 -14.34 -46.49 -35.97
CA ALA C 282 -12.91 -46.77 -35.83
C ALA C 282 -12.70 -48.10 -35.11
N GLU C 283 -13.49 -48.37 -34.07
CA GLU C 283 -13.49 -49.69 -33.46
C GLU C 283 -13.99 -50.76 -34.40
N LYS C 284 -14.68 -50.38 -35.48
CA LYS C 284 -15.25 -51.36 -36.38
C LYS C 284 -14.25 -51.81 -37.44
N ASN C 285 -13.61 -50.86 -38.11
CA ASN C 285 -12.78 -51.18 -39.27
C ASN C 285 -11.56 -52.03 -38.94
N ALA C 286 -10.61 -51.49 -38.19
CA ALA C 286 -9.27 -52.05 -38.16
C ALA C 286 -8.48 -51.46 -37.00
N PRO C 287 -7.22 -51.88 -36.76
CA PRO C 287 -6.36 -51.06 -35.91
C PRO C 287 -6.29 -49.65 -36.48
N ALA C 288 -6.87 -48.70 -35.76
CA ALA C 288 -7.15 -47.39 -36.31
C ALA C 288 -6.48 -46.31 -35.47
N ILE C 289 -6.63 -45.08 -35.93
CA ILE C 289 -6.22 -43.90 -35.17
C ILE C 289 -7.29 -42.84 -35.33
N ILE C 290 -7.72 -42.28 -34.21
CA ILE C 290 -8.52 -41.07 -34.20
C ILE C 290 -7.59 -39.92 -33.85
N PHE C 291 -7.69 -38.83 -34.57
CA PHE C 291 -6.88 -37.65 -34.30
C PHE C 291 -7.87 -36.53 -33.97
N ILE C 292 -8.14 -36.35 -32.67
CA ILE C 292 -9.11 -35.36 -32.27
C ILE C 292 -8.41 -34.01 -32.36
N ASP C 293 -8.49 -33.41 -33.53
CA ASP C 293 -7.73 -32.20 -33.80
C ASP C 293 -8.33 -31.02 -33.06
N GLU C 294 -7.48 -30.03 -32.77
CA GLU C 294 -7.89 -28.80 -32.11
C GLU C 294 -8.73 -29.10 -30.85
N LEU C 295 -8.13 -29.88 -29.95
CA LEU C 295 -8.86 -30.35 -28.78
C LEU C 295 -9.27 -29.22 -27.86
N ASP C 296 -8.44 -28.18 -27.74
CA ASP C 296 -8.78 -27.07 -26.84
C ASP C 296 -10.03 -26.33 -27.26
N ALA C 297 -10.67 -26.72 -28.36
CA ALA C 297 -11.90 -26.07 -28.80
C ALA C 297 -13.15 -26.82 -28.39
N ILE C 298 -13.07 -28.12 -28.11
CA ILE C 298 -14.19 -28.89 -27.63
C ILE C 298 -13.97 -29.40 -26.22
N ALA C 299 -12.94 -28.92 -25.54
CA ALA C 299 -12.75 -29.24 -24.13
C ALA C 299 -11.85 -28.21 -23.46
N PRO C 300 -12.29 -26.97 -23.33
CA PRO C 300 -11.47 -25.96 -22.65
C PRO C 300 -11.45 -26.20 -21.16
N LYS C 301 -10.76 -25.31 -20.44
CA LYS C 301 -10.88 -25.30 -18.99
C LYS C 301 -12.31 -25.00 -18.58
N ARG C 302 -12.59 -25.16 -17.29
CA ARG C 302 -13.94 -24.89 -16.81
C ARG C 302 -14.31 -23.43 -17.04
N GLU C 303 -13.38 -22.51 -16.81
CA GLU C 303 -13.69 -21.09 -16.87
C GLU C 303 -14.16 -20.66 -18.25
N LYS C 304 -13.47 -21.08 -19.31
CA LYS C 304 -13.91 -20.75 -20.66
C LYS C 304 -15.17 -21.49 -21.06
N THR C 305 -15.45 -22.63 -20.44
CA THR C 305 -16.71 -23.33 -20.69
C THR C 305 -17.84 -22.59 -19.99
N HIS C 306 -18.90 -22.29 -20.71
CA HIS C 306 -19.93 -21.43 -20.16
C HIS C 306 -21.29 -22.10 -20.00
N GLY C 307 -21.84 -22.68 -21.07
CA GLY C 307 -23.16 -23.27 -21.01
C GLY C 307 -23.15 -24.67 -20.43
N GLU C 308 -24.28 -25.35 -20.61
CA GLU C 308 -24.36 -26.76 -20.27
C GLU C 308 -24.24 -27.68 -21.47
N VAL C 309 -24.88 -27.33 -22.59
CA VAL C 309 -24.79 -28.12 -23.81
C VAL C 309 -23.35 -28.22 -24.30
N GLU C 310 -22.47 -27.35 -23.80
CA GLU C 310 -21.05 -27.44 -24.07
C GLU C 310 -20.30 -28.26 -23.02
N ARG C 311 -20.76 -28.29 -21.76
CA ARG C 311 -20.23 -29.29 -20.84
C ARG C 311 -20.94 -30.63 -20.97
N ARG C 312 -21.64 -30.86 -22.08
CA ARG C 312 -22.17 -32.18 -22.37
C ARG C 312 -21.41 -32.87 -23.48
N ILE C 313 -20.72 -32.12 -24.33
CA ILE C 313 -19.80 -32.72 -25.28
C ILE C 313 -18.56 -33.23 -24.57
N VAL C 314 -18.05 -32.47 -23.60
CA VAL C 314 -16.87 -32.89 -22.86
C VAL C 314 -17.13 -34.21 -22.16
N SER C 315 -18.19 -34.28 -21.36
CA SER C 315 -18.50 -35.52 -20.66
C SER C 315 -18.79 -36.65 -21.64
N GLN C 316 -19.38 -36.33 -22.80
CA GLN C 316 -19.61 -37.34 -23.80
C GLN C 316 -18.30 -37.87 -24.36
N LEU C 317 -17.27 -37.02 -24.39
CA LEU C 317 -15.96 -37.47 -24.84
C LEU C 317 -15.31 -38.40 -23.81
N LEU C 318 -15.43 -38.06 -22.53
CA LEU C 318 -14.79 -38.85 -21.49
C LEU C 318 -15.37 -40.26 -21.42
N THR C 319 -16.70 -40.39 -21.53
CA THR C 319 -17.31 -41.70 -21.44
C THR C 319 -17.00 -42.53 -22.69
N LEU C 320 -16.50 -41.91 -23.74
CA LEU C 320 -16.12 -42.66 -24.93
C LEU C 320 -14.68 -43.14 -24.82
N MET C 321 -13.80 -42.34 -24.22
CA MET C 321 -12.42 -42.76 -24.04
C MET C 321 -12.31 -43.94 -23.09
N ASP C 322 -13.13 -43.96 -22.05
CA ASP C 322 -13.17 -45.09 -21.13
C ASP C 322 -13.94 -46.28 -21.68
N GLY C 323 -14.58 -46.12 -22.83
CA GLY C 323 -15.13 -47.25 -23.54
C GLY C 323 -14.10 -48.02 -24.33
N LEU C 324 -12.85 -47.56 -24.32
CA LEU C 324 -11.76 -48.25 -24.99
C LEU C 324 -11.28 -49.40 -24.12
N LYS C 325 -11.30 -50.61 -24.67
CA LYS C 325 -10.82 -51.79 -23.99
C LYS C 325 -9.87 -52.55 -24.91
N GLN C 326 -9.17 -53.53 -24.33
CA GLN C 326 -8.01 -54.11 -25.00
C GLN C 326 -8.39 -54.81 -26.31
N ARG C 327 -9.65 -55.23 -26.45
CA ARG C 327 -10.09 -55.81 -27.72
C ARG C 327 -10.01 -54.79 -28.85
N ALA C 328 -10.38 -53.54 -28.57
CA ALA C 328 -10.64 -52.58 -29.64
C ALA C 328 -9.39 -52.31 -30.47
N HIS C 329 -8.24 -52.22 -29.81
CA HIS C 329 -6.96 -52.02 -30.48
C HIS C 329 -6.93 -50.67 -31.19
N VAL C 330 -7.74 -49.73 -30.69
CA VAL C 330 -7.84 -48.38 -31.21
C VAL C 330 -7.00 -47.47 -30.33
N ILE C 331 -6.42 -46.43 -30.93
CA ILE C 331 -5.50 -45.54 -30.25
C ILE C 331 -5.83 -44.10 -30.62
N VAL C 332 -6.24 -43.32 -29.64
CA VAL C 332 -6.63 -41.93 -29.83
C VAL C 332 -5.42 -41.05 -29.61
N MET C 333 -5.28 -39.99 -30.42
CA MET C 333 -4.29 -38.97 -30.15
C MET C 333 -4.87 -37.60 -30.47
N ALA C 334 -4.54 -36.63 -29.64
CA ALA C 334 -5.11 -35.29 -29.74
C ALA C 334 -4.01 -34.27 -29.98
N ALA C 335 -4.42 -33.01 -30.17
CA ALA C 335 -3.47 -31.96 -30.50
C ALA C 335 -3.96 -30.63 -29.93
N THR C 336 -3.47 -30.28 -28.75
CA THR C 336 -3.63 -28.94 -28.21
C THR C 336 -2.35 -28.16 -28.49
N ASN C 337 -2.25 -26.97 -27.92
CA ASN C 337 -1.04 -26.17 -28.07
C ASN C 337 -0.23 -26.03 -26.80
N ARG C 338 -0.87 -25.91 -25.65
CA ARG C 338 -0.21 -25.94 -24.36
C ARG C 338 -0.93 -26.93 -23.47
N PRO C 339 -0.23 -27.52 -22.50
CA PRO C 339 -0.91 -28.50 -21.64
C PRO C 339 -1.94 -27.87 -20.70
N ASN C 340 -1.88 -26.57 -20.47
CA ASN C 340 -2.80 -25.96 -19.51
C ASN C 340 -4.21 -25.83 -20.08
N SER C 341 -4.32 -25.49 -21.36
CA SER C 341 -5.61 -25.10 -21.92
C SER C 341 -6.63 -26.24 -21.85
N ILE C 342 -6.19 -27.48 -21.97
CA ILE C 342 -7.13 -28.59 -21.97
C ILE C 342 -7.80 -28.73 -20.61
N ASP C 343 -8.98 -29.33 -20.62
CA ASP C 343 -9.71 -29.59 -19.39
C ASP C 343 -8.91 -30.56 -18.51
N PRO C 344 -8.65 -30.22 -17.25
CA PRO C 344 -7.84 -31.11 -16.41
C PRO C 344 -8.44 -32.49 -16.20
N ALA C 345 -9.74 -32.67 -16.39
CA ALA C 345 -10.35 -33.97 -16.16
C ALA C 345 -9.88 -35.01 -17.17
N LEU C 346 -9.33 -34.56 -18.30
CA LEU C 346 -8.93 -35.50 -19.34
C LEU C 346 -7.58 -36.15 -19.03
N ARG C 347 -6.83 -35.62 -18.07
CA ARG C 347 -5.49 -36.12 -17.80
C ARG C 347 -5.45 -37.30 -16.85
N ARG C 348 -6.57 -37.69 -16.24
CA ARG C 348 -6.53 -38.82 -15.34
C ARG C 348 -6.06 -40.07 -16.09
N PHE C 349 -5.56 -41.03 -15.32
CA PHE C 349 -4.94 -42.21 -15.91
C PHE C 349 -5.96 -43.01 -16.69
N GLY C 350 -5.55 -43.46 -17.87
CA GLY C 350 -6.41 -44.21 -18.76
C GLY C 350 -7.04 -43.43 -19.89
N ARG C 351 -6.91 -42.09 -19.89
CA ARG C 351 -7.49 -41.28 -20.94
C ARG C 351 -6.45 -40.60 -21.82
N PHE C 352 -5.60 -39.75 -21.24
CA PHE C 352 -4.63 -38.98 -22.01
C PHE C 352 -3.31 -38.85 -21.24
N ASP C 353 -2.84 -39.96 -20.70
CA ASP C 353 -1.69 -39.92 -19.78
C ASP C 353 -0.40 -39.47 -20.47
N ARG C 354 0.10 -40.24 -21.43
CA ARG C 354 1.40 -39.94 -22.00
C ARG C 354 1.30 -38.79 -22.99
N GLU C 355 2.37 -38.01 -23.06
CA GLU C 355 2.26 -36.64 -23.55
C GLU C 355 3.54 -36.26 -24.27
N VAL C 356 3.56 -36.45 -25.58
CA VAL C 356 4.69 -36.06 -26.43
C VAL C 356 4.67 -34.56 -26.56
N ASP C 357 5.78 -33.98 -27.01
CA ASP C 357 5.93 -32.52 -27.10
C ASP C 357 6.64 -32.12 -28.38
N ILE C 358 5.87 -31.81 -29.42
CA ILE C 358 6.43 -31.13 -30.57
C ILE C 358 6.81 -29.71 -30.16
N GLY C 359 7.87 -29.18 -30.75
CA GLY C 359 8.37 -27.87 -30.40
C GLY C 359 8.84 -27.11 -31.64
N ILE C 360 9.28 -25.87 -31.39
CA ILE C 360 9.84 -25.07 -32.46
C ILE C 360 11.03 -25.80 -33.07
N PRO C 361 11.10 -25.93 -34.40
CA PRO C 361 12.26 -26.60 -34.99
C PRO C 361 13.54 -25.81 -34.73
N ASP C 362 14.64 -26.54 -34.59
CA ASP C 362 15.91 -25.98 -34.19
C ASP C 362 16.78 -25.68 -35.40
N ALA C 363 17.99 -25.19 -35.16
CA ALA C 363 18.78 -24.55 -36.21
C ALA C 363 19.13 -25.53 -37.34
N THR C 364 19.03 -26.83 -37.09
CA THR C 364 19.22 -27.80 -38.15
C THR C 364 17.91 -28.39 -38.66
N GLY C 365 16.84 -28.27 -37.88
CA GLY C 365 15.53 -28.65 -38.39
C GLY C 365 15.06 -27.73 -39.50
N ARG C 366 15.26 -26.43 -39.33
CA ARG C 366 14.85 -25.49 -40.38
C ARG C 366 15.56 -25.78 -41.69
N LEU C 367 16.83 -26.18 -41.61
CA LEU C 367 17.56 -26.56 -42.81
C LEU C 367 16.86 -27.69 -43.55
N GLU C 368 16.30 -28.64 -42.80
CA GLU C 368 15.73 -29.81 -43.45
C GLU C 368 14.28 -29.56 -43.85
N ILE C 369 13.58 -28.71 -43.11
CA ILE C 369 12.24 -28.30 -43.52
C ILE C 369 12.30 -27.56 -44.84
N LEU C 370 13.27 -26.66 -44.99
CA LEU C 370 13.37 -25.88 -46.21
C LEU C 370 13.60 -26.79 -47.42
N GLN C 371 14.40 -27.83 -47.26
CA GLN C 371 14.61 -28.75 -48.37
C GLN C 371 13.37 -29.56 -48.69
N ILE C 372 12.48 -29.75 -47.72
CA ILE C 372 11.22 -30.43 -47.98
C ILE C 372 10.34 -29.57 -48.88
N HIS C 373 10.23 -28.28 -48.57
CA HIS C 373 9.33 -27.40 -49.31
C HIS C 373 9.90 -26.98 -50.66
N THR C 374 11.21 -27.07 -50.84
CA THR C 374 11.87 -26.57 -52.05
C THR C 374 12.40 -27.70 -52.91
N LYS C 375 11.70 -28.83 -52.99
CA LYS C 375 12.02 -29.87 -53.95
C LYS C 375 11.19 -29.75 -55.20
N ASN C 376 10.43 -28.66 -55.35
CA ASN C 376 9.69 -28.37 -56.56
C ASN C 376 10.16 -27.11 -57.26
N MET C 377 10.69 -26.14 -56.52
CA MET C 377 11.23 -24.95 -57.14
C MET C 377 12.53 -25.25 -57.86
N LYS C 378 12.92 -24.34 -58.74
CA LYS C 378 14.09 -24.51 -59.59
C LYS C 378 15.15 -23.52 -59.12
N LEU C 379 15.88 -23.96 -58.10
CA LEU C 379 16.78 -23.06 -57.38
C LEU C 379 17.98 -22.69 -58.24
N ALA C 380 18.38 -21.42 -58.15
CA ALA C 380 19.61 -20.99 -58.79
C ALA C 380 20.82 -21.57 -58.06
N ASP C 381 21.98 -21.50 -58.71
CA ASP C 381 23.18 -22.11 -58.14
C ASP C 381 23.55 -21.48 -56.80
N ASP C 382 23.50 -20.15 -56.72
CA ASP C 382 24.03 -19.41 -55.57
C ASP C 382 23.13 -19.47 -54.35
N VAL C 383 22.05 -20.24 -54.35
CA VAL C 383 21.20 -20.35 -53.18
C VAL C 383 21.87 -21.29 -52.18
N ASP C 384 21.94 -20.86 -50.92
CA ASP C 384 22.64 -21.60 -49.87
C ASP C 384 21.65 -21.78 -48.72
N LEU C 385 20.87 -22.87 -48.79
CA LEU C 385 19.83 -23.09 -47.78
C LEU C 385 20.43 -23.29 -46.39
N GLU C 386 21.64 -23.82 -46.30
CA GLU C 386 22.32 -23.90 -45.01
C GLU C 386 22.59 -22.51 -44.44
N GLN C 387 22.58 -21.47 -45.27
CA GLN C 387 22.79 -20.12 -44.77
C GLN C 387 21.48 -19.48 -44.31
N VAL C 388 20.44 -19.55 -45.15
CA VAL C 388 19.17 -18.93 -44.79
C VAL C 388 18.55 -19.62 -43.57
N ALA C 389 18.77 -20.92 -43.42
CA ALA C 389 18.26 -21.62 -42.25
C ALA C 389 18.84 -21.05 -40.96
N ASN C 390 20.05 -20.50 -41.02
CA ASN C 390 20.63 -19.86 -39.85
C ASN C 390 19.96 -18.52 -39.56
N GLU C 391 19.37 -17.89 -40.58
CA GLU C 391 18.79 -16.57 -40.40
C GLU C 391 17.41 -16.63 -39.75
N THR C 392 16.56 -17.53 -40.25
CA THR C 392 15.19 -17.63 -39.75
C THR C 392 15.21 -18.08 -38.31
N HIS C 393 14.86 -17.20 -37.38
CA HIS C 393 15.00 -17.51 -35.97
C HIS C 393 13.72 -18.05 -35.35
N GLY C 394 12.66 -17.24 -35.35
CA GLY C 394 11.43 -17.63 -34.70
C GLY C 394 10.49 -18.44 -35.55
N HIS C 395 10.81 -18.63 -36.82
CA HIS C 395 9.90 -19.30 -37.73
C HIS C 395 9.67 -20.75 -37.33
N VAL C 396 8.46 -21.23 -37.57
CA VAL C 396 8.08 -22.61 -37.29
C VAL C 396 7.83 -23.29 -38.62
N GLY C 397 7.47 -24.57 -38.59
CA GLY C 397 7.34 -25.34 -39.81
C GLY C 397 6.26 -24.89 -40.78
N ALA C 398 5.63 -23.75 -40.51
CA ALA C 398 4.62 -23.19 -41.40
C ALA C 398 5.05 -21.88 -42.01
N ASP C 399 5.78 -21.04 -41.29
CA ASP C 399 6.34 -19.84 -41.90
C ASP C 399 7.31 -20.18 -43.01
N LEU C 400 8.15 -21.18 -42.82
CA LEU C 400 9.10 -21.56 -43.86
C LEU C 400 8.38 -22.03 -45.11
N ALA C 401 7.12 -22.43 -45.01
CA ALA C 401 6.33 -22.66 -46.21
C ALA C 401 5.96 -21.35 -46.88
N ALA C 402 5.69 -20.32 -46.08
CA ALA C 402 5.39 -19.01 -46.64
C ALA C 402 6.65 -18.29 -47.11
N LEU C 403 7.76 -18.47 -46.40
CA LEU C 403 9.02 -17.86 -46.84
C LEU C 403 9.43 -18.36 -48.21
N CYS C 404 9.14 -19.62 -48.51
CA CYS C 404 9.36 -20.11 -49.87
C CYS C 404 8.43 -19.41 -50.85
N SER C 405 7.21 -19.11 -50.44
CA SER C 405 6.26 -18.45 -51.34
C SER C 405 6.74 -17.06 -51.73
N GLU C 406 6.92 -16.18 -50.75
CA GLU C 406 7.28 -14.79 -51.04
C GLU C 406 8.56 -14.71 -51.85
N ALA C 407 9.50 -15.62 -51.62
CA ALA C 407 10.71 -15.64 -52.43
C ALA C 407 10.45 -16.21 -53.81
N ALA C 408 9.53 -17.17 -53.91
CA ALA C 408 9.17 -17.68 -55.24
C ALA C 408 8.36 -16.65 -56.00
N LEU C 409 7.45 -15.94 -55.32
CA LEU C 409 6.70 -14.88 -55.96
C LEU C 409 7.60 -13.73 -56.37
N GLN C 410 8.54 -13.35 -55.50
CA GLN C 410 9.40 -12.21 -55.79
C GLN C 410 10.16 -12.39 -57.09
N ALA C 411 10.51 -13.64 -57.43
CA ALA C 411 11.09 -13.90 -58.74
C ALA C 411 10.04 -13.74 -59.85
N ILE C 412 8.84 -14.29 -59.63
CA ILE C 412 7.78 -14.17 -60.61
C ILE C 412 7.40 -12.70 -60.82
N ARG C 413 7.36 -11.92 -59.74
CA ARG C 413 6.97 -10.53 -59.85
C ARG C 413 7.97 -9.75 -60.72
N LYS C 414 9.27 -9.98 -60.50
CA LYS C 414 10.29 -9.23 -61.23
C LYS C 414 10.20 -9.39 -62.73
N LYS C 415 9.40 -10.34 -63.21
CA LYS C 415 9.09 -10.52 -64.62
C LYS C 415 8.27 -9.37 -65.20
N MET C 416 8.84 -8.47 -65.99
CA MET C 416 8.03 -7.36 -66.47
C MET C 416 8.09 -7.10 -67.98
N ASP C 417 9.25 -7.18 -68.65
CA ASP C 417 9.39 -6.47 -69.92
C ASP C 417 8.63 -7.15 -71.07
N LEU C 418 8.94 -8.41 -71.38
CA LEU C 418 8.57 -8.95 -72.69
C LEU C 418 7.53 -10.06 -72.68
N ILE C 419 6.64 -10.09 -71.69
CA ILE C 419 5.48 -10.98 -71.74
C ILE C 419 4.26 -10.16 -71.31
N ASP C 420 3.22 -10.18 -72.14
CA ASP C 420 2.11 -9.24 -72.00
C ASP C 420 1.36 -9.45 -70.69
N LEU C 421 0.65 -8.40 -70.27
CA LEU C 421 -0.07 -8.42 -68.99
C LEU C 421 -1.12 -9.50 -68.97
N GLU C 422 -1.85 -9.67 -70.08
CA GLU C 422 -2.85 -10.71 -70.25
C GLU C 422 -2.36 -11.83 -71.15
N ASP C 423 -1.04 -12.02 -71.24
CA ASP C 423 -0.45 -13.02 -72.13
C ASP C 423 -0.73 -14.40 -71.58
N GLU C 424 -1.79 -15.03 -72.11
CA GLU C 424 -2.04 -16.42 -71.75
C GLU C 424 -0.99 -17.34 -72.35
N THR C 425 -0.35 -16.91 -73.43
CA THR C 425 0.76 -17.68 -74.01
C THR C 425 1.99 -17.49 -73.15
N ILE C 426 1.90 -17.88 -71.88
CA ILE C 426 3.05 -17.80 -70.98
C ILE C 426 4.08 -18.82 -71.45
N ASP C 427 5.20 -18.32 -71.97
CA ASP C 427 6.19 -19.20 -72.54
C ASP C 427 6.73 -20.16 -71.48
N ALA C 428 7.06 -21.37 -71.91
CA ALA C 428 7.54 -22.38 -70.98
C ALA C 428 8.79 -21.92 -70.25
N GLU C 429 9.55 -21.00 -70.84
CA GLU C 429 10.72 -20.46 -70.18
C GLU C 429 10.36 -19.83 -68.84
N VAL C 430 9.13 -19.33 -68.71
CA VAL C 430 8.68 -18.88 -67.40
C VAL C 430 8.66 -20.04 -66.41
N MET C 431 8.06 -21.17 -66.81
CA MET C 431 7.91 -22.28 -65.90
C MET C 431 9.17 -23.13 -65.74
N ASN C 432 10.22 -22.87 -66.53
CA ASN C 432 11.41 -23.70 -66.42
C ASN C 432 12.72 -22.92 -66.45
N SER C 433 12.69 -21.59 -66.46
CA SER C 433 13.91 -20.80 -66.33
C SER C 433 13.86 -19.87 -65.14
N LEU C 434 13.10 -20.27 -64.10
CA LEU C 434 13.09 -19.49 -62.86
C LEU C 434 14.36 -19.77 -62.07
N ALA C 435 15.01 -18.70 -61.62
CA ALA C 435 16.26 -18.79 -60.87
C ALA C 435 16.11 -17.93 -59.63
N VAL C 436 15.61 -18.51 -58.56
CA VAL C 436 15.47 -17.82 -57.29
C VAL C 436 16.86 -17.67 -56.70
N THR C 437 17.27 -16.43 -56.44
CA THR C 437 18.59 -16.15 -55.93
C THR C 437 18.51 -15.89 -54.43
N MET C 438 19.67 -15.61 -53.83
CA MET C 438 19.70 -15.24 -52.42
C MET C 438 19.03 -13.88 -52.19
N ASP C 439 18.93 -13.05 -53.24
CA ASP C 439 18.18 -11.80 -53.13
C ASP C 439 16.72 -12.07 -52.81
N ASP C 440 16.07 -12.95 -53.58
CA ASP C 440 14.67 -13.25 -53.35
C ASP C 440 14.47 -13.79 -51.94
N PHE C 441 15.35 -14.70 -51.50
CA PHE C 441 15.23 -15.23 -50.15
C PHE C 441 15.53 -14.16 -49.10
N ARG C 442 16.50 -13.27 -49.37
CA ARG C 442 16.69 -12.15 -48.46
C ARG C 442 15.55 -11.15 -48.58
N TRP C 443 14.97 -11.00 -49.77
CA TRP C 443 13.79 -10.16 -49.91
C TRP C 443 12.64 -10.68 -49.07
N ALA C 444 12.32 -11.97 -49.22
CA ALA C 444 11.21 -12.53 -48.48
C ALA C 444 11.47 -12.52 -46.99
N LEU C 445 12.71 -12.79 -46.58
CA LEU C 445 13.03 -12.91 -45.16
C LEU C 445 12.80 -11.60 -44.41
N SER C 446 12.91 -10.47 -45.09
CA SER C 446 12.69 -9.18 -44.45
C SER C 446 11.22 -8.80 -44.37
N GLN C 447 10.33 -9.62 -44.93
CA GLN C 447 8.91 -9.30 -44.98
C GLN C 447 8.05 -10.13 -44.05
N SER C 448 8.55 -11.25 -43.55
CA SER C 448 7.74 -12.21 -42.81
C SER C 448 7.84 -11.91 -41.32
N ASN C 449 6.70 -11.69 -40.68
CA ASN C 449 6.65 -11.66 -39.23
C ASN C 449 6.74 -13.08 -38.70
N PRO C 450 7.75 -13.41 -37.91
CA PRO C 450 7.84 -14.77 -37.36
C PRO C 450 6.68 -15.06 -36.43
N SER C 451 6.25 -16.32 -36.43
CA SER C 451 5.05 -16.70 -35.70
C SER C 451 5.30 -16.79 -34.20
N ALA C 452 6.44 -17.34 -33.80
CA ALA C 452 6.64 -17.83 -32.43
C ALA C 452 7.92 -17.30 -31.82
N LEU C 453 8.13 -15.99 -31.87
CA LEU C 453 9.32 -15.42 -31.27
C LEU C 453 9.24 -15.32 -29.75
N ARG C 454 8.11 -15.68 -29.14
CA ARG C 454 7.92 -15.55 -27.70
C ARG C 454 7.89 -16.90 -27.00
N GLU C 455 8.58 -17.89 -27.55
CA GLU C 455 8.65 -19.22 -26.97
C GLU C 455 10.07 -19.51 -26.54
N THR C 456 10.23 -20.03 -25.32
CA THR C 456 11.53 -20.47 -24.86
C THR C 456 12.07 -21.55 -25.80
N VAL C 457 13.33 -21.40 -26.19
CA VAL C 457 13.95 -22.28 -27.17
C VAL C 457 14.78 -23.31 -26.42
N VAL C 458 14.45 -24.58 -26.62
CA VAL C 458 15.11 -25.68 -25.93
C VAL C 458 15.93 -26.42 -26.98
N GLU C 459 17.21 -26.09 -27.08
CA GLU C 459 18.07 -26.72 -28.07
C GLU C 459 19.51 -26.70 -27.56
N VAL C 460 20.29 -27.68 -28.03
CA VAL C 460 21.70 -27.78 -27.66
C VAL C 460 22.44 -26.58 -28.26
N PRO C 461 23.16 -25.82 -27.45
CA PRO C 461 23.86 -24.65 -27.99
C PRO C 461 25.08 -25.07 -28.79
N GLN C 462 25.57 -24.14 -29.61
CA GLN C 462 26.66 -24.40 -30.53
C GLN C 462 27.92 -23.61 -30.18
N VAL C 463 28.27 -23.57 -28.90
CA VAL C 463 29.53 -23.00 -28.48
C VAL C 463 30.47 -24.13 -28.05
N THR C 464 31.76 -23.85 -28.02
CA THR C 464 32.76 -24.79 -27.54
C THR C 464 33.64 -24.10 -26.52
N TRP C 465 34.53 -24.87 -25.90
CA TRP C 465 35.35 -24.33 -24.82
C TRP C 465 36.31 -23.25 -25.32
N GLU C 466 36.88 -23.44 -26.50
CA GLU C 466 37.89 -22.47 -26.91
C GLU C 466 37.30 -21.18 -27.43
N ASP C 467 36.02 -20.94 -27.22
CA ASP C 467 35.46 -19.60 -27.32
C ASP C 467 35.57 -18.84 -26.00
N ILE C 468 36.06 -19.50 -24.95
CA ILE C 468 36.41 -18.85 -23.70
C ILE C 468 37.89 -18.99 -23.41
N GLY C 469 38.45 -20.18 -23.61
CA GLY C 469 39.83 -20.45 -23.30
C GLY C 469 40.11 -20.36 -21.81
N GLY C 470 41.25 -20.89 -21.39
CA GLY C 470 41.59 -20.83 -19.99
C GLY C 470 40.52 -21.45 -19.11
N LEU C 471 40.30 -20.83 -17.96
CA LEU C 471 39.32 -21.30 -16.98
C LEU C 471 39.54 -22.79 -16.69
N GLU C 472 40.81 -23.16 -16.52
CA GLU C 472 41.18 -24.56 -16.38
C GLU C 472 40.65 -25.20 -15.11
N ASP C 473 40.20 -24.40 -14.13
CA ASP C 473 39.68 -24.93 -12.89
C ASP C 473 38.17 -24.98 -12.85
N VAL C 474 37.50 -23.96 -13.36
CA VAL C 474 36.05 -24.03 -13.51
C VAL C 474 35.69 -25.11 -14.52
N LYS C 475 36.60 -25.41 -15.45
CA LYS C 475 36.33 -26.45 -16.44
C LYS C 475 36.15 -27.81 -15.76
N ARG C 476 37.01 -28.13 -14.80
CA ARG C 476 36.86 -29.42 -14.12
C ARG C 476 35.66 -29.42 -13.19
N GLU C 477 35.51 -28.38 -12.38
CA GLU C 477 34.48 -28.37 -11.35
C GLU C 477 33.09 -28.15 -11.93
N LEU C 478 32.99 -27.77 -13.20
CA LEU C 478 31.74 -27.80 -13.92
C LEU C 478 31.56 -29.09 -14.71
N GLN C 479 32.63 -29.85 -14.94
CA GLN C 479 32.48 -31.20 -15.50
C GLN C 479 31.91 -32.16 -14.48
N GLU C 480 32.44 -32.13 -13.26
CA GLU C 480 32.09 -33.12 -12.24
C GLU C 480 30.65 -32.97 -11.79
N LEU C 481 29.95 -31.95 -12.28
CA LEU C 481 28.60 -31.68 -11.81
C LEU C 481 27.56 -31.67 -12.92
N VAL C 482 27.95 -31.71 -14.19
CA VAL C 482 27.00 -31.86 -15.28
C VAL C 482 27.34 -33.01 -16.20
N GLN C 483 28.58 -33.48 -16.25
CA GLN C 483 28.99 -34.55 -17.14
C GLN C 483 29.03 -35.90 -16.47
N TYR C 484 29.76 -36.04 -15.37
CA TYR C 484 29.84 -37.32 -14.68
C TYR C 484 28.48 -37.87 -14.26
N PRO C 485 27.55 -37.09 -13.71
CA PRO C 485 26.26 -37.68 -13.31
C PRO C 485 25.37 -38.00 -14.50
N VAL C 486 25.92 -37.93 -15.71
CA VAL C 486 25.20 -38.29 -16.92
C VAL C 486 25.88 -39.46 -17.63
N GLU C 487 27.16 -39.31 -17.96
CA GLU C 487 27.85 -40.32 -18.74
C GLU C 487 28.22 -41.56 -17.92
N HIS C 488 28.43 -41.41 -16.61
CA HIS C 488 28.87 -42.51 -15.75
C HIS C 488 27.96 -42.63 -14.53
N PRO C 489 26.67 -42.91 -14.75
CA PRO C 489 25.77 -43.02 -13.60
C PRO C 489 26.11 -44.16 -12.66
N ASP C 490 26.60 -45.27 -13.20
CA ASP C 490 26.83 -46.46 -12.38
C ASP C 490 27.81 -46.21 -11.24
N LYS C 491 28.72 -45.25 -11.42
CA LYS C 491 29.62 -44.90 -10.33
C LYS C 491 28.85 -44.32 -9.15
N PHE C 492 27.84 -43.50 -9.43
CA PHE C 492 27.12 -42.83 -8.36
C PHE C 492 26.20 -43.76 -7.58
N LEU C 493 26.06 -45.01 -8.02
CA LEU C 493 25.41 -46.04 -7.23
C LEU C 493 26.39 -46.93 -6.49
N LYS C 494 27.54 -47.23 -7.10
CA LYS C 494 28.56 -48.02 -6.42
C LYS C 494 28.97 -47.36 -5.11
N PHE C 495 29.27 -46.07 -5.16
CA PHE C 495 29.44 -45.27 -3.96
C PHE C 495 28.07 -44.69 -3.59
N GLY C 496 27.99 -44.00 -2.45
CA GLY C 496 26.74 -43.51 -1.95
C GLY C 496 26.40 -42.08 -2.28
N MET C 497 27.23 -41.38 -3.05
CA MET C 497 26.99 -39.97 -3.31
C MET C 497 25.70 -39.76 -4.10
N THR C 498 24.98 -38.70 -3.75
CA THR C 498 23.84 -38.17 -4.46
C THR C 498 24.27 -37.00 -5.31
N PRO C 499 23.91 -36.95 -6.59
CA PRO C 499 24.32 -35.83 -7.44
C PRO C 499 23.79 -34.52 -6.91
N SER C 500 24.61 -33.47 -7.02
CA SER C 500 24.16 -32.14 -6.66
C SER C 500 23.18 -31.63 -7.70
N LYS C 501 22.44 -30.59 -7.33
CA LYS C 501 21.41 -30.06 -8.21
C LYS C 501 21.55 -28.56 -8.38
N GLY C 502 22.78 -28.06 -8.44
CA GLY C 502 22.92 -26.65 -8.72
C GLY C 502 24.32 -26.14 -8.48
N VAL C 503 24.61 -25.02 -9.14
CA VAL C 503 25.83 -24.25 -8.99
C VAL C 503 25.46 -22.78 -9.08
N LEU C 504 26.08 -21.95 -8.26
CA LEU C 504 25.84 -20.52 -8.30
C LEU C 504 27.13 -19.82 -8.72
N PHE C 505 27.17 -19.31 -9.94
CA PHE C 505 28.26 -18.45 -10.36
C PHE C 505 28.15 -17.09 -9.69
N TYR C 506 29.26 -16.35 -9.70
CA TYR C 506 29.24 -14.95 -9.31
C TYR C 506 30.53 -14.32 -9.77
N GLY C 507 30.46 -13.08 -10.25
CA GLY C 507 31.62 -12.38 -10.73
C GLY C 507 31.27 -11.03 -11.30
N PRO C 508 32.27 -10.31 -11.81
CA PRO C 508 32.00 -9.04 -12.44
C PRO C 508 31.08 -9.23 -13.63
N PRO C 509 30.29 -8.21 -13.98
CA PRO C 509 29.33 -8.39 -15.08
C PRO C 509 30.03 -8.48 -16.42
N GLY C 510 29.55 -9.39 -17.25
CA GLY C 510 30.13 -9.60 -18.57
C GLY C 510 31.51 -10.21 -18.54
N CYS C 511 31.61 -11.46 -18.09
CA CYS C 511 32.89 -12.14 -18.04
C CYS C 511 32.84 -13.54 -18.62
N GLY C 512 31.74 -13.94 -19.25
CA GLY C 512 31.59 -15.30 -19.71
C GLY C 512 30.71 -16.15 -18.83
N LYS C 513 29.81 -15.55 -18.07
CA LYS C 513 28.91 -16.31 -17.22
C LYS C 513 27.80 -17.00 -18.01
N THR C 514 27.59 -16.61 -19.26
CA THR C 514 26.69 -17.31 -20.16
C THR C 514 27.41 -18.28 -21.07
N LEU C 515 28.63 -17.92 -21.51
CA LEU C 515 29.39 -18.82 -22.36
C LEU C 515 29.90 -20.03 -21.58
N LEU C 516 29.81 -19.98 -20.25
CA LEU C 516 30.21 -21.14 -19.45
C LEU C 516 29.01 -22.05 -19.20
N ALA C 517 27.80 -21.50 -19.26
CA ALA C 517 26.62 -22.35 -19.24
C ALA C 517 26.45 -23.05 -20.58
N LYS C 518 26.58 -22.31 -21.68
CA LYS C 518 26.39 -22.90 -22.99
C LYS C 518 27.46 -23.93 -23.29
N ALA C 519 28.72 -23.64 -22.93
CA ALA C 519 29.81 -24.53 -23.29
C ALA C 519 29.65 -25.89 -22.63
N ILE C 520 29.18 -25.93 -21.38
CA ILE C 520 29.05 -27.21 -20.69
C ILE C 520 27.78 -27.93 -21.13
N ALA C 521 26.75 -27.18 -21.53
CA ALA C 521 25.58 -27.81 -22.11
C ALA C 521 25.92 -28.50 -23.42
N ASN C 522 26.83 -27.90 -24.18
CA ASN C 522 27.31 -28.52 -25.41
C ASN C 522 28.05 -29.81 -25.12
N GLU C 523 28.84 -29.83 -24.05
CA GLU C 523 29.77 -30.93 -23.81
C GLU C 523 29.04 -32.26 -23.64
N CYS C 524 27.95 -32.26 -22.88
CA CYS C 524 27.21 -33.49 -22.64
C CYS C 524 25.93 -33.56 -23.48
N GLN C 525 25.86 -32.79 -24.56
CA GLN C 525 24.72 -32.78 -25.47
C GLN C 525 23.40 -32.65 -24.69
N ALA C 526 23.30 -31.54 -23.97
CA ALA C 526 22.20 -31.30 -23.06
C ALA C 526 21.48 -30.03 -23.46
N ASN C 527 20.15 -30.09 -23.51
CA ASN C 527 19.35 -28.93 -23.83
C ASN C 527 19.63 -27.80 -22.84
N PHE C 528 19.33 -26.57 -23.26
CA PHE C 528 19.77 -25.39 -22.53
C PHE C 528 18.63 -24.39 -22.48
N ILE C 529 17.92 -24.34 -21.36
CA ILE C 529 16.86 -23.37 -21.14
C ILE C 529 17.45 -22.18 -20.40
N SER C 530 17.32 -21.00 -20.98
CA SER C 530 17.84 -19.78 -20.39
C SER C 530 16.68 -18.90 -19.96
N ILE C 531 16.74 -18.38 -18.74
CA ILE C 531 15.73 -17.48 -18.20
C ILE C 531 16.42 -16.19 -17.83
N LYS C 532 16.25 -15.17 -18.65
CA LYS C 532 17.00 -13.93 -18.49
C LYS C 532 16.41 -13.10 -17.35
N GLY C 533 16.89 -11.88 -17.20
CA GLY C 533 16.50 -11.01 -16.11
C GLY C 533 15.05 -10.57 -16.18
N PRO C 534 14.69 -9.86 -17.26
CA PRO C 534 13.32 -9.37 -17.38
C PRO C 534 12.26 -10.45 -17.30
N GLU C 535 12.53 -11.65 -17.81
CA GLU C 535 11.52 -12.69 -17.76
C GLU C 535 11.24 -13.18 -16.35
N LEU C 536 12.07 -12.81 -15.38
CA LEU C 536 11.79 -13.02 -13.97
C LEU C 536 11.12 -11.80 -13.35
N LEU C 537 11.72 -10.64 -13.55
CA LEU C 537 11.22 -9.40 -12.97
C LEU C 537 9.77 -9.15 -13.34
N THR C 538 9.34 -9.59 -14.53
CA THR C 538 7.94 -9.49 -14.90
C THR C 538 7.06 -10.23 -13.90
N MET C 539 7.50 -11.39 -13.44
CA MET C 539 6.70 -12.19 -12.52
C MET C 539 6.50 -11.46 -11.20
N TRP C 540 7.52 -10.77 -10.72
CA TRP C 540 7.38 -10.04 -9.46
C TRP C 540 6.47 -8.83 -9.58
N PHE C 541 6.11 -8.44 -10.79
CA PHE C 541 5.16 -7.35 -11.02
C PHE C 541 3.78 -7.87 -11.34
N GLY C 542 3.37 -8.95 -10.67
CA GLY C 542 2.07 -9.54 -10.90
C GLY C 542 1.95 -10.90 -10.26
N GLU C 543 1.52 -11.87 -11.05
CA GLU C 543 1.45 -13.25 -10.59
C GLU C 543 2.84 -13.87 -10.50
N SER C 544 2.97 -14.83 -9.60
CA SER C 544 4.06 -15.79 -9.65
C SER C 544 3.41 -17.16 -9.68
N GLU C 545 4.21 -18.23 -9.57
CA GLU C 545 3.73 -19.60 -9.37
C GLU C 545 2.80 -20.07 -10.47
N ALA C 546 2.55 -19.22 -11.47
CA ALA C 546 1.81 -19.61 -12.65
C ALA C 546 2.73 -19.79 -13.85
N ASN C 547 3.93 -19.28 -13.77
CA ASN C 547 4.96 -19.49 -14.79
C ASN C 547 6.16 -20.24 -14.24
N VAL C 548 6.55 -20.00 -12.99
CA VAL C 548 7.71 -20.67 -12.44
C VAL C 548 7.49 -22.16 -12.36
N ARG C 549 6.25 -22.58 -12.05
CA ARG C 549 5.90 -23.98 -12.16
C ARG C 549 6.02 -24.46 -13.60
N GLU C 550 5.61 -23.61 -14.54
CA GLU C 550 5.65 -23.99 -15.95
C GLU C 550 7.08 -24.15 -16.45
N ILE C 551 7.99 -23.29 -15.98
CA ILE C 551 9.36 -23.33 -16.48
C ILE C 551 10.02 -24.67 -16.17
N PHE C 552 9.88 -25.14 -14.93
CA PHE C 552 10.48 -26.41 -14.56
C PHE C 552 9.83 -27.58 -15.27
N ASP C 553 8.50 -27.58 -15.39
CA ASP C 553 7.82 -28.65 -16.10
C ASP C 553 8.27 -28.72 -17.55
N LYS C 554 8.61 -27.58 -18.14
CA LYS C 554 9.21 -27.59 -19.47
C LYS C 554 10.58 -28.24 -19.44
N ALA C 555 11.37 -27.96 -18.40
CA ALA C 555 12.69 -28.56 -18.29
C ALA C 555 12.62 -30.05 -18.04
N ARG C 556 11.60 -30.50 -17.31
CA ARG C 556 11.49 -31.93 -16.99
C ARG C 556 11.31 -32.77 -18.24
N GLN C 557 10.48 -32.31 -19.17
CA GLN C 557 10.23 -33.03 -20.42
C GLN C 557 11.34 -32.87 -21.44
N ALA C 558 12.47 -32.28 -21.06
CA ALA C 558 13.60 -32.09 -21.96
C ALA C 558 14.89 -32.44 -21.26
N ALA C 559 14.87 -33.48 -20.43
CA ALA C 559 16.07 -33.88 -19.71
C ALA C 559 17.11 -34.40 -20.69
N PRO C 560 18.41 -34.16 -20.44
CA PRO C 560 18.91 -33.39 -19.30
C PRO C 560 19.06 -31.89 -19.59
N CYS C 561 18.29 -31.06 -18.90
CA CYS C 561 18.41 -29.62 -19.07
C CYS C 561 19.49 -29.05 -18.16
N VAL C 562 19.86 -27.81 -18.43
CA VAL C 562 20.86 -27.08 -17.65
C VAL C 562 20.34 -25.70 -17.26
N LEU C 563 19.06 -25.59 -16.89
CA LEU C 563 18.38 -24.33 -16.64
C LEU C 563 19.31 -23.27 -16.07
N PHE C 564 19.33 -22.10 -16.68
CA PHE C 564 20.29 -21.07 -16.33
C PHE C 564 19.52 -19.82 -15.93
N PHE C 565 19.23 -19.70 -14.63
CA PHE C 565 18.54 -18.55 -14.08
C PHE C 565 19.53 -17.40 -14.01
N ASP C 566 19.62 -16.64 -15.10
CA ASP C 566 20.53 -15.52 -15.15
C ASP C 566 19.99 -14.36 -14.32
N GLU C 567 20.88 -13.63 -13.68
CA GLU C 567 20.52 -12.52 -12.79
C GLU C 567 19.46 -12.95 -11.78
N LEU C 568 19.86 -13.87 -10.91
CA LEU C 568 18.99 -14.29 -9.82
C LEU C 568 18.66 -13.14 -8.89
N ASP C 569 19.65 -12.29 -8.61
CA ASP C 569 19.47 -11.19 -7.67
C ASP C 569 18.57 -10.09 -8.22
N SER C 570 18.22 -10.13 -9.51
CA SER C 570 17.57 -9.02 -10.18
C SER C 570 16.43 -8.43 -9.37
N ILE C 571 15.59 -9.28 -8.77
CA ILE C 571 14.53 -8.79 -7.89
C ILE C 571 15.12 -8.09 -6.68
N ALA C 572 16.16 -8.68 -6.08
CA ALA C 572 16.69 -8.14 -4.84
C ALA C 572 17.34 -6.77 -5.03
N LYS C 573 17.70 -6.42 -6.26
CA LYS C 573 18.23 -5.09 -6.51
C LYS C 573 17.22 -4.18 -7.19
N ALA C 574 16.10 -4.73 -7.68
CA ALA C 574 14.98 -3.93 -8.13
C ALA C 574 14.04 -3.59 -7.01
N ARG C 575 14.44 -3.85 -5.77
CA ARG C 575 13.69 -3.55 -4.56
C ARG C 575 14.62 -2.90 -3.54
N GLY C 576 15.43 -1.97 -4.02
CA GLY C 576 16.45 -1.30 -3.24
C GLY C 576 17.79 -1.99 -3.23
N GLY C 577 17.94 -3.05 -2.46
CA GLY C 577 19.16 -3.83 -2.48
C GLY C 577 20.19 -3.32 -1.49
N ASN C 578 20.44 -4.09 -0.42
CA ASN C 578 21.44 -3.79 0.59
C ASN C 578 21.02 -2.59 1.43
N ILE C 579 19.97 -1.88 0.97
CA ILE C 579 19.26 -0.89 1.77
C ILE C 579 17.78 -1.24 1.72
N GLY C 580 17.21 -1.21 0.52
CA GLY C 580 15.85 -1.69 0.30
C GLY C 580 14.85 -1.07 1.26
N ASP C 581 14.10 -1.94 1.93
CA ASP C 581 13.12 -1.55 2.92
C ASP C 581 13.06 -2.67 3.95
N GLY C 582 11.99 -2.72 4.74
CA GLY C 582 11.80 -3.85 5.63
C GLY C 582 11.67 -5.14 4.85
N GLY C 583 12.70 -5.99 4.92
CA GLY C 583 12.69 -7.23 4.18
C GLY C 583 13.94 -8.07 4.37
N GLY C 584 13.75 -9.37 4.56
CA GLY C 584 14.85 -10.31 4.75
C GLY C 584 15.07 -11.16 3.54
N ALA C 585 15.04 -10.51 2.38
CA ALA C 585 15.15 -11.02 1.02
C ALA C 585 13.86 -11.70 0.54
N ALA C 586 12.93 -12.04 1.43
CA ALA C 586 11.50 -11.74 1.27
C ALA C 586 11.03 -11.60 -0.17
N ASP C 587 11.21 -12.61 -1.02
CA ASP C 587 10.87 -12.45 -2.43
C ASP C 587 9.67 -13.31 -2.82
N ARG C 588 8.77 -12.72 -3.60
CA ARG C 588 7.59 -13.44 -4.07
C ARG C 588 7.96 -14.52 -5.07
N VAL C 589 8.97 -14.27 -5.90
CA VAL C 589 9.34 -15.20 -6.96
C VAL C 589 10.44 -16.15 -6.51
N ILE C 590 11.54 -15.62 -5.97
CA ILE C 590 12.66 -16.45 -5.56
C ILE C 590 12.20 -17.56 -4.64
N ASN C 591 11.23 -17.25 -3.76
CA ASN C 591 10.65 -18.29 -2.92
C ASN C 591 10.01 -19.39 -3.74
N GLN C 592 9.35 -19.02 -4.85
CA GLN C 592 8.64 -20.02 -5.64
C GLN C 592 9.61 -20.98 -6.31
N ILE C 593 10.84 -20.54 -6.58
CA ILE C 593 11.84 -21.46 -7.10
C ILE C 593 12.17 -22.53 -6.08
N LEU C 594 12.30 -22.14 -4.81
CA LEU C 594 12.68 -23.09 -3.77
C LEU C 594 11.67 -24.22 -3.66
N THR C 595 10.39 -23.91 -3.80
CA THR C 595 9.37 -24.96 -3.76
C THR C 595 9.56 -25.95 -4.90
N GLU C 596 9.87 -25.45 -6.09
CA GLU C 596 10.07 -26.34 -7.24
C GLU C 596 11.47 -26.91 -7.29
N MET C 597 12.44 -26.28 -6.63
CA MET C 597 13.79 -26.82 -6.59
C MET C 597 13.88 -28.00 -5.64
N ASP C 598 12.93 -28.15 -4.72
CA ASP C 598 12.92 -29.28 -3.81
C ASP C 598 12.06 -30.41 -4.33
N GLY C 599 10.84 -30.12 -4.76
CA GLY C 599 10.00 -31.13 -5.37
C GLY C 599 10.49 -31.49 -6.75
N MET C 600 11.75 -31.88 -6.85
CA MET C 600 12.40 -32.21 -8.12
C MET C 600 13.36 -33.34 -7.86
N SER C 601 13.02 -34.54 -8.35
CA SER C 601 13.81 -35.72 -8.06
C SER C 601 15.17 -35.62 -8.73
N THR C 602 16.21 -36.05 -8.01
CA THR C 602 17.56 -35.99 -8.53
C THR C 602 17.74 -36.85 -9.77
N LYS C 603 16.91 -37.89 -9.91
CA LYS C 603 17.07 -38.85 -11.00
C LYS C 603 16.75 -38.27 -12.37
N LYS C 604 16.16 -37.08 -12.43
CA LYS C 604 15.69 -36.53 -13.70
C LYS C 604 16.76 -35.77 -14.46
N ASN C 605 17.91 -35.49 -13.85
CA ASN C 605 19.04 -34.81 -14.50
C ASN C 605 18.61 -33.43 -15.04
N VAL C 606 18.25 -32.56 -14.12
CA VAL C 606 17.96 -31.16 -14.42
C VAL C 606 18.81 -30.33 -13.48
N PHE C 607 19.91 -29.77 -14.00
CA PHE C 607 20.84 -29.01 -13.19
C PHE C 607 20.56 -27.53 -13.32
N ILE C 608 20.52 -26.84 -12.19
CA ILE C 608 20.10 -25.45 -12.13
C ILE C 608 21.32 -24.59 -11.88
N ILE C 609 21.69 -23.77 -12.84
CA ILE C 609 22.82 -22.86 -12.71
C ILE C 609 22.29 -21.44 -12.55
N GLY C 610 22.82 -20.72 -11.56
CA GLY C 610 22.51 -19.33 -11.38
C GLY C 610 23.68 -18.45 -11.80
N ALA C 611 23.44 -17.15 -11.68
CA ALA C 611 24.50 -16.18 -12.00
C ALA C 611 24.11 -14.86 -11.38
N THR C 612 24.97 -14.31 -10.52
CA THR C 612 24.69 -13.08 -9.82
C THR C 612 25.87 -12.14 -9.97
N ASN C 613 25.59 -10.91 -10.41
CA ASN C 613 26.64 -9.91 -10.46
C ASN C 613 27.13 -9.53 -9.07
N ARG C 614 26.33 -9.78 -8.05
CA ARG C 614 26.65 -9.39 -6.68
C ARG C 614 26.36 -10.59 -5.78
N PRO C 615 27.34 -11.09 -5.03
CA PRO C 615 27.19 -12.40 -4.38
C PRO C 615 26.55 -12.39 -3.00
N ASP C 616 26.33 -11.23 -2.39
CA ASP C 616 25.91 -11.18 -1.00
C ASP C 616 24.46 -10.78 -0.79
N ILE C 617 23.97 -9.78 -1.52
CA ILE C 617 22.60 -9.34 -1.34
C ILE C 617 21.57 -10.38 -1.73
N ILE C 618 22.01 -11.50 -2.30
CA ILE C 618 21.08 -12.57 -2.63
C ILE C 618 20.52 -13.18 -1.35
N ASP C 619 19.39 -13.87 -1.50
CA ASP C 619 18.78 -14.57 -0.38
C ASP C 619 19.74 -15.64 0.12
N PRO C 620 19.98 -15.73 1.43
CA PRO C 620 20.77 -16.83 1.97
C PRO C 620 20.04 -18.16 2.05
N ALA C 621 18.75 -18.20 1.70
CA ALA C 621 18.00 -19.44 1.80
C ALA C 621 18.30 -20.41 0.67
N ILE C 622 18.86 -19.95 -0.45
CA ILE C 622 19.20 -20.85 -1.53
C ILE C 622 20.59 -21.44 -1.33
N LEU C 623 21.50 -20.67 -0.74
CA LEU C 623 22.88 -21.12 -0.54
C LEU C 623 22.97 -22.03 0.69
N ARG C 624 22.15 -23.07 0.67
CA ARG C 624 22.03 -24.02 1.76
C ARG C 624 22.08 -25.44 1.17
N PRO C 625 22.69 -26.39 1.88
CA PRO C 625 22.82 -27.73 1.33
C PRO C 625 21.47 -28.31 0.93
N GLY C 626 21.45 -28.96 -0.24
CA GLY C 626 20.24 -29.43 -0.86
C GLY C 626 19.76 -28.55 -2.01
N ARG C 627 20.27 -27.34 -2.10
CA ARG C 627 19.92 -26.40 -3.17
C ARG C 627 21.24 -25.96 -3.80
N LEU C 628 21.21 -24.87 -4.56
CA LEU C 628 22.45 -24.33 -5.12
C LEU C 628 23.43 -24.18 -3.97
N ASP C 629 24.49 -24.99 -3.98
CA ASP C 629 25.27 -25.26 -2.79
C ASP C 629 26.58 -24.50 -2.72
N GLN C 630 27.36 -24.50 -3.80
CA GLN C 630 28.69 -23.93 -3.79
C GLN C 630 28.78 -22.79 -4.79
N LEU C 631 29.69 -21.87 -4.52
CA LEU C 631 29.86 -20.67 -5.34
C LEU C 631 31.15 -20.79 -6.13
N ILE C 632 31.04 -20.67 -7.43
CA ILE C 632 32.20 -20.57 -8.30
C ILE C 632 32.39 -19.11 -8.65
N TYR C 633 33.64 -18.66 -8.66
CA TYR C 633 33.97 -17.26 -8.90
C TYR C 633 34.61 -17.15 -10.27
N ILE C 634 33.93 -16.46 -11.18
CA ILE C 634 34.39 -16.31 -12.55
C ILE C 634 35.21 -15.02 -12.68
N PRO C 635 36.54 -15.11 -12.72
CA PRO C 635 37.35 -13.90 -12.73
C PRO C 635 37.33 -13.22 -14.09
N LEU C 636 37.97 -12.07 -14.15
CA LEU C 636 38.19 -11.41 -15.41
C LEU C 636 39.19 -12.21 -16.25
N PRO C 637 39.04 -12.20 -17.57
CA PRO C 637 39.98 -12.96 -18.41
C PRO C 637 41.40 -12.46 -18.24
N ASP C 638 42.36 -13.38 -18.22
CA ASP C 638 43.71 -12.93 -17.91
C ASP C 638 44.66 -12.80 -19.11
N GLU C 639 45.07 -13.88 -19.76
CA GLU C 639 45.82 -13.72 -20.99
C GLU C 639 45.32 -14.60 -22.14
N LYS C 640 45.24 -15.92 -21.89
CA LYS C 640 44.81 -16.83 -22.93
C LYS C 640 43.35 -16.59 -23.28
N SER C 641 42.53 -16.29 -22.27
CA SER C 641 41.12 -16.08 -22.51
C SER C 641 40.85 -14.79 -23.28
N ARG C 642 41.86 -13.92 -23.41
CA ARG C 642 41.66 -12.73 -24.23
C ARG C 642 42.12 -12.96 -25.66
N VAL C 643 43.14 -13.80 -25.84
CA VAL C 643 43.51 -14.23 -27.19
C VAL C 643 42.40 -15.08 -27.78
N ALA C 644 41.56 -15.67 -26.92
CA ALA C 644 40.51 -16.55 -27.42
C ALA C 644 39.21 -15.80 -27.68
N ILE C 645 38.84 -14.86 -26.80
CA ILE C 645 37.62 -14.10 -27.03
C ILE C 645 37.74 -13.25 -28.27
N LEU C 646 38.93 -12.69 -28.53
CA LEU C 646 39.12 -11.91 -29.73
C LEU C 646 38.97 -12.77 -30.99
N LYS C 647 39.60 -13.94 -31.00
CA LYS C 647 39.51 -14.82 -32.15
C LYS C 647 38.17 -15.51 -32.26
N ALA C 648 37.23 -15.20 -31.35
CA ALA C 648 35.86 -15.69 -31.52
C ALA C 648 34.94 -14.58 -31.98
N ASN C 649 35.35 -13.32 -31.83
CA ASN C 649 34.60 -12.20 -32.37
C ASN C 649 35.02 -11.90 -33.80
N LEU C 650 36.30 -12.06 -34.10
CA LEU C 650 36.84 -11.82 -35.43
C LEU C 650 36.84 -13.05 -36.31
N ARG C 651 35.93 -14.00 -36.04
CA ARG C 651 35.81 -15.20 -36.86
C ARG C 651 34.75 -15.07 -37.94
N LYS C 652 33.91 -14.05 -37.88
CA LYS C 652 32.89 -13.81 -38.90
C LYS C 652 33.33 -12.80 -39.95
N SER C 653 34.35 -11.99 -39.66
CA SER C 653 34.71 -10.86 -40.48
C SER C 653 36.11 -11.00 -41.04
N PRO C 654 36.31 -10.69 -42.32
CA PRO C 654 37.65 -10.81 -42.92
C PRO C 654 38.67 -9.90 -42.26
N VAL C 655 39.71 -10.50 -41.67
CA VAL C 655 40.74 -9.77 -40.97
C VAL C 655 42.00 -9.81 -41.82
N ALA C 656 42.90 -8.87 -41.58
CA ALA C 656 44.16 -8.82 -42.30
C ALA C 656 45.08 -9.92 -41.78
N LYS C 657 46.32 -9.94 -42.25
CA LYS C 657 47.28 -10.97 -41.88
C LYS C 657 48.22 -10.52 -40.76
N ASP C 658 48.55 -9.24 -40.72
CA ASP C 658 49.46 -8.71 -39.71
C ASP C 658 48.74 -8.24 -38.45
N VAL C 659 47.42 -8.40 -38.38
CA VAL C 659 46.68 -8.03 -37.18
C VAL C 659 47.14 -8.91 -36.04
N ASP C 660 47.82 -8.31 -35.06
CA ASP C 660 48.50 -9.06 -34.01
C ASP C 660 47.58 -9.18 -32.80
N LEU C 661 46.62 -10.09 -32.90
CA LEU C 661 45.78 -10.40 -31.75
C LEU C 661 46.62 -10.95 -30.60
N GLU C 662 47.69 -11.66 -30.91
CA GLU C 662 48.63 -12.08 -29.87
C GLU C 662 49.27 -10.88 -29.17
N PHE C 663 49.25 -9.71 -29.79
CA PHE C 663 49.69 -8.48 -29.14
C PHE C 663 48.55 -7.66 -28.58
N LEU C 664 47.41 -7.61 -29.27
CA LEU C 664 46.30 -6.80 -28.79
C LEU C 664 45.82 -7.27 -27.43
N ALA C 665 45.72 -8.58 -27.24
CA ALA C 665 45.32 -9.12 -25.94
C ALA C 665 46.42 -8.99 -24.89
N LYS C 666 47.65 -8.71 -25.32
CA LYS C 666 48.75 -8.58 -24.37
C LYS C 666 48.79 -7.20 -23.72
N MET C 667 48.06 -6.23 -24.26
CA MET C 667 48.07 -4.87 -23.73
C MET C 667 46.82 -4.57 -22.89
N THR C 668 45.64 -4.85 -23.44
CA THR C 668 44.38 -4.56 -22.76
C THR C 668 44.24 -5.47 -21.55
N ASN C 669 44.47 -4.93 -20.36
CA ASN C 669 44.59 -5.77 -19.17
C ASN C 669 43.24 -5.97 -18.46
N GLY C 670 42.64 -4.89 -17.98
CA GLY C 670 41.45 -5.03 -17.16
C GLY C 670 40.16 -5.02 -17.94
N PHE C 671 40.14 -5.68 -19.08
CA PHE C 671 39.02 -5.60 -20.01
C PHE C 671 38.08 -6.78 -19.81
N SER C 672 36.79 -6.49 -19.81
CA SER C 672 35.79 -7.53 -19.60
C SER C 672 35.71 -8.45 -20.81
N GLY C 673 34.82 -9.44 -20.72
CA GLY C 673 34.51 -10.23 -21.89
C GLY C 673 33.54 -9.56 -22.84
N ALA C 674 33.03 -8.39 -22.46
CA ALA C 674 32.14 -7.61 -23.30
C ALA C 674 32.64 -6.19 -23.51
N ASP C 675 33.93 -5.94 -23.26
CA ASP C 675 34.61 -4.76 -23.77
C ASP C 675 35.65 -5.11 -24.82
N LEU C 676 35.84 -6.39 -25.09
CA LEU C 676 36.60 -6.83 -26.24
C LEU C 676 35.70 -7.07 -27.43
N THR C 677 34.40 -6.86 -27.28
CA THR C 677 33.43 -6.94 -28.36
C THR C 677 33.00 -5.55 -28.81
N GLU C 678 33.68 -4.51 -28.34
CA GLU C 678 33.60 -3.18 -28.92
C GLU C 678 34.96 -2.66 -29.34
N ILE C 679 36.02 -3.42 -29.10
CA ILE C 679 37.24 -3.24 -29.86
C ILE C 679 37.19 -4.07 -31.12
N CYS C 680 36.11 -4.83 -31.31
CA CYS C 680 35.95 -5.72 -32.44
C CYS C 680 34.71 -5.42 -33.27
N GLN C 681 33.85 -4.51 -32.81
CA GLN C 681 32.79 -3.94 -33.64
C GLN C 681 33.10 -2.52 -34.05
N ARG C 682 33.50 -1.68 -33.10
CA ARG C 682 33.95 -0.34 -33.42
C ARG C 682 35.21 -0.35 -34.27
N ALA C 683 35.85 -1.52 -34.42
CA ALA C 683 36.88 -1.69 -35.44
C ALA C 683 36.33 -2.14 -36.77
N CYS C 684 35.03 -2.40 -36.86
CA CYS C 684 34.38 -2.71 -38.12
C CYS C 684 33.55 -1.54 -38.66
N LYS C 685 32.92 -0.77 -37.79
CA LYS C 685 32.26 0.46 -38.21
C LYS C 685 33.23 1.53 -38.65
N LEU C 686 34.54 1.27 -38.57
CA LEU C 686 35.55 2.10 -39.21
C LEU C 686 36.04 1.49 -40.51
N ALA C 687 35.54 0.32 -40.88
CA ALA C 687 35.73 -0.26 -42.20
C ALA C 687 34.48 -0.15 -43.05
N ILE C 688 33.30 -0.32 -42.46
CA ILE C 688 32.07 -0.01 -43.18
C ILE C 688 32.08 1.45 -43.62
N ARG C 689 32.47 2.36 -42.73
CA ARG C 689 32.56 3.77 -43.08
C ARG C 689 33.46 3.97 -44.29
N GLU C 690 34.69 3.45 -44.23
CA GLU C 690 35.64 3.69 -45.30
C GLU C 690 35.26 3.01 -46.59
N SER C 691 34.76 1.78 -46.54
CA SER C 691 34.34 1.08 -47.74
C SER C 691 33.00 1.54 -48.28
N ILE C 692 32.24 2.31 -47.51
CA ILE C 692 30.99 2.88 -48.03
C ILE C 692 31.18 4.33 -48.42
N GLU C 693 32.31 4.93 -48.08
CA GLU C 693 32.68 6.24 -48.58
C GLU C 693 33.50 6.13 -49.86
N SER C 694 34.48 5.22 -49.87
CA SER C 694 35.31 5.05 -51.06
C SER C 694 34.51 4.51 -52.23
N GLU C 695 33.31 3.96 -51.98
CA GLU C 695 32.42 3.63 -53.08
C GLU C 695 31.75 4.88 -53.62
N ILE C 696 31.19 5.70 -52.75
CA ILE C 696 30.48 6.89 -53.19
C ILE C 696 31.44 7.88 -53.84
N ARG C 697 32.58 8.13 -53.22
CA ARG C 697 33.54 9.07 -53.77
C ARG C 697 34.00 8.64 -55.16
N ARG C 698 34.07 7.32 -55.40
CA ARG C 698 34.45 6.83 -56.71
C ARG C 698 33.37 7.14 -57.75
N GLU C 699 32.11 7.13 -57.34
CA GLU C 699 31.02 7.34 -58.29
C GLU C 699 31.02 8.77 -58.82
N ARG C 700 31.09 9.75 -57.92
CA ARG C 700 31.21 11.14 -58.37
C ARG C 700 32.51 11.36 -59.12
N GLU C 701 33.57 10.65 -58.73
CA GLU C 701 34.86 10.77 -59.42
C GLU C 701 34.72 10.41 -60.90
N ARG C 702 34.12 9.27 -61.21
CA ARG C 702 34.11 8.77 -62.57
C ARG C 702 33.12 9.49 -63.47
N GLN C 703 32.25 10.34 -62.92
CA GLN C 703 31.43 11.20 -63.76
C GLN C 703 32.25 12.31 -64.42
N THR C 704 33.49 12.51 -64.00
CA THR C 704 34.40 13.37 -64.75
C THR C 704 34.79 12.73 -66.08
N ASN C 705 34.91 11.40 -66.09
CA ASN C 705 35.19 10.64 -67.30
C ASN C 705 34.14 9.54 -67.45
N PRO C 706 32.89 9.91 -67.76
CA PRO C 706 31.87 8.88 -67.98
C PRO C 706 32.15 8.00 -69.18
N SER C 707 33.00 8.45 -70.11
CA SER C 707 33.39 7.69 -71.27
C SER C 707 34.68 6.89 -71.06
N ALA C 708 35.23 6.90 -69.84
CA ALA C 708 36.49 6.21 -69.59
C ALA C 708 36.36 4.71 -69.83
N MET C 709 35.27 4.11 -69.32
CA MET C 709 34.95 2.69 -69.48
C MET C 709 35.91 1.82 -68.67
N GLU C 710 36.93 2.43 -68.07
CA GLU C 710 37.81 1.73 -67.14
C GLU C 710 37.48 2.28 -65.75
N VAL C 711 36.46 1.68 -65.13
CA VAL C 711 35.98 2.06 -63.80
C VAL C 711 35.72 0.79 -63.01
N GLU C 712 35.12 0.94 -61.84
CA GLU C 712 34.65 -0.19 -61.04
C GLU C 712 35.80 -1.09 -60.59
N GLU C 713 36.68 -0.51 -59.78
CA GLU C 713 37.73 -1.30 -59.14
C GLU C 713 37.08 -2.38 -58.28
N ASP C 714 37.69 -3.57 -58.27
CA ASP C 714 37.04 -4.74 -57.69
C ASP C 714 36.79 -4.55 -56.19
N ASP C 715 37.77 -4.00 -55.47
CA ASP C 715 37.56 -3.77 -54.04
C ASP C 715 38.41 -2.61 -53.54
N PRO C 716 37.80 -1.58 -52.96
CA PRO C 716 38.60 -0.48 -52.40
C PRO C 716 39.16 -0.81 -51.03
N VAL C 717 38.39 -1.49 -50.20
CA VAL C 717 38.81 -1.90 -48.86
C VAL C 717 38.19 -3.27 -48.59
N PRO C 718 38.93 -4.36 -48.77
CA PRO C 718 38.37 -5.70 -48.59
C PRO C 718 38.60 -6.32 -47.22
N GLU C 719 39.04 -5.55 -46.23
CA GLU C 719 39.81 -6.17 -45.17
C GLU C 719 39.82 -5.24 -43.96
N ILE C 720 39.73 -5.84 -42.76
CA ILE C 720 39.69 -5.03 -41.54
C ILE C 720 40.99 -4.27 -41.35
N ARG C 721 42.12 -4.86 -41.73
CA ARG C 721 43.27 -4.05 -42.14
C ARG C 721 43.84 -3.15 -41.05
N ARG C 722 44.68 -3.72 -40.19
CA ARG C 722 45.32 -3.02 -39.08
C ARG C 722 45.73 -1.60 -39.45
N ASP C 723 45.70 -0.69 -38.46
CA ASP C 723 45.49 0.76 -38.48
C ASP C 723 44.01 1.09 -38.41
N HIS C 724 43.14 0.10 -38.26
CA HIS C 724 41.80 0.32 -37.72
C HIS C 724 41.75 0.07 -36.22
N PHE C 725 42.33 -1.05 -35.78
CA PHE C 725 42.47 -1.26 -34.35
C PHE C 725 43.34 -0.20 -33.72
N GLU C 726 44.21 0.43 -34.51
CA GLU C 726 44.95 1.60 -34.03
C GLU C 726 43.99 2.71 -33.64
N GLU C 727 42.89 2.85 -34.36
CA GLU C 727 41.91 3.89 -34.09
C GLU C 727 40.79 3.41 -33.17
N ALA C 728 40.27 2.21 -33.38
CA ALA C 728 39.18 1.73 -32.55
C ALA C 728 39.60 1.58 -31.09
N MET C 729 40.90 1.45 -30.84
CA MET C 729 41.39 1.32 -29.47
C MET C 729 41.30 2.63 -28.71
N ARG C 730 41.00 3.73 -29.41
CA ARG C 730 40.87 5.05 -28.81
C ARG C 730 39.53 5.25 -28.13
N PHE C 731 38.54 4.41 -28.44
CA PHE C 731 37.23 4.45 -27.79
C PHE C 731 36.97 3.19 -26.98
N ALA C 732 38.02 2.63 -26.38
CA ALA C 732 37.91 1.41 -25.59
C ALA C 732 37.83 1.79 -24.12
N ARG C 733 36.73 1.42 -23.46
CA ARG C 733 36.46 1.81 -22.09
C ARG C 733 36.47 0.60 -21.17
N ARG C 734 37.22 0.73 -20.08
CA ARG C 734 37.22 -0.30 -19.04
CA ARG C 734 37.22 -0.32 -19.05
C ARG C 734 35.92 -0.25 -18.25
N SER C 735 35.10 -1.30 -18.37
CA SER C 735 33.79 -1.28 -17.72
C SER C 735 33.91 -1.35 -16.20
N VAL C 736 34.68 -2.30 -15.70
CA VAL C 736 34.78 -2.53 -14.26
C VAL C 736 36.02 -1.83 -13.73
N SER C 737 35.79 -0.78 -12.94
CA SER C 737 36.90 -0.03 -12.37
C SER C 737 37.60 -0.85 -11.31
N ASP C 738 38.87 -0.51 -11.05
CA ASP C 738 39.67 -1.24 -10.10
C ASP C 738 39.12 -1.15 -8.68
N ASN C 739 38.24 -0.20 -8.40
CA ASN C 739 37.63 -0.10 -7.08
C ASN C 739 36.39 -0.96 -6.94
N ASP C 740 35.98 -1.66 -8.00
CA ASP C 740 34.85 -2.59 -7.92
C ASP C 740 35.26 -4.04 -8.04
N ILE C 741 36.43 -4.34 -8.61
CA ILE C 741 36.95 -5.69 -8.60
C ILE C 741 37.45 -6.09 -7.21
N ARG C 742 37.61 -5.13 -6.30
CA ARG C 742 38.02 -5.46 -4.93
C ARG C 742 36.92 -6.19 -4.19
N LYS C 743 35.66 -5.80 -4.40
CA LYS C 743 34.56 -6.36 -3.64
C LYS C 743 34.44 -7.88 -3.85
N TYR C 744 34.82 -8.39 -5.01
CA TYR C 744 34.79 -9.82 -5.25
C TYR C 744 36.05 -10.51 -4.75
N GLU C 745 37.22 -9.96 -5.07
CA GLU C 745 38.47 -10.56 -4.62
C GLU C 745 38.56 -10.59 -3.09
N MET C 746 37.82 -9.70 -2.42
CA MET C 746 37.74 -9.77 -0.96
C MET C 746 36.61 -10.67 -0.49
N PHE C 747 35.80 -11.22 -1.40
CA PHE C 747 34.85 -12.25 -1.02
C PHE C 747 35.47 -13.63 -1.12
N ALA C 748 35.98 -13.99 -2.30
CA ALA C 748 36.52 -15.33 -2.50
C ALA C 748 37.65 -15.63 -1.51
N GLN C 749 38.44 -14.62 -1.17
CA GLN C 749 39.48 -14.82 -0.17
C GLN C 749 38.89 -15.07 1.21
N THR C 750 37.61 -14.74 1.42
CA THR C 750 36.96 -15.02 2.69
C THR C 750 36.28 -16.39 2.69
N LEU C 751 35.90 -16.90 1.52
CA LEU C 751 35.53 -18.31 1.43
C LEU C 751 36.72 -19.19 1.77
N GLN C 752 37.90 -18.83 1.28
CA GLN C 752 39.14 -19.36 1.83
C GLN C 752 39.42 -18.67 3.16
N GLN C 753 40.43 -19.13 3.88
CA GLN C 753 40.78 -18.61 5.20
C GLN C 753 39.70 -18.97 6.21
N SER C 754 38.59 -19.54 5.74
CA SER C 754 37.63 -20.24 6.55
C SER C 754 37.70 -21.73 6.28
N ARG C 755 38.88 -22.17 5.84
CA ARG C 755 39.13 -23.52 5.37
C ARG C 755 40.50 -23.91 5.89
N GLY C 756 41.08 -24.95 5.29
CA GLY C 756 42.47 -25.24 5.57
C GLY C 756 42.72 -25.91 6.90
N PHE C 757 42.25 -27.14 7.05
CA PHE C 757 42.66 -27.94 8.19
C PHE C 757 43.98 -28.66 7.95
N GLY C 758 44.52 -28.57 6.74
CA GLY C 758 45.96 -28.59 6.56
C GLY C 758 46.67 -29.78 7.16
N SER C 759 47.30 -29.55 8.30
CA SER C 759 48.13 -30.53 8.98
C SER C 759 47.34 -31.75 9.44
N PHE C 760 46.04 -31.80 9.12
CA PHE C 760 45.28 -33.01 9.41
C PHE C 760 45.93 -34.22 8.77
N ARG C 761 46.07 -35.28 9.55
CA ARG C 761 46.80 -36.47 9.13
C ARG C 761 46.34 -37.61 10.00
N PHE C 762 45.84 -38.69 9.39
CA PHE C 762 45.37 -39.81 10.17
C PHE C 762 46.54 -40.48 10.89
N PRO C 763 46.30 -41.07 12.05
CA PRO C 763 47.40 -41.64 12.83
C PRO C 763 48.09 -42.78 12.10
N SER C 764 49.38 -42.94 12.38
CA SER C 764 50.19 -44.01 11.80
C SER C 764 50.16 -43.99 10.27
N LEU D 1 -21.12 -66.70 26.34
CA LEU D 1 -20.15 -66.46 25.28
C LEU D 1 -20.43 -65.14 24.56
N SER D 2 -19.89 -64.05 25.14
CA SER D 2 -20.24 -62.73 24.68
C SER D 2 -19.00 -61.94 24.25
N THR D 3 -17.91 -62.63 23.93
CA THR D 3 -16.74 -62.02 23.32
C THR D 3 -16.14 -62.87 22.21
N ALA D 4 -16.97 -63.37 21.25
CA ALA D 4 -16.53 -64.52 20.48
C ALA D 4 -16.73 -64.47 18.89
N ILE D 5 -17.22 -63.49 18.12
CA ILE D 5 -17.71 -63.76 16.77
C ILE D 5 -16.60 -63.81 15.71
N LEU D 6 -15.40 -63.34 16.04
CA LEU D 6 -14.36 -63.26 15.00
C LEU D 6 -13.69 -64.59 14.67
N LYS D 7 -14.17 -65.71 15.21
CA LYS D 7 -13.63 -67.02 14.88
C LYS D 7 -13.70 -67.29 13.38
N GLN D 8 -12.60 -67.78 12.81
CA GLN D 8 -12.62 -68.31 11.46
C GLN D 8 -12.82 -69.82 11.41
N LYS D 9 -12.73 -70.50 12.56
CA LYS D 9 -12.86 -71.95 12.67
C LYS D 9 -11.90 -72.68 11.71
N ASN D 10 -10.61 -72.49 11.99
CA ASN D 10 -9.62 -73.36 11.40
C ASN D 10 -9.83 -74.78 11.93
N ARG D 11 -9.80 -75.74 11.00
CA ARG D 11 -10.27 -77.08 11.28
C ARG D 11 -9.11 -78.06 11.36
N PRO D 12 -9.25 -79.14 12.13
CA PRO D 12 -8.25 -80.21 12.10
C PRO D 12 -8.17 -80.91 10.76
N ASN D 13 -9.20 -80.81 9.92
CA ASN D 13 -9.23 -81.49 8.62
C ASN D 13 -9.06 -80.53 7.44
N ARG D 14 -8.46 -79.37 7.68
CA ARG D 14 -8.13 -78.47 6.58
C ARG D 14 -7.05 -79.08 5.70
N LEU D 15 -7.29 -79.08 4.40
CA LEU D 15 -6.41 -79.72 3.44
C LEU D 15 -5.71 -78.67 2.59
N ILE D 16 -4.39 -78.77 2.53
CA ILE D 16 -3.56 -77.82 1.79
C ILE D 16 -3.22 -78.45 0.43
N VAL D 17 -2.93 -77.59 -0.55
CA VAL D 17 -2.74 -78.06 -1.92
C VAL D 17 -1.52 -78.98 -2.01
N ASP D 18 -1.71 -80.10 -2.71
CA ASP D 18 -0.62 -81.02 -3.06
C ASP D 18 -0.80 -81.44 -4.50
N GLU D 19 0.31 -81.55 -5.21
CA GLU D 19 0.27 -81.82 -6.64
C GLU D 19 -0.07 -83.29 -6.92
N ALA D 20 -0.75 -83.52 -8.03
CA ALA D 20 -1.12 -84.87 -8.45
C ALA D 20 -0.69 -85.09 -9.90
N ILE D 21 -0.52 -86.36 -10.26
CA ILE D 21 -0.14 -86.77 -11.61
C ILE D 21 -1.29 -87.47 -12.32
N ASN D 22 -2.50 -87.41 -11.77
CA ASN D 22 -3.66 -88.10 -12.33
C ASN D 22 -4.39 -87.20 -13.31
N GLU D 23 -5.22 -87.82 -14.15
CA GLU D 23 -5.97 -87.10 -15.17
C GLU D 23 -7.48 -87.06 -14.89
N ASP D 24 -7.97 -87.83 -13.93
CA ASP D 24 -9.37 -87.76 -13.56
C ASP D 24 -9.65 -86.41 -12.89
N ASN D 25 -10.77 -85.79 -13.26
CA ASN D 25 -11.07 -84.42 -12.85
C ASN D 25 -11.93 -84.34 -11.60
N SER D 26 -12.23 -85.46 -10.95
CA SER D 26 -12.94 -85.40 -9.68
C SER D 26 -12.43 -86.42 -8.67
N VAL D 27 -11.16 -86.81 -8.77
CA VAL D 27 -10.54 -87.73 -7.82
C VAL D 27 -9.85 -86.91 -6.74
N VAL D 28 -10.11 -87.26 -5.48
CA VAL D 28 -9.54 -86.56 -4.34
C VAL D 28 -8.69 -87.54 -3.54
N SER D 29 -7.47 -87.10 -3.20
CA SER D 29 -6.58 -87.85 -2.32
C SER D 29 -6.64 -87.18 -0.96
N LEU D 30 -7.24 -87.86 0.00
CA LEU D 30 -7.59 -87.28 1.28
C LEU D 30 -6.80 -87.92 2.40
N SER D 31 -6.93 -87.34 3.60
CA SER D 31 -6.35 -87.96 4.78
C SER D 31 -7.09 -89.27 5.09
N GLN D 32 -6.41 -90.16 5.80
CA GLN D 32 -7.04 -91.42 6.19
C GLN D 32 -8.26 -91.22 7.07
N PRO D 33 -8.24 -90.36 8.11
CA PRO D 33 -9.46 -90.17 8.92
C PRO D 33 -10.47 -89.25 8.26
N LYS D 34 -10.30 -88.94 6.97
CA LYS D 34 -11.24 -88.02 6.31
C LYS D 34 -12.64 -88.62 6.26
N MET D 35 -12.75 -89.90 5.91
CA MET D 35 -14.04 -90.57 5.95
C MET D 35 -14.53 -90.75 7.38
N ASP D 36 -13.66 -90.50 8.36
CA ASP D 36 -13.90 -90.93 9.73
C ASP D 36 -14.32 -89.80 10.67
N GLU D 37 -13.75 -88.60 10.53
CA GLU D 37 -14.04 -87.52 11.48
C GLU D 37 -15.53 -87.16 11.44
N LEU D 38 -15.99 -86.64 10.31
CA LEU D 38 -17.41 -86.37 10.12
C LEU D 38 -18.19 -87.62 9.72
N GLN D 39 -17.57 -88.80 9.86
CA GLN D 39 -18.17 -90.05 9.42
C GLN D 39 -18.61 -89.98 7.97
N LEU D 40 -17.72 -89.46 7.11
CA LEU D 40 -18.02 -89.25 5.70
C LEU D 40 -18.14 -90.59 4.99
N PHE D 41 -19.37 -90.99 4.70
CA PHE D 41 -19.60 -92.25 3.99
C PHE D 41 -19.35 -92.06 2.49
N ARG D 42 -19.14 -93.18 1.81
CA ARG D 42 -19.05 -93.16 0.36
C ARG D 42 -20.44 -93.02 -0.24
N GLY D 43 -20.49 -92.41 -1.43
CA GLY D 43 -21.74 -92.21 -2.13
C GLY D 43 -22.23 -90.78 -2.18
N ASP D 44 -21.48 -89.83 -1.62
CA ASP D 44 -21.87 -88.43 -1.64
C ASP D 44 -20.78 -87.60 -2.33
N THR D 45 -20.96 -86.28 -2.29
CA THR D 45 -19.99 -85.33 -2.84
C THR D 45 -19.77 -84.21 -1.84
N VAL D 46 -18.51 -83.80 -1.68
CA VAL D 46 -18.15 -82.77 -0.73
C VAL D 46 -18.22 -81.40 -1.40
N LEU D 47 -18.26 -80.37 -0.56
CA LEU D 47 -18.33 -78.96 -0.99
C LEU D 47 -17.02 -78.29 -0.63
N LEU D 48 -16.07 -78.31 -1.55
CA LEU D 48 -14.76 -77.71 -1.34
C LEU D 48 -14.85 -76.20 -1.46
N LYS D 49 -14.17 -75.50 -0.55
CA LYS D 49 -14.29 -74.05 -0.42
C LYS D 49 -13.17 -73.36 -1.18
N GLY D 50 -13.54 -72.40 -2.02
CA GLY D 50 -12.60 -71.56 -2.72
C GLY D 50 -12.73 -70.10 -2.33
N LYS D 51 -13.06 -69.24 -3.28
CA LYS D 51 -13.26 -67.83 -3.01
C LYS D 51 -14.33 -67.27 -3.94
N LYS D 52 -14.92 -66.15 -3.52
CA LYS D 52 -15.87 -65.38 -4.33
C LYS D 52 -17.09 -66.20 -4.73
N ARG D 53 -17.39 -67.25 -3.97
CA ARG D 53 -18.35 -68.29 -4.33
C ARG D 53 -18.00 -68.98 -5.64
N ARG D 54 -16.83 -68.70 -6.20
CA ARG D 54 -16.34 -69.34 -7.40
C ARG D 54 -15.54 -70.57 -6.97
N GLU D 55 -16.21 -71.71 -6.91
CA GLU D 55 -15.63 -72.94 -6.40
C GLU D 55 -15.75 -74.03 -7.45
N ALA D 56 -15.26 -75.21 -7.10
CA ALA D 56 -15.45 -76.41 -7.89
C ALA D 56 -15.47 -77.60 -6.95
N VAL D 57 -16.44 -78.49 -7.13
CA VAL D 57 -16.65 -79.59 -6.21
C VAL D 57 -16.20 -80.89 -6.88
N CYS D 58 -16.15 -81.95 -6.09
CA CYS D 58 -15.68 -83.25 -6.54
C CYS D 58 -16.67 -84.32 -6.11
N ILE D 59 -16.48 -85.51 -6.63
CA ILE D 59 -17.07 -86.71 -6.03
C ILE D 59 -16.07 -87.25 -5.02
N VAL D 60 -16.51 -87.41 -3.78
CA VAL D 60 -15.63 -87.85 -2.70
C VAL D 60 -15.69 -89.37 -2.62
N LEU D 61 -14.53 -90.00 -2.75
CA LEU D 61 -14.40 -91.44 -2.73
C LEU D 61 -13.65 -91.85 -1.47
N SER D 62 -13.74 -93.14 -1.15
CA SER D 62 -12.95 -93.67 -0.05
C SER D 62 -11.51 -93.89 -0.52
N ASP D 63 -10.88 -92.82 -1.02
CA ASP D 63 -9.50 -92.84 -1.50
C ASP D 63 -8.70 -91.99 -0.52
N ASP D 64 -8.26 -92.62 0.56
CA ASP D 64 -7.54 -91.94 1.63
C ASP D 64 -6.04 -92.18 1.56
N THR D 65 -5.50 -92.33 0.35
CA THR D 65 -4.10 -92.69 0.16
C THR D 65 -3.15 -91.53 0.44
N CYS D 66 -3.65 -90.32 0.63
CA CYS D 66 -2.80 -89.16 0.86
C CYS D 66 -2.38 -89.10 2.33
N SER D 67 -1.76 -87.99 2.72
CA SER D 67 -1.34 -87.78 4.10
C SER D 67 -2.40 -87.01 4.87
N ASP D 68 -2.16 -86.86 6.18
CA ASP D 68 -3.16 -86.29 7.08
C ASP D 68 -3.19 -84.77 7.06
N GLU D 69 -2.30 -84.10 6.33
CA GLU D 69 -2.17 -82.66 6.41
C GLU D 69 -2.58 -81.93 5.13
N LYS D 70 -2.67 -82.61 4.00
CA LYS D 70 -2.85 -81.95 2.71
C LYS D 70 -3.79 -82.75 1.83
N ILE D 71 -4.12 -82.16 0.67
CA ILE D 71 -4.95 -82.81 -0.34
C ILE D 71 -4.18 -82.82 -1.66
N ARG D 72 -4.15 -83.98 -2.31
CA ARG D 72 -3.52 -84.13 -3.62
C ARG D 72 -4.60 -84.01 -4.69
N MET D 73 -4.45 -83.02 -5.56
CA MET D 73 -5.44 -82.76 -6.59
C MET D 73 -4.73 -82.40 -7.89
N ASN D 74 -5.48 -82.50 -8.99
CA ASN D 74 -5.00 -82.14 -10.30
C ASN D 74 -5.14 -80.62 -10.49
N ARG D 75 -4.92 -80.15 -11.71
CA ARG D 75 -5.16 -78.75 -12.01
C ARG D 75 -6.64 -78.40 -11.90
N VAL D 76 -7.52 -79.31 -12.34
CA VAL D 76 -8.91 -78.99 -12.65
C VAL D 76 -9.62 -78.34 -11.47
N VAL D 77 -9.81 -79.10 -10.39
CA VAL D 77 -10.71 -78.64 -9.33
C VAL D 77 -10.08 -77.47 -8.56
N ARG D 78 -8.82 -77.59 -8.18
CA ARG D 78 -8.18 -76.53 -7.39
C ARG D 78 -8.16 -75.22 -8.14
N ASN D 79 -7.83 -75.25 -9.43
CA ASN D 79 -7.87 -74.03 -10.23
C ASN D 79 -9.30 -73.62 -10.56
N ASN D 80 -10.20 -74.58 -10.83
CA ASN D 80 -11.60 -74.23 -11.05
C ASN D 80 -12.32 -73.90 -9.75
N LEU D 81 -11.69 -74.18 -8.61
CA LEU D 81 -12.08 -73.54 -7.35
C LEU D 81 -11.68 -72.07 -7.32
N ARG D 82 -11.14 -71.56 -8.44
CA ARG D 82 -10.73 -70.16 -8.57
C ARG D 82 -9.78 -69.76 -7.44
N VAL D 83 -8.90 -70.69 -7.07
CA VAL D 83 -7.86 -70.45 -6.08
C VAL D 83 -6.57 -71.08 -6.59
N ARG D 84 -5.49 -70.30 -6.59
CA ARG D 84 -4.19 -70.84 -6.91
C ARG D 84 -3.70 -71.77 -5.80
N LEU D 85 -2.68 -72.55 -6.11
CA LEU D 85 -2.00 -73.32 -5.08
C LEU D 85 -1.32 -72.33 -4.15
N GLY D 86 -1.89 -72.16 -2.96
CA GLY D 86 -1.46 -71.12 -2.05
C GLY D 86 -2.65 -70.44 -1.40
N ASP D 87 -3.84 -70.92 -1.71
CA ASP D 87 -5.08 -70.43 -1.11
C ASP D 87 -5.66 -71.52 -0.20
N VAL D 88 -6.30 -71.09 0.88
CA VAL D 88 -6.89 -72.06 1.81
C VAL D 88 -8.09 -72.72 1.16
N ILE D 89 -8.13 -74.05 1.25
CA ILE D 89 -9.25 -74.85 0.76
C ILE D 89 -9.70 -75.75 1.90
N SER D 90 -10.99 -75.68 2.24
CA SER D 90 -11.54 -76.45 3.33
C SER D 90 -12.48 -77.51 2.78
N ILE D 91 -12.50 -78.68 3.43
CA ILE D 91 -13.34 -79.79 3.01
C ILE D 91 -14.59 -79.83 3.88
N GLN D 92 -15.73 -80.00 3.23
CA GLN D 92 -17.01 -80.13 3.92
C GLN D 92 -17.99 -80.85 3.00
N PRO D 93 -18.67 -81.89 3.48
CA PRO D 93 -19.62 -82.62 2.63
C PRO D 93 -20.81 -81.74 2.26
N CYS D 94 -21.36 -82.01 1.08
CA CYS D 94 -22.58 -81.34 0.64
C CYS D 94 -23.61 -82.40 0.26
N PRO D 95 -24.78 -82.43 0.89
CA PRO D 95 -25.73 -83.51 0.62
C PRO D 95 -26.50 -83.32 -0.68
N ASP D 96 -26.04 -82.41 -1.53
CA ASP D 96 -26.72 -82.11 -2.79
C ASP D 96 -26.26 -83.06 -3.89
N VAL D 97 -26.44 -84.35 -3.62
CA VAL D 97 -26.11 -85.41 -4.60
C VAL D 97 -27.32 -85.48 -5.53
N LYS D 98 -27.25 -84.74 -6.62
CA LYS D 98 -28.37 -84.60 -7.53
C LYS D 98 -27.93 -84.93 -8.96
N TYR D 99 -28.89 -85.35 -9.77
CA TYR D 99 -28.61 -85.67 -11.16
C TYR D 99 -29.12 -84.56 -12.06
N GLY D 100 -28.25 -84.11 -12.97
CA GLY D 100 -28.54 -82.93 -13.77
C GLY D 100 -29.72 -83.14 -14.70
N LYS D 101 -30.68 -82.22 -14.64
CA LYS D 101 -31.83 -82.26 -15.54
C LYS D 101 -31.47 -81.75 -16.93
N ARG D 102 -30.99 -80.51 -17.02
CA ARG D 102 -30.57 -79.92 -18.28
C ARG D 102 -29.36 -79.04 -17.99
N ILE D 103 -28.20 -79.42 -18.53
CA ILE D 103 -26.96 -78.74 -18.22
C ILE D 103 -26.51 -77.93 -19.44
N HIS D 104 -25.46 -77.15 -19.28
CA HIS D 104 -24.95 -76.31 -20.36
C HIS D 104 -23.45 -76.12 -20.16
N VAL D 105 -22.66 -76.93 -20.85
CA VAL D 105 -21.21 -76.81 -20.84
C VAL D 105 -20.76 -76.19 -22.17
N LEU D 106 -20.02 -75.09 -22.08
CA LEU D 106 -19.64 -74.32 -23.26
C LEU D 106 -18.22 -74.67 -23.68
N PRO D 107 -18.02 -75.33 -24.81
CA PRO D 107 -16.67 -75.70 -25.23
C PRO D 107 -15.90 -74.52 -25.79
N ILE D 108 -14.60 -74.75 -25.98
CA ILE D 108 -13.73 -73.88 -26.75
C ILE D 108 -13.21 -74.69 -27.93
N ASP D 109 -13.37 -74.15 -29.14
CA ASP D 109 -13.21 -74.97 -30.35
C ASP D 109 -11.78 -75.49 -30.50
N ASP D 110 -10.77 -74.67 -30.18
CA ASP D 110 -9.39 -75.08 -30.41
C ASP D 110 -9.06 -76.34 -29.62
N THR D 111 -9.57 -76.45 -28.39
CA THR D 111 -9.45 -77.69 -27.65
C THR D 111 -10.39 -78.76 -28.19
N VAL D 112 -11.47 -78.36 -28.86
CA VAL D 112 -12.46 -79.30 -29.34
C VAL D 112 -12.15 -79.76 -30.77
N GLU D 113 -11.45 -78.92 -31.55
CA GLU D 113 -11.22 -79.19 -32.97
C GLU D 113 -10.60 -80.56 -33.21
N GLY D 114 -10.72 -81.04 -34.44
CA GLY D 114 -10.47 -82.44 -34.76
C GLY D 114 -11.77 -83.16 -35.10
N ILE D 115 -12.28 -83.96 -34.18
CA ILE D 115 -13.58 -84.62 -34.36
C ILE D 115 -14.65 -83.71 -33.80
N THR D 116 -15.71 -83.48 -34.59
CA THR D 116 -16.79 -82.61 -34.17
C THR D 116 -18.11 -83.36 -34.01
N GLY D 117 -18.61 -83.99 -35.07
CA GLY D 117 -19.84 -84.78 -34.99
C GLY D 117 -20.97 -84.02 -34.34
N ASN D 118 -21.69 -84.71 -33.45
CA ASN D 118 -22.70 -84.10 -32.60
C ASN D 118 -22.15 -84.00 -31.19
N LEU D 119 -22.39 -82.85 -30.54
CA LEU D 119 -21.76 -82.58 -29.25
C LEU D 119 -22.18 -83.61 -28.20
N PHE D 120 -23.44 -84.04 -28.24
CA PHE D 120 -23.92 -85.00 -27.26
C PHE D 120 -23.23 -86.35 -27.40
N GLU D 121 -22.97 -86.79 -28.63
CA GLU D 121 -22.50 -88.16 -28.83
C GLU D 121 -20.99 -88.25 -28.93
N VAL D 122 -20.33 -87.22 -29.45
CA VAL D 122 -18.87 -87.28 -29.60
C VAL D 122 -18.16 -86.89 -28.32
N TYR D 123 -18.69 -85.95 -27.55
CA TYR D 123 -18.01 -85.45 -26.38
C TYR D 123 -18.80 -85.63 -25.08
N LEU D 124 -20.12 -85.49 -25.11
CA LEU D 124 -20.90 -85.72 -23.90
C LEU D 124 -21.06 -87.20 -23.58
N LYS D 125 -20.80 -88.09 -24.55
CA LYS D 125 -20.78 -89.52 -24.25
C LYS D 125 -19.52 -89.92 -23.47
N PRO D 126 -18.30 -89.75 -23.99
CA PRO D 126 -17.13 -90.29 -23.30
C PRO D 126 -16.71 -89.49 -22.07
N TYR D 127 -17.40 -88.40 -21.76
CA TYR D 127 -17.08 -87.61 -20.57
C TYR D 127 -18.01 -87.89 -19.40
N PHE D 128 -19.33 -87.92 -19.62
CA PHE D 128 -20.29 -88.06 -18.53
C PHE D 128 -20.72 -89.49 -18.28
N LEU D 129 -20.14 -90.46 -18.99
CA LEU D 129 -20.61 -91.86 -18.94
C LEU D 129 -20.20 -92.46 -17.60
N GLU D 130 -20.91 -92.04 -16.55
CA GLU D 130 -20.72 -92.55 -15.19
C GLU D 130 -19.25 -92.48 -14.77
N ALA D 131 -18.59 -91.39 -15.18
CA ALA D 131 -17.14 -91.29 -15.04
C ALA D 131 -16.72 -90.61 -13.74
N TYR D 132 -17.56 -90.63 -12.70
CA TYR D 132 -17.24 -90.00 -11.43
C TYR D 132 -16.90 -88.52 -11.61
N ARG D 133 -17.76 -87.80 -12.33
CA ARG D 133 -17.45 -86.41 -12.69
C ARG D 133 -18.59 -85.48 -12.35
N PRO D 134 -18.72 -85.04 -11.11
CA PRO D 134 -19.64 -83.93 -10.79
C PRO D 134 -18.93 -82.59 -10.88
N ILE D 135 -19.73 -81.57 -11.15
CA ILE D 135 -19.24 -80.22 -11.38
C ILE D 135 -19.99 -79.26 -10.45
N ARG D 136 -19.55 -78.00 -10.46
CA ARG D 136 -20.25 -76.93 -9.78
C ARG D 136 -20.82 -75.96 -10.83
N LYS D 137 -22.06 -75.55 -10.61
CA LYS D 137 -22.77 -74.73 -11.60
C LYS D 137 -22.07 -73.40 -11.80
N GLY D 138 -21.59 -73.17 -13.02
CA GLY D 138 -20.93 -71.93 -13.38
C GLY D 138 -19.42 -72.01 -13.55
N ASP D 139 -18.86 -73.19 -13.76
CA ASP D 139 -17.41 -73.38 -13.82
C ASP D 139 -16.95 -73.53 -15.26
N ILE D 140 -15.64 -73.69 -15.43
CA ILE D 140 -15.03 -74.11 -16.68
C ILE D 140 -14.05 -75.21 -16.30
N PHE D 141 -14.51 -76.46 -16.32
CA PHE D 141 -13.67 -77.59 -15.94
C PHE D 141 -12.72 -77.96 -17.08
N LEU D 142 -11.64 -78.64 -16.71
CA LEU D 142 -10.61 -79.06 -17.64
C LEU D 142 -10.77 -80.55 -17.93
N VAL D 143 -10.83 -80.90 -19.21
CA VAL D 143 -11.10 -82.27 -19.65
C VAL D 143 -9.79 -82.88 -20.14
N ARG D 144 -9.36 -83.95 -19.48
CA ARG D 144 -8.22 -84.74 -19.94
C ARG D 144 -8.67 -86.06 -20.57
N GLY D 145 -9.88 -86.10 -21.10
CA GLY D 145 -10.41 -87.28 -21.74
C GLY D 145 -10.02 -87.36 -23.20
N GLY D 146 -9.00 -86.61 -23.57
CA GLY D 146 -8.42 -86.65 -24.90
C GLY D 146 -6.92 -86.57 -24.77
N MET D 147 -6.25 -86.32 -25.89
CA MET D 147 -4.79 -86.19 -25.87
C MET D 147 -4.32 -84.86 -25.30
N ARG D 148 -5.19 -83.85 -25.27
CA ARG D 148 -4.79 -82.49 -24.93
C ARG D 148 -5.83 -81.86 -24.01
N ALA D 149 -5.44 -80.76 -23.38
CA ALA D 149 -6.28 -80.09 -22.39
C ALA D 149 -7.49 -79.47 -23.06
N VAL D 150 -8.68 -79.80 -22.57
CA VAL D 150 -9.94 -79.32 -23.12
C VAL D 150 -10.78 -78.77 -21.99
N GLU D 151 -11.40 -77.62 -22.21
CA GLU D 151 -12.27 -77.01 -21.19
C GLU D 151 -13.66 -76.75 -21.75
N PHE D 152 -14.66 -77.07 -20.94
CA PHE D 152 -16.05 -76.74 -21.22
C PHE D 152 -16.58 -75.83 -20.12
N LYS D 153 -17.28 -74.77 -20.54
CA LYS D 153 -17.74 -73.73 -19.63
C LYS D 153 -19.15 -74.05 -19.13
N VAL D 154 -19.26 -74.34 -17.83
CA VAL D 154 -20.56 -74.61 -17.20
C VAL D 154 -21.30 -73.29 -17.05
N VAL D 155 -22.56 -73.27 -17.48
CA VAL D 155 -23.39 -72.09 -17.33
C VAL D 155 -24.69 -72.46 -16.62
N GLU D 156 -25.39 -73.46 -17.14
CA GLU D 156 -26.69 -73.87 -16.62
C GLU D 156 -26.59 -75.23 -15.95
N THR D 157 -27.15 -75.32 -14.74
CA THR D 157 -27.32 -76.58 -14.02
C THR D 157 -28.60 -76.49 -13.22
N ASP D 158 -29.52 -77.42 -13.45
CA ASP D 158 -30.85 -77.30 -12.85
C ASP D 158 -30.83 -77.24 -11.34
N PRO D 159 -30.10 -78.11 -10.62
CA PRO D 159 -29.93 -77.86 -9.17
C PRO D 159 -29.09 -76.61 -8.95
N SER D 160 -29.54 -75.77 -8.01
CA SER D 160 -28.92 -74.47 -7.83
C SER D 160 -27.46 -74.57 -7.40
N PRO D 161 -27.08 -75.32 -6.35
CA PRO D 161 -25.65 -75.39 -6.00
C PRO D 161 -24.82 -76.09 -7.06
N TYR D 162 -25.16 -77.35 -7.34
CA TYR D 162 -24.43 -78.19 -8.29
C TYR D 162 -25.14 -79.53 -8.43
N CYS D 163 -24.60 -80.43 -9.25
CA CYS D 163 -25.17 -81.77 -9.35
C CYS D 163 -24.11 -82.73 -9.88
N ILE D 164 -24.40 -84.02 -9.70
CA ILE D 164 -23.68 -85.09 -10.40
C ILE D 164 -24.43 -85.28 -11.72
N VAL D 165 -23.89 -84.70 -12.79
CA VAL D 165 -24.56 -84.74 -14.09
C VAL D 165 -24.63 -86.19 -14.54
N ALA D 166 -25.83 -86.65 -14.90
CA ALA D 166 -26.01 -88.04 -15.30
C ALA D 166 -26.53 -88.15 -16.72
N PRO D 167 -25.99 -89.07 -17.51
CA PRO D 167 -26.58 -89.33 -18.84
C PRO D 167 -27.98 -89.93 -18.75
N ASP D 168 -28.37 -90.44 -17.59
CA ASP D 168 -29.71 -91.00 -17.44
C ASP D 168 -30.78 -89.94 -17.71
N THR D 169 -30.56 -88.74 -17.19
CA THR D 169 -31.42 -87.61 -17.52
C THR D 169 -30.86 -86.89 -18.74
N VAL D 170 -31.75 -86.48 -19.65
CA VAL D 170 -31.34 -85.95 -20.94
C VAL D 170 -30.41 -84.77 -20.78
N ILE D 171 -29.36 -84.73 -21.61
CA ILE D 171 -28.37 -83.67 -21.59
C ILE D 171 -28.39 -82.98 -22.96
N HIS D 172 -28.60 -81.68 -22.96
CA HIS D 172 -28.61 -80.92 -24.21
C HIS D 172 -27.20 -80.70 -24.73
N CYS D 173 -27.09 -80.60 -26.05
CA CYS D 173 -25.83 -80.29 -26.73
C CYS D 173 -25.73 -78.81 -27.07
N GLU D 174 -26.32 -77.95 -26.25
CA GLU D 174 -26.38 -76.51 -26.51
C GLU D 174 -25.08 -75.80 -26.13
N GLY D 175 -24.00 -76.54 -25.95
CA GLY D 175 -22.71 -75.92 -25.81
C GLY D 175 -22.26 -75.26 -27.10
N GLU D 176 -21.51 -74.18 -26.96
CA GLU D 176 -21.05 -73.39 -28.09
C GLU D 176 -19.57 -73.06 -27.95
N PRO D 177 -18.83 -72.93 -29.04
CA PRO D 177 -17.40 -72.63 -28.94
C PRO D 177 -17.17 -71.22 -28.40
N ILE D 178 -16.35 -71.15 -27.34
CA ILE D 178 -16.03 -69.91 -26.66
C ILE D 178 -14.54 -69.63 -26.88
N LYS D 179 -14.09 -68.49 -26.36
CA LYS D 179 -12.70 -68.06 -26.47
C LYS D 179 -12.15 -67.79 -25.09
N ARG D 180 -10.82 -67.87 -24.96
CA ARG D 180 -10.16 -67.60 -23.69
C ARG D 180 -10.36 -66.14 -23.28
N GLU D 181 -10.65 -65.26 -24.24
CA GLU D 181 -10.76 -63.83 -23.98
C GLU D 181 -11.90 -63.50 -23.02
N ASP D 182 -12.87 -64.40 -22.85
CA ASP D 182 -14.06 -64.08 -22.07
C ASP D 182 -13.90 -64.32 -20.58
N GLU D 183 -12.73 -64.76 -20.13
CA GLU D 183 -12.55 -65.05 -18.70
C GLU D 183 -12.39 -63.77 -17.89
N GLU D 184 -11.73 -62.76 -18.46
CA GLU D 184 -11.49 -61.52 -17.73
C GLU D 184 -12.78 -60.82 -17.34
N GLU D 185 -13.82 -60.92 -18.16
CA GLU D 185 -15.12 -60.36 -17.78
C GLU D 185 -15.70 -61.10 -16.59
N SER D 186 -15.48 -62.41 -16.52
CA SER D 186 -15.76 -63.15 -15.29
C SER D 186 -14.72 -62.87 -14.23
N LEU D 187 -13.45 -62.75 -14.62
CA LEU D 187 -12.39 -62.34 -13.69
C LEU D 187 -12.41 -60.85 -13.40
N ASN D 188 -13.38 -60.11 -13.95
CA ASN D 188 -13.64 -58.77 -13.45
C ASN D 188 -13.91 -58.79 -11.96
N GLU D 189 -14.49 -59.88 -11.48
CA GLU D 189 -14.64 -60.12 -10.05
C GLU D 189 -13.27 -60.34 -9.43
N VAL D 190 -12.80 -59.35 -8.68
CA VAL D 190 -11.43 -59.33 -8.17
C VAL D 190 -11.42 -59.85 -6.74
N GLY D 191 -10.53 -60.80 -6.47
CA GLY D 191 -10.37 -61.31 -5.12
C GLY D 191 -9.89 -60.24 -4.16
N TYR D 192 -9.70 -60.60 -2.90
CA TYR D 192 -9.35 -59.57 -1.92
C TYR D 192 -7.90 -59.14 -2.02
N ASP D 193 -7.00 -60.06 -2.36
CA ASP D 193 -5.57 -59.80 -2.21
C ASP D 193 -4.97 -59.06 -3.41
N ASP D 194 -5.77 -58.51 -4.30
CA ASP D 194 -5.24 -57.76 -5.44
C ASP D 194 -5.20 -56.26 -5.18
N ILE D 195 -5.02 -55.86 -3.92
CA ILE D 195 -4.86 -54.46 -3.55
C ILE D 195 -3.62 -54.34 -2.69
N GLY D 196 -2.77 -53.36 -3.00
CA GLY D 196 -1.52 -53.17 -2.30
C GLY D 196 -1.40 -51.77 -1.74
N GLY D 197 -0.64 -51.66 -0.65
CA GLY D 197 -0.40 -50.37 -0.04
C GLY D 197 -1.58 -49.79 0.70
N CYS D 198 -2.63 -50.56 0.91
CA CYS D 198 -3.83 -50.06 1.58
C CYS D 198 -4.15 -50.86 2.84
N ARG D 199 -3.21 -51.69 3.31
CA ARG D 199 -3.48 -52.55 4.46
C ARG D 199 -3.86 -51.74 5.70
N LYS D 200 -3.39 -50.49 5.79
CA LYS D 200 -3.77 -49.65 6.92
C LYS D 200 -5.22 -49.19 6.81
N GLN D 201 -5.63 -48.69 5.63
CA GLN D 201 -6.98 -48.19 5.44
C GLN D 201 -7.97 -49.30 5.10
N LEU D 202 -7.54 -50.31 4.35
CA LEU D 202 -8.46 -51.39 3.99
C LEU D 202 -8.92 -52.15 5.23
N ALA D 203 -8.20 -52.01 6.34
CA ALA D 203 -8.70 -52.54 7.61
C ALA D 203 -9.95 -51.81 8.05
N GLN D 204 -9.99 -50.50 7.86
CA GLN D 204 -11.17 -49.72 8.27
C GLN D 204 -12.40 -50.13 7.49
N ILE D 205 -12.25 -50.40 6.19
CA ILE D 205 -13.41 -50.85 5.42
C ILE D 205 -13.86 -52.21 5.89
N LYS D 206 -12.94 -53.02 6.43
CA LYS D 206 -13.33 -54.30 7.02
C LYS D 206 -14.30 -54.12 8.19
N GLU D 207 -14.02 -53.15 9.06
CA GLU D 207 -14.85 -52.99 10.24
C GLU D 207 -16.18 -52.34 9.91
N MET D 208 -16.25 -51.60 8.80
CA MET D 208 -17.40 -50.73 8.57
C MET D 208 -18.48 -51.41 7.75
N VAL D 209 -18.12 -52.42 6.94
CA VAL D 209 -18.98 -52.88 5.86
C VAL D 209 -19.33 -54.36 6.00
N GLU D 210 -18.33 -55.23 6.13
CA GLU D 210 -18.61 -56.67 6.14
C GLU D 210 -19.44 -57.07 7.36
N LEU D 211 -19.14 -56.50 8.52
CA LEU D 211 -19.97 -56.79 9.68
C LEU D 211 -21.42 -56.39 9.48
N PRO D 212 -21.74 -55.19 8.96
CA PRO D 212 -23.14 -54.91 8.61
C PRO D 212 -23.69 -55.78 7.49
N LEU D 213 -22.85 -56.39 6.66
CA LEU D 213 -23.35 -57.07 5.47
C LEU D 213 -23.44 -58.58 5.64
N ARG D 214 -22.46 -59.22 6.28
CA ARG D 214 -22.52 -60.66 6.48
C ARG D 214 -23.25 -61.06 7.75
N HIS D 215 -23.75 -60.10 8.52
CA HIS D 215 -24.49 -60.40 9.75
C HIS D 215 -25.59 -59.36 9.94
N PRO D 216 -26.59 -59.37 9.05
CA PRO D 216 -27.63 -58.34 9.12
C PRO D 216 -28.40 -58.35 10.44
N ALA D 217 -28.69 -59.53 10.98
CA ALA D 217 -29.53 -59.62 12.16
C ALA D 217 -28.86 -58.95 13.35
N LEU D 218 -27.55 -59.14 13.51
CA LEU D 218 -26.85 -58.65 14.70
C LEU D 218 -26.97 -57.13 14.82
N PHE D 219 -26.87 -56.41 13.71
CA PHE D 219 -27.10 -54.97 13.74
C PHE D 219 -28.54 -54.65 14.05
N LYS D 220 -29.47 -55.30 13.36
CA LYS D 220 -30.89 -55.05 13.60
C LYS D 220 -31.31 -55.51 14.99
N ALA D 221 -30.73 -56.60 15.49
CA ALA D 221 -31.06 -57.08 16.83
C ALA D 221 -30.60 -56.09 17.90
N ILE D 222 -29.31 -55.79 17.94
CA ILE D 222 -28.81 -54.82 18.91
C ILE D 222 -29.37 -53.43 18.64
N GLY D 223 -29.74 -53.12 17.40
CA GLY D 223 -30.27 -51.82 17.06
C GLY D 223 -29.24 -50.81 16.60
N VAL D 224 -27.94 -51.12 16.70
CA VAL D 224 -26.92 -50.20 16.21
C VAL D 224 -27.12 -50.01 14.71
N LYS D 225 -26.71 -48.85 14.21
CA LYS D 225 -27.03 -48.49 12.84
C LYS D 225 -25.79 -48.55 11.97
N PRO D 226 -25.85 -49.23 10.83
CA PRO D 226 -24.73 -49.24 9.90
C PRO D 226 -24.59 -47.89 9.23
N PRO D 227 -23.46 -47.61 8.59
CA PRO D 227 -23.31 -46.34 7.88
C PRO D 227 -24.21 -46.29 6.65
N ARG D 228 -24.70 -45.09 6.37
CA ARG D 228 -25.52 -44.87 5.19
C ARG D 228 -24.68 -44.49 3.98
N GLY D 229 -23.39 -44.25 4.16
CA GLY D 229 -22.50 -44.05 3.03
C GLY D 229 -21.08 -43.74 3.42
N ILE D 230 -20.15 -44.43 2.81
CA ILE D 230 -18.73 -44.15 2.98
C ILE D 230 -18.33 -43.17 1.89
N LEU D 231 -17.28 -42.38 2.13
CA LEU D 231 -16.79 -41.46 1.11
C LEU D 231 -15.27 -41.63 1.07
N LEU D 232 -14.81 -42.53 0.22
CA LEU D 232 -13.38 -42.67 -0.02
C LEU D 232 -12.88 -41.41 -0.71
N TYR D 233 -11.63 -41.04 -0.43
CA TYR D 233 -11.04 -39.99 -1.25
C TYR D 233 -9.53 -40.10 -1.20
N GLY D 234 -8.91 -39.73 -2.32
CA GLY D 234 -7.47 -39.74 -2.45
C GLY D 234 -7.07 -39.25 -3.82
N PRO D 235 -5.76 -39.20 -4.09
CA PRO D 235 -5.33 -38.74 -5.41
C PRO D 235 -5.84 -39.67 -6.49
N PRO D 236 -6.08 -39.15 -7.69
CA PRO D 236 -6.66 -39.98 -8.75
C PRO D 236 -5.73 -41.12 -9.13
N GLY D 237 -6.34 -42.26 -9.45
CA GLY D 237 -5.59 -43.40 -9.93
C GLY D 237 -4.98 -44.29 -8.87
N THR D 238 -5.34 -44.10 -7.60
CA THR D 238 -4.85 -44.99 -6.55
C THR D 238 -5.63 -46.28 -6.46
N GLY D 239 -6.42 -46.60 -7.48
CA GLY D 239 -7.20 -47.82 -7.47
C GLY D 239 -8.28 -47.82 -6.41
N LYS D 240 -9.24 -46.90 -6.54
CA LYS D 240 -10.39 -46.85 -5.65
C LYS D 240 -11.57 -47.63 -6.17
N THR D 241 -11.87 -47.54 -7.47
CA THR D 241 -12.96 -48.32 -8.03
C THR D 241 -12.67 -49.81 -7.98
N LEU D 242 -11.44 -50.18 -7.60
CA LEU D 242 -11.13 -51.58 -7.35
C LEU D 242 -11.48 -51.97 -5.91
N ILE D 243 -11.22 -51.08 -4.96
CA ILE D 243 -11.49 -51.37 -3.56
C ILE D 243 -12.96 -51.68 -3.35
N ALA D 244 -13.84 -50.92 -4.00
CA ALA D 244 -15.26 -51.21 -3.90
C ALA D 244 -15.58 -52.60 -4.43
N ARG D 245 -15.01 -52.96 -5.57
CA ARG D 245 -15.19 -54.32 -6.05
C ARG D 245 -14.58 -55.33 -5.09
N ALA D 246 -13.41 -55.02 -4.54
CA ALA D 246 -12.78 -55.92 -3.59
C ALA D 246 -13.73 -56.22 -2.44
N VAL D 247 -14.24 -55.18 -1.79
CA VAL D 247 -15.08 -55.36 -0.62
C VAL D 247 -16.37 -56.10 -0.97
N ALA D 248 -16.94 -55.80 -2.14
CA ALA D 248 -18.24 -56.34 -2.48
C ALA D 248 -18.18 -57.66 -3.24
N ASN D 249 -17.06 -57.97 -3.90
CA ASN D 249 -16.97 -59.22 -4.64
C ASN D 249 -16.56 -60.39 -3.78
N GLU D 250 -16.16 -60.16 -2.53
CA GLU D 250 -15.80 -61.26 -1.65
C GLU D 250 -16.64 -61.32 -0.38
N THR D 251 -17.60 -60.42 -0.21
CA THR D 251 -18.52 -60.48 0.92
C THR D 251 -19.88 -61.01 0.50
N GLY D 252 -20.03 -61.43 -0.75
CA GLY D 252 -21.31 -61.91 -1.24
C GLY D 252 -22.35 -60.81 -1.25
N ALA D 253 -22.17 -59.81 -2.10
CA ALA D 253 -23.04 -58.65 -2.15
C ALA D 253 -23.06 -58.08 -3.56
N PHE D 254 -24.26 -57.95 -4.11
CA PHE D 254 -24.42 -57.40 -5.46
C PHE D 254 -23.78 -56.02 -5.54
N PHE D 255 -23.15 -55.74 -6.67
CA PHE D 255 -22.39 -54.52 -6.86
C PHE D 255 -22.93 -53.78 -8.08
N PHE D 256 -23.14 -52.48 -7.93
CA PHE D 256 -23.66 -51.65 -9.01
C PHE D 256 -22.80 -50.40 -9.09
N LEU D 257 -22.27 -50.14 -10.28
CA LEU D 257 -21.36 -49.02 -10.51
C LEU D 257 -22.08 -47.93 -11.27
N ILE D 258 -22.13 -46.73 -10.70
CA ILE D 258 -22.65 -45.55 -11.37
C ILE D 258 -21.48 -44.64 -11.70
N ASN D 259 -21.23 -44.43 -12.98
CA ASN D 259 -20.15 -43.55 -13.39
C ASN D 259 -20.63 -42.10 -13.37
N GLY D 260 -19.67 -41.18 -13.31
CA GLY D 260 -19.98 -39.77 -13.27
C GLY D 260 -20.31 -39.22 -14.64
N PRO D 261 -19.34 -39.23 -15.56
CA PRO D 261 -19.61 -38.76 -16.92
C PRO D 261 -20.69 -39.53 -17.63
N GLU D 262 -20.95 -40.79 -17.25
CA GLU D 262 -22.06 -41.52 -17.83
C GLU D 262 -23.39 -40.84 -17.53
N ILE D 263 -23.50 -40.17 -16.37
CA ILE D 263 -24.75 -39.53 -16.01
C ILE D 263 -24.84 -38.13 -16.61
N MET D 264 -23.79 -37.33 -16.45
CA MET D 264 -23.82 -35.94 -16.88
C MET D 264 -23.59 -35.77 -18.38
N SER D 265 -23.72 -36.84 -19.17
CA SER D 265 -23.58 -36.72 -20.61
C SER D 265 -24.83 -37.13 -21.37
N LYS D 266 -25.94 -37.35 -20.69
CA LYS D 266 -27.18 -37.70 -21.36
C LYS D 266 -28.11 -36.49 -21.43
N LEU D 267 -29.24 -36.66 -22.10
CA LEU D 267 -30.16 -35.56 -22.34
C LEU D 267 -30.64 -34.96 -21.03
N ALA D 268 -30.70 -33.63 -20.99
CA ALA D 268 -31.17 -32.92 -19.80
C ALA D 268 -32.57 -33.38 -19.42
N GLY D 269 -32.68 -34.01 -18.26
CA GLY D 269 -33.92 -34.64 -17.83
C GLY D 269 -33.92 -36.14 -17.96
N GLU D 270 -33.00 -36.71 -18.74
CA GLU D 270 -32.85 -38.15 -18.84
C GLU D 270 -31.81 -38.69 -17.86
N SER D 271 -30.82 -37.89 -17.49
CA SER D 271 -29.82 -38.32 -16.52
C SER D 271 -30.46 -38.64 -15.18
N GLU D 272 -31.34 -37.76 -14.72
CA GLU D 272 -31.98 -37.94 -13.41
C GLU D 272 -32.74 -39.27 -13.35
N SER D 273 -33.29 -39.70 -14.48
CA SER D 273 -33.95 -41.00 -14.50
C SER D 273 -32.97 -42.12 -14.22
N ASN D 274 -31.77 -42.04 -14.80
CA ASN D 274 -30.79 -43.10 -14.63
C ASN D 274 -30.38 -43.27 -13.18
N LEU D 275 -30.28 -42.17 -12.43
CA LEU D 275 -30.01 -42.29 -11.00
C LEU D 275 -31.11 -43.06 -10.30
N ARG D 276 -32.37 -42.75 -10.60
CA ARG D 276 -33.48 -43.45 -9.98
C ARG D 276 -33.47 -44.93 -10.33
N LYS D 277 -33.31 -45.27 -11.60
CA LYS D 277 -33.31 -46.66 -12.00
C LYS D 277 -32.07 -47.41 -11.56
N ALA D 278 -31.20 -46.78 -10.77
CA ALA D 278 -30.08 -47.47 -10.13
C ALA D 278 -30.40 -47.78 -8.67
N PHE D 279 -30.74 -46.75 -7.89
CA PHE D 279 -31.20 -46.97 -6.53
C PHE D 279 -32.46 -47.80 -6.46
N GLU D 280 -33.39 -47.62 -7.40
CA GLU D 280 -34.58 -48.48 -7.44
C GLU D 280 -34.20 -49.93 -7.67
N GLU D 281 -33.27 -50.18 -8.60
CA GLU D 281 -32.91 -51.55 -8.94
C GLU D 281 -32.07 -52.20 -7.85
N ALA D 282 -31.14 -51.44 -7.26
CA ALA D 282 -30.26 -52.00 -6.25
C ALA D 282 -31.03 -52.43 -5.00
N GLU D 283 -31.95 -51.58 -4.55
CA GLU D 283 -32.74 -51.92 -3.36
C GLU D 283 -33.52 -53.21 -3.56
N LYS D 284 -33.94 -53.50 -4.79
CA LYS D 284 -34.63 -54.76 -5.04
C LYS D 284 -33.73 -55.96 -4.76
N ASN D 285 -32.46 -55.85 -5.12
CA ASN D 285 -31.54 -56.97 -5.03
C ASN D 285 -31.06 -57.18 -3.60
N ALA D 286 -30.04 -58.01 -3.44
CA ALA D 286 -29.41 -58.37 -2.18
C ALA D 286 -28.78 -57.14 -1.54
N PRO D 287 -28.21 -57.24 -0.33
CA PRO D 287 -27.42 -56.11 0.18
C PRO D 287 -26.42 -55.65 -0.86
N ALA D 288 -26.62 -54.45 -1.38
CA ALA D 288 -25.88 -53.98 -2.54
C ALA D 288 -24.87 -52.93 -2.12
N ILE D 289 -24.04 -52.53 -3.08
CA ILE D 289 -23.07 -51.46 -2.88
C ILE D 289 -23.09 -50.62 -4.15
N ILE D 290 -23.71 -49.46 -4.09
CA ILE D 290 -23.63 -48.48 -5.17
C ILE D 290 -22.37 -47.66 -4.98
N PHE D 291 -21.50 -47.67 -5.99
CA PHE D 291 -20.24 -46.94 -5.95
C PHE D 291 -20.36 -45.81 -6.96
N ILE D 292 -20.68 -44.62 -6.48
CA ILE D 292 -20.85 -43.46 -7.34
C ILE D 292 -19.48 -42.86 -7.62
N ASP D 293 -18.80 -43.35 -8.65
CA ASP D 293 -17.46 -42.89 -8.93
C ASP D 293 -17.47 -41.47 -9.48
N GLU D 294 -16.36 -40.78 -9.30
CA GLU D 294 -16.16 -39.44 -9.85
C GLU D 294 -17.26 -38.49 -9.37
N LEU D 295 -17.53 -38.54 -8.06
CA LEU D 295 -18.64 -37.76 -7.51
C LEU D 295 -18.42 -36.27 -7.64
N ASP D 296 -17.18 -35.82 -7.74
CA ASP D 296 -16.99 -34.39 -7.92
C ASP D 296 -17.28 -33.92 -9.33
N ALA D 297 -17.91 -34.78 -10.12
CA ALA D 297 -18.40 -34.42 -11.44
C ALA D 297 -19.91 -34.28 -11.52
N ILE D 298 -20.65 -35.05 -10.74
CA ILE D 298 -22.10 -34.94 -10.73
C ILE D 298 -22.59 -34.15 -9.52
N ALA D 299 -21.68 -33.62 -8.73
CA ALA D 299 -22.05 -32.82 -7.57
C ALA D 299 -20.88 -31.92 -7.17
N PRO D 300 -20.50 -30.97 -8.01
CA PRO D 300 -19.36 -30.13 -7.67
C PRO D 300 -19.71 -29.12 -6.59
N LYS D 301 -18.78 -28.22 -6.27
CA LYS D 301 -19.17 -27.09 -5.45
C LYS D 301 -20.19 -26.24 -6.19
N ARG D 302 -21.08 -25.61 -5.41
CA ARG D 302 -22.05 -24.70 -6.02
C ARG D 302 -21.35 -23.66 -6.88
N GLU D 303 -20.20 -23.16 -6.41
CA GLU D 303 -19.41 -22.15 -7.11
C GLU D 303 -18.97 -22.61 -8.50
N LYS D 304 -19.14 -23.89 -8.84
CA LYS D 304 -19.02 -24.35 -10.21
C LYS D 304 -20.37 -24.56 -10.88
N THR D 305 -21.38 -24.99 -10.13
CA THR D 305 -22.70 -25.19 -10.71
C THR D 305 -23.28 -23.86 -11.15
N HIS D 306 -23.65 -23.78 -12.41
CA HIS D 306 -24.25 -22.54 -12.91
C HIS D 306 -25.57 -22.75 -13.62
N GLY D 307 -25.72 -23.85 -14.36
CA GLY D 307 -26.99 -24.16 -14.98
C GLY D 307 -28.00 -24.63 -13.95
N GLU D 308 -29.25 -24.71 -14.39
CA GLU D 308 -30.30 -25.23 -13.51
C GLU D 308 -30.35 -26.74 -13.54
N VAL D 309 -30.33 -27.34 -14.73
CA VAL D 309 -30.29 -28.79 -14.83
C VAL D 309 -29.03 -29.33 -14.19
N GLU D 310 -27.98 -28.52 -14.12
CA GLU D 310 -26.78 -28.93 -13.41
C GLU D 310 -27.02 -29.07 -11.92
N ARG D 311 -27.94 -28.29 -11.35
CA ARG D 311 -28.29 -28.40 -9.94
C ARG D 311 -29.58 -29.17 -9.70
N ARG D 312 -30.14 -29.81 -10.72
CA ARG D 312 -31.30 -30.66 -10.48
C ARG D 312 -30.90 -32.12 -10.30
N ILE D 313 -29.74 -32.51 -10.79
CA ILE D 313 -29.21 -33.85 -10.50
C ILE D 313 -28.79 -33.96 -9.05
N VAL D 314 -28.14 -32.92 -8.54
CA VAL D 314 -27.68 -32.94 -7.14
C VAL D 314 -28.85 -33.14 -6.20
N SER D 315 -29.92 -32.39 -6.39
CA SER D 315 -31.11 -32.56 -5.56
C SER D 315 -31.70 -33.96 -5.73
N GLN D 316 -31.76 -34.45 -6.97
CA GLN D 316 -32.25 -35.79 -7.20
C GLN D 316 -31.39 -36.83 -6.51
N LEU D 317 -30.11 -36.53 -6.32
CA LEU D 317 -29.23 -37.41 -5.56
C LEU D 317 -29.57 -37.37 -4.07
N LEU D 318 -29.75 -36.16 -3.52
CA LEU D 318 -29.95 -36.02 -2.09
C LEU D 318 -31.25 -36.67 -1.63
N THR D 319 -32.32 -36.49 -2.39
CA THR D 319 -33.60 -37.11 -2.01
C THR D 319 -33.50 -38.63 -2.04
N LEU D 320 -32.72 -39.17 -2.98
CA LEU D 320 -32.52 -40.61 -3.03
C LEU D 320 -31.69 -41.08 -1.85
N MET D 321 -30.68 -40.30 -1.48
CA MET D 321 -29.77 -40.69 -0.41
C MET D 321 -30.49 -40.74 0.93
N ASP D 322 -31.07 -39.61 1.34
CA ASP D 322 -31.87 -39.56 2.56
C ASP D 322 -33.14 -40.39 2.45
N GLY D 323 -33.52 -40.83 1.25
CA GLY D 323 -34.63 -41.76 1.13
C GLY D 323 -34.27 -43.14 1.62
N LEU D 324 -32.97 -43.43 1.74
CA LEU D 324 -32.54 -44.71 2.28
C LEU D 324 -32.81 -44.77 3.78
N LYS D 325 -33.31 -45.92 4.24
CA LYS D 325 -33.45 -46.19 5.65
C LYS D 325 -33.15 -47.67 5.88
N GLN D 326 -33.23 -48.09 7.15
CA GLN D 326 -32.67 -49.38 7.56
C GLN D 326 -33.31 -50.55 6.81
N ARG D 327 -34.53 -50.38 6.29
CA ARG D 327 -35.18 -51.46 5.57
C ARG D 327 -34.38 -51.88 4.34
N ALA D 328 -33.91 -50.91 3.56
CA ALA D 328 -33.38 -51.20 2.24
C ALA D 328 -32.08 -52.00 2.33
N HIS D 329 -31.27 -51.76 3.36
CA HIS D 329 -30.04 -52.51 3.60
C HIS D 329 -29.00 -52.25 2.53
N VAL D 330 -28.94 -51.02 2.05
CA VAL D 330 -28.01 -50.62 1.00
C VAL D 330 -26.96 -49.69 1.60
N ILE D 331 -25.74 -49.77 1.07
CA ILE D 331 -24.62 -48.98 1.57
C ILE D 331 -23.91 -48.31 0.41
N VAL D 332 -24.26 -47.06 0.14
CA VAL D 332 -23.67 -46.25 -0.91
C VAL D 332 -22.25 -45.90 -0.52
N MET D 333 -21.40 -45.66 -1.52
CA MET D 333 -20.04 -45.20 -1.25
C MET D 333 -19.48 -44.53 -2.50
N ALA D 334 -18.75 -43.44 -2.29
CA ALA D 334 -18.38 -42.53 -3.36
C ALA D 334 -16.86 -42.45 -3.50
N ALA D 335 -16.40 -41.50 -4.32
CA ALA D 335 -14.97 -41.33 -4.55
C ALA D 335 -14.74 -39.93 -5.08
N THR D 336 -13.76 -39.23 -4.50
CA THR D 336 -13.39 -37.89 -4.94
C THR D 336 -11.91 -37.70 -4.66
N ASN D 337 -11.32 -36.69 -5.29
CA ASN D 337 -9.88 -36.51 -5.11
C ASN D 337 -9.54 -35.74 -3.85
N ARG D 338 -10.36 -34.76 -3.47
CA ARG D 338 -10.08 -33.92 -2.32
C ARG D 338 -11.42 -33.64 -1.66
N PRO D 339 -11.51 -33.76 -0.32
CA PRO D 339 -12.82 -33.71 0.33
C PRO D 339 -13.57 -32.41 0.15
N ASN D 340 -12.89 -31.26 0.08
CA ASN D 340 -13.62 -30.00 0.00
C ASN D 340 -14.06 -29.65 -1.41
N SER D 341 -13.69 -30.46 -2.40
CA SER D 341 -14.11 -30.27 -3.78
C SER D 341 -15.46 -30.91 -4.06
N ILE D 342 -16.26 -31.12 -3.02
CA ILE D 342 -17.59 -31.71 -3.16
C ILE D 342 -18.59 -30.68 -2.66
N ASP D 343 -19.84 -30.83 -3.08
CA ASP D 343 -20.89 -29.93 -2.62
C ASP D 343 -21.06 -30.10 -1.10
N PRO D 344 -20.91 -29.04 -0.32
CA PRO D 344 -20.97 -29.20 1.15
C PRO D 344 -22.29 -29.72 1.66
N ALA D 345 -23.37 -29.63 0.89
CA ALA D 345 -24.66 -30.13 1.34
C ALA D 345 -24.69 -31.64 1.45
N LEU D 346 -23.67 -32.34 0.92
CA LEU D 346 -23.66 -33.79 0.97
C LEU D 346 -23.13 -34.32 2.29
N ARG D 347 -22.17 -33.62 2.90
CA ARG D 347 -21.56 -34.13 4.13
C ARG D 347 -22.48 -34.05 5.34
N ARG D 348 -23.65 -33.42 5.22
CA ARG D 348 -24.56 -33.38 6.35
C ARG D 348 -24.88 -34.78 6.84
N PHE D 349 -25.28 -34.87 8.11
CA PHE D 349 -25.48 -36.18 8.71
C PHE D 349 -26.60 -36.94 8.03
N GLY D 350 -26.38 -38.23 7.84
CA GLY D 350 -27.33 -39.10 7.18
C GLY D 350 -27.06 -39.36 5.73
N ARG D 351 -26.08 -38.68 5.12
CA ARG D 351 -25.82 -38.85 3.70
C ARG D 351 -24.46 -39.47 3.43
N PHE D 352 -23.38 -38.80 3.82
CA PHE D 352 -21.97 -39.19 3.71
C PHE D 352 -21.24 -38.88 5.00
N ASP D 353 -21.79 -39.37 6.11
CA ASP D 353 -21.29 -39.00 7.43
C ASP D 353 -19.82 -39.37 7.60
N ARG D 354 -19.46 -40.62 7.33
CA ARG D 354 -18.11 -41.09 7.63
C ARG D 354 -17.31 -41.21 6.33
N GLU D 355 -16.00 -41.05 6.47
CA GLU D 355 -15.18 -40.67 5.32
C GLU D 355 -13.77 -41.21 5.49
N VAL D 356 -13.48 -42.34 4.84
CA VAL D 356 -12.15 -42.94 4.83
C VAL D 356 -11.24 -42.07 3.98
N ASP D 357 -9.93 -42.30 4.06
CA ASP D 357 -8.96 -41.52 3.27
C ASP D 357 -7.90 -42.49 2.76
N ILE D 358 -8.07 -42.96 1.52
CA ILE D 358 -6.98 -43.63 0.82
C ILE D 358 -5.90 -42.61 0.49
N GLY D 359 -4.66 -42.92 0.85
CA GLY D 359 -3.55 -42.02 0.63
C GLY D 359 -2.53 -42.61 -0.33
N ILE D 360 -1.51 -41.79 -0.60
CA ILE D 360 -0.40 -42.25 -1.44
C ILE D 360 0.25 -43.44 -0.77
N PRO D 361 0.57 -44.51 -1.49
CA PRO D 361 1.21 -45.67 -0.86
C PRO D 361 2.57 -45.29 -0.28
N ASP D 362 2.92 -45.95 0.81
CA ASP D 362 4.13 -45.62 1.54
C ASP D 362 5.30 -46.45 1.01
N ALA D 363 6.48 -46.27 1.61
CA ALA D 363 7.70 -46.86 1.07
C ALA D 363 7.62 -48.38 1.00
N THR D 364 6.92 -49.02 1.92
CA THR D 364 6.78 -50.47 1.89
C THR D 364 5.49 -50.92 1.24
N GLY D 365 4.54 -50.01 1.02
CA GLY D 365 3.36 -50.35 0.25
C GLY D 365 3.69 -50.62 -1.21
N ARG D 366 4.60 -49.84 -1.78
CA ARG D 366 4.94 -49.99 -3.19
C ARG D 366 5.48 -51.39 -3.47
N LEU D 367 6.31 -51.91 -2.55
CA LEU D 367 6.87 -53.24 -2.75
C LEU D 367 5.77 -54.27 -2.94
N GLU D 368 4.62 -54.09 -2.29
CA GLU D 368 3.52 -55.02 -2.50
C GLU D 368 2.90 -54.82 -3.88
N ILE D 369 2.69 -53.57 -4.29
CA ILE D 369 2.09 -53.30 -5.59
C ILE D 369 2.97 -53.86 -6.70
N LEU D 370 4.28 -53.63 -6.60
CA LEU D 370 5.18 -54.11 -7.63
C LEU D 370 5.17 -55.63 -7.73
N GLN D 371 4.96 -56.31 -6.60
CA GLN D 371 4.85 -57.76 -6.62
C GLN D 371 3.49 -58.24 -7.13
N ILE D 372 2.57 -57.31 -7.39
CA ILE D 372 1.28 -57.70 -7.95
C ILE D 372 1.26 -57.48 -9.46
N HIS D 373 1.84 -56.38 -9.91
CA HIS D 373 1.88 -56.07 -11.34
C HIS D 373 2.98 -56.83 -12.07
N THR D 374 3.83 -57.57 -11.36
CA THR D 374 4.88 -58.37 -11.97
C THR D 374 4.78 -59.84 -11.58
N LYS D 375 3.56 -60.33 -11.38
CA LYS D 375 3.36 -61.75 -11.18
C LYS D 375 3.09 -62.49 -12.48
N ASN D 376 3.12 -61.79 -13.61
CA ASN D 376 3.04 -62.40 -14.93
C ASN D 376 4.33 -62.29 -15.70
N MET D 377 5.14 -61.27 -15.42
CA MET D 377 6.38 -61.03 -16.14
C MET D 377 7.39 -62.11 -15.80
N LYS D 378 8.37 -62.29 -16.69
CA LYS D 378 9.47 -63.21 -16.44
C LYS D 378 10.68 -62.36 -16.01
N LEU D 379 10.71 -62.02 -14.73
CA LEU D 379 11.80 -61.24 -14.18
C LEU D 379 13.08 -62.07 -14.15
N ALA D 380 14.19 -61.44 -14.49
CA ALA D 380 15.48 -62.09 -14.36
C ALA D 380 15.84 -62.21 -12.88
N ASP D 381 16.84 -63.04 -12.58
CA ASP D 381 17.19 -63.30 -11.20
C ASP D 381 17.84 -62.10 -10.52
N ASP D 382 18.43 -61.20 -11.31
CA ASP D 382 19.15 -60.07 -10.75
C ASP D 382 18.25 -58.88 -10.41
N VAL D 383 16.94 -58.98 -10.66
CA VAL D 383 16.05 -57.89 -10.32
C VAL D 383 15.98 -57.76 -8.81
N ASP D 384 15.71 -56.53 -8.34
CA ASP D 384 15.62 -56.26 -6.91
C ASP D 384 14.45 -55.31 -6.72
N LEU D 385 13.27 -55.86 -6.47
CA LEU D 385 12.07 -55.04 -6.32
C LEU D 385 12.11 -54.23 -5.03
N GLU D 386 12.68 -54.79 -3.97
CA GLU D 386 12.86 -54.01 -2.75
C GLU D 386 13.75 -52.79 -2.98
N GLN D 387 14.59 -52.81 -4.01
CA GLN D 387 15.38 -51.63 -4.35
C GLN D 387 14.50 -50.57 -5.00
N VAL D 388 13.88 -50.92 -6.14
CA VAL D 388 13.18 -49.93 -6.95
C VAL D 388 12.05 -49.25 -6.16
N ALA D 389 11.47 -49.95 -5.19
CA ALA D 389 10.42 -49.35 -4.38
C ALA D 389 10.95 -48.18 -3.56
N ASN D 390 12.26 -48.17 -3.28
CA ASN D 390 12.80 -47.17 -2.36
C ASN D 390 12.88 -45.79 -3.00
N GLU D 391 13.25 -45.72 -4.29
CA GLU D 391 13.52 -44.41 -4.88
C GLU D 391 12.33 -43.85 -5.63
N THR D 392 11.29 -44.66 -5.88
CA THR D 392 10.08 -44.12 -6.48
C THR D 392 9.30 -43.32 -5.43
N HIS D 393 9.56 -42.02 -5.35
CA HIS D 393 9.09 -41.22 -4.24
C HIS D 393 7.91 -40.31 -4.57
N GLY D 394 7.25 -40.51 -5.71
CA GLY D 394 6.06 -39.74 -6.00
C GLY D 394 4.98 -40.57 -6.66
N HIS D 395 5.26 -41.85 -6.88
CA HIS D 395 4.39 -42.68 -7.69
C HIS D 395 3.18 -43.17 -6.89
N VAL D 396 2.06 -43.32 -7.58
CA VAL D 396 0.85 -43.87 -6.98
C VAL D 396 0.52 -45.19 -7.66
N GLY D 397 -0.60 -45.80 -7.30
CA GLY D 397 -0.90 -47.16 -7.71
C GLY D 397 -1.03 -47.35 -9.21
N ALA D 398 -1.08 -46.27 -9.98
CA ALA D 398 -1.16 -46.38 -11.43
C ALA D 398 0.19 -46.25 -12.12
N ASP D 399 1.07 -45.38 -11.64
CA ASP D 399 2.39 -45.25 -12.25
C ASP D 399 3.19 -46.53 -12.13
N LEU D 400 3.17 -47.16 -10.94
CA LEU D 400 3.90 -48.40 -10.77
C LEU D 400 3.36 -49.50 -11.68
N ALA D 401 2.12 -49.36 -12.11
CA ALA D 401 1.62 -50.25 -13.15
C ALA D 401 2.16 -49.84 -14.52
N ALA D 402 2.31 -48.54 -14.76
CA ALA D 402 2.86 -48.07 -16.01
C ALA D 402 4.37 -48.21 -16.05
N LEU D 403 5.03 -48.02 -14.90
CA LEU D 403 6.49 -48.15 -14.85
C LEU D 403 6.94 -49.55 -15.26
N CYS D 404 6.31 -50.58 -14.70
CA CYS D 404 6.64 -51.94 -15.09
C CYS D 404 6.31 -52.21 -16.54
N SER D 405 5.32 -51.50 -17.09
CA SER D 405 4.99 -51.65 -18.49
C SER D 405 6.15 -51.19 -19.38
N GLU D 406 6.81 -50.11 -18.99
CA GLU D 406 7.94 -49.61 -19.77
C GLU D 406 9.11 -50.59 -19.72
N ALA D 407 9.50 -51.03 -18.52
CA ALA D 407 10.61 -51.94 -18.39
C ALA D 407 10.35 -53.25 -19.13
N ALA D 408 9.10 -53.73 -19.11
CA ALA D 408 8.76 -54.90 -19.90
C ALA D 408 8.89 -54.61 -21.39
N LEU D 409 8.45 -53.43 -21.83
CA LEU D 409 8.59 -53.06 -23.23
C LEU D 409 10.05 -52.92 -23.62
N GLN D 410 10.90 -52.41 -22.73
CA GLN D 410 12.29 -52.17 -23.07
C GLN D 410 13.00 -53.48 -23.41
N ALA D 411 12.60 -54.58 -22.78
CA ALA D 411 13.19 -55.87 -23.12
C ALA D 411 12.87 -56.25 -24.56
N ILE D 412 11.68 -55.91 -25.03
CA ILE D 412 11.30 -56.18 -26.42
C ILE D 412 12.21 -55.40 -27.36
N ARG D 413 12.49 -54.15 -27.03
CA ARG D 413 13.26 -53.29 -27.93
C ARG D 413 14.67 -53.83 -28.14
N LYS D 414 15.32 -54.27 -27.07
CA LYS D 414 16.64 -54.88 -27.21
C LYS D 414 16.56 -56.24 -27.90
N LYS D 415 15.38 -56.85 -27.96
CA LYS D 415 15.19 -58.08 -28.70
C LYS D 415 14.90 -57.82 -30.17
N MET D 416 14.61 -56.57 -30.55
CA MET D 416 14.24 -56.23 -31.92
C MET D 416 15.40 -56.39 -32.88
N ASP D 417 16.64 -56.44 -32.39
CA ASP D 417 17.77 -56.63 -33.29
C ASP D 417 17.71 -58.01 -33.95
N LEU D 418 17.37 -59.03 -33.18
CA LEU D 418 17.29 -60.40 -33.70
C LEU D 418 15.90 -60.77 -34.20
N ILE D 419 14.90 -59.93 -33.96
CA ILE D 419 13.55 -60.19 -34.47
C ILE D 419 13.45 -59.65 -35.89
N ASP D 420 12.96 -60.47 -36.80
CA ASP D 420 12.82 -60.04 -38.18
C ASP D 420 11.76 -58.93 -38.28
N LEU D 421 11.99 -58.00 -39.22
CA LEU D 421 11.10 -56.85 -39.36
C LEU D 421 9.68 -57.28 -39.75
N GLU D 422 9.54 -58.48 -40.33
CA GLU D 422 8.25 -59.04 -40.68
C GLU D 422 8.03 -60.36 -39.98
N ASP D 423 8.61 -60.52 -38.79
CA ASP D 423 8.57 -61.80 -38.07
C ASP D 423 7.17 -61.97 -37.48
N GLU D 424 6.24 -62.36 -38.34
CA GLU D 424 4.94 -62.79 -37.86
C GLU D 424 5.05 -64.10 -37.09
N THR D 425 5.95 -64.99 -37.54
CA THR D 425 6.20 -66.25 -36.87
C THR D 425 7.22 -66.04 -35.74
N ILE D 426 6.79 -65.25 -34.76
CA ILE D 426 7.65 -64.95 -33.62
C ILE D 426 7.96 -66.25 -32.89
N ASP D 427 9.25 -66.55 -32.75
CA ASP D 427 9.66 -67.83 -32.20
C ASP D 427 9.33 -67.92 -30.71
N ALA D 428 9.38 -69.16 -30.19
CA ALA D 428 8.94 -69.41 -28.82
C ALA D 428 9.77 -68.64 -27.82
N GLU D 429 11.10 -68.73 -27.92
CA GLU D 429 11.95 -68.00 -27.00
C GLU D 429 11.83 -66.49 -27.22
N VAL D 430 11.52 -66.07 -28.45
CA VAL D 430 11.17 -64.69 -28.70
C VAL D 430 9.87 -64.31 -28.00
N MET D 431 9.01 -65.29 -27.70
CA MET D 431 7.84 -65.06 -26.87
C MET D 431 8.07 -65.36 -25.40
N ASN D 432 9.00 -66.26 -25.07
CA ASN D 432 9.08 -66.80 -23.72
C ASN D 432 10.39 -66.51 -22.99
N SER D 433 11.52 -66.37 -23.69
CA SER D 433 12.81 -66.23 -23.04
C SER D 433 13.08 -64.81 -22.55
N LEU D 434 12.10 -63.91 -22.64
CA LEU D 434 12.31 -62.53 -22.23
C LEU D 434 12.59 -62.44 -20.74
N ALA D 435 13.61 -61.65 -20.38
CA ALA D 435 14.02 -61.48 -18.99
C ALA D 435 14.39 -60.02 -18.79
N VAL D 436 13.75 -59.38 -17.82
CA VAL D 436 13.96 -57.97 -17.55
C VAL D 436 15.03 -57.82 -16.48
N THR D 437 15.95 -56.89 -16.68
CA THR D 437 17.08 -56.68 -15.79
C THR D 437 16.94 -55.37 -15.03
N MET D 438 17.82 -55.20 -14.04
CA MET D 438 17.85 -53.93 -13.30
C MET D 438 18.28 -52.78 -14.19
N ASP D 439 18.92 -53.07 -15.32
CA ASP D 439 19.17 -52.04 -16.31
C ASP D 439 17.86 -51.41 -16.78
N ASP D 440 16.90 -52.25 -17.14
CA ASP D 440 15.66 -51.76 -17.74
C ASP D 440 14.88 -50.87 -16.79
N PHE D 441 14.74 -51.30 -15.53
CA PHE D 441 13.97 -50.50 -14.58
C PHE D 441 14.59 -49.13 -14.37
N ARG D 442 15.91 -49.07 -14.13
CA ARG D 442 16.54 -47.76 -13.98
C ARG D 442 16.48 -46.96 -15.28
N TRP D 443 16.45 -47.64 -16.42
CA TRP D 443 16.13 -46.95 -17.66
C TRP D 443 14.69 -46.48 -17.64
N ALA D 444 13.75 -47.37 -17.31
CA ALA D 444 12.34 -47.03 -17.36
C ALA D 444 11.97 -46.05 -16.25
N LEU D 445 12.65 -46.14 -15.10
CA LEU D 445 12.35 -45.24 -14.00
C LEU D 445 12.60 -43.79 -14.37
N SER D 446 13.73 -43.53 -15.04
CA SER D 446 14.06 -42.16 -15.41
C SER D 446 13.11 -41.58 -16.45
N GLN D 447 12.31 -42.42 -17.12
CA GLN D 447 11.38 -41.96 -18.14
C GLN D 447 9.95 -41.92 -17.62
N SER D 448 9.77 -41.89 -16.31
CA SER D 448 8.45 -41.78 -15.70
C SER D 448 8.35 -40.44 -14.98
N ASN D 449 7.22 -39.77 -15.15
CA ASN D 449 6.95 -38.54 -14.42
C ASN D 449 5.93 -38.83 -13.33
N PRO D 450 6.31 -38.69 -12.06
CA PRO D 450 5.37 -39.03 -10.99
C PRO D 450 4.15 -38.12 -11.02
N SER D 451 3.03 -38.67 -10.58
CA SER D 451 1.77 -37.94 -10.60
C SER D 451 1.48 -37.22 -9.29
N ALA D 452 2.20 -37.54 -8.22
CA ALA D 452 1.84 -37.08 -6.89
C ALA D 452 3.06 -36.55 -6.16
N LEU D 453 3.82 -35.68 -6.82
CA LEU D 453 4.99 -35.09 -6.17
C LEU D 453 4.66 -33.94 -5.24
N ARG D 454 3.42 -33.47 -5.20
CA ARG D 454 3.05 -32.26 -4.48
C ARG D 454 1.97 -32.50 -3.45
N GLU D 455 2.10 -33.57 -2.66
CA GLU D 455 1.19 -33.85 -1.57
C GLU D 455 1.99 -34.18 -0.32
N THR D 456 1.57 -33.59 0.81
CA THR D 456 2.23 -33.89 2.07
C THR D 456 2.15 -35.38 2.35
N VAL D 457 3.30 -35.98 2.65
CA VAL D 457 3.41 -37.41 2.80
C VAL D 457 3.27 -37.76 4.28
N VAL D 458 2.32 -38.64 4.59
CA VAL D 458 2.01 -39.01 5.96
C VAL D 458 2.41 -40.47 6.11
N GLU D 459 3.61 -40.70 6.64
CA GLU D 459 4.11 -42.06 6.77
C GLU D 459 5.19 -42.10 7.83
N VAL D 460 5.26 -43.21 8.56
CA VAL D 460 6.16 -43.36 9.69
C VAL D 460 7.61 -43.26 9.22
N PRO D 461 8.41 -42.35 9.77
CA PRO D 461 9.79 -42.21 9.31
C PRO D 461 10.67 -43.34 9.80
N GLN D 462 11.82 -43.47 9.15
CA GLN D 462 12.71 -44.60 9.37
C GLN D 462 13.98 -44.27 10.15
N VAL D 463 14.28 -42.99 10.35
CA VAL D 463 15.44 -42.63 11.16
C VAL D 463 15.21 -43.06 12.60
N THR D 464 16.28 -43.48 13.28
CA THR D 464 16.17 -44.00 14.62
C THR D 464 17.10 -43.23 15.55
N TRP D 465 16.97 -43.53 16.85
CA TRP D 465 17.73 -42.82 17.88
C TRP D 465 19.24 -43.05 17.76
N GLU D 466 19.68 -43.89 16.85
CA GLU D 466 21.10 -44.21 16.74
C GLU D 466 21.83 -43.30 15.75
N ASP D 467 21.12 -42.70 14.80
CA ASP D 467 21.76 -41.76 13.89
C ASP D 467 22.24 -40.51 14.62
N ILE D 468 21.38 -39.89 15.41
CA ILE D 468 21.79 -38.70 16.14
C ILE D 468 22.76 -39.07 17.26
N GLY D 469 22.37 -40.01 18.11
CA GLY D 469 23.18 -40.34 19.27
C GLY D 469 23.27 -39.19 20.26
N GLY D 470 23.73 -39.47 21.47
CA GLY D 470 23.84 -38.40 22.45
C GLY D 470 22.49 -37.73 22.69
N LEU D 471 22.54 -36.43 22.99
CA LEU D 471 21.35 -35.64 23.27
C LEU D 471 20.47 -36.33 24.31
N GLU D 472 21.11 -36.81 25.37
CA GLU D 472 20.42 -37.64 26.34
C GLU D 472 19.31 -36.88 27.05
N ASP D 473 19.55 -35.62 27.40
CA ASP D 473 18.52 -34.84 28.07
C ASP D 473 17.29 -34.67 27.19
N VAL D 474 17.50 -34.36 25.90
CA VAL D 474 16.37 -34.13 25.02
C VAL D 474 15.61 -35.42 24.77
N LYS D 475 16.32 -36.54 24.67
CA LYS D 475 15.65 -37.84 24.48
C LYS D 475 14.59 -38.08 25.53
N ARG D 476 14.87 -37.68 26.76
CA ARG D 476 13.93 -37.92 27.85
C ARG D 476 12.84 -36.84 27.89
N GLU D 477 13.23 -35.57 27.80
CA GLU D 477 12.24 -34.50 27.81
C GLU D 477 11.37 -34.51 26.56
N LEU D 478 11.67 -35.35 25.58
CA LEU D 478 10.82 -35.49 24.41
C LEU D 478 10.00 -36.76 24.40
N GLN D 479 10.44 -37.81 25.10
CA GLN D 479 9.59 -38.98 25.29
C GLN D 479 8.35 -38.64 26.09
N GLU D 480 8.54 -37.94 27.21
CA GLU D 480 7.46 -37.71 28.17
C GLU D 480 6.40 -36.77 27.61
N LEU D 481 6.56 -36.36 26.36
CA LEU D 481 5.60 -35.48 25.71
C LEU D 481 4.94 -36.10 24.49
N VAL D 482 5.51 -37.16 23.92
CA VAL D 482 4.96 -37.76 22.71
C VAL D 482 4.62 -39.23 22.94
N GLN D 483 5.38 -39.89 23.82
CA GLN D 483 5.18 -41.31 24.04
C GLN D 483 4.28 -41.62 25.22
N TYR D 484 4.58 -41.07 26.39
CA TYR D 484 3.75 -41.35 27.56
C TYR D 484 2.27 -41.01 27.37
N PRO D 485 1.88 -39.90 26.75
CA PRO D 485 0.45 -39.65 26.54
C PRO D 485 -0.17 -40.56 25.50
N VAL D 486 0.57 -41.55 25.02
CA VAL D 486 0.09 -42.50 24.02
C VAL D 486 0.12 -43.92 24.54
N GLU D 487 1.26 -44.35 25.10
CA GLU D 487 1.41 -45.72 25.56
C GLU D 487 0.72 -45.98 26.89
N HIS D 488 0.53 -44.95 27.72
CA HIS D 488 -0.06 -45.12 29.05
C HIS D 488 -1.06 -44.00 29.31
N PRO D 489 -2.14 -43.93 28.53
CA PRO D 489 -3.13 -42.88 28.74
C PRO D 489 -3.90 -43.03 30.03
N ASP D 490 -3.95 -44.23 30.61
CA ASP D 490 -4.67 -44.42 31.87
C ASP D 490 -3.97 -43.74 33.04
N LYS D 491 -2.64 -43.69 33.03
CA LYS D 491 -1.93 -42.97 34.09
C LYS D 491 -2.31 -41.50 34.12
N PHE D 492 -2.60 -40.92 32.96
CA PHE D 492 -2.95 -39.51 32.88
C PHE D 492 -4.34 -39.23 33.43
N LEU D 493 -5.13 -40.26 33.73
CA LEU D 493 -6.43 -40.10 34.37
C LEU D 493 -6.36 -40.32 35.87
N LYS D 494 -5.46 -41.16 36.35
CA LYS D 494 -5.29 -41.33 37.79
C LYS D 494 -4.97 -40.00 38.45
N PHE D 495 -4.01 -39.27 37.90
CA PHE D 495 -3.82 -37.86 38.23
C PHE D 495 -4.64 -37.03 37.26
N GLY D 496 -4.72 -35.73 37.50
CA GLY D 496 -5.57 -34.88 36.68
C GLY D 496 -4.79 -34.15 35.61
N MET D 497 -3.55 -34.57 35.39
CA MET D 497 -2.65 -33.85 34.50
C MET D 497 -3.20 -33.82 33.08
N THR D 498 -2.98 -32.70 32.39
CA THR D 498 -3.45 -32.72 31.02
C THR D 498 -2.27 -32.69 30.06
N PRO D 499 -2.30 -33.54 29.03
CA PRO D 499 -1.13 -33.70 28.17
C PRO D 499 -0.73 -32.39 27.50
N SER D 500 0.58 -32.19 27.37
CA SER D 500 1.08 -31.05 26.63
C SER D 500 0.82 -31.24 25.14
N LYS D 501 0.69 -30.12 24.43
CA LYS D 501 0.41 -30.17 23.01
C LYS D 501 1.43 -29.38 22.21
N GLY D 502 2.65 -29.26 22.70
CA GLY D 502 3.65 -28.54 21.95
C GLY D 502 5.03 -28.44 22.55
N VAL D 503 6.03 -28.34 21.68
CA VAL D 503 7.43 -28.13 22.04
C VAL D 503 7.96 -27.13 21.03
N LEU D 504 9.10 -26.53 21.34
CA LEU D 504 9.74 -25.58 20.42
C LEU D 504 11.26 -25.75 20.52
N PHE D 505 11.83 -26.52 19.61
CA PHE D 505 13.28 -26.58 19.50
C PHE D 505 13.82 -25.25 19.00
N TYR D 506 15.00 -24.88 19.48
CA TYR D 506 15.72 -23.74 18.92
C TYR D 506 17.21 -24.00 19.09
N GLY D 507 17.99 -23.69 18.07
CA GLY D 507 19.41 -23.94 18.12
C GLY D 507 20.11 -23.44 16.88
N PRO D 508 21.43 -23.61 16.84
CA PRO D 508 22.18 -23.15 15.67
C PRO D 508 21.70 -23.85 14.43
N PRO D 509 21.66 -23.16 13.29
CA PRO D 509 21.01 -23.72 12.11
C PRO D 509 21.76 -24.92 11.58
N GLY D 510 21.00 -25.90 11.11
CA GLY D 510 21.57 -27.14 10.60
C GLY D 510 22.29 -27.92 11.68
N CYS D 511 21.55 -28.41 12.67
CA CYS D 511 22.15 -29.11 13.78
C CYS D 511 21.31 -30.33 14.17
N GLY D 512 20.66 -30.96 13.20
CA GLY D 512 19.80 -32.08 13.49
C GLY D 512 18.57 -31.72 14.30
N LYS D 513 17.92 -30.61 13.98
CA LYS D 513 16.64 -30.29 14.59
C LYS D 513 15.48 -30.99 13.91
N THR D 514 15.67 -31.46 12.68
CA THR D 514 14.65 -32.24 12.00
C THR D 514 14.77 -33.72 12.30
N LEU D 515 16.00 -34.20 12.48
CA LEU D 515 16.21 -35.61 12.77
C LEU D 515 15.72 -35.98 14.16
N LEU D 516 15.41 -35.00 15.00
CA LEU D 516 14.85 -35.32 16.31
C LEU D 516 13.34 -35.46 16.26
N ALA D 517 12.68 -34.75 15.34
CA ALA D 517 11.26 -34.98 15.16
C ALA D 517 10.99 -36.35 14.57
N LYS D 518 11.78 -36.75 13.58
CA LYS D 518 11.60 -38.08 12.99
C LYS D 518 11.97 -39.17 13.98
N ALA D 519 13.04 -38.97 14.76
CA ALA D 519 13.51 -40.02 15.67
C ALA D 519 12.46 -40.35 16.71
N ILE D 520 11.82 -39.34 17.30
CA ILE D 520 10.75 -39.61 18.26
C ILE D 520 9.52 -40.16 17.55
N ALA D 521 9.22 -39.66 16.35
CA ALA D 521 8.10 -40.21 15.59
C ALA D 521 8.32 -41.66 15.23
N ASN D 522 9.57 -42.09 15.14
CA ASN D 522 9.88 -43.48 14.87
C ASN D 522 9.68 -44.34 16.10
N GLU D 523 9.81 -43.77 17.29
CA GLU D 523 9.68 -44.56 18.51
C GLU D 523 8.25 -45.00 18.74
N CYS D 524 7.34 -44.05 18.90
CA CYS D 524 5.94 -44.36 19.20
C CYS D 524 5.17 -44.81 17.97
N GLN D 525 5.84 -45.05 16.85
CA GLN D 525 5.20 -45.46 15.60
C GLN D 525 4.05 -44.54 15.26
N ALA D 526 4.39 -43.28 15.06
CA ALA D 526 3.42 -42.25 14.74
C ALA D 526 3.64 -41.77 13.32
N ASN D 527 2.61 -41.17 12.74
CA ASN D 527 2.78 -40.49 11.48
C ASN D 527 3.67 -39.26 11.69
N PHE D 528 4.02 -38.59 10.60
CA PHE D 528 4.91 -37.44 10.68
C PHE D 528 4.66 -36.56 9.48
N ILE D 529 4.02 -35.42 9.70
CA ILE D 529 3.71 -34.47 8.65
C ILE D 529 4.69 -33.31 8.77
N SER D 530 5.50 -33.11 7.75
CA SER D 530 6.55 -32.10 7.80
C SER D 530 6.11 -30.86 7.02
N ILE D 531 6.27 -29.70 7.64
CA ILE D 531 5.69 -28.45 7.15
C ILE D 531 6.81 -27.41 7.13
N LYS D 532 7.33 -27.12 5.93
CA LYS D 532 8.61 -26.45 5.80
C LYS D 532 8.45 -24.93 5.74
N GLY D 533 9.58 -24.25 5.65
CA GLY D 533 9.62 -22.82 5.57
C GLY D 533 9.09 -22.30 4.24
N PRO D 534 9.76 -22.64 3.14
CA PRO D 534 9.37 -22.09 1.84
C PRO D 534 7.93 -22.31 1.43
N GLU D 535 7.15 -23.08 2.20
CA GLU D 535 5.74 -23.27 1.86
C GLU D 535 4.82 -22.46 2.76
N LEU D 536 5.16 -22.31 4.05
CA LEU D 536 4.43 -21.37 4.90
C LEU D 536 4.50 -19.97 4.34
N LEU D 537 5.71 -19.53 3.98
CA LEU D 537 5.91 -18.21 3.45
C LEU D 537 5.14 -17.99 2.15
N THR D 538 4.78 -19.08 1.46
CA THR D 538 3.89 -18.97 0.32
C THR D 538 2.53 -18.44 0.73
N MET D 539 2.00 -18.92 1.85
CA MET D 539 0.69 -18.46 2.31
C MET D 539 0.71 -16.97 2.62
N TRP D 540 1.80 -16.48 3.22
CA TRP D 540 1.87 -15.06 3.56
C TRP D 540 1.94 -14.17 2.32
N PHE D 541 2.21 -14.74 1.15
CA PHE D 541 2.23 -14.00 -0.11
C PHE D 541 0.94 -14.22 -0.90
N GLY D 542 -0.19 -14.30 -0.21
CA GLY D 542 -1.45 -14.47 -0.88
C GLY D 542 -2.55 -14.85 0.09
N GLU D 543 -3.30 -15.89 -0.23
CA GLU D 543 -4.26 -16.43 0.70
C GLU D 543 -3.54 -17.04 1.90
N SER D 544 -4.16 -16.90 3.06
CA SER D 544 -3.81 -17.71 4.21
C SER D 544 -5.09 -18.36 4.69
N GLU D 545 -5.04 -19.02 5.84
CA GLU D 545 -6.23 -19.28 6.64
C GLU D 545 -7.27 -20.12 5.91
N ALA D 546 -6.96 -20.55 4.69
CA ALA D 546 -7.76 -21.54 4.00
C ALA D 546 -7.01 -22.84 3.78
N ASN D 547 -5.72 -22.88 4.06
CA ASN D 547 -4.93 -24.09 3.99
C ASN D 547 -4.43 -24.55 5.35
N VAL D 548 -4.18 -23.62 6.27
CA VAL D 548 -3.80 -23.98 7.62
C VAL D 548 -4.93 -24.75 8.29
N ARG D 549 -6.17 -24.41 7.97
CA ARG D 549 -7.31 -25.20 8.41
C ARG D 549 -7.22 -26.62 7.86
N GLU D 550 -6.85 -26.76 6.59
CA GLU D 550 -6.85 -28.07 5.97
C GLU D 550 -5.67 -28.91 6.43
N ILE D 551 -4.52 -28.27 6.65
CA ILE D 551 -3.32 -28.99 7.09
C ILE D 551 -3.59 -29.71 8.40
N PHE D 552 -4.20 -29.01 9.35
CA PHE D 552 -4.55 -29.64 10.62
C PHE D 552 -5.59 -30.73 10.43
N ASP D 553 -6.63 -30.46 9.63
CA ASP D 553 -7.66 -31.48 9.41
C ASP D 553 -7.12 -32.69 8.66
N LYS D 554 -5.95 -32.58 8.04
CA LYS D 554 -5.30 -33.77 7.51
C LYS D 554 -4.67 -34.58 8.63
N ALA D 555 -4.08 -33.90 9.61
CA ALA D 555 -3.47 -34.62 10.72
C ALA D 555 -4.51 -35.20 11.66
N ARG D 556 -5.70 -34.59 11.71
CA ARG D 556 -6.74 -35.10 12.60
C ARG D 556 -7.26 -36.44 12.10
N GLN D 557 -7.32 -36.64 10.79
CA GLN D 557 -7.77 -37.91 10.23
C GLN D 557 -6.66 -38.94 10.18
N ALA D 558 -5.48 -38.64 10.73
CA ALA D 558 -4.35 -39.55 10.65
C ALA D 558 -3.59 -39.62 11.97
N ALA D 559 -4.31 -39.53 13.09
CA ALA D 559 -3.67 -39.53 14.39
C ALA D 559 -2.97 -40.87 14.65
N PRO D 560 -1.91 -40.88 15.45
CA PRO D 560 -1.27 -39.72 16.10
C PRO D 560 -0.14 -39.09 15.28
N CYS D 561 -0.28 -37.82 14.93
CA CYS D 561 0.74 -37.14 14.15
C CYS D 561 1.74 -36.45 15.07
N VAL D 562 2.81 -35.94 14.46
CA VAL D 562 3.82 -35.15 15.15
C VAL D 562 4.10 -33.87 14.37
N LEU D 563 3.04 -33.24 13.83
CA LEU D 563 3.15 -32.10 12.94
C LEU D 563 4.33 -31.21 13.28
N PHE D 564 5.18 -30.94 12.29
CA PHE D 564 6.47 -30.28 12.52
C PHE D 564 6.52 -29.02 11.68
N PHE D 565 6.19 -27.89 12.30
CA PHE D 565 6.25 -26.59 11.62
C PHE D 565 7.69 -26.12 11.64
N ASP D 566 8.42 -26.44 10.57
CA ASP D 566 9.81 -26.01 10.47
C ASP D 566 9.87 -24.52 10.19
N GLU D 567 10.84 -23.85 10.84
CA GLU D 567 11.10 -22.43 10.63
C GLU D 567 9.84 -21.59 10.89
N LEU D 568 9.40 -21.62 12.16
CA LEU D 568 8.24 -20.82 12.55
C LEU D 568 8.51 -19.32 12.42
N ASP D 569 9.76 -18.90 12.45
CA ASP D 569 10.10 -17.48 12.33
C ASP D 569 10.15 -17.02 10.88
N SER D 570 9.92 -17.92 9.92
CA SER D 570 10.19 -17.63 8.52
C SER D 570 9.46 -16.37 8.07
N ILE D 571 8.20 -16.21 8.46
CA ILE D 571 7.48 -15.00 8.13
C ILE D 571 8.12 -13.80 8.81
N ALA D 572 8.52 -13.95 10.07
CA ALA D 572 8.98 -12.80 10.85
C ALA D 572 10.23 -12.18 10.25
N LYS D 573 11.22 -12.98 9.88
CA LYS D 573 12.43 -12.41 9.29
C LYS D 573 12.24 -12.08 7.82
N ALA D 574 11.14 -12.51 7.20
CA ALA D 574 10.81 -12.11 5.84
C ALA D 574 9.90 -10.91 5.80
N ARG D 575 9.60 -10.30 6.95
CA ARG D 575 8.80 -9.10 7.02
C ARG D 575 9.58 -7.89 7.49
N GLY D 576 10.77 -8.08 8.03
CA GLY D 576 11.57 -6.96 8.47
C GLY D 576 12.43 -7.26 9.69
N GLY D 577 12.07 -8.28 10.46
CA GLY D 577 12.84 -8.58 11.66
C GLY D 577 12.82 -7.42 12.62
N ASN D 578 11.68 -7.20 13.29
CA ASN D 578 11.33 -5.91 13.87
C ASN D 578 11.15 -4.89 12.75
N ILE D 579 10.13 -5.14 11.91
CA ILE D 579 9.86 -4.31 10.74
C ILE D 579 9.83 -2.84 11.10
N GLY D 580 10.29 -2.01 10.18
CA GLY D 580 10.38 -0.58 10.43
C GLY D 580 9.05 0.11 10.59
N ASP D 581 8.04 -0.28 9.80
CA ASP D 581 6.76 0.40 9.86
C ASP D 581 6.05 0.23 11.19
N GLY D 582 6.41 -0.80 11.96
CA GLY D 582 5.91 -0.94 13.31
C GLY D 582 5.43 -2.32 13.69
N GLY D 583 4.84 -3.05 12.73
CA GLY D 583 4.16 -4.31 12.99
C GLY D 583 4.85 -5.24 13.97
N GLY D 584 4.18 -5.52 15.09
CA GLY D 584 4.83 -6.23 16.18
C GLY D 584 4.96 -7.74 16.01
N ALA D 585 3.85 -8.46 16.04
CA ALA D 585 3.94 -9.92 16.03
C ALA D 585 3.03 -10.60 15.01
N ALA D 586 1.82 -10.07 14.84
CA ALA D 586 0.81 -10.80 14.08
C ALA D 586 1.10 -10.70 12.58
N ASP D 587 0.95 -11.83 11.89
CA ASP D 587 1.40 -11.90 10.50
C ASP D 587 0.45 -12.74 9.65
N ARG D 588 -0.80 -12.86 10.07
CA ARG D 588 -1.88 -13.43 9.24
C ARG D 588 -1.73 -14.93 9.04
N VAL D 589 -0.60 -15.52 9.44
CA VAL D 589 -0.41 -16.95 9.27
C VAL D 589 -0.11 -17.62 10.61
N ILE D 590 0.88 -17.09 11.33
CA ILE D 590 1.12 -17.57 12.69
C ILE D 590 -0.12 -17.35 13.54
N ASN D 591 -0.88 -16.30 13.24
CA ASN D 591 -2.16 -16.10 13.91
C ASN D 591 -3.12 -17.25 13.62
N GLN D 592 -3.17 -17.70 12.37
CA GLN D 592 -4.12 -18.75 12.02
C GLN D 592 -3.80 -20.06 12.73
N ILE D 593 -2.51 -20.35 12.93
CA ILE D 593 -2.15 -21.55 13.66
C ILE D 593 -2.71 -21.50 15.08
N LEU D 594 -2.74 -20.31 15.69
CA LEU D 594 -3.29 -20.18 17.03
C LEU D 594 -4.76 -20.56 17.08
N THR D 595 -5.52 -20.14 16.07
CA THR D 595 -6.94 -20.47 16.04
C THR D 595 -7.16 -21.98 16.00
N GLU D 596 -6.37 -22.69 15.19
CA GLU D 596 -6.52 -24.13 15.10
C GLU D 596 -5.94 -24.83 16.32
N MET D 597 -4.79 -24.36 16.80
CA MET D 597 -4.14 -25.03 17.93
C MET D 597 -5.04 -25.04 19.16
N ASP D 598 -5.75 -23.95 19.40
CA ASP D 598 -6.69 -23.90 20.52
C ASP D 598 -7.92 -24.75 20.26
N GLY D 599 -8.46 -24.69 19.04
CA GLY D 599 -9.62 -25.48 18.70
C GLY D 599 -9.27 -26.91 18.36
N MET D 600 -8.60 -27.59 19.29
CA MET D 600 -8.15 -28.96 19.06
C MET D 600 -8.12 -29.66 20.42
N SER D 601 -9.07 -30.56 20.65
CA SER D 601 -9.12 -31.27 21.92
C SER D 601 -7.88 -32.16 22.07
N THR D 602 -7.36 -32.21 23.30
CA THR D 602 -6.15 -32.96 23.56
C THR D 602 -6.33 -34.46 23.42
N LYS D 603 -7.57 -34.94 23.29
CA LYS D 603 -7.85 -36.36 23.17
C LYS D 603 -7.34 -36.96 21.88
N LYS D 604 -6.97 -36.14 20.90
CA LYS D 604 -6.71 -36.62 19.55
C LYS D 604 -5.25 -37.04 19.33
N ASN D 605 -4.36 -36.75 20.27
CA ASN D 605 -2.95 -37.12 20.17
C ASN D 605 -2.31 -36.56 18.90
N VAL D 606 -2.32 -35.23 18.81
CA VAL D 606 -1.61 -34.51 17.77
C VAL D 606 -0.67 -33.53 18.45
N PHE D 607 0.63 -33.73 18.25
CA PHE D 607 1.64 -32.97 18.97
C PHE D 607 2.39 -32.09 17.98
N ILE D 608 2.39 -30.79 18.24
CA ILE D 608 2.95 -29.81 17.32
C ILE D 608 4.35 -29.48 17.79
N ILE D 609 5.33 -29.62 16.90
CA ILE D 609 6.72 -29.33 17.19
C ILE D 609 7.20 -28.24 16.25
N GLY D 610 7.66 -27.13 16.82
CA GLY D 610 8.26 -26.07 16.05
C GLY D 610 9.78 -26.20 16.01
N ALA D 611 10.39 -25.30 15.25
CA ALA D 611 11.84 -25.24 15.19
C ALA D 611 12.28 -23.91 14.61
N THR D 612 13.10 -23.17 15.35
CA THR D 612 13.52 -21.85 14.91
C THR D 612 15.01 -21.67 15.15
N ASN D 613 15.62 -20.83 14.33
CA ASN D 613 16.99 -20.41 14.55
C ASN D 613 17.10 -19.03 15.17
N ARG D 614 16.01 -18.27 15.19
CA ARG D 614 15.96 -16.93 15.75
C ARG D 614 14.91 -16.95 16.86
N PRO D 615 15.25 -17.46 18.03
CA PRO D 615 14.23 -17.64 19.06
C PRO D 615 13.95 -16.39 19.86
N ASP D 616 13.86 -15.24 19.20
CA ASP D 616 13.39 -14.04 19.88
C ASP D 616 12.32 -13.33 19.07
N ILE D 617 12.47 -13.32 17.74
CA ILE D 617 11.45 -12.73 16.89
C ILE D 617 10.20 -13.57 16.80
N ILE D 618 10.26 -14.81 17.29
CA ILE D 618 9.07 -15.66 17.30
C ILE D 618 7.96 -14.96 18.09
N ASP D 619 6.74 -15.10 17.61
CA ASP D 619 5.63 -14.37 18.18
C ASP D 619 5.47 -14.73 19.65
N PRO D 620 5.48 -13.77 20.57
CA PRO D 620 5.30 -14.10 21.99
C PRO D 620 3.93 -14.63 22.34
N ALA D 621 3.00 -14.69 21.37
CA ALA D 621 1.67 -15.21 21.60
C ALA D 621 1.59 -16.72 21.48
N ILE D 622 2.69 -17.40 21.16
CA ILE D 622 2.68 -18.86 21.13
C ILE D 622 3.47 -19.46 22.29
N LEU D 623 4.34 -18.68 22.94
CA LEU D 623 5.08 -19.19 24.08
C LEU D 623 4.28 -18.95 25.35
N ARG D 624 3.03 -19.38 25.35
CA ARG D 624 2.09 -19.17 26.43
C ARG D 624 1.41 -20.50 26.75
N PRO D 625 1.11 -20.76 28.02
CA PRO D 625 0.48 -22.04 28.38
C PRO D 625 -0.83 -22.25 27.62
N GLY D 626 -1.05 -23.49 27.21
CA GLY D 626 -2.12 -23.84 26.30
C GLY D 626 -1.66 -23.94 24.85
N ARG D 627 -0.50 -23.39 24.54
CA ARG D 627 0.07 -23.47 23.20
C ARG D 627 1.47 -24.05 23.38
N LEU D 628 2.32 -23.92 22.36
CA LEU D 628 3.71 -24.37 22.49
C LEU D 628 4.29 -23.84 23.78
N ASP D 629 4.59 -24.73 24.72
CA ASP D 629 4.82 -24.32 26.09
C ASP D 629 6.28 -23.99 26.39
N GLN D 630 7.18 -24.93 26.18
CA GLN D 630 8.56 -24.81 26.63
C GLN D 630 9.49 -24.62 25.44
N LEU D 631 10.77 -24.53 25.74
CA LEU D 631 11.80 -24.43 24.73
C LEU D 631 12.93 -25.39 25.09
N ILE D 632 13.33 -26.22 24.14
CA ILE D 632 14.44 -27.12 24.31
C ILE D 632 15.55 -26.67 23.38
N TYR D 633 16.74 -26.48 23.93
CA TYR D 633 17.86 -25.90 23.18
C TYR D 633 18.73 -27.03 22.68
N ILE D 634 18.82 -27.18 21.38
CA ILE D 634 19.56 -28.27 20.75
C ILE D 634 20.99 -27.82 20.50
N PRO D 635 21.94 -28.22 21.33
CA PRO D 635 23.31 -27.71 21.17
C PRO D 635 24.02 -28.36 19.99
N LEU D 636 25.22 -27.88 19.68
CA LEU D 636 26.01 -28.49 18.63
C LEU D 636 26.48 -29.87 19.07
N PRO D 637 26.65 -30.80 18.13
CA PRO D 637 27.12 -32.14 18.49
C PRO D 637 28.48 -32.07 19.19
N ASP D 638 28.65 -32.87 20.23
CA ASP D 638 29.81 -32.65 21.08
C ASP D 638 30.99 -33.62 20.85
N GLU D 639 30.83 -34.90 21.17
CA GLU D 639 31.83 -35.89 20.76
C GLU D 639 31.23 -37.22 20.35
N LYS D 640 30.14 -37.61 21.01
CA LYS D 640 29.60 -38.94 20.79
C LYS D 640 28.61 -38.95 19.63
N SER D 641 27.86 -37.87 19.48
CA SER D 641 26.97 -37.77 18.33
C SER D 641 27.75 -37.71 17.03
N ARG D 642 28.87 -36.97 17.03
CA ARG D 642 29.62 -36.80 15.78
C ARG D 642 30.14 -38.14 15.27
N VAL D 643 30.54 -39.03 16.17
CA VAL D 643 30.90 -40.38 15.77
C VAL D 643 29.70 -41.08 15.14
N ALA D 644 28.52 -40.90 15.75
CA ALA D 644 27.33 -41.55 15.22
C ALA D 644 26.83 -40.86 13.96
N ILE D 645 26.95 -39.54 13.88
CA ILE D 645 26.52 -38.84 12.68
C ILE D 645 27.34 -39.29 11.48
N LEU D 646 28.66 -39.42 11.65
CA LEU D 646 29.50 -39.86 10.54
C LEU D 646 29.14 -41.27 10.11
N LYS D 647 29.00 -42.19 11.06
CA LYS D 647 28.66 -43.57 10.72
C LYS D 647 27.26 -43.69 10.14
N ALA D 648 26.50 -42.61 10.10
CA ALA D 648 25.20 -42.65 9.45
C ALA D 648 25.29 -42.21 7.99
N ASN D 649 26.13 -41.21 7.71
CA ASN D 649 26.32 -40.76 6.34
C ASN D 649 27.18 -41.73 5.54
N LEU D 650 28.10 -42.43 6.21
CA LEU D 650 29.02 -43.35 5.55
C LEU D 650 28.49 -44.78 5.54
N ARG D 651 27.18 -44.96 5.51
CA ARG D 651 26.60 -46.30 5.55
C ARG D 651 26.43 -46.90 4.18
N LYS D 652 25.91 -46.14 3.22
CA LYS D 652 25.65 -46.66 1.88
C LYS D 652 26.89 -46.72 1.01
N SER D 653 27.96 -46.00 1.38
CA SER D 653 29.16 -45.93 0.57
C SER D 653 30.20 -46.89 1.12
N PRO D 654 30.69 -47.84 0.33
CA PRO D 654 31.72 -48.76 0.82
C PRO D 654 32.97 -48.05 1.33
N VAL D 655 33.20 -48.10 2.63
CA VAL D 655 34.30 -47.40 3.27
C VAL D 655 35.44 -48.38 3.50
N ALA D 656 36.65 -47.85 3.57
CA ALA D 656 37.80 -48.66 3.93
C ALA D 656 37.69 -49.10 5.39
N LYS D 657 38.44 -50.15 5.72
CA LYS D 657 38.41 -50.72 7.06
C LYS D 657 39.45 -50.10 8.00
N ASP D 658 40.34 -49.26 7.47
CA ASP D 658 41.34 -48.59 8.30
C ASP D 658 41.02 -47.14 8.54
N VAL D 659 39.80 -46.71 8.25
CA VAL D 659 39.37 -45.34 8.55
C VAL D 659 39.01 -45.26 10.03
N ASP D 660 39.47 -44.21 10.70
CA ASP D 660 39.25 -44.02 12.13
C ASP D 660 38.26 -42.88 12.31
N LEU D 661 36.97 -43.21 12.28
CA LEU D 661 35.95 -42.21 12.58
C LEU D 661 36.01 -41.78 14.04
N GLU D 662 36.56 -42.63 14.91
CA GLU D 662 36.78 -42.22 16.30
C GLU D 662 37.82 -41.10 16.40
N PHE D 663 38.67 -40.96 15.39
CA PHE D 663 39.67 -39.90 15.34
C PHE D 663 39.16 -38.69 14.58
N LEU D 664 38.55 -38.91 13.42
CA LEU D 664 38.05 -37.80 12.60
C LEU D 664 36.99 -37.00 13.34
N ALA D 665 36.30 -37.62 14.29
CA ALA D 665 35.31 -36.91 15.09
C ALA D 665 35.92 -36.23 16.31
N LYS D 666 37.23 -36.35 16.49
CA LYS D 666 37.87 -35.79 17.68
C LYS D 666 38.64 -34.50 17.37
N MET D 667 39.01 -34.29 16.10
CA MET D 667 39.54 -32.98 15.70
C MET D 667 38.44 -32.03 15.25
N THR D 668 37.54 -32.49 14.39
CA THR D 668 36.39 -31.64 14.07
C THR D 668 35.66 -31.35 15.37
N ASN D 669 35.74 -30.12 15.85
CA ASN D 669 35.36 -29.81 17.23
C ASN D 669 34.07 -28.99 17.30
N GLY D 670 34.04 -27.83 16.67
CA GLY D 670 32.85 -27.01 16.68
C GLY D 670 32.02 -27.21 15.44
N PHE D 671 32.31 -28.28 14.70
CA PHE D 671 31.65 -28.52 13.44
C PHE D 671 30.16 -28.77 13.64
N SER D 672 29.36 -28.27 12.72
CA SER D 672 27.92 -28.43 12.81
C SER D 672 27.53 -29.88 12.53
N GLY D 673 26.24 -30.16 12.61
CA GLY D 673 25.74 -31.44 12.15
C GLY D 673 25.50 -31.50 10.68
N ALA D 674 25.63 -30.38 9.98
CA ALA D 674 25.47 -30.33 8.55
C ALA D 674 26.74 -30.04 7.79
N ASP D 675 27.87 -29.92 8.48
CA ASP D 675 29.17 -29.86 7.83
C ASP D 675 30.00 -31.12 8.09
N LEU D 676 29.38 -32.14 8.65
CA LEU D 676 29.92 -33.49 8.60
C LEU D 676 29.18 -34.34 7.58
N THR D 677 28.10 -33.82 7.01
CA THR D 677 27.45 -34.39 5.85
C THR D 677 28.05 -33.86 4.57
N GLU D 678 28.92 -32.87 4.66
CA GLU D 678 29.72 -32.38 3.54
C GLU D 678 31.05 -33.08 3.46
N ILE D 679 31.75 -33.21 4.59
CA ILE D 679 33.01 -33.94 4.62
C ILE D 679 32.82 -35.36 4.13
N CYS D 680 31.64 -35.94 4.36
CA CYS D 680 31.36 -37.30 3.95
C CYS D 680 30.80 -37.39 2.54
N GLN D 681 30.70 -36.29 1.82
CA GLN D 681 30.37 -36.31 0.40
C GLN D 681 31.50 -35.78 -0.48
N ARG D 682 32.12 -34.68 -0.08
CA ARG D 682 33.29 -34.21 -0.81
C ARG D 682 34.43 -35.22 -0.72
N ALA D 683 34.34 -36.18 0.19
CA ALA D 683 35.25 -37.30 0.20
C ALA D 683 34.75 -38.47 -0.64
N CYS D 684 33.63 -38.31 -1.32
CA CYS D 684 33.18 -39.28 -2.31
C CYS D 684 33.52 -38.84 -3.72
N LYS D 685 33.27 -37.57 -4.04
CA LYS D 685 33.70 -37.02 -5.31
C LYS D 685 35.18 -37.23 -5.58
N LEU D 686 36.00 -37.23 -4.53
CA LEU D 686 37.41 -37.48 -4.69
C LEU D 686 37.71 -38.95 -4.93
N ALA D 687 36.73 -39.83 -4.70
CA ALA D 687 36.86 -41.22 -5.09
C ALA D 687 36.05 -41.57 -6.32
N ILE D 688 34.99 -40.80 -6.60
CA ILE D 688 34.33 -40.90 -7.89
C ILE D 688 35.28 -40.45 -8.99
N ARG D 689 35.87 -39.26 -8.82
CA ARG D 689 36.72 -38.70 -9.87
C ARG D 689 37.94 -39.57 -10.13
N GLU D 690 38.55 -40.10 -9.08
CA GLU D 690 39.70 -40.97 -9.25
C GLU D 690 39.32 -42.33 -9.84
N SER D 691 38.02 -42.63 -9.94
CA SER D 691 37.59 -43.87 -10.57
C SER D 691 37.37 -43.69 -12.08
N ILE D 692 36.55 -42.72 -12.48
CA ILE D 692 36.39 -42.44 -13.91
C ILE D 692 37.72 -42.09 -14.55
N GLU D 693 38.57 -41.33 -13.85
CA GLU D 693 39.89 -41.00 -14.37
C GLU D 693 40.65 -42.27 -14.75
N SER D 694 40.86 -43.16 -13.78
CA SER D 694 41.64 -44.36 -14.06
C SER D 694 40.89 -45.33 -14.95
N GLU D 695 39.56 -45.31 -14.93
CA GLU D 695 38.80 -46.12 -15.86
C GLU D 695 39.04 -45.66 -17.30
N ILE D 696 39.04 -44.34 -17.53
CA ILE D 696 39.31 -43.82 -18.86
C ILE D 696 40.77 -44.00 -19.22
N ARG D 697 41.67 -43.67 -18.28
CA ARG D 697 43.10 -43.70 -18.58
C ARG D 697 43.57 -45.13 -18.86
N ARG D 698 42.87 -46.13 -18.35
CA ARG D 698 43.22 -47.51 -18.68
C ARG D 698 42.85 -47.84 -20.11
N GLU D 699 41.65 -47.45 -20.55
CA GLU D 699 41.25 -47.71 -21.92
C GLU D 699 42.19 -47.03 -22.92
N ARG D 700 42.73 -45.88 -22.56
CA ARG D 700 43.71 -45.19 -23.39
C ARG D 700 44.90 -46.09 -23.69
N GLU D 701 45.60 -46.51 -22.62
CA GLU D 701 46.81 -47.31 -22.80
C GLU D 701 46.50 -48.64 -23.46
N ARG D 702 45.34 -49.23 -23.18
CA ARG D 702 44.97 -50.47 -23.84
C ARG D 702 44.79 -50.28 -25.33
N GLN D 703 44.16 -49.16 -25.73
CA GLN D 703 44.06 -48.86 -27.16
C GLN D 703 45.41 -48.45 -27.76
N THR D 704 46.34 -47.98 -26.94
CA THR D 704 47.69 -47.75 -27.43
C THR D 704 48.34 -49.06 -27.84
N ASN D 705 48.08 -50.13 -27.10
CA ASN D 705 48.61 -51.46 -27.39
C ASN D 705 47.45 -52.45 -27.44
N PRO D 706 46.62 -52.38 -28.48
CA PRO D 706 45.50 -53.34 -28.59
C PRO D 706 45.96 -54.78 -28.67
N SER D 707 47.17 -55.03 -29.20
CA SER D 707 47.70 -56.38 -29.26
C SER D 707 48.19 -56.86 -27.91
N ALA D 708 48.29 -55.98 -26.91
CA ALA D 708 48.75 -56.40 -25.59
C ALA D 708 47.82 -57.45 -24.99
N MET D 709 46.54 -57.42 -25.35
CA MET D 709 45.59 -58.49 -25.01
C MET D 709 45.29 -58.51 -23.51
N GLU D 710 46.00 -57.69 -22.74
CA GLU D 710 45.87 -57.71 -21.28
C GLU D 710 44.47 -57.27 -20.88
N VAL D 711 43.68 -58.22 -20.37
CA VAL D 711 42.27 -57.97 -20.07
C VAL D 711 41.95 -58.50 -18.68
N GLU D 712 40.66 -58.47 -18.32
CA GLU D 712 40.18 -59.02 -17.05
C GLU D 712 40.74 -58.25 -15.86
N GLU D 713 40.86 -56.94 -16.00
CA GLU D 713 41.23 -56.07 -14.88
C GLU D 713 39.97 -55.72 -14.10
N ASP D 714 39.92 -56.14 -12.84
CA ASP D 714 38.70 -56.06 -12.06
C ASP D 714 38.28 -54.64 -11.69
N ASP D 715 39.10 -53.91 -10.92
CA ASP D 715 38.73 -52.54 -10.54
C ASP D 715 39.93 -51.79 -9.97
N PRO D 716 40.07 -50.49 -10.27
CA PRO D 716 41.18 -49.73 -9.71
C PRO D 716 40.91 -49.19 -8.30
N VAL D 717 39.67 -48.83 -8.02
CA VAL D 717 39.30 -48.23 -6.73
C VAL D 717 37.89 -48.70 -6.36
N PRO D 718 37.76 -49.69 -5.48
CA PRO D 718 36.42 -50.11 -5.00
C PRO D 718 36.01 -49.53 -3.65
N GLU D 719 36.70 -48.51 -3.15
CA GLU D 719 36.71 -48.26 -1.71
C GLU D 719 37.08 -46.81 -1.46
N ILE D 720 36.45 -46.20 -0.45
CA ILE D 720 36.71 -44.79 -0.15
C ILE D 720 38.17 -44.55 0.18
N ARG D 721 38.85 -45.56 0.74
CA ARG D 721 40.31 -45.57 0.66
C ARG D 721 40.98 -44.38 1.33
N ARG D 722 41.09 -44.39 2.66
CA ARG D 722 41.73 -43.33 3.43
C ARG D 722 42.95 -42.75 2.71
N ASP D 723 43.15 -41.44 2.88
CA ASP D 723 43.85 -40.48 2.01
C ASP D 723 42.88 -39.89 0.99
N HIS D 724 41.59 -40.16 1.15
CA HIS D 724 40.57 -39.28 0.62
C HIS D 724 40.11 -38.30 1.69
N PHE D 725 39.73 -38.81 2.86
CA PHE D 725 39.39 -37.94 3.98
C PHE D 725 40.56 -37.03 4.34
N GLU D 726 41.79 -37.55 4.23
CA GLU D 726 42.96 -36.71 4.46
C GLU D 726 43.06 -35.58 3.46
N GLU D 727 42.24 -35.60 2.41
CA GLU D 727 42.21 -34.53 1.42
C GLU D 727 40.90 -33.75 1.44
N ALA D 728 39.79 -34.40 1.75
CA ALA D 728 38.52 -33.69 1.85
C ALA D 728 38.48 -32.75 3.03
N MET D 729 39.33 -32.97 4.04
CA MET D 729 39.41 -32.07 5.18
C MET D 729 40.00 -30.72 4.83
N ARG D 730 40.58 -30.56 3.65
CA ARG D 730 41.16 -29.29 3.25
C ARG D 730 40.09 -28.31 2.77
N PHE D 731 38.88 -28.78 2.47
CA PHE D 731 37.77 -27.94 2.08
C PHE D 731 36.63 -27.98 3.11
N ALA D 732 36.96 -28.18 4.38
CA ALA D 732 35.97 -28.34 5.43
C ALA D 732 35.84 -27.04 6.20
N ARG D 733 34.72 -26.34 5.99
CA ARG D 733 34.49 -25.07 6.64
C ARG D 733 33.69 -25.26 7.93
N ARG D 734 33.46 -24.15 8.61
CA ARG D 734 32.65 -24.12 9.82
CA ARG D 734 32.65 -24.12 9.82
C ARG D 734 31.45 -23.22 9.58
N SER D 735 30.25 -23.75 9.82
CA SER D 735 29.05 -22.96 9.58
C SER D 735 28.87 -21.88 10.63
N VAL D 736 28.76 -22.28 11.90
CA VAL D 736 28.48 -21.37 12.99
C VAL D 736 29.80 -20.95 13.63
N SER D 737 30.16 -19.69 13.48
CA SER D 737 31.36 -19.18 14.08
C SER D 737 31.20 -19.09 15.59
N ASP D 738 32.29 -18.78 16.28
CA ASP D 738 32.28 -18.78 17.74
C ASP D 738 31.31 -17.75 18.29
N ASN D 739 31.27 -16.56 17.70
CA ASN D 739 30.32 -15.55 18.13
C ASN D 739 28.87 -16.00 17.94
N ASP D 740 28.62 -16.93 17.03
CA ASP D 740 27.27 -17.43 16.79
C ASP D 740 26.86 -18.51 17.78
N ILE D 741 27.66 -18.76 18.81
CA ILE D 741 27.31 -19.70 19.85
C ILE D 741 27.08 -18.99 21.18
N ARG D 742 27.89 -18.00 21.51
CA ARG D 742 27.64 -17.20 22.70
C ARG D 742 26.54 -16.19 22.42
N LYS D 743 25.82 -16.40 21.31
CA LYS D 743 24.57 -15.70 21.04
C LYS D 743 23.35 -16.50 21.49
N TYR D 744 23.36 -17.82 21.31
CA TYR D 744 22.33 -18.70 21.86
C TYR D 744 22.61 -19.06 23.31
N GLU D 745 23.85 -19.47 23.61
CA GLU D 745 24.20 -19.83 24.96
C GLU D 745 23.96 -18.68 25.93
N MET D 746 23.98 -17.45 25.45
CA MET D 746 23.61 -16.28 26.24
C MET D 746 22.09 -16.10 26.30
N PHE D 747 21.36 -16.63 25.33
CA PHE D 747 19.91 -16.58 25.38
C PHE D 747 19.32 -17.65 26.30
N ALA D 748 20.01 -18.78 26.48
CA ALA D 748 19.56 -19.76 27.45
C ALA D 748 19.64 -19.19 28.86
N GLN D 749 20.73 -18.49 29.18
CA GLN D 749 20.89 -17.87 30.49
C GLN D 749 20.04 -16.62 30.66
N THR D 750 19.15 -16.34 29.71
CA THR D 750 18.06 -15.39 29.90
C THR D 750 16.76 -16.08 30.27
N LEU D 751 16.42 -17.19 29.60
CA LEU D 751 15.34 -18.03 30.08
C LEU D 751 15.66 -18.61 31.45
N GLN D 752 16.90 -19.08 31.63
CA GLN D 752 17.38 -19.44 32.95
C GLN D 752 17.63 -18.15 33.73
N GLN D 753 18.18 -18.29 34.94
CA GLN D 753 18.53 -17.15 35.79
C GLN D 753 17.31 -16.37 36.26
N SER D 754 16.12 -16.72 35.74
CA SER D 754 14.85 -16.28 36.28
C SER D 754 14.17 -17.41 37.02
N ARG D 755 14.96 -18.33 37.54
CA ARG D 755 14.48 -19.55 38.18
C ARG D 755 15.36 -19.77 39.40
N GLY D 756 15.31 -20.99 39.95
CA GLY D 756 16.26 -21.33 40.99
C GLY D 756 15.75 -21.12 42.40
N PHE D 757 14.59 -21.70 42.71
CA PHE D 757 14.08 -21.74 44.07
C PHE D 757 14.38 -23.07 44.74
N GLY D 758 15.28 -23.87 44.18
CA GLY D 758 15.64 -25.16 44.72
C GLY D 758 16.04 -25.13 46.19
N SER D 759 16.29 -23.94 46.71
CA SER D 759 16.45 -23.77 48.16
C SER D 759 15.17 -24.10 48.91
N PHE D 760 14.04 -24.16 48.20
CA PHE D 760 12.76 -24.41 48.85
C PHE D 760 12.77 -25.74 49.58
N ARG D 761 12.30 -25.73 50.83
CA ARG D 761 12.28 -26.91 51.68
C ARG D 761 11.05 -26.86 52.55
N PHE D 762 10.33 -27.97 52.64
CA PHE D 762 9.14 -28.02 53.49
C PHE D 762 9.56 -28.16 54.94
N PRO D 763 9.09 -27.30 55.83
CA PRO D 763 9.57 -27.32 57.22
C PRO D 763 9.12 -28.57 57.96
N SER D 764 9.81 -28.83 59.07
CA SER D 764 9.56 -29.99 59.93
C SER D 764 9.68 -31.30 59.16
N LEU E 1 -23.82 34.55 -38.90
CA LEU E 1 -23.44 33.49 -39.82
C LEU E 1 -23.95 32.13 -39.35
N SER E 2 -24.16 31.99 -38.05
CA SER E 2 -24.58 30.72 -37.46
C SER E 2 -26.09 30.66 -37.26
N THR E 3 -26.68 31.70 -36.66
CA THR E 3 -28.11 31.71 -36.36
C THR E 3 -28.85 32.74 -37.21
N ALA E 4 -28.41 32.92 -38.45
CA ALA E 4 -29.12 33.78 -39.41
C ALA E 4 -30.26 33.06 -40.10
N ILE E 5 -30.63 31.86 -39.64
CA ILE E 5 -31.52 30.98 -40.39
C ILE E 5 -33.00 31.26 -40.16
N LEU E 6 -33.35 31.98 -39.09
CA LEU E 6 -34.74 32.23 -38.76
C LEU E 6 -35.27 33.52 -39.40
N LYS E 7 -34.73 33.90 -40.55
CA LYS E 7 -35.23 35.07 -41.26
C LYS E 7 -36.67 34.84 -41.70
N GLN E 8 -37.45 35.92 -41.76
CA GLN E 8 -38.88 35.79 -41.99
C GLN E 8 -39.23 35.72 -43.48
N LYS E 9 -38.48 36.40 -44.35
CA LYS E 9 -38.70 36.39 -45.80
C LYS E 9 -40.14 36.80 -46.13
N ASN E 10 -40.44 38.07 -45.82
CA ASN E 10 -41.79 38.59 -45.98
C ASN E 10 -42.22 38.59 -47.44
N ARG E 11 -43.53 38.53 -47.64
CA ARG E 11 -44.20 38.72 -48.92
C ARG E 11 -45.18 39.88 -48.82
N PRO E 12 -45.55 40.50 -49.93
CA PRO E 12 -46.41 41.69 -49.85
C PRO E 12 -47.76 41.44 -49.21
N ASN E 13 -48.34 40.25 -49.37
CA ASN E 13 -49.71 39.98 -48.92
C ASN E 13 -49.79 39.54 -47.46
N ARG E 14 -48.80 39.90 -46.65
CA ARG E 14 -48.78 39.53 -45.23
C ARG E 14 -49.53 40.59 -44.43
N LEU E 15 -50.64 40.20 -43.81
CA LEU E 15 -51.44 41.08 -42.97
C LEU E 15 -51.66 40.42 -41.63
N ILE E 16 -51.54 41.19 -40.56
CA ILE E 16 -51.72 40.68 -39.20
C ILE E 16 -53.21 40.55 -38.93
N VAL E 17 -53.66 39.34 -38.59
CA VAL E 17 -55.08 39.15 -38.33
C VAL E 17 -55.52 39.98 -37.12
N ASP E 18 -56.80 40.33 -37.10
CA ASP E 18 -57.36 41.16 -36.03
C ASP E 18 -58.81 40.75 -35.81
N GLU E 19 -59.47 41.48 -34.91
CA GLU E 19 -60.86 41.20 -34.56
C GLU E 19 -61.81 41.93 -35.51
N ALA E 20 -62.93 41.29 -35.81
CA ALA E 20 -63.99 41.88 -36.61
C ALA E 20 -65.24 42.03 -35.75
N ILE E 21 -65.88 43.20 -35.86
CA ILE E 21 -67.06 43.50 -35.04
C ILE E 21 -68.32 42.83 -35.54
N ASN E 22 -68.26 42.12 -36.66
CA ASN E 22 -69.41 41.45 -37.25
C ASN E 22 -69.26 39.95 -37.13
N GLU E 23 -70.38 39.27 -36.88
CA GLU E 23 -70.40 37.80 -36.86
C GLU E 23 -70.13 37.20 -38.24
N ASP E 24 -70.18 38.01 -39.29
CA ASP E 24 -69.89 37.50 -40.64
C ASP E 24 -68.48 36.93 -40.71
N ASN E 25 -68.37 35.71 -41.22
CA ASN E 25 -67.09 35.05 -41.39
C ASN E 25 -66.36 35.51 -42.64
N SER E 26 -67.05 36.14 -43.57
CA SER E 26 -66.52 36.45 -44.89
C SER E 26 -66.17 37.93 -45.02
N VAL E 27 -65.68 38.51 -43.94
CA VAL E 27 -65.21 39.89 -43.93
C VAL E 27 -63.70 39.90 -44.14
N VAL E 28 -63.24 40.73 -45.07
CA VAL E 28 -61.81 40.91 -45.31
C VAL E 28 -61.49 42.40 -45.18
N SER E 29 -60.49 42.71 -44.38
CA SER E 29 -60.03 44.09 -44.18
C SER E 29 -58.64 44.20 -44.80
N LEU E 30 -58.50 45.09 -45.77
CA LEU E 30 -57.32 45.15 -46.60
C LEU E 30 -56.79 46.57 -46.66
N SER E 31 -55.51 46.71 -46.95
CA SER E 31 -55.00 48.00 -47.37
C SER E 31 -55.49 48.30 -48.78
N GLN E 32 -55.74 49.57 -49.07
CA GLN E 32 -56.21 49.95 -50.40
C GLN E 32 -55.31 49.45 -51.53
N PRO E 33 -53.98 49.53 -51.43
CA PRO E 33 -53.15 48.87 -52.46
C PRO E 33 -53.36 47.37 -52.53
N LYS E 34 -53.69 46.73 -51.40
CA LYS E 34 -53.75 45.26 -51.37
C LYS E 34 -54.87 44.73 -52.27
N MET E 35 -56.00 45.43 -52.34
CA MET E 35 -57.06 45.02 -53.27
C MET E 35 -56.56 45.05 -54.71
N ASP E 36 -55.87 46.11 -55.09
CA ASP E 36 -55.43 46.29 -56.47
C ASP E 36 -54.01 45.84 -56.71
N GLU E 37 -53.33 45.28 -55.70
CA GLU E 37 -52.00 44.74 -55.92
C GLU E 37 -52.07 43.35 -56.55
N LEU E 38 -52.71 42.40 -55.86
CA LEU E 38 -52.95 41.08 -56.40
C LEU E 38 -54.17 41.01 -57.31
N GLN E 39 -54.67 42.17 -57.75
CA GLN E 39 -55.82 42.25 -58.64
C GLN E 39 -57.02 41.53 -58.04
N LEU E 40 -57.34 41.85 -56.79
CA LEU E 40 -58.36 41.12 -56.06
C LEU E 40 -59.74 41.41 -56.65
N PHE E 41 -60.23 40.50 -57.49
CA PHE E 41 -61.50 40.69 -58.16
C PHE E 41 -62.64 40.63 -57.14
N ARG E 42 -63.62 41.51 -57.31
CA ARG E 42 -64.71 41.63 -56.35
C ARG E 42 -65.57 40.37 -56.37
N GLY E 43 -65.84 39.83 -55.18
CA GLY E 43 -66.75 38.72 -55.03
C GLY E 43 -66.14 37.34 -55.15
N ASP E 44 -64.87 37.23 -55.54
CA ASP E 44 -64.25 35.92 -55.68
C ASP E 44 -63.75 35.42 -54.32
N THR E 45 -63.09 34.27 -54.33
CA THR E 45 -62.59 33.64 -53.11
C THR E 45 -61.06 33.63 -53.15
N VAL E 46 -60.45 34.15 -52.08
CA VAL E 46 -59.00 34.18 -51.95
C VAL E 46 -58.58 33.15 -50.92
N LEU E 47 -57.42 32.53 -51.16
CA LEU E 47 -56.94 31.45 -50.31
C LEU E 47 -56.11 32.04 -49.16
N LEU E 48 -56.52 31.74 -47.93
CA LEU E 48 -55.80 32.15 -46.74
C LEU E 48 -55.05 30.95 -46.18
N LYS E 49 -53.75 31.10 -46.00
CA LYS E 49 -52.86 29.99 -45.65
C LYS E 49 -52.23 30.25 -44.29
N GLY E 50 -52.66 29.50 -43.29
CA GLY E 50 -52.14 29.62 -41.94
C GLY E 50 -50.91 28.76 -41.73
N LYS E 51 -50.76 28.26 -40.50
CA LYS E 51 -49.67 27.38 -40.15
C LYS E 51 -50.21 26.00 -39.77
N LYS E 52 -49.34 24.99 -39.90
CA LYS E 52 -49.76 23.59 -39.90
C LYS E 52 -50.76 23.31 -41.02
N ARG E 53 -50.74 24.15 -42.04
CA ARG E 53 -51.75 24.17 -43.12
C ARG E 53 -53.16 24.31 -42.59
N ARG E 54 -53.31 24.75 -41.34
CA ARG E 54 -54.61 25.09 -40.79
C ARG E 54 -55.12 26.34 -41.49
N GLU E 55 -56.18 26.20 -42.28
CA GLU E 55 -56.58 27.26 -43.19
C GLU E 55 -58.09 27.40 -43.22
N ALA E 56 -58.54 28.59 -43.59
CA ALA E 56 -59.93 28.90 -43.86
C ALA E 56 -59.95 30.20 -44.65
N VAL E 57 -60.87 30.30 -45.60
CA VAL E 57 -60.81 31.35 -46.61
C VAL E 57 -61.99 32.30 -46.45
N CYS E 58 -61.99 33.34 -47.29
CA CYS E 58 -63.01 34.39 -47.23
C CYS E 58 -63.21 34.96 -48.61
N ILE E 59 -64.35 35.62 -48.80
CA ILE E 59 -64.61 36.36 -50.03
C ILE E 59 -63.91 37.71 -49.94
N VAL E 60 -63.36 38.17 -51.06
CA VAL E 60 -62.65 39.43 -51.10
C VAL E 60 -63.57 40.51 -51.66
N LEU E 61 -63.68 41.63 -50.92
CA LEU E 61 -64.56 42.72 -51.29
C LEU E 61 -63.87 44.03 -50.93
N SER E 62 -64.60 45.14 -51.10
CA SER E 62 -64.07 46.48 -50.83
C SER E 62 -64.44 46.89 -49.40
N ASP E 63 -63.65 46.41 -48.45
CA ASP E 63 -63.78 46.76 -47.03
C ASP E 63 -62.37 47.01 -46.50
N ASP E 64 -61.91 48.26 -46.56
CA ASP E 64 -60.57 48.64 -46.16
C ASP E 64 -60.55 49.44 -44.87
N THR E 65 -61.59 49.32 -44.04
CA THR E 65 -61.74 50.18 -42.87
C THR E 65 -60.68 49.93 -41.80
N CYS E 66 -59.93 48.84 -41.87
CA CYS E 66 -58.93 48.54 -40.87
C CYS E 66 -57.58 49.16 -41.29
N SER E 67 -56.51 48.78 -40.60
CA SER E 67 -55.19 49.32 -40.88
C SER E 67 -54.63 48.73 -42.17
N ASP E 68 -53.40 49.12 -42.51
CA ASP E 68 -52.81 48.70 -43.77
C ASP E 68 -52.34 47.25 -43.73
N GLU E 69 -51.79 46.80 -42.60
CA GLU E 69 -51.28 45.44 -42.49
C GLU E 69 -52.10 44.60 -41.51
N LYS E 70 -53.38 44.92 -41.35
CA LYS E 70 -54.28 44.08 -40.55
C LYS E 70 -55.51 43.70 -41.35
N ILE E 71 -56.10 42.58 -40.95
CA ILE E 71 -57.30 42.04 -41.58
C ILE E 71 -58.26 41.61 -40.48
N ARG E 72 -59.56 41.84 -40.70
CA ARG E 72 -60.59 41.56 -39.72
C ARG E 72 -61.35 40.31 -40.12
N MET E 73 -61.48 39.37 -39.18
CA MET E 73 -62.34 38.20 -39.33
C MET E 73 -62.93 37.86 -37.97
N ASN E 74 -63.84 36.89 -37.95
CA ASN E 74 -64.41 36.41 -36.71
C ASN E 74 -63.74 35.08 -36.33
N ARG E 75 -64.28 34.43 -35.30
CA ARG E 75 -63.61 33.25 -34.74
C ARG E 75 -63.65 32.05 -35.68
N VAL E 76 -64.53 32.08 -36.69
CA VAL E 76 -64.62 30.95 -37.62
C VAL E 76 -63.35 30.82 -38.43
N VAL E 77 -63.05 31.84 -39.24
CA VAL E 77 -61.90 31.76 -40.14
C VAL E 77 -60.59 31.84 -39.36
N ARG E 78 -60.49 32.78 -38.42
CA ARG E 78 -59.22 33.03 -37.74
C ARG E 78 -58.76 31.79 -36.97
N ASN E 79 -59.64 31.22 -36.15
CA ASN E 79 -59.24 30.07 -35.34
C ASN E 79 -58.95 28.86 -36.21
N ASN E 80 -59.72 28.68 -37.29
CA ASN E 80 -59.41 27.61 -38.24
C ASN E 80 -58.07 27.81 -38.91
N LEU E 81 -57.60 29.06 -39.00
CA LEU E 81 -56.24 29.32 -39.45
C LEU E 81 -55.22 28.95 -38.40
N ARG E 82 -55.64 28.82 -37.14
CA ARG E 82 -54.78 28.40 -36.02
C ARG E 82 -53.52 29.26 -35.90
N VAL E 83 -53.69 30.57 -36.09
CA VAL E 83 -52.64 31.54 -35.84
C VAL E 83 -53.23 32.69 -35.04
N ARG E 84 -52.49 33.16 -34.04
CA ARG E 84 -52.97 34.20 -33.16
C ARG E 84 -52.82 35.57 -33.83
N LEU E 85 -53.08 36.62 -33.07
CA LEU E 85 -52.91 37.98 -33.55
C LEU E 85 -51.44 38.39 -33.40
N GLY E 86 -50.82 38.80 -34.50
CA GLY E 86 -49.39 39.00 -34.53
C GLY E 86 -48.74 38.02 -35.48
N ASP E 87 -49.57 37.24 -36.17
CA ASP E 87 -49.13 36.29 -37.19
C ASP E 87 -49.81 36.65 -38.50
N VAL E 88 -49.01 36.80 -39.55
CA VAL E 88 -49.51 37.21 -40.85
C VAL E 88 -49.87 35.98 -41.67
N ILE E 89 -50.80 36.16 -42.61
CA ILE E 89 -51.18 35.13 -43.56
C ILE E 89 -51.23 35.75 -44.95
N SER E 90 -50.58 35.10 -45.91
CA SER E 90 -50.57 35.60 -47.28
C SER E 90 -51.96 35.44 -47.88
N ILE E 91 -52.72 36.53 -47.92
CA ILE E 91 -54.02 36.54 -48.58
C ILE E 91 -53.77 36.56 -50.08
N GLN E 92 -54.12 35.47 -50.75
CA GLN E 92 -53.80 35.34 -52.16
C GLN E 92 -54.87 34.53 -52.89
N PRO E 93 -55.42 35.07 -53.98
CA PRO E 93 -56.45 34.33 -54.72
C PRO E 93 -55.86 33.15 -55.47
N CYS E 94 -56.16 31.94 -54.99
CA CYS E 94 -55.84 30.72 -55.70
C CYS E 94 -56.98 30.41 -56.65
N PRO E 95 -56.71 30.00 -57.90
CA PRO E 95 -57.82 29.90 -58.88
C PRO E 95 -58.85 28.82 -58.56
N ASP E 96 -58.71 28.16 -57.41
CA ASP E 96 -59.70 27.18 -56.96
C ASP E 96 -60.89 27.87 -56.29
N VAL E 97 -61.57 28.70 -57.09
CA VAL E 97 -62.79 29.38 -56.67
C VAL E 97 -63.93 28.44 -57.03
N LYS E 98 -64.28 27.55 -56.11
CA LYS E 98 -65.21 26.46 -56.42
C LYS E 98 -66.12 26.17 -55.24
N TYR E 99 -67.20 25.47 -55.51
CA TYR E 99 -68.12 25.00 -54.48
C TYR E 99 -67.83 23.55 -54.13
N GLY E 100 -68.11 23.18 -52.87
CA GLY E 100 -67.99 21.79 -52.48
C GLY E 100 -69.08 20.94 -53.09
N LYS E 101 -68.79 19.64 -53.21
CA LYS E 101 -69.75 18.70 -53.79
C LYS E 101 -70.64 18.07 -52.73
N ARG E 102 -70.02 17.40 -51.74
CA ARG E 102 -70.75 16.83 -50.62
C ARG E 102 -69.87 16.94 -49.39
N ILE E 103 -70.41 17.50 -48.31
CA ILE E 103 -69.69 17.60 -47.05
C ILE E 103 -70.45 16.83 -45.99
N HIS E 104 -69.71 16.32 -45.00
CA HIS E 104 -70.28 15.65 -43.84
C HIS E 104 -69.82 16.42 -42.60
N VAL E 105 -70.77 16.90 -41.82
CA VAL E 105 -70.47 17.70 -40.64
C VAL E 105 -70.54 16.82 -39.40
N LEU E 106 -69.66 17.09 -38.46
CA LEU E 106 -69.65 16.38 -37.17
C LEU E 106 -69.96 17.37 -36.06
N PRO E 107 -71.20 17.41 -35.57
CA PRO E 107 -71.55 18.36 -34.51
C PRO E 107 -70.87 18.02 -33.20
N ILE E 108 -70.62 19.06 -32.41
CA ILE E 108 -70.11 18.93 -31.04
C ILE E 108 -71.25 19.25 -30.09
N ASP E 109 -71.46 18.37 -29.10
CA ASP E 109 -72.70 18.37 -28.34
C ASP E 109 -72.92 19.69 -27.60
N ASP E 110 -71.92 20.13 -26.82
CA ASP E 110 -72.13 21.33 -26.00
C ASP E 110 -72.28 22.58 -26.84
N THR E 111 -71.58 22.65 -27.97
CA THR E 111 -71.73 23.80 -28.86
C THR E 111 -73.07 23.77 -29.58
N VAL E 112 -73.47 22.60 -30.09
CA VAL E 112 -74.70 22.50 -30.86
C VAL E 112 -75.92 22.65 -29.97
N GLU E 113 -75.90 22.04 -28.79
CA GLU E 113 -77.08 22.00 -27.93
C GLU E 113 -77.48 23.42 -27.50
N GLY E 114 -78.66 23.52 -26.90
CA GLY E 114 -79.33 24.79 -26.76
C GLY E 114 -80.38 24.91 -27.83
N ILE E 115 -80.06 25.62 -28.92
CA ILE E 115 -80.87 25.61 -30.13
C ILE E 115 -80.33 24.50 -31.04
N THR E 116 -81.18 23.53 -31.37
CA THR E 116 -80.77 22.38 -32.16
C THR E 116 -81.46 22.36 -33.51
N GLY E 117 -82.79 22.38 -33.54
CA GLY E 117 -83.52 22.36 -34.79
C GLY E 117 -83.15 21.17 -35.64
N ASN E 118 -82.97 21.41 -36.93
CA ASN E 118 -82.49 20.40 -37.87
C ASN E 118 -81.21 20.91 -38.51
N LEU E 119 -80.25 20.00 -38.70
CA LEU E 119 -78.93 20.41 -39.17
C LEU E 119 -79.02 21.09 -40.53
N PHE E 120 -79.67 20.45 -41.50
CA PHE E 120 -79.80 21.05 -42.82
C PHE E 120 -80.68 22.30 -42.79
N GLU E 121 -81.79 22.24 -42.05
CA GLU E 121 -82.75 23.34 -42.07
C GLU E 121 -82.17 24.60 -41.41
N VAL E 122 -81.49 24.44 -40.28
CA VAL E 122 -81.10 25.58 -39.45
C VAL E 122 -79.64 25.98 -39.68
N TYR E 123 -78.74 25.01 -39.79
CA TYR E 123 -77.31 25.29 -39.82
C TYR E 123 -76.64 25.05 -41.16
N LEU E 124 -77.27 24.29 -42.05
CA LEU E 124 -76.61 23.94 -43.31
C LEU E 124 -77.22 24.62 -44.53
N LYS E 125 -78.54 24.81 -44.58
CA LYS E 125 -79.10 25.52 -45.72
C LYS E 125 -78.81 27.02 -45.63
N PRO E 126 -79.32 27.75 -44.60
CA PRO E 126 -79.26 29.21 -44.67
C PRO E 126 -77.89 29.77 -44.34
N TYR E 127 -77.15 29.07 -43.47
CA TYR E 127 -75.79 29.47 -43.15
C TYR E 127 -74.84 29.30 -44.34
N PHE E 128 -75.29 28.59 -45.39
CA PHE E 128 -74.49 28.39 -46.59
C PHE E 128 -75.28 28.73 -47.86
N LEU E 129 -76.48 29.31 -47.71
CA LEU E 129 -77.33 29.63 -48.84
C LEU E 129 -76.83 30.87 -49.58
N GLU E 130 -75.92 30.67 -50.54
CA GLU E 130 -75.43 31.74 -51.41
C GLU E 130 -74.83 32.89 -50.61
N ALA E 131 -74.41 32.62 -49.37
CA ALA E 131 -73.90 33.65 -48.48
C ALA E 131 -72.40 33.88 -48.64
N TYR E 132 -71.74 33.14 -49.52
CA TYR E 132 -70.30 33.27 -49.77
C TYR E 132 -69.50 33.11 -48.47
N ARG E 133 -69.94 32.18 -47.62
CA ARG E 133 -69.22 31.86 -46.40
C ARG E 133 -68.42 30.59 -46.60
N PRO E 134 -67.14 30.67 -46.94
CA PRO E 134 -66.40 29.49 -47.38
C PRO E 134 -65.69 28.76 -46.24
N ILE E 135 -65.47 27.46 -46.46
CA ILE E 135 -64.75 26.62 -45.52
C ILE E 135 -63.79 25.72 -46.30
N ARG E 136 -62.82 25.15 -45.57
CA ARG E 136 -61.76 24.34 -46.12
C ARG E 136 -62.03 22.86 -45.86
N LYS E 137 -61.64 22.01 -46.81
CA LYS E 137 -61.79 20.58 -46.65
C LYS E 137 -60.96 20.08 -45.47
N GLY E 138 -61.56 19.25 -44.62
CA GLY E 138 -60.84 18.61 -43.55
C GLY E 138 -60.55 19.50 -42.36
N ASP E 139 -61.54 20.27 -41.91
CA ASP E 139 -61.36 21.17 -40.78
C ASP E 139 -62.39 20.88 -39.70
N ILE E 140 -62.24 21.59 -38.58
CA ILE E 140 -63.18 21.59 -37.47
C ILE E 140 -63.50 23.06 -37.21
N PHE E 141 -64.59 23.54 -37.78
CA PHE E 141 -64.86 24.97 -37.87
C PHE E 141 -65.98 25.37 -36.93
N LEU E 142 -66.37 26.65 -37.01
CA LEU E 142 -67.39 27.24 -36.17
C LEU E 142 -68.57 27.66 -37.02
N VAL E 143 -69.78 27.36 -36.54
CA VAL E 143 -71.02 27.73 -37.22
C VAL E 143 -71.75 28.75 -36.35
N ARG E 144 -71.85 29.98 -36.82
CA ARG E 144 -72.69 30.98 -36.17
C ARG E 144 -74.08 31.03 -36.79
N GLY E 145 -74.71 29.86 -36.89
CA GLY E 145 -76.07 29.73 -37.36
C GLY E 145 -77.12 29.75 -36.29
N GLY E 146 -76.72 29.88 -35.03
CA GLY E 146 -77.66 29.90 -33.92
C GLY E 146 -77.40 31.02 -32.93
N MET E 147 -77.73 30.78 -31.66
CA MET E 147 -77.58 31.81 -30.64
C MET E 147 -76.12 32.03 -30.24
N ARG E 148 -75.30 30.98 -30.28
CA ARG E 148 -73.93 31.07 -29.80
C ARG E 148 -73.07 30.11 -30.62
N ALA E 149 -71.89 29.79 -30.10
CA ALA E 149 -70.92 28.99 -30.86
C ALA E 149 -71.45 27.59 -31.12
N VAL E 150 -71.42 27.19 -32.39
CA VAL E 150 -71.77 25.85 -32.83
C VAL E 150 -70.66 25.38 -33.76
N GLU E 151 -70.08 24.22 -33.48
CA GLU E 151 -68.94 23.73 -34.23
C GLU E 151 -69.29 22.43 -34.96
N PHE E 152 -68.76 22.30 -36.17
CA PHE E 152 -68.87 21.08 -36.97
C PHE E 152 -67.48 20.60 -37.39
N LYS E 153 -67.44 19.60 -38.28
CA LYS E 153 -66.21 19.15 -38.91
C LYS E 153 -66.42 19.09 -40.41
N VAL E 154 -65.41 19.48 -41.17
CA VAL E 154 -65.40 19.26 -42.61
C VAL E 154 -64.74 17.91 -42.87
N VAL E 155 -65.42 17.05 -43.63
CA VAL E 155 -64.91 15.71 -43.89
C VAL E 155 -64.64 15.54 -45.37
N GLU E 156 -65.69 15.65 -46.19
CA GLU E 156 -65.61 15.45 -47.62
C GLU E 156 -65.83 16.78 -48.33
N THR E 157 -65.09 17.00 -49.42
CA THR E 157 -65.20 18.24 -50.17
C THR E 157 -64.48 18.08 -51.51
N ASP E 158 -65.17 18.42 -52.60
CA ASP E 158 -64.54 18.30 -53.92
C ASP E 158 -63.34 19.24 -54.07
N PRO E 159 -63.43 20.56 -53.78
CA PRO E 159 -62.21 21.37 -53.76
C PRO E 159 -61.43 21.16 -52.48
N SER E 160 -60.33 20.41 -52.56
CA SER E 160 -59.55 20.11 -51.37
C SER E 160 -58.95 21.35 -50.70
N PRO E 161 -58.32 22.29 -51.44
CA PRO E 161 -57.77 23.47 -50.75
C PRO E 161 -58.82 24.30 -50.02
N TYR E 162 -59.84 24.76 -50.74
CA TYR E 162 -60.86 25.63 -50.13
C TYR E 162 -62.05 25.72 -51.06
N CYS E 163 -63.21 26.02 -50.49
CA CYS E 163 -64.45 26.04 -51.24
C CYS E 163 -65.48 26.86 -50.48
N ILE E 164 -66.56 27.22 -51.18
CA ILE E 164 -67.79 27.70 -50.57
C ILE E 164 -68.79 26.56 -50.61
N VAL E 165 -69.33 26.18 -49.45
CA VAL E 165 -70.36 25.15 -49.40
C VAL E 165 -71.69 25.82 -49.69
N ALA E 166 -72.43 25.26 -50.64
CA ALA E 166 -73.72 25.77 -51.08
C ALA E 166 -74.80 24.74 -50.83
N PRO E 167 -76.08 25.10 -51.00
CA PRO E 167 -77.14 24.07 -51.00
C PRO E 167 -76.96 23.04 -52.10
N ASP E 168 -76.21 23.36 -53.15
CA ASP E 168 -75.83 22.34 -54.12
C ASP E 168 -75.00 21.24 -53.47
N THR E 169 -74.32 21.56 -52.37
CA THR E 169 -73.57 20.57 -51.61
C THR E 169 -74.53 19.82 -50.70
N VAL E 170 -74.78 18.55 -51.03
CA VAL E 170 -75.71 17.74 -50.26
C VAL E 170 -75.00 17.24 -49.00
N ILE E 171 -75.54 17.60 -47.85
CA ILE E 171 -74.90 17.35 -46.56
C ILE E 171 -75.70 16.29 -45.81
N HIS E 172 -75.05 15.18 -45.48
CA HIS E 172 -75.70 14.13 -44.72
C HIS E 172 -75.97 14.61 -43.30
N CYS E 173 -77.15 14.30 -42.79
CA CYS E 173 -77.60 14.78 -41.48
C CYS E 173 -77.46 13.71 -40.40
N GLU E 174 -76.63 12.68 -40.62
CA GLU E 174 -76.35 11.66 -39.63
C GLU E 174 -75.08 11.96 -38.83
N GLY E 175 -74.76 13.25 -38.65
CA GLY E 175 -73.58 13.61 -37.91
C GLY E 175 -73.66 13.20 -36.46
N GLU E 176 -72.52 12.81 -35.91
CA GLU E 176 -72.43 12.33 -34.54
C GLU E 176 -71.86 13.40 -33.62
N PRO E 177 -72.28 13.44 -32.36
CA PRO E 177 -71.73 14.42 -31.43
C PRO E 177 -70.23 14.21 -31.22
N ILE E 178 -69.51 15.33 -31.16
CA ILE E 178 -68.08 15.33 -30.89
C ILE E 178 -67.86 16.11 -29.59
N LYS E 179 -66.60 16.16 -29.15
CA LYS E 179 -66.24 16.75 -27.87
C LYS E 179 -65.33 17.95 -28.09
N ARG E 180 -65.37 18.89 -27.14
CA ARG E 180 -64.44 20.01 -27.17
C ARG E 180 -63.01 19.52 -27.01
N GLU E 181 -62.79 18.54 -26.13
CA GLU E 181 -61.46 17.97 -25.94
C GLU E 181 -61.02 17.09 -27.11
N ASP E 182 -61.95 16.66 -27.97
CA ASP E 182 -61.55 15.93 -29.16
C ASP E 182 -60.70 16.79 -30.10
N GLU E 183 -60.92 18.11 -30.07
CA GLU E 183 -60.09 19.01 -30.88
C GLU E 183 -58.66 19.01 -30.37
N GLU E 184 -58.46 18.87 -29.06
CA GLU E 184 -57.12 18.86 -28.50
C GLU E 184 -56.33 17.65 -28.98
N GLU E 185 -57.00 16.52 -29.22
CA GLU E 185 -56.31 15.32 -29.69
C GLU E 185 -55.57 15.58 -31.00
N SER E 186 -56.29 16.12 -31.99
CA SER E 186 -55.64 16.51 -33.24
C SER E 186 -54.68 17.67 -33.03
N LEU E 187 -55.03 18.62 -32.16
CA LEU E 187 -54.19 19.77 -31.88
C LEU E 187 -53.00 19.43 -30.98
N ASN E 188 -52.72 18.15 -30.76
CA ASN E 188 -51.48 17.76 -30.09
C ASN E 188 -50.32 17.94 -31.05
N GLU E 189 -50.62 18.34 -32.29
CA GLU E 189 -49.60 18.79 -33.23
C GLU E 189 -49.06 20.13 -32.74
N VAL E 190 -47.82 20.13 -32.28
CA VAL E 190 -47.24 21.30 -31.64
C VAL E 190 -46.78 22.28 -32.70
N GLY E 191 -47.01 23.57 -32.45
CA GLY E 191 -46.45 24.62 -33.28
C GLY E 191 -44.97 24.80 -32.98
N TYR E 192 -44.39 25.78 -33.66
CA TYR E 192 -42.97 26.04 -33.47
C TYR E 192 -42.69 26.93 -32.27
N ASP E 193 -43.71 27.59 -31.73
CA ASP E 193 -43.51 28.60 -30.70
C ASP E 193 -43.38 28.03 -29.29
N ASP E 194 -43.45 26.71 -29.13
CA ASP E 194 -43.60 26.09 -27.81
C ASP E 194 -42.32 25.38 -27.35
N ILE E 195 -41.17 25.99 -27.58
CA ILE E 195 -39.90 25.47 -27.10
C ILE E 195 -39.15 26.59 -26.41
N GLY E 196 -38.64 26.32 -25.21
CA GLY E 196 -37.89 27.32 -24.48
C GLY E 196 -36.51 26.82 -24.09
N GLY E 197 -35.60 27.76 -23.81
CA GLY E 197 -34.24 27.38 -23.49
C GLY E 197 -33.47 26.75 -24.63
N CYS E 198 -34.00 26.83 -25.85
CA CYS E 198 -33.37 26.27 -27.03
C CYS E 198 -33.38 27.28 -28.16
N ARG E 199 -33.02 28.53 -27.85
CA ARG E 199 -32.86 29.52 -28.91
C ARG E 199 -31.71 29.14 -29.83
N LYS E 200 -30.64 28.57 -29.26
CA LYS E 200 -29.46 28.17 -30.03
C LYS E 200 -29.61 26.77 -30.61
N GLN E 201 -29.89 25.77 -29.76
CA GLN E 201 -29.93 24.39 -30.22
C GLN E 201 -31.10 24.11 -31.16
N LEU E 202 -32.00 25.06 -31.38
CA LEU E 202 -32.99 24.89 -32.41
C LEU E 202 -32.60 25.55 -33.71
N ALA E 203 -31.55 26.38 -33.70
CA ALA E 203 -31.00 26.86 -34.96
C ALA E 203 -30.31 25.74 -35.71
N GLN E 204 -29.57 24.88 -34.99
CA GLN E 204 -28.87 23.78 -35.63
C GLN E 204 -29.83 22.80 -36.27
N ILE E 205 -30.94 22.49 -35.59
CA ILE E 205 -31.90 21.56 -36.18
C ILE E 205 -32.54 22.18 -37.42
N LYS E 206 -32.61 23.51 -37.48
CA LYS E 206 -33.15 24.15 -38.67
C LYS E 206 -32.17 24.13 -39.84
N GLU E 207 -30.89 23.88 -39.60
CA GLU E 207 -29.94 23.84 -40.71
C GLU E 207 -29.63 22.43 -41.16
N MET E 208 -29.45 21.49 -40.22
CA MET E 208 -29.33 20.10 -40.61
C MET E 208 -30.62 19.57 -41.21
N VAL E 209 -31.75 20.01 -40.67
CA VAL E 209 -33.06 19.61 -41.16
C VAL E 209 -33.68 20.87 -41.74
N GLU E 210 -34.88 20.77 -42.29
CA GLU E 210 -35.67 21.88 -42.83
C GLU E 210 -35.12 22.40 -44.14
N LEU E 211 -33.86 22.11 -44.44
CA LEU E 211 -33.33 22.33 -45.78
C LEU E 211 -33.48 21.08 -46.63
N PRO E 212 -33.09 19.89 -46.16
CA PRO E 212 -33.23 18.69 -46.99
C PRO E 212 -34.61 18.08 -46.98
N LEU E 213 -35.63 18.77 -46.47
CA LEU E 213 -37.00 18.29 -46.55
C LEU E 213 -37.87 19.18 -47.40
N ARG E 214 -37.81 20.50 -47.22
CA ARG E 214 -38.62 21.39 -48.02
C ARG E 214 -38.17 21.47 -49.47
N HIS E 215 -36.96 21.05 -49.78
CA HIS E 215 -36.45 21.09 -51.16
C HIS E 215 -35.53 19.91 -51.37
N PRO E 216 -36.09 18.73 -51.64
CA PRO E 216 -35.24 17.57 -51.96
C PRO E 216 -34.39 17.80 -53.19
N ALA E 217 -34.91 18.48 -54.20
CA ALA E 217 -34.18 18.66 -55.45
C ALA E 217 -32.90 19.44 -55.24
N LEU E 218 -32.95 20.45 -54.37
CA LEU E 218 -31.80 21.35 -54.18
C LEU E 218 -30.59 20.58 -53.67
N PHE E 219 -30.81 19.66 -52.72
CA PHE E 219 -29.70 18.96 -52.10
C PHE E 219 -29.43 17.60 -52.73
N LYS E 220 -30.45 16.95 -53.28
CA LYS E 220 -30.23 15.70 -53.99
C LYS E 220 -29.45 15.92 -55.28
N ALA E 221 -29.82 16.93 -56.05
CA ALA E 221 -29.24 17.12 -57.37
C ALA E 221 -27.79 17.61 -57.28
N ILE E 222 -27.52 18.58 -56.40
CA ILE E 222 -26.17 19.13 -56.31
C ILE E 222 -25.17 18.09 -55.82
N GLY E 223 -25.65 17.01 -55.21
CA GLY E 223 -24.79 15.96 -54.74
C GLY E 223 -24.33 16.08 -53.30
N VAL E 224 -24.74 17.13 -52.60
CA VAL E 224 -24.45 17.22 -51.17
C VAL E 224 -25.21 16.12 -50.45
N LYS E 225 -24.73 15.77 -49.25
CA LYS E 225 -25.28 14.62 -48.54
C LYS E 225 -26.08 15.06 -47.33
N PRO E 226 -27.39 14.86 -47.30
CA PRO E 226 -28.18 15.19 -46.12
C PRO E 226 -27.88 14.22 -45.00
N PRO E 227 -28.12 14.62 -43.75
CA PRO E 227 -27.86 13.71 -42.63
C PRO E 227 -28.85 12.56 -42.63
N ARG E 228 -28.40 11.44 -42.05
CA ARG E 228 -29.27 10.29 -41.85
C ARG E 228 -29.30 9.86 -40.40
N GLY E 229 -28.90 10.74 -39.48
CA GLY E 229 -29.06 10.48 -38.07
C GLY E 229 -28.65 11.67 -37.23
N ILE E 230 -29.49 12.05 -36.29
CA ILE E 230 -29.21 13.10 -35.32
C ILE E 230 -29.42 12.50 -33.94
N LEU E 231 -28.49 12.74 -33.05
CA LEU E 231 -28.53 12.10 -31.74
C LEU E 231 -28.59 13.21 -30.70
N LEU E 232 -29.80 13.66 -30.39
CA LEU E 232 -30.01 14.64 -29.34
C LEU E 232 -29.71 14.00 -27.99
N TYR E 233 -29.08 14.75 -27.10
CA TYR E 233 -28.89 14.20 -25.76
C TYR E 233 -28.78 15.34 -24.76
N GLY E 234 -29.36 15.12 -23.59
CA GLY E 234 -29.33 16.08 -22.51
C GLY E 234 -29.90 15.45 -21.26
N PRO E 235 -30.05 16.23 -20.20
CA PRO E 235 -30.63 15.69 -18.98
C PRO E 235 -32.06 15.24 -19.23
N PRO E 236 -32.53 14.23 -18.51
CA PRO E 236 -33.90 13.74 -18.74
C PRO E 236 -34.91 14.80 -18.33
N GLY E 237 -35.89 15.03 -19.21
CA GLY E 237 -36.96 15.95 -18.93
C GLY E 237 -36.90 17.30 -19.61
N THR E 238 -35.90 17.55 -20.46
CA THR E 238 -35.82 18.81 -21.18
C THR E 238 -36.74 18.87 -22.37
N GLY E 239 -37.69 17.95 -22.48
CA GLY E 239 -38.63 17.96 -23.58
C GLY E 239 -38.00 17.77 -24.94
N LYS E 240 -37.24 16.69 -25.10
CA LYS E 240 -36.62 16.39 -26.37
C LYS E 240 -37.63 15.90 -27.41
N THR E 241 -38.56 15.03 -27.00
CA THR E 241 -39.56 14.53 -27.94
C THR E 241 -40.46 15.64 -28.44
N LEU E 242 -40.54 16.75 -27.71
CA LEU E 242 -41.29 17.91 -28.19
C LEU E 242 -40.60 18.53 -29.40
N ILE E 243 -39.26 18.60 -29.37
CA ILE E 243 -38.52 19.27 -30.42
C ILE E 243 -38.75 18.59 -31.76
N ALA E 244 -38.73 17.26 -31.78
CA ALA E 244 -38.88 16.54 -33.04
C ALA E 244 -40.25 16.78 -33.65
N ARG E 245 -41.29 16.93 -32.83
CA ARG E 245 -42.60 17.28 -33.37
C ARG E 245 -42.62 18.71 -33.86
N ALA E 246 -41.91 19.62 -33.18
CA ALA E 246 -41.83 20.98 -33.66
C ALA E 246 -41.20 21.04 -35.04
N VAL E 247 -40.04 20.39 -35.19
CA VAL E 247 -39.36 20.39 -36.48
C VAL E 247 -40.18 19.67 -37.54
N ALA E 248 -40.76 18.52 -37.20
CA ALA E 248 -41.46 17.73 -38.20
C ALA E 248 -42.76 18.40 -38.64
N ASN E 249 -43.66 18.67 -37.69
CA ASN E 249 -44.95 19.23 -38.06
C ASN E 249 -44.84 20.62 -38.67
N GLU E 250 -43.75 21.35 -38.40
CA GLU E 250 -43.63 22.70 -38.95
C GLU E 250 -43.09 22.69 -40.38
N THR E 251 -42.41 21.62 -40.79
CA THR E 251 -41.94 21.51 -42.17
C THR E 251 -42.84 20.66 -43.03
N GLY E 252 -44.03 20.32 -42.53
CA GLY E 252 -44.94 19.47 -43.27
C GLY E 252 -44.37 18.09 -43.56
N ALA E 253 -43.84 17.44 -42.52
CA ALA E 253 -43.25 16.12 -42.65
C ALA E 253 -43.93 15.14 -41.70
N PHE E 254 -44.27 13.97 -42.20
CA PHE E 254 -44.87 12.93 -41.38
C PHE E 254 -43.91 12.51 -40.28
N PHE E 255 -44.39 12.51 -39.05
CA PHE E 255 -43.57 12.24 -37.87
C PHE E 255 -44.03 10.95 -37.22
N PHE E 256 -43.19 9.92 -37.27
CA PHE E 256 -43.52 8.61 -36.73
C PHE E 256 -42.62 8.32 -35.54
N LEU E 257 -43.21 8.29 -34.35
CA LEU E 257 -42.47 8.11 -33.11
C LEU E 257 -42.41 6.64 -32.75
N ILE E 258 -41.21 6.13 -32.51
CA ILE E 258 -41.00 4.77 -32.02
C ILE E 258 -40.68 4.88 -30.53
N ASN E 259 -41.53 4.29 -29.70
CA ASN E 259 -41.32 4.38 -28.27
C ASN E 259 -40.12 3.53 -27.85
N GLY E 260 -39.53 3.88 -26.71
CA GLY E 260 -38.35 3.21 -26.25
C GLY E 260 -38.61 1.85 -25.64
N PRO E 261 -39.26 1.82 -24.48
CA PRO E 261 -39.53 0.53 -23.83
C PRO E 261 -40.61 -0.27 -24.53
N GLU E 262 -41.58 0.39 -25.15
CA GLU E 262 -42.66 -0.31 -25.82
C GLU E 262 -42.16 -1.30 -26.87
N ILE E 263 -40.90 -1.18 -27.30
CA ILE E 263 -40.35 -2.15 -28.24
C ILE E 263 -40.09 -3.48 -27.55
N MET E 264 -39.30 -3.49 -26.47
CA MET E 264 -38.99 -4.74 -25.81
C MET E 264 -40.00 -5.12 -24.74
N SER E 265 -41.08 -4.37 -24.57
CA SER E 265 -42.18 -4.82 -23.72
C SER E 265 -42.97 -5.93 -24.37
N LYS E 266 -42.46 -6.47 -25.47
CA LYS E 266 -43.17 -7.42 -26.30
C LYS E 266 -42.36 -8.71 -26.42
N LEU E 267 -42.96 -9.70 -27.06
CA LEU E 267 -42.42 -11.05 -27.06
C LEU E 267 -41.12 -11.13 -27.87
N ALA E 268 -40.28 -12.09 -27.50
CA ALA E 268 -39.07 -12.37 -28.28
C ALA E 268 -39.44 -12.75 -29.70
N GLY E 269 -38.75 -12.14 -30.67
CA GLY E 269 -39.08 -12.33 -32.06
C GLY E 269 -40.25 -11.50 -32.55
N GLU E 270 -40.91 -10.76 -31.66
CA GLU E 270 -41.97 -9.84 -32.04
C GLU E 270 -41.52 -8.39 -32.00
N SER E 271 -40.57 -8.07 -31.11
CA SER E 271 -40.01 -6.73 -31.07
C SER E 271 -39.32 -6.38 -32.39
N GLU E 272 -38.55 -7.32 -32.93
CA GLU E 272 -37.91 -7.10 -34.22
C GLU E 272 -38.94 -6.74 -35.29
N SER E 273 -40.11 -7.37 -35.25
CA SER E 273 -41.10 -7.14 -36.29
C SER E 273 -41.66 -5.73 -36.21
N ASN E 274 -41.50 -5.07 -35.07
CA ASN E 274 -42.06 -3.72 -34.93
C ASN E 274 -41.12 -2.67 -35.51
N LEU E 275 -39.82 -2.85 -35.34
CA LEU E 275 -38.87 -1.94 -35.97
C LEU E 275 -39.03 -1.94 -37.48
N ARG E 276 -39.11 -3.13 -38.09
CA ARG E 276 -39.24 -3.21 -39.54
C ARG E 276 -40.50 -2.51 -40.02
N LYS E 277 -41.64 -2.78 -39.41
CA LYS E 277 -42.89 -2.15 -39.85
C LYS E 277 -42.94 -0.66 -39.53
N ALA E 278 -41.85 -0.09 -39.01
CA ALA E 278 -41.74 1.34 -38.82
C ALA E 278 -40.84 1.99 -39.86
N PHE E 279 -39.62 1.46 -40.05
CA PHE E 279 -38.76 1.92 -41.12
C PHE E 279 -39.30 1.60 -42.50
N GLU E 280 -40.28 0.69 -42.62
CA GLU E 280 -40.79 0.31 -43.93
C GLU E 280 -42.06 1.05 -44.32
N GLU E 281 -42.68 1.80 -43.41
CA GLU E 281 -43.77 2.68 -43.80
C GLU E 281 -43.38 4.15 -43.76
N ALA E 282 -42.39 4.52 -42.94
CA ALA E 282 -41.84 5.86 -43.04
C ALA E 282 -41.20 6.08 -44.39
N GLU E 283 -40.47 5.09 -44.90
CA GLU E 283 -39.99 5.15 -46.27
C GLU E 283 -41.13 5.13 -47.28
N LYS E 284 -42.33 4.73 -46.87
CA LYS E 284 -43.44 4.61 -47.80
C LYS E 284 -44.19 5.93 -47.95
N ASN E 285 -44.55 6.56 -46.84
CA ASN E 285 -45.42 7.73 -46.88
C ASN E 285 -44.82 8.92 -47.62
N ALA E 286 -43.78 9.51 -47.06
CA ALA E 286 -43.40 10.86 -47.45
C ALA E 286 -42.01 11.19 -46.89
N PRO E 287 -41.44 12.37 -47.18
CA PRO E 287 -40.31 12.83 -46.36
C PRO E 287 -40.71 12.78 -44.89
N ALA E 288 -40.10 11.87 -44.15
CA ALA E 288 -40.60 11.48 -42.86
C ALA E 288 -39.52 11.64 -41.79
N ILE E 289 -39.91 11.38 -40.56
CA ILE E 289 -38.99 11.41 -39.42
C ILE E 289 -39.34 10.27 -38.49
N ILE E 290 -38.33 9.53 -38.07
CA ILE E 290 -38.46 8.54 -37.01
C ILE E 290 -37.74 9.09 -35.79
N PHE E 291 -38.42 9.17 -34.67
CA PHE E 291 -37.84 9.64 -33.43
C PHE E 291 -37.75 8.42 -32.51
N ILE E 292 -36.59 7.75 -32.53
CA ILE E 292 -36.42 6.56 -31.71
C ILE E 292 -36.19 7.02 -30.30
N ASP E 293 -37.27 7.19 -29.55
CA ASP E 293 -37.19 7.76 -28.21
C ASP E 293 -36.55 6.76 -27.25
N GLU E 294 -35.91 7.30 -26.22
CA GLU E 294 -35.28 6.51 -25.17
C GLU E 294 -34.39 5.42 -25.75
N LEU E 295 -33.41 5.87 -26.55
CA LEU E 295 -32.56 4.93 -27.28
C LEU E 295 -31.71 4.10 -26.34
N ASP E 296 -31.22 4.67 -25.25
CA ASP E 296 -30.37 3.90 -24.35
C ASP E 296 -31.09 2.71 -23.73
N ALA E 297 -32.39 2.54 -23.97
CA ALA E 297 -33.12 1.40 -23.48
C ALA E 297 -33.07 0.21 -24.42
N ILE E 298 -33.02 0.45 -25.73
CA ILE E 298 -33.00 -0.61 -26.72
C ILE E 298 -31.64 -0.71 -27.40
N ALA E 299 -30.63 -0.04 -26.88
CA ALA E 299 -29.27 -0.24 -27.34
C ALA E 299 -28.26 0.20 -26.29
N PRO E 300 -28.21 -0.45 -25.13
CA PRO E 300 -27.22 -0.08 -24.12
C PRO E 300 -25.82 -0.48 -24.58
N LYS E 301 -24.84 -0.18 -23.73
CA LYS E 301 -23.49 -0.70 -23.94
C LYS E 301 -23.53 -2.23 -23.85
N ARG E 302 -22.42 -2.85 -24.23
CA ARG E 302 -22.36 -4.31 -24.19
C ARG E 302 -22.53 -4.80 -22.75
N GLU E 303 -21.92 -4.10 -21.79
CA GLU E 303 -21.91 -4.58 -20.42
C GLU E 303 -23.31 -4.70 -19.83
N LYS E 304 -24.16 -3.69 -20.02
CA LYS E 304 -25.53 -3.79 -19.53
C LYS E 304 -26.37 -4.76 -20.34
N THR E 305 -25.99 -5.03 -21.58
CA THR E 305 -26.69 -6.05 -22.37
C THR E 305 -26.28 -7.43 -21.89
N HIS E 306 -27.26 -8.29 -21.65
CA HIS E 306 -26.96 -9.58 -21.03
C HIS E 306 -27.28 -10.77 -21.90
N GLY E 307 -28.52 -10.88 -22.40
CA GLY E 307 -28.90 -12.03 -23.18
C GLY E 307 -28.43 -11.94 -24.62
N GLU E 308 -28.93 -12.86 -25.44
CA GLU E 308 -28.71 -12.78 -26.88
C GLU E 308 -29.91 -12.20 -27.62
N VAL E 309 -31.13 -12.59 -27.25
CA VAL E 309 -32.33 -12.07 -27.89
C VAL E 309 -32.43 -10.56 -27.74
N GLU E 310 -31.65 -9.98 -26.84
CA GLU E 310 -31.53 -8.54 -26.70
C GLU E 310 -30.38 -7.94 -27.49
N ARG E 311 -29.29 -8.70 -27.73
CA ARG E 311 -28.33 -8.27 -28.74
C ARG E 311 -28.75 -8.67 -30.14
N ARG E 312 -30.01 -9.02 -30.35
CA ARG E 312 -30.53 -9.23 -31.69
C ARG E 312 -31.40 -8.07 -32.15
N ILE E 313 -31.97 -7.32 -31.22
CA ILE E 313 -32.66 -6.08 -31.58
C ILE E 313 -31.65 -5.03 -32.02
N VAL E 314 -30.54 -4.92 -31.29
CA VAL E 314 -29.53 -3.91 -31.62
C VAL E 314 -29.02 -4.13 -33.03
N SER E 315 -28.61 -5.36 -33.35
CA SER E 315 -28.14 -5.64 -34.70
C SER E 315 -29.25 -5.45 -35.72
N GLN E 316 -30.48 -5.78 -35.34
CA GLN E 316 -31.61 -5.55 -36.24
C GLN E 316 -31.80 -4.07 -36.51
N LEU E 317 -31.43 -3.23 -35.53
CA LEU E 317 -31.54 -1.79 -35.73
C LEU E 317 -30.48 -1.29 -36.71
N LEU E 318 -29.24 -1.77 -36.57
CA LEU E 318 -28.16 -1.30 -37.43
C LEU E 318 -28.41 -1.62 -38.89
N THR E 319 -28.86 -2.85 -39.19
CA THR E 319 -29.08 -3.21 -40.58
C THR E 319 -30.23 -2.43 -41.18
N LEU E 320 -31.10 -1.87 -40.34
CA LEU E 320 -32.18 -1.03 -40.85
C LEU E 320 -31.67 0.36 -41.18
N MET E 321 -30.74 0.89 -40.37
CA MET E 321 -30.23 2.23 -40.62
C MET E 321 -29.35 2.28 -41.86
N ASP E 322 -28.58 1.23 -42.12
CA ASP E 322 -27.79 1.16 -43.34
C ASP E 322 -28.64 0.80 -44.55
N GLY E 323 -29.90 0.47 -44.37
CA GLY E 323 -30.82 0.36 -45.47
C GLY E 323 -31.35 1.68 -45.95
N LEU E 324 -30.97 2.77 -45.28
CA LEU E 324 -31.34 4.11 -45.72
C LEU E 324 -30.44 4.54 -46.87
N LYS E 325 -31.05 4.87 -48.00
CA LYS E 325 -30.33 5.36 -49.16
C LYS E 325 -31.03 6.62 -49.66
N GLN E 326 -30.37 7.30 -50.61
CA GLN E 326 -30.74 8.67 -50.94
C GLN E 326 -32.15 8.77 -51.50
N ARG E 327 -32.68 7.68 -52.05
CA ARG E 327 -34.07 7.67 -52.50
C ARG E 327 -35.02 7.87 -51.33
N ALA E 328 -34.73 7.26 -50.19
CA ALA E 328 -35.71 7.16 -49.12
C ALA E 328 -36.12 8.53 -48.59
N HIS E 329 -35.15 9.44 -48.47
CA HIS E 329 -35.39 10.81 -48.02
C HIS E 329 -35.95 10.82 -46.60
N VAL E 330 -35.58 9.80 -45.83
CA VAL E 330 -36.00 9.61 -44.45
C VAL E 330 -34.86 10.00 -43.54
N ILE E 331 -35.18 10.59 -42.39
CA ILE E 331 -34.19 11.11 -41.47
C ILE E 331 -34.52 10.67 -40.06
N VAL E 332 -33.71 9.76 -39.52
CA VAL E 332 -33.88 9.22 -38.17
C VAL E 332 -33.19 10.13 -37.18
N MET E 333 -33.80 10.34 -36.03
CA MET E 333 -33.10 10.98 -34.92
C MET E 333 -33.55 10.39 -33.60
N ALA E 334 -32.59 10.03 -32.77
CA ALA E 334 -32.84 9.38 -31.49
C ALA E 334 -32.66 10.37 -30.36
N ALA E 335 -32.84 9.89 -29.13
CA ALA E 335 -32.76 10.74 -27.95
C ALA E 335 -32.26 9.92 -26.77
N THR E 336 -30.96 9.99 -26.52
CA THR E 336 -30.38 9.48 -25.29
C THR E 336 -30.16 10.64 -24.34
N ASN E 337 -29.46 10.39 -23.24
CA ASN E 337 -29.14 11.45 -22.29
C ASN E 337 -27.66 11.80 -22.25
N ARG E 338 -26.77 10.81 -22.43
CA ARG E 338 -25.36 11.04 -22.58
C ARG E 338 -24.84 10.18 -23.71
N PRO E 339 -23.78 10.62 -24.41
CA PRO E 339 -23.26 9.79 -25.51
C PRO E 339 -22.63 8.49 -25.05
N ASN E 340 -22.29 8.35 -23.77
CA ASN E 340 -21.66 7.12 -23.31
C ASN E 340 -22.65 5.96 -23.24
N SER E 341 -23.88 6.25 -22.78
CA SER E 341 -24.82 5.18 -22.49
C SER E 341 -25.15 4.34 -23.73
N ILE E 342 -25.18 4.97 -24.91
CA ILE E 342 -25.54 4.25 -26.12
C ILE E 342 -24.45 3.25 -26.49
N ASP E 343 -24.83 2.27 -27.30
CA ASP E 343 -23.88 1.30 -27.81
C ASP E 343 -22.89 1.99 -28.74
N PRO E 344 -21.58 1.82 -28.55
CA PRO E 344 -20.61 2.52 -29.40
C PRO E 344 -20.70 2.17 -30.87
N ALA E 345 -21.28 1.02 -31.23
CA ALA E 345 -21.34 0.64 -32.64
C ALA E 345 -22.25 1.56 -33.44
N LEU E 346 -23.18 2.25 -32.78
CA LEU E 346 -24.13 3.08 -33.51
C LEU E 346 -23.49 4.39 -33.96
N ARG E 347 -22.51 4.90 -33.23
CA ARG E 347 -21.90 6.19 -33.56
C ARG E 347 -21.01 6.13 -34.80
N ARG E 348 -20.72 4.94 -35.32
CA ARG E 348 -19.85 4.82 -36.48
C ARG E 348 -20.48 5.57 -37.66
N PHE E 349 -19.64 5.90 -38.63
CA PHE E 349 -20.06 6.75 -39.73
C PHE E 349 -21.19 6.14 -40.52
N GLY E 350 -22.12 6.99 -40.96
CA GLY E 350 -23.26 6.57 -41.74
C GLY E 350 -24.51 6.23 -40.96
N ARG E 351 -24.42 6.16 -39.63
CA ARG E 351 -25.58 5.78 -38.82
C ARG E 351 -26.05 6.91 -37.91
N PHE E 352 -25.19 7.40 -37.01
CA PHE E 352 -25.59 8.41 -36.03
C PHE E 352 -24.46 9.41 -35.83
N ASP E 353 -23.91 9.92 -36.92
CA ASP E 353 -22.70 10.74 -36.84
C ASP E 353 -22.90 12.07 -36.15
N ARG E 354 -23.73 12.95 -36.71
CA ARG E 354 -23.85 14.29 -36.16
C ARG E 354 -24.71 14.28 -34.90
N GLU E 355 -24.38 15.17 -33.97
CA GLU E 355 -24.79 14.98 -32.59
C GLU E 355 -25.07 16.36 -31.97
N VAL E 356 -26.31 16.78 -32.03
CA VAL E 356 -26.76 18.02 -31.39
C VAL E 356 -26.81 17.76 -29.89
N ASP E 357 -26.86 18.83 -29.10
CA ASP E 357 -26.78 18.74 -27.65
C ASP E 357 -27.75 19.71 -26.99
N ILE E 358 -28.94 19.22 -26.65
CA ILE E 358 -29.81 19.95 -25.75
C ILE E 358 -29.19 19.94 -24.36
N GLY E 359 -29.35 21.04 -23.64
CA GLY E 359 -28.74 21.19 -22.33
C GLY E 359 -29.70 21.84 -21.35
N ILE E 360 -29.21 21.98 -20.12
CA ILE E 360 -29.99 22.67 -19.09
C ILE E 360 -30.29 24.09 -19.56
N PRO E 361 -31.53 24.56 -19.46
CA PRO E 361 -31.82 25.94 -19.87
C PRO E 361 -31.08 26.93 -19.00
N ASP E 362 -30.73 28.06 -19.59
CA ASP E 362 -29.91 29.07 -18.95
C ASP E 362 -30.79 30.16 -18.35
N ALA E 363 -30.15 31.17 -17.75
CA ALA E 363 -30.86 32.11 -16.89
C ALA E 363 -31.90 32.91 -17.64
N THR E 364 -31.81 32.97 -18.97
CA THR E 364 -32.85 33.62 -19.76
C THR E 364 -33.77 32.63 -20.45
N GLY E 365 -33.36 31.36 -20.53
CA GLY E 365 -34.28 30.34 -21.02
C GLY E 365 -35.43 30.10 -20.07
N ARG E 366 -35.15 30.03 -18.77
CA ARG E 366 -36.20 29.81 -17.79
C ARG E 366 -37.24 30.93 -17.84
N LEU E 367 -36.77 32.17 -18.00
CA LEU E 367 -37.67 33.30 -18.13
C LEU E 367 -38.66 33.10 -19.27
N GLU E 368 -38.22 32.42 -20.33
CA GLU E 368 -39.08 32.24 -21.49
C GLU E 368 -39.93 30.99 -21.36
N ILE E 369 -39.39 29.95 -20.71
CA ILE E 369 -40.18 28.75 -20.46
C ILE E 369 -41.36 29.08 -19.56
N LEU E 370 -41.13 29.85 -18.51
CA LEU E 370 -42.20 30.17 -17.57
C LEU E 370 -43.34 30.90 -18.27
N GLN E 371 -43.02 31.77 -19.23
CA GLN E 371 -44.08 32.43 -19.97
C GLN E 371 -44.80 31.47 -20.90
N ILE E 372 -44.15 30.38 -21.31
CA ILE E 372 -44.82 29.37 -22.13
C ILE E 372 -45.85 28.61 -21.29
N HIS E 373 -45.47 28.21 -20.08
CA HIS E 373 -46.36 27.40 -19.26
C HIS E 373 -47.44 28.23 -18.58
N THR E 374 -47.25 29.54 -18.45
CA THR E 374 -48.18 30.40 -17.73
C THR E 374 -48.95 31.33 -18.66
N LYS E 375 -49.32 30.87 -19.85
CA LYS E 375 -50.24 31.60 -20.70
C LYS E 375 -51.67 31.11 -20.53
N ASN E 376 -51.92 30.26 -19.55
CA ASN E 376 -53.26 29.85 -19.17
C ASN E 376 -53.64 30.27 -17.77
N MET E 377 -52.67 30.40 -16.86
CA MET E 377 -52.95 30.87 -15.52
C MET E 377 -53.28 32.34 -15.55
N LYS E 378 -53.90 32.81 -14.47
CA LYS E 378 -54.39 34.18 -14.38
C LYS E 378 -53.56 34.89 -13.31
N LEU E 379 -52.43 35.40 -13.76
CA LEU E 379 -51.42 35.93 -12.84
C LEU E 379 -51.87 37.24 -12.22
N ALA E 380 -51.57 37.40 -10.94
CA ALA E 380 -51.79 38.69 -10.29
C ALA E 380 -50.75 39.69 -10.79
N ASP E 381 -51.00 40.96 -10.49
CA ASP E 381 -50.14 42.03 -11.01
C ASP E 381 -48.71 41.88 -10.48
N ASP E 382 -48.56 41.60 -9.20
CA ASP E 382 -47.26 41.65 -8.53
C ASP E 382 -46.36 40.47 -8.86
N VAL E 383 -46.74 39.60 -9.79
CA VAL E 383 -45.88 38.48 -10.17
C VAL E 383 -44.82 38.98 -11.13
N ASP E 384 -43.57 38.61 -10.88
CA ASP E 384 -42.40 39.09 -11.62
C ASP E 384 -41.64 37.86 -12.06
N LEU E 385 -42.02 37.31 -13.22
CA LEU E 385 -41.37 36.10 -13.72
C LEU E 385 -39.89 36.34 -14.00
N GLU E 386 -39.51 37.58 -14.31
CA GLU E 386 -38.09 37.90 -14.45
C GLU E 386 -37.35 37.72 -13.13
N GLN E 387 -38.07 37.74 -12.00
CA GLN E 387 -37.42 37.54 -10.71
C GLN E 387 -37.31 36.08 -10.36
N VAL E 388 -38.41 35.34 -10.47
CA VAL E 388 -38.40 33.93 -10.10
C VAL E 388 -37.49 33.13 -11.02
N ALA E 389 -37.33 33.57 -12.26
CA ALA E 389 -36.46 32.86 -13.19
C ALA E 389 -35.02 32.84 -12.70
N ASN E 390 -34.59 33.90 -12.02
CA ASN E 390 -33.23 33.91 -11.48
C ASN E 390 -33.10 33.00 -10.27
N GLU E 391 -34.20 32.76 -9.55
CA GLU E 391 -34.14 31.93 -8.35
C GLU E 391 -33.95 30.46 -8.69
N THR E 392 -34.73 29.96 -9.66
CA THR E 392 -34.69 28.54 -10.01
C THR E 392 -33.36 28.22 -10.67
N HIS E 393 -32.49 27.50 -9.96
CA HIS E 393 -31.14 27.29 -10.46
C HIS E 393 -31.01 25.97 -11.23
N GLY E 394 -31.24 24.84 -10.56
CA GLY E 394 -31.04 23.56 -11.19
C GLY E 394 -32.20 23.04 -12.01
N HIS E 395 -33.33 23.73 -12.01
CA HIS E 395 -34.51 23.23 -12.67
C HIS E 395 -34.30 23.16 -14.18
N VAL E 396 -34.91 22.15 -14.79
CA VAL E 396 -34.89 21.97 -16.23
C VAL E 396 -36.29 22.21 -16.76
N GLY E 397 -36.48 22.07 -18.06
CA GLY E 397 -37.73 22.43 -18.69
C GLY E 397 -38.96 21.65 -18.26
N ALA E 398 -38.80 20.73 -17.32
CA ALA E 398 -39.92 19.97 -16.79
C ALA E 398 -40.29 20.36 -15.38
N ASP E 399 -39.31 20.68 -14.53
CA ASP E 399 -39.63 21.17 -13.19
C ASP E 399 -40.38 22.48 -13.22
N LEU E 400 -40.01 23.40 -14.11
CA LEU E 400 -40.72 24.66 -14.21
C LEU E 400 -42.17 24.46 -14.62
N ALA E 401 -42.50 23.30 -15.20
CA ALA E 401 -43.90 22.97 -15.39
C ALA E 401 -44.53 22.55 -14.07
N ALA E 402 -43.77 21.84 -13.23
CA ALA E 402 -44.29 21.44 -11.92
C ALA E 402 -44.28 22.60 -10.93
N LEU E 403 -43.32 23.52 -11.07
CA LEU E 403 -43.31 24.70 -10.21
C LEU E 403 -44.56 25.54 -10.42
N CYS E 404 -44.99 25.69 -11.67
CA CYS E 404 -46.26 26.35 -11.94
C CYS E 404 -47.42 25.53 -11.38
N SER E 405 -47.30 24.20 -11.39
CA SER E 405 -48.37 23.33 -10.93
C SER E 405 -48.70 23.60 -9.46
N GLU E 406 -47.70 23.96 -8.66
CA GLU E 406 -47.94 24.08 -7.23
C GLU E 406 -48.80 25.30 -6.91
N ALA E 407 -50.06 25.27 -7.31
CA ALA E 407 -51.01 26.29 -6.91
C ALA E 407 -51.42 26.11 -5.44
N ALA E 408 -50.87 26.92 -4.54
CA ALA E 408 -51.38 27.01 -3.18
C ALA E 408 -52.82 27.51 -3.16
N LEU E 409 -53.42 27.65 -4.35
CA LEU E 409 -54.83 28.01 -4.51
C LEU E 409 -55.74 27.25 -3.54
N GLN E 410 -55.25 26.13 -3.00
CA GLN E 410 -55.94 25.43 -1.91
C GLN E 410 -56.67 26.40 -0.99
N ALA E 411 -55.95 27.36 -0.41
CA ALA E 411 -56.49 28.12 0.72
C ALA E 411 -55.98 29.55 0.71
N ILE E 412 -56.06 30.22 -0.44
CA ILE E 412 -55.26 31.42 -0.72
C ILE E 412 -55.27 32.40 0.45
N ARG E 413 -56.45 32.84 0.88
CA ARG E 413 -56.52 33.60 2.11
C ARG E 413 -57.57 33.02 3.06
N LYS E 414 -57.21 32.88 4.33
CA LYS E 414 -57.62 31.75 5.16
C LYS E 414 -58.85 32.00 6.02
N LYS E 415 -59.52 33.15 5.89
CA LYS E 415 -60.63 33.43 6.80
C LYS E 415 -61.89 32.62 6.45
N MET E 416 -62.19 31.54 7.18
CA MET E 416 -63.09 30.53 6.68
C MET E 416 -64.52 30.63 7.21
N ASP E 417 -65.02 31.82 7.53
CA ASP E 417 -66.43 31.95 7.88
C ASP E 417 -67.22 32.59 6.75
N LEU E 418 -66.60 33.52 6.02
CA LEU E 418 -67.32 34.59 5.36
C LEU E 418 -68.24 34.14 4.23
N ILE E 419 -67.91 33.07 3.50
CA ILE E 419 -68.90 32.18 2.91
C ILE E 419 -68.33 30.76 2.93
N ASP E 420 -68.83 29.91 3.82
CA ASP E 420 -68.55 28.49 3.68
C ASP E 420 -69.58 27.59 4.36
N LEU E 421 -70.66 27.25 3.65
CA LEU E 421 -71.26 25.93 3.86
C LEU E 421 -71.80 25.32 2.57
N GLU E 422 -72.51 26.12 1.76
CA GLU E 422 -73.40 25.53 0.76
C GLU E 422 -73.17 26.04 -0.65
N ASP E 423 -72.00 26.62 -0.94
CA ASP E 423 -71.69 26.98 -2.32
C ASP E 423 -71.23 25.70 -3.02
N GLU E 424 -72.20 24.82 -3.29
CA GLU E 424 -71.89 23.60 -4.00
C GLU E 424 -71.65 23.87 -5.48
N THR E 425 -72.40 24.81 -6.05
CA THR E 425 -72.12 25.27 -7.40
C THR E 425 -70.98 26.28 -7.34
N ILE E 426 -69.80 25.83 -6.93
CA ILE E 426 -68.63 26.70 -6.91
C ILE E 426 -68.45 27.33 -8.27
N ASP E 427 -68.54 28.65 -8.32
CA ASP E 427 -68.73 29.36 -9.58
C ASP E 427 -67.49 29.27 -10.45
N ALA E 428 -67.69 29.46 -11.75
CA ALA E 428 -66.56 29.59 -12.66
C ALA E 428 -65.76 30.85 -12.36
N GLU E 429 -66.34 31.78 -11.60
CA GLU E 429 -65.57 32.99 -11.24
C GLU E 429 -64.43 32.64 -10.29
N VAL E 430 -64.48 31.46 -9.67
CA VAL E 430 -63.26 30.89 -9.12
C VAL E 430 -62.19 30.86 -10.20
N MET E 431 -62.47 30.15 -11.28
CA MET E 431 -61.54 29.97 -12.39
C MET E 431 -61.16 31.28 -13.08
N ASN E 432 -61.79 32.40 -12.73
CA ASN E 432 -61.37 33.67 -13.31
C ASN E 432 -61.16 34.77 -12.27
N SER E 433 -61.22 34.44 -10.98
CA SER E 433 -60.74 35.33 -9.93
C SER E 433 -59.49 34.76 -9.27
N LEU E 434 -58.73 33.97 -10.02
CA LEU E 434 -57.53 33.36 -9.49
C LEU E 434 -56.42 34.42 -9.43
N ALA E 435 -55.79 34.54 -8.26
CA ALA E 435 -54.79 35.59 -8.03
C ALA E 435 -53.56 34.91 -7.43
N VAL E 436 -52.63 34.50 -8.29
CA VAL E 436 -51.39 33.88 -7.85
C VAL E 436 -50.38 35.00 -7.61
N THR E 437 -49.85 35.06 -6.39
CA THR E 437 -48.93 36.11 -5.99
C THR E 437 -47.50 35.56 -5.98
N MET E 438 -46.56 36.42 -5.61
CA MET E 438 -45.20 35.95 -5.37
C MET E 438 -45.12 35.00 -4.20
N ASP E 439 -46.08 35.07 -3.27
CA ASP E 439 -46.09 34.13 -2.15
C ASP E 439 -46.23 32.70 -2.64
N ASP E 440 -47.22 32.45 -3.50
CA ASP E 440 -47.41 31.10 -4.02
C ASP E 440 -46.19 30.61 -4.78
N PHE E 441 -45.60 31.47 -5.61
CA PHE E 441 -44.40 31.07 -6.34
C PHE E 441 -43.23 30.88 -5.38
N ARG E 442 -43.12 31.70 -4.35
CA ARG E 442 -42.09 31.46 -3.34
C ARG E 442 -42.46 30.28 -2.44
N TRP E 443 -43.77 30.04 -2.25
CA TRP E 443 -44.18 28.81 -1.58
C TRP E 443 -43.73 27.60 -2.37
N ALA E 444 -44.04 27.59 -3.66
CA ALA E 444 -43.69 26.44 -4.50
C ALA E 444 -42.18 26.26 -4.59
N LEU E 445 -41.45 27.36 -4.72
CA LEU E 445 -40.03 27.29 -5.00
C LEU E 445 -39.25 26.62 -3.87
N SER E 446 -39.77 26.67 -2.66
CA SER E 446 -39.10 26.03 -1.53
C SER E 446 -39.42 24.54 -1.41
N GLN E 447 -40.28 24.00 -2.27
CA GLN E 447 -40.73 22.62 -2.17
C GLN E 447 -40.17 21.72 -3.26
N SER E 448 -39.71 22.27 -4.37
CA SER E 448 -39.31 21.47 -5.52
C SER E 448 -37.85 21.09 -5.39
N ASN E 449 -37.58 19.78 -5.39
CA ASN E 449 -36.21 19.31 -5.55
C ASN E 449 -35.80 19.47 -6.99
N PRO E 450 -34.77 20.26 -7.30
CA PRO E 450 -34.34 20.41 -8.69
C PRO E 450 -33.82 19.09 -9.24
N SER E 451 -34.06 18.89 -10.53
CA SER E 451 -33.70 17.62 -11.16
C SER E 451 -32.20 17.51 -11.40
N ALA E 452 -31.57 18.60 -11.85
CA ALA E 452 -30.25 18.53 -12.48
C ALA E 452 -29.28 19.49 -11.83
N LEU E 453 -29.17 19.45 -10.51
CA LEU E 453 -28.19 20.29 -9.82
C LEU E 453 -26.77 19.77 -9.95
N ARG E 454 -26.56 18.61 -10.56
CA ARG E 454 -25.25 17.99 -10.62
C ARG E 454 -24.69 17.95 -12.04
N GLU E 455 -25.10 18.90 -12.87
CA GLU E 455 -24.61 19.01 -14.24
C GLU E 455 -23.81 20.29 -14.39
N THR E 456 -22.64 20.18 -15.02
CA THR E 456 -21.85 21.37 -15.31
C THR E 456 -22.67 22.33 -16.15
N VAL E 457 -22.68 23.59 -15.77
CA VAL E 457 -23.52 24.60 -16.41
C VAL E 457 -22.66 25.36 -17.40
N VAL E 458 -23.00 25.25 -18.67
CA VAL E 458 -22.26 25.89 -19.75
C VAL E 458 -23.09 27.07 -20.21
N GLU E 459 -22.79 28.25 -19.68
CA GLU E 459 -23.54 29.45 -20.04
C GLU E 459 -22.65 30.67 -19.85
N VAL E 460 -22.91 31.69 -20.66
CA VAL E 460 -22.15 32.94 -20.62
C VAL E 460 -22.35 33.62 -19.27
N PRO E 461 -21.29 33.95 -18.55
CA PRO E 461 -21.47 34.58 -17.24
C PRO E 461 -21.92 36.01 -17.38
N GLN E 462 -22.45 36.55 -16.29
CA GLN E 462 -23.02 37.90 -16.28
C GLN E 462 -22.25 38.84 -15.36
N VAL E 463 -20.94 38.79 -15.42
CA VAL E 463 -20.10 39.77 -14.73
C VAL E 463 -19.56 40.75 -15.77
N THR E 464 -19.12 41.91 -15.31
CA THR E 464 -18.50 42.91 -16.17
C THR E 464 -17.18 43.34 -15.55
N TRP E 465 -16.44 44.18 -16.28
CA TRP E 465 -15.12 44.58 -15.80
C TRP E 465 -15.20 45.44 -14.56
N GLU E 466 -16.20 46.30 -14.47
CA GLU E 466 -16.20 47.20 -13.31
C GLU E 466 -16.70 46.54 -12.06
N ASP E 467 -16.82 45.22 -12.02
CA ASP E 467 -16.95 44.49 -10.78
C ASP E 467 -15.60 44.09 -10.21
N ILE E 468 -14.51 44.39 -10.92
CA ILE E 468 -13.16 44.27 -10.39
C ILE E 468 -12.46 45.61 -10.36
N GLY E 469 -12.57 46.39 -11.44
CA GLY E 469 -11.88 47.67 -11.52
C GLY E 469 -10.39 47.48 -11.59
N GLY E 470 -9.68 48.51 -12.06
CA GLY E 470 -8.24 48.39 -12.12
C GLY E 470 -7.81 47.21 -12.97
N LEU E 471 -6.73 46.57 -12.54
CA LEU E 471 -6.14 45.45 -13.26
C LEU E 471 -5.92 45.82 -14.73
N GLU E 472 -5.45 47.05 -14.93
CA GLU E 472 -5.36 47.62 -16.26
C GLU E 472 -4.36 46.91 -17.16
N ASP E 473 -3.46 46.12 -16.58
CA ASP E 473 -2.48 45.38 -17.36
C ASP E 473 -2.87 43.94 -17.59
N VAL E 474 -3.50 43.29 -16.62
CA VAL E 474 -4.07 41.97 -16.87
C VAL E 474 -5.24 42.08 -17.83
N LYS E 475 -5.85 43.26 -17.91
CA LYS E 475 -6.94 43.45 -18.86
C LYS E 475 -6.47 43.31 -20.29
N ARG E 476 -5.29 43.87 -20.61
CA ARG E 476 -4.79 43.74 -21.97
C ARG E 476 -4.25 42.34 -22.23
N GLU E 477 -3.46 41.81 -21.30
CA GLU E 477 -2.79 40.54 -21.54
C GLU E 477 -3.75 39.37 -21.46
N LEU E 478 -4.98 39.59 -21.02
CA LEU E 478 -6.04 38.60 -21.14
C LEU E 478 -6.94 38.86 -22.33
N GLN E 479 -6.93 40.08 -22.88
CA GLN E 479 -7.62 40.33 -24.14
C GLN E 479 -6.86 39.70 -25.30
N GLU E 480 -5.54 39.90 -25.35
CA GLU E 480 -4.74 39.47 -26.48
C GLU E 480 -4.68 37.96 -26.60
N LEU E 481 -5.31 37.24 -25.68
CA LEU E 481 -5.25 35.79 -25.68
C LEU E 481 -6.61 35.11 -25.73
N VAL E 482 -7.71 35.84 -25.50
CA VAL E 482 -9.03 35.26 -25.62
C VAL E 482 -9.95 36.04 -26.55
N GLN E 483 -9.68 37.32 -26.82
CA GLN E 483 -10.52 38.12 -27.69
C GLN E 483 -9.98 38.19 -29.11
N TYR E 484 -8.73 38.60 -29.28
CA TYR E 484 -8.14 38.69 -30.62
C TYR E 484 -8.18 37.37 -31.39
N PRO E 485 -7.86 36.21 -30.80
CA PRO E 485 -7.90 34.98 -31.59
C PRO E 485 -9.32 34.51 -31.90
N VAL E 486 -10.31 35.35 -31.60
CA VAL E 486 -11.71 35.05 -31.90
C VAL E 486 -12.28 36.09 -32.85
N GLU E 487 -12.22 37.37 -32.47
CA GLU E 487 -12.86 38.42 -33.24
C GLU E 487 -12.10 38.77 -34.51
N HIS E 488 -10.78 38.58 -34.52
CA HIS E 488 -9.95 38.96 -35.67
C HIS E 488 -9.06 37.79 -36.08
N PRO E 489 -9.66 36.66 -36.49
CA PRO E 489 -8.84 35.50 -36.84
C PRO E 489 -7.96 35.74 -38.06
N ASP E 490 -8.42 36.53 -39.02
CA ASP E 490 -7.68 36.69 -40.28
C ASP E 490 -6.28 37.25 -40.04
N LYS E 491 -6.08 38.01 -38.97
CA LYS E 491 -4.75 38.50 -38.66
C LYS E 491 -3.80 37.35 -38.34
N PHE E 492 -4.29 36.34 -37.64
CA PHE E 492 -3.43 35.24 -37.21
C PHE E 492 -3.03 34.33 -38.36
N LEU E 493 -3.64 34.50 -39.54
CA LEU E 493 -3.18 33.83 -40.75
C LEU E 493 -2.24 34.69 -41.58
N LYS E 494 -2.46 36.02 -41.61
CA LYS E 494 -1.57 36.89 -42.35
C LYS E 494 -0.14 36.78 -41.84
N PHE E 495 0.03 36.82 -40.53
CA PHE E 495 1.29 36.48 -39.90
C PHE E 495 1.29 34.99 -39.57
N GLY E 496 2.39 34.48 -39.03
CA GLY E 496 2.51 33.06 -38.77
C GLY E 496 2.23 32.64 -37.35
N MET E 497 1.84 33.56 -36.47
CA MET E 497 1.59 33.18 -35.08
C MET E 497 0.45 32.19 -34.96
N THR E 498 0.63 31.23 -34.08
CA THR E 498 -0.41 30.30 -33.65
C THR E 498 -0.99 30.78 -32.33
N PRO E 499 -2.32 30.72 -32.17
CA PRO E 499 -2.91 31.15 -30.89
C PRO E 499 -2.39 30.30 -29.74
N SER E 500 -2.18 30.94 -28.60
CA SER E 500 -1.84 30.20 -27.39
C SER E 500 -3.08 29.48 -26.87
N LYS E 501 -2.85 28.51 -25.99
CA LYS E 501 -3.93 27.68 -25.49
C LYS E 501 -3.90 27.60 -23.97
N GLY E 502 -3.51 28.68 -23.30
CA GLY E 502 -3.57 28.63 -21.85
C GLY E 502 -2.93 29.83 -21.21
N VAL E 503 -3.39 30.09 -19.99
CA VAL E 503 -2.83 31.09 -19.08
C VAL E 503 -2.89 30.47 -17.69
N LEU E 504 -1.89 30.76 -16.87
CA LEU E 504 -1.88 30.28 -15.49
C LEU E 504 -1.85 31.49 -14.56
N PHE E 505 -2.97 31.78 -13.92
CA PHE E 505 -3.00 32.77 -12.86
C PHE E 505 -2.30 32.22 -11.63
N TYR E 506 -1.88 33.14 -10.75
CA TYR E 506 -1.40 32.76 -9.43
C TYR E 506 -1.39 34.00 -8.56
N GLY E 507 -1.77 33.84 -7.30
CA GLY E 507 -1.81 34.96 -6.39
C GLY E 507 -2.36 34.56 -5.04
N PRO E 508 -2.48 35.53 -4.14
CA PRO E 508 -3.06 35.23 -2.84
C PRO E 508 -4.47 34.72 -2.98
N PRO E 509 -4.94 33.90 -2.03
CA PRO E 509 -6.28 33.33 -2.18
C PRO E 509 -7.36 34.38 -1.99
N GLY E 510 -8.38 34.31 -2.84
CA GLY E 510 -9.47 35.26 -2.79
C GLY E 510 -9.07 36.67 -3.21
N CYS E 511 -8.72 36.83 -4.49
CA CYS E 511 -8.33 38.15 -4.98
C CYS E 511 -8.97 38.50 -6.31
N GLY E 512 -9.95 37.74 -6.77
CA GLY E 512 -10.53 37.97 -8.07
C GLY E 512 -10.01 37.04 -9.14
N LYS E 513 -9.50 35.88 -8.77
CA LYS E 513 -9.02 34.92 -9.75
C LYS E 513 -10.17 34.21 -10.47
N THR E 514 -11.40 34.33 -9.98
CA THR E 514 -12.58 33.82 -10.66
C THR E 514 -13.37 34.92 -11.34
N LEU E 515 -13.39 36.12 -10.76
CA LEU E 515 -14.08 37.23 -11.40
C LEU E 515 -13.33 37.74 -12.62
N LEU E 516 -12.08 37.29 -12.80
CA LEU E 516 -11.34 37.67 -14.00
C LEU E 516 -11.58 36.66 -15.11
N ALA E 517 -11.79 35.40 -14.76
CA ALA E 517 -12.17 34.41 -15.76
C ALA E 517 -13.59 34.69 -16.28
N LYS E 518 -14.52 34.95 -15.37
CA LYS E 518 -15.89 35.24 -15.79
C LYS E 518 -15.95 36.51 -16.62
N ALA E 519 -15.20 37.54 -16.22
CA ALA E 519 -15.30 38.84 -16.90
C ALA E 519 -14.82 38.75 -18.34
N ILE E 520 -13.84 37.90 -18.62
CA ILE E 520 -13.33 37.81 -19.98
C ILE E 520 -14.17 36.89 -20.83
N ALA E 521 -14.80 35.88 -20.21
CA ALA E 521 -15.77 35.08 -20.95
C ALA E 521 -16.95 35.92 -21.39
N ASN E 522 -17.34 36.89 -20.57
CA ASN E 522 -18.40 37.81 -20.94
C ASN E 522 -18.02 38.64 -22.14
N GLU E 523 -16.75 39.08 -22.20
CA GLU E 523 -16.34 40.06 -23.19
C GLU E 523 -16.50 39.54 -24.61
N CYS E 524 -16.11 38.30 -24.86
CA CYS E 524 -16.20 37.71 -26.19
C CYS E 524 -17.39 36.77 -26.33
N GLN E 525 -18.37 36.89 -25.44
CA GLN E 525 -19.59 36.08 -25.46
C GLN E 525 -19.25 34.59 -25.62
N ALA E 526 -18.51 34.08 -24.64
CA ALA E 526 -17.96 32.75 -24.68
C ALA E 526 -18.42 31.96 -23.47
N ASN E 527 -18.86 30.74 -23.69
CA ASN E 527 -19.29 29.87 -22.61
C ASN E 527 -18.16 29.68 -21.61
N PHE E 528 -18.53 29.33 -20.38
CA PHE E 528 -17.59 29.35 -19.25
C PHE E 528 -17.80 28.09 -18.42
N ILE E 529 -17.00 27.07 -18.68
CA ILE E 529 -17.02 25.85 -17.89
C ILE E 529 -16.05 25.99 -16.75
N SER E 530 -16.53 25.81 -15.52
CA SER E 530 -15.69 25.92 -14.34
C SER E 530 -15.58 24.56 -13.69
N ILE E 531 -14.36 24.21 -13.28
CA ILE E 531 -14.08 22.95 -12.61
C ILE E 531 -13.42 23.27 -11.29
N LYS E 532 -14.18 23.18 -10.20
CA LYS E 532 -13.71 23.65 -8.91
C LYS E 532 -12.71 22.65 -8.32
N GLY E 533 -12.33 22.88 -7.07
CA GLY E 533 -11.33 22.06 -6.42
C GLY E 533 -11.77 20.63 -6.17
N PRO E 534 -12.84 20.46 -5.40
CA PRO E 534 -13.30 19.10 -5.09
C PRO E 534 -13.61 18.25 -6.32
N GLU E 535 -14.14 18.85 -7.38
CA GLU E 535 -14.49 18.05 -8.55
C GLU E 535 -13.26 17.44 -9.22
N LEU E 536 -12.07 17.96 -8.95
CA LEU E 536 -10.83 17.33 -9.39
C LEU E 536 -10.34 16.30 -8.37
N LEU E 537 -10.27 16.72 -7.11
CA LEU E 537 -9.77 15.85 -6.05
C LEU E 537 -10.56 14.54 -5.98
N THR E 538 -11.86 14.58 -6.30
CA THR E 538 -12.65 13.35 -6.31
C THR E 538 -12.07 12.33 -7.29
N MET E 539 -11.55 12.79 -8.42
CA MET E 539 -10.96 11.86 -9.38
C MET E 539 -9.71 11.20 -8.81
N TRP E 540 -8.88 11.94 -8.10
CA TRP E 540 -7.65 11.35 -7.58
C TRP E 540 -7.92 10.33 -6.48
N PHE E 541 -9.14 10.27 -5.97
CA PHE E 541 -9.54 9.27 -4.97
C PHE E 541 -10.32 8.14 -5.62
N GLY E 542 -9.91 7.73 -6.82
CA GLY E 542 -10.58 6.66 -7.52
C GLY E 542 -10.14 6.56 -8.96
N GLU E 543 -11.12 6.53 -9.86
CA GLU E 543 -10.84 6.56 -11.29
C GLU E 543 -10.36 7.93 -11.72
N SER E 544 -9.54 7.95 -12.77
CA SER E 544 -9.31 9.14 -13.55
C SER E 544 -9.68 8.83 -14.98
N GLU E 545 -9.37 9.72 -15.91
CA GLU E 545 -9.42 9.45 -17.36
C GLU E 545 -10.82 9.05 -17.82
N ALA E 546 -11.77 8.99 -16.91
CA ALA E 546 -13.16 8.74 -17.25
C ALA E 546 -14.01 10.00 -17.17
N ASN E 547 -13.51 11.04 -16.54
CA ASN E 547 -14.15 12.34 -16.51
C ASN E 547 -13.34 13.40 -17.22
N VAL E 548 -12.01 13.37 -17.11
CA VAL E 548 -11.20 14.40 -17.75
C VAL E 548 -11.38 14.36 -19.25
N ARG E 549 -11.50 13.16 -19.82
CA ARG E 549 -11.85 13.07 -21.23
C ARG E 549 -13.23 13.66 -21.49
N GLU E 550 -14.17 13.43 -20.56
CA GLU E 550 -15.52 13.93 -20.74
C GLU E 550 -15.57 15.44 -20.63
N ILE E 551 -14.79 16.03 -19.70
CA ILE E 551 -14.84 17.47 -19.49
C ILE E 551 -14.43 18.22 -20.74
N PHE E 552 -13.32 17.80 -21.35
CA PHE E 552 -12.86 18.47 -22.57
C PHE E 552 -13.82 18.25 -23.73
N ASP E 553 -14.34 17.03 -23.88
CA ASP E 553 -15.30 16.77 -24.96
C ASP E 553 -16.56 17.60 -24.79
N LYS E 554 -16.93 17.90 -23.55
CA LYS E 554 -18.03 18.83 -23.33
C LYS E 554 -17.66 20.24 -23.78
N ALA E 555 -16.41 20.64 -23.54
CA ALA E 555 -15.97 21.97 -23.96
C ALA E 555 -15.96 22.11 -25.47
N ARG E 556 -15.59 21.06 -26.19
CA ARG E 556 -15.47 21.15 -27.63
C ARG E 556 -16.82 21.47 -28.27
N GLN E 557 -17.88 20.85 -27.81
CA GLN E 557 -19.21 21.09 -28.36
C GLN E 557 -19.83 22.40 -27.88
N ALA E 558 -19.07 23.25 -27.20
CA ALA E 558 -19.56 24.53 -26.73
C ALA E 558 -18.54 25.62 -27.02
N ALA E 559 -17.82 25.49 -28.12
CA ALA E 559 -16.79 26.47 -28.46
C ALA E 559 -17.44 27.83 -28.72
N PRO E 560 -16.79 28.93 -28.34
CA PRO E 560 -15.50 28.94 -27.64
C PRO E 560 -15.61 28.91 -26.12
N CYS E 561 -15.11 27.84 -25.48
CA CYS E 561 -15.11 27.79 -24.03
C CYS E 561 -13.87 28.46 -23.46
N VAL E 562 -13.91 28.69 -22.15
CA VAL E 562 -12.82 29.30 -21.41
C VAL E 562 -12.47 28.48 -20.18
N LEU E 563 -12.49 27.15 -20.30
CA LEU E 563 -12.35 26.21 -19.18
C LEU E 563 -11.45 26.74 -18.09
N PHE E 564 -11.93 26.74 -16.85
CA PHE E 564 -11.23 27.36 -15.73
C PHE E 564 -10.97 26.29 -14.69
N PHE E 565 -9.80 25.65 -14.78
CA PHE E 565 -9.39 24.63 -13.83
C PHE E 565 -8.93 25.32 -12.56
N ASP E 566 -9.88 25.63 -11.69
CA ASP E 566 -9.58 26.30 -10.44
C ASP E 566 -8.84 25.34 -9.51
N GLU E 567 -7.88 25.87 -8.77
CA GLU E 567 -7.03 25.09 -7.86
C GLU E 567 -6.45 23.86 -8.57
N LEU E 568 -5.59 24.16 -9.55
CA LEU E 568 -4.85 23.09 -10.22
C LEU E 568 -3.97 22.33 -9.25
N ASP E 569 -3.32 23.04 -8.32
CA ASP E 569 -2.39 22.42 -7.40
C ASP E 569 -3.07 21.54 -6.37
N SER E 570 -4.39 21.61 -6.24
CA SER E 570 -5.12 21.01 -5.12
C SER E 570 -4.66 19.60 -4.80
N ILE E 571 -4.40 18.79 -5.83
CA ILE E 571 -3.86 17.46 -5.59
C ILE E 571 -2.48 17.53 -4.97
N ALA E 572 -1.63 18.44 -5.46
CA ALA E 572 -0.26 18.49 -4.99
C ALA E 572 -0.17 18.91 -3.53
N LYS E 573 -1.18 19.61 -3.01
CA LYS E 573 -1.18 19.96 -1.59
C LYS E 573 -2.07 19.05 -0.77
N ALA E 574 -2.88 18.20 -1.40
CA ALA E 574 -3.61 17.16 -0.71
C ALA E 574 -2.79 15.87 -0.64
N ARG E 575 -1.54 15.92 -1.06
CA ARG E 575 -0.62 14.80 -1.04
C ARG E 575 0.69 15.23 -0.40
N GLY E 576 0.58 15.93 0.72
CA GLY E 576 1.72 16.51 1.42
C GLY E 576 2.06 17.91 0.99
N GLY E 577 2.72 18.05 -0.15
CA GLY E 577 3.00 19.36 -0.71
C GLY E 577 4.30 19.95 -0.22
N ASN E 578 5.29 20.05 -1.11
CA ASN E 578 6.59 20.67 -0.86
C ASN E 578 7.41 19.82 0.11
N ILE E 579 6.76 18.84 0.73
CA ILE E 579 7.43 17.78 1.48
C ILE E 579 6.90 16.44 0.95
N GLY E 580 5.59 16.23 1.12
CA GLY E 580 4.92 15.08 0.52
C GLY E 580 5.60 13.78 0.84
N ASP E 581 5.94 13.05 -0.22
CA ASP E 581 6.60 11.76 -0.13
C ASP E 581 7.46 11.63 -1.39
N GLY E 582 7.88 10.41 -1.71
CA GLY E 582 8.56 10.19 -2.98
C GLY E 582 7.65 10.53 -4.15
N GLY E 583 7.95 11.64 -4.83
CA GLY E 583 7.12 12.07 -5.93
C GLY E 583 7.60 13.35 -6.59
N GLY E 584 7.59 13.37 -7.92
CA GLY E 584 8.04 14.52 -8.68
C GLY E 584 6.88 15.23 -9.34
N ALA E 585 5.81 15.38 -8.58
CA ALA E 585 4.50 15.94 -8.90
C ALA E 585 3.65 14.99 -9.73
N ALA E 586 4.21 13.96 -10.35
CA ALA E 586 3.71 12.59 -10.26
C ALA E 586 2.22 12.47 -9.98
N ASP E 587 1.34 13.03 -10.79
CA ASP E 587 -0.08 13.04 -10.45
C ASP E 587 -0.88 12.17 -11.41
N ARG E 588 -1.85 11.46 -10.84
CA ARG E 588 -2.71 10.59 -11.64
C ARG E 588 -3.67 11.41 -12.50
N VAL E 589 -4.11 12.54 -12.00
CA VAL E 589 -5.11 13.35 -12.70
C VAL E 589 -4.45 14.43 -13.55
N ILE E 590 -3.54 15.21 -12.97
CA ILE E 590 -2.89 16.28 -13.71
C ILE E 590 -2.27 15.75 -14.99
N ASN E 591 -1.69 14.56 -14.92
CA ASN E 591 -1.12 13.95 -16.12
C ASN E 591 -2.19 13.73 -17.18
N GLN E 592 -3.43 13.45 -16.77
CA GLN E 592 -4.48 13.22 -17.75
C GLN E 592 -4.84 14.49 -18.50
N ILE E 593 -4.74 15.64 -17.84
CA ILE E 593 -4.96 16.91 -18.52
C ILE E 593 -3.92 17.11 -19.62
N LEU E 594 -2.66 16.81 -19.32
CA LEU E 594 -1.59 17.00 -20.30
C LEU E 594 -1.88 16.20 -21.57
N THR E 595 -2.42 15.00 -21.42
CA THR E 595 -2.75 14.20 -22.60
C THR E 595 -3.83 14.87 -23.45
N GLU E 596 -4.85 15.43 -22.80
CA GLU E 596 -5.95 16.03 -23.54
C GLU E 596 -5.65 17.47 -23.96
N MET E 597 -4.76 18.16 -23.27
CA MET E 597 -4.39 19.51 -23.67
C MET E 597 -3.47 19.50 -24.88
N ASP E 598 -2.87 18.35 -25.20
CA ASP E 598 -2.08 18.24 -26.41
C ASP E 598 -2.94 17.77 -27.59
N GLY E 599 -3.70 16.70 -27.40
CA GLY E 599 -4.60 16.23 -28.43
C GLY E 599 -5.80 17.14 -28.60
N MET E 600 -5.54 18.42 -28.84
CA MET E 600 -6.57 19.44 -28.96
C MET E 600 -6.13 20.43 -30.02
N SER E 601 -6.86 20.49 -31.13
CA SER E 601 -6.51 21.38 -32.22
C SER E 601 -6.74 22.82 -31.82
N THR E 602 -5.80 23.69 -32.20
CA THR E 602 -5.90 25.10 -31.83
C THR E 602 -7.12 25.76 -32.48
N LYS E 603 -7.61 25.20 -33.58
CA LYS E 603 -8.67 25.83 -34.35
C LYS E 603 -10.02 25.82 -33.64
N LYS E 604 -10.15 25.09 -32.54
CA LYS E 604 -11.45 24.92 -31.90
C LYS E 604 -11.77 26.01 -30.89
N ASN E 605 -10.81 26.88 -30.55
CA ASN E 605 -11.03 28.00 -29.64
C ASN E 605 -11.53 27.53 -28.28
N VAL E 606 -10.69 26.75 -27.60
CA VAL E 606 -10.94 26.32 -26.24
C VAL E 606 -9.73 26.72 -25.42
N PHE E 607 -9.85 27.81 -24.67
CA PHE E 607 -8.75 28.35 -23.90
C PHE E 607 -8.82 27.89 -22.46
N ILE E 608 -7.73 27.30 -21.98
CA ILE E 608 -7.67 26.70 -20.66
C ILE E 608 -7.03 27.72 -19.73
N ILE E 609 -7.69 28.02 -18.62
CA ILE E 609 -7.14 28.91 -17.61
C ILE E 609 -7.03 28.14 -16.31
N GLY E 610 -5.90 28.32 -15.62
CA GLY E 610 -5.70 27.75 -14.30
C GLY E 610 -5.67 28.82 -13.23
N ALA E 611 -5.54 28.38 -12.00
CA ALA E 611 -5.45 29.30 -10.87
C ALA E 611 -4.86 28.54 -9.70
N THR E 612 -3.70 28.98 -9.22
CA THR E 612 -3.02 28.28 -8.14
C THR E 612 -2.68 29.28 -7.06
N ASN E 613 -3.05 28.97 -5.82
CA ASN E 613 -2.68 29.81 -4.70
C ASN E 613 -1.19 29.81 -4.45
N ARG E 614 -0.47 28.83 -5.00
CA ARG E 614 0.97 28.69 -4.76
C ARG E 614 1.62 28.29 -6.08
N PRO E 615 2.56 29.06 -6.60
CA PRO E 615 3.00 28.89 -7.98
C PRO E 615 4.15 27.91 -8.20
N ASP E 616 4.74 27.36 -7.14
CA ASP E 616 5.94 26.56 -7.30
C ASP E 616 5.72 25.07 -7.09
N ILE E 617 4.93 24.67 -6.10
CA ILE E 617 4.69 23.25 -5.85
C ILE E 617 3.92 22.59 -6.98
N ILE E 618 3.41 23.35 -7.94
CA ILE E 618 2.75 22.76 -9.08
C ILE E 618 3.74 21.97 -9.92
N ASP E 619 3.20 21.09 -10.76
CA ASP E 619 4.02 20.31 -11.67
C ASP E 619 4.71 21.25 -12.65
N PRO E 620 6.02 21.11 -12.87
CA PRO E 620 6.69 21.89 -13.91
C PRO E 620 6.41 21.42 -15.33
N ALA E 621 5.67 20.32 -15.50
CA ALA E 621 5.43 19.81 -16.84
C ALA E 621 4.37 20.60 -17.60
N ILE E 622 3.55 21.39 -16.92
CA ILE E 622 2.56 22.19 -17.61
C ILE E 622 3.14 23.54 -18.02
N LEU E 623 4.02 24.11 -17.20
CA LEU E 623 4.61 25.42 -17.49
C LEU E 623 5.73 25.29 -18.51
N ARG E 624 5.39 24.68 -19.64
CA ARG E 624 6.29 24.40 -20.73
C ARG E 624 5.64 24.85 -22.03
N PRO E 625 6.40 25.38 -22.98
CA PRO E 625 5.80 25.88 -24.22
C PRO E 625 4.97 24.80 -24.90
N GLY E 626 3.81 25.21 -25.42
CA GLY E 626 2.82 24.30 -25.96
C GLY E 626 1.65 24.03 -25.03
N ARG E 627 1.78 24.37 -23.76
CA ARG E 627 0.73 24.19 -22.77
C ARG E 627 0.57 25.54 -22.07
N LEU E 628 -0.10 25.54 -20.92
CA LEU E 628 -0.18 26.76 -20.12
C LEU E 628 1.22 27.34 -20.01
N ASP E 629 1.44 28.50 -20.62
CA ASP E 629 2.78 28.95 -20.95
C ASP E 629 3.31 30.04 -20.04
N GLN E 630 2.53 31.09 -19.82
CA GLN E 630 2.97 32.25 -19.07
C GLN E 630 2.15 32.39 -17.80
N LEU E 631 2.72 33.05 -16.81
CA LEU E 631 2.09 33.23 -15.51
C LEU E 631 1.72 34.69 -15.34
N ILE E 632 0.45 34.95 -15.14
CA ILE E 632 -0.02 36.28 -14.75
C ILE E 632 -0.18 36.27 -13.24
N TYR E 633 0.23 37.37 -12.62
CA TYR E 633 0.22 37.48 -11.16
C TYR E 633 -0.87 38.45 -10.76
N ILE E 634 -1.84 37.97 -10.00
CA ILE E 634 -3.00 38.77 -9.62
C ILE E 634 -2.78 39.37 -8.24
N PRO E 635 -2.38 40.62 -8.14
CA PRO E 635 -2.05 41.19 -6.83
C PRO E 635 -3.30 41.47 -6.02
N LEU E 636 -3.08 41.84 -4.77
CA LEU E 636 -4.17 42.27 -3.93
C LEU E 636 -4.77 43.57 -4.47
N PRO E 637 -6.07 43.76 -4.33
CA PRO E 637 -6.68 45.00 -4.81
C PRO E 637 -6.08 46.21 -4.10
N ASP E 638 -5.92 47.31 -4.84
CA ASP E 638 -5.17 48.41 -4.23
C ASP E 638 -5.96 49.67 -3.90
N GLU E 639 -6.50 50.40 -4.88
CA GLU E 639 -7.40 51.48 -4.51
C GLU E 639 -8.70 51.52 -5.29
N LYS E 640 -8.58 51.54 -6.63
CA LYS E 640 -9.78 51.58 -7.45
C LYS E 640 -10.54 50.26 -7.36
N SER E 641 -9.80 49.16 -7.25
CA SER E 641 -10.44 47.85 -7.18
C SER E 641 -11.18 47.65 -5.86
N ARG E 642 -10.93 48.50 -4.87
CA ARG E 642 -11.67 48.33 -3.62
C ARG E 642 -12.90 49.22 -3.59
N VAL E 643 -12.83 50.39 -4.22
CA VAL E 643 -14.03 51.19 -4.43
C VAL E 643 -14.98 50.46 -5.36
N ALA E 644 -14.47 49.52 -6.15
CA ALA E 644 -15.29 48.82 -7.12
C ALA E 644 -15.87 47.53 -6.58
N ILE E 645 -15.08 46.78 -5.80
CA ILE E 645 -15.62 45.56 -5.20
C ILE E 645 -16.71 45.89 -4.19
N LEU E 646 -16.52 46.96 -3.41
CA LEU E 646 -17.54 47.36 -2.46
C LEU E 646 -18.85 47.73 -3.16
N LYS E 647 -18.76 48.53 -4.21
CA LYS E 647 -19.97 48.93 -4.92
C LYS E 647 -20.54 47.81 -5.78
N ALA E 648 -19.97 46.61 -5.71
CA ALA E 648 -20.59 45.46 -6.35
C ALA E 648 -21.24 44.53 -5.34
N ASN E 649 -20.83 44.62 -4.08
CA ASN E 649 -21.51 43.89 -3.01
C ASN E 649 -22.70 44.66 -2.49
N LEU E 650 -22.60 45.99 -2.43
CA LEU E 650 -23.67 46.84 -1.95
C LEU E 650 -24.61 47.30 -3.07
N ARG E 651 -24.69 46.53 -4.15
CA ARG E 651 -25.61 46.84 -5.25
C ARG E 651 -26.93 46.12 -5.12
N LYS E 652 -27.03 45.11 -4.25
CA LYS E 652 -28.27 44.39 -4.03
C LYS E 652 -29.07 44.92 -2.85
N SER E 653 -28.44 45.68 -1.95
CA SER E 653 -29.03 46.04 -0.68
C SER E 653 -29.16 47.55 -0.55
N PRO E 654 -30.26 48.04 0.02
CA PRO E 654 -30.43 49.49 0.20
C PRO E 654 -29.38 50.11 1.11
N VAL E 655 -28.59 51.01 0.56
CA VAL E 655 -27.54 51.68 1.31
C VAL E 655 -27.98 53.11 1.57
N ALA E 656 -27.39 53.74 2.58
CA ALA E 656 -27.70 55.12 2.91
C ALA E 656 -27.06 56.04 1.88
N LYS E 657 -27.17 57.34 2.12
CA LYS E 657 -26.62 58.34 1.21
C LYS E 657 -25.25 58.85 1.64
N ASP E 658 -25.00 58.91 2.95
CA ASP E 658 -23.74 59.39 3.47
C ASP E 658 -22.70 58.30 3.67
N VAL E 659 -23.02 57.06 3.29
CA VAL E 659 -22.05 55.97 3.39
C VAL E 659 -20.91 56.26 2.44
N ASP E 660 -19.73 56.54 3.00
CA ASP E 660 -18.59 57.01 2.22
C ASP E 660 -17.72 55.82 1.83
N LEU E 661 -18.18 55.09 0.80
CA LEU E 661 -17.37 54.02 0.25
C LEU E 661 -16.06 54.55 -0.31
N GLU E 662 -16.06 55.75 -0.88
CA GLU E 662 -14.82 56.38 -1.31
C GLU E 662 -13.87 56.60 -0.14
N PHE E 663 -14.39 56.64 1.09
CA PHE E 663 -13.54 56.65 2.28
C PHE E 663 -13.28 55.27 2.85
N LEU E 664 -14.27 54.38 2.81
CA LEU E 664 -14.09 53.06 3.41
C LEU E 664 -12.96 52.30 2.72
N ALA E 665 -12.90 52.37 1.40
CA ALA E 665 -11.82 51.71 0.67
C ALA E 665 -10.50 52.45 0.81
N LYS E 666 -10.52 53.68 1.30
CA LYS E 666 -9.28 54.44 1.49
C LYS E 666 -8.54 54.03 2.76
N MET E 667 -9.19 53.29 3.65
CA MET E 667 -8.59 52.91 4.92
C MET E 667 -8.16 51.45 4.95
N THR E 668 -9.03 50.54 4.52
CA THR E 668 -8.76 49.12 4.58
C THR E 668 -7.71 48.78 3.53
N ASN E 669 -6.44 48.68 3.96
CA ASN E 669 -5.34 48.60 3.01
C ASN E 669 -5.10 47.18 2.50
N GLY E 670 -4.74 46.27 3.40
CA GLY E 670 -4.33 44.95 2.96
C GLY E 670 -5.45 43.93 2.93
N PHE E 671 -6.61 44.33 2.43
CA PHE E 671 -7.80 43.49 2.49
C PHE E 671 -8.00 42.75 1.19
N SER E 672 -8.37 41.48 1.30
CA SER E 672 -8.55 40.64 0.12
C SER E 672 -9.79 41.08 -0.65
N GLY E 673 -10.04 40.39 -1.75
CA GLY E 673 -11.31 40.55 -2.44
C GLY E 673 -12.45 39.79 -1.81
N ALA E 674 -12.15 38.97 -0.81
CA ALA E 674 -13.16 38.23 -0.07
C ALA E 674 -13.10 38.51 1.42
N ASP E 675 -12.50 39.62 1.84
CA ASP E 675 -12.71 40.18 3.16
C ASP E 675 -13.42 41.51 3.11
N LEU E 676 -13.70 42.01 1.91
CA LEU E 676 -14.63 43.12 1.74
C LEU E 676 -16.05 42.63 1.52
N THR E 677 -16.25 41.31 1.49
CA THR E 677 -17.56 40.70 1.40
C THR E 677 -18.03 40.17 2.76
N GLU E 678 -17.26 40.44 3.81
CA GLU E 678 -17.74 40.28 5.18
C GLU E 678 -17.63 41.57 5.97
N ILE E 679 -17.18 42.67 5.35
CA ILE E 679 -17.50 43.98 5.86
C ILE E 679 -18.78 44.48 5.21
N CYS E 680 -19.32 43.72 4.26
CA CYS E 680 -20.53 44.08 3.55
C CYS E 680 -21.68 43.11 3.80
N GLN E 681 -21.43 42.00 4.46
CA GLN E 681 -22.49 41.17 5.03
C GLN E 681 -22.64 41.40 6.52
N ARG E 682 -21.56 41.26 7.28
CA ARG E 682 -21.60 41.54 8.70
C ARG E 682 -22.00 42.98 8.98
N ALA E 683 -22.12 43.81 7.95
CA ALA E 683 -22.76 45.11 8.08
C ALA E 683 -24.24 45.06 7.74
N CYS E 684 -24.77 43.90 7.39
CA CYS E 684 -26.20 43.73 7.15
C CYS E 684 -26.88 42.89 8.22
N LYS E 685 -26.20 41.90 8.79
CA LYS E 685 -26.68 41.23 9.99
C LYS E 685 -26.71 42.14 11.21
N LEU E 686 -26.24 43.37 11.07
CA LEU E 686 -26.45 44.39 12.08
C LEU E 686 -27.59 45.31 11.72
N ALA E 687 -28.20 45.10 10.56
CA ALA E 687 -29.45 45.75 10.18
C ALA E 687 -30.62 44.78 10.17
N ILE E 688 -30.39 43.53 9.77
CA ILE E 688 -31.40 42.50 9.94
C ILE E 688 -31.73 42.35 11.41
N ARG E 689 -30.72 42.32 12.27
CA ARG E 689 -30.94 42.26 13.71
C ARG E 689 -31.81 43.41 14.19
N GLU E 690 -31.43 44.64 13.85
CA GLU E 690 -32.12 45.80 14.39
C GLU E 690 -33.52 45.93 13.83
N SER E 691 -33.73 45.68 12.54
CA SER E 691 -35.07 45.72 11.97
C SER E 691 -35.92 44.52 12.33
N ILE E 692 -35.33 43.48 12.91
CA ILE E 692 -36.12 42.35 13.39
C ILE E 692 -36.32 42.42 14.89
N GLU E 693 -35.62 43.30 15.57
CA GLU E 693 -35.89 43.61 16.97
C GLU E 693 -36.87 44.78 17.08
N SER E 694 -36.63 45.84 16.31
CA SER E 694 -37.52 47.00 16.38
C SER E 694 -38.92 46.66 15.89
N GLU E 695 -39.08 45.55 15.19
CA GLU E 695 -40.42 45.02 14.91
C GLU E 695 -41.00 44.35 16.15
N ILE E 696 -40.35 43.28 16.61
CA ILE E 696 -40.89 42.48 17.71
C ILE E 696 -41.10 43.34 18.95
N ARG E 697 -40.14 44.20 19.26
CA ARG E 697 -40.29 45.07 20.42
C ARG E 697 -41.54 45.93 20.30
N ARG E 698 -41.92 46.27 19.06
CA ARG E 698 -43.11 47.10 18.87
C ARG E 698 -44.39 46.31 19.14
N GLU E 699 -44.40 45.00 18.84
CA GLU E 699 -45.58 44.19 19.16
C GLU E 699 -45.91 44.25 20.64
N ARG E 700 -44.95 43.95 21.50
CA ARG E 700 -45.20 43.98 22.93
C ARG E 700 -45.50 45.39 23.41
N GLU E 701 -44.92 46.39 22.76
CA GLU E 701 -45.17 47.78 23.12
C GLU E 701 -46.64 48.14 22.97
N ARG E 702 -47.22 47.85 21.80
CA ARG E 702 -48.56 48.32 21.49
C ARG E 702 -49.66 47.49 22.16
N GLN E 703 -49.32 46.36 22.78
CA GLN E 703 -50.30 45.69 23.62
C GLN E 703 -50.58 46.46 24.90
N THR E 704 -49.78 47.48 25.20
CA THR E 704 -50.14 48.42 26.26
C THR E 704 -51.33 49.27 25.85
N ASN E 705 -51.42 49.62 24.56
CA ASN E 705 -52.56 50.35 24.00
C ASN E 705 -53.08 49.59 22.79
N PRO E 706 -53.73 48.44 23.01
CA PRO E 706 -54.34 47.72 21.88
C PRO E 706 -55.47 48.48 21.22
N SER E 707 -56.04 49.48 21.90
CA SER E 707 -57.08 50.32 21.35
C SER E 707 -56.55 51.60 20.73
N ALA E 708 -55.22 51.76 20.66
CA ALA E 708 -54.66 53.00 20.11
C ALA E 708 -55.05 53.19 18.65
N MET E 709 -54.97 52.12 17.85
CA MET E 709 -55.36 52.12 16.44
C MET E 709 -54.37 52.91 15.59
N GLU E 710 -53.42 53.59 16.23
CA GLU E 710 -52.33 54.26 15.53
C GLU E 710 -51.06 53.47 15.85
N VAL E 711 -50.82 52.45 15.04
CA VAL E 711 -49.67 51.57 15.19
C VAL E 711 -49.10 51.31 13.79
N GLU E 712 -48.13 50.40 13.71
CA GLU E 712 -47.59 49.93 12.42
C GLU E 712 -46.92 51.08 11.65
N GLU E 713 -45.85 51.60 12.24
CA GLU E 713 -45.00 52.54 11.52
C GLU E 713 -44.47 51.87 10.25
N ASP E 714 -44.40 52.64 9.17
CA ASP E 714 -44.12 52.05 7.86
C ASP E 714 -42.75 51.36 7.83
N ASP E 715 -41.73 51.99 8.42
CA ASP E 715 -40.42 51.39 8.44
C ASP E 715 -39.61 51.87 9.64
N PRO E 716 -39.16 50.97 10.51
CA PRO E 716 -38.31 51.40 11.63
C PRO E 716 -36.86 51.59 11.21
N VAL E 717 -36.36 50.71 10.34
CA VAL E 717 -34.99 50.79 9.83
C VAL E 717 -35.03 50.33 8.38
N PRO E 718 -35.08 51.25 7.42
CA PRO E 718 -35.18 50.86 6.00
C PRO E 718 -33.85 50.80 5.25
N GLU E 719 -32.72 50.83 5.95
CA GLU E 719 -31.52 51.36 5.32
C GLU E 719 -30.29 50.86 6.06
N ILE E 720 -29.23 50.58 5.31
CA ILE E 720 -28.00 50.06 5.93
C ILE E 720 -27.38 51.11 6.84
N ARG E 721 -27.48 52.39 6.46
CA ARG E 721 -27.46 53.44 7.48
C ARG E 721 -26.17 53.53 8.28
N ARG E 722 -25.15 54.19 7.73
CA ARG E 722 -23.85 54.38 8.34
C ARG E 722 -23.96 54.62 9.84
N ASP E 723 -22.94 54.15 10.59
CA ASP E 723 -22.90 53.72 11.99
C ASP E 723 -23.24 52.24 12.11
N HIS E 724 -23.44 51.54 10.99
CA HIS E 724 -23.30 50.08 10.98
C HIS E 724 -21.90 49.66 10.55
N PHE E 725 -21.39 50.26 9.47
CA PHE E 725 -20.00 50.03 9.10
C PHE E 725 -19.06 50.50 10.18
N GLU E 726 -19.51 51.45 11.02
CA GLU E 726 -18.74 51.81 12.21
C GLU E 726 -18.58 50.61 13.13
N GLU E 727 -19.57 49.73 13.16
CA GLU E 727 -19.53 48.54 14.02
C GLU E 727 -19.03 47.31 13.28
N ALA E 728 -19.47 47.10 12.05
CA ALA E 728 -19.05 45.91 11.31
C ALA E 728 -17.56 45.91 11.03
N MET E 729 -16.92 47.09 11.07
CA MET E 729 -15.47 47.16 10.93
C MET E 729 -14.74 46.66 12.16
N ARG E 730 -15.46 46.24 13.19
CA ARG E 730 -14.83 45.71 14.39
C ARG E 730 -14.59 44.21 14.32
N PHE E 731 -15.13 43.55 13.30
CA PHE E 731 -14.85 42.14 13.03
C PHE E 731 -14.28 41.95 11.63
N ALA E 732 -13.38 42.85 11.21
CA ALA E 732 -12.75 42.76 9.91
C ALA E 732 -11.36 42.17 10.09
N ARG E 733 -11.13 41.00 9.52
CA ARG E 733 -9.88 40.27 9.67
C ARG E 733 -9.12 40.23 8.37
N ARG E 734 -7.85 40.63 8.42
CA ARG E 734 -6.97 40.55 7.27
CA ARG E 734 -6.99 40.54 7.26
C ARG E 734 -6.62 39.09 7.00
N SER E 735 -7.05 38.56 5.85
CA SER E 735 -6.84 37.14 5.57
C SER E 735 -5.37 36.84 5.32
N VAL E 736 -4.71 37.61 4.47
CA VAL E 736 -3.35 37.34 4.07
C VAL E 736 -2.42 38.24 4.86
N SER E 737 -1.66 37.64 5.78
CA SER E 737 -0.75 38.40 6.59
C SER E 737 0.45 38.87 5.77
N ASP E 738 1.08 39.94 6.23
CA ASP E 738 2.20 40.54 5.51
C ASP E 738 3.39 39.60 5.38
N ASN E 739 3.45 38.54 6.18
CA ASN E 739 4.52 37.56 6.05
C ASN E 739 4.22 36.48 5.03
N ASP E 740 3.06 36.53 4.38
CA ASP E 740 2.74 35.60 3.32
C ASP E 740 2.58 36.26 1.96
N ILE E 741 2.36 37.58 1.92
CA ILE E 741 2.39 38.31 0.66
C ILE E 741 3.81 38.48 0.14
N ARG E 742 4.82 38.10 0.94
CA ARG E 742 6.20 38.17 0.46
C ARG E 742 6.52 37.01 -0.48
N LYS E 743 5.96 35.84 -0.23
CA LYS E 743 6.28 34.67 -1.02
C LYS E 743 5.91 34.84 -2.49
N TYR E 744 5.00 35.76 -2.80
CA TYR E 744 4.63 36.05 -4.17
C TYR E 744 5.44 37.20 -4.77
N GLU E 745 5.51 38.33 -4.08
CA GLU E 745 6.28 39.46 -4.60
C GLU E 745 7.75 39.10 -4.76
N MET E 746 8.21 38.08 -4.04
CA MET E 746 9.56 37.57 -4.28
C MET E 746 9.60 36.53 -5.38
N PHE E 747 8.45 36.11 -5.90
CA PHE E 747 8.44 35.28 -7.11
C PHE E 747 8.39 36.14 -8.36
N ALA E 748 7.38 37.00 -8.47
CA ALA E 748 7.22 37.79 -9.68
C ALA E 748 8.45 38.66 -9.94
N GLN E 749 9.11 39.11 -8.88
CA GLN E 749 10.35 39.87 -9.06
C GLN E 749 11.46 38.99 -9.60
N THR E 750 11.32 37.66 -9.51
CA THR E 750 12.32 36.75 -10.04
C THR E 750 12.05 36.41 -11.51
N LEU E 751 10.79 36.48 -11.94
CA LEU E 751 10.53 36.42 -13.37
C LEU E 751 11.14 37.63 -14.08
N GLN E 752 11.06 38.80 -13.46
CA GLN E 752 11.93 39.91 -13.83
C GLN E 752 13.33 39.63 -13.27
N GLN E 753 14.30 40.45 -13.70
CA GLN E 753 15.71 40.27 -13.32
C GLN E 753 16.26 39.00 -13.97
N SER E 754 15.40 38.22 -14.61
CA SER E 754 15.81 37.18 -15.56
C SER E 754 15.43 37.59 -16.97
N ARG E 755 15.34 38.90 -17.18
CA ARG E 755 14.85 39.49 -18.41
C ARG E 755 15.72 40.71 -18.67
N GLY E 756 15.24 41.60 -19.53
CA GLY E 756 15.90 42.88 -19.67
C GLY E 756 17.19 42.85 -20.47
N PHE E 757 17.08 42.56 -21.77
CA PHE E 757 18.20 42.78 -22.65
C PHE E 757 18.30 44.21 -23.12
N GLY E 758 17.32 45.05 -22.76
CA GLY E 758 17.55 46.47 -22.60
C GLY E 758 18.20 47.17 -23.77
N SER E 759 19.49 47.48 -23.61
CA SER E 759 20.26 48.24 -24.58
C SER E 759 20.42 47.50 -25.91
N PHE E 760 19.77 46.35 -26.06
CA PHE E 760 19.71 45.72 -27.37
C PHE E 760 19.17 46.71 -28.40
N ARG E 761 19.86 46.79 -29.53
CA ARG E 761 19.56 47.79 -30.55
C ARG E 761 20.17 47.31 -31.84
N PHE E 762 19.35 47.17 -32.89
CA PHE E 762 19.86 46.70 -34.16
C PHE E 762 20.84 47.73 -34.74
N PRO E 763 21.85 47.28 -35.48
CA PRO E 763 22.87 48.21 -35.97
C PRO E 763 22.27 49.26 -36.91
N SER E 764 22.87 50.44 -36.89
CA SER E 764 22.47 51.56 -37.75
C SER E 764 21.00 51.91 -37.58
N LEU F 1 14.41 -16.32 -68.06
CA LEU F 1 14.81 -15.05 -67.46
C LEU F 1 13.81 -14.60 -66.41
N SER F 2 14.08 -13.44 -65.79
CA SER F 2 13.33 -13.05 -64.60
C SER F 2 12.75 -11.65 -64.74
N THR F 3 12.53 -11.18 -65.97
CA THR F 3 12.06 -9.81 -66.19
C THR F 3 11.07 -9.65 -67.34
N ALA F 4 10.09 -10.57 -67.51
CA ALA F 4 9.23 -10.42 -68.71
C ALA F 4 7.66 -10.34 -68.44
N ILE F 5 6.96 -10.73 -67.36
CA ILE F 5 5.54 -11.07 -67.44
C ILE F 5 4.61 -9.87 -67.26
N LEU F 6 5.11 -8.74 -66.76
CA LEU F 6 4.25 -7.62 -66.39
C LEU F 6 3.98 -6.64 -67.54
N LYS F 7 4.41 -6.94 -68.77
CA LYS F 7 4.23 -6.02 -69.88
C LYS F 7 2.79 -5.61 -70.08
N GLN F 8 2.53 -4.30 -70.09
CA GLN F 8 1.22 -3.79 -70.49
C GLN F 8 1.09 -3.56 -71.98
N LYS F 9 2.20 -3.62 -72.72
CA LYS F 9 2.22 -3.47 -74.18
C LYS F 9 1.53 -2.16 -74.61
N ASN F 10 2.17 -1.06 -74.24
CA ASN F 10 1.84 0.20 -74.89
C ASN F 10 2.16 0.11 -76.37
N ARG F 11 1.20 0.48 -77.20
CA ARG F 11 1.21 0.17 -78.62
C ARG F 11 1.56 1.41 -79.43
N PRO F 12 2.15 1.21 -80.63
CA PRO F 12 2.31 2.34 -81.56
C PRO F 12 0.98 2.91 -82.04
N ASN F 13 -0.12 2.17 -81.93
CA ASN F 13 -1.41 2.62 -82.43
C ASN F 13 -2.39 2.94 -81.30
N ARG F 14 -1.88 3.22 -80.10
CA ARG F 14 -2.75 3.68 -79.03
C ARG F 14 -3.30 5.06 -79.34
N LEU F 15 -4.61 5.21 -79.22
CA LEU F 15 -5.31 6.42 -79.60
C LEU F 15 -5.83 7.14 -78.36
N ILE F 16 -5.50 8.43 -78.26
CA ILE F 16 -5.87 9.25 -77.12
C ILE F 16 -7.11 10.06 -77.52
N VAL F 17 -7.87 10.49 -76.51
CA VAL F 17 -9.16 11.14 -76.77
C VAL F 17 -8.95 12.46 -77.50
N ASP F 18 -9.75 12.68 -78.55
CA ASP F 18 -9.80 13.96 -79.25
C ASP F 18 -11.27 14.26 -79.53
N GLU F 19 -11.60 15.56 -79.51
CA GLU F 19 -12.99 15.96 -79.61
C GLU F 19 -13.48 15.92 -81.05
N ALA F 20 -14.77 15.63 -81.22
CA ALA F 20 -15.41 15.60 -82.52
C ALA F 20 -16.70 16.40 -82.46
N ILE F 21 -17.12 16.89 -83.63
CA ILE F 21 -18.35 17.67 -83.77
C ILE F 21 -19.40 16.91 -84.55
N ASN F 22 -19.20 15.62 -84.78
CA ASN F 22 -20.13 14.79 -85.55
C ASN F 22 -21.19 14.21 -84.63
N GLU F 23 -22.31 13.78 -85.23
CA GLU F 23 -23.43 13.24 -84.47
C GLU F 23 -23.61 11.74 -84.68
N ASP F 24 -22.92 11.13 -85.64
CA ASP F 24 -22.98 9.69 -85.80
C ASP F 24 -22.31 9.02 -84.60
N ASN F 25 -22.94 7.97 -84.08
CA ASN F 25 -22.53 7.36 -82.83
C ASN F 25 -21.55 6.21 -83.01
N SER F 26 -21.12 5.94 -84.24
CA SER F 26 -20.11 4.90 -84.46
C SER F 26 -19.10 5.30 -85.53
N VAL F 27 -18.89 6.59 -85.74
CA VAL F 27 -17.89 7.08 -86.70
C VAL F 27 -16.58 7.28 -85.95
N VAL F 28 -15.50 6.73 -86.51
CA VAL F 28 -14.19 6.84 -85.89
C VAL F 28 -13.26 7.62 -86.81
N SER F 29 -12.55 8.57 -86.22
CA SER F 29 -11.50 9.32 -86.90
C SER F 29 -10.17 8.77 -86.43
N LEU F 30 -9.46 8.09 -87.32
CA LEU F 30 -8.30 7.29 -86.95
C LEU F 30 -7.05 7.82 -87.64
N SER F 31 -5.91 7.27 -87.25
CA SER F 31 -4.67 7.55 -87.95
C SER F 31 -4.72 6.98 -89.36
N GLN F 32 -3.93 7.56 -90.25
CA GLN F 32 -3.88 7.05 -91.62
C GLN F 32 -3.39 5.62 -91.69
N PRO F 33 -2.31 5.20 -90.99
CA PRO F 33 -1.90 3.79 -91.07
C PRO F 33 -2.74 2.86 -90.22
N LYS F 34 -3.89 3.34 -89.72
CA LYS F 34 -4.71 2.50 -88.84
C LYS F 34 -5.22 1.27 -89.59
N MET F 35 -5.69 1.45 -90.83
CA MET F 35 -6.12 0.32 -91.64
C MET F 35 -4.93 -0.53 -92.06
N ASP F 36 -3.71 -0.04 -91.83
CA ASP F 36 -2.52 -0.61 -92.45
C ASP F 36 -1.68 -1.47 -91.50
N GLU F 37 -1.50 -1.05 -90.25
CA GLU F 37 -0.61 -1.79 -89.34
C GLU F 37 -1.10 -3.21 -89.13
N LEU F 38 -2.27 -3.37 -88.51
CA LEU F 38 -2.90 -4.67 -88.38
C LEU F 38 -3.62 -5.11 -89.65
N GLN F 39 -3.41 -4.38 -90.75
CA GLN F 39 -4.10 -4.64 -92.01
C GLN F 39 -5.62 -4.65 -91.80
N LEU F 40 -6.12 -3.63 -91.11
CA LEU F 40 -7.53 -3.53 -90.75
C LEU F 40 -8.35 -3.25 -92.00
N PHE F 41 -8.96 -4.28 -92.56
CA PHE F 41 -9.82 -4.12 -93.72
C PHE F 41 -11.16 -3.50 -93.31
N ARG F 42 -11.82 -2.89 -94.28
CA ARG F 42 -13.17 -2.38 -94.07
C ARG F 42 -14.16 -3.53 -94.02
N GLY F 43 -15.24 -3.33 -93.27
CA GLY F 43 -16.29 -4.33 -93.14
C GLY F 43 -16.35 -5.02 -91.79
N ASP F 44 -15.52 -4.63 -90.83
CA ASP F 44 -15.52 -5.23 -89.51
C ASP F 44 -15.78 -4.16 -88.45
N THR F 45 -15.69 -4.57 -87.19
CA THR F 45 -15.88 -3.68 -86.05
C THR F 45 -14.76 -3.95 -85.04
N VAL F 46 -14.18 -2.88 -84.50
CA VAL F 46 -13.05 -3.00 -83.59
C VAL F 46 -13.56 -3.13 -82.15
N LEU F 47 -12.67 -3.60 -81.28
CA LEU F 47 -12.96 -3.82 -79.87
C LEU F 47 -12.13 -2.83 -79.07
N LEU F 48 -12.69 -1.64 -78.83
CA LEU F 48 -11.99 -0.60 -78.08
C LEU F 48 -12.04 -0.91 -76.60
N LYS F 49 -10.92 -0.64 -75.91
CA LYS F 49 -10.76 -1.03 -74.52
C LYS F 49 -11.08 0.15 -73.60
N GLY F 50 -11.96 -0.10 -72.62
CA GLY F 50 -12.27 0.86 -71.59
C GLY F 50 -11.81 0.39 -70.23
N LYS F 51 -12.75 0.23 -69.30
CA LYS F 51 -12.44 -0.28 -67.96
C LYS F 51 -13.62 -1.10 -67.43
N LYS F 52 -13.31 -1.96 -66.46
CA LYS F 52 -14.32 -2.74 -65.74
C LYS F 52 -15.12 -3.65 -66.67
N ARG F 53 -14.56 -3.98 -67.82
CA ARG F 53 -15.25 -4.64 -68.93
C ARG F 53 -16.46 -3.85 -69.42
N ARG F 54 -16.62 -2.62 -68.93
CA ARG F 54 -17.69 -1.73 -69.36
C ARG F 54 -17.15 -0.88 -70.50
N GLU F 55 -17.36 -1.36 -71.72
CA GLU F 55 -16.80 -0.76 -72.92
C GLU F 55 -17.91 -0.41 -73.90
N ALA F 56 -17.51 0.17 -75.02
CA ALA F 56 -18.41 0.41 -76.14
C ALA F 56 -17.58 0.32 -77.41
N VAL F 57 -18.15 -0.32 -78.44
CA VAL F 57 -17.43 -0.56 -79.68
C VAL F 57 -18.03 0.31 -80.78
N CYS F 58 -17.37 0.30 -81.93
CA CYS F 58 -17.78 1.11 -83.07
C CYS F 58 -17.76 0.24 -84.31
N ILE F 59 -18.32 0.76 -85.39
CA ILE F 59 -18.02 0.23 -86.71
C ILE F 59 -16.82 0.99 -87.26
N VAL F 60 -15.79 0.25 -87.64
CA VAL F 60 -14.55 0.86 -88.09
C VAL F 60 -14.61 1.05 -89.61
N LEU F 61 -14.48 2.29 -90.04
CA LEU F 61 -14.54 2.65 -91.45
C LEU F 61 -13.17 3.08 -91.91
N SER F 62 -12.99 3.10 -93.23
CA SER F 62 -11.74 3.60 -93.79
C SER F 62 -11.77 5.12 -93.80
N ASP F 63 -12.03 5.72 -92.63
CA ASP F 63 -12.08 7.17 -92.45
C ASP F 63 -10.91 7.52 -91.55
N ASP F 64 -9.74 7.73 -92.15
CA ASP F 64 -8.50 8.00 -91.43
C ASP F 64 -8.16 9.48 -91.42
N THR F 65 -9.17 10.36 -91.33
CA THR F 65 -8.97 11.79 -91.45
C THR F 65 -8.29 12.40 -90.22
N CYS F 66 -8.15 11.66 -89.13
CA CYS F 66 -7.54 12.18 -87.91
C CYS F 66 -6.02 12.17 -88.04
N SER F 67 -5.34 12.44 -86.93
CA SER F 67 -3.88 12.42 -86.89
C SER F 67 -3.38 11.07 -86.38
N ASP F 68 -2.05 10.92 -86.38
CA ASP F 68 -1.43 9.64 -86.08
C ASP F 68 -1.30 9.36 -84.58
N GLU F 69 -1.70 10.30 -83.72
CA GLU F 69 -1.46 10.15 -82.29
C GLU F 69 -2.74 9.99 -81.45
N LYS F 70 -3.91 10.33 -81.99
CA LYS F 70 -5.11 10.39 -81.18
C LYS F 70 -6.31 9.89 -81.99
N ILE F 71 -7.46 9.83 -81.31
CA ILE F 71 -8.72 9.44 -81.93
C ILE F 71 -9.75 10.54 -81.66
N ARG F 72 -10.43 10.96 -82.71
CA ARG F 72 -11.51 11.93 -82.61
C ARG F 72 -12.83 11.17 -82.53
N MET F 73 -13.60 11.41 -81.47
CA MET F 73 -14.81 10.64 -81.27
C MET F 73 -15.83 11.56 -80.61
N ASN F 74 -17.11 11.21 -80.69
CA ASN F 74 -18.12 12.04 -80.04
C ASN F 74 -18.16 11.69 -78.55
N ARG F 75 -19.25 12.08 -77.87
CA ARG F 75 -19.44 11.66 -76.48
C ARG F 75 -19.74 10.17 -76.39
N VAL F 76 -20.47 9.63 -77.37
CA VAL F 76 -21.17 8.36 -77.21
C VAL F 76 -20.24 7.24 -76.79
N VAL F 77 -19.33 6.82 -77.67
CA VAL F 77 -18.61 5.58 -77.42
C VAL F 77 -17.55 5.78 -76.35
N ARG F 78 -16.82 6.90 -76.40
CA ARG F 78 -15.77 7.13 -75.40
C ARG F 78 -16.36 7.17 -74.00
N ASN F 79 -17.50 7.82 -73.82
CA ASN F 79 -18.15 7.80 -72.51
C ASN F 79 -18.86 6.47 -72.25
N ASN F 80 -19.47 5.87 -73.28
CA ASN F 80 -20.08 4.55 -73.08
C ASN F 80 -19.04 3.46 -73.01
N LEU F 81 -17.78 3.75 -73.35
CA LEU F 81 -16.66 2.93 -72.91
C LEU F 81 -16.40 3.08 -71.42
N ARG F 82 -17.25 3.81 -70.70
CA ARG F 82 -17.14 4.02 -69.26
C ARG F 82 -15.76 4.53 -68.88
N VAL F 83 -15.22 5.40 -69.72
CA VAL F 83 -13.95 6.07 -69.48
C VAL F 83 -14.11 7.54 -69.85
N ARG F 84 -13.74 8.42 -68.93
CA ARG F 84 -13.73 9.84 -69.24
C ARG F 84 -12.62 10.15 -70.24
N LEU F 85 -12.67 11.34 -70.81
CA LEU F 85 -11.55 11.84 -71.60
C LEU F 85 -10.38 12.05 -70.66
N GLY F 86 -9.41 11.14 -70.72
CA GLY F 86 -8.33 11.10 -69.76
C GLY F 86 -8.00 9.69 -69.33
N ASP F 87 -8.67 8.71 -69.94
CA ASP F 87 -8.41 7.31 -69.74
C ASP F 87 -7.82 6.70 -71.00
N VAL F 88 -6.91 5.74 -70.83
CA VAL F 88 -6.29 5.10 -71.98
C VAL F 88 -7.30 4.22 -72.70
N ILE F 89 -7.35 4.35 -74.02
CA ILE F 89 -8.21 3.54 -74.86
C ILE F 89 -7.35 2.92 -75.95
N SER F 90 -7.40 1.60 -76.07
CA SER F 90 -6.62 0.87 -77.05
C SER F 90 -7.53 0.37 -78.17
N ILE F 91 -7.01 0.39 -79.39
CA ILE F 91 -7.76 -0.06 -80.56
C ILE F 91 -7.33 -1.47 -80.91
N GLN F 92 -8.31 -2.34 -81.16
CA GLN F 92 -8.08 -3.72 -81.55
C GLN F 92 -9.31 -4.25 -82.27
N PRO F 93 -9.16 -4.89 -83.42
CA PRO F 93 -10.33 -5.39 -84.15
C PRO F 93 -10.99 -6.53 -83.40
N CYS F 94 -12.30 -6.68 -83.59
CA CYS F 94 -13.05 -7.80 -83.06
C CYS F 94 -13.82 -8.47 -84.20
N PRO F 95 -13.56 -9.74 -84.51
CA PRO F 95 -14.19 -10.35 -85.68
C PRO F 95 -15.64 -10.76 -85.44
N ASP F 96 -16.23 -10.26 -84.35
CA ASP F 96 -17.61 -10.61 -83.99
C ASP F 96 -18.61 -9.70 -84.71
N VAL F 97 -18.52 -9.70 -86.05
CA VAL F 97 -19.45 -8.95 -86.88
C VAL F 97 -20.70 -9.82 -87.01
N LYS F 98 -21.64 -9.60 -86.11
CA LYS F 98 -22.82 -10.44 -85.99
C LYS F 98 -24.07 -9.58 -86.05
N TYR F 99 -25.17 -10.19 -86.46
CA TYR F 99 -26.44 -9.48 -86.57
C TYR F 99 -27.37 -9.88 -85.43
N GLY F 100 -27.93 -8.87 -84.76
CA GLY F 100 -28.69 -9.11 -83.54
C GLY F 100 -29.93 -9.94 -83.78
N LYS F 101 -30.06 -11.04 -83.03
CA LYS F 101 -31.25 -11.86 -83.12
C LYS F 101 -32.40 -11.26 -82.32
N ARG F 102 -32.18 -11.00 -81.04
CA ARG F 102 -33.21 -10.41 -80.18
C ARG F 102 -32.51 -9.44 -79.23
N ILE F 103 -32.67 -8.14 -79.46
CA ILE F 103 -31.95 -7.14 -78.69
C ILE F 103 -32.91 -6.50 -77.68
N HIS F 104 -32.35 -5.67 -76.78
CA HIS F 104 -33.15 -5.05 -75.74
C HIS F 104 -32.49 -3.72 -75.38
N VAL F 105 -32.99 -2.63 -75.96
CA VAL F 105 -32.54 -1.28 -75.62
C VAL F 105 -33.62 -0.62 -74.76
N LEU F 106 -33.21 -0.12 -73.60
CA LEU F 106 -34.15 0.42 -72.62
C LEU F 106 -34.19 1.94 -72.74
N PRO F 107 -35.30 2.51 -73.21
CA PRO F 107 -35.37 3.96 -73.37
C PRO F 107 -35.59 4.68 -72.03
N ILE F 108 -35.41 5.99 -72.09
CA ILE F 108 -35.80 6.90 -71.01
C ILE F 108 -36.74 7.93 -71.62
N ASP F 109 -37.92 8.11 -71.01
CA ASP F 109 -39.01 8.81 -71.68
C ASP F 109 -38.68 10.27 -71.97
N ASP F 110 -37.96 10.94 -71.06
CA ASP F 110 -37.67 12.36 -71.26
C ASP F 110 -36.86 12.58 -72.53
N THR F 111 -35.90 11.70 -72.81
CA THR F 111 -35.23 11.74 -74.10
C THR F 111 -36.14 11.26 -75.22
N VAL F 112 -37.08 10.36 -74.91
CA VAL F 112 -37.98 9.81 -75.92
C VAL F 112 -39.07 10.81 -76.29
N GLU F 113 -39.52 11.62 -75.33
CA GLU F 113 -40.69 12.48 -75.50
C GLU F 113 -40.60 13.38 -76.72
N GLY F 114 -41.74 13.90 -77.16
CA GLY F 114 -41.86 14.51 -78.46
C GLY F 114 -42.65 13.61 -79.39
N ILE F 115 -41.97 12.91 -80.28
CA ILE F 115 -42.55 11.84 -81.07
C ILE F 115 -42.17 10.52 -80.41
N THR F 116 -43.17 9.79 -79.93
CA THR F 116 -42.92 8.52 -79.23
C THR F 116 -43.50 7.33 -79.98
N GLY F 117 -44.81 7.32 -80.24
CA GLY F 117 -45.44 6.26 -81.02
C GLY F 117 -45.12 4.88 -80.50
N ASN F 118 -44.68 4.01 -81.40
CA ASN F 118 -44.24 2.66 -81.07
C ASN F 118 -42.71 2.63 -81.00
N LEU F 119 -42.18 1.79 -80.11
CA LEU F 119 -40.73 1.70 -79.95
C LEU F 119 -40.08 1.19 -81.24
N PHE F 120 -40.68 0.18 -81.87
CA PHE F 120 -40.08 -0.43 -83.05
C PHE F 120 -40.12 0.50 -84.25
N GLU F 121 -41.19 1.29 -84.39
CA GLU F 121 -41.40 1.99 -85.65
C GLU F 121 -40.89 3.42 -85.62
N VAL F 122 -40.98 4.10 -84.48
CA VAL F 122 -40.60 5.52 -84.42
C VAL F 122 -39.11 5.69 -84.22
N TYR F 123 -38.44 4.82 -83.48
CA TYR F 123 -37.02 4.96 -83.24
C TYR F 123 -36.19 3.78 -83.71
N LEU F 124 -36.69 2.56 -83.61
CA LEU F 124 -35.91 1.44 -84.12
C LEU F 124 -35.86 1.41 -85.64
N LYS F 125 -36.77 2.13 -86.32
CA LYS F 125 -36.64 2.28 -87.77
C LYS F 125 -35.52 3.26 -88.14
N PRO F 126 -35.57 4.55 -87.78
CA PRO F 126 -34.57 5.49 -88.30
C PRO F 126 -33.22 5.43 -87.60
N TYR F 127 -33.07 4.58 -86.59
CA TYR F 127 -31.79 4.43 -85.91
C TYR F 127 -30.99 3.24 -86.39
N PHE F 128 -31.63 2.10 -86.61
CA PHE F 128 -30.94 0.88 -87.02
C PHE F 128 -31.02 0.63 -88.52
N LEU F 129 -31.57 1.55 -89.30
CA LEU F 129 -31.76 1.35 -90.73
C LEU F 129 -30.40 1.44 -91.44
N GLU F 130 -29.57 0.41 -91.22
CA GLU F 130 -28.26 0.30 -91.86
C GLU F 130 -27.42 1.56 -91.64
N ALA F 131 -27.53 2.12 -90.43
CA ALA F 131 -26.97 3.44 -90.15
C ALA F 131 -25.56 3.39 -89.59
N TYR F 132 -24.81 2.30 -89.84
CA TYR F 132 -23.45 2.15 -89.32
C TYR F 132 -23.41 2.32 -87.81
N ARG F 133 -24.31 1.62 -87.11
CA ARG F 133 -24.44 1.82 -85.66
C ARG F 133 -24.41 0.50 -84.92
N PRO F 134 -23.25 -0.09 -84.67
CA PRO F 134 -23.15 -1.22 -83.74
C PRO F 134 -22.91 -0.76 -82.32
N ILE F 135 -23.27 -1.63 -81.38
CA ILE F 135 -23.21 -1.34 -79.96
C ILE F 135 -22.43 -2.45 -79.26
N ARG F 136 -22.24 -2.28 -77.96
CA ARG F 136 -21.73 -3.33 -77.10
C ARG F 136 -22.79 -3.71 -76.08
N LYS F 137 -22.94 -5.01 -75.85
CA LYS F 137 -24.02 -5.52 -75.02
C LYS F 137 -23.89 -5.03 -73.59
N GLY F 138 -24.92 -4.33 -73.12
CA GLY F 138 -24.95 -3.80 -71.77
C GLY F 138 -24.70 -2.31 -71.62
N ASP F 139 -24.76 -1.54 -72.70
CA ASP F 139 -24.41 -0.12 -72.69
C ASP F 139 -25.65 0.74 -72.59
N ILE F 140 -25.43 2.05 -72.55
CA ILE F 140 -26.49 3.04 -72.75
C ILE F 140 -25.93 4.05 -73.75
N PHE F 141 -26.19 3.81 -75.03
CA PHE F 141 -25.67 4.66 -76.09
C PHE F 141 -26.45 5.98 -76.16
N LEU F 142 -25.80 6.99 -76.72
CA LEU F 142 -26.37 8.31 -76.86
C LEU F 142 -26.83 8.51 -78.30
N VAL F 143 -28.09 8.90 -78.47
CA VAL F 143 -28.71 9.04 -79.78
C VAL F 143 -28.81 10.53 -80.11
N ARG F 144 -28.16 10.93 -81.20
CA ARG F 144 -28.29 12.27 -81.74
C ARG F 144 -29.17 12.32 -82.98
N GLY F 145 -30.04 11.33 -83.14
CA GLY F 145 -30.95 11.28 -84.27
C GLY F 145 -32.20 12.08 -84.02
N GLY F 146 -32.14 12.96 -83.03
CA GLY F 146 -33.21 13.89 -82.73
C GLY F 146 -32.60 15.25 -82.45
N MET F 147 -33.41 16.14 -81.88
CA MET F 147 -32.95 17.48 -81.59
C MET F 147 -32.17 17.59 -80.28
N ARG F 148 -32.16 16.56 -79.44
CA ARG F 148 -31.45 16.60 -78.16
C ARG F 148 -30.87 15.24 -77.85
N ALA F 149 -30.14 15.16 -76.73
CA ALA F 149 -29.46 13.95 -76.33
C ALA F 149 -30.47 12.88 -75.93
N VAL F 150 -30.38 11.71 -76.57
CA VAL F 150 -31.29 10.61 -76.33
C VAL F 150 -30.47 9.36 -76.02
N GLU F 151 -30.84 8.65 -74.97
CA GLU F 151 -30.12 7.45 -74.57
C GLU F 151 -31.07 6.27 -74.39
N PHE F 152 -30.67 5.13 -74.95
CA PHE F 152 -31.36 3.86 -74.75
C PHE F 152 -30.39 2.87 -74.11
N LYS F 153 -30.90 2.13 -73.12
CA LYS F 153 -30.07 1.26 -72.29
C LYS F 153 -30.04 -0.15 -72.88
N VAL F 154 -28.87 -0.57 -73.36
CA VAL F 154 -28.68 -1.92 -73.89
C VAL F 154 -28.63 -2.90 -72.74
N VAL F 155 -29.38 -4.00 -72.85
CA VAL F 155 -29.35 -5.04 -71.85
C VAL F 155 -29.06 -6.39 -72.51
N GLU F 156 -29.88 -6.77 -73.49
CA GLU F 156 -29.81 -8.07 -74.12
C GLU F 156 -29.27 -7.96 -75.54
N THR F 157 -28.29 -8.81 -75.85
CA THR F 157 -27.76 -8.97 -77.20
C THR F 157 -27.41 -10.44 -77.37
N ASP F 158 -27.99 -11.07 -78.39
CA ASP F 158 -27.84 -12.53 -78.53
C ASP F 158 -26.39 -12.96 -78.66
N PRO F 159 -25.55 -12.34 -79.49
CA PRO F 159 -24.11 -12.61 -79.40
C PRO F 159 -23.58 -12.10 -78.07
N SER F 160 -22.73 -12.90 -77.43
CA SER F 160 -22.29 -12.58 -76.07
C SER F 160 -21.50 -11.28 -75.99
N PRO F 161 -20.45 -11.04 -76.81
CA PRO F 161 -19.75 -9.75 -76.71
C PRO F 161 -20.61 -8.58 -77.16
N TYR F 162 -21.07 -8.63 -78.42
CA TYR F 162 -21.84 -7.55 -79.02
C TYR F 162 -22.26 -7.96 -80.43
N CYS F 163 -22.97 -7.08 -81.13
CA CYS F 163 -23.34 -7.36 -82.52
C CYS F 163 -23.60 -6.06 -83.25
N ILE F 164 -23.61 -6.16 -84.58
CA ILE F 164 -24.16 -5.12 -85.44
C ILE F 164 -25.64 -5.42 -85.59
N VAL F 165 -26.47 -4.70 -84.83
CA VAL F 165 -27.92 -4.97 -84.83
C VAL F 165 -28.46 -4.65 -86.21
N ALA F 166 -29.18 -5.59 -86.81
CA ALA F 166 -29.71 -5.39 -88.15
C ALA F 166 -31.22 -5.51 -88.17
N PRO F 167 -31.90 -4.66 -88.95
CA PRO F 167 -33.35 -4.86 -89.16
C PRO F 167 -33.68 -6.13 -89.90
N ASP F 168 -32.71 -6.73 -90.60
CA ASP F 168 -32.97 -7.97 -91.32
C ASP F 168 -33.42 -9.07 -90.38
N THR F 169 -32.77 -9.17 -89.22
CA THR F 169 -33.23 -10.07 -88.17
C THR F 169 -34.14 -9.30 -87.22
N VAL F 170 -35.23 -9.96 -86.80
CA VAL F 170 -36.30 -9.28 -86.08
C VAL F 170 -35.75 -8.59 -84.84
N ILE F 171 -36.28 -7.41 -84.54
CA ILE F 171 -35.90 -6.61 -83.39
C ILE F 171 -37.13 -6.40 -82.52
N HIS F 172 -37.07 -6.87 -81.28
CA HIS F 172 -38.20 -6.70 -80.36
C HIS F 172 -38.21 -5.30 -79.76
N CYS F 173 -39.41 -4.82 -79.44
CA CYS F 173 -39.61 -3.53 -78.81
C CYS F 173 -39.86 -3.67 -77.31
N GLU F 174 -39.21 -4.66 -76.67
CA GLU F 174 -39.40 -4.92 -75.25
C GLU F 174 -38.60 -3.97 -74.37
N GLY F 175 -38.12 -2.87 -74.93
CA GLY F 175 -37.55 -1.83 -74.11
C GLY F 175 -38.61 -1.13 -73.27
N GLU F 176 -38.18 -0.55 -72.17
CA GLU F 176 -39.08 0.10 -71.23
C GLU F 176 -38.49 1.42 -70.75
N PRO F 177 -39.34 2.39 -70.39
CA PRO F 177 -38.82 3.68 -69.92
C PRO F 177 -38.09 3.55 -68.60
N ILE F 178 -36.86 4.07 -68.57
CA ILE F 178 -36.00 4.01 -67.39
C ILE F 178 -35.80 5.44 -66.88
N LYS F 179 -35.08 5.56 -65.77
CA LYS F 179 -34.81 6.84 -65.13
C LYS F 179 -33.31 7.00 -64.91
N ARG F 180 -32.88 8.26 -64.83
CA ARG F 180 -31.46 8.54 -64.62
C ARG F 180 -30.99 8.03 -63.26
N GLU F 181 -31.91 7.87 -62.30
CA GLU F 181 -31.54 7.47 -60.95
C GLU F 181 -30.94 6.07 -60.89
N ASP F 182 -31.12 5.26 -61.93
CA ASP F 182 -30.70 3.87 -61.90
C ASP F 182 -29.23 3.66 -62.27
N GLU F 183 -28.50 4.73 -62.57
CA GLU F 183 -27.12 4.57 -63.02
C GLU F 183 -26.18 4.23 -61.86
N GLU F 184 -26.43 4.81 -60.67
CA GLU F 184 -25.55 4.58 -59.53
C GLU F 184 -25.52 3.12 -59.09
N GLU F 185 -26.62 2.38 -59.25
CA GLU F 185 -26.59 0.96 -58.94
C GLU F 185 -25.70 0.22 -59.92
N SER F 186 -25.69 0.66 -61.18
CA SER F 186 -24.68 0.19 -62.12
C SER F 186 -23.32 0.82 -61.85
N LEU F 187 -23.30 2.10 -61.48
CA LEU F 187 -22.07 2.76 -61.05
C LEU F 187 -21.67 2.38 -59.64
N ASN F 188 -22.40 1.47 -58.99
CA ASN F 188 -21.89 0.85 -57.78
C ASN F 188 -20.54 0.19 -58.04
N GLU F 189 -20.32 -0.28 -59.26
CA GLU F 189 -19.02 -0.76 -59.70
C GLU F 189 -18.05 0.42 -59.76
N VAL F 190 -17.15 0.49 -58.79
CA VAL F 190 -16.24 1.62 -58.62
C VAL F 190 -14.93 1.31 -59.33
N GLY F 191 -14.47 2.26 -60.14
CA GLY F 191 -13.19 2.12 -60.81
C GLY F 191 -12.02 2.05 -59.85
N TYR F 192 -10.82 1.86 -60.39
CA TYR F 192 -9.65 1.65 -59.53
C TYR F 192 -9.17 2.94 -58.90
N ASP F 193 -9.29 4.06 -59.61
CA ASP F 193 -8.66 5.32 -59.24
C ASP F 193 -9.49 6.14 -58.25
N ASP F 194 -10.61 5.61 -57.74
CA ASP F 194 -11.45 6.36 -56.81
C ASP F 194 -11.10 6.10 -55.37
N ILE F 195 -9.84 5.82 -55.06
CA ILE F 195 -9.36 5.63 -53.70
C ILE F 195 -8.16 6.52 -53.50
N GLY F 196 -8.14 7.25 -52.39
CA GLY F 196 -7.09 8.21 -52.11
C GLY F 196 -6.39 7.89 -50.81
N GLY F 197 -5.11 8.27 -50.72
CA GLY F 197 -4.34 8.10 -49.51
C GLY F 197 -3.93 6.68 -49.22
N CYS F 198 -4.10 5.77 -50.17
CA CYS F 198 -3.77 4.36 -49.96
C CYS F 198 -2.74 3.85 -50.96
N ARG F 199 -2.07 4.75 -51.68
CA ARG F 199 -1.11 4.32 -52.68
C ARG F 199 0.01 3.50 -52.08
N LYS F 200 0.30 3.68 -50.80
CA LYS F 200 1.32 2.86 -50.14
C LYS F 200 0.81 1.45 -49.88
N GLN F 201 -0.41 1.32 -49.37
CA GLN F 201 -0.98 0.01 -49.07
C GLN F 201 -1.67 -0.63 -50.26
N LEU F 202 -2.38 0.16 -51.07
CA LEU F 202 -3.06 -0.43 -52.22
C LEU F 202 -2.08 -1.05 -53.19
N ALA F 203 -0.78 -0.75 -53.05
CA ALA F 203 0.22 -1.51 -53.78
C ALA F 203 0.28 -2.95 -53.29
N GLN F 204 0.23 -3.16 -51.97
CA GLN F 204 0.35 -4.51 -51.42
C GLN F 204 -0.83 -5.38 -51.82
N ILE F 205 -2.04 -4.82 -51.82
CA ILE F 205 -3.19 -5.60 -52.25
C ILE F 205 -3.06 -5.98 -53.72
N LYS F 206 -2.34 -5.16 -54.50
CA LYS F 206 -2.14 -5.50 -55.90
C LYS F 206 -1.23 -6.71 -56.07
N GLU F 207 -0.18 -6.81 -55.27
CA GLU F 207 0.72 -7.95 -55.40
C GLU F 207 0.11 -9.23 -54.86
N MET F 208 -0.88 -9.11 -53.97
CA MET F 208 -1.37 -10.26 -53.24
C MET F 208 -2.54 -10.93 -53.95
N VAL F 209 -3.25 -10.21 -54.82
CA VAL F 209 -4.58 -10.61 -55.24
C VAL F 209 -4.70 -10.75 -56.75
N GLU F 210 -4.34 -9.73 -57.52
CA GLU F 210 -4.54 -9.82 -58.98
C GLU F 210 -3.65 -10.88 -59.61
N LEU F 211 -2.42 -11.02 -59.14
CA LEU F 211 -1.59 -12.10 -59.66
C LEU F 211 -2.21 -13.47 -59.41
N PRO F 212 -2.72 -13.80 -58.21
CA PRO F 212 -3.49 -15.05 -58.08
C PRO F 212 -4.78 -15.09 -58.89
N LEU F 213 -5.32 -13.95 -59.29
CA LEU F 213 -6.65 -13.94 -59.89
C LEU F 213 -6.63 -13.86 -61.41
N ARG F 214 -5.78 -13.03 -61.99
CA ARG F 214 -5.73 -12.89 -63.45
C ARG F 214 -4.72 -13.83 -64.09
N HIS F 215 -4.06 -14.69 -63.32
CA HIS F 215 -3.13 -15.68 -63.87
C HIS F 215 -3.23 -16.94 -63.04
N PRO F 216 -4.35 -17.65 -63.12
CA PRO F 216 -4.52 -18.87 -62.32
C PRO F 216 -3.48 -19.94 -62.59
N ALA F 217 -3.08 -20.10 -63.85
CA ALA F 217 -2.21 -21.21 -64.21
C ALA F 217 -0.85 -21.11 -63.51
N LEU F 218 -0.29 -19.91 -63.45
CA LEU F 218 1.06 -19.74 -62.93
C LEU F 218 1.17 -20.21 -61.48
N PHE F 219 0.15 -19.92 -60.68
CA PHE F 219 0.16 -20.41 -59.30
C PHE F 219 0.04 -21.93 -59.25
N LYS F 220 -0.90 -22.49 -60.01
CA LYS F 220 -1.03 -23.94 -60.04
C LYS F 220 0.18 -24.60 -60.70
N ALA F 221 0.76 -23.95 -61.71
CA ALA F 221 1.90 -24.54 -62.41
C ALA F 221 3.13 -24.61 -61.51
N ILE F 222 3.62 -23.46 -61.04
CA ILE F 222 4.79 -23.46 -60.16
C ILE F 222 4.46 -24.09 -58.81
N GLY F 223 3.19 -24.09 -58.41
CA GLY F 223 2.80 -24.70 -57.15
C GLY F 223 2.76 -23.78 -55.96
N VAL F 224 3.22 -22.53 -56.09
CA VAL F 224 3.16 -21.61 -54.96
C VAL F 224 1.70 -21.38 -54.60
N LYS F 225 1.44 -21.14 -53.31
CA LYS F 225 0.08 -21.08 -52.84
C LYS F 225 -0.34 -19.65 -52.61
N PRO F 226 -1.45 -19.22 -53.21
CA PRO F 226 -1.96 -17.87 -52.96
C PRO F 226 -2.52 -17.78 -51.55
N PRO F 227 -2.75 -16.57 -51.05
CA PRO F 227 -3.31 -16.44 -49.70
C PRO F 227 -4.74 -16.93 -49.64
N ARG F 228 -5.08 -17.51 -48.50
CA ARG F 228 -6.44 -17.97 -48.25
C ARG F 228 -7.31 -16.90 -47.62
N GLY F 229 -6.73 -15.77 -47.21
CA GLY F 229 -7.52 -14.67 -46.72
C GLY F 229 -6.70 -13.49 -46.24
N ILE F 230 -7.08 -12.30 -46.69
CA ILE F 230 -6.48 -11.07 -46.22
C ILE F 230 -7.32 -10.54 -45.08
N LEU F 231 -6.71 -9.77 -44.19
CA LEU F 231 -7.44 -9.15 -43.09
C LEU F 231 -7.03 -7.67 -43.05
N LEU F 232 -7.73 -6.85 -43.83
CA LEU F 232 -7.55 -5.41 -43.72
C LEU F 232 -7.99 -4.96 -42.34
N TYR F 233 -7.30 -3.96 -41.79
CA TYR F 233 -7.82 -3.36 -40.57
C TYR F 233 -7.34 -1.91 -40.49
N GLY F 234 -8.16 -1.08 -39.87
CA GLY F 234 -7.84 0.32 -39.70
C GLY F 234 -8.95 1.03 -38.95
N PRO F 235 -8.82 2.33 -38.76
CA PRO F 235 -9.86 3.06 -38.04
C PRO F 235 -11.16 2.99 -38.80
N PRO F 236 -12.29 3.09 -38.09
CA PRO F 236 -13.59 2.95 -38.77
C PRO F 236 -13.79 4.04 -39.80
N GLY F 237 -14.41 3.66 -40.91
CA GLY F 237 -14.78 4.63 -41.93
C GLY F 237 -13.65 5.14 -42.79
N THR F 238 -12.53 4.45 -42.87
CA THR F 238 -11.45 4.86 -43.77
C THR F 238 -11.65 4.38 -45.18
N GLY F 239 -12.87 4.00 -45.55
CA GLY F 239 -13.14 3.54 -46.89
C GLY F 239 -12.48 2.21 -47.20
N LYS F 240 -12.90 1.16 -46.50
CA LYS F 240 -12.37 -0.18 -46.72
C LYS F 240 -13.29 -1.03 -47.60
N THR F 241 -14.60 -0.98 -47.39
CA THR F 241 -15.50 -1.74 -48.24
C THR F 241 -15.46 -1.23 -49.67
N LEU F 242 -14.90 -0.04 -49.88
CA LEU F 242 -14.65 0.41 -51.24
C LEU F 242 -13.42 -0.27 -51.84
N ILE F 243 -12.40 -0.49 -51.02
CA ILE F 243 -11.16 -1.07 -51.53
C ILE F 243 -11.42 -2.46 -52.09
N ALA F 244 -12.23 -3.27 -51.39
CA ALA F 244 -12.55 -4.60 -51.90
C ALA F 244 -13.25 -4.51 -53.23
N ARG F 245 -14.21 -3.59 -53.38
CA ARG F 245 -14.84 -3.41 -54.68
C ARG F 245 -13.84 -2.96 -55.73
N ALA F 246 -12.94 -2.06 -55.36
CA ALA F 246 -11.91 -1.63 -56.30
C ALA F 246 -11.10 -2.82 -56.80
N VAL F 247 -10.51 -3.57 -55.88
CA VAL F 247 -9.63 -4.67 -56.23
C VAL F 247 -10.39 -5.74 -57.00
N ALA F 248 -11.70 -5.85 -56.80
CA ALA F 248 -12.45 -6.92 -57.43
C ALA F 248 -13.29 -6.47 -58.61
N ASN F 249 -13.60 -5.18 -58.73
CA ASN F 249 -14.39 -4.72 -59.87
C ASN F 249 -13.53 -4.35 -61.07
N GLU F 250 -12.21 -4.31 -60.93
CA GLU F 250 -11.34 -4.03 -62.05
C GLU F 250 -10.39 -5.18 -62.37
N THR F 251 -10.48 -6.29 -61.66
CA THR F 251 -9.71 -7.49 -61.99
C THR F 251 -10.56 -8.54 -62.67
N GLY F 252 -11.84 -8.26 -62.91
CA GLY F 252 -12.73 -9.25 -63.49
C GLY F 252 -12.95 -10.43 -62.57
N ALA F 253 -13.64 -10.19 -61.46
CA ALA F 253 -13.86 -11.21 -60.44
C ALA F 253 -15.16 -10.93 -59.71
N PHE F 254 -16.04 -11.93 -59.69
CA PHE F 254 -17.32 -11.80 -58.99
C PHE F 254 -17.08 -11.41 -57.53
N PHE F 255 -17.96 -10.58 -57.01
CA PHE F 255 -17.81 -10.00 -55.68
C PHE F 255 -19.06 -10.26 -54.87
N PHE F 256 -18.89 -10.81 -53.68
CA PHE F 256 -20.00 -11.11 -52.78
C PHE F 256 -19.72 -10.46 -51.44
N LEU F 257 -20.65 -9.67 -50.96
CA LEU F 257 -20.50 -8.92 -49.71
C LEU F 257 -21.35 -9.55 -48.63
N ILE F 258 -20.72 -10.01 -47.55
CA ILE F 258 -21.43 -10.50 -46.38
C ILE F 258 -21.35 -9.42 -45.31
N ASN F 259 -22.49 -8.83 -44.98
CA ASN F 259 -22.52 -7.83 -43.94
C ASN F 259 -22.41 -8.48 -42.57
N GLY F 260 -21.97 -7.70 -41.60
CA GLY F 260 -21.79 -8.22 -40.27
C GLY F 260 -23.08 -8.36 -39.49
N PRO F 261 -23.73 -7.24 -39.19
CA PRO F 261 -25.01 -7.31 -38.47
C PRO F 261 -26.08 -8.10 -39.19
N GLU F 262 -26.12 -8.02 -40.53
CA GLU F 262 -27.18 -8.72 -41.25
C GLU F 262 -27.13 -10.22 -41.03
N ILE F 263 -25.98 -10.75 -40.62
CA ILE F 263 -25.91 -12.15 -40.20
C ILE F 263 -26.42 -12.30 -38.78
N MET F 264 -25.91 -11.49 -37.86
CA MET F 264 -26.19 -11.63 -36.44
C MET F 264 -27.55 -11.04 -36.04
N SER F 265 -28.42 -10.75 -37.00
CA SER F 265 -29.73 -10.23 -36.67
C SER F 265 -30.87 -11.14 -37.11
N LYS F 266 -30.58 -12.37 -37.50
CA LYS F 266 -31.61 -13.30 -37.92
C LYS F 266 -31.83 -14.36 -36.84
N LEU F 267 -32.80 -15.24 -37.10
CA LEU F 267 -33.20 -16.23 -36.11
C LEU F 267 -32.03 -17.14 -35.74
N ALA F 268 -31.94 -17.45 -34.45
CA ALA F 268 -30.89 -18.35 -33.95
C ALA F 268 -30.95 -19.69 -34.68
N GLY F 269 -29.90 -19.99 -35.44
CA GLY F 269 -29.88 -21.17 -36.28
C GLY F 269 -30.15 -20.89 -37.74
N GLU F 270 -30.65 -19.69 -38.07
CA GLU F 270 -30.83 -19.30 -39.46
C GLU F 270 -29.67 -18.50 -40.00
N SER F 271 -28.96 -17.76 -39.14
CA SER F 271 -27.79 -17.01 -39.58
C SER F 271 -26.74 -17.93 -40.16
N GLU F 272 -26.48 -19.05 -39.49
CA GLU F 272 -25.47 -20.00 -39.95
C GLU F 272 -25.78 -20.47 -41.37
N SER F 273 -27.06 -20.62 -41.70
CA SER F 273 -27.41 -21.02 -43.06
C SER F 273 -26.95 -19.98 -44.08
N ASN F 274 -27.12 -18.69 -43.74
CA ASN F 274 -26.73 -17.64 -44.68
C ASN F 274 -25.24 -17.66 -44.97
N LEU F 275 -24.42 -17.96 -43.96
CA LEU F 275 -23.00 -18.13 -44.21
C LEU F 275 -22.75 -19.29 -45.17
N ARG F 276 -23.42 -20.43 -44.94
CA ARG F 276 -23.22 -21.57 -45.81
C ARG F 276 -23.62 -21.26 -47.24
N LYS F 277 -24.72 -20.54 -47.43
CA LYS F 277 -25.17 -20.23 -48.78
C LYS F 277 -24.43 -19.08 -49.42
N ALA F 278 -23.42 -18.53 -48.74
CA ALA F 278 -22.52 -17.56 -49.35
C ALA F 278 -21.27 -18.24 -49.88
N PHE F 279 -20.53 -18.93 -49.02
CA PHE F 279 -19.39 -19.71 -49.45
C PHE F 279 -19.76 -20.82 -50.42
N GLU F 280 -20.96 -21.37 -50.33
CA GLU F 280 -21.41 -22.32 -51.35
C GLU F 280 -21.61 -21.64 -52.69
N GLU F 281 -22.28 -20.49 -52.69
CA GLU F 281 -22.61 -19.83 -53.95
C GLU F 281 -21.39 -19.21 -54.60
N ALA F 282 -20.49 -18.63 -53.79
CA ALA F 282 -19.31 -17.98 -54.35
C ALA F 282 -18.39 -18.99 -55.03
N GLU F 283 -18.14 -20.12 -54.37
CA GLU F 283 -17.25 -21.13 -54.95
C GLU F 283 -17.77 -21.62 -56.31
N LYS F 284 -19.08 -21.62 -56.51
CA LYS F 284 -19.63 -22.00 -57.79
C LYS F 284 -19.19 -21.04 -58.88
N ASN F 285 -19.16 -19.75 -58.59
CA ASN F 285 -18.91 -18.73 -59.59
C ASN F 285 -17.43 -18.65 -59.91
N ALA F 286 -17.04 -17.60 -60.63
CA ALA F 286 -15.68 -17.32 -61.05
C ALA F 286 -14.79 -17.11 -59.83
N PRO F 287 -13.47 -16.92 -59.98
CA PRO F 287 -12.68 -16.54 -58.81
C PRO F 287 -13.29 -15.36 -58.11
N ALA F 288 -13.81 -15.59 -56.91
CA ALA F 288 -14.64 -14.62 -56.23
C ALA F 288 -13.86 -13.92 -55.13
N ILE F 289 -14.50 -12.95 -54.49
CA ILE F 289 -13.95 -12.26 -53.34
C ILE F 289 -15.09 -12.05 -52.37
N ILE F 290 -15.09 -12.80 -51.28
CA ILE F 290 -16.02 -12.59 -50.19
C ILE F 290 -15.41 -11.58 -49.24
N PHE F 291 -16.14 -10.51 -48.96
CA PHE F 291 -15.69 -9.46 -48.06
C PHE F 291 -16.59 -9.48 -46.84
N ILE F 292 -16.09 -10.04 -45.75
CA ILE F 292 -16.86 -10.17 -44.52
C ILE F 292 -16.70 -8.89 -43.71
N ASP F 293 -17.49 -7.88 -44.02
CA ASP F 293 -17.34 -6.59 -43.37
C ASP F 293 -17.77 -6.69 -41.91
N GLU F 294 -17.15 -5.85 -41.08
CA GLU F 294 -17.46 -5.77 -39.65
C GLU F 294 -17.30 -7.13 -38.98
N LEU F 295 -16.16 -7.76 -39.24
CA LEU F 295 -15.91 -9.09 -38.72
C LEU F 295 -15.89 -9.12 -37.19
N ASP F 296 -15.49 -8.03 -36.56
CA ASP F 296 -15.47 -8.05 -35.10
C ASP F 296 -16.85 -7.98 -34.49
N ALA F 297 -17.90 -8.13 -35.31
CA ALA F 297 -19.26 -8.26 -34.83
C ALA F 297 -19.76 -9.69 -34.82
N ILE F 298 -19.34 -10.51 -35.78
CA ILE F 298 -19.76 -11.91 -35.84
C ILE F 298 -18.69 -12.84 -35.30
N ALA F 299 -17.57 -12.30 -34.82
CA ALA F 299 -16.52 -13.10 -34.24
C ALA F 299 -15.72 -12.26 -33.26
N PRO F 300 -16.32 -11.85 -32.14
CA PRO F 300 -15.60 -10.98 -31.20
C PRO F 300 -14.56 -11.76 -30.43
N LYS F 301 -13.92 -11.12 -29.45
CA LYS F 301 -13.12 -11.89 -28.51
C LYS F 301 -14.04 -12.83 -27.74
N ARG F 302 -13.46 -13.96 -27.31
CA ARG F 302 -14.23 -14.91 -26.51
C ARG F 302 -14.84 -14.21 -25.29
N GLU F 303 -14.10 -13.31 -24.67
CA GLU F 303 -14.53 -12.58 -23.49
C GLU F 303 -15.79 -11.76 -23.73
N LYS F 304 -16.21 -11.59 -24.97
CA LYS F 304 -17.53 -11.06 -25.28
C LYS F 304 -18.54 -12.14 -25.62
N THR F 305 -18.10 -13.24 -26.22
CA THR F 305 -19.01 -14.33 -26.53
C THR F 305 -19.50 -14.98 -25.23
N HIS F 306 -20.81 -15.00 -25.06
CA HIS F 306 -21.36 -15.62 -23.85
C HIS F 306 -22.40 -16.68 -24.14
N GLY F 307 -23.27 -16.46 -25.12
CA GLY F 307 -24.22 -17.47 -25.50
C GLY F 307 -23.57 -18.60 -26.27
N GLU F 308 -24.35 -19.67 -26.46
CA GLU F 308 -23.86 -20.78 -27.28
C GLU F 308 -24.11 -20.51 -28.76
N VAL F 309 -25.29 -19.98 -29.10
CA VAL F 309 -25.56 -19.60 -30.48
C VAL F 309 -24.62 -18.50 -30.93
N GLU F 310 -24.12 -17.69 -29.99
CA GLU F 310 -23.12 -16.69 -30.35
C GLU F 310 -21.79 -17.33 -30.70
N ARG F 311 -21.45 -18.47 -30.07
CA ARG F 311 -20.23 -19.19 -30.39
C ARG F 311 -20.44 -20.31 -31.39
N ARG F 312 -21.62 -20.39 -32.01
CA ARG F 312 -21.83 -21.38 -33.05
C ARG F 312 -21.67 -20.80 -34.44
N ILE F 313 -21.86 -19.50 -34.60
CA ILE F 313 -21.58 -18.85 -35.87
C ILE F 313 -20.08 -18.81 -36.12
N VAL F 314 -19.30 -18.56 -35.07
CA VAL F 314 -17.84 -18.51 -35.22
C VAL F 314 -17.31 -19.85 -35.72
N SER F 315 -17.78 -20.95 -35.13
CA SER F 315 -17.34 -22.26 -35.59
C SER F 315 -17.79 -22.53 -37.01
N GLN F 316 -19.02 -22.14 -37.35
CA GLN F 316 -19.49 -22.33 -38.71
C GLN F 316 -18.67 -21.49 -39.69
N LEU F 317 -18.08 -20.39 -39.21
CA LEU F 317 -17.16 -19.63 -40.04
C LEU F 317 -15.86 -20.40 -40.25
N LEU F 318 -15.31 -20.97 -39.18
CA LEU F 318 -14.01 -21.63 -39.27
C LEU F 318 -14.06 -22.88 -40.13
N THR F 319 -15.13 -23.67 -40.02
CA THR F 319 -15.24 -24.87 -40.84
C THR F 319 -15.31 -24.53 -42.31
N LEU F 320 -16.00 -23.46 -42.66
CA LEU F 320 -16.06 -23.04 -44.06
C LEU F 320 -14.70 -22.55 -44.52
N MET F 321 -13.97 -21.91 -43.61
CA MET F 321 -12.72 -21.26 -43.96
C MET F 321 -11.68 -22.31 -44.33
N ASP F 322 -11.42 -23.26 -43.43
CA ASP F 322 -10.50 -24.37 -43.71
C ASP F 322 -11.08 -25.35 -44.70
N GLY F 323 -12.37 -25.24 -45.02
CA GLY F 323 -12.93 -26.00 -46.13
C GLY F 323 -12.44 -25.50 -47.47
N LEU F 324 -11.92 -24.28 -47.51
CA LEU F 324 -11.29 -23.78 -48.72
C LEU F 324 -9.99 -24.52 -49.00
N LYS F 325 -9.76 -24.84 -50.27
CA LYS F 325 -8.48 -25.34 -50.73
C LYS F 325 -8.31 -24.90 -52.18
N GLN F 326 -7.16 -25.25 -52.76
CA GLN F 326 -6.71 -24.63 -54.00
C GLN F 326 -7.68 -24.87 -55.15
N ARG F 327 -8.53 -25.89 -55.05
CA ARG F 327 -9.50 -26.15 -56.11
C ARG F 327 -10.45 -24.98 -56.32
N ALA F 328 -10.96 -24.41 -55.23
CA ALA F 328 -12.09 -23.49 -55.34
C ALA F 328 -11.70 -22.17 -55.98
N HIS F 329 -10.47 -21.72 -55.74
CA HIS F 329 -9.97 -20.45 -56.28
C HIS F 329 -10.72 -19.26 -55.72
N VAL F 330 -11.08 -19.35 -54.44
CA VAL F 330 -11.81 -18.30 -53.73
C VAL F 330 -10.87 -17.64 -52.75
N ILE F 331 -11.00 -16.34 -52.57
CA ILE F 331 -10.16 -15.56 -51.69
C ILE F 331 -11.03 -14.68 -50.80
N VAL F 332 -10.92 -14.86 -49.49
CA VAL F 332 -11.73 -14.17 -48.51
C VAL F 332 -10.94 -12.99 -47.97
N MET F 333 -11.65 -11.94 -47.53
CA MET F 333 -10.97 -10.82 -46.90
C MET F 333 -11.95 -10.08 -46.00
N ALA F 334 -11.45 -9.62 -44.86
CA ALA F 334 -12.28 -9.12 -43.76
C ALA F 334 -11.94 -7.67 -43.46
N ALA F 335 -12.51 -7.16 -42.37
CA ALA F 335 -12.26 -5.78 -41.96
C ALA F 335 -12.58 -5.62 -40.49
N THR F 336 -11.61 -5.19 -39.70
CA THR F 336 -11.81 -4.92 -38.28
C THR F 336 -11.13 -3.60 -37.95
N ASN F 337 -11.54 -3.00 -36.83
CA ASN F 337 -10.96 -1.70 -36.50
C ASN F 337 -9.55 -1.82 -35.91
N ARG F 338 -9.28 -2.87 -35.15
CA ARG F 338 -8.02 -3.04 -34.46
C ARG F 338 -7.78 -4.53 -34.35
N PRO F 339 -6.57 -5.00 -34.65
CA PRO F 339 -6.38 -6.46 -34.83
C PRO F 339 -6.69 -7.28 -33.59
N ASN F 340 -6.41 -6.80 -32.39
CA ASN F 340 -6.59 -7.64 -31.22
C ASN F 340 -8.04 -7.84 -30.84
N SER F 341 -8.96 -7.12 -31.47
CA SER F 341 -10.39 -7.25 -31.19
C SER F 341 -11.05 -8.36 -32.00
N ILE F 342 -10.28 -9.33 -32.48
CA ILE F 342 -10.82 -10.45 -33.23
C ILE F 342 -10.51 -11.72 -32.44
N ASP F 343 -11.32 -12.74 -32.65
CA ASP F 343 -11.14 -14.00 -31.94
C ASP F 343 -9.80 -14.61 -32.37
N PRO F 344 -8.87 -14.86 -31.44
CA PRO F 344 -7.53 -15.32 -31.82
C PRO F 344 -7.52 -16.65 -32.56
N ALA F 345 -8.59 -17.43 -32.48
CA ALA F 345 -8.63 -18.68 -33.23
C ALA F 345 -8.70 -18.46 -34.74
N LEU F 346 -8.94 -17.23 -35.17
CA LEU F 346 -9.01 -16.95 -36.60
C LEU F 346 -7.64 -16.73 -37.21
N ARG F 347 -6.69 -16.17 -36.46
CA ARG F 347 -5.40 -15.85 -37.03
C ARG F 347 -4.50 -17.06 -37.23
N ARG F 348 -4.91 -18.24 -36.77
CA ARG F 348 -4.10 -19.43 -36.99
C ARG F 348 -3.85 -19.62 -38.48
N PHE F 349 -2.76 -20.31 -38.80
CA PHE F 349 -2.35 -20.42 -40.19
C PHE F 349 -3.39 -21.17 -41.01
N GLY F 350 -3.63 -20.66 -42.22
CA GLY F 350 -4.61 -21.24 -43.12
C GLY F 350 -5.94 -20.51 -43.18
N ARG F 351 -6.17 -19.55 -42.31
CA ARG F 351 -7.45 -18.86 -42.25
C ARG F 351 -7.33 -17.38 -42.61
N PHE F 352 -6.61 -16.61 -41.80
CA PHE F 352 -6.29 -15.19 -41.97
C PHE F 352 -4.81 -14.96 -41.71
N ASP F 353 -3.98 -15.70 -42.43
CA ASP F 353 -2.54 -15.66 -42.22
C ASP F 353 -1.98 -14.24 -42.36
N ARG F 354 -2.28 -13.57 -43.47
CA ARG F 354 -1.64 -12.30 -43.77
C ARG F 354 -2.63 -11.15 -43.57
N GLU F 355 -2.09 -9.98 -43.27
CA GLU F 355 -2.89 -8.94 -42.64
C GLU F 355 -2.35 -7.57 -43.01
N VAL F 356 -2.99 -6.93 -44.00
CA VAL F 356 -2.66 -5.59 -44.43
C VAL F 356 -3.13 -4.61 -43.36
N ASP F 357 -2.70 -3.35 -43.44
CA ASP F 357 -3.08 -2.34 -42.45
C ASP F 357 -3.32 -1.03 -43.18
N ILE F 358 -4.58 -0.74 -43.49
CA ILE F 358 -4.96 0.61 -43.89
C ILE F 358 -4.86 1.53 -42.69
N GLY F 359 -4.19 2.67 -42.86
CA GLY F 359 -3.99 3.61 -41.79
C GLY F 359 -4.65 4.94 -42.08
N ILE F 360 -4.56 5.83 -41.10
CA ILE F 360 -5.06 7.20 -41.28
C ILE F 360 -4.33 7.84 -42.45
N PRO F 361 -5.02 8.49 -43.38
CA PRO F 361 -4.32 9.13 -44.50
C PRO F 361 -3.38 10.21 -44.00
N ASP F 362 -2.28 10.39 -44.73
CA ASP F 362 -1.22 11.28 -44.30
C ASP F 362 -1.41 12.67 -44.91
N ALA F 363 -0.41 13.53 -44.77
CA ALA F 363 -0.56 14.92 -45.16
C ALA F 363 -0.84 15.08 -46.65
N THR F 364 -0.21 14.26 -47.49
CA THR F 364 -0.44 14.33 -48.92
C THR F 364 -1.55 13.40 -49.37
N GLY F 365 -1.93 12.43 -48.55
CA GLY F 365 -3.09 11.61 -48.88
C GLY F 365 -4.38 12.40 -48.86
N ARG F 366 -4.54 13.28 -47.86
CA ARG F 366 -5.76 14.07 -47.76
C ARG F 366 -5.99 14.89 -49.02
N LEU F 367 -4.92 15.43 -49.60
CA LEU F 367 -5.05 16.22 -50.81
C LEU F 367 -5.70 15.42 -51.93
N GLU F 368 -5.36 14.14 -52.04
CA GLU F 368 -5.93 13.32 -53.11
C GLU F 368 -7.40 13.05 -52.84
N ILE F 369 -7.76 12.76 -51.59
CA ILE F 369 -9.16 12.55 -51.25
C ILE F 369 -9.97 13.80 -51.55
N LEU F 370 -9.45 14.96 -51.15
CA LEU F 370 -10.18 16.20 -51.35
C LEU F 370 -10.40 16.49 -52.83
N GLN F 371 -9.48 16.04 -53.68
CA GLN F 371 -9.63 16.21 -55.12
C GLN F 371 -10.62 15.22 -55.72
N ILE F 372 -11.10 14.25 -54.93
CA ILE F 372 -12.09 13.31 -55.42
C ILE F 372 -13.49 13.75 -55.02
N HIS F 373 -13.66 14.13 -53.76
CA HIS F 373 -14.98 14.55 -53.28
C HIS F 373 -15.39 15.92 -53.78
N THR F 374 -14.49 16.65 -54.43
CA THR F 374 -14.81 17.95 -55.00
C THR F 374 -14.55 17.98 -56.50
N LYS F 375 -14.75 16.87 -57.18
CA LYS F 375 -14.71 16.85 -58.63
C LYS F 375 -16.08 17.11 -59.24
N ASN F 376 -17.09 17.35 -58.42
CA ASN F 376 -18.42 17.72 -58.90
C ASN F 376 -18.82 19.14 -58.55
N MET F 377 -18.36 19.65 -57.41
CA MET F 377 -18.71 21.01 -57.01
C MET F 377 -18.06 22.03 -57.95
N LYS F 378 -18.61 23.24 -57.94
CA LYS F 378 -18.06 24.35 -58.71
C LYS F 378 -17.23 25.20 -57.75
N LEU F 379 -15.98 24.79 -57.56
CA LEU F 379 -15.06 25.52 -56.71
C LEU F 379 -14.74 26.88 -57.33
N ALA F 380 -14.66 27.90 -56.49
CA ALA F 380 -14.21 29.20 -56.97
C ALA F 380 -12.72 29.16 -57.26
N ASP F 381 -12.26 30.17 -58.02
CA ASP F 381 -10.87 30.17 -58.45
C ASP F 381 -9.90 30.38 -57.28
N ASP F 382 -10.37 31.00 -56.20
CA ASP F 382 -9.49 31.30 -55.07
C ASP F 382 -9.34 30.13 -54.11
N VAL F 383 -9.97 28.99 -54.38
CA VAL F 383 -9.85 27.85 -53.49
C VAL F 383 -8.39 27.37 -53.50
N ASP F 384 -7.97 26.74 -52.39
CA ASP F 384 -6.61 26.24 -52.25
C ASP F 384 -6.69 24.95 -51.46
N LEU F 385 -6.78 23.83 -52.17
CA LEU F 385 -6.97 22.54 -51.51
C LEU F 385 -5.69 22.06 -50.82
N GLU F 386 -4.53 22.37 -51.40
CA GLU F 386 -3.28 22.04 -50.74
C GLU F 386 -3.13 22.76 -49.41
N GLN F 387 -3.85 23.87 -49.22
CA GLN F 387 -3.86 24.53 -47.93
C GLN F 387 -4.64 23.73 -46.90
N VAL F 388 -5.93 23.51 -47.16
CA VAL F 388 -6.81 22.88 -46.18
C VAL F 388 -6.34 21.48 -45.82
N ALA F 389 -5.68 20.79 -46.76
CA ALA F 389 -5.18 19.46 -46.46
C ALA F 389 -4.09 19.49 -45.40
N ASN F 390 -3.46 20.64 -45.19
CA ASN F 390 -2.31 20.71 -44.29
C ASN F 390 -2.75 20.67 -42.83
N GLU F 391 -3.83 21.36 -42.49
CA GLU F 391 -4.15 21.52 -41.07
C GLU F 391 -5.18 20.51 -40.57
N THR F 392 -5.91 19.85 -41.48
CA THR F 392 -6.83 18.81 -41.05
C THR F 392 -6.04 17.61 -40.56
N HIS F 393 -5.81 17.52 -39.26
CA HIS F 393 -4.82 16.58 -38.73
C HIS F 393 -5.41 15.47 -37.88
N GLY F 394 -6.69 15.16 -38.02
CA GLY F 394 -7.24 13.98 -37.39
C GLY F 394 -8.28 13.32 -38.28
N HIS F 395 -8.47 13.88 -39.46
CA HIS F 395 -9.57 13.47 -40.31
C HIS F 395 -9.23 12.19 -41.07
N VAL F 396 -10.28 11.42 -41.38
CA VAL F 396 -10.13 10.18 -42.13
C VAL F 396 -10.97 10.29 -43.40
N GLY F 397 -11.05 9.20 -44.17
CA GLY F 397 -11.68 9.25 -45.47
C GLY F 397 -13.14 9.64 -45.46
N ALA F 398 -13.79 9.61 -44.31
CA ALA F 398 -15.19 10.00 -44.21
C ALA F 398 -15.39 11.46 -43.81
N ASP F 399 -14.54 11.99 -42.94
CA ASP F 399 -14.67 13.39 -42.54
C ASP F 399 -14.45 14.32 -43.72
N LEU F 400 -13.41 14.08 -44.51
CA LEU F 400 -13.15 14.94 -45.66
C LEU F 400 -14.28 14.85 -46.67
N ALA F 401 -15.06 13.78 -46.63
CA ALA F 401 -16.29 13.74 -47.40
C ALA F 401 -17.37 14.58 -46.75
N ALA F 402 -17.43 14.57 -45.42
CA ALA F 402 -18.40 15.38 -44.71
C ALA F 402 -17.99 16.84 -44.67
N LEU F 403 -16.70 17.11 -44.51
CA LEU F 403 -16.22 18.49 -44.45
C LEU F 403 -16.58 19.25 -45.72
N CYS F 404 -16.27 18.68 -46.88
CA CYS F 404 -16.63 19.34 -48.13
C CYS F 404 -18.14 19.44 -48.30
N SER F 405 -18.89 18.56 -47.63
CA SER F 405 -20.34 18.66 -47.68
C SER F 405 -20.84 19.89 -46.95
N GLU F 406 -20.23 20.20 -45.79
CA GLU F 406 -20.64 21.37 -45.04
C GLU F 406 -20.30 22.66 -45.79
N ALA F 407 -19.06 22.77 -46.28
CA ALA F 407 -18.68 23.96 -47.03
C ALA F 407 -19.54 24.13 -48.28
N ALA F 408 -19.92 23.02 -48.90
CA ALA F 408 -20.86 23.09 -50.01
C ALA F 408 -22.22 23.61 -49.54
N LEU F 409 -22.67 23.15 -48.38
CA LEU F 409 -23.93 23.65 -47.83
C LEU F 409 -23.85 25.12 -47.49
N GLN F 410 -22.70 25.58 -46.98
CA GLN F 410 -22.60 26.95 -46.51
C GLN F 410 -22.81 27.94 -47.65
N ALA F 411 -22.40 27.58 -48.86
CA ALA F 411 -22.66 28.46 -50.01
C ALA F 411 -24.16 28.60 -50.25
N ILE F 412 -24.92 27.52 -50.08
CA ILE F 412 -26.36 27.58 -50.24
C ILE F 412 -26.98 28.52 -49.23
N ARG F 413 -26.48 28.50 -47.99
CA ARG F 413 -27.05 29.32 -46.93
C ARG F 413 -26.90 30.80 -47.24
N LYS F 414 -25.74 31.21 -47.73
CA LYS F 414 -25.56 32.60 -48.11
C LYS F 414 -26.35 32.95 -49.37
N LYS F 415 -26.80 31.96 -50.12
CA LYS F 415 -27.69 32.19 -51.24
C LYS F 415 -29.15 32.34 -50.79
N MET F 416 -29.46 31.92 -49.56
CA MET F 416 -30.84 31.96 -49.05
C MET F 416 -31.35 33.38 -48.88
N ASP F 417 -30.47 34.38 -48.88
CA ASP F 417 -30.93 35.76 -48.78
C ASP F 417 -31.76 36.14 -50.00
N LEU F 418 -31.32 35.71 -51.18
CA LEU F 418 -31.99 36.05 -52.43
C LEU F 418 -32.91 34.95 -52.95
N ILE F 419 -32.79 33.74 -52.44
CA ILE F 419 -33.69 32.65 -52.83
C ILE F 419 -35.02 32.82 -52.11
N ASP F 420 -36.11 32.79 -52.86
CA ASP F 420 -37.43 32.94 -52.27
C ASP F 420 -37.74 31.77 -51.34
N LEU F 421 -38.48 32.06 -50.26
CA LEU F 421 -38.78 31.03 -49.27
C LEU F 421 -39.62 29.90 -49.87
N GLU F 422 -40.29 30.16 -50.98
CA GLU F 422 -41.05 29.15 -51.70
C GLU F 422 -40.55 29.01 -53.13
N ASP F 423 -39.25 29.25 -53.34
CA ASP F 423 -38.65 29.23 -54.67
C ASP F 423 -38.52 27.79 -55.13
N GLU F 424 -39.65 27.19 -55.49
CA GLU F 424 -39.61 25.88 -56.13
C GLU F 424 -38.98 25.97 -57.50
N THR F 425 -39.18 27.09 -58.20
CA THR F 425 -38.58 27.34 -59.51
C THR F 425 -37.19 27.94 -59.30
N ILE F 426 -36.31 27.10 -58.73
CA ILE F 426 -34.94 27.55 -58.48
C ILE F 426 -34.25 27.85 -59.80
N ASP F 427 -33.79 29.08 -59.94
CA ASP F 427 -33.27 29.54 -61.22
C ASP F 427 -31.94 28.87 -61.56
N ALA F 428 -31.55 29.00 -62.82
CA ALA F 428 -30.38 28.27 -63.32
C ALA F 428 -29.12 28.65 -62.54
N GLU F 429 -28.86 29.95 -62.37
CA GLU F 429 -27.68 30.36 -61.62
C GLU F 429 -27.82 29.99 -60.15
N VAL F 430 -29.04 29.98 -59.62
CA VAL F 430 -29.27 29.45 -58.28
C VAL F 430 -28.92 27.97 -58.21
N MET F 431 -28.98 27.27 -59.35
CA MET F 431 -28.52 25.89 -59.44
C MET F 431 -27.06 25.77 -59.85
N ASN F 432 -26.53 26.74 -60.58
CA ASN F 432 -25.25 26.57 -61.25
C ASN F 432 -24.18 27.60 -60.89
N SER F 433 -24.54 28.81 -60.48
CA SER F 433 -23.56 29.86 -60.23
C SER F 433 -22.89 29.74 -58.87
N LEU F 434 -23.10 28.63 -58.16
CA LEU F 434 -22.53 28.48 -56.82
C LEU F 434 -21.01 28.47 -56.87
N ALA F 435 -20.39 29.17 -55.93
CA ALA F 435 -18.93 29.27 -55.88
C ALA F 435 -18.52 29.21 -54.41
N VAL F 436 -17.73 28.20 -54.07
CA VAL F 436 -17.30 27.98 -52.69
C VAL F 436 -15.94 28.64 -52.49
N THR F 437 -15.80 29.37 -51.40
CA THR F 437 -14.60 30.14 -51.11
C THR F 437 -13.87 29.60 -49.89
N MET F 438 -12.65 30.10 -49.68
CA MET F 438 -11.89 29.71 -48.49
C MET F 438 -12.53 30.24 -47.22
N ASP F 439 -13.42 31.21 -47.33
CA ASP F 439 -14.26 31.56 -46.20
C ASP F 439 -15.04 30.34 -45.73
N ASP F 440 -15.66 29.62 -46.68
CA ASP F 440 -16.53 28.51 -46.33
C ASP F 440 -15.74 27.38 -45.67
N PHE F 441 -14.62 26.98 -46.26
CA PHE F 441 -13.86 25.86 -45.70
C PHE F 441 -13.35 26.17 -44.30
N ARG F 442 -12.73 27.34 -44.10
CA ARG F 442 -12.30 27.70 -42.76
C ARG F 442 -13.49 27.86 -41.82
N TRP F 443 -14.65 28.25 -42.35
CA TRP F 443 -15.87 28.15 -41.56
C TRP F 443 -16.23 26.70 -41.30
N ALA F 444 -16.25 25.88 -42.35
CA ALA F 444 -16.68 24.50 -42.21
C ALA F 444 -15.66 23.67 -41.43
N LEU F 445 -14.38 23.99 -41.58
CA LEU F 445 -13.35 23.24 -40.86
C LEU F 445 -13.52 23.38 -39.36
N SER F 446 -13.80 24.59 -38.89
CA SER F 446 -13.95 24.82 -37.45
C SER F 446 -15.19 24.14 -36.88
N GLN F 447 -16.14 23.74 -37.73
CA GLN F 447 -17.36 23.09 -37.26
C GLN F 447 -17.32 21.58 -37.48
N SER F 448 -16.14 21.01 -37.65
CA SER F 448 -15.96 19.58 -37.77
C SER F 448 -15.18 19.07 -36.56
N ASN F 449 -15.64 17.97 -35.99
CA ASN F 449 -14.90 17.30 -34.93
C ASN F 449 -14.16 16.13 -35.52
N PRO F 450 -12.82 16.14 -35.52
CA PRO F 450 -12.08 15.05 -36.14
C PRO F 450 -12.37 13.72 -35.45
N SER F 451 -12.38 12.66 -36.23
CA SER F 451 -12.77 11.35 -35.74
C SER F 451 -11.62 10.55 -35.17
N ALA F 452 -10.38 10.90 -35.52
CA ALA F 452 -9.22 10.07 -35.23
C ALA F 452 -8.09 10.90 -34.65
N LEU F 453 -8.40 11.70 -33.64
CA LEU F 453 -7.37 12.52 -33.00
C LEU F 453 -6.49 11.74 -32.03
N ARG F 454 -6.83 10.49 -31.70
CA ARG F 454 -6.16 9.75 -30.64
C ARG F 454 -5.52 8.47 -31.13
N GLU F 455 -4.83 8.53 -32.26
CA GLU F 455 -4.10 7.38 -32.79
C GLU F 455 -2.70 7.80 -33.19
N THR F 456 -1.72 6.95 -32.86
CA THR F 456 -0.34 7.23 -33.23
C THR F 456 -0.24 7.34 -34.75
N VAL F 457 0.41 8.40 -35.21
CA VAL F 457 0.51 8.71 -36.63
C VAL F 457 1.85 8.21 -37.14
N VAL F 458 1.82 7.43 -38.21
CA VAL F 458 3.00 6.79 -38.76
C VAL F 458 3.17 7.33 -40.17
N GLU F 459 3.98 8.40 -40.30
CA GLU F 459 4.15 9.03 -41.60
C GLU F 459 5.45 9.82 -41.59
N VAL F 460 6.11 9.86 -42.75
CA VAL F 460 7.42 10.47 -42.89
C VAL F 460 7.37 11.95 -42.53
N PRO F 461 8.23 12.41 -41.62
CA PRO F 461 8.20 13.81 -41.24
C PRO F 461 8.81 14.70 -42.32
N GLN F 462 8.46 16.00 -42.24
CA GLN F 462 8.84 16.95 -43.26
C GLN F 462 9.98 17.87 -42.88
N VAL F 463 10.44 17.83 -41.62
CA VAL F 463 11.60 18.62 -41.23
C VAL F 463 12.83 18.09 -41.95
N THR F 464 13.82 18.95 -42.15
CA THR F 464 15.03 18.57 -42.84
C THR F 464 16.25 19.02 -42.07
N TRP F 465 17.42 18.62 -42.56
CA TRP F 465 18.69 18.95 -41.91
C TRP F 465 18.98 20.44 -41.93
N GLU F 466 18.26 21.22 -42.72
CA GLU F 466 18.55 22.63 -42.88
C GLU F 466 17.95 23.49 -41.79
N ASP F 467 17.05 22.94 -40.97
CA ASP F 467 16.53 23.69 -39.84
C ASP F 467 17.51 23.76 -38.70
N ILE F 468 17.96 22.61 -38.21
CA ILE F 468 18.88 22.60 -37.07
C ILE F 468 20.20 23.24 -37.44
N GLY F 469 20.81 22.80 -38.53
CA GLY F 469 22.13 23.28 -38.89
C GLY F 469 23.18 22.90 -37.86
N GLY F 470 24.46 23.01 -38.22
CA GLY F 470 25.48 22.63 -37.27
C GLY F 470 25.33 21.18 -36.85
N LEU F 471 25.71 20.90 -35.61
CA LEU F 471 25.62 19.55 -35.05
C LEU F 471 26.26 18.53 -35.98
N GLU F 472 27.43 18.90 -36.51
CA GLU F 472 28.06 18.09 -37.54
C GLU F 472 28.46 16.72 -37.01
N ASP F 473 28.97 16.65 -35.78
CA ASP F 473 29.33 15.37 -35.20
C ASP F 473 28.12 14.46 -35.08
N VAL F 474 27.00 14.99 -34.60
CA VAL F 474 25.81 14.18 -34.42
C VAL F 474 25.24 13.76 -35.77
N LYS F 475 25.28 14.66 -36.76
CA LYS F 475 24.78 14.31 -38.09
C LYS F 475 25.43 13.05 -38.62
N ARG F 476 26.74 12.90 -38.41
CA ARG F 476 27.44 11.74 -38.93
C ARG F 476 27.22 10.53 -38.03
N GLU F 477 27.40 10.68 -36.72
CA GLU F 477 27.19 9.55 -35.81
C GLU F 477 25.73 9.13 -35.74
N LEU F 478 24.83 9.79 -36.46
CA LEU F 478 23.45 9.34 -36.55
C LEU F 478 23.10 8.78 -37.92
N GLN F 479 23.85 9.15 -38.97
CA GLN F 479 23.67 8.48 -40.26
C GLN F 479 24.10 7.03 -40.17
N GLU F 480 25.23 6.76 -39.52
CA GLU F 480 25.84 5.44 -39.55
C GLU F 480 25.08 4.42 -38.72
N LEU F 481 23.94 4.81 -38.17
CA LEU F 481 23.15 3.88 -37.38
C LEU F 481 21.75 3.73 -37.97
N VAL F 482 21.33 4.66 -38.82
CA VAL F 482 19.99 4.64 -39.35
C VAL F 482 20.01 4.45 -40.86
N GLN F 483 20.91 5.15 -41.54
CA GLN F 483 20.94 5.13 -43.00
C GLN F 483 21.77 3.98 -43.57
N TYR F 484 23.00 3.81 -43.10
CA TYR F 484 23.83 2.73 -43.64
C TYR F 484 23.21 1.34 -43.48
N PRO F 485 22.60 0.97 -42.35
CA PRO F 485 22.00 -0.38 -42.28
C PRO F 485 20.77 -0.53 -43.16
N VAL F 486 20.42 0.51 -43.93
CA VAL F 486 19.26 0.48 -44.80
C VAL F 486 19.67 0.63 -46.26
N GLU F 487 20.50 1.63 -46.57
CA GLU F 487 20.86 1.91 -47.95
C GLU F 487 21.92 0.96 -48.49
N HIS F 488 22.74 0.37 -47.63
CA HIS F 488 23.83 -0.51 -48.07
C HIS F 488 23.87 -1.74 -47.17
N PRO F 489 22.82 -2.56 -47.20
CA PRO F 489 22.79 -3.73 -46.32
C PRO F 489 23.76 -4.82 -46.71
N ASP F 490 24.22 -4.83 -47.96
CA ASP F 490 25.14 -5.87 -48.41
C ASP F 490 26.54 -5.69 -47.82
N LYS F 491 26.95 -4.45 -47.56
CA LYS F 491 28.23 -4.23 -46.89
C LYS F 491 28.26 -4.88 -45.52
N PHE F 492 27.13 -4.90 -44.83
CA PHE F 492 27.07 -5.46 -43.48
C PHE F 492 27.22 -6.97 -43.48
N LEU F 493 27.20 -7.61 -44.64
CA LEU F 493 27.46 -9.04 -44.75
C LEU F 493 28.88 -9.35 -45.17
N LYS F 494 29.53 -8.46 -45.91
CA LYS F 494 30.94 -8.65 -46.24
C LYS F 494 31.77 -8.77 -44.97
N PHE F 495 31.54 -7.86 -44.02
CA PHE F 495 32.00 -8.02 -42.66
C PHE F 495 30.88 -8.67 -41.85
N GLY F 496 31.15 -8.99 -40.59
CA GLY F 496 30.17 -9.69 -39.79
C GLY F 496 29.46 -8.78 -38.80
N MET F 497 29.70 -7.48 -38.92
CA MET F 497 29.20 -6.52 -37.94
C MET F 497 27.68 -6.55 -37.89
N THR F 498 27.14 -6.40 -36.69
CA THR F 498 25.68 -6.43 -36.62
C THR F 498 25.14 -5.05 -36.28
N PRO F 499 24.09 -4.64 -36.98
CA PRO F 499 23.60 -3.26 -36.85
C PRO F 499 23.19 -2.93 -35.42
N SER F 500 23.44 -1.69 -35.03
CA SER F 500 22.97 -1.21 -33.74
C SER F 500 21.45 -1.06 -33.76
N LYS F 501 20.86 -1.09 -32.58
CA LYS F 501 19.42 -0.95 -32.45
C LYS F 501 19.05 0.10 -31.42
N GLY F 502 19.88 1.11 -31.24
CA GLY F 502 19.53 2.14 -30.29
C GLY F 502 20.52 3.26 -30.09
N VAL F 503 20.00 4.43 -29.71
CA VAL F 503 20.78 5.60 -29.37
C VAL F 503 20.09 6.21 -28.16
N LEU F 504 20.78 7.09 -27.45
CA LEU F 504 20.17 7.80 -26.31
C LEU F 504 20.71 9.23 -26.28
N PHE F 505 19.96 10.15 -26.88
CA PHE F 505 20.28 11.55 -26.74
C PHE F 505 20.07 11.99 -25.30
N TYR F 506 20.91 12.92 -24.85
CA TYR F 506 20.71 13.55 -23.55
C TYR F 506 21.29 14.95 -23.61
N GLY F 507 20.53 15.93 -23.16
CA GLY F 507 20.97 17.30 -23.20
C GLY F 507 20.04 18.22 -22.42
N PRO F 508 20.36 19.50 -22.39
CA PRO F 508 19.50 20.44 -21.68
C PRO F 508 18.12 20.45 -22.30
N PRO F 509 17.08 20.61 -21.48
CA PRO F 509 15.72 20.45 -22.00
C PRO F 509 15.36 21.54 -22.99
N GLY F 510 14.61 21.15 -24.01
CA GLY F 510 14.24 22.07 -25.07
C GLY F 510 15.45 22.54 -25.86
N CYS F 511 16.10 21.62 -26.55
CA CYS F 511 17.32 21.96 -27.29
C CYS F 511 17.33 21.27 -28.65
N GLY F 512 16.16 21.05 -29.23
CA GLY F 512 16.09 20.33 -30.48
C GLY F 512 16.50 18.88 -30.40
N LYS F 513 16.08 18.19 -29.34
CA LYS F 513 16.31 16.75 -29.25
C LYS F 513 15.29 15.95 -30.02
N THR F 514 14.15 16.55 -30.37
CA THR F 514 13.15 15.91 -31.21
C THR F 514 13.42 16.16 -32.69
N LEU F 515 13.85 17.38 -33.03
CA LEU F 515 14.08 17.72 -34.42
C LEU F 515 15.24 16.94 -35.01
N LEU F 516 15.99 16.21 -34.19
CA LEU F 516 17.05 15.37 -34.73
C LEU F 516 16.54 13.97 -35.06
N ALA F 517 15.51 13.51 -34.36
CA ALA F 517 14.87 12.26 -34.75
C ALA F 517 14.15 12.41 -36.08
N LYS F 518 13.42 13.51 -36.26
CA LYS F 518 12.71 13.72 -37.51
C LYS F 518 13.68 14.00 -38.65
N ALA F 519 14.75 14.75 -38.40
CA ALA F 519 15.66 15.13 -39.47
C ALA F 519 16.31 13.91 -40.10
N ILE F 520 16.74 12.95 -39.28
CA ILE F 520 17.28 11.71 -39.83
C ILE F 520 16.17 10.86 -40.44
N ALA F 521 15.00 10.84 -39.80
CA ALA F 521 13.89 10.08 -40.35
C ALA F 521 13.47 10.62 -41.71
N ASN F 522 13.70 11.91 -41.96
CA ASN F 522 13.42 12.47 -43.27
C ASN F 522 14.45 12.06 -44.30
N GLU F 523 15.70 11.84 -43.87
CA GLU F 523 16.75 11.49 -44.80
C GLU F 523 16.46 10.16 -45.50
N CYS F 524 16.42 9.08 -44.74
CA CYS F 524 16.26 7.74 -45.30
C CYS F 524 14.81 7.43 -45.66
N GLN F 525 13.93 8.42 -45.64
CA GLN F 525 12.50 8.24 -45.92
C GLN F 525 11.95 7.08 -45.13
N ALA F 526 11.99 7.24 -43.81
CA ALA F 526 11.51 6.24 -42.87
C ALA F 526 10.30 6.78 -42.14
N ASN F 527 9.43 5.87 -41.70
CA ASN F 527 8.34 6.28 -40.83
C ASN F 527 8.91 6.80 -39.52
N PHE F 528 8.04 7.37 -38.70
CA PHE F 528 8.48 7.99 -37.45
C PHE F 528 7.33 7.92 -36.45
N ILE F 529 7.47 7.04 -35.46
CA ILE F 529 6.48 6.91 -34.40
C ILE F 529 7.04 7.59 -33.16
N SER F 530 6.27 8.53 -32.61
CA SER F 530 6.70 9.29 -31.45
C SER F 530 5.86 8.88 -30.25
N ILE F 531 6.53 8.52 -29.16
CA ILE F 531 5.88 8.18 -27.90
C ILE F 531 6.30 9.21 -26.87
N LYS F 532 5.35 10.03 -26.43
CA LYS F 532 5.64 11.16 -25.58
C LYS F 532 5.65 10.74 -24.10
N GLY F 533 6.18 11.62 -23.26
CA GLY F 533 6.31 11.36 -21.85
C GLY F 533 4.98 11.18 -21.15
N PRO F 534 4.09 12.16 -21.28
CA PRO F 534 2.75 12.03 -20.68
C PRO F 534 1.96 10.80 -21.13
N GLU F 535 2.48 10.05 -22.10
CA GLU F 535 1.84 8.83 -22.56
C GLU F 535 2.39 7.60 -21.87
N LEU F 536 3.72 7.46 -21.80
CA LEU F 536 4.32 6.35 -21.06
C LEU F 536 3.86 6.37 -19.61
N LEU F 537 3.90 7.55 -18.98
CA LEU F 537 3.55 7.66 -17.58
C LEU F 537 2.12 7.26 -17.30
N THR F 538 1.25 7.28 -18.32
CA THR F 538 -0.10 6.74 -18.14
C THR F 538 -0.06 5.26 -17.83
N MET F 539 0.80 4.51 -18.51
CA MET F 539 0.88 3.07 -18.27
C MET F 539 1.33 2.77 -16.85
N TRP F 540 2.23 3.57 -16.30
CA TRP F 540 2.70 3.32 -14.93
C TRP F 540 1.61 3.58 -13.90
N PHE F 541 0.51 4.22 -14.29
CA PHE F 541 -0.63 4.45 -13.41
C PHE F 541 -1.74 3.46 -13.68
N GLY F 542 -1.40 2.22 -13.99
CA GLY F 542 -2.40 1.21 -14.25
C GLY F 542 -1.82 -0.01 -14.91
N GLU F 543 -2.44 -0.45 -15.99
CA GLU F 543 -1.89 -1.54 -16.78
C GLU F 543 -0.60 -1.12 -17.46
N SER F 544 0.27 -2.09 -17.65
CA SER F 544 1.37 -1.96 -18.60
C SER F 544 1.35 -3.20 -19.47
N GLU F 545 2.37 -3.38 -20.31
CA GLU F 545 2.67 -4.67 -20.90
C GLU F 545 1.54 -5.23 -21.76
N ALA F 546 0.46 -4.46 -21.90
CA ALA F 546 -0.57 -4.74 -22.89
C ALA F 546 -0.59 -3.70 -24.00
N ASN F 547 0.13 -2.59 -23.83
CA ASN F 547 0.25 -1.57 -24.85
C ASN F 547 1.67 -1.43 -25.37
N VAL F 548 2.67 -1.62 -24.51
CA VAL F 548 4.05 -1.57 -24.96
C VAL F 548 4.33 -2.68 -25.95
N ARG F 549 3.67 -3.83 -25.77
CA ARG F 549 3.72 -4.87 -26.79
C ARG F 549 3.13 -4.39 -28.10
N GLU F 550 2.01 -3.68 -28.04
CA GLU F 550 1.31 -3.32 -29.26
C GLU F 550 2.04 -2.22 -30.01
N ILE F 551 2.67 -1.29 -29.27
CA ILE F 551 3.40 -0.20 -29.91
C ILE F 551 4.49 -0.75 -30.81
N PHE F 552 5.27 -1.70 -30.30
CA PHE F 552 6.31 -2.32 -31.11
C PHE F 552 5.72 -3.08 -32.28
N ASP F 553 4.64 -3.83 -32.04
CA ASP F 553 4.01 -4.58 -33.13
C ASP F 553 3.37 -3.66 -34.15
N LYS F 554 3.21 -2.37 -33.84
CA LYS F 554 2.80 -1.41 -34.84
C LYS F 554 3.98 -0.99 -35.71
N ALA F 555 5.14 -0.79 -35.09
CA ALA F 555 6.32 -0.41 -35.85
C ALA F 555 6.83 -1.55 -36.71
N ARG F 556 6.54 -2.79 -36.32
CA ARG F 556 7.01 -3.93 -37.09
C ARG F 556 6.25 -4.05 -38.41
N GLN F 557 4.97 -3.67 -38.44
CA GLN F 557 4.20 -3.70 -39.67
C GLN F 557 4.38 -2.44 -40.50
N ALA F 558 5.28 -1.55 -40.10
CA ALA F 558 5.48 -0.28 -40.81
C ALA F 558 6.95 0.04 -40.94
N ALA F 559 7.79 -0.99 -41.13
CA ALA F 559 9.22 -0.78 -41.20
C ALA F 559 9.59 0.05 -42.42
N PRO F 560 10.71 0.80 -42.37
CA PRO F 560 11.59 0.98 -41.22
C PRO F 560 11.22 2.18 -40.33
N CYS F 561 10.83 1.93 -39.09
CA CYS F 561 10.49 3.00 -38.17
C CYS F 561 11.73 3.57 -37.50
N VAL F 562 11.55 4.67 -36.78
CA VAL F 562 12.60 5.27 -35.97
C VAL F 562 12.07 5.56 -34.56
N LEU F 563 11.28 4.63 -34.01
CA LEU F 563 10.57 4.81 -32.75
C LEU F 563 11.32 5.67 -31.76
N PHE F 564 10.67 6.71 -31.25
CA PHE F 564 11.32 7.74 -30.46
C PHE F 564 10.64 7.81 -29.10
N PHE F 565 11.24 7.16 -28.11
CA PHE F 565 10.72 7.18 -26.74
C PHE F 565 11.19 8.46 -26.08
N ASP F 566 10.34 9.49 -26.13
CA ASP F 566 10.69 10.76 -25.51
C ASP F 566 10.57 10.63 -23.99
N GLU F 567 11.53 11.25 -23.28
CA GLU F 567 11.54 11.32 -21.83
C GLU F 567 11.47 9.91 -21.20
N LEU F 568 12.53 9.14 -21.45
CA LEU F 568 12.61 7.81 -20.87
C LEU F 568 12.69 7.84 -19.35
N ASP F 569 13.15 8.93 -18.76
CA ASP F 569 13.24 9.06 -17.31
C ASP F 569 11.92 9.43 -16.66
N SER F 570 10.87 9.64 -17.46
CA SER F 570 9.64 10.24 -16.95
C SER F 570 9.09 9.43 -15.79
N ILE F 571 9.10 8.11 -15.89
CA ILE F 571 8.67 7.28 -14.77
C ILE F 571 9.59 7.47 -13.58
N ALA F 572 10.90 7.54 -13.83
CA ALA F 572 11.86 7.55 -12.73
C ALA F 572 11.72 8.80 -11.86
N LYS F 573 11.63 9.98 -12.47
CA LYS F 573 11.48 11.18 -11.67
C LYS F 573 10.06 11.38 -11.16
N ALA F 574 9.10 10.60 -11.65
CA ALA F 574 7.74 10.59 -11.12
C ALA F 574 7.56 9.55 -10.04
N ARG F 575 8.62 8.83 -9.68
CA ARG F 575 8.57 7.86 -8.60
C ARG F 575 9.38 8.28 -7.39
N GLY F 576 10.20 9.32 -7.51
CA GLY F 576 10.99 9.76 -6.37
C GLY F 576 12.36 10.29 -6.73
N GLY F 577 12.92 9.85 -7.87
CA GLY F 577 14.26 10.31 -8.23
C GLY F 577 15.27 9.86 -7.20
N ASN F 578 15.61 8.56 -7.21
CA ASN F 578 16.18 7.88 -6.06
C ASN F 578 15.13 7.84 -4.95
N ILE F 579 14.03 7.14 -5.22
CA ILE F 579 12.90 7.05 -4.30
C ILE F 579 13.36 6.66 -2.90
N GLY F 580 12.68 7.20 -1.89
CA GLY F 580 13.06 6.95 -0.52
C GLY F 580 12.86 5.51 -0.06
N ASP F 581 11.76 4.87 -0.49
CA ASP F 581 11.46 3.53 0.00
C ASP F 581 12.50 2.50 -0.44
N GLY F 582 13.24 2.78 -1.50
CA GLY F 582 14.35 1.94 -1.88
C GLY F 582 14.45 1.62 -3.37
N GLY F 583 13.32 1.51 -4.05
CA GLY F 583 13.26 1.02 -5.43
C GLY F 583 14.34 1.54 -6.34
N GLY F 584 15.17 0.65 -6.86
CA GLY F 584 16.35 1.08 -7.58
C GLY F 584 16.13 1.50 -9.01
N ALA F 585 15.74 0.57 -9.88
CA ALA F 585 15.65 0.89 -11.29
C ALA F 585 14.35 0.46 -11.95
N ALA F 586 13.83 -0.72 -11.57
CA ALA F 586 12.75 -1.32 -12.33
C ALA F 586 11.41 -0.68 -11.98
N ASP F 587 10.60 -0.44 -13.01
CA ASP F 587 9.41 0.38 -12.83
C ASP F 587 8.24 -0.14 -13.67
N ARG F 588 8.26 -1.43 -14.03
CA ARG F 588 7.11 -2.11 -14.62
C ARG F 588 6.84 -1.67 -16.06
N VAL F 589 7.50 -0.62 -16.52
CA VAL F 589 7.29 -0.16 -17.89
C VAL F 589 8.60 -0.14 -18.67
N ILE F 590 9.63 0.47 -18.10
CA ILE F 590 10.95 0.40 -18.70
C ILE F 590 11.40 -1.06 -18.78
N ASN F 591 10.99 -1.87 -17.81
CA ASN F 591 11.23 -3.30 -17.89
C ASN F 591 10.54 -3.91 -19.10
N GLN F 592 9.30 -3.50 -19.37
CA GLN F 592 8.55 -4.10 -20.47
C GLN F 592 9.19 -3.79 -21.81
N ILE F 593 9.74 -2.59 -21.97
CA ILE F 593 10.44 -2.27 -23.20
C ILE F 593 11.58 -3.26 -23.44
N LEU F 594 12.30 -3.61 -22.37
CA LEU F 594 13.43 -4.53 -22.51
C LEU F 594 12.98 -5.88 -23.03
N THR F 595 11.86 -6.40 -22.53
CA THR F 595 11.39 -7.70 -22.98
C THR F 595 11.10 -7.69 -24.48
N GLU F 596 10.44 -6.65 -24.97
CA GLU F 596 10.16 -6.55 -26.39
C GLU F 596 11.41 -6.20 -27.19
N MET F 597 12.23 -5.30 -26.65
CA MET F 597 13.33 -4.74 -27.42
C MET F 597 14.42 -5.79 -27.68
N ASP F 598 14.60 -6.72 -26.74
CA ASP F 598 15.49 -7.85 -27.01
C ASP F 598 14.85 -8.82 -27.99
N GLY F 599 13.57 -9.14 -27.79
CA GLY F 599 12.88 -10.07 -28.65
C GLY F 599 12.45 -9.45 -29.97
N MET F 600 13.41 -8.90 -30.70
CA MET F 600 13.13 -8.23 -31.96
C MET F 600 14.38 -8.33 -32.82
N SER F 601 14.32 -9.17 -33.86
CA SER F 601 15.49 -9.42 -34.67
C SER F 601 15.92 -8.16 -35.42
N THR F 602 17.24 -7.99 -35.55
CA THR F 602 17.77 -6.80 -36.19
C THR F 602 17.47 -6.73 -37.68
N LYS F 603 16.97 -7.82 -38.27
CA LYS F 603 16.66 -7.85 -39.70
C LYS F 603 15.54 -6.91 -40.09
N LYS F 604 14.77 -6.41 -39.13
CA LYS F 604 13.52 -5.70 -39.42
C LYS F 604 13.72 -4.19 -39.62
N ASN F 605 14.92 -3.67 -39.37
CA ASN F 605 15.22 -2.24 -39.52
C ASN F 605 14.24 -1.38 -38.72
N VAL F 606 14.29 -1.57 -37.40
CA VAL F 606 13.57 -0.72 -36.46
C VAL F 606 14.58 -0.19 -35.47
N PHE F 607 14.75 1.13 -35.43
CA PHE F 607 15.78 1.77 -34.63
C PHE F 607 15.13 2.60 -33.54
N ILE F 608 15.52 2.35 -32.30
CA ILE F 608 14.88 2.95 -31.15
C ILE F 608 15.75 4.08 -30.67
N ILE F 609 15.18 5.27 -30.53
CA ILE F 609 15.89 6.45 -30.08
C ILE F 609 15.22 6.96 -28.81
N GLY F 610 16.01 7.10 -27.75
CA GLY F 610 15.54 7.70 -26.53
C GLY F 610 15.93 9.17 -26.45
N ALA F 611 15.47 9.81 -25.38
CA ALA F 611 15.84 11.19 -25.13
C ALA F 611 15.53 11.55 -23.68
N THR F 612 16.54 11.98 -22.93
CA THR F 612 16.37 12.28 -21.52
C THR F 612 17.05 13.59 -21.18
N ASN F 613 16.52 14.26 -20.17
CA ASN F 613 17.17 15.43 -19.59
C ASN F 613 17.91 15.12 -18.31
N ARG F 614 17.76 13.91 -17.78
CA ARG F 614 18.36 13.48 -16.53
C ARG F 614 19.09 12.17 -16.79
N PRO F 615 20.28 12.21 -17.38
CA PRO F 615 20.93 10.98 -17.80
C PRO F 615 21.70 10.29 -16.70
N ASP F 616 21.12 10.21 -15.50
CA ASP F 616 21.71 9.40 -14.45
C ASP F 616 20.67 8.49 -13.80
N ILE F 617 19.45 9.01 -13.62
CA ILE F 617 18.38 8.18 -13.08
C ILE F 617 17.87 7.17 -14.09
N ILE F 618 18.26 7.30 -15.35
CA ILE F 618 17.86 6.32 -16.36
C ILE F 618 18.32 4.94 -15.93
N ASP F 619 17.48 3.95 -16.18
CA ASP F 619 17.74 2.60 -15.70
C ASP F 619 19.06 2.10 -16.26
N PRO F 620 20.01 1.67 -15.43
CA PRO F 620 21.28 1.15 -15.95
C PRO F 620 21.14 -0.15 -16.71
N ALA F 621 19.95 -0.72 -16.79
CA ALA F 621 19.72 -1.97 -17.51
C ALA F 621 19.49 -1.75 -19.00
N ILE F 622 19.46 -0.49 -19.46
CA ILE F 622 19.33 -0.25 -20.90
C ILE F 622 20.63 0.24 -21.51
N LEU F 623 21.54 0.78 -20.71
CA LEU F 623 22.81 1.25 -21.24
C LEU F 623 23.80 0.09 -21.29
N ARG F 624 23.40 -1.01 -21.91
CA ARG F 624 24.17 -2.23 -21.96
C ARG F 624 24.18 -2.76 -23.39
N PRO F 625 25.28 -3.34 -23.84
CA PRO F 625 25.35 -3.82 -25.24
C PRO F 625 24.24 -4.81 -25.53
N GLY F 626 23.67 -4.69 -26.73
CA GLY F 626 22.46 -5.37 -27.11
C GLY F 626 21.21 -4.52 -26.95
N ARG F 627 21.31 -3.43 -26.20
CA ARG F 627 20.21 -2.50 -26.02
C ARG F 627 20.75 -1.12 -26.40
N LEU F 628 20.02 -0.06 -26.03
CA LEU F 628 20.47 1.29 -26.31
C LEU F 628 21.92 1.41 -25.86
N ASP F 629 22.83 1.58 -26.82
CA ASP F 629 24.25 1.32 -26.54
C ASP F 629 25.01 2.57 -26.11
N GLN F 630 25.00 3.61 -26.93
CA GLN F 630 25.84 4.77 -26.71
C GLN F 630 24.99 5.95 -26.25
N LEU F 631 25.66 7.05 -25.96
CA LEU F 631 25.01 8.29 -25.58
C LEU F 631 25.60 9.41 -26.40
N ILE F 632 24.75 10.23 -26.99
CA ILE F 632 25.16 11.41 -27.74
C ILE F 632 24.63 12.63 -27.02
N TYR F 633 25.50 13.58 -26.75
CA TYR F 633 25.17 14.74 -25.93
C TYR F 633 24.89 15.91 -26.86
N ILE F 634 23.66 16.39 -26.83
CA ILE F 634 23.21 17.45 -27.72
C ILE F 634 23.45 18.81 -27.05
N PRO F 635 24.49 19.54 -27.43
CA PRO F 635 24.79 20.79 -26.74
C PRO F 635 23.82 21.89 -27.12
N LEU F 636 23.86 23.00 -26.40
CA LEU F 636 23.03 24.15 -26.75
C LEU F 636 23.46 24.70 -28.10
N PRO F 637 22.52 25.24 -28.88
CA PRO F 637 22.87 25.82 -30.18
C PRO F 637 23.92 26.91 -30.01
N ASP F 638 24.90 26.93 -30.91
CA ASP F 638 26.08 27.76 -30.62
C ASP F 638 26.19 29.06 -31.41
N GLU F 639 26.35 29.00 -32.74
CA GLU F 639 26.25 30.24 -33.51
C GLU F 639 25.59 30.04 -34.88
N LYS F 640 25.79 28.86 -35.46
CA LYS F 640 25.30 28.62 -36.81
C LYS F 640 23.92 28.00 -36.79
N SER F 641 23.65 27.15 -35.79
CA SER F 641 22.31 26.62 -35.62
C SER F 641 21.32 27.74 -35.31
N ARG F 642 21.72 28.69 -34.47
CA ARG F 642 20.79 29.74 -34.06
C ARG F 642 20.34 30.58 -35.25
N VAL F 643 21.25 30.86 -36.18
CA VAL F 643 20.87 31.55 -37.41
C VAL F 643 19.85 30.73 -38.17
N ALA F 644 20.05 29.42 -38.23
CA ALA F 644 19.13 28.56 -38.97
C ALA F 644 17.83 28.34 -38.21
N ILE F 645 17.90 28.25 -36.88
CA ILE F 645 16.69 28.07 -36.10
C ILE F 645 15.75 29.26 -36.28
N LEU F 646 16.30 30.48 -36.24
CA LEU F 646 15.48 31.66 -36.42
C LEU F 646 14.84 31.68 -37.81
N LYS F 647 15.65 31.42 -38.85
CA LYS F 647 15.11 31.42 -40.20
C LYS F 647 14.12 30.29 -40.43
N ALA F 648 13.99 29.36 -39.48
CA ALA F 648 12.98 28.32 -39.61
C ALA F 648 11.67 28.75 -38.99
N ASN F 649 11.72 29.45 -37.85
CA ASN F 649 10.50 29.93 -37.21
C ASN F 649 9.91 31.12 -37.94
N LEU F 650 10.75 31.94 -38.58
CA LEU F 650 10.31 33.15 -39.27
C LEU F 650 10.03 32.92 -40.73
N ARG F 651 9.61 31.70 -41.11
CA ARG F 651 9.38 31.37 -42.51
C ARG F 651 7.95 31.69 -42.95
N LYS F 652 6.96 31.32 -42.15
CA LYS F 652 5.57 31.53 -42.51
C LYS F 652 5.09 32.95 -42.27
N SER F 653 5.85 33.75 -41.52
CA SER F 653 5.44 35.10 -41.16
C SER F 653 6.15 36.09 -42.06
N PRO F 654 5.44 36.96 -42.77
CA PRO F 654 6.11 38.01 -43.54
C PRO F 654 7.05 38.86 -42.70
N VAL F 655 8.34 38.77 -42.96
CA VAL F 655 9.35 39.50 -42.21
C VAL F 655 9.81 40.69 -43.04
N ALA F 656 10.34 41.70 -42.35
CA ALA F 656 10.96 42.81 -43.04
C ALA F 656 12.25 42.36 -43.72
N LYS F 657 12.70 43.16 -44.68
CA LYS F 657 13.91 42.83 -45.44
C LYS F 657 15.16 43.43 -44.83
N ASP F 658 15.03 44.28 -43.80
CA ASP F 658 16.17 44.88 -43.13
C ASP F 658 16.41 44.27 -41.75
N VAL F 659 15.84 43.12 -41.47
CA VAL F 659 16.10 42.42 -40.22
C VAL F 659 17.41 41.66 -40.34
N ASP F 660 18.26 41.75 -39.31
CA ASP F 660 19.57 41.12 -39.31
C ASP F 660 19.52 39.94 -38.36
N LEU F 661 19.09 38.78 -38.87
CA LEU F 661 19.15 37.56 -38.08
C LEU F 661 20.58 37.11 -37.86
N GLU F 662 21.51 37.58 -38.69
CA GLU F 662 22.93 37.33 -38.44
C GLU F 662 23.42 38.07 -37.21
N PHE F 663 22.79 39.18 -36.85
CA PHE F 663 23.12 39.92 -35.64
C PHE F 663 22.33 39.42 -34.43
N LEU F 664 21.03 39.21 -34.62
CA LEU F 664 20.17 38.77 -33.52
C LEU F 664 20.62 37.42 -32.98
N ALA F 665 21.25 36.60 -33.82
CA ALA F 665 21.77 35.33 -33.36
C ALA F 665 23.18 35.44 -32.79
N LYS F 666 23.78 36.62 -32.86
CA LYS F 666 25.14 36.80 -32.35
C LYS F 666 25.15 37.38 -30.95
N MET F 667 24.08 38.05 -30.53
CA MET F 667 24.00 38.54 -29.16
C MET F 667 23.38 37.50 -28.24
N THR F 668 22.24 36.94 -28.62
CA THR F 668 21.66 35.84 -27.86
C THR F 668 22.69 34.71 -27.83
N ASN F 669 23.28 34.46 -26.66
CA ASN F 669 24.47 33.63 -26.58
C ASN F 669 24.20 32.26 -25.98
N GLY F 670 23.68 32.20 -24.77
CA GLY F 670 23.42 30.93 -24.12
C GLY F 670 21.98 30.49 -24.29
N PHE F 671 21.27 31.15 -25.20
CA PHE F 671 19.85 30.91 -25.38
C PHE F 671 19.59 29.48 -25.84
N SER F 672 18.48 28.92 -25.39
CA SER F 672 18.13 27.56 -25.77
C SER F 672 17.67 27.51 -27.21
N GLY F 673 17.29 26.32 -27.66
CA GLY F 673 16.60 26.20 -28.93
C GLY F 673 15.12 26.39 -28.83
N ALA F 674 14.60 26.53 -27.61
CA ALA F 674 13.19 26.77 -27.39
C ALA F 674 12.89 28.14 -26.82
N ASP F 675 13.90 28.98 -26.63
CA ASP F 675 13.69 30.39 -26.30
C ASP F 675 14.05 31.30 -27.45
N LEU F 676 14.33 30.74 -28.62
CA LEU F 676 14.33 31.49 -29.85
C LEU F 676 13.07 31.24 -30.66
N THR F 677 12.24 30.31 -30.21
CA THR F 677 10.89 30.12 -30.72
C THR F 677 9.90 30.98 -29.94
N GLU F 678 10.36 31.63 -28.88
CA GLU F 678 9.58 32.65 -28.18
C GLU F 678 9.88 34.04 -28.69
N ILE F 679 11.16 34.38 -28.85
CA ILE F 679 11.54 35.67 -29.42
C ILE F 679 10.91 35.86 -30.78
N CYS F 680 10.66 34.77 -31.51
CA CYS F 680 10.08 34.85 -32.84
C CYS F 680 8.57 34.73 -32.84
N GLN F 681 7.93 34.66 -31.68
CA GLN F 681 6.48 34.73 -31.56
C GLN F 681 6.00 35.93 -30.78
N ARG F 682 6.63 36.22 -29.65
CA ARG F 682 6.32 37.45 -28.93
C ARG F 682 6.68 38.67 -29.76
N ALA F 683 7.46 38.49 -30.83
CA ALA F 683 7.65 39.55 -31.81
C ALA F 683 6.60 39.53 -32.90
N CYS F 684 5.64 38.61 -32.83
CA CYS F 684 4.50 38.63 -33.73
C CYS F 684 3.29 39.27 -33.08
N LYS F 685 3.00 38.90 -31.82
CA LYS F 685 1.95 39.55 -31.06
C LYS F 685 2.11 41.06 -31.05
N LEU F 686 3.34 41.56 -30.95
CA LEU F 686 3.58 42.99 -30.98
C LEU F 686 3.30 43.60 -32.34
N ALA F 687 3.20 42.78 -33.39
CA ALA F 687 2.73 43.23 -34.68
C ALA F 687 1.28 42.89 -34.94
N ILE F 688 0.78 41.80 -34.36
CA ILE F 688 -0.65 41.56 -34.38
C ILE F 688 -1.38 42.68 -33.67
N ARG F 689 -0.94 43.00 -32.44
CA ARG F 689 -1.64 43.99 -31.63
C ARG F 689 -1.61 45.36 -32.29
N GLU F 690 -0.48 45.73 -32.88
CA GLU F 690 -0.39 47.02 -33.56
C GLU F 690 -1.19 47.05 -34.85
N SER F 691 -1.67 45.90 -35.32
CA SER F 691 -2.50 45.86 -36.52
C SER F 691 -3.98 46.05 -36.19
N ILE F 692 -4.52 45.22 -35.29
CA ILE F 692 -5.91 45.42 -34.86
C ILE F 692 -6.09 46.81 -34.25
N GLU F 693 -5.11 47.27 -33.48
CA GLU F 693 -5.19 48.60 -32.90
C GLU F 693 -5.43 49.65 -33.98
N SER F 694 -4.54 49.74 -34.95
CA SER F 694 -4.68 50.77 -35.99
C SER F 694 -5.82 50.47 -36.95
N GLU F 695 -6.22 49.21 -37.05
CA GLU F 695 -7.43 48.90 -37.80
C GLU F 695 -8.66 49.51 -37.13
N ILE F 696 -8.74 49.39 -35.81
CA ILE F 696 -9.87 49.98 -35.08
C ILE F 696 -9.75 51.49 -35.06
N ARG F 697 -8.57 52.01 -34.77
CA ARG F 697 -8.40 53.46 -34.61
C ARG F 697 -8.65 54.18 -35.92
N ARG F 698 -8.51 53.49 -37.06
CA ARG F 698 -8.87 54.11 -38.32
C ARG F 698 -10.37 54.22 -38.49
N GLU F 699 -11.10 53.16 -38.14
CA GLU F 699 -12.56 53.20 -38.25
C GLU F 699 -13.15 54.30 -37.38
N ARG F 700 -12.55 54.54 -36.21
CA ARG F 700 -13.00 55.62 -35.32
C ARG F 700 -12.96 56.96 -36.04
N GLU F 701 -11.78 57.37 -36.50
CA GLU F 701 -11.64 58.68 -37.12
C GLU F 701 -12.45 58.78 -38.39
N ARG F 702 -12.58 57.69 -39.14
CA ARG F 702 -13.42 57.73 -40.34
C ARG F 702 -14.88 57.98 -39.98
N GLN F 703 -15.36 57.33 -38.92
CA GLN F 703 -16.72 57.61 -38.46
C GLN F 703 -16.83 58.98 -37.80
N THR F 704 -15.71 59.54 -37.32
CA THR F 704 -15.72 60.93 -36.86
C THR F 704 -16.02 61.87 -38.02
N ASN F 705 -15.51 61.57 -39.20
CA ASN F 705 -15.72 62.38 -40.41
C ASN F 705 -16.24 61.49 -41.52
N PRO F 706 -17.49 61.01 -41.41
CA PRO F 706 -18.05 60.19 -42.48
C PRO F 706 -18.13 60.91 -43.80
N SER F 707 -18.36 62.23 -43.78
CA SER F 707 -18.41 63.01 -45.01
C SER F 707 -17.03 63.19 -45.64
N ALA F 708 -15.95 62.93 -44.88
CA ALA F 708 -14.61 63.05 -45.45
C ALA F 708 -14.42 62.10 -46.62
N MET F 709 -15.12 60.97 -46.62
CA MET F 709 -15.19 60.05 -47.76
C MET F 709 -13.85 59.35 -47.99
N GLU F 710 -12.82 59.75 -47.24
CA GLU F 710 -11.48 59.22 -47.46
C GLU F 710 -11.45 57.73 -47.16
N VAL F 711 -11.28 56.93 -48.22
CA VAL F 711 -11.34 55.47 -48.13
C VAL F 711 -10.20 54.87 -48.93
N GLU F 712 -10.21 53.54 -49.05
CA GLU F 712 -9.26 52.80 -49.88
C GLU F 712 -7.84 52.87 -49.32
N GLU F 713 -7.72 52.74 -48.00
CA GLU F 713 -6.41 52.59 -47.37
C GLU F 713 -6.06 51.11 -47.34
N ASP F 714 -4.92 50.76 -47.95
CA ASP F 714 -4.58 49.36 -48.15
C ASP F 714 -4.22 48.62 -46.85
N ASP F 715 -3.17 49.05 -46.14
CA ASP F 715 -2.79 48.37 -44.90
C ASP F 715 -1.81 49.22 -44.09
N PRO F 716 -1.94 49.24 -42.77
CA PRO F 716 -0.99 50.01 -41.95
C PRO F 716 0.29 49.25 -41.61
N VAL F 717 0.19 47.92 -41.45
CA VAL F 717 1.33 47.10 -41.08
C VAL F 717 1.21 45.75 -41.78
N PRO F 718 1.88 45.55 -42.90
CA PRO F 718 1.90 44.23 -43.56
C PRO F 718 3.12 43.38 -43.23
N GLU F 719 3.91 43.77 -42.23
CA GLU F 719 5.30 43.35 -42.18
C GLU F 719 5.77 43.39 -40.73
N ILE F 720 6.58 42.40 -40.35
CA ILE F 720 7.01 42.28 -38.95
C ILE F 720 7.81 43.51 -38.53
N ARG F 721 8.49 44.17 -39.47
CA ARG F 721 8.86 45.57 -39.28
C ARG F 721 9.79 45.82 -38.10
N ARG F 722 11.08 45.56 -38.27
CA ARG F 722 12.10 45.76 -37.24
C ARG F 722 11.83 47.01 -36.41
N ASP F 723 12.17 46.94 -35.11
CA ASP F 723 11.64 47.68 -33.96
C ASP F 723 10.41 46.98 -33.38
N HIS F 724 10.12 45.78 -33.87
CA HIS F 724 9.37 44.81 -33.07
C HIS F 724 10.32 43.90 -32.30
N PHE F 725 11.30 43.31 -32.99
CA PHE F 725 12.31 42.52 -32.31
C PHE F 725 13.05 43.36 -31.27
N GLU F 726 13.35 44.61 -31.61
CA GLU F 726 14.00 45.51 -30.65
C GLU F 726 13.16 45.72 -29.40
N GLU F 727 11.90 45.28 -29.41
CA GLU F 727 11.05 45.33 -28.23
C GLU F 727 10.76 43.95 -27.66
N ALA F 728 10.59 42.94 -28.51
CA ALA F 728 10.37 41.60 -28.02
C ALA F 728 11.58 41.03 -27.31
N MET F 729 12.76 41.60 -27.55
CA MET F 729 13.97 41.20 -26.84
C MET F 729 13.96 41.60 -25.37
N ARG F 730 13.02 42.45 -24.96
CA ARG F 730 12.97 42.88 -23.57
C ARG F 730 12.28 41.86 -22.67
N PHE F 731 11.56 40.89 -23.24
CA PHE F 731 10.93 39.83 -22.46
C PHE F 731 11.56 38.47 -22.78
N ALA F 732 12.83 38.44 -23.13
CA ALA F 732 13.50 37.23 -23.57
C ALA F 732 14.32 36.66 -22.42
N ARG F 733 13.83 35.58 -21.82
CA ARG F 733 14.50 34.96 -20.69
C ARG F 733 15.47 33.88 -21.16
N ARG F 734 16.13 33.25 -20.19
CA ARG F 734 17.03 32.14 -20.44
CA ARG F 734 17.03 32.14 -20.44
C ARG F 734 16.50 30.91 -19.70
N SER F 735 16.34 29.80 -20.42
CA SER F 735 15.79 28.60 -19.79
C SER F 735 16.81 27.98 -18.84
N VAL F 736 17.98 27.63 -19.36
CA VAL F 736 18.99 26.92 -18.57
C VAL F 736 20.05 27.91 -18.13
N SER F 737 20.17 28.09 -16.82
CA SER F 737 21.21 28.95 -16.28
C SER F 737 22.57 28.30 -16.46
N ASP F 738 23.62 29.08 -16.21
CA ASP F 738 24.97 28.61 -16.48
C ASP F 738 25.30 27.40 -15.62
N ASN F 739 24.87 27.40 -14.36
CA ASN F 739 25.07 26.23 -13.51
C ASN F 739 24.41 24.98 -14.08
N ASP F 740 23.36 25.12 -14.87
CA ASP F 740 22.69 23.99 -15.49
C ASP F 740 23.39 23.50 -16.75
N ILE F 741 24.60 23.97 -17.01
CA ILE F 741 25.41 23.48 -18.12
C ILE F 741 26.63 22.72 -17.61
N ARG F 742 27.28 23.22 -16.58
CA ARG F 742 28.38 22.50 -15.97
C ARG F 742 27.83 21.39 -15.09
N LYS F 743 26.55 21.08 -15.25
CA LYS F 743 25.94 19.88 -14.71
C LYS F 743 25.92 18.74 -15.71
N TYR F 744 25.72 19.05 -16.99
CA TYR F 744 25.86 18.06 -18.06
C TYR F 744 27.29 17.97 -18.57
N GLU F 745 27.90 19.12 -18.86
CA GLU F 745 29.27 19.13 -19.36
C GLU F 745 30.22 18.43 -18.40
N MET F 746 29.90 18.40 -17.11
CA MET F 746 30.62 17.62 -16.13
C MET F 746 30.27 16.14 -16.18
N PHE F 747 29.05 15.80 -16.59
CA PHE F 747 28.66 14.41 -16.78
C PHE F 747 29.27 13.80 -18.03
N ALA F 748 29.52 14.62 -19.06
CA ALA F 748 30.21 14.11 -20.23
C ALA F 748 31.63 13.69 -19.90
N GLN F 749 32.33 14.49 -19.11
CA GLN F 749 33.69 14.16 -18.69
C GLN F 749 33.73 13.09 -17.62
N THR F 750 32.59 12.45 -17.32
CA THR F 750 32.55 11.22 -16.55
C THR F 750 32.45 9.99 -17.44
N LEU F 751 31.63 10.05 -18.49
CA LEU F 751 31.69 9.04 -19.53
C LEU F 751 33.05 9.06 -20.22
N GLN F 752 33.54 10.26 -20.53
CA GLN F 752 34.92 10.43 -20.95
C GLN F 752 35.84 10.22 -19.74
N GLN F 753 37.14 10.41 -19.93
CA GLN F 753 38.11 10.30 -18.85
C GLN F 753 38.26 8.87 -18.33
N SER F 754 37.41 7.97 -18.83
CA SER F 754 37.58 6.52 -18.63
C SER F 754 38.01 5.87 -19.93
N ARG F 755 38.68 6.64 -20.79
CA ARG F 755 39.04 6.22 -22.13
C ARG F 755 40.45 6.74 -22.38
N GLY F 756 40.86 6.78 -23.64
CA GLY F 756 42.11 7.43 -23.97
C GLY F 756 43.30 6.51 -24.03
N PHE F 757 43.17 5.43 -24.79
CA PHE F 757 44.30 4.55 -25.07
C PHE F 757 44.91 4.83 -26.42
N GLY F 758 44.59 5.97 -27.04
CA GLY F 758 45.11 6.34 -28.34
C GLY F 758 46.62 6.28 -28.43
N SER F 759 47.29 6.16 -27.29
CA SER F 759 48.70 5.86 -27.27
C SER F 759 49.00 4.50 -27.87
N PHE F 760 48.00 3.63 -27.99
CA PHE F 760 48.21 2.28 -28.50
C PHE F 760 48.77 2.32 -29.91
N ARG F 761 49.84 1.55 -30.13
CA ARG F 761 50.53 1.52 -31.41
C ARG F 761 51.01 0.10 -31.66
N PHE F 762 50.81 -0.41 -32.86
CA PHE F 762 51.25 -1.75 -33.17
C PHE F 762 52.75 -1.75 -33.45
N PRO F 763 53.54 -2.53 -32.73
CA PRO F 763 55.00 -2.46 -32.90
C PRO F 763 55.43 -2.95 -34.27
N SER F 764 56.64 -2.51 -34.64
CA SER F 764 57.24 -2.83 -35.93
C SER F 764 56.36 -2.36 -37.08
N GLY G 1 40.25 63.42 23.42
CA GLY G 1 41.33 63.86 22.56
C GLY G 1 41.04 65.15 21.82
N VAL G 2 41.36 66.28 22.45
CA VAL G 2 41.14 67.59 21.87
C VAL G 2 42.08 67.78 20.68
N THR G 3 43.30 67.24 20.78
CA THR G 3 44.31 67.45 19.76
C THR G 3 44.51 66.23 18.86
N GLY G 4 43.54 65.33 18.78
CA GLY G 4 43.68 64.14 17.97
C GLY G 4 43.53 64.39 16.48
N ALA G 5 43.16 65.62 16.13
CA ALA G 5 43.02 66.03 14.74
C ALA G 5 43.62 67.41 14.59
N PRO G 6 44.71 67.54 13.83
CA PRO G 6 45.35 68.85 13.68
C PRO G 6 44.43 69.83 12.96
N LYS G 7 44.53 71.10 13.34
CA LYS G 7 43.73 72.14 12.71
C LYS G 7 44.10 72.26 11.24
N LYS G 8 43.08 72.40 10.39
CA LYS G 8 43.29 72.37 8.95
C LYS G 8 43.91 73.68 8.49
N ASN G 9 45.05 73.59 7.80
CA ASN G 9 45.78 74.76 7.36
C ASN G 9 45.02 75.51 6.27
N THR G 10 45.40 76.77 6.07
CA THR G 10 44.76 77.60 5.05
C THR G 10 44.81 76.94 3.69
N GLU G 11 45.91 76.25 3.39
CA GLU G 11 46.01 75.48 2.16
C GLU G 11 45.14 74.23 2.19
N LEU G 12 44.76 73.76 3.37
CA LEU G 12 44.03 72.51 3.53
C LEU G 12 42.56 72.70 3.86
N VAL G 13 42.12 73.91 4.21
CA VAL G 13 40.70 74.14 4.46
C VAL G 13 39.95 74.05 3.14
N LYS G 14 38.94 73.19 3.10
CA LYS G 14 38.18 72.94 1.87
C LYS G 14 36.86 73.68 1.93
N VAL G 15 36.72 74.70 1.09
CA VAL G 15 35.49 75.47 0.96
C VAL G 15 34.75 74.95 -0.26
N MET G 16 33.53 74.47 -0.04
CA MET G 16 32.78 73.74 -1.07
C MET G 16 33.60 72.55 -1.58
N GLY G 17 34.41 71.98 -0.69
CA GLY G 17 35.33 70.92 -1.04
C GLY G 17 36.62 71.37 -1.67
N LEU G 18 36.83 72.67 -1.83
CA LEU G 18 37.98 73.20 -2.53
C LEU G 18 38.98 73.80 -1.54
N SER G 19 40.20 73.30 -1.56
CA SER G 19 41.28 73.81 -0.72
C SER G 19 42.38 74.39 -1.60
N ASN G 20 43.13 75.33 -1.02
CA ASN G 20 44.19 76.00 -1.75
C ASN G 20 45.26 75.01 -2.22
N TYR G 21 45.67 74.10 -1.33
CA TYR G 21 46.64 73.08 -1.71
C TYR G 21 46.09 72.18 -2.81
N HIS G 22 44.82 71.80 -2.71
CA HIS G 22 44.19 71.00 -3.75
C HIS G 22 44.16 71.76 -5.07
N CYS G 23 43.83 73.06 -5.02
CA CYS G 23 43.84 73.88 -6.22
C CYS G 23 45.26 74.05 -6.76
N LYS G 24 46.25 74.09 -5.86
CA LYS G 24 47.64 74.16 -6.31
C LYS G 24 48.04 72.90 -7.06
N LEU G 25 47.40 71.76 -6.75
CA LEU G 25 47.70 70.52 -7.46
C LEU G 25 47.00 70.47 -8.80
N LEU G 26 46.10 71.42 -9.08
CA LEU G 26 45.36 71.44 -10.34
C LEU G 26 45.64 72.68 -11.17
N SER G 27 46.09 73.76 -10.54
CA SER G 27 46.34 75.00 -11.29
C SER G 27 47.41 74.88 -12.37
N PRO G 28 48.59 74.28 -12.14
CA PRO G 28 49.58 74.20 -13.23
C PRO G 28 49.10 73.45 -14.45
N ILE G 29 48.19 72.49 -14.29
CA ILE G 29 47.67 71.76 -15.44
C ILE G 29 46.59 72.59 -16.15
N LEU G 30 45.94 73.49 -15.41
CA LEU G 30 45.01 74.42 -16.04
C LEU G 30 45.72 75.37 -17.00
N ALA G 31 47.04 75.51 -16.87
CA ALA G 31 47.79 76.39 -17.76
C ALA G 31 47.70 75.97 -19.21
N ARG G 32 47.54 74.66 -19.47
CA ARG G 32 47.34 74.17 -20.82
C ARG G 32 46.08 73.33 -21.01
N TYR G 33 45.20 73.27 -20.02
CA TYR G 33 43.95 72.53 -20.10
C TYR G 33 42.74 73.42 -19.90
N GLY G 34 41.62 73.00 -20.49
CA GLY G 34 40.32 73.61 -20.26
C GLY G 34 39.22 72.60 -19.99
N MET G 35 38.09 73.12 -19.49
CA MET G 35 36.92 72.33 -19.14
C MET G 35 35.97 72.28 -20.34
N ASP G 36 35.33 71.14 -20.55
CA ASP G 36 34.43 70.98 -21.69
C ASP G 36 32.98 71.15 -21.24
N LYS G 37 32.21 71.89 -22.03
CA LYS G 37 30.82 72.17 -21.66
C LYS G 37 29.91 70.97 -21.91
N GLN G 38 30.33 70.01 -22.74
CA GLN G 38 29.47 68.89 -23.06
C GLN G 38 29.81 67.65 -22.24
N THR G 39 31.06 67.18 -22.32
CA THR G 39 31.46 65.97 -21.62
C THR G 39 31.90 66.26 -20.18
N GLY G 40 32.40 67.47 -19.92
CA GLY G 40 33.03 67.75 -18.64
C GLY G 40 34.46 67.29 -18.53
N ARG G 41 35.00 66.69 -19.59
CA ARG G 41 36.38 66.20 -19.62
C ARG G 41 37.33 67.36 -19.90
N ALA G 42 38.50 67.29 -19.28
CA ALA G 42 39.53 68.29 -19.54
C ALA G 42 40.07 68.13 -20.96
N LYS G 43 40.44 69.26 -21.56
CA LYS G 43 40.94 69.25 -22.92
C LYS G 43 42.18 70.14 -23.01
N LEU G 44 43.20 69.63 -23.68
CA LEU G 44 44.43 70.39 -23.86
C LEU G 44 44.15 71.67 -24.62
N LEU G 45 44.84 72.75 -24.24
CA LEU G 45 44.66 74.02 -24.94
C LEU G 45 45.23 73.95 -26.35
N ARG G 46 46.04 72.94 -26.63
CA ARG G 46 46.57 72.78 -27.99
C ARG G 46 45.45 72.51 -28.99
N ASP G 47 44.45 71.72 -28.59
CA ASP G 47 43.34 71.41 -29.48
C ASP G 47 42.37 72.59 -29.63
N MET G 48 42.07 73.30 -28.54
CA MET G 48 41.24 74.49 -28.60
C MET G 48 42.06 75.76 -28.79
N ASN G 49 43.31 75.64 -29.23
CA ASN G 49 44.17 76.75 -29.68
C ASN G 49 43.99 78.03 -28.86
N GLN G 50 44.15 77.91 -27.54
CA GLN G 50 44.27 79.05 -26.65
C GLN G 50 45.72 79.29 -26.27
N GLY G 51 46.66 78.81 -27.09
CA GLY G 51 48.07 78.85 -26.77
C GLY G 51 48.46 77.71 -25.85
N GLU G 52 49.77 77.52 -25.71
CA GLU G 52 50.27 76.52 -24.78
C GLU G 52 50.00 76.89 -23.33
N LEU G 53 50.07 78.18 -22.99
CA LEU G 53 49.80 78.65 -21.65
C LEU G 53 48.51 79.46 -21.65
N PHE G 54 47.72 79.28 -20.60
CA PHE G 54 46.38 79.87 -20.52
C PHE G 54 46.44 81.39 -20.66
N ASP G 55 45.78 81.91 -21.70
CA ASP G 55 45.74 83.34 -21.93
C ASP G 55 44.93 84.04 -20.84
N CYS G 56 45.62 84.78 -19.96
CA CYS G 56 44.95 85.46 -18.87
C CYS G 56 44.24 86.73 -19.33
N ALA G 57 44.39 87.10 -20.60
CA ALA G 57 43.66 88.26 -21.13
C ALA G 57 42.15 88.06 -21.04
N LEU G 58 41.66 86.83 -21.17
CA LEU G 58 40.24 86.57 -21.03
C LEU G 58 39.74 86.80 -19.61
N LEU G 59 40.65 86.82 -18.63
CA LEU G 59 40.29 86.94 -17.23
C LEU G 59 40.10 88.37 -16.78
N GLY G 60 40.16 89.34 -17.69
CA GLY G 60 39.99 90.74 -17.31
C GLY G 60 38.62 91.05 -16.75
N ASP G 61 37.62 90.24 -17.09
CA ASP G 61 36.28 90.41 -16.55
C ASP G 61 36.07 89.67 -15.23
N ARG G 62 37.08 89.00 -14.71
CA ARG G 62 36.95 88.12 -13.56
C ARG G 62 37.29 88.90 -12.29
N ALA G 63 36.31 89.04 -11.41
CA ALA G 63 36.51 89.62 -10.09
C ALA G 63 35.81 88.76 -9.06
N PHE G 64 36.55 88.36 -8.02
CA PHE G 64 35.99 87.48 -7.00
C PHE G 64 34.99 88.25 -6.13
N LEU G 65 33.88 87.61 -5.81
CA LEU G 65 32.84 88.17 -4.95
C LEU G 65 32.60 87.21 -3.81
N ILE G 66 32.84 87.67 -2.58
CA ILE G 66 32.77 86.79 -1.42
C ILE G 66 31.37 86.76 -0.85
N GLU G 67 30.89 85.55 -0.53
CA GLU G 67 29.61 85.42 0.15
C GLU G 67 29.77 85.79 1.63
N PRO G 68 28.73 86.34 2.25
CA PRO G 68 28.83 86.65 3.69
C PRO G 68 29.03 85.41 4.55
N GLU G 69 28.52 84.25 4.13
CA GLU G 69 28.63 83.05 4.95
C GLU G 69 30.03 82.45 4.89
N HIS G 70 30.82 82.80 3.87
CA HIS G 70 32.18 82.30 3.75
C HIS G 70 33.23 83.34 4.12
N VAL G 71 32.85 84.43 4.79
CA VAL G 71 33.81 85.44 5.21
C VAL G 71 34.68 84.90 6.34
N ASN G 72 34.08 84.18 7.28
CA ASN G 72 34.75 83.75 8.50
C ASN G 72 35.76 82.63 8.27
N THR G 73 35.82 82.06 7.07
CA THR G 73 36.70 80.93 6.81
C THR G 73 38.16 81.39 6.84
N VAL G 74 39.02 80.59 7.48
CA VAL G 74 40.44 80.92 7.53
C VAL G 74 41.12 80.50 6.24
N GLY G 75 41.81 81.45 5.61
CA GLY G 75 42.51 81.18 4.37
C GLY G 75 41.67 81.32 3.11
N TYR G 76 40.36 81.42 3.24
CA TYR G 76 39.46 81.63 2.11
C TYR G 76 38.78 82.99 2.17
N GLY G 77 38.11 83.30 3.27
CA GLY G 77 37.45 84.58 3.43
C GLY G 77 38.35 85.65 3.99
N LYS G 78 37.88 86.32 5.03
CA LYS G 78 38.66 87.39 5.65
C LYS G 78 39.92 86.84 6.29
N ASP G 79 41.04 87.54 6.06
CA ASP G 79 42.25 87.27 6.81
C ASP G 79 42.10 87.70 8.26
N ARG G 80 42.52 86.83 9.18
CA ARG G 80 42.40 87.08 10.61
C ARG G 80 43.64 87.77 11.18
N SER G 81 44.68 87.96 10.37
CA SER G 81 45.96 88.39 10.86
C SER G 81 45.96 89.89 11.17
N GLY G 82 47.15 90.43 11.42
CA GLY G 82 47.28 91.84 11.77
C GLY G 82 46.99 92.79 10.64
N SER G 83 46.79 92.28 9.42
CA SER G 83 46.37 93.14 8.32
C SER G 83 44.99 93.73 8.56
N LEU G 84 44.20 93.12 9.45
CA LEU G 84 42.90 93.68 9.80
C LEU G 84 43.04 95.06 10.43
N LEU G 85 43.96 95.21 11.38
CA LEU G 85 44.23 96.53 11.96
C LEU G 85 45.01 97.40 10.98
N TYR G 86 45.78 96.78 10.09
CA TYR G 86 46.69 97.51 9.21
C TYR G 86 45.94 98.42 8.25
N LEU G 87 44.85 97.93 7.66
CA LEU G 87 44.16 98.64 6.59
C LEU G 87 43.01 99.51 7.07
N HIS G 88 42.80 99.61 8.39
CA HIS G 88 41.67 100.36 8.92
C HIS G 88 41.69 101.81 8.47
N ASP G 89 42.88 102.42 8.44
CA ASP G 89 42.99 103.78 7.95
C ASP G 89 42.53 103.88 6.50
N THR G 90 42.93 102.91 5.67
CA THR G 90 42.38 102.83 4.32
C THR G 90 40.91 102.45 4.36
N LEU G 91 40.52 101.55 5.26
CA LEU G 91 39.12 101.13 5.36
C LEU G 91 38.21 102.28 5.79
N GLU G 92 38.78 103.33 6.37
CA GLU G 92 37.98 104.48 6.76
C GLU G 92 37.39 105.17 5.52
N ASP G 93 38.18 105.27 4.45
CA ASP G 93 37.68 105.93 3.25
C ASP G 93 37.11 104.91 2.24
N ILE G 94 37.45 103.63 2.38
CA ILE G 94 36.81 102.60 1.57
C ILE G 94 35.32 102.55 1.89
N LYS G 95 34.98 102.48 3.18
CA LYS G 95 33.58 102.41 3.58
C LYS G 95 32.82 103.68 3.25
N ARG G 96 33.40 104.83 3.61
CA ARG G 96 32.65 106.09 3.55
C ARG G 96 32.42 106.53 2.11
N ALA G 97 33.30 106.10 1.19
CA ALA G 97 33.07 106.41 -0.22
C ALA G 97 31.79 105.78 -0.72
N ASN G 98 31.52 104.54 -0.36
CA ASN G 98 30.26 103.87 -0.69
C ASN G 98 29.24 104.01 0.45
N LYS G 99 29.06 105.24 0.92
CA LYS G 99 28.03 105.57 1.91
C LYS G 99 28.13 104.70 3.16
N SER G 100 29.33 104.56 3.70
CA SER G 100 29.58 103.87 4.97
C SER G 100 29.21 102.40 4.93
N GLN G 101 29.54 101.70 3.85
CA GLN G 101 29.35 100.26 3.76
C GLN G 101 30.68 99.57 3.43
N GLU G 102 30.93 98.45 4.09
CA GLU G 102 32.14 97.66 3.81
C GLU G 102 32.00 97.05 2.43
N CYS G 103 32.74 97.60 1.46
CA CYS G 103 32.65 97.18 0.08
C CYS G 103 33.91 96.50 -0.44
N LEU G 104 35.06 96.74 0.18
CA LEU G 104 36.33 96.17 -0.26
C LEU G 104 37.05 95.61 0.95
N ILE G 105 37.49 94.37 0.88
CA ILE G 105 38.05 93.67 2.04
C ILE G 105 39.37 93.00 1.70
N PRO G 106 40.27 92.85 2.67
CA PRO G 106 41.46 92.01 2.46
C PRO G 106 41.09 90.53 2.49
N VAL G 107 41.82 89.73 1.72
CA VAL G 107 41.56 88.30 1.60
C VAL G 107 42.84 87.53 1.92
N HIS G 108 42.71 86.52 2.77
CA HIS G 108 43.85 85.71 3.16
C HIS G 108 44.36 84.88 1.99
N VAL G 109 45.68 84.82 1.86
CA VAL G 109 46.35 84.08 0.79
C VAL G 109 47.49 83.26 1.40
N ASP G 110 47.70 82.07 0.86
CA ASP G 110 48.79 81.20 1.31
C ASP G 110 50.13 81.92 1.19
N GLY G 111 50.94 81.85 2.25
CA GLY G 111 52.23 82.50 2.26
C GLY G 111 53.37 81.60 1.83
N ASP G 112 53.36 81.17 0.57
CA ASP G 112 54.41 80.32 0.03
C ASP G 112 55.43 81.08 -0.79
N GLY G 113 55.37 82.41 -0.81
CA GLY G 113 56.30 83.23 -1.56
C GLY G 113 55.84 83.64 -2.93
N HIS G 114 54.83 82.98 -3.50
CA HIS G 114 54.23 83.37 -4.76
C HIS G 114 52.83 83.92 -4.58
N CYS G 115 52.56 84.56 -3.43
CA CYS G 115 51.22 85.05 -3.13
C CYS G 115 50.78 86.14 -4.09
N LEU G 116 51.73 86.80 -4.77
CA LEU G 116 51.37 87.90 -5.65
C LEU G 116 50.40 87.45 -6.74
N VAL G 117 50.75 86.38 -7.46
CA VAL G 117 49.82 85.85 -8.46
C VAL G 117 48.74 85.00 -7.79
N HIS G 118 49.02 84.46 -6.60
CA HIS G 118 47.98 83.79 -5.83
C HIS G 118 46.86 84.76 -5.49
N ALA G 119 47.24 85.97 -5.05
CA ALA G 119 46.24 87.01 -4.79
C ALA G 119 45.53 87.43 -6.07
N VAL G 120 46.29 87.60 -7.15
CA VAL G 120 45.69 88.01 -8.42
C VAL G 120 44.70 86.95 -8.90
N SER G 121 45.07 85.67 -8.79
CA SER G 121 44.12 84.61 -9.08
C SER G 121 42.95 84.66 -8.12
N ARG G 122 43.21 84.90 -6.84
CA ARG G 122 42.12 85.12 -5.89
C ARG G 122 41.38 86.42 -6.20
N ALA G 123 42.05 87.38 -6.83
CA ALA G 123 41.35 88.57 -7.30
C ALA G 123 40.47 88.25 -8.51
N LEU G 124 40.85 87.24 -9.30
CA LEU G 124 40.10 86.93 -10.51
C LEU G 124 38.97 85.93 -10.23
N VAL G 125 39.30 84.77 -9.68
CA VAL G 125 38.30 83.71 -9.51
C VAL G 125 38.13 83.38 -8.03
N GLY G 126 38.95 83.98 -7.17
CA GLY G 126 38.89 83.68 -5.75
C GLY G 126 39.44 82.32 -5.37
N ARG G 127 40.15 81.65 -6.27
CA ARG G 127 40.68 80.33 -6.00
C ARG G 127 42.14 80.29 -6.42
N GLU G 128 42.85 79.28 -5.96
CA GLU G 128 44.21 79.08 -6.45
C GLU G 128 44.20 78.19 -7.68
N LEU G 129 43.46 78.58 -8.71
CA LEU G 129 43.37 77.78 -9.92
C LEU G 129 44.00 78.44 -11.14
N PHE G 130 43.92 79.76 -11.28
CA PHE G 130 44.43 80.43 -12.47
C PHE G 130 45.75 81.13 -12.19
N TRP G 131 46.34 80.95 -11.00
CA TRP G 131 47.57 81.67 -10.67
C TRP G 131 48.76 81.19 -11.52
N HIS G 132 48.85 79.90 -11.81
CA HIS G 132 50.07 79.39 -12.44
C HIS G 132 50.24 79.94 -13.85
N ALA G 133 49.13 80.17 -14.56
CA ALA G 133 49.22 80.78 -15.88
C ALA G 133 49.66 82.23 -15.80
N LEU G 134 49.37 82.89 -14.67
CA LEU G 134 49.71 84.30 -14.53
C LEU G 134 51.22 84.54 -14.59
N ARG G 135 52.02 83.54 -14.23
CA ARG G 135 53.46 83.73 -14.21
C ARG G 135 54.11 83.28 -15.52
N GLU G 136 53.81 82.05 -15.95
CA GLU G 136 54.52 81.48 -17.09
C GLU G 136 54.28 82.28 -18.36
N ASN G 137 53.04 82.67 -18.62
CA ASN G 137 52.76 83.52 -19.78
C ASN G 137 53.32 84.92 -19.59
N LEU G 138 53.41 85.37 -18.34
CA LEU G 138 54.01 86.68 -18.05
C LEU G 138 55.48 86.70 -18.47
N LYS G 139 56.19 85.60 -18.23
CA LYS G 139 57.57 85.49 -18.68
C LYS G 139 57.65 85.62 -20.21
N GLN G 140 56.71 84.99 -20.91
CA GLN G 140 56.64 85.16 -22.36
C GLN G 140 56.21 86.57 -22.74
N HIS G 141 55.28 87.15 -21.98
CA HIS G 141 54.87 88.53 -22.24
C HIS G 141 56.02 89.50 -22.00
N PHE G 142 56.85 89.24 -20.98
CA PHE G 142 58.05 90.04 -20.81
C PHE G 142 58.97 89.92 -22.02
N GLN G 143 59.16 88.69 -22.51
CA GLN G 143 60.09 88.47 -23.63
C GLN G 143 59.59 89.14 -24.90
N GLN G 144 58.29 89.05 -25.19
CA GLN G 144 57.77 89.62 -26.43
C GLN G 144 57.85 91.14 -26.44
N HIS G 145 57.58 91.79 -25.31
CA HIS G 145 57.64 93.25 -25.22
C HIS G 145 58.84 93.74 -24.44
N LEU G 146 59.91 92.95 -24.36
CA LEU G 146 61.09 93.36 -23.60
C LEU G 146 61.69 94.64 -24.17
N ALA G 147 61.73 94.76 -25.49
CA ALA G 147 62.18 96.00 -26.11
C ALA G 147 61.28 97.17 -25.70
N ARG G 148 59.96 96.95 -25.63
CA ARG G 148 59.07 97.98 -25.14
C ARG G 148 59.16 98.11 -23.62
N TYR G 149 59.45 97.01 -22.92
CA TYR G 149 59.82 97.11 -21.52
C TYR G 149 61.14 97.87 -21.37
N GLN G 150 62.07 97.64 -22.30
CA GLN G 150 63.32 98.40 -22.30
C GLN G 150 63.05 99.88 -22.55
N ALA G 151 62.08 100.19 -23.41
CA ALA G 151 61.80 101.58 -23.76
C ALA G 151 61.51 102.42 -22.52
N LEU G 152 60.86 101.83 -21.52
CA LEU G 152 60.55 102.58 -20.30
C LEU G 152 61.61 102.39 -19.23
N PHE G 153 62.07 101.15 -19.01
CA PHE G 153 62.82 100.82 -17.80
C PHE G 153 64.30 100.56 -18.05
N HIS G 154 64.81 100.84 -19.25
CA HIS G 154 66.25 100.66 -19.46
C HIS G 154 67.06 101.69 -18.68
N ASP G 155 66.45 102.83 -18.36
CA ASP G 155 67.09 103.84 -17.52
C ASP G 155 66.74 103.69 -16.05
N PHE G 156 65.89 102.74 -15.69
CA PHE G 156 65.48 102.54 -14.31
C PHE G 156 65.83 101.14 -13.83
N ILE G 157 65.91 100.19 -14.77
CA ILE G 157 66.22 98.79 -14.46
C ILE G 157 67.43 98.39 -15.28
N ASP G 158 68.37 97.70 -14.64
CA ASP G 158 69.55 97.21 -15.33
C ASP G 158 69.16 96.23 -16.44
N ALA G 159 69.89 96.29 -17.56
CA ALA G 159 69.61 95.39 -18.67
C ALA G 159 69.80 93.94 -18.29
N ALA G 160 70.76 93.65 -17.41
CA ALA G 160 70.97 92.28 -16.96
C ALA G 160 69.85 91.84 -16.01
N GLU G 161 69.19 92.78 -15.35
CA GLU G 161 68.10 92.44 -14.43
C GLU G 161 66.92 91.82 -15.16
N TRP G 162 66.61 92.26 -16.38
CA TRP G 162 65.46 91.73 -17.11
C TRP G 162 65.58 90.23 -17.35
N GLU G 163 66.79 89.71 -17.52
CA GLU G 163 66.97 88.26 -17.59
C GLU G 163 66.63 87.61 -16.24
N ASP G 164 66.93 88.31 -15.15
CA ASP G 164 66.53 87.82 -13.83
C ASP G 164 65.04 88.09 -13.59
N ILE G 165 64.52 89.19 -14.15
CA ILE G 165 63.11 89.52 -13.97
C ILE G 165 62.22 88.45 -14.60
N ILE G 166 62.57 87.99 -15.81
CA ILE G 166 61.81 86.91 -16.41
C ILE G 166 62.00 85.62 -15.63
N ASN G 167 63.15 85.46 -14.96
CA ASN G 167 63.36 84.31 -14.09
C ASN G 167 62.45 84.36 -12.87
N GLU G 168 62.00 85.55 -12.49
CA GLU G 168 61.07 85.68 -11.36
C GLU G 168 59.73 85.03 -11.66
N CYS G 169 59.33 85.00 -12.93
CA CYS G 169 58.06 84.38 -13.30
C CYS G 169 58.15 82.86 -13.33
N ASP G 170 59.35 82.30 -13.22
CA ASP G 170 59.48 80.85 -13.26
C ASP G 170 58.77 80.23 -12.06
N PRO G 171 58.00 79.16 -12.26
CA PRO G 171 57.12 78.66 -11.19
C PRO G 171 57.85 78.18 -9.96
N LEU G 172 58.76 77.20 -10.10
CA LEU G 172 59.43 76.59 -8.96
C LEU G 172 60.90 76.99 -8.85
N PHE G 173 61.28 78.08 -9.52
CA PHE G 173 62.67 78.52 -9.48
C PHE G 173 62.95 79.28 -8.20
N VAL G 174 63.77 78.71 -7.33
CA VAL G 174 64.13 79.31 -6.05
C VAL G 174 65.25 80.32 -6.30
N PRO G 175 65.05 81.60 -5.99
CA PRO G 175 66.14 82.56 -6.16
C PRO G 175 67.24 82.30 -5.16
N PRO G 176 68.46 82.78 -5.43
CA PRO G 176 69.57 82.56 -4.50
C PRO G 176 69.28 83.14 -3.11
N GLU G 177 70.15 82.79 -2.17
CA GLU G 177 69.93 83.15 -0.78
C GLU G 177 69.88 84.67 -0.59
N GLY G 178 69.06 85.12 0.35
CA GLY G 178 68.96 86.52 0.70
C GLY G 178 67.85 87.30 0.02
N VAL G 179 67.25 86.77 -1.02
CA VAL G 179 66.15 87.46 -1.70
C VAL G 179 64.96 87.54 -0.75
N PRO G 180 64.37 88.72 -0.53
CA PRO G 180 63.21 88.82 0.35
C PRO G 180 62.04 87.99 -0.20
N LEU G 181 61.30 87.37 0.72
CA LEU G 181 60.22 86.46 0.33
C LEU G 181 59.07 87.28 -0.23
N GLY G 182 59.04 87.46 -1.55
CA GLY G 182 58.01 88.24 -2.20
C GLY G 182 58.39 88.65 -3.61
N LEU G 183 57.41 88.83 -4.47
CA LEU G 183 57.65 89.20 -5.86
C LEU G 183 57.51 90.70 -6.03
N ARG G 184 58.31 91.28 -6.92
CA ARG G 184 58.31 92.72 -7.13
C ARG G 184 57.05 93.16 -7.87
N ASN G 185 56.86 94.49 -7.92
CA ASN G 185 55.70 95.08 -8.58
C ASN G 185 55.81 95.01 -10.10
N ILE G 186 56.99 94.64 -10.60
CA ILE G 186 57.19 94.57 -12.05
C ILE G 186 56.27 93.54 -12.68
N HIS G 187 56.00 92.44 -11.96
CA HIS G 187 55.05 91.46 -12.47
C HIS G 187 53.66 92.04 -12.62
N ILE G 188 53.21 92.84 -11.63
CA ILE G 188 51.85 93.36 -11.66
C ILE G 188 51.65 94.25 -12.87
N PHE G 189 52.65 95.08 -13.19
CA PHE G 189 52.62 95.87 -14.41
C PHE G 189 52.37 94.99 -15.62
N GLY G 190 53.18 93.93 -15.77
CA GLY G 190 52.91 92.97 -16.82
C GLY G 190 51.56 92.29 -16.66
N LEU G 191 51.23 91.89 -15.42
CA LEU G 191 49.95 91.25 -15.17
C LEU G 191 48.79 92.16 -15.54
N ALA G 192 48.88 93.45 -15.20
CA ALA G 192 47.85 94.39 -15.62
C ALA G 192 47.77 94.46 -17.13
N ASN G 193 48.93 94.42 -17.80
CA ASN G 193 48.93 94.39 -19.26
C ASN G 193 48.48 93.03 -19.77
N VAL G 194 48.88 91.95 -19.09
CA VAL G 194 48.46 90.61 -19.51
C VAL G 194 46.94 90.47 -19.37
N LEU G 195 46.37 90.89 -18.24
CA LEU G 195 44.95 90.72 -18.00
C LEU G 195 44.07 91.62 -18.85
N HIS G 196 44.65 92.57 -19.59
CA HIS G 196 43.90 93.64 -20.27
C HIS G 196 43.05 94.40 -19.27
N ARG G 197 43.60 94.61 -18.07
CA ARG G 197 42.84 95.11 -16.95
C ARG G 197 43.72 95.93 -16.03
N PRO G 198 43.24 97.05 -15.51
CA PRO G 198 43.97 97.75 -14.46
C PRO G 198 44.02 96.91 -13.18
N ILE G 199 45.13 97.02 -12.46
CA ILE G 199 45.28 96.40 -11.16
C ILE G 199 45.70 97.48 -10.17
N ILE G 200 45.04 97.51 -9.02
CA ILE G 200 45.28 98.55 -8.02
C ILE G 200 45.84 97.90 -6.77
N LEU G 201 47.03 98.32 -6.36
CA LEU G 201 47.68 97.82 -5.16
C LEU G 201 47.63 98.91 -4.10
N LEU G 202 47.00 98.61 -2.96
CA LEU G 202 46.77 99.60 -1.93
C LEU G 202 47.70 99.40 -0.74
N ASP G 203 47.72 100.42 0.12
CA ASP G 203 48.45 100.40 1.37
C ASP G 203 47.68 101.24 2.37
N SER G 204 48.17 101.32 3.60
CA SER G 204 47.51 102.13 4.62
C SER G 204 47.58 103.62 4.24
N LEU G 205 46.86 104.44 5.00
CA LEU G 205 46.96 105.88 4.81
C LEU G 205 48.39 106.36 4.99
N SER G 206 49.13 105.74 5.91
CA SER G 206 50.55 106.00 6.02
C SER G 206 51.29 105.50 4.79
N GLY G 207 50.86 104.38 4.22
CA GLY G 207 51.53 103.84 3.05
C GLY G 207 51.44 104.77 1.84
N MET G 208 50.26 105.36 1.63
CA MET G 208 50.10 106.32 0.54
C MET G 208 50.96 107.56 0.75
N ARG G 209 51.01 108.08 1.97
CA ARG G 209 51.88 109.21 2.27
C ARG G 209 53.32 108.80 2.56
N SER G 210 53.61 107.50 2.57
CA SER G 210 54.98 107.04 2.56
C SER G 210 55.62 107.33 1.21
N SER G 211 56.91 107.62 1.23
CA SER G 211 57.64 108.04 0.03
C SER G 211 57.96 106.88 -0.92
N GLY G 212 57.38 105.71 -0.71
CA GLY G 212 57.62 104.55 -1.56
C GLY G 212 56.49 104.39 -2.57
N ASP G 213 56.86 103.96 -3.78
CA ASP G 213 55.89 103.72 -4.84
C ASP G 213 55.39 102.29 -4.82
N TYR G 214 55.56 101.61 -3.69
CA TYR G 214 55.10 100.23 -3.56
C TYR G 214 53.58 100.12 -3.58
N SER G 215 52.87 101.23 -3.44
CA SER G 215 51.43 101.28 -3.62
C SER G 215 51.12 102.13 -4.84
N ALA G 216 50.62 101.49 -5.90
CA ALA G 216 50.44 102.19 -7.16
C ALA G 216 49.32 101.53 -7.96
N THR G 217 48.82 102.26 -8.96
CA THR G 217 47.77 101.78 -9.85
C THR G 217 48.42 101.23 -11.11
N PHE G 218 48.34 99.92 -11.29
CA PHE G 218 48.96 99.23 -12.43
C PHE G 218 47.96 99.19 -13.58
N LEU G 219 48.25 99.93 -14.63
CA LEU G 219 47.35 100.01 -15.77
C LEU G 219 47.87 99.20 -16.95
N PRO G 220 46.98 98.66 -17.78
CA PRO G 220 47.43 97.95 -18.97
C PRO G 220 47.97 98.90 -20.03
N GLY G 221 49.16 99.45 -19.78
CA GLY G 221 49.75 100.38 -20.72
C GLY G 221 50.14 99.76 -22.04
N LEU G 222 50.64 98.52 -22.02
CA LEU G 222 51.07 97.85 -23.24
C LEU G 222 49.89 97.37 -24.10
N ILE G 223 48.67 97.48 -23.62
CA ILE G 223 47.48 97.02 -24.31
C ILE G 223 46.54 98.21 -24.48
N PRO G 224 46.06 98.50 -25.69
CA PRO G 224 45.20 99.68 -25.87
C PRO G 224 43.83 99.51 -25.23
N ALA G 225 43.25 100.65 -24.85
CA ALA G 225 42.04 100.69 -24.03
C ALA G 225 40.86 99.98 -24.70
N GLU G 226 40.73 100.05 -26.02
CA GLU G 226 39.66 99.32 -26.69
C GLU G 226 39.76 97.82 -26.49
N LYS G 227 40.98 97.31 -26.28
CA LYS G 227 41.20 95.91 -25.93
C LYS G 227 41.05 95.64 -24.44
N CYS G 228 40.92 96.68 -23.62
CA CYS G 228 40.79 96.54 -22.17
C CYS G 228 39.33 96.55 -21.73
N THR G 229 38.41 96.29 -22.65
CA THR G 229 36.98 96.30 -22.35
C THR G 229 36.48 94.85 -22.30
N GLY G 230 35.31 94.67 -21.68
CA GLY G 230 34.68 93.37 -21.65
C GLY G 230 33.96 93.06 -22.95
N LYS G 231 33.26 91.93 -22.94
CA LYS G 231 32.48 91.56 -24.12
C LYS G 231 31.24 92.41 -24.32
N ASP G 232 30.83 93.19 -23.32
CA ASP G 232 29.65 94.05 -23.44
C ASP G 232 29.99 95.46 -23.92
N GLY G 233 31.24 95.72 -24.29
CA GLY G 233 31.65 97.06 -24.67
C GLY G 233 32.00 97.95 -23.51
N HIS G 234 32.05 97.42 -22.29
CA HIS G 234 32.39 98.21 -21.11
C HIS G 234 33.77 97.84 -20.60
N LEU G 235 34.48 98.83 -20.09
CA LEU G 235 35.81 98.60 -19.54
C LEU G 235 35.73 97.67 -18.33
N ASN G 236 36.72 96.78 -18.21
CA ASN G 236 36.78 95.84 -17.10
C ASN G 236 37.02 96.57 -15.78
N LYS G 237 36.14 96.37 -14.82
CA LYS G 237 36.33 96.98 -13.50
C LYS G 237 37.55 96.36 -12.82
N PRO G 238 38.49 97.17 -12.35
CA PRO G 238 39.79 96.63 -11.92
C PRO G 238 39.68 95.73 -10.69
N ILE G 239 40.56 94.74 -10.62
CA ILE G 239 40.78 93.99 -9.39
C ILE G 239 41.76 94.76 -8.52
N CYS G 240 41.50 94.75 -7.21
CA CYS G 240 42.27 95.53 -6.26
C CYS G 240 43.05 94.59 -5.34
N ILE G 241 44.27 94.99 -4.99
CA ILE G 241 45.11 94.23 -4.07
C ILE G 241 45.70 95.20 -3.06
N ALA G 242 46.30 94.64 -2.00
CA ALA G 242 46.84 95.46 -0.94
C ALA G 242 48.10 94.82 -0.38
N TRP G 243 48.85 95.61 0.38
CA TRP G 243 49.99 95.08 1.15
C TRP G 243 49.49 94.51 2.47
N SER G 244 49.94 93.30 2.79
CA SER G 244 49.44 92.60 3.96
C SER G 244 50.28 92.80 5.21
N SER G 245 51.38 93.53 5.13
CA SER G 245 52.24 93.72 6.29
C SER G 245 53.15 94.92 6.06
N SER G 246 53.72 95.43 7.15
CA SER G 246 54.70 96.51 7.05
C SER G 246 56.05 96.01 6.53
N GLY G 247 56.31 94.71 6.62
CA GLY G 247 57.52 94.13 6.05
C GLY G 247 57.46 93.92 4.56
N ARG G 248 56.26 94.00 3.97
CA ARG G 248 56.08 93.90 2.52
C ARG G 248 56.61 92.56 1.98
N ASN G 249 55.99 91.47 2.40
CA ASN G 249 56.39 90.13 1.98
C ASN G 249 55.23 89.26 1.54
N HIS G 250 53.99 89.64 1.84
CA HIS G 250 52.83 88.85 1.46
C HIS G 250 51.80 89.76 0.80
N TYR G 251 51.21 89.30 -0.30
CA TYR G 251 50.22 90.07 -1.03
C TYR G 251 48.82 89.53 -0.73
N ILE G 252 47.84 90.43 -0.73
CA ILE G 252 46.45 90.06 -0.50
C ILE G 252 45.57 90.67 -1.58
N PRO G 253 44.50 90.00 -2.00
CA PRO G 253 43.59 90.62 -2.97
C PRO G 253 42.43 91.31 -2.26
N LEU G 254 41.99 92.42 -2.85
CA LEU G 254 40.86 93.18 -2.33
C LEU G 254 39.66 92.97 -3.24
N VAL G 255 38.67 92.23 -2.76
CA VAL G 255 37.52 91.83 -3.55
C VAL G 255 36.24 92.29 -2.85
N GLY G 256 35.16 92.39 -3.63
CA GLY G 256 33.89 92.79 -3.08
C GLY G 256 33.12 91.62 -2.49
N ILE G 257 31.95 91.93 -1.93
CA ILE G 257 31.10 90.95 -1.28
C ILE G 257 30.01 90.52 -2.25
N LYS G 258 29.87 89.20 -2.42
CA LYS G 258 28.95 88.65 -3.42
C LYS G 258 27.51 89.02 -3.08
N GLY G 259 26.84 89.68 -4.02
CA GLY G 259 25.49 90.15 -3.81
C GLY G 259 25.38 91.51 -3.17
N ALA G 260 26.50 92.09 -2.72
CA ALA G 260 26.48 93.38 -2.06
C ALA G 260 26.83 94.50 -3.05
N ALA G 261 27.02 95.69 -2.50
CA ALA G 261 27.32 96.86 -3.32
C ALA G 261 28.68 96.73 -3.99
N LEU G 262 28.76 97.20 -5.23
CA LEU G 262 30.03 97.20 -5.94
C LEU G 262 30.97 98.20 -5.30
N PRO G 263 32.18 97.78 -4.91
CA PRO G 263 33.10 98.70 -4.24
C PRO G 263 33.50 99.87 -5.15
N LYS G 264 33.62 101.04 -4.55
CA LYS G 264 34.07 102.24 -5.24
C LYS G 264 35.33 102.76 -4.55
N LEU G 265 36.37 103.03 -5.33
CA LEU G 265 37.65 103.43 -4.78
C LEU G 265 37.78 104.95 -4.81
N PRO G 266 37.84 105.63 -3.68
CA PRO G 266 37.98 107.08 -3.68
C PRO G 266 39.31 107.53 -4.27
N MET G 267 39.34 108.80 -4.68
CA MET G 267 40.52 109.35 -5.34
C MET G 267 41.74 109.34 -4.43
N ASN G 268 41.57 109.64 -3.14
CA ASN G 268 42.71 109.62 -2.24
C ASN G 268 43.26 108.22 -2.04
N LEU G 269 42.41 107.20 -2.14
CA LEU G 269 42.84 105.81 -2.09
C LEU G 269 43.11 105.23 -3.47
N LEU G 270 42.94 106.01 -4.53
CA LEU G 270 43.34 105.56 -5.85
C LEU G 270 44.77 106.02 -6.10
N PRO G 271 45.74 105.13 -6.09
CA PRO G 271 47.14 105.54 -6.20
C PRO G 271 47.49 105.96 -7.63
N LYS G 272 48.65 106.60 -7.74
CA LYS G 272 49.13 107.06 -9.04
C LYS G 272 49.51 105.87 -9.92
N ALA G 273 49.65 106.14 -11.21
CA ALA G 273 50.00 105.09 -12.16
C ALA G 273 51.41 104.57 -11.91
N TRP G 274 51.66 103.32 -12.29
CA TRP G 274 52.96 102.69 -12.10
C TRP G 274 53.65 102.51 -13.45
N GLY G 275 54.62 103.38 -13.73
CA GLY G 275 55.40 103.28 -14.95
C GLY G 275 54.70 103.78 -16.20
N VAL G 276 53.49 104.30 -16.09
CA VAL G 276 52.71 104.76 -17.24
C VAL G 276 52.18 106.16 -16.95
N PRO G 277 51.84 106.95 -17.96
CA PRO G 277 51.33 108.31 -17.70
C PRO G 277 50.06 108.28 -16.86
N GLN G 278 49.91 109.33 -16.03
CA GLN G 278 48.76 109.41 -15.13
C GLN G 278 47.45 109.54 -15.90
N ASP G 279 47.49 110.11 -17.11
CA ASP G 279 46.27 110.27 -17.90
C ASP G 279 45.65 108.93 -18.28
N LEU G 280 46.41 107.84 -18.19
CA LEU G 280 45.89 106.52 -18.55
C LEU G 280 44.85 106.00 -17.57
N ILE G 281 44.70 106.66 -16.41
CA ILE G 281 43.66 106.27 -15.47
C ILE G 281 42.28 106.46 -16.08
N LYS G 282 42.10 107.57 -16.79
CA LYS G 282 40.86 107.84 -17.52
C LYS G 282 40.64 106.89 -18.68
N LYS G 283 41.70 106.53 -19.41
CA LYS G 283 41.57 105.69 -20.60
C LYS G 283 41.37 104.21 -20.29
N TYR G 284 42.01 103.68 -19.24
CA TYR G 284 41.98 102.24 -19.03
C TYR G 284 41.02 101.78 -17.95
N ILE G 285 40.45 102.69 -17.17
CA ILE G 285 39.53 102.34 -16.10
C ILE G 285 38.16 102.90 -16.45
N LYS G 286 37.12 102.11 -16.20
CA LYS G 286 35.76 102.60 -16.35
C LYS G 286 35.51 103.61 -15.23
N LEU G 287 35.73 104.88 -15.52
CA LEU G 287 35.74 105.91 -14.49
C LEU G 287 34.35 106.49 -14.31
N GLU G 288 34.08 106.94 -13.09
CA GLU G 288 32.80 107.52 -12.75
C GLU G 288 32.85 109.05 -12.85
N GLU G 289 31.68 109.67 -12.69
CA GLU G 289 31.60 111.12 -12.80
C GLU G 289 31.99 111.82 -11.51
N ASP G 290 32.07 111.08 -10.40
CA ASP G 290 32.34 111.68 -9.10
C ASP G 290 33.82 111.66 -8.74
N GLY G 291 34.69 111.23 -9.64
CA GLY G 291 36.12 111.20 -9.37
C GLY G 291 36.67 109.86 -8.93
N GLY G 292 35.80 108.90 -8.60
CA GLY G 292 36.25 107.58 -8.23
C GLY G 292 36.10 106.57 -9.35
N CYS G 293 36.39 105.32 -9.03
CA CYS G 293 36.27 104.23 -9.99
C CYS G 293 35.60 103.04 -9.31
N VAL G 294 34.93 102.21 -10.12
CA VAL G 294 34.20 101.06 -9.62
C VAL G 294 35.16 99.87 -9.53
N ILE G 295 35.14 99.19 -8.40
CA ILE G 295 36.00 98.04 -8.13
C ILE G 295 35.15 96.79 -8.17
N GLY G 296 35.76 95.65 -8.48
CA GLY G 296 35.03 94.41 -8.51
C GLY G 296 34.27 94.20 -9.80
N GLY G 297 32.94 94.07 -9.70
CA GLY G 297 32.08 93.83 -10.86
C GLY G 297 31.00 92.79 -10.68
N ASP G 298 30.13 92.66 -11.70
CA ASP G 298 29.05 91.69 -11.72
C ASP G 298 29.20 90.63 -12.80
N ARG G 299 30.17 90.78 -13.69
CA ARG G 299 30.48 89.71 -14.65
C ARG G 299 31.42 88.67 -14.02
N SER G 300 31.00 88.14 -12.88
CA SER G 300 31.82 87.17 -12.17
C SER G 300 31.32 85.75 -12.41
N LEU G 301 32.20 84.78 -12.20
CA LEU G 301 31.86 83.38 -12.39
C LEU G 301 31.34 82.80 -11.07
N GLN G 302 30.16 82.19 -11.12
CA GLN G 302 29.59 81.56 -9.95
C GLN G 302 30.40 80.32 -9.57
N ASP G 303 30.39 79.99 -8.29
CA ASP G 303 31.22 78.89 -7.78
C ASP G 303 30.74 77.54 -8.33
N LYS G 304 29.54 77.50 -8.92
CA LYS G 304 29.03 76.24 -9.44
C LYS G 304 29.84 75.75 -10.63
N TYR G 305 30.28 76.66 -11.51
CA TYR G 305 31.09 76.26 -12.66
C TYR G 305 32.49 75.84 -12.24
N LEU G 306 33.08 76.56 -11.27
CA LEU G 306 34.44 76.25 -10.84
C LEU G 306 34.51 74.88 -10.17
N LEU G 307 33.43 74.46 -9.53
CA LEU G 307 33.39 73.13 -8.93
C LEU G 307 33.56 72.04 -9.98
N ARG G 308 32.93 72.20 -11.15
CA ARG G 308 33.17 71.27 -12.24
C ARG G 308 34.62 71.31 -12.69
N LEU G 309 35.20 72.51 -12.82
CA LEU G 309 36.54 72.65 -13.36
C LEU G 309 37.57 71.98 -12.46
N VAL G 310 37.41 72.11 -11.14
CA VAL G 310 38.27 71.37 -10.21
C VAL G 310 38.07 69.88 -10.42
N ALA G 311 36.81 69.44 -10.52
CA ALA G 311 36.54 68.04 -10.84
C ALA G 311 37.07 67.69 -12.22
N ALA G 312 36.98 68.63 -13.16
CA ALA G 312 37.47 68.37 -14.52
C ALA G 312 38.97 68.16 -14.55
N MET G 313 39.70 68.68 -13.56
CA MET G 313 41.14 68.45 -13.48
C MET G 313 41.47 67.20 -12.69
N GLU G 314 40.66 66.85 -11.70
CA GLU G 314 40.88 65.59 -10.98
C GLU G 314 40.69 64.40 -11.92
N GLU G 315 40.02 64.62 -13.05
CA GLU G 315 39.87 63.56 -14.05
C GLU G 315 41.21 63.15 -14.64
N VAL G 316 41.88 64.08 -15.34
CA VAL G 316 43.18 63.78 -15.93
C VAL G 316 44.21 63.50 -14.85
N PHE G 317 44.06 64.13 -13.68
CA PHE G 317 45.03 63.96 -12.61
C PHE G 317 45.09 62.50 -12.18
N MET G 318 44.04 61.72 -12.49
CA MET G 318 44.10 60.27 -12.31
C MET G 318 45.17 59.67 -13.20
N ASP G 319 45.16 60.02 -14.48
CA ASP G 319 46.08 59.42 -15.44
C ASP G 319 47.50 59.94 -15.26
N LYS G 320 47.64 61.25 -15.15
CA LYS G 320 48.97 61.87 -15.15
C LYS G 320 49.75 61.54 -13.88
N HIS G 321 49.11 61.65 -12.72
CA HIS G 321 49.81 61.50 -11.45
C HIS G 321 49.57 60.17 -10.76
N GLY G 322 48.62 59.37 -11.24
CA GLY G 322 48.35 58.08 -10.63
C GLY G 322 47.86 58.15 -9.20
N ILE G 323 47.22 59.26 -8.81
CA ILE G 323 46.88 59.53 -7.43
C ILE G 323 45.84 60.65 -7.41
N HIS G 324 45.11 60.77 -6.31
CA HIS G 324 44.13 61.84 -6.21
C HIS G 324 44.73 63.05 -5.51
N PRO G 325 44.51 64.27 -6.03
CA PRO G 325 45.12 65.45 -5.40
C PRO G 325 44.67 65.69 -3.97
N SER G 326 43.41 65.39 -3.65
CA SER G 326 43.00 65.45 -2.25
C SER G 326 43.71 64.38 -1.43
N LEU G 327 43.89 63.19 -1.98
CA LEU G 327 44.67 62.15 -1.31
C LEU G 327 46.11 62.60 -1.12
N VAL G 328 46.66 63.34 -2.08
CA VAL G 328 47.97 63.97 -1.90
C VAL G 328 47.90 65.00 -0.77
N ALA G 329 46.83 65.79 -0.73
CA ALA G 329 46.72 66.84 0.27
C ALA G 329 46.73 66.28 1.69
N ASP G 330 46.00 65.19 1.92
CA ASP G 330 45.98 64.58 3.25
C ASP G 330 47.33 63.99 3.61
N VAL G 331 48.01 63.38 2.63
CA VAL G 331 49.36 62.88 2.86
C VAL G 331 50.28 64.03 3.26
N HIS G 332 50.11 65.19 2.62
CA HIS G 332 50.87 66.38 3.00
C HIS G 332 50.62 66.74 4.45
N GLN G 333 49.35 66.74 4.87
CA GLN G 333 48.99 67.19 6.22
C GLN G 333 49.49 66.22 7.27
N TYR G 334 49.40 64.92 7.00
CA TYR G 334 49.63 63.92 8.03
C TYR G 334 51.07 63.43 8.09
N PHE G 335 51.87 63.64 7.05
CA PHE G 335 53.24 63.15 7.03
C PHE G 335 54.25 64.24 6.71
N TYR G 336 53.93 65.15 5.80
CA TYR G 336 54.81 66.27 5.50
C TYR G 336 54.62 67.41 6.48
N ARG G 337 53.37 67.74 6.80
CA ARG G 337 53.09 68.72 7.84
C ARG G 337 53.39 68.17 9.23
N ARG G 338 53.54 66.85 9.36
CA ARG G 338 53.91 66.25 10.64
C ARG G 338 55.29 66.73 11.11
N THR G 339 56.19 67.05 10.19
CA THR G 339 57.52 67.52 10.53
C THR G 339 57.54 68.99 10.94
N GLY G 340 56.41 69.70 10.79
CA GLY G 340 56.37 71.11 11.14
C GLY G 340 56.99 72.04 10.12
N VAL G 341 57.37 71.53 8.96
CA VAL G 341 58.00 72.35 7.93
C VAL G 341 56.91 73.06 7.13
N ILE G 342 56.98 74.37 7.08
CA ILE G 342 56.03 75.18 6.32
C ILE G 342 56.62 75.49 4.95
N GLY G 343 55.82 75.24 3.91
CA GLY G 343 56.29 75.46 2.55
C GLY G 343 56.76 74.22 1.83
N VAL G 344 56.12 73.07 2.08
CA VAL G 344 56.52 71.84 1.41
C VAL G 344 56.01 71.86 -0.02
N GLN G 345 56.84 71.38 -0.95
CA GLN G 345 56.45 71.38 -2.35
C GLN G 345 55.32 70.39 -2.60
N PRO G 346 54.26 70.80 -3.31
CA PRO G 346 53.20 69.85 -3.66
C PRO G 346 53.68 68.69 -4.53
N GLU G 347 54.68 68.91 -5.38
CA GLU G 347 55.14 67.87 -6.29
C GLU G 347 55.75 66.69 -5.54
N GLU G 348 56.54 66.97 -4.50
CA GLU G 348 57.15 65.89 -3.73
C GLU G 348 56.10 65.05 -3.03
N VAL G 349 55.06 65.69 -2.51
CA VAL G 349 53.99 64.96 -1.85
C VAL G 349 53.25 64.09 -2.86
N THR G 350 53.10 64.58 -4.09
CA THR G 350 52.38 63.81 -5.11
C THR G 350 53.15 62.54 -5.49
N ALA G 351 54.44 62.67 -5.79
CA ALA G 351 55.20 61.53 -6.29
C ALA G 351 55.44 60.50 -5.19
N ALA G 352 55.83 60.96 -3.99
CA ALA G 352 56.19 60.03 -2.93
C ALA G 352 54.98 59.26 -2.41
N ALA G 353 53.82 59.92 -2.34
CA ALA G 353 52.62 59.25 -1.83
C ALA G 353 52.17 58.14 -2.78
N LYS G 354 52.61 58.20 -4.05
CA LYS G 354 52.32 57.13 -4.99
C LYS G 354 53.00 55.83 -4.55
N LYS G 355 54.15 55.95 -3.89
CA LYS G 355 54.77 54.77 -3.28
C LYS G 355 53.86 54.16 -2.21
N ALA G 356 53.25 55.01 -1.39
CA ALA G 356 52.23 54.52 -0.46
C ALA G 356 51.02 53.97 -1.20
N VAL G 357 50.71 54.53 -2.38
CA VAL G 357 49.63 53.99 -3.20
C VAL G 357 50.00 52.61 -3.72
N MET G 358 51.22 52.45 -4.22
CA MET G 358 51.62 51.19 -4.86
C MET G 358 51.62 50.05 -3.85
N ASP G 359 52.12 50.30 -2.64
CA ASP G 359 52.19 49.25 -1.63
C ASP G 359 51.05 49.33 -0.61
N ASN G 360 50.08 50.22 -0.80
CA ASN G 360 48.94 50.36 0.11
C ASN G 360 49.39 50.64 1.54
N ARG G 361 50.36 51.54 1.71
CA ARG G 361 50.89 51.86 3.03
C ARG G 361 50.04 52.88 3.77
N LEU G 362 49.03 53.44 3.11
CA LEU G 362 48.13 54.38 3.77
C LEU G 362 47.01 53.63 4.48
N HIS G 363 46.81 53.94 5.76
CA HIS G 363 45.72 53.37 6.55
C HIS G 363 44.96 54.50 7.24
N LYS G 364 43.73 54.72 6.79
CA LYS G 364 42.94 55.87 7.21
C LYS G 364 42.09 55.53 8.42
N CYS G 365 42.10 56.41 9.42
CA CYS G 365 41.27 56.25 10.59
C CYS G 365 39.80 56.46 10.23
N LEU G 366 38.93 55.58 10.71
CA LEU G 366 37.52 55.63 10.36
C LEU G 366 36.70 56.50 11.30
N LEU G 367 37.27 56.93 12.44
CA LEU G 367 36.50 57.72 13.39
C LEU G 367 36.84 59.20 13.28
N CYS G 368 38.11 59.56 13.45
CA CYS G 368 38.54 60.95 13.34
C CYS G 368 39.03 61.33 11.96
N GLY G 369 39.03 60.39 11.01
CA GLY G 369 39.44 60.67 9.66
C GLY G 369 40.93 60.79 9.43
N ALA G 370 41.75 60.45 10.42
CA ALA G 370 43.20 60.61 10.28
C ALA G 370 43.75 59.63 9.25
N LEU G 371 44.60 60.14 8.37
CA LEU G 371 45.32 59.32 7.41
C LEU G 371 46.66 58.89 8.00
N SER G 372 46.74 57.62 8.38
CA SER G 372 47.94 57.08 9.01
C SER G 372 48.66 56.19 8.01
N GLU G 373 49.98 56.09 8.17
CA GLU G 373 50.82 55.32 7.26
C GLU G 373 51.70 54.39 8.07
N LEU G 374 51.97 53.20 7.51
CA LEU G 374 52.90 52.26 8.13
C LEU G 374 54.25 52.42 7.43
N HIS G 375 54.94 53.51 7.77
CA HIS G 375 56.21 53.87 7.15
C HIS G 375 57.36 53.35 8.01
N VAL G 376 58.24 52.59 7.38
CA VAL G 376 59.39 51.98 8.05
C VAL G 376 60.65 52.42 7.32
N PRO G 377 61.61 53.03 8.00
CA PRO G 377 62.89 53.36 7.36
C PRO G 377 63.58 52.10 6.84
N PRO G 378 64.27 52.21 5.70
CA PRO G 378 64.86 51.00 5.09
C PRO G 378 65.83 50.26 5.99
N GLU G 379 66.61 50.97 6.80
CA GLU G 379 67.61 50.30 7.65
C GLU G 379 66.99 49.48 8.77
N TRP G 380 65.72 49.73 9.12
CA TRP G 380 65.07 48.94 10.16
C TRP G 380 64.91 47.48 9.77
N LEU G 381 64.90 47.18 8.48
CA LEU G 381 64.86 45.80 7.99
C LEU G 381 66.20 45.32 7.48
N ALA G 382 67.11 46.23 7.17
CA ALA G 382 68.49 45.92 6.83
C ALA G 382 69.25 45.47 8.05
N PRO G 383 70.43 44.86 7.90
CA PRO G 383 71.22 44.46 9.08
C PRO G 383 71.49 45.64 9.99
N GLY G 384 71.33 45.40 11.30
CA GLY G 384 71.37 46.45 12.29
C GLY G 384 70.02 47.04 12.64
N GLY G 385 68.95 46.63 11.94
CA GLY G 385 67.64 47.20 12.20
C GLY G 385 66.94 46.53 13.36
N LYS G 386 65.77 47.06 13.70
CA LYS G 386 64.97 46.49 14.79
C LYS G 386 64.40 45.14 14.39
N LEU G 387 63.54 45.12 13.37
CA LEU G 387 62.91 43.86 12.94
C LEU G 387 63.94 42.89 12.41
N TYR G 388 65.14 43.38 12.08
CA TYR G 388 66.22 42.51 11.65
C TYR G 388 66.71 41.64 12.80
N ASN G 389 66.74 42.19 14.01
CA ASN G 389 67.22 41.44 15.16
C ASN G 389 66.22 40.37 15.61
N LEU G 390 64.92 40.69 15.55
CA LEU G 390 63.90 39.76 16.05
C LEU G 390 63.89 38.44 15.28
N ALA G 391 64.08 38.50 13.96
CA ALA G 391 63.93 37.29 13.15
C ALA G 391 64.91 36.21 13.55
N LYS G 392 65.99 36.59 14.24
CA LYS G 392 67.06 35.64 14.53
C LYS G 392 66.76 34.80 15.77
N SER G 393 66.23 35.43 16.83
CA SER G 393 65.99 34.70 18.07
C SER G 393 64.56 34.20 18.16
N THR G 394 63.65 34.80 17.38
CA THR G 394 62.26 34.37 17.39
C THR G 394 61.97 33.24 16.41
N HIS G 395 62.54 33.30 15.20
CA HIS G 395 62.33 32.24 14.21
C HIS G 395 63.61 31.71 13.61
N GLY G 396 64.75 31.88 14.27
CA GLY G 396 66.00 31.28 13.83
C GLY G 396 66.66 31.93 12.63
N GLN G 397 67.17 31.10 11.72
CA GLN G 397 67.96 31.55 10.59
C GLN G 397 67.13 32.39 9.63
N LEU G 398 67.76 33.36 8.98
CA LEU G 398 67.13 34.02 7.84
C LEU G 398 66.95 33.03 6.70
N ARG G 399 65.70 32.63 6.47
CA ARG G 399 65.38 31.64 5.46
C ARG G 399 64.70 32.31 4.28
N THR G 400 65.22 32.01 3.08
CA THR G 400 64.58 32.50 1.87
C THR G 400 63.22 31.86 1.63
N ASP G 401 62.99 30.67 2.18
CA ASP G 401 61.72 29.97 2.03
C ASP G 401 60.75 30.23 3.18
N LYS G 402 61.14 31.01 4.18
CA LYS G 402 60.31 31.25 5.36
C LYS G 402 60.01 32.73 5.50
N ASN G 403 58.73 33.07 5.60
CA ASN G 403 58.28 34.44 5.78
C ASN G 403 58.28 34.81 7.26
N TYR G 404 58.67 36.04 7.56
CA TYR G 404 58.73 36.54 8.92
C TYR G 404 57.61 37.55 9.15
N SER G 405 56.59 37.13 9.88
CA SER G 405 55.52 38.01 10.29
C SER G 405 55.88 38.65 11.62
N PHE G 406 55.65 39.96 11.72
CA PHE G 406 55.96 40.72 12.92
C PHE G 406 54.65 41.29 13.48
N PRO G 407 53.97 40.55 14.37
CA PRO G 407 52.68 41.04 14.89
C PRO G 407 52.79 42.44 15.46
N LEU G 408 53.94 42.80 16.05
CA LEU G 408 54.05 44.11 16.68
C LEU G 408 53.96 45.22 15.65
N ASN G 409 54.39 44.97 14.42
CA ASN G 409 54.30 45.91 13.31
C ASN G 409 53.41 45.42 12.19
N ASN G 410 52.81 44.23 12.33
CA ASN G 410 51.92 43.65 11.34
C ASN G 410 52.59 43.58 9.97
N LEU G 411 53.89 43.30 9.94
CA LEU G 411 54.65 43.21 8.70
C LEU G 411 55.08 41.77 8.48
N VAL G 412 54.73 41.24 7.31
CA VAL G 412 55.08 39.87 6.95
C VAL G 412 56.20 39.93 5.91
N CYS G 413 57.38 39.50 6.31
CA CYS G 413 58.60 39.74 5.54
C CYS G 413 59.18 38.44 5.01
N SER G 414 59.45 38.43 3.70
CA SER G 414 60.24 37.39 3.08
C SER G 414 61.70 37.83 3.05
N TYR G 415 62.61 36.86 2.95
CA TYR G 415 64.04 37.12 2.98
C TYR G 415 64.61 36.92 1.59
N ASP G 416 64.97 38.02 0.94
CA ASP G 416 65.52 38.00 -0.42
C ASP G 416 67.02 37.78 -0.29
N SER G 417 67.51 36.73 -0.96
CA SER G 417 68.88 36.28 -0.78
C SER G 417 69.92 37.32 -1.19
N VAL G 418 69.74 37.98 -2.34
CA VAL G 418 70.76 38.90 -2.84
C VAL G 418 70.87 40.17 -1.98
N LYS G 419 69.74 40.71 -1.52
CA LYS G 419 69.73 41.99 -0.82
C LYS G 419 69.89 41.84 0.69
N ASP G 420 69.69 40.64 1.24
CA ASP G 420 69.81 40.38 2.67
C ASP G 420 68.91 41.32 3.48
N VAL G 421 67.72 41.57 2.94
CA VAL G 421 66.72 42.41 3.59
C VAL G 421 65.42 41.63 3.71
N LEU G 422 64.69 41.91 4.78
CA LEU G 422 63.37 41.35 4.97
C LEU G 422 62.34 42.27 4.34
N VAL G 423 61.57 41.75 3.38
CA VAL G 423 60.71 42.56 2.53
C VAL G 423 59.26 42.32 2.95
N PRO G 424 58.62 43.26 3.65
CA PRO G 424 57.21 43.10 3.99
C PRO G 424 56.32 43.53 2.83
N ASP G 425 55.35 42.69 2.50
CA ASP G 425 54.31 43.07 1.53
C ASP G 425 53.37 44.02 2.27
N TYR G 426 53.54 45.32 2.02
CA TYR G 426 52.74 46.33 2.69
C TYR G 426 51.27 46.24 2.32
N GLY G 427 50.93 45.56 1.22
CA GLY G 427 49.54 45.18 0.99
C GLY G 427 49.03 44.23 2.06
N MET G 428 49.86 43.27 2.44
CA MET G 428 49.55 42.37 3.56
C MET G 428 49.73 43.05 4.91
N SER G 429 50.56 44.10 4.98
CA SER G 429 50.71 44.84 6.22
C SER G 429 49.46 45.66 6.53
N ASN G 430 48.97 45.55 7.76
CA ASN G 430 47.74 46.22 8.17
C ASN G 430 47.97 46.94 9.49
N LEU G 431 47.75 48.25 9.50
CA LEU G 431 47.76 48.98 10.75
C LEU G 431 46.58 48.56 11.60
N THR G 432 46.83 48.27 12.88
CA THR G 432 45.76 47.85 13.78
C THR G 432 45.33 48.95 14.74
N ALA G 433 46.20 49.91 15.02
CA ALA G 433 45.86 51.05 15.87
C ALA G 433 46.49 52.30 15.28
N CYS G 434 45.72 53.38 15.27
CA CYS G 434 46.18 54.61 14.63
C CYS G 434 47.36 55.20 15.39
N ASN G 435 48.22 55.91 14.67
CA ASN G 435 49.34 56.60 15.30
C ASN G 435 48.98 58.06 15.53
N TRP G 436 47.69 58.36 15.51
CA TRP G 436 47.20 59.71 15.80
C TRP G 436 46.22 59.67 16.96
N CYS G 437 45.35 58.66 16.99
CA CYS G 437 44.36 58.50 18.04
C CYS G 437 44.22 57.07 18.52
N HIS G 438 44.97 56.13 17.94
CA HIS G 438 44.94 54.71 18.32
C HIS G 438 43.58 54.10 18.09
N GLY G 439 42.83 54.62 17.12
CA GLY G 439 41.60 53.96 16.72
C GLY G 439 41.88 52.63 16.05
N THR G 440 41.16 51.60 16.51
CA THR G 440 41.36 50.25 15.96
C THR G 440 40.90 50.13 14.52
N SER G 441 39.90 50.91 14.11
CA SER G 441 39.39 50.87 12.74
C SER G 441 40.18 51.85 11.87
N VAL G 442 41.31 51.37 11.37
CA VAL G 442 42.14 52.10 10.43
C VAL G 442 42.33 51.24 9.18
N ARG G 443 41.92 51.77 8.03
CA ARG G 443 41.75 50.95 6.83
C ARG G 443 42.52 51.56 5.67
N LYS G 444 42.87 50.69 4.72
CA LYS G 444 43.70 51.08 3.58
C LYS G 444 42.99 52.08 2.68
N VAL G 445 43.79 52.85 1.94
CA VAL G 445 43.29 53.79 0.95
C VAL G 445 43.95 53.44 -0.38
N ARG G 446 43.13 53.31 -1.42
CA ARG G 446 43.63 52.99 -2.75
C ARG G 446 43.94 54.26 -3.53
N GLY G 447 44.65 54.10 -4.66
CA GLY G 447 45.10 55.24 -5.42
C GLY G 447 43.98 56.02 -6.09
N ASP G 448 42.85 55.36 -6.34
CA ASP G 448 41.70 56.06 -6.91
C ASP G 448 40.95 56.90 -5.88
N GLY G 449 41.41 56.90 -4.63
CA GLY G 449 40.69 57.53 -3.55
C GLY G 449 39.72 56.62 -2.84
N SER G 450 39.49 55.42 -3.35
CA SER G 450 38.59 54.48 -2.70
C SER G 450 39.25 53.87 -1.47
N ILE G 451 38.52 53.87 -0.37
CA ILE G 451 38.97 53.27 0.89
C ILE G 451 38.61 51.79 0.85
N VAL G 452 39.51 50.95 1.35
CA VAL G 452 39.28 49.51 1.33
C VAL G 452 38.43 49.16 2.53
N TYR G 453 37.10 49.24 2.36
CA TYR G 453 36.20 48.87 3.43
C TYR G 453 36.10 47.36 3.53
N LEU G 454 35.61 46.90 4.67
CA LEU G 454 35.35 45.49 4.91
C LEU G 454 33.89 45.29 5.28
N ASP G 455 33.54 44.04 5.56
CA ASP G 455 32.16 43.72 5.89
C ASP G 455 31.87 44.12 7.34
N GLY G 456 31.01 45.11 7.50
CA GLY G 456 30.80 45.76 8.77
C GLY G 456 31.44 47.14 8.87
N ASP G 457 32.21 47.53 7.86
CA ASP G 457 32.82 48.85 7.86
C ASP G 457 31.77 49.90 7.53
N ARG G 458 31.75 50.97 8.32
CA ARG G 458 30.77 52.03 8.14
C ARG G 458 31.38 53.18 7.34
N THR G 459 30.77 53.52 6.22
CA THR G 459 31.34 54.49 5.30
C THR G 459 30.95 55.90 5.69
N ASN G 460 31.66 56.88 5.13
CA ASN G 460 31.40 58.28 5.40
C ASN G 460 30.20 58.82 4.63
N SER G 461 29.69 58.08 3.66
CA SER G 461 28.52 58.52 2.92
C SER G 461 27.30 58.51 3.83
N ARG G 462 26.52 59.59 3.79
CA ARG G 462 25.40 59.73 4.70
C ARG G 462 24.34 58.67 4.43
N SER G 463 23.86 58.06 5.52
CA SER G 463 22.68 57.21 5.44
C SER G 463 21.44 58.08 5.26
N THR G 464 20.65 57.78 4.24
CA THR G 464 19.40 58.49 4.03
C THR G 464 18.31 58.07 5.00
N GLY G 465 18.55 57.04 5.81
CA GLY G 465 17.58 56.58 6.78
C GLY G 465 17.86 55.15 7.19
N GLY G 466 17.67 54.84 8.47
CA GLY G 466 17.92 53.48 8.92
C GLY G 466 17.77 53.26 10.41
N LYS G 467 17.43 52.03 10.79
CA LYS G 467 17.33 51.65 12.20
C LYS G 467 18.69 51.62 12.89
N CYS G 468 19.79 51.71 12.14
CA CYS G 468 21.12 51.60 12.73
C CYS G 468 21.39 52.68 13.76
N GLY G 469 21.02 53.92 13.47
CA GLY G 469 21.27 55.02 14.39
C GLY G 469 22.61 55.67 14.12
N CYS G 470 23.45 55.02 13.32
CA CYS G 470 24.77 55.53 13.04
C CYS G 470 24.76 56.74 12.10
N GLY G 471 23.66 56.95 11.38
CA GLY G 471 23.55 58.07 10.46
C GLY G 471 24.42 58.00 9.23
N PHE G 472 25.32 57.02 9.14
CA PHE G 472 26.17 56.85 7.97
C PHE G 472 25.78 55.59 7.23
N LYS G 473 26.20 55.51 5.97
CA LYS G 473 26.00 54.30 5.20
C LYS G 473 26.98 53.21 5.63
N HIS G 474 26.55 51.97 5.47
CA HIS G 474 27.41 50.82 5.73
C HIS G 474 27.77 50.18 4.39
N PHE G 475 28.96 49.59 4.35
CA PHE G 475 29.50 48.96 3.15
C PHE G 475 29.30 47.46 3.24
N TRP G 476 28.88 46.84 2.14
CA TRP G 476 28.76 45.39 2.21
C TRP G 476 28.82 44.76 0.82
N ASP G 477 29.58 43.66 0.73
CA ASP G 477 29.84 42.89 -0.49
C ASP G 477 30.05 43.77 -1.73
N GLY G 478 30.77 44.88 -1.56
CA GLY G 478 30.96 45.82 -2.65
C GLY G 478 29.87 46.84 -2.81
N LYS G 479 28.84 46.80 -1.97
CA LYS G 479 27.68 47.68 -2.08
C LYS G 479 27.50 48.46 -0.78
N GLU G 480 26.71 49.52 -0.87
CA GLU G 480 26.44 50.42 0.24
C GLU G 480 25.01 50.24 0.71
N TYR G 481 24.82 49.69 1.90
CA TYR G 481 23.50 49.47 2.47
C TYR G 481 23.27 50.38 3.67
N ASP G 482 22.04 50.87 3.79
CA ASP G 482 21.68 51.75 4.89
C ASP G 482 21.72 51.05 6.24
N ASN G 483 21.56 49.73 6.27
CA ASN G 483 21.47 48.99 7.52
C ASN G 483 22.37 47.76 7.45
N LEU G 484 22.61 47.17 8.62
CA LEU G 484 23.40 45.96 8.58
C LEU G 484 22.49 44.73 8.57
N PRO G 485 22.88 43.68 7.86
CA PRO G 485 21.96 42.58 7.62
C PRO G 485 21.89 41.61 8.78
N GLU G 486 20.67 41.13 9.04
CA GLU G 486 20.47 40.01 9.95
C GLU G 486 21.12 38.75 9.39
N ALA G 487 21.70 37.94 10.27
CA ALA G 487 22.35 36.70 9.88
C ALA G 487 21.85 35.57 10.77
N PHE G 488 21.72 34.38 10.19
CA PHE G 488 21.33 33.19 10.91
C PHE G 488 21.65 31.98 10.03
N PRO G 489 21.98 30.84 10.62
CA PRO G 489 22.59 29.75 9.83
C PRO G 489 21.56 28.99 9.00
N ILE G 490 22.07 28.18 8.09
CA ILE G 490 21.26 27.32 7.23
C ILE G 490 21.84 25.92 7.28
N THR G 491 21.03 24.92 6.91
CA THR G 491 21.39 23.52 7.05
C THR G 491 21.16 22.82 5.72
N LEU G 492 22.24 22.41 5.07
CA LEU G 492 22.14 21.79 3.76
C LEU G 492 22.54 20.32 3.80
N GLU G 493 21.72 19.47 3.19
CA GLU G 493 22.02 18.05 3.04
C GLU G 493 21.67 17.62 1.63
N TRP G 494 22.66 17.15 0.89
CA TRP G 494 22.45 16.64 -0.46
C TRP G 494 23.54 15.63 -0.77
N GLY G 495 23.15 14.54 -1.44
CA GLY G 495 24.11 13.50 -1.76
C GLY G 495 24.81 12.93 -0.54
N GLY G 496 24.17 13.00 0.62
CA GLY G 496 24.77 12.59 1.86
C GLY G 496 25.69 13.62 2.49
N ARG G 497 26.26 14.53 1.71
CA ARG G 497 27.15 15.55 2.24
C ARG G 497 26.34 16.60 3.00
N VAL G 498 26.95 17.22 4.01
CA VAL G 498 26.30 18.19 4.88
C VAL G 498 27.18 19.42 4.97
N VAL G 499 26.57 20.60 4.91
CA VAL G 499 27.30 21.87 4.87
C VAL G 499 26.70 22.82 5.89
N ARG G 500 27.57 23.45 6.68
CA ARG G 500 27.20 24.63 7.45
C ARG G 500 27.44 25.86 6.60
N GLU G 501 26.46 26.75 6.59
CA GLU G 501 26.54 27.98 5.82
C GLU G 501 25.63 29.00 6.51
N THR G 502 26.13 30.23 6.62
CA THR G 502 25.41 31.30 7.31
C THR G 502 24.77 32.23 6.30
N VAL G 503 23.51 32.63 6.55
CA VAL G 503 22.71 33.34 5.57
C VAL G 503 22.42 34.76 6.05
N TYR G 504 22.93 35.72 5.29
CA TYR G 504 22.74 37.14 5.56
C TYR G 504 21.52 37.67 4.82
N TRP G 505 20.58 38.24 5.55
CA TRP G 505 19.24 38.54 5.02
C TRP G 505 18.93 40.02 5.21
N PHE G 506 19.31 40.83 4.23
CA PHE G 506 19.05 42.27 4.27
C PHE G 506 17.55 42.53 4.31
N GLN G 507 17.16 43.60 5.00
CA GLN G 507 15.76 43.98 5.10
C GLN G 507 15.70 45.44 5.54
N TYR G 508 14.55 46.06 5.26
CA TYR G 508 14.30 47.47 5.57
C TYR G 508 15.26 48.40 4.83
N GLU G 509 15.54 48.10 3.57
CA GLU G 509 16.35 49.01 2.76
C GLU G 509 15.49 50.16 2.26
N SER G 510 16.06 51.37 2.27
CA SER G 510 15.34 52.52 1.76
C SER G 510 15.03 52.37 0.28
N ASP G 511 16.00 51.88 -0.50
CA ASP G 511 15.76 51.54 -1.89
C ASP G 511 15.21 50.12 -1.93
N SER G 512 14.07 49.95 -2.62
CA SER G 512 13.39 48.67 -2.63
C SER G 512 14.22 47.56 -3.27
N SER G 513 14.89 47.85 -4.38
CA SER G 513 15.56 46.81 -5.16
C SER G 513 16.73 46.17 -4.44
N LEU G 514 17.26 46.79 -3.39
CA LEU G 514 18.42 46.24 -2.71
C LEU G 514 18.07 45.22 -1.63
N ASN G 515 16.79 45.07 -1.31
CA ASN G 515 16.40 44.09 -0.30
C ASN G 515 16.62 42.68 -0.80
N SER G 516 16.81 41.75 0.12
CA SER G 516 17.09 40.36 -0.23
C SER G 516 15.90 39.73 -0.94
N ASN G 517 16.19 38.86 -1.89
CA ASN G 517 15.16 38.10 -2.60
C ASN G 517 15.48 36.62 -2.43
N VAL G 518 14.56 35.87 -1.83
CA VAL G 518 14.87 34.51 -1.39
C VAL G 518 15.26 33.63 -2.59
N TYR G 519 14.68 33.90 -3.76
CA TYR G 519 14.94 33.01 -4.90
C TYR G 519 16.30 33.30 -5.50
N ASP G 520 16.98 34.35 -5.04
CA ASP G 520 18.38 34.54 -5.41
C ASP G 520 19.31 34.09 -4.30
N VAL G 521 18.95 34.36 -3.04
CA VAL G 521 19.76 33.90 -1.93
C VAL G 521 19.86 32.38 -1.93
N ALA G 522 18.72 31.71 -2.10
CA ALA G 522 18.73 30.25 -2.09
C ALA G 522 19.53 29.69 -3.26
N MET G 523 19.37 30.27 -4.45
CA MET G 523 20.09 29.77 -5.61
C MET G 523 21.59 30.00 -5.47
N LYS G 524 21.99 31.10 -4.84
CA LYS G 524 23.42 31.38 -4.68
C LYS G 524 24.09 30.29 -3.86
N LEU G 525 23.47 29.90 -2.74
CA LEU G 525 24.09 28.93 -1.86
C LEU G 525 24.25 27.57 -2.54
N VAL G 526 23.16 27.06 -3.13
CA VAL G 526 23.21 25.75 -3.77
C VAL G 526 24.27 25.74 -4.86
N THR G 527 24.31 26.80 -5.67
CA THR G 527 25.37 26.91 -6.67
C THR G 527 26.75 27.02 -6.02
N LYS G 528 26.86 27.78 -4.93
CA LYS G 528 28.18 28.01 -4.32
C LYS G 528 28.71 26.74 -3.66
N HIS G 529 27.83 25.84 -3.22
CA HIS G 529 28.26 24.65 -2.50
C HIS G 529 27.96 23.35 -3.21
N PHE G 530 27.16 23.36 -4.27
CA PHE G 530 26.83 22.14 -5.01
C PHE G 530 26.85 22.37 -6.52
N PRO G 531 27.97 22.84 -7.06
CA PRO G 531 27.99 23.15 -8.50
C PRO G 531 27.97 21.90 -9.35
N GLY G 532 26.88 21.73 -10.09
CA GLY G 532 26.79 20.65 -11.04
C GLY G 532 26.15 19.37 -10.53
N GLU G 533 25.34 19.45 -9.48
CA GLU G 533 24.61 18.26 -9.03
C GLU G 533 23.30 18.15 -9.80
N PHE G 534 22.86 16.92 -10.02
CA PHE G 534 21.58 16.71 -10.69
C PHE G 534 20.44 16.74 -9.68
N GLY G 535 19.31 17.29 -10.11
CA GLY G 535 18.14 17.37 -9.25
C GLY G 535 18.26 18.33 -8.10
N SER G 536 19.17 19.31 -8.18
CA SER G 536 19.30 20.29 -7.11
C SER G 536 18.11 21.23 -7.03
N GLU G 537 17.29 21.28 -8.09
CA GLU G 537 16.08 22.10 -8.05
C GLU G 537 15.15 21.66 -6.92
N ILE G 538 15.23 20.39 -6.52
CA ILE G 538 14.47 19.94 -5.36
C ILE G 538 15.08 20.49 -4.07
N LEU G 539 16.41 20.55 -4.01
CA LEU G 539 17.06 21.08 -2.83
C LEU G 539 16.71 22.55 -2.62
N VAL G 540 16.63 23.32 -3.70
CA VAL G 540 16.33 24.75 -3.58
C VAL G 540 14.95 24.96 -2.99
N GLN G 541 13.98 24.15 -3.39
CA GLN G 541 12.64 24.28 -2.80
C GLN G 541 12.68 24.06 -1.29
N LYS G 542 13.41 23.04 -0.85
CA LYS G 542 13.54 22.78 0.58
C LYS G 542 14.26 23.93 1.28
N VAL G 543 15.23 24.55 0.61
CA VAL G 543 15.93 25.68 1.21
C VAL G 543 15.01 26.89 1.35
N VAL G 544 14.26 27.21 0.30
CA VAL G 544 13.41 28.39 0.31
C VAL G 544 12.39 28.29 1.43
N HIS G 545 11.77 27.12 1.57
CA HIS G 545 10.75 26.94 2.61
C HIS G 545 11.33 27.19 4.00
N THR G 546 12.63 27.03 4.17
CA THR G 546 13.25 27.24 5.48
C THR G 546 13.45 28.72 5.75
N ILE G 547 14.01 29.46 4.80
CA ILE G 547 14.34 30.87 5.02
C ILE G 547 13.06 31.66 5.28
N LEU G 548 12.01 31.39 4.51
CA LEU G 548 10.75 32.11 4.71
C LEU G 548 10.22 31.89 6.12
N HIS G 549 10.22 30.65 6.60
CA HIS G 549 9.72 30.37 7.94
C HIS G 549 10.63 30.98 9.01
N GLN G 550 11.88 31.28 8.68
CA GLN G 550 12.79 31.86 9.66
C GLN G 550 12.71 33.38 9.69
N THR G 551 12.46 34.01 8.56
CA THR G 551 12.38 35.47 8.52
C THR G 551 10.98 36.01 8.79
N ALA G 552 10.01 35.13 9.06
CA ALA G 552 8.65 35.56 9.31
C ALA G 552 8.55 36.21 10.68
N LYS G 553 9.09 37.42 10.80
CA LYS G 553 9.14 38.09 12.09
C LYS G 553 7.77 38.62 12.48
N LYS G 554 7.37 38.36 13.73
CA LYS G 554 6.06 38.79 14.20
C LYS G 554 5.92 40.30 14.13
N ASN G 555 6.84 41.04 14.74
CA ASN G 555 6.87 42.49 14.65
C ASN G 555 7.79 42.91 13.52
N PRO G 556 7.32 43.68 12.54
CA PRO G 556 8.20 44.10 11.44
C PRO G 556 9.41 44.90 11.88
N ASP G 557 9.38 45.52 13.05
CA ASP G 557 10.53 46.27 13.54
C ASP G 557 11.44 45.45 14.44
N ASP G 558 11.30 44.12 14.45
CA ASP G 558 12.20 43.28 15.21
C ASP G 558 13.56 43.20 14.51
N TYR G 559 14.43 44.16 14.80
CA TYR G 559 15.70 44.30 14.10
C TYR G 559 16.84 43.94 15.06
N THR G 560 17.56 42.88 14.73
CA THR G 560 18.69 42.38 15.54
C THR G 560 19.89 42.25 14.62
N PRO G 561 20.56 43.36 14.32
CA PRO G 561 21.63 43.34 13.30
C PRO G 561 22.79 42.46 13.71
N VAL G 562 23.73 42.32 12.77
CA VAL G 562 24.93 41.54 13.02
C VAL G 562 25.75 42.22 14.10
N ASN G 563 26.37 41.41 14.96
CA ASN G 563 27.20 41.93 16.04
C ASN G 563 28.66 42.01 15.56
N ILE G 564 29.07 43.19 15.14
CA ILE G 564 30.43 43.42 14.66
C ILE G 564 31.12 44.38 15.63
N ASP G 565 32.28 43.96 16.13
CA ASP G 565 33.00 44.76 17.10
C ASP G 565 33.62 45.98 16.41
N GLY G 566 33.62 47.10 17.12
CA GLY G 566 34.16 48.35 16.60
C GLY G 566 33.16 49.22 15.88
N ALA G 567 32.47 48.70 14.87
CA ALA G 567 31.47 49.49 14.16
C ALA G 567 30.32 49.88 15.10
N HIS G 568 29.78 48.90 15.83
CA HIS G 568 28.72 49.15 16.80
C HIS G 568 28.98 48.32 18.05
N ALA G 569 28.74 48.92 19.21
CA ALA G 569 28.96 48.25 20.49
C ALA G 569 27.80 48.50 21.44
N GLY H 1 75.06 15.76 17.19
CA GLY H 1 75.69 14.94 18.22
C GLY H 1 76.71 13.97 17.67
N VAL H 2 77.96 14.43 17.58
CA VAL H 2 79.06 13.61 17.09
C VAL H 2 79.35 12.50 18.08
N THR H 3 79.22 12.79 19.38
CA THR H 3 79.57 11.84 20.41
C THR H 3 78.36 11.18 21.07
N GLY H 4 77.20 11.18 20.41
CA GLY H 4 76.01 10.59 21.00
C GLY H 4 76.00 9.08 20.97
N ALA H 5 77.01 8.48 20.32
CA ALA H 5 77.16 7.04 20.26
C ALA H 5 78.61 6.70 20.47
N PRO H 6 78.96 6.03 21.57
CA PRO H 6 80.38 5.72 21.83
C PRO H 6 80.92 4.77 20.78
N LYS H 7 82.20 4.93 20.46
CA LYS H 7 82.86 4.07 19.50
C LYS H 7 82.88 2.63 20.01
N LYS H 8 82.60 1.69 19.11
CA LYS H 8 82.44 0.30 19.51
C LYS H 8 83.80 -0.32 19.79
N ASN H 9 83.95 -0.88 20.99
CA ASN H 9 85.22 -1.44 21.42
C ASN H 9 85.54 -2.71 20.63
N THR H 10 86.83 -3.10 20.67
CA THR H 10 87.27 -4.28 19.96
C THR H 10 86.48 -5.52 20.38
N GLU H 11 86.12 -5.58 21.66
CA GLU H 11 85.25 -6.65 22.13
C GLU H 11 83.82 -6.49 21.65
N LEU H 12 83.42 -5.27 21.26
CA LEU H 12 82.04 -4.98 20.90
C LEU H 12 81.82 -4.81 19.41
N VAL H 13 82.88 -4.73 18.60
CA VAL H 13 82.72 -4.63 17.15
C VAL H 13 82.23 -5.98 16.64
N LYS H 14 81.10 -5.97 15.92
CA LYS H 14 80.48 -7.19 15.45
C LYS H 14 80.79 -7.38 13.97
N VAL H 15 81.60 -8.39 13.66
CA VAL H 15 81.94 -8.75 12.29
C VAL H 15 81.06 -9.93 11.90
N MET H 16 80.27 -9.74 10.85
CA MET H 16 79.21 -10.69 10.48
C MET H 16 78.27 -10.91 11.66
N GLY H 17 78.09 -9.86 12.46
CA GLY H 17 77.31 -9.95 13.68
C GLY H 17 78.03 -10.53 14.87
N LEU H 18 79.32 -10.89 14.73
CA LEU H 18 80.06 -11.58 15.77
C LEU H 18 81.05 -10.62 16.41
N SER H 19 80.94 -10.44 17.73
CA SER H 19 81.86 -9.61 18.49
C SER H 19 82.62 -10.48 19.49
N ASN H 20 83.81 -10.00 19.86
CA ASN H 20 84.65 -10.75 20.78
C ASN H 20 83.97 -10.94 22.12
N TYR H 21 83.36 -9.88 22.66
CA TYR H 21 82.65 -9.99 23.92
C TYR H 21 81.48 -10.97 23.80
N HIS H 22 80.75 -10.90 22.68
CA HIS H 22 79.66 -11.85 22.45
C HIS H 22 80.19 -13.28 22.38
N CYS H 23 81.33 -13.47 21.70
CA CYS H 23 81.94 -14.80 21.64
C CYS H 23 82.45 -15.23 23.01
N LYS H 24 82.90 -14.27 23.82
CA LYS H 24 83.32 -14.60 25.19
C LYS H 24 82.15 -15.09 26.02
N LEU H 25 80.93 -14.64 25.68
CA LEU H 25 79.75 -15.10 26.41
C LEU H 25 79.30 -16.47 25.94
N LEU H 26 79.89 -16.98 24.86
CA LEU H 26 79.52 -18.28 24.32
C LEU H 26 80.66 -19.29 24.35
N SER H 27 81.91 -18.83 24.39
CA SER H 27 83.05 -19.74 24.37
C SER H 27 83.11 -20.69 25.56
N PRO H 28 82.92 -20.26 26.82
CA PRO H 28 83.00 -21.22 27.93
C PRO H 28 81.97 -22.34 27.86
N ILE H 29 80.81 -22.10 27.24
CA ILE H 29 79.82 -23.16 27.11
C ILE H 29 80.18 -24.08 25.94
N LEU H 30 80.94 -23.57 24.97
CA LEU H 30 81.46 -24.43 23.91
C LEU H 30 82.43 -25.46 24.44
N ALA H 31 82.98 -25.25 25.65
CA ALA H 31 83.91 -26.20 26.23
C ALA H 31 83.28 -27.57 26.46
N ARG H 32 81.96 -27.61 26.70
CA ARG H 32 81.26 -28.88 26.84
C ARG H 32 80.06 -29.03 25.90
N TYR H 33 79.88 -28.12 24.94
CA TYR H 33 78.79 -28.17 23.98
C TYR H 33 79.29 -28.24 22.55
N GLY H 34 78.49 -28.85 21.68
CA GLY H 34 78.71 -28.84 20.25
C GLY H 34 77.46 -28.50 19.44
N MET H 35 77.68 -28.20 18.16
CA MET H 35 76.63 -27.82 17.22
C MET H 35 76.13 -29.08 16.50
N ASP H 36 74.84 -29.15 16.24
CA ASP H 36 74.27 -30.31 15.57
C ASP H 36 74.05 -30.03 14.09
N LYS H 37 74.43 -30.99 13.25
CA LYS H 37 74.32 -30.81 11.80
C LYS H 37 72.88 -30.92 11.31
N GLN H 38 72.00 -31.53 12.09
CA GLN H 38 70.62 -31.74 11.63
C GLN H 38 69.67 -30.68 12.20
N THR H 39 69.59 -30.58 13.52
CA THR H 39 68.66 -29.64 14.14
C THR H 39 69.27 -28.25 14.29
N GLY H 40 70.58 -28.15 14.39
CA GLY H 40 71.22 -26.90 14.74
C GLY H 40 71.23 -26.58 16.22
N ARG H 41 70.67 -27.46 17.04
CA ARG H 41 70.63 -27.30 18.48
C ARG H 41 71.96 -27.68 19.11
N ALA H 42 72.33 -26.95 20.16
CA ALA H 42 73.55 -27.29 20.89
C ALA H 42 73.36 -28.61 21.64
N LYS H 43 74.45 -29.36 21.75
CA LYS H 43 74.41 -30.66 22.41
C LYS H 43 75.60 -30.78 23.35
N LEU H 44 75.33 -31.27 24.56
CA LEU H 44 76.40 -31.47 25.53
C LEU H 44 77.42 -32.46 25.01
N LEU H 45 78.70 -32.21 25.30
CA LEU H 45 79.75 -33.12 24.87
C LEU H 45 79.67 -34.44 25.63
N ARG H 46 78.90 -34.48 26.73
CA ARG H 46 78.73 -35.74 27.45
C ARG H 46 78.00 -36.77 26.60
N ASP H 47 77.01 -36.32 25.82
CA ASP H 47 76.27 -37.24 24.96
C ASP H 47 77.07 -37.67 23.73
N MET H 48 77.79 -36.76 23.10
CA MET H 48 78.67 -37.10 21.99
C MET H 48 80.09 -37.43 22.43
N ASN H 49 80.28 -37.72 23.72
CA ASN H 49 81.53 -38.28 24.28
C ASN H 49 82.79 -37.71 23.65
N GLN H 50 82.90 -36.38 23.65
CA GLN H 50 84.15 -35.69 23.32
C GLN H 50 84.86 -35.24 24.59
N GLY H 51 84.57 -35.87 25.72
CA GLY H 51 85.08 -35.44 27.00
C GLY H 51 84.23 -34.32 27.57
N GLU H 52 84.47 -34.03 28.85
CA GLU H 52 83.80 -32.90 29.48
C GLU H 52 84.27 -31.57 28.94
N LEU H 53 85.55 -31.45 28.59
CA LEU H 53 86.11 -30.24 28.02
C LEU H 53 86.49 -30.49 26.57
N PHE H 54 86.23 -29.49 25.73
CA PHE H 54 86.40 -29.63 24.28
C PHE H 54 87.82 -30.02 23.93
N ASP H 55 87.97 -31.18 23.29
CA ASP H 55 89.29 -31.66 22.88
C ASP H 55 89.86 -30.78 21.78
N CYS H 56 90.87 -29.99 22.11
CA CYS H 56 91.47 -29.09 21.13
C CYS H 56 92.40 -29.82 20.17
N ALA H 57 92.62 -31.11 20.37
CA ALA H 57 93.42 -31.88 19.42
C ALA H 57 92.80 -31.91 18.03
N LEU H 58 91.46 -31.87 17.93
CA LEU H 58 90.82 -31.82 16.63
C LEU H 58 91.08 -30.49 15.91
N LEU H 59 91.50 -29.47 16.63
CA LEU H 59 91.70 -28.14 16.07
C LEU H 59 93.08 -27.96 15.42
N GLY H 60 93.88 -29.01 15.33
CA GLY H 60 95.19 -28.88 14.73
C GLY H 60 95.16 -28.51 13.26
N ASP H 61 94.05 -28.80 12.58
CA ASP H 61 93.88 -28.41 11.19
C ASP H 61 93.30 -27.02 11.01
N ARG H 62 93.04 -26.30 12.10
CA ARG H 62 92.33 -25.03 12.07
C ARG H 62 93.33 -23.88 12.01
N ALA H 63 93.30 -23.13 10.92
CA ALA H 63 94.09 -21.92 10.77
C ALA H 63 93.21 -20.82 10.20
N PHE H 64 93.19 -19.67 10.88
CA PHE H 64 92.34 -18.57 10.46
C PHE H 64 92.89 -17.93 9.18
N LEU H 65 91.98 -17.61 8.26
CA LEU H 65 92.33 -16.96 7.01
C LEU H 65 91.50 -15.68 6.89
N ILE H 66 92.18 -14.54 6.83
CA ILE H 66 91.49 -13.25 6.86
C ILE H 66 91.12 -12.81 5.45
N GLU H 67 89.88 -12.34 5.30
CA GLU H 67 89.48 -11.76 4.03
C GLU H 67 90.07 -10.36 3.87
N PRO H 68 90.37 -9.93 2.64
CA PRO H 68 90.88 -8.56 2.46
C PRO H 68 89.90 -7.48 2.88
N GLU H 69 88.59 -7.75 2.78
CA GLU H 69 87.60 -6.73 3.12
C GLU H 69 87.44 -6.57 4.62
N HIS H 70 87.87 -7.55 5.41
CA HIS H 70 87.79 -7.47 6.86
C HIS H 70 89.13 -7.19 7.52
N VAL H 71 90.14 -6.75 6.76
CA VAL H 71 91.44 -6.43 7.34
C VAL H 71 91.34 -5.15 8.16
N ASN H 72 90.61 -4.17 7.66
CA ASN H 72 90.57 -2.83 8.25
C ASN H 72 89.78 -2.78 9.56
N THR H 73 89.09 -3.85 9.94
CA THR H 73 88.25 -3.84 11.14
C THR H 73 89.14 -3.75 12.38
N VAL H 74 88.72 -2.92 13.35
CA VAL H 74 89.47 -2.80 14.59
C VAL H 74 89.09 -3.93 15.53
N GLY H 75 90.10 -4.66 16.00
CA GLY H 75 89.89 -5.77 16.91
C GLY H 75 89.61 -7.09 16.25
N TYR H 76 89.32 -7.10 14.95
CA TYR H 76 89.10 -8.32 14.19
C TYR H 76 90.19 -8.56 13.16
N GLY H 77 90.43 -7.58 12.28
CA GLY H 77 91.46 -7.71 11.28
C GLY H 77 92.82 -7.27 11.76
N LYS H 78 93.46 -6.40 10.97
CA LYS H 78 94.78 -5.91 11.33
C LYS H 78 94.73 -5.07 12.61
N ASP H 79 95.70 -5.32 13.50
CA ASP H 79 95.90 -4.44 14.64
C ASP H 79 96.46 -3.10 14.16
N ARG H 80 95.90 -2.01 14.69
CA ARG H 80 96.29 -0.66 14.32
C ARG H 80 97.39 -0.10 15.22
N SER H 81 97.76 -0.85 16.26
CA SER H 81 98.63 -0.31 17.30
C SER H 81 100.08 -0.28 16.83
N GLY H 82 100.98 -0.01 17.77
CA GLY H 82 102.40 0.10 17.47
C GLY H 82 103.06 -1.20 17.06
N SER H 83 102.35 -2.33 17.18
CA SER H 83 102.89 -3.59 16.70
C SER H 83 103.06 -3.58 15.18
N LEU H 84 102.37 -2.67 14.49
CA LEU H 84 102.56 -2.54 13.05
C LEU H 84 103.99 -2.13 12.70
N LEU H 85 104.54 -1.15 13.41
CA LEU H 85 105.95 -0.79 13.22
C LEU H 85 106.87 -1.82 13.84
N TYR H 86 106.39 -2.52 14.87
CA TYR H 86 107.23 -3.43 15.64
C TYR H 86 107.74 -4.60 14.81
N LEU H 87 106.87 -5.18 13.99
CA LEU H 87 107.17 -6.41 13.27
C LEU H 87 107.73 -6.19 11.88
N HIS H 88 107.95 -4.93 11.48
CA HIS H 88 108.39 -4.64 10.11
C HIS H 88 109.71 -5.32 9.79
N ASP H 89 110.63 -5.35 10.75
CA ASP H 89 111.89 -6.06 10.54
C ASP H 89 111.63 -7.54 10.28
N THR H 90 110.72 -8.16 11.04
CA THR H 90 110.29 -9.51 10.71
C THR H 90 109.50 -9.54 9.41
N LEU H 91 108.66 -8.53 9.18
CA LEU H 91 107.86 -8.49 7.96
C LEU H 91 108.73 -8.35 6.71
N GLU H 92 109.98 -7.89 6.88
CA GLU H 92 110.88 -7.79 5.74
C GLU H 92 111.19 -9.16 5.16
N ASP H 93 111.36 -10.17 6.01
CA ASP H 93 111.66 -11.52 5.51
C ASP H 93 110.41 -12.37 5.40
N ILE H 94 109.32 -11.99 6.07
CA ILE H 94 108.04 -12.66 5.85
C ILE H 94 107.59 -12.47 4.41
N LYS H 95 107.61 -11.23 3.93
CA LYS H 95 107.16 -10.94 2.57
C LYS H 95 108.11 -11.55 1.54
N ARG H 96 109.41 -11.33 1.71
CA ARG H 96 110.37 -11.68 0.66
C ARG H 96 110.51 -13.18 0.51
N ALA H 97 110.25 -13.94 1.58
CA ALA H 97 110.28 -15.40 1.47
C ALA H 97 109.23 -15.90 0.49
N ASN H 98 108.02 -15.35 0.54
CA ASN H 98 106.97 -15.67 -0.43
C ASN H 98 106.95 -14.68 -1.58
N LYS H 99 108.13 -14.44 -2.18
CA LYS H 99 108.28 -13.61 -3.38
C LYS H 99 107.66 -12.23 -3.20
N SER H 100 107.95 -11.56 -2.09
CA SER H 100 107.56 -10.17 -1.84
C SER H 100 106.04 -9.99 -1.76
N GLN H 101 105.33 -10.91 -1.11
CA GLN H 101 103.90 -10.77 -0.88
C GLN H 101 103.61 -10.85 0.62
N GLU H 102 102.71 -9.99 1.10
CA GLU H 102 102.30 -10.03 2.50
C GLU H 102 101.48 -11.30 2.73
N CYS H 103 102.09 -12.27 3.40
CA CYS H 103 101.48 -13.57 3.62
C CYS H 103 101.13 -13.85 5.08
N LEU H 104 101.79 -13.18 6.02
CA LEU H 104 101.57 -13.41 7.44
C LEU H 104 101.43 -12.06 8.12
N ILE H 105 100.37 -11.88 8.91
CA ILE H 105 100.03 -10.57 9.47
C ILE H 105 99.75 -10.67 10.97
N PRO H 106 100.01 -9.61 11.74
CA PRO H 106 99.54 -9.57 13.13
C PRO H 106 98.04 -9.33 13.18
N VAL H 107 97.40 -9.88 14.21
CA VAL H 107 95.95 -9.78 14.38
C VAL H 107 95.65 -9.23 15.77
N HIS H 108 94.78 -8.23 15.80
CA HIS H 108 94.40 -7.60 17.07
C HIS H 108 93.62 -8.57 17.95
N VAL H 109 93.94 -8.58 19.24
CA VAL H 109 93.29 -9.44 20.22
C VAL H 109 92.94 -8.60 21.45
N ASP H 110 91.80 -8.90 22.06
CA ASP H 110 91.37 -8.22 23.28
C ASP H 110 92.43 -8.35 24.36
N GLY H 111 92.75 -7.23 25.01
CA GLY H 111 93.75 -7.21 26.05
C GLY H 111 93.19 -7.38 27.45
N ASP H 112 92.60 -8.54 27.73
CA ASP H 112 92.03 -8.83 29.04
C ASP H 112 92.95 -9.68 29.91
N GLY H 113 94.18 -9.93 29.48
CA GLY H 113 95.13 -10.72 30.23
C GLY H 113 95.19 -12.18 29.86
N HIS H 114 94.19 -12.71 29.17
CA HIS H 114 94.21 -14.07 28.66
C HIS H 114 94.34 -14.11 27.14
N CYS H 115 95.01 -13.11 26.55
CA CYS H 115 95.11 -13.02 25.10
C CYS H 115 95.89 -14.18 24.50
N LEU H 116 96.70 -14.88 25.31
CA LEU H 116 97.51 -15.97 24.79
C LEU H 116 96.64 -17.05 24.14
N VAL H 117 95.64 -17.55 24.85
CA VAL H 117 94.72 -18.50 24.26
C VAL H 117 93.69 -17.81 23.39
N HIS H 118 93.43 -16.52 23.64
CA HIS H 118 92.60 -15.74 22.74
C HIS H 118 93.22 -15.67 21.36
N ALA H 119 94.54 -15.41 21.31
CA ALA H 119 95.26 -15.42 20.04
C ALA H 119 95.26 -16.81 19.42
N VAL H 120 95.50 -17.84 20.24
CA VAL H 120 95.53 -19.20 19.73
C VAL H 120 94.17 -19.57 19.14
N SER H 121 93.10 -19.22 19.84
CA SER H 121 91.76 -19.40 19.28
C SER H 121 91.59 -18.58 18.01
N ARG H 122 92.08 -17.33 18.03
CA ARG H 122 92.09 -16.55 16.80
C ARG H 122 93.05 -17.14 15.77
N ALA H 123 94.08 -17.85 16.23
CA ALA H 123 94.92 -18.58 15.29
C ALA H 123 94.20 -19.78 14.71
N LEU H 124 93.25 -20.36 15.46
CA LEU H 124 92.56 -21.56 15.00
C LEU H 124 91.33 -21.21 14.16
N VAL H 125 90.39 -20.44 14.73
CA VAL H 125 89.12 -20.18 14.05
C VAL H 125 88.96 -18.69 13.78
N GLY H 126 89.89 -17.88 14.29
CA GLY H 126 89.78 -16.44 14.12
C GLY H 126 88.72 -15.79 14.97
N ARG H 127 88.17 -16.50 15.96
CA ARG H 127 87.11 -15.96 16.80
C ARG H 127 87.47 -16.24 18.25
N GLU H 128 86.78 -15.55 19.15
CA GLU H 128 86.94 -15.88 20.56
C GLU H 128 85.91 -16.93 20.97
N LEU H 129 85.92 -18.08 20.29
CA LEU H 129 84.98 -19.14 20.58
C LEU H 129 85.62 -20.40 21.17
N PHE H 130 86.81 -20.76 20.73
CA PHE H 130 87.45 -21.99 21.20
C PHE H 130 88.55 -21.73 22.22
N TRP H 131 88.70 -20.48 22.67
CA TRP H 131 89.79 -20.16 23.59
C TRP H 131 89.59 -20.81 24.97
N HIS H 132 88.35 -20.87 25.46
CA HIS H 132 88.14 -21.29 26.84
C HIS H 132 88.52 -22.76 27.03
N ALA H 133 88.31 -23.59 26.01
CA ALA H 133 88.72 -24.99 26.10
C ALA H 133 90.25 -25.11 26.11
N LEU H 134 90.95 -24.15 25.50
CA LEU H 134 92.40 -24.23 25.40
C LEU H 134 93.06 -24.18 26.77
N ARG H 135 92.40 -23.58 27.77
CA ARG H 135 93.02 -23.48 29.08
C ARG H 135 92.60 -24.62 30.00
N GLU H 136 91.29 -24.86 30.12
CA GLU H 136 90.81 -25.82 31.11
C GLU H 136 91.32 -27.23 30.83
N ASN H 137 91.29 -27.66 29.56
CA ASN H 137 91.84 -28.97 29.22
C ASN H 137 93.36 -28.97 29.33
N LEU H 138 93.99 -27.80 29.14
CA LEU H 138 95.43 -27.70 29.29
C LEU H 138 95.84 -27.98 30.74
N LYS H 139 95.05 -27.49 31.69
CA LYS H 139 95.29 -27.80 33.10
C LYS H 139 95.23 -29.31 33.33
N GLN H 140 94.26 -29.98 32.71
CA GLN H 140 94.19 -31.45 32.80
C GLN H 140 95.35 -32.08 32.04
N HIS H 141 95.72 -31.52 30.89
CA HIS H 141 96.86 -32.04 30.15
C HIS H 141 98.15 -31.88 30.94
N PHE H 142 98.30 -30.76 31.66
CA PHE H 142 99.45 -30.62 32.56
C PHE H 142 99.43 -31.71 33.63
N GLN H 143 98.26 -31.97 34.22
CA GLN H 143 98.18 -32.94 35.30
C GLN H 143 98.50 -34.36 34.82
N GLN H 144 97.97 -34.73 33.65
CA GLN H 144 98.19 -36.09 33.16
C GLN H 144 99.64 -36.36 32.82
N HIS H 145 100.33 -35.39 32.22
CA HIS H 145 101.74 -35.55 31.85
C HIS H 145 102.68 -34.74 32.75
N LEU H 146 102.26 -34.44 33.98
CA LEU H 146 103.10 -33.66 34.89
C LEU H 146 104.41 -34.38 35.17
N ALA H 147 104.35 -35.70 35.36
CA ALA H 147 105.58 -36.48 35.51
C ALA H 147 106.46 -36.36 34.28
N ARG H 148 105.87 -36.37 33.08
CA ARG H 148 106.65 -36.14 31.88
C ARG H 148 107.01 -34.67 31.73
N TYR H 149 106.15 -33.77 32.21
CA TYR H 149 106.55 -32.37 32.35
C TYR H 149 107.68 -32.24 33.36
N GLN H 150 107.62 -33.03 34.44
CA GLN H 150 108.70 -33.06 35.41
C GLN H 150 109.99 -33.56 34.78
N ALA H 151 109.87 -34.55 33.88
CA ALA H 151 111.06 -35.16 33.27
C ALA H 151 111.93 -34.11 32.59
N LEU H 152 111.31 -33.09 32.01
CA LEU H 152 112.09 -32.05 31.35
C LEU H 152 112.38 -30.87 32.26
N PHE H 153 111.38 -30.39 33.02
CA PHE H 153 111.45 -29.09 33.66
C PHE H 153 111.62 -29.16 35.17
N HIS H 154 111.87 -30.34 35.74
CA HIS H 154 112.10 -30.39 37.18
C HIS H 154 113.42 -29.72 37.56
N ASP H 155 114.37 -29.66 36.61
CA ASP H 155 115.62 -28.95 36.84
C ASP H 155 115.58 -27.51 36.34
N PHE H 156 114.47 -27.08 35.75
CA PHE H 156 114.36 -25.71 35.24
C PHE H 156 113.19 -24.99 35.90
N ILE H 157 112.20 -25.73 36.37
CA ILE H 157 111.01 -25.18 37.01
C ILE H 157 110.88 -25.80 38.39
N ASP H 158 110.60 -24.97 39.39
CA ASP H 158 110.40 -25.47 40.74
C ASP H 158 109.19 -26.42 40.79
N ALA H 159 109.32 -27.45 41.62
CA ALA H 159 108.24 -28.43 41.75
C ALA H 159 106.97 -27.79 42.29
N ALA H 160 107.11 -26.79 43.17
CA ALA H 160 105.93 -26.09 43.68
C ALA H 160 105.32 -25.19 42.63
N GLU H 161 106.10 -24.75 41.64
CA GLU H 161 105.58 -23.90 40.58
C GLU H 161 104.53 -24.61 39.73
N TRP H 162 104.70 -25.91 39.47
CA TRP H 162 103.75 -26.63 38.62
C TRP H 162 102.33 -26.61 39.19
N GLU H 163 102.19 -26.57 40.52
CA GLU H 163 100.86 -26.38 41.09
C GLU H 163 100.33 -24.98 40.78
N ASP H 164 101.23 -23.99 40.72
CA ASP H 164 100.83 -22.66 40.30
C ASP H 164 100.68 -22.60 38.78
N ILE H 165 101.48 -23.37 38.05
CA ILE H 165 101.40 -23.38 36.59
C ILE H 165 100.03 -23.89 36.14
N ILE H 166 99.54 -24.97 36.75
CA ILE H 166 98.21 -25.45 36.41
C ILE H 166 97.15 -24.43 36.86
N ASN H 167 97.44 -23.66 37.90
CA ASN H 167 96.53 -22.59 38.31
C ASN H 167 96.48 -21.47 37.27
N GLU H 168 97.52 -21.35 36.46
CA GLU H 168 97.52 -20.34 35.39
C GLU H 168 96.46 -20.64 34.34
N CYS H 169 96.15 -21.92 34.13
CA CYS H 169 95.12 -22.30 33.15
C CYS H 169 93.72 -22.05 33.66
N ASP H 170 93.55 -21.75 34.94
CA ASP H 170 92.23 -21.52 35.49
C ASP H 170 91.59 -20.30 34.83
N PRO H 171 90.32 -20.39 34.42
CA PRO H 171 89.73 -19.33 33.58
C PRO H 171 89.66 -17.96 34.25
N LEU H 172 89.00 -17.86 35.40
CA LEU H 172 88.77 -16.58 36.06
C LEU H 172 89.60 -16.42 37.33
N PHE H 173 90.65 -17.22 37.48
CA PHE H 173 91.49 -17.14 38.67
C PHE H 173 92.47 -15.99 38.54
N VAL H 174 92.29 -14.96 39.37
CA VAL H 174 93.14 -13.78 39.37
C VAL H 174 94.39 -14.10 40.19
N PRO H 175 95.59 -14.03 39.60
CA PRO H 175 96.80 -14.26 40.38
C PRO H 175 97.01 -13.14 41.37
N PRO H 176 97.80 -13.38 42.44
CA PRO H 176 98.05 -12.33 43.43
C PRO H 176 98.70 -11.11 42.81
N GLU H 177 98.76 -10.03 43.60
CA GLU H 177 99.23 -8.74 43.10
C GLU H 177 100.68 -8.84 42.61
N GLY H 178 100.98 -8.06 41.57
CA GLY H 178 102.33 -7.96 41.05
C GLY H 178 102.64 -8.85 39.86
N VAL H 179 101.80 -9.84 39.57
CA VAL H 179 102.05 -10.71 38.43
C VAL H 179 101.89 -9.90 37.14
N PRO H 180 102.86 -9.94 36.23
CA PRO H 180 102.73 -9.20 34.97
C PRO H 180 101.52 -9.70 34.17
N LEU H 181 100.84 -8.76 33.51
CA LEU H 181 99.61 -9.08 32.80
C LEU H 181 99.96 -9.87 31.54
N GLY H 182 99.94 -11.19 31.65
CA GLY H 182 100.28 -12.06 30.53
C GLY H 182 100.59 -13.47 30.97
N LEU H 183 100.35 -14.44 30.09
CA LEU H 183 100.58 -15.85 30.42
C LEU H 183 101.95 -16.27 29.88
N ARG H 184 102.59 -17.18 30.59
CA ARG H 184 103.93 -17.63 30.23
C ARG H 184 103.87 -18.54 29.00
N ASN H 185 105.05 -18.84 28.45
CA ASN H 185 105.18 -19.68 27.28
C ASN H 185 104.93 -21.15 27.60
N ILE H 186 104.87 -21.49 28.90
CA ILE H 186 104.67 -22.87 29.29
C ILE H 186 103.33 -23.40 28.80
N HIS H 187 102.30 -22.54 28.75
CA HIS H 187 101.03 -22.94 28.19
C HIS H 187 101.14 -23.31 26.72
N ILE H 188 101.88 -22.51 25.94
CA ILE H 188 101.99 -22.75 24.51
C ILE H 188 102.60 -24.11 24.22
N PHE H 189 103.64 -24.47 24.99
CA PHE H 189 104.20 -25.81 24.89
C PHE H 189 103.13 -26.88 25.08
N GLY H 190 102.35 -26.77 26.16
CA GLY H 190 101.22 -27.66 26.32
C GLY H 190 100.19 -27.50 25.21
N LEU H 191 99.90 -26.25 24.83
CA LEU H 191 98.94 -26.01 23.77
C LEU H 191 99.40 -26.63 22.46
N ALA H 192 100.69 -26.50 22.13
CA ALA H 192 101.21 -27.17 20.94
C ALA H 192 101.05 -28.67 21.05
N ASN H 193 101.27 -29.22 22.25
CA ASN H 193 101.04 -30.64 22.47
C ASN H 193 99.54 -30.95 22.48
N VAL H 194 98.74 -30.07 23.07
CA VAL H 194 97.29 -30.28 23.10
C VAL H 194 96.72 -30.27 21.69
N LEU H 195 97.11 -29.28 20.87
CA LEU H 195 96.55 -29.13 19.54
C LEU H 195 97.03 -30.20 18.55
N HIS H 196 98.00 -31.03 18.95
CA HIS H 196 98.68 -31.95 18.02
C HIS H 196 99.29 -31.17 16.86
N ARG H 197 99.82 -29.98 17.18
CA ARG H 197 100.22 -29.04 16.15
C ARG H 197 101.39 -28.20 16.65
N PRO H 198 102.37 -27.92 15.80
CA PRO H 198 103.40 -26.94 16.16
C PRO H 198 102.79 -25.54 16.28
N ILE H 199 103.32 -24.75 17.20
CA ILE H 199 102.96 -23.35 17.35
C ILE H 199 104.25 -22.54 17.31
N ILE H 200 104.24 -21.47 16.52
CA ILE H 200 105.43 -20.64 16.32
C ILE H 200 105.15 -19.25 16.86
N LEU H 201 105.96 -18.82 17.83
CA LEU H 201 105.84 -17.50 18.43
C LEU H 201 107.01 -16.65 17.93
N LEU H 202 106.68 -15.54 17.26
CA LEU H 202 107.69 -14.72 16.62
C LEU H 202 107.95 -13.43 17.41
N ASP H 203 109.04 -12.76 17.03
CA ASP H 203 109.41 -11.46 17.57
C ASP H 203 110.10 -10.70 16.45
N SER H 204 110.50 -9.46 16.75
CA SER H 204 111.21 -8.65 15.75
C SER H 204 112.58 -9.26 15.45
N LEU H 205 113.24 -8.73 14.43
CA LEU H 205 114.60 -9.15 14.14
C LEU H 205 115.52 -8.93 15.34
N SER H 206 115.27 -7.85 16.10
CA SER H 206 115.96 -7.67 17.37
C SER H 206 115.54 -8.72 18.37
N GLY H 207 114.27 -9.13 18.35
CA GLY H 207 113.80 -10.13 19.29
C GLY H 207 114.48 -11.48 19.11
N MET H 208 114.66 -11.90 17.86
CA MET H 208 115.38 -13.14 17.58
C MET H 208 116.83 -13.08 18.02
N ARG H 209 117.51 -11.96 17.76
CA ARG H 209 118.88 -11.78 18.22
C ARG H 209 118.95 -11.31 19.67
N SER H 210 117.82 -11.05 20.31
CA SER H 210 117.80 -10.85 21.75
C SER H 210 118.07 -12.17 22.45
N SER H 211 118.73 -12.10 23.60
CA SER H 211 119.18 -13.27 24.32
C SER H 211 118.06 -13.98 25.08
N GLY H 212 116.80 -13.63 24.83
CA GLY H 212 115.66 -14.25 25.49
C GLY H 212 115.04 -15.31 24.61
N ASP H 213 114.56 -16.38 25.24
CA ASP H 213 113.91 -17.48 24.53
C ASP H 213 112.41 -17.25 24.46
N TYR H 214 111.98 -16.01 24.66
CA TYR H 214 110.55 -15.69 24.59
C TYR H 214 109.99 -15.82 23.17
N SER H 215 110.85 -15.93 22.17
CA SER H 215 110.44 -16.25 20.81
C SER H 215 110.99 -17.62 20.45
N ALA H 216 110.09 -18.59 20.29
CA ALA H 216 110.52 -19.97 20.09
C ALA H 216 109.46 -20.74 19.32
N THR H 217 109.86 -21.89 18.78
CA THR H 217 108.97 -22.77 18.02
C THR H 217 108.47 -23.86 18.97
N PHE H 218 107.17 -23.82 19.28
CA PHE H 218 106.56 -24.76 20.21
C PHE H 218 106.06 -25.97 19.43
N LEU H 219 106.71 -27.11 19.64
CA LEU H 219 106.36 -28.32 18.90
C LEU H 219 105.59 -29.29 19.79
N PRO H 220 104.70 -30.09 19.20
CA PRO H 220 103.99 -31.10 19.99
C PRO H 220 104.90 -32.25 20.38
N GLY H 221 105.82 -31.98 21.33
CA GLY H 221 106.75 -33.01 21.75
C GLY H 221 106.10 -34.18 22.48
N LEU H 222 105.08 -33.90 23.30
CA LEU H 222 104.39 -34.96 24.05
C LEU H 222 103.48 -35.82 23.19
N ILE H 223 103.29 -35.46 21.93
CA ILE H 223 102.40 -36.18 21.01
C ILE H 223 103.21 -36.63 19.82
N PRO H 224 103.19 -37.91 19.44
CA PRO H 224 104.01 -38.36 18.32
C PRO H 224 103.53 -37.83 16.98
N ALA H 225 104.49 -37.69 16.05
CA ALA H 225 104.27 -37.01 14.78
C ALA H 225 103.16 -37.64 13.94
N GLU H 226 103.01 -38.96 13.99
CA GLU H 226 101.91 -39.59 13.26
C GLU H 226 100.55 -39.12 13.75
N LYS H 227 100.45 -38.72 15.02
CA LYS H 227 99.25 -38.12 15.57
C LYS H 227 99.16 -36.63 15.31
N CYS H 228 100.21 -36.01 14.79
CA CYS H 228 100.25 -34.59 14.50
C CYS H 228 99.88 -34.28 13.06
N THR H 229 99.24 -35.22 12.37
CA THR H 229 98.84 -35.05 10.98
C THR H 229 97.35 -34.81 10.90
N GLY H 230 96.91 -34.27 9.76
CA GLY H 230 95.50 -34.07 9.53
C GLY H 230 94.81 -35.36 9.10
N LYS H 231 93.54 -35.22 8.74
CA LYS H 231 92.79 -36.37 8.26
C LYS H 231 93.20 -36.82 6.88
N ASP H 232 93.94 -36.01 6.13
CA ASP H 232 94.39 -36.38 4.79
C ASP H 232 95.76 -37.07 4.78
N GLY H 233 96.33 -37.36 5.95
CA GLY H 233 97.66 -37.93 6.00
C GLY H 233 98.78 -36.90 5.94
N HIS H 234 98.45 -35.62 5.97
CA HIS H 234 99.45 -34.56 5.91
C HIS H 234 99.59 -33.89 7.26
N LEU H 235 100.81 -33.48 7.59
CA LEU H 235 101.06 -32.78 8.84
C LEU H 235 100.32 -31.44 8.86
N ASN H 236 99.81 -31.09 10.04
CA ASN H 236 99.08 -29.84 10.21
C ASN H 236 100.02 -28.65 10.06
N LYS H 237 99.71 -27.74 9.15
CA LYS H 237 100.51 -26.54 8.98
C LYS H 237 100.39 -25.66 10.23
N PRO H 238 101.51 -25.25 10.83
CA PRO H 238 101.43 -24.63 12.16
C PRO H 238 100.73 -23.27 12.14
N ILE H 239 100.06 -22.96 13.25
CA ILE H 239 99.59 -21.61 13.51
C ILE H 239 100.73 -20.79 14.10
N CYS H 240 100.82 -19.53 13.69
CA CYS H 240 101.92 -18.66 14.08
C CYS H 240 101.38 -17.53 14.95
N ILE H 241 102.16 -17.15 15.96
CA ILE H 241 101.84 -16.05 16.84
C ILE H 241 103.07 -15.16 17.00
N ALA H 242 102.87 -13.98 17.58
CA ALA H 242 103.95 -13.02 17.73
C ALA H 242 103.79 -12.25 19.03
N TRP H 243 104.86 -11.57 19.42
CA TRP H 243 104.81 -10.65 20.54
C TRP H 243 104.31 -9.29 20.05
N SER H 244 103.34 -8.73 20.78
CA SER H 244 102.69 -7.51 20.34
C SER H 244 103.31 -6.24 20.92
N SER H 245 104.31 -6.35 21.78
CA SER H 245 104.91 -5.17 22.38
C SER H 245 106.28 -5.52 22.94
N SER H 246 107.07 -4.48 23.20
CA SER H 246 108.37 -4.68 23.84
C SER H 246 108.24 -4.99 25.32
N GLY H 247 107.09 -4.64 25.93
CA GLY H 247 106.84 -5.01 27.31
C GLY H 247 106.40 -6.45 27.51
N ARG H 248 106.04 -7.14 26.43
CA ARG H 248 105.70 -8.56 26.48
C ARG H 248 104.52 -8.81 27.44
N ASN H 249 103.36 -8.26 27.10
CA ASN H 249 102.16 -8.43 27.91
C ASN H 249 100.92 -8.81 27.11
N HIS H 250 100.95 -8.68 25.78
CA HIS H 250 99.81 -9.03 24.95
C HIS H 250 100.28 -9.91 23.81
N TYR H 251 99.51 -10.97 23.53
CA TYR H 251 99.85 -11.91 22.46
C TYR H 251 98.97 -11.65 21.25
N ILE H 252 99.52 -11.88 20.05
CA ILE H 252 98.78 -11.71 18.81
C ILE H 252 98.96 -12.95 17.95
N PRO H 253 97.94 -13.35 17.18
CA PRO H 253 98.12 -14.48 16.26
C PRO H 253 98.53 -14.01 14.87
N LEU H 254 99.36 -14.81 14.22
CA LEU H 254 99.81 -14.53 12.87
C LEU H 254 99.13 -15.50 11.91
N VAL H 255 98.21 -14.98 11.11
CA VAL H 255 97.38 -15.79 10.23
C VAL H 255 97.53 -15.30 8.80
N GLY H 256 97.19 -16.18 7.85
CA GLY H 256 97.26 -15.82 6.45
C GLY H 256 96.01 -15.08 5.97
N ILE H 257 96.04 -14.70 4.69
CA ILE H 257 94.94 -13.96 4.08
C ILE H 257 94.08 -14.94 3.30
N LYS H 258 92.77 -14.90 3.55
CA LYS H 258 91.84 -15.87 2.97
C LYS H 258 91.80 -15.73 1.45
N GLY H 259 92.09 -16.82 0.75
CA GLY H 259 92.16 -16.82 -0.69
C GLY H 259 93.51 -16.43 -1.27
N ALA H 260 94.44 -15.98 -0.43
CA ALA H 260 95.75 -15.56 -0.89
C ALA H 260 96.77 -16.69 -0.73
N ALA H 261 98.04 -16.33 -0.97
CA ALA H 261 99.12 -17.31 -0.90
C ALA H 261 99.31 -17.83 0.52
N LEU H 262 99.60 -19.12 0.61
CA LEU H 262 99.88 -19.72 1.91
C LEU H 262 101.20 -19.17 2.46
N PRO H 263 101.21 -18.60 3.67
CA PRO H 263 102.46 -18.03 4.20
C PRO H 263 103.54 -19.09 4.37
N LYS H 264 104.78 -18.69 4.07
CA LYS H 264 105.94 -19.52 4.26
C LYS H 264 106.90 -18.83 5.21
N LEU H 265 107.36 -19.56 6.23
CA LEU H 265 108.20 -18.95 7.26
C LEU H 265 109.67 -19.25 6.96
N PRO H 266 110.49 -18.23 6.68
CA PRO H 266 111.90 -18.48 6.40
C PRO H 266 112.64 -19.01 7.62
N MET H 267 113.80 -19.63 7.35
CA MET H 267 114.57 -20.28 8.40
C MET H 267 115.05 -19.27 9.45
N ASN H 268 115.46 -18.07 9.03
CA ASN H 268 115.91 -17.08 9.99
C ASN H 268 114.77 -16.60 10.88
N LEU H 269 113.54 -16.60 10.38
CA LEU H 269 112.37 -16.27 11.17
C LEU H 269 111.70 -17.50 11.77
N LEU H 270 112.25 -18.69 11.54
CA LEU H 270 111.76 -19.88 12.22
C LEU H 270 112.60 -20.07 13.48
N PRO H 271 112.03 -19.83 14.66
CA PRO H 271 112.82 -19.89 15.89
C PRO H 271 113.13 -21.32 16.29
N LYS H 272 114.07 -21.45 17.22
CA LYS H 272 114.46 -22.76 17.72
C LYS H 272 113.34 -23.37 18.54
N ALA H 273 113.45 -24.68 18.77
CA ALA H 273 112.43 -25.40 19.52
C ALA H 273 112.41 -24.94 20.97
N TRP H 274 111.25 -25.09 21.62
CA TRP H 274 111.06 -24.68 23.00
C TRP H 274 110.92 -25.91 23.89
N GLY H 275 111.99 -26.25 24.61
CA GLY H 275 111.96 -27.36 25.53
C GLY H 275 112.05 -28.73 24.90
N VAL H 276 112.19 -28.82 23.58
CA VAL H 276 112.24 -30.09 22.88
C VAL H 276 113.44 -30.09 21.94
N PRO H 277 113.95 -31.25 21.53
CA PRO H 277 115.12 -31.28 20.63
C PRO H 277 114.84 -30.56 19.31
N GLN H 278 115.88 -29.94 18.76
CA GLN H 278 115.75 -29.17 17.53
C GLN H 278 115.37 -30.05 16.35
N ASP H 279 115.75 -31.34 16.38
CA ASP H 279 115.43 -32.24 15.30
C ASP H 279 113.93 -32.46 15.13
N LEU H 280 113.13 -32.10 16.15
CA LEU H 280 111.68 -32.29 16.07
C LEU H 280 111.02 -31.32 15.10
N ILE H 281 111.75 -30.31 14.62
CA ILE H 281 111.21 -29.40 13.61
C ILE H 281 110.88 -30.17 12.33
N LYS H 282 111.79 -31.06 11.93
CA LYS H 282 111.58 -31.93 10.78
C LYS H 282 110.45 -32.94 11.00
N LYS H 283 110.33 -33.49 12.20
CA LYS H 283 109.34 -34.54 12.47
C LYS H 283 107.92 -33.99 12.65
N TYR H 284 107.75 -32.81 13.27
CA TYR H 284 106.42 -32.36 13.62
C TYR H 284 105.84 -31.31 12.69
N ILE H 285 106.64 -30.76 11.79
CA ILE H 285 106.19 -29.72 10.87
C ILE H 285 106.25 -30.28 9.46
N LYS H 286 105.22 -29.99 8.66
CA LYS H 286 105.26 -30.35 7.25
C LYS H 286 106.29 -29.43 6.59
N LEU H 287 107.52 -29.92 6.47
CA LEU H 287 108.64 -29.08 6.05
C LEU H 287 108.81 -29.13 4.54
N GLU H 288 109.31 -28.04 4.00
CA GLU H 288 109.52 -27.90 2.57
C GLU H 288 110.97 -28.26 2.21
N GLU H 289 111.23 -28.31 0.90
CA GLU H 289 112.56 -28.68 0.43
C GLU H 289 113.51 -27.50 0.43
N ASP H 290 112.99 -26.27 0.56
CA ASP H 290 113.81 -25.08 0.48
C ASP H 290 114.29 -24.58 1.84
N GLY H 291 114.03 -25.32 2.92
CA GLY H 291 114.46 -24.93 4.24
C GLY H 291 113.42 -24.22 5.08
N GLY H 292 112.30 -23.80 4.48
CA GLY H 292 111.23 -23.17 5.23
C GLY H 292 110.09 -24.12 5.52
N CYS H 293 109.03 -23.57 6.11
CA CYS H 293 107.83 -24.33 6.43
C CYS H 293 106.60 -23.53 6.03
N VAL H 294 105.51 -24.23 5.74
CA VAL H 294 104.27 -23.61 5.31
C VAL H 294 103.44 -23.24 6.53
N ILE H 295 102.95 -22.00 6.55
CA ILE H 295 102.16 -21.48 7.66
C ILE H 295 100.71 -21.37 7.21
N GLY H 296 99.78 -21.44 8.15
CA GLY H 296 98.38 -21.32 7.81
C GLY H 296 97.78 -22.62 7.31
N GLY H 297 97.27 -22.61 6.08
CA GLY H 297 96.65 -23.78 5.48
C GLY H 297 95.36 -23.53 4.73
N ASP H 298 94.84 -24.57 4.07
CA ASP H 298 93.59 -24.52 3.31
C ASP H 298 92.49 -25.38 3.90
N ARG H 299 92.79 -26.21 4.90
CA ARG H 299 91.75 -26.95 5.63
C ARG H 299 91.14 -26.07 6.71
N SER H 300 90.67 -24.89 6.32
CA SER H 300 90.09 -23.96 7.28
C SER H 300 88.58 -24.00 7.23
N LEU H 301 87.95 -23.54 8.30
CA LEU H 301 86.49 -23.52 8.41
C LEU H 301 85.97 -22.18 7.91
N GLN H 302 85.03 -22.23 6.96
CA GLN H 302 84.43 -21.01 6.44
C GLN H 302 83.56 -20.37 7.51
N ASP H 303 83.41 -19.04 7.42
CA ASP H 303 82.68 -18.29 8.44
C ASP H 303 81.20 -18.63 8.44
N LYS H 304 80.72 -19.31 7.40
CA LYS H 304 79.31 -19.66 7.33
C LYS H 304 78.93 -20.67 8.40
N TYR H 305 79.79 -21.65 8.67
CA TYR H 305 79.50 -22.63 9.71
C TYR H 305 79.58 -22.03 11.11
N LEU H 306 80.57 -21.16 11.34
CA LEU H 306 80.74 -20.56 12.66
C LEU H 306 79.56 -19.66 13.02
N LEU H 307 78.93 -19.05 12.02
CA LEU H 307 77.74 -18.24 12.27
C LEU H 307 76.62 -19.07 12.88
N ARG H 308 76.42 -20.29 12.40
CA ARG H 308 75.47 -21.20 13.03
C ARG H 308 75.88 -21.52 14.47
N LEU H 309 77.16 -21.79 14.68
CA LEU H 309 77.62 -22.24 16.00
C LEU H 309 77.42 -21.15 17.04
N VAL H 310 77.68 -19.89 16.68
CA VAL H 310 77.36 -18.78 17.57
C VAL H 310 75.86 -18.74 17.84
N ALA H 311 75.07 -18.87 16.78
CA ALA H 311 73.62 -18.97 16.96
C ALA H 311 73.24 -20.23 17.74
N ALA H 312 73.98 -21.32 17.52
CA ALA H 312 73.69 -22.56 18.24
C ALA H 312 73.94 -22.42 19.73
N MET H 313 74.79 -21.48 20.14
CA MET H 313 75.01 -21.24 21.56
C MET H 313 74.04 -20.22 22.13
N GLU H 314 73.60 -19.25 21.32
CA GLU H 314 72.57 -18.32 21.79
C GLU H 314 71.26 -19.05 22.07
N GLU H 315 71.11 -20.26 21.53
CA GLU H 315 69.94 -21.08 21.80
C GLU H 315 69.86 -21.47 23.27
N VAL H 316 70.84 -22.24 23.75
CA VAL H 316 70.86 -22.67 25.15
C VAL H 316 71.06 -21.47 26.06
N PHE H 317 71.77 -20.45 25.58
CA PHE H 317 72.04 -19.28 26.41
C PHE H 317 70.74 -18.59 26.81
N MET H 318 69.66 -18.86 26.08
CA MET H 318 68.32 -18.44 26.52
C MET H 318 67.96 -19.11 27.83
N ASP H 319 68.10 -20.44 27.88
CA ASP H 319 67.68 -21.18 29.05
C ASP H 319 68.62 -20.98 30.23
N LYS H 320 69.92 -21.09 29.99
CA LYS H 320 70.89 -21.07 31.07
C LYS H 320 71.00 -19.70 31.74
N HIS H 321 71.06 -18.63 30.95
CA HIS H 321 71.32 -17.31 31.49
C HIS H 321 70.07 -16.42 31.53
N GLY H 322 68.97 -16.84 30.92
CA GLY H 322 67.76 -16.04 30.94
C GLY H 322 67.88 -14.69 30.27
N ILE H 323 68.78 -14.56 29.30
CA ILE H 323 69.12 -13.28 28.71
C ILE H 323 69.88 -13.55 27.42
N HIS H 324 69.93 -12.54 26.54
CA HIS H 324 70.65 -12.71 25.29
C HIS H 324 72.07 -12.17 25.43
N PRO H 325 73.08 -12.91 24.95
CA PRO H 325 74.48 -12.45 25.10
C PRO H 325 74.76 -11.13 24.42
N SER H 326 74.15 -10.86 23.28
CA SER H 326 74.27 -9.53 22.67
C SER H 326 73.59 -8.48 23.54
N LEU H 327 72.44 -8.81 24.12
CA LEU H 327 71.79 -7.92 25.07
C LEU H 327 72.67 -7.66 26.28
N VAL H 328 73.39 -8.70 26.73
CA VAL H 328 74.40 -8.50 27.76
C VAL H 328 75.51 -7.58 27.27
N ALA H 329 75.94 -7.77 26.02
CA ALA H 329 77.04 -6.97 25.48
C ALA H 329 76.70 -5.49 25.46
N ASP H 330 75.49 -5.14 25.04
CA ASP H 330 75.09 -3.73 25.01
C ASP H 330 74.99 -3.16 26.42
N VAL H 331 74.48 -3.96 27.37
CA VAL H 331 74.44 -3.53 28.76
C VAL H 331 75.86 -3.26 29.26
N HIS H 332 76.82 -4.09 28.86
CA HIS H 332 78.22 -3.86 29.19
C HIS H 332 78.69 -2.51 28.65
N GLN H 333 78.36 -2.21 27.39
CA GLN H 333 78.86 -1.00 26.75
C GLN H 333 78.24 0.25 27.36
N TYR H 334 76.95 0.19 27.67
CA TYR H 334 76.22 1.40 28.03
C TYR H 334 76.18 1.66 29.53
N PHE H 335 76.49 0.67 30.37
CA PHE H 335 76.43 0.86 31.81
C PHE H 335 77.71 0.45 32.51
N TYR H 336 78.35 -0.63 32.07
CA TYR H 336 79.63 -1.03 32.64
C TYR H 336 80.80 -0.29 32.00
N ARG H 337 80.77 -0.15 30.67
CA ARG H 337 81.76 0.69 30.00
C ARG H 337 81.52 2.17 30.25
N ARG H 338 80.33 2.54 30.74
CA ARG H 338 80.06 3.93 31.10
C ARG H 338 80.98 4.44 32.20
N THR H 339 81.42 3.55 33.09
CA THR H 339 82.31 3.92 34.18
C THR H 339 83.76 4.07 33.73
N GLY H 340 84.08 3.71 32.49
CA GLY H 340 85.45 3.81 32.00
C GLY H 340 86.37 2.72 32.47
N VAL H 341 85.84 1.69 33.13
CA VAL H 341 86.66 0.58 33.64
C VAL H 341 86.90 -0.40 32.51
N ILE H 342 88.15 -0.68 32.21
CA ILE H 342 88.53 -1.64 31.18
C ILE H 342 88.80 -2.99 31.83
N GLY H 343 88.19 -4.03 31.29
CA GLY H 343 88.35 -5.36 31.85
C GLY H 343 87.22 -5.82 32.74
N VAL H 344 85.98 -5.44 32.43
CA VAL H 344 84.84 -5.84 33.25
C VAL H 344 84.51 -7.30 32.94
N GLN H 345 84.18 -8.06 33.99
CA GLN H 345 83.87 -9.47 33.81
C GLN H 345 82.57 -9.64 33.04
N PRO H 346 82.54 -10.51 32.02
CA PRO H 346 81.28 -10.79 31.33
C PRO H 346 80.20 -11.38 32.22
N GLU H 347 80.60 -12.18 33.23
CA GLU H 347 79.62 -12.85 34.07
C GLU H 347 78.79 -11.86 34.88
N GLU H 348 79.43 -10.82 35.42
CA GLU H 348 78.70 -9.83 36.20
C GLU H 348 77.69 -9.08 35.34
N VAL H 349 78.06 -8.77 34.10
CA VAL H 349 77.14 -8.10 33.20
C VAL H 349 75.95 -9.00 32.88
N THR H 350 76.20 -10.31 32.77
CA THR H 350 75.13 -11.25 32.44
C THR H 350 74.10 -11.34 33.57
N ALA H 351 74.58 -11.54 34.80
CA ALA H 351 73.65 -11.76 35.91
C ALA H 351 72.90 -10.49 36.28
N ALA H 352 73.62 -9.36 36.36
CA ALA H 352 72.99 -8.13 36.83
C ALA H 352 71.98 -7.59 35.82
N ALA H 353 72.26 -7.73 34.52
CA ALA H 353 71.35 -7.23 33.50
C ALA H 353 70.03 -8.02 33.52
N LYS H 354 70.05 -9.22 34.09
CA LYS H 354 68.81 -9.99 34.24
C LYS H 354 67.86 -9.28 35.19
N LYS H 355 68.39 -8.54 36.16
CA LYS H 355 67.55 -7.69 37.00
C LYS H 355 66.86 -6.63 36.17
N ALA H 356 67.59 -6.01 35.23
CA ALA H 356 66.95 -5.12 34.28
C ALA H 356 65.96 -5.85 33.39
N VAL H 357 66.24 -7.12 33.09
CA VAL H 357 65.30 -7.94 32.32
C VAL H 357 64.02 -8.17 33.13
N MET H 358 64.17 -8.53 34.40
CA MET H 358 63.02 -8.91 35.21
C MET H 358 62.07 -7.73 35.42
N ASP H 359 62.63 -6.54 35.65
CA ASP H 359 61.80 -5.36 35.87
C ASP H 359 61.67 -4.48 34.63
N ASN H 360 62.19 -4.91 33.48
CA ASN H 360 62.12 -4.13 32.24
C ASN H 360 62.71 -2.74 32.40
N ARG H 361 63.88 -2.64 33.05
CA ARG H 361 64.50 -1.35 33.29
C ARG H 361 65.33 -0.87 32.09
N LEU H 362 65.47 -1.70 31.06
CA LEU H 362 66.17 -1.30 29.84
C LEU H 362 65.22 -0.56 28.91
N HIS H 363 65.64 0.62 28.45
CA HIS H 363 64.88 1.39 27.48
C HIS H 363 65.81 1.81 26.35
N LYS H 364 65.60 1.23 25.18
CA LYS H 364 66.51 1.37 24.04
C LYS H 364 66.09 2.54 23.17
N CYS H 365 67.08 3.37 22.79
CA CYS H 365 66.83 4.48 21.88
C CYS H 365 66.55 3.95 20.49
N LEU H 366 65.51 4.51 19.85
CA LEU H 366 65.10 4.03 18.53
C LEU H 366 65.81 4.74 17.39
N LEU H 367 66.53 5.82 17.66
CA LEU H 367 67.19 6.56 16.58
C LEU H 367 68.67 6.23 16.49
N CYS H 368 69.40 6.44 17.58
CA CYS H 368 70.83 6.15 17.61
C CYS H 368 71.15 4.76 18.16
N GLY H 369 70.12 4.00 18.55
CA GLY H 369 70.34 2.65 19.04
C GLY H 369 70.86 2.54 20.46
N ALA H 370 70.92 3.64 21.20
CA ALA H 370 71.47 3.60 22.54
C ALA H 370 70.57 2.81 23.48
N LEU H 371 71.20 1.93 24.27
CA LEU H 371 70.50 1.19 25.31
C LEU H 371 70.57 1.95 26.62
N SER H 372 69.46 2.56 27.01
CA SER H 372 69.38 3.37 28.21
C SER H 372 68.62 2.61 29.28
N GLU H 373 68.95 2.89 30.54
CA GLU H 373 68.35 2.21 31.68
C GLU H 373 67.83 3.24 32.68
N LEU H 374 66.73 2.92 33.34
CA LEU H 374 66.18 3.76 34.41
C LEU H 374 66.65 3.16 35.73
N HIS H 375 67.93 3.37 36.03
CA HIS H 375 68.57 2.83 37.22
C HIS H 375 68.54 3.85 38.34
N VAL H 376 68.00 3.44 39.49
CA VAL H 376 67.86 4.30 40.65
C VAL H 376 68.54 3.62 41.83
N PRO H 377 69.50 4.27 42.48
CA PRO H 377 70.10 3.70 43.69
C PRO H 377 69.05 3.46 44.76
N PRO H 378 69.20 2.39 45.54
CA PRO H 378 68.15 2.04 46.53
C PRO H 378 67.86 3.14 47.54
N GLU H 379 68.88 3.89 47.97
CA GLU H 379 68.67 4.91 48.99
C GLU H 379 67.86 6.10 48.48
N TRP H 380 67.76 6.29 47.16
CA TRP H 380 66.97 7.39 46.63
C TRP H 380 65.49 7.24 46.93
N LEU H 381 65.02 6.02 47.18
CA LEU H 381 63.64 5.77 47.58
C LEU H 381 63.51 5.48 49.08
N ALA H 382 64.61 5.09 49.73
CA ALA H 382 64.68 4.93 51.17
C ALA H 382 64.64 6.29 51.85
N PRO H 383 64.40 6.33 53.16
CA PRO H 383 64.42 7.62 53.87
C PRO H 383 65.74 8.35 53.68
N GLY H 384 65.64 9.66 53.42
CA GLY H 384 66.77 10.46 53.03
C GLY H 384 66.99 10.58 51.53
N GLY H 385 66.18 9.87 50.73
CA GLY H 385 66.37 9.91 49.29
C GLY H 385 65.68 11.10 48.65
N LYS H 386 65.88 11.24 47.34
CA LYS H 386 65.25 12.34 46.60
C LYS H 386 63.75 12.13 46.50
N LEU H 387 63.33 11.06 45.81
CA LEU H 387 61.91 10.80 45.63
C LEU H 387 61.22 10.53 46.96
N TYR H 388 62.00 10.21 47.99
CA TYR H 388 61.43 10.05 49.33
C TYR H 388 60.92 11.37 49.88
N ASN H 389 61.62 12.47 49.59
CA ASN H 389 61.21 13.77 50.11
C ASN H 389 59.97 14.30 49.40
N LEU H 390 59.86 14.07 48.08
CA LEU H 390 58.75 14.63 47.31
C LEU H 390 57.41 14.11 47.77
N ALA H 391 57.32 12.82 48.11
CA ALA H 391 56.03 12.20 48.41
C ALA H 391 55.35 12.87 49.60
N LYS H 392 56.13 13.58 50.43
CA LYS H 392 55.59 14.12 51.67
C LYS H 392 54.89 15.46 51.45
N SER H 393 55.47 16.34 50.63
CA SER H 393 54.88 17.66 50.44
C SER H 393 53.99 17.70 49.21
N THR H 394 54.17 16.76 48.28
CA THR H 394 53.36 16.72 47.08
C THR H 394 52.08 15.93 47.25
N HIS H 395 52.13 14.78 47.93
CA HIS H 395 50.93 13.97 48.17
C HIS H 395 50.73 13.58 49.62
N GLY H 396 51.32 14.30 50.56
CA GLY H 396 51.06 14.08 51.98
C GLY H 396 51.71 12.85 52.58
N GLN H 397 50.95 12.14 53.42
CA GLN H 397 51.47 11.03 54.20
C GLN H 397 51.87 9.87 53.30
N LEU H 398 52.89 9.12 53.72
CA LEU H 398 53.16 7.84 53.08
C LEU H 398 52.02 6.87 53.33
N ARG H 399 51.25 6.59 52.30
CA ARG H 399 50.06 5.76 52.41
C ARG H 399 50.33 4.42 51.73
N THR H 400 50.05 3.34 52.47
CA THR H 400 50.15 2.00 51.88
C THR H 400 49.11 1.76 50.80
N ASP H 401 48.00 2.49 50.84
CA ASP H 401 46.94 2.36 49.85
C ASP H 401 47.05 3.34 48.70
N LYS H 402 48.03 4.23 48.72
CA LYS H 402 48.17 5.27 47.72
C LYS H 402 49.51 5.13 46.99
N ASN H 403 49.45 5.06 45.67
CA ASN H 403 50.64 4.97 44.84
C ASN H 403 51.19 6.35 44.53
N TYR H 404 52.52 6.47 44.52
CA TYR H 404 53.20 7.73 44.25
C TYR H 404 53.84 7.68 42.87
N SER H 405 53.24 8.38 41.91
CA SER H 405 53.81 8.54 40.60
C SER H 405 54.71 9.76 40.58
N PHE H 406 55.89 9.62 39.98
CA PHE H 406 56.86 10.71 39.90
C PHE H 406 57.08 11.03 38.43
N PRO H 407 56.31 11.98 37.87
CA PRO H 407 56.46 12.29 36.45
C PRO H 407 57.90 12.63 36.07
N LEU H 408 58.65 13.24 36.98
CA LEU H 408 60.01 13.64 36.64
C LEU H 408 60.89 12.44 36.37
N ASN H 409 60.61 11.31 37.02
CA ASN H 409 61.32 10.05 36.83
C ASN H 409 60.44 8.96 36.25
N ASN H 410 59.16 9.25 36.01
CA ASN H 410 58.21 8.29 35.46
C ASN H 410 58.16 7.02 36.30
N LEU H 411 58.27 7.16 37.62
CA LEU H 411 58.25 6.02 38.53
C LEU H 411 56.98 6.08 39.37
N VAL H 412 56.21 5.00 39.35
CA VAL H 412 54.97 4.90 40.11
C VAL H 412 55.22 3.97 41.29
N CYS H 413 55.22 4.54 42.50
CA CYS H 413 55.71 3.86 43.68
C CYS H 413 54.58 3.61 44.67
N SER H 414 54.48 2.35 45.09
CA SER H 414 53.64 1.98 46.22
C SER H 414 54.48 2.01 47.49
N TYR H 415 53.83 2.16 48.64
CA TYR H 415 54.51 2.27 49.92
C TYR H 415 54.30 0.98 50.70
N ASP H 416 55.36 0.19 50.83
CA ASP H 416 55.32 -1.09 51.53
C ASP H 416 55.57 -0.80 53.01
N SER H 417 54.63 -1.22 53.86
CA SER H 417 54.64 -0.85 55.27
C SER H 417 55.88 -1.35 56.02
N VAL H 418 56.29 -2.60 55.81
CA VAL H 418 57.40 -3.14 56.59
C VAL H 418 58.74 -2.52 56.22
N LYS H 419 58.98 -2.26 54.94
CA LYS H 419 60.28 -1.79 54.48
C LYS H 419 60.39 -0.27 54.47
N ASP H 420 59.28 0.45 54.54
CA ASP H 420 59.27 1.92 54.53
C ASP H 420 59.99 2.46 53.30
N VAL H 421 59.80 1.79 52.18
CA VAL H 421 60.39 2.20 50.91
C VAL H 421 59.28 2.33 49.87
N LEU H 422 59.48 3.28 48.96
CA LEU H 422 58.57 3.44 47.83
C LEU H 422 59.05 2.57 46.67
N VAL H 423 58.20 1.65 46.23
CA VAL H 423 58.59 0.60 45.30
C VAL H 423 57.99 0.92 43.93
N PRO H 424 58.79 1.40 42.97
CA PRO H 424 58.26 1.64 41.61
C PRO H 424 58.24 0.35 40.80
N ASP H 425 57.11 0.08 40.17
CA ASP H 425 57.03 -1.02 39.20
C ASP H 425 57.75 -0.54 37.94
N TYR H 426 58.98 -0.99 37.78
CA TYR H 426 59.79 -0.58 36.65
C TYR H 426 59.22 -1.06 35.32
N GLY H 427 58.33 -2.05 35.33
CA GLY H 427 57.52 -2.33 34.15
C GLY H 427 56.62 -1.17 33.78
N MET H 428 56.01 -0.55 34.80
CA MET H 428 55.22 0.66 34.60
C MET H 428 56.10 1.90 34.41
N SER H 429 57.35 1.86 34.89
CA SER H 429 58.27 2.96 34.65
C SER H 429 58.71 3.01 33.20
N ASN H 430 58.63 4.20 32.60
CA ASN H 430 58.94 4.38 31.19
C ASN H 430 59.88 5.57 31.03
N LEU H 431 61.06 5.33 30.44
CA LEU H 431 61.93 6.45 30.09
C LEU H 431 61.29 7.25 28.96
N THR H 432 61.27 8.57 29.11
CA THR H 432 60.67 9.44 28.10
C THR H 432 61.72 10.16 27.25
N ALA H 433 62.93 10.34 27.77
CA ALA H 433 64.01 10.95 27.02
C ALA H 433 65.30 10.22 27.34
N CYS H 434 66.09 9.94 26.31
CA CYS H 434 67.30 9.15 26.49
C CYS H 434 68.31 9.90 27.35
N ASN H 435 69.14 9.14 28.06
CA ASN H 435 70.21 9.75 28.84
C ASN H 435 71.51 9.69 28.06
N TRP H 436 71.42 9.51 26.74
CA TRP H 436 72.58 9.52 25.87
C TRP H 436 72.41 10.59 24.79
N CYS H 437 71.20 10.70 24.24
CA CYS H 437 70.90 11.68 23.21
C CYS H 437 69.57 12.39 23.42
N HIS H 438 68.82 12.04 24.47
CA HIS H 438 67.53 12.64 24.79
C HIS H 438 66.51 12.41 23.70
N GLY H 439 66.65 11.30 22.97
CA GLY H 439 65.61 10.91 22.03
C GLY H 439 64.34 10.51 22.76
N THR H 440 63.21 11.07 22.31
CA THR H 440 61.94 10.78 22.95
C THR H 440 61.48 9.34 22.74
N SER H 441 61.86 8.72 21.62
CA SER H 441 61.48 7.34 21.33
C SER H 441 62.52 6.39 21.92
N VAL H 442 62.33 6.08 23.20
CA VAL H 442 63.15 5.10 23.91
C VAL H 442 62.22 4.04 24.49
N ARG H 443 62.43 2.79 24.11
CA ARG H 443 61.45 1.74 24.35
C ARG H 443 62.10 0.56 25.06
N LYS H 444 61.26 -0.20 25.76
CA LYS H 444 61.71 -1.30 26.59
C LYS H 444 62.33 -2.42 25.77
N VAL H 445 63.19 -3.20 26.40
CA VAL H 445 63.79 -4.39 25.80
C VAL H 445 63.48 -5.58 26.70
N ARG H 446 62.96 -6.65 26.10
CA ARG H 446 62.62 -7.86 26.83
C ARG H 446 63.82 -8.81 26.88
N GLY H 447 63.70 -9.82 27.75
CA GLY H 447 64.82 -10.73 27.96
C GLY H 447 65.12 -11.61 26.76
N ASP H 448 64.13 -11.85 25.91
CA ASP H 448 64.37 -12.63 24.70
C ASP H 448 65.09 -11.82 23.62
N GLY H 449 65.39 -10.56 23.88
CA GLY H 449 65.92 -9.66 22.88
C GLY H 449 64.87 -8.90 22.11
N SER H 450 63.59 -9.22 22.30
CA SER H 450 62.53 -8.50 21.63
C SER H 450 62.32 -7.12 22.27
N ILE H 451 62.25 -6.11 21.41
CA ILE H 451 62.00 -4.74 21.84
C ILE H 451 60.49 -4.56 21.93
N VAL H 452 60.03 -3.84 22.95
CA VAL H 452 58.60 -3.64 23.14
C VAL H 452 58.17 -2.48 22.26
N TYR H 453 57.84 -2.78 21.00
CA TYR H 453 57.36 -1.74 20.11
C TYR H 453 55.92 -1.38 20.42
N LEU H 454 55.49 -0.23 19.93
CA LEU H 454 54.12 0.22 20.05
C LEU H 454 53.54 0.49 18.67
N ASP H 455 52.30 0.94 18.65
CA ASP H 455 51.63 1.20 17.39
C ASP H 455 52.11 2.53 16.81
N GLY H 456 52.82 2.45 15.68
CA GLY H 456 53.55 3.56 15.14
C GLY H 456 55.05 3.48 15.34
N ASP H 457 55.52 2.50 16.10
CA ASP H 457 56.95 2.33 16.30
C ASP H 457 57.59 1.72 15.06
N ARG H 458 58.69 2.32 14.63
CA ARG H 458 59.37 1.88 13.43
C ARG H 458 60.54 0.95 13.80
N THR H 459 60.52 -0.27 13.27
CA THR H 459 61.48 -1.28 13.66
C THR H 459 62.75 -1.18 12.83
N ASN H 460 63.80 -1.83 13.32
CA ASN H 460 65.09 -1.81 12.64
C ASN H 460 65.14 -2.78 11.46
N SER H 461 64.15 -3.65 11.31
CA SER H 461 64.11 -4.56 10.17
C SER H 461 63.88 -3.77 8.88
N ARG H 462 64.66 -4.06 7.85
CA ARG H 462 64.57 -3.28 6.62
C ARG H 462 63.22 -3.46 5.95
N SER H 463 62.65 -2.34 5.52
CA SER H 463 61.48 -2.37 4.65
C SER H 463 61.91 -2.80 3.25
N THR H 464 61.24 -3.82 2.72
CA THR H 464 61.52 -4.26 1.36
C THR H 464 60.94 -3.33 0.31
N GLY H 465 60.15 -2.34 0.72
CA GLY H 465 59.55 -1.39 -0.20
C GLY H 465 58.34 -0.73 0.41
N GLY H 466 58.16 0.57 0.14
CA GLY H 466 57.02 1.27 0.71
C GLY H 466 56.97 2.76 0.42
N LYS H 467 55.76 3.31 0.40
CA LYS H 467 55.57 4.74 0.23
C LYS H 467 56.03 5.55 1.43
N CYS H 468 56.34 4.89 2.55
CA CYS H 468 56.71 5.61 3.76
C CYS H 468 57.97 6.46 3.58
N GLY H 469 58.99 5.93 2.91
CA GLY H 469 60.23 6.66 2.73
C GLY H 469 61.21 6.41 3.85
N CYS H 470 60.72 5.81 4.94
CA CYS H 470 61.57 5.56 6.10
C CYS H 470 62.56 4.43 5.87
N GLY H 471 62.35 3.59 4.86
CA GLY H 471 63.25 2.49 4.56
C GLY H 471 63.27 1.37 5.58
N PHE H 472 62.60 1.52 6.71
CA PHE H 472 62.53 0.48 7.73
C PHE H 472 61.12 -0.07 7.81
N LYS H 473 61.00 -1.25 8.41
CA LYS H 473 59.69 -1.81 8.64
C LYS H 473 59.02 -1.12 9.83
N HIS H 474 57.69 -1.10 9.80
CA HIS H 474 56.90 -0.59 10.89
C HIS H 474 56.22 -1.75 11.60
N PHE H 475 56.01 -1.59 12.91
CA PHE H 475 55.41 -2.62 13.75
C PHE H 475 53.94 -2.29 13.97
N TRP H 476 53.08 -3.30 13.90
CA TRP H 476 51.69 -2.99 14.17
C TRP H 476 50.93 -4.24 14.60
N ASP H 477 50.10 -4.09 15.64
CA ASP H 477 49.28 -5.13 16.26
C ASP H 477 50.00 -6.46 16.38
N GLY H 478 51.29 -6.43 16.73
CA GLY H 478 52.07 -7.63 16.79
C GLY H 478 52.70 -8.06 15.49
N LYS H 479 52.47 -7.32 14.41
CA LYS H 479 52.94 -7.69 13.09
C LYS H 479 53.80 -6.56 12.52
N GLU H 480 54.55 -6.89 11.48
CA GLU H 480 55.48 -5.98 10.83
C GLU H 480 54.94 -5.62 9.45
N TYR H 481 54.53 -4.37 9.27
CA TYR H 481 54.01 -3.89 8.00
C TYR H 481 54.97 -2.89 7.37
N ASP H 482 55.07 -2.96 6.04
CA ASP H 482 55.95 -2.07 5.31
C ASP H 482 55.50 -0.62 5.35
N ASN H 483 54.21 -0.37 5.57
CA ASN H 483 53.64 0.97 5.54
C ASN H 483 52.73 1.19 6.74
N LEU H 484 52.41 2.46 6.98
CA LEU H 484 51.50 2.70 8.08
C LEU H 484 50.07 2.81 7.55
N PRO H 485 49.10 2.33 8.31
CA PRO H 485 47.74 2.19 7.78
C PRO H 485 46.96 3.50 7.82
N GLU H 486 46.19 3.73 6.77
CA GLU H 486 45.20 4.80 6.77
C GLU H 486 44.13 4.51 7.81
N ALA H 487 43.66 5.56 8.48
CA ALA H 487 42.63 5.45 9.49
C ALA H 487 41.53 6.48 9.23
N PHE H 488 40.28 6.10 9.52
CA PHE H 488 39.13 6.98 9.38
C PHE H 488 37.97 6.34 10.14
N PRO H 489 37.07 7.15 10.69
CA PRO H 489 36.12 6.61 11.68
C PRO H 489 34.99 5.84 11.03
N ILE H 490 34.24 5.13 11.87
CA ILE H 490 33.07 4.36 11.45
C ILE H 490 31.93 4.70 12.39
N THR H 491 30.70 4.43 11.95
CA THR H 491 29.50 4.84 12.66
C THR H 491 28.58 3.64 12.81
N LEU H 492 28.42 3.16 14.04
CA LEU H 492 27.63 1.96 14.31
C LEU H 492 26.38 2.29 15.09
N GLU H 493 25.25 1.78 14.63
CA GLU H 493 23.97 1.89 15.33
C GLU H 493 23.26 0.56 15.31
N TRP H 494 23.02 -0.01 16.49
CA TRP H 494 22.29 -1.26 16.61
C TRP H 494 21.61 -1.31 17.96
N GLY H 495 20.38 -1.81 17.99
CA GLY H 495 19.64 -1.86 19.24
C GLY H 495 19.47 -0.51 19.90
N GLY H 496 19.50 0.56 19.12
CA GLY H 496 19.48 1.91 19.63
C GLY H 496 20.81 2.43 20.14
N ARG H 497 21.72 1.55 20.53
CA ARG H 497 23.03 1.99 21.02
C ARG H 497 23.88 2.48 19.85
N VAL H 498 24.79 3.41 20.13
CA VAL H 498 25.63 4.04 19.11
C VAL H 498 27.07 4.01 19.60
N VAL H 499 28.00 3.70 18.69
CA VAL H 499 29.40 3.49 19.04
C VAL H 499 30.26 4.29 18.05
N ARG H 500 31.22 5.03 18.60
CA ARG H 500 32.34 5.55 17.83
C ARG H 500 33.45 4.52 17.81
N GLU H 501 34.00 4.28 16.64
CA GLU H 501 35.08 3.33 16.46
C GLU H 501 35.86 3.75 15.23
N THR H 502 37.19 3.69 15.34
CA THR H 502 38.08 4.13 14.27
C THR H 502 38.63 2.92 13.53
N VAL H 503 38.67 2.99 12.19
CA VAL H 503 38.97 1.83 11.36
C VAL H 503 40.28 2.04 10.63
N TYR H 504 41.24 1.17 10.94
CA TYR H 504 42.57 1.17 10.32
C TYR H 504 42.60 0.25 9.11
N TRP H 505 42.95 0.79 7.95
CA TRP H 505 42.77 0.10 6.68
C TRP H 505 44.10 0.01 5.94
N PHE H 506 44.85 -1.06 6.21
CA PHE H 506 46.12 -1.29 5.55
C PHE H 506 45.93 -1.42 4.04
N GLN H 507 46.92 -0.96 3.28
CA GLN H 507 46.88 -1.05 1.84
C GLN H 507 48.30 -0.88 1.30
N TYR H 508 48.51 -1.35 0.07
CA TYR H 508 49.81 -1.31 -0.60
C TYR H 508 50.87 -2.12 0.15
N GLU H 509 50.50 -3.28 0.67
CA GLU H 509 51.48 -4.16 1.29
C GLU H 509 52.25 -4.93 0.21
N SER H 510 53.56 -5.05 0.42
CA SER H 510 54.37 -5.83 -0.52
C SER H 510 53.93 -7.28 -0.58
N ASP H 511 53.64 -7.87 0.58
CA ASP H 511 53.05 -9.20 0.65
C ASP H 511 51.54 -9.05 0.52
N SER H 512 50.95 -9.81 -0.42
CA SER H 512 49.53 -9.65 -0.71
C SER H 512 48.64 -10.01 0.48
N SER H 513 48.97 -11.10 1.18
CA SER H 513 48.09 -11.63 2.21
C SER H 513 47.92 -10.71 3.42
N LEU H 514 48.82 -9.73 3.60
CA LEU H 514 48.73 -8.87 4.77
C LEU H 514 47.81 -7.67 4.57
N ASN H 515 47.34 -7.43 3.36
CA ASN H 515 46.43 -6.31 3.12
C ASN H 515 45.09 -6.55 3.81
N SER H 516 44.40 -5.46 4.12
CA SER H 516 43.13 -5.55 4.82
C SER H 516 42.09 -6.24 3.96
N ASN H 517 41.21 -7.01 4.61
CA ASN H 517 40.08 -7.66 3.93
C ASN H 517 38.81 -7.21 4.64
N VAL H 518 37.91 -6.58 3.89
CA VAL H 518 36.78 -5.89 4.51
C VAL H 518 35.90 -6.87 5.28
N TYR H 519 35.81 -8.12 4.82
CA TYR H 519 34.90 -9.06 5.46
C TYR H 519 35.50 -9.59 6.76
N ASP H 520 36.74 -9.26 7.05
CA ASP H 520 37.30 -9.53 8.36
C ASP H 520 37.30 -8.29 9.24
N VAL H 521 37.62 -7.13 8.65
CA VAL H 521 37.58 -5.88 9.41
C VAL H 521 36.17 -5.61 9.92
N ALA H 522 35.18 -5.77 9.05
CA ALA H 522 33.80 -5.51 9.47
C ALA H 522 33.37 -6.49 10.55
N MET H 523 33.69 -7.77 10.38
CA MET H 523 33.27 -8.77 11.37
C MET H 523 33.95 -8.54 12.71
N LYS H 524 35.20 -8.08 12.69
CA LYS H 524 35.92 -7.84 13.95
C LYS H 524 35.21 -6.78 14.79
N LEU H 525 34.80 -5.68 14.16
CA LEU H 525 34.18 -4.58 14.90
C LEU H 525 32.86 -5.01 15.51
N VAL H 526 31.97 -5.59 14.71
CA VAL H 526 30.66 -5.99 15.21
C VAL H 526 30.82 -6.98 16.36
N THR H 527 31.72 -7.94 16.22
CA THR H 527 32.01 -8.85 17.33
C THR H 527 32.61 -8.11 18.52
N LYS H 528 33.52 -7.17 18.27
CA LYS H 528 34.19 -6.49 19.37
C LYS H 528 33.25 -5.58 20.15
N HIS H 529 32.20 -5.07 19.50
CA HIS H 529 31.31 -4.13 20.15
C HIS H 529 29.88 -4.62 20.32
N PHE H 530 29.51 -5.74 19.70
CA PHE H 530 28.16 -6.28 19.83
C PHE H 530 28.17 -7.80 19.99
N PRO H 531 28.89 -8.32 20.99
CA PRO H 531 28.99 -9.78 21.13
C PRO H 531 27.67 -10.40 21.56
N GLY H 532 27.09 -11.20 20.68
CA GLY H 532 25.90 -11.95 21.02
C GLY H 532 24.59 -11.29 20.69
N GLU H 533 24.56 -10.34 19.77
CA GLU H 533 23.29 -9.77 19.35
C GLU H 533 22.68 -10.61 18.24
N PHE H 534 21.36 -10.66 18.19
CA PHE H 534 20.69 -11.39 17.13
C PHE H 534 20.51 -10.51 15.90
N GLY H 535 20.64 -11.12 14.72
CA GLY H 535 20.48 -10.40 13.49
C GLY H 535 21.59 -9.42 13.17
N SER H 536 22.77 -9.59 13.76
CA SER H 536 23.88 -8.68 13.48
C SER H 536 24.41 -8.88 12.07
N GLU H 537 24.08 -10.00 11.42
CA GLU H 537 24.49 -10.19 10.03
C GLU H 537 23.96 -9.10 9.12
N ILE H 538 22.85 -8.48 9.50
CA ILE H 538 22.34 -7.34 8.74
C ILE H 538 23.22 -6.12 9.00
N LEU H 539 23.68 -5.94 10.24
CA LEU H 539 24.56 -4.81 10.55
C LEU H 539 25.86 -4.90 9.78
N VAL H 540 26.41 -6.10 9.63
CA VAL H 540 27.69 -6.25 8.94
C VAL H 540 27.57 -5.82 7.49
N GLN H 541 26.45 -6.16 6.83
CA GLN H 541 26.26 -5.73 5.45
C GLN H 541 26.26 -4.21 5.36
N LYS H 542 25.58 -3.54 6.28
CA LYS H 542 25.57 -2.07 6.28
C LYS H 542 26.97 -1.52 6.54
N VAL H 543 27.75 -2.19 7.37
CA VAL H 543 29.11 -1.74 7.65
C VAL H 543 29.99 -1.89 6.42
N VAL H 544 29.93 -3.04 5.76
CA VAL H 544 30.80 -3.30 4.61
C VAL H 544 30.55 -2.28 3.52
N HIS H 545 29.27 -1.99 3.23
CA HIS H 545 28.94 -1.04 2.19
C HIS H 545 29.54 0.34 2.47
N THR H 546 29.80 0.64 3.75
CA THR H 546 30.37 1.94 4.09
C THR H 546 31.87 1.99 3.83
N ILE H 547 32.60 0.97 4.29
CA ILE H 547 34.06 0.97 4.17
C ILE H 547 34.46 0.99 2.70
N LEU H 548 33.78 0.18 1.88
CA LEU H 548 34.12 0.15 0.46
C LEU H 548 33.94 1.52 -0.18
N HIS H 549 32.84 2.20 0.10
CA HIS H 549 32.61 3.53 -0.46
C HIS H 549 33.60 4.55 0.08
N GLN H 550 34.21 4.28 1.23
CA GLN H 550 35.16 5.23 1.80
C GLN H 550 36.58 5.00 1.29
N THR H 551 36.95 3.74 1.02
CA THR H 551 38.30 3.45 0.55
C THR H 551 38.42 3.51 -0.97
N ALA H 552 37.35 3.84 -1.68
CA ALA H 552 37.38 3.90 -3.13
C ALA H 552 38.16 5.12 -3.59
N LYS H 553 39.47 5.08 -3.43
CA LYS H 553 40.30 6.23 -3.74
C LYS H 553 40.45 6.40 -5.25
N LYS H 554 40.26 7.63 -5.72
CA LYS H 554 40.33 7.91 -7.15
C LYS H 554 41.71 7.57 -7.71
N ASN H 555 42.76 8.13 -7.11
CA ASN H 555 44.13 7.80 -7.48
C ASN H 555 44.65 6.70 -6.57
N PRO H 556 45.10 5.56 -7.10
CA PRO H 556 45.60 4.48 -6.24
C PRO H 556 46.78 4.88 -5.37
N ASP H 557 47.52 5.93 -5.73
CA ASP H 557 48.64 6.38 -4.90
C ASP H 557 48.26 7.49 -3.93
N ASP H 558 46.96 7.70 -3.70
CA ASP H 558 46.53 8.68 -2.70
C ASP H 558 46.78 8.13 -1.31
N TYR H 559 47.99 8.32 -0.79
CA TYR H 559 48.40 7.72 0.48
C TYR H 559 48.53 8.82 1.53
N THR H 560 47.70 8.75 2.57
CA THR H 560 47.68 9.71 3.66
C THR H 560 47.79 8.94 4.97
N PRO H 561 49.00 8.52 5.35
CA PRO H 561 49.15 7.61 6.49
C PRO H 561 48.72 8.27 7.79
N VAL H 562 48.74 7.45 8.84
CA VAL H 562 48.40 7.94 10.17
C VAL H 562 49.43 8.96 10.62
N ASN H 563 48.97 10.00 11.32
CA ASN H 563 49.85 11.04 11.81
C ASN H 563 50.29 10.68 13.23
N ILE H 564 51.48 10.11 13.35
CA ILE H 564 52.04 9.71 14.65
C ILE H 564 53.27 10.56 14.91
N ASP H 565 53.29 11.23 16.06
CA ASP H 565 54.41 12.10 16.40
C ASP H 565 55.64 11.28 16.72
N GLY H 566 56.81 11.78 16.32
CA GLY H 566 58.06 11.11 16.55
C GLY H 566 58.50 10.16 15.45
N ALA H 567 57.66 9.20 15.08
CA ALA H 567 58.01 8.28 14.00
C ALA H 567 58.16 9.03 12.68
N HIS H 568 57.19 9.87 12.34
CA HIS H 568 57.24 10.69 11.14
C HIS H 568 56.71 12.08 11.45
N ALA H 569 57.35 13.09 10.89
CA ALA H 569 56.96 14.48 11.12
C ALA H 569 56.98 15.27 9.82
N GLY I 1 39.74 20.59 64.69
CA GLY I 1 39.28 21.79 65.38
C GLY I 1 38.60 21.49 66.70
N VAL I 2 39.40 21.42 67.77
CA VAL I 2 38.88 21.17 69.12
C VAL I 2 38.05 22.35 69.58
N THR I 3 38.47 23.56 69.21
CA THR I 3 37.81 24.77 69.69
C THR I 3 36.91 25.42 68.63
N GLY I 4 36.48 24.68 67.62
CA GLY I 4 35.65 25.26 66.57
C GLY I 4 34.21 25.48 67.00
N ALA I 5 33.86 25.02 68.19
CA ALA I 5 32.54 25.21 68.75
C ALA I 5 32.68 25.59 70.22
N PRO I 6 32.29 26.81 70.59
CA PRO I 6 32.46 27.24 71.99
C PRO I 6 31.57 26.40 72.91
N LYS I 7 32.08 26.16 74.13
CA LYS I 7 31.32 25.42 75.12
C LYS I 7 30.03 26.15 75.47
N LYS I 8 28.94 25.41 75.57
CA LYS I 8 27.63 26.02 75.77
C LYS I 8 27.49 26.51 77.20
N ASN I 9 27.16 27.79 77.35
CA ASN I 9 27.06 28.41 78.67
C ASN I 9 25.86 27.87 79.43
N THR I 10 25.89 28.07 80.76
CA THR I 10 24.80 27.60 81.61
C THR I 10 23.45 28.16 81.14
N GLU I 11 23.46 29.40 80.65
CA GLU I 11 22.25 29.97 80.07
C GLU I 11 21.91 29.35 78.72
N LEU I 12 22.88 28.73 78.06
CA LEU I 12 22.70 28.22 76.71
C LEU I 12 22.61 26.70 76.63
N VAL I 13 22.90 25.98 77.72
CA VAL I 13 22.73 24.54 77.72
C VAL I 13 21.25 24.21 77.70
N LYS I 14 20.83 23.42 76.72
CA LYS I 14 19.42 23.10 76.53
C LYS I 14 19.14 21.71 77.06
N VAL I 15 18.38 21.63 78.15
CA VAL I 15 17.96 20.38 78.76
C VAL I 15 16.53 20.12 78.30
N MET I 16 16.33 18.98 77.62
CA MET I 16 15.08 18.69 76.93
C MET I 16 14.74 19.81 75.94
N GLY I 17 15.78 20.41 75.38
CA GLY I 17 15.64 21.56 74.51
C GLY I 17 15.45 22.89 75.21
N LEU I 18 15.48 22.91 76.55
CA LEU I 18 15.19 24.10 77.33
C LEU I 18 16.49 24.66 77.92
N SER I 19 16.80 25.91 77.59
CA SER I 19 17.95 26.60 78.14
C SER I 19 17.49 27.79 78.98
N ASN I 20 18.35 28.17 79.93
CA ASN I 20 18.02 29.27 80.83
C ASN I 20 17.81 30.57 80.07
N TYR I 21 18.71 30.86 79.12
CA TYR I 21 18.56 32.06 78.31
C TYR I 21 17.27 32.02 77.48
N HIS I 22 16.96 30.84 76.91
CA HIS I 22 15.71 30.68 76.18
C HIS I 22 14.51 30.90 77.10
N CYS I 23 14.57 30.35 78.32
CA CYS I 23 13.49 30.56 79.27
C CYS I 23 13.43 32.02 79.72
N LYS I 24 14.58 32.70 79.78
CA LYS I 24 14.58 34.13 80.09
C LYS I 24 13.87 34.93 79.01
N LEU I 25 13.89 34.43 77.77
CA LEU I 25 13.21 35.13 76.69
C LEU I 25 11.71 34.85 76.70
N LEU I 26 11.25 33.92 77.54
CA LEU I 26 9.84 33.58 77.63
C LEU I 26 9.23 33.87 78.98
N SER I 27 10.05 33.93 80.04
CA SER I 27 9.52 34.15 81.38
C SER I 27 8.80 35.50 81.55
N PRO I 28 9.32 36.64 81.10
CA PRO I 28 8.59 37.90 81.30
C PRO I 28 7.22 37.92 80.64
N ILE I 29 7.01 37.19 79.56
CA ILE I 29 5.70 37.14 78.93
C ILE I 29 4.78 36.18 79.67
N LEU I 30 5.36 35.19 80.37
CA LEU I 30 4.55 34.33 81.24
C LEU I 30 3.94 35.12 82.40
N ALA I 31 4.47 36.30 82.70
CA ALA I 31 3.92 37.12 83.79
C ALA I 31 2.47 37.51 83.53
N ARG I 32 2.07 37.65 82.27
CA ARG I 32 0.69 37.93 81.93
C ARG I 32 0.07 36.95 80.95
N TYR I 33 0.74 35.84 80.65
CA TYR I 33 0.23 34.81 79.75
C TYR I 33 0.13 33.46 80.44
N GLY I 34 -0.81 32.65 79.94
CA GLY I 34 -0.92 31.25 80.33
C GLY I 34 -1.08 30.30 79.15
N MET I 35 -0.90 29.00 79.44
CA MET I 35 -0.98 27.94 78.45
C MET I 35 -2.42 27.40 78.43
N ASP I 36 -2.90 27.04 77.24
CA ASP I 36 -4.26 26.54 77.11
C ASP I 36 -4.25 25.02 77.01
N LYS I 37 -5.17 24.37 77.74
CA LYS I 37 -5.22 22.91 77.76
C LYS I 37 -5.82 22.34 76.49
N GLN I 38 -6.56 23.13 75.72
CA GLN I 38 -7.22 22.60 74.54
C GLN I 38 -6.44 22.91 73.26
N THR I 39 -6.19 24.19 72.99
CA THR I 39 -5.50 24.57 71.77
C THR I 39 -3.98 24.54 71.93
N GLY I 40 -3.47 24.73 73.14
CA GLY I 40 -2.06 24.90 73.35
C GLY I 40 -1.56 26.30 73.09
N ARG I 41 -2.45 27.22 72.70
CA ARG I 41 -2.11 28.61 72.43
C ARG I 41 -1.98 29.39 73.73
N ALA I 42 -1.05 30.34 73.75
CA ALA I 42 -0.92 31.21 74.90
C ALA I 42 -2.10 32.15 75.01
N LYS I 43 -2.48 32.47 76.24
CA LYS I 43 -3.63 33.32 76.48
C LYS I 43 -3.26 34.37 77.53
N LEU I 44 -3.65 35.61 77.26
CA LEU I 44 -3.38 36.69 78.21
C LEU I 44 -4.08 36.43 79.53
N LEU I 45 -3.43 36.78 80.63
CA LEU I 45 -4.05 36.59 81.94
C LEU I 45 -5.21 37.54 82.14
N ARG I 46 -5.33 38.57 81.29
CA ARG I 46 -6.47 39.47 81.38
C ARG I 46 -7.77 38.74 81.09
N ASP I 47 -7.76 37.82 80.13
CA ASP I 47 -8.96 37.07 79.78
C ASP I 47 -9.30 36.01 80.81
N MET I 48 -8.30 35.28 81.33
CA MET I 48 -8.51 34.32 82.39
C MET I 48 -8.34 34.92 83.78
N ASN I 49 -8.39 36.26 83.90
CA ASN I 49 -8.46 37.00 85.16
C ASN I 49 -7.63 36.38 86.29
N GLN I 50 -6.35 36.17 86.02
CA GLN I 50 -5.38 35.84 87.05
C GLN I 50 -4.56 37.07 87.45
N GLY I 51 -5.10 38.26 87.20
CA GLY I 51 -4.36 39.49 87.39
C GLY I 51 -3.47 39.80 86.21
N GLU I 52 -2.95 41.03 86.19
CA GLU I 52 -2.01 41.41 85.15
C GLU I 52 -0.67 40.69 85.31
N LEU I 53 -0.24 40.44 86.53
CA LEU I 53 1.00 39.72 86.78
C LEU I 53 0.69 38.37 87.39
N PHE I 54 1.43 37.35 86.97
CA PHE I 54 1.16 35.97 87.35
C PHE I 54 1.16 35.79 88.86
N ASP I 55 0.02 35.38 89.42
CA ASP I 55 -0.09 35.16 90.86
C ASP I 55 0.76 33.98 91.29
N CYS I 56 1.86 34.26 91.99
CA CYS I 56 2.76 33.19 92.44
C CYS I 56 2.22 32.44 93.64
N ALA I 57 1.07 32.87 94.19
CA ALA I 57 0.46 32.14 95.28
C ALA I 57 0.07 30.71 94.88
N LEU I 58 -0.30 30.51 93.61
CA LEU I 58 -0.62 29.16 93.14
C LEU I 58 0.61 28.26 93.11
N LEU I 59 1.81 28.84 93.14
CA LEU I 59 3.04 28.08 93.02
C LEU I 59 3.54 27.53 94.35
N GLY I 60 2.75 27.67 95.42
CA GLY I 60 3.20 27.17 96.72
C GLY I 60 3.33 25.66 96.76
N ASP I 61 2.66 24.95 95.86
CA ASP I 61 2.77 23.50 95.78
C ASP I 61 3.90 23.05 94.86
N ARG I 62 4.65 23.99 94.27
CA ARG I 62 5.63 23.69 93.25
C ARG I 62 7.00 23.52 93.89
N ALA I 63 7.57 22.32 93.78
CA ALA I 63 8.92 22.04 94.20
C ALA I 63 9.63 21.23 93.13
N PHE I 64 10.79 21.70 92.70
CA PHE I 64 11.52 21.03 91.64
C PHE I 64 12.12 19.72 92.14
N LEU I 65 12.03 18.69 91.31
CA LEU I 65 12.59 17.38 91.61
C LEU I 65 13.52 16.99 90.48
N ILE I 66 14.80 16.79 90.81
CA ILE I 66 15.81 16.55 89.79
C ILE I 66 15.93 15.05 89.48
N GLU I 67 16.00 14.73 88.20
CA GLU I 67 16.25 13.35 87.80
C GLU I 67 17.73 13.03 87.99
N PRO I 68 18.06 11.77 88.31
CA PRO I 68 19.48 11.40 88.44
C PRO I 68 20.26 11.56 87.15
N GLU I 69 19.61 11.40 85.99
CA GLU I 69 20.32 11.49 84.72
C GLU I 69 20.62 12.92 84.34
N HIS I 70 19.92 13.90 84.91
CA HIS I 70 20.18 15.30 84.63
C HIS I 70 20.93 16.01 85.76
N VAL I 71 21.53 15.26 86.69
CA VAL I 71 22.31 15.89 87.75
C VAL I 71 23.61 16.48 87.20
N ASN I 72 24.26 15.76 86.29
CA ASN I 72 25.58 16.13 85.80
C ASN I 72 25.57 17.34 84.87
N THR I 73 24.40 17.83 84.47
CA THR I 73 24.32 18.94 83.52
C THR I 73 24.83 20.22 84.18
N VAL I 74 25.63 21.00 83.43
CA VAL I 74 26.14 22.26 83.94
C VAL I 74 25.08 23.34 83.79
N GLY I 75 24.76 24.01 84.89
CA GLY I 75 23.77 25.07 84.89
C GLY I 75 22.34 24.61 85.09
N TYR I 76 22.07 23.31 84.97
CA TYR I 76 20.75 22.75 85.20
C TYR I 76 20.71 21.86 86.43
N GLY I 77 21.59 20.86 86.50
CA GLY I 77 21.64 19.97 87.64
C GLY I 77 22.53 20.48 88.75
N LYS I 78 23.43 19.63 89.22
CA LYS I 78 24.34 20.00 90.28
C LYS I 78 25.28 21.11 89.85
N ASP I 79 25.46 22.10 90.72
CA ASP I 79 26.50 23.10 90.52
C ASP I 79 27.88 22.46 90.74
N ARG I 80 28.81 22.75 89.82
CA ARG I 80 30.15 22.18 89.87
C ARG I 80 31.12 23.08 90.65
N SER I 81 30.67 24.25 91.08
CA SER I 81 31.57 25.25 91.62
C SER I 81 31.98 24.90 93.05
N GLY I 82 32.62 25.86 93.71
CA GLY I 82 33.11 25.65 95.07
C GLY I 82 32.01 25.53 96.11
N SER I 83 30.76 25.78 95.74
CA SER I 83 29.66 25.55 96.67
C SER I 83 29.52 24.08 97.02
N LEU I 84 30.08 23.18 96.20
CA LEU I 84 30.08 21.76 96.52
C LEU I 84 30.83 21.47 97.81
N LEU I 85 32.02 22.05 97.98
CA LEU I 85 32.76 21.92 99.23
C LEU I 85 32.13 22.78 100.32
N TYR I 86 31.46 23.86 99.92
CA TYR I 86 30.97 24.84 100.89
C TYR I 86 29.90 24.25 101.80
N LEU I 87 28.98 23.47 101.24
CA LEU I 87 27.80 23.00 101.97
C LEU I 87 27.99 21.64 102.61
N HIS I 88 29.19 21.05 102.52
CA HIS I 88 29.42 19.71 103.02
C HIS I 88 29.12 19.60 104.52
N ASP I 89 29.50 20.62 105.28
CA ASP I 89 29.17 20.64 106.70
C ASP I 89 27.66 20.60 106.91
N THR I 90 26.92 21.36 106.12
CA THR I 90 25.46 21.25 106.13
C THR I 90 25.02 19.91 105.55
N LEU I 91 25.70 19.44 104.50
CA LEU I 91 25.34 18.17 103.87
C LEU I 91 25.56 17.00 104.83
N GLU I 92 26.38 17.19 105.86
CA GLU I 92 26.59 16.12 106.83
C GLU I 92 25.31 15.80 107.58
N ASP I 93 24.53 16.82 107.93
CA ASP I 93 23.28 16.58 108.65
C ASP I 93 22.08 16.50 107.72
N ILE I 94 22.21 17.01 106.49
CA ILE I 94 21.16 16.80 105.49
C ILE I 94 21.01 15.32 105.19
N LYS I 95 22.13 14.64 104.91
CA LYS I 95 22.09 13.23 104.58
C LYS I 95 21.65 12.39 105.78
N ARG I 96 22.26 12.63 106.95
CA ARG I 96 22.08 11.73 108.08
C ARG I 96 20.68 11.84 108.66
N ALA I 97 20.03 12.99 108.49
CA ALA I 97 18.66 13.13 108.94
C ALA I 97 17.74 12.16 108.21
N ASN I 98 17.90 12.02 106.89
CA ASN I 98 17.15 11.04 106.11
C ASN I 98 17.94 9.74 105.96
N LYS I 99 18.44 9.22 107.08
CA LYS I 99 19.10 7.91 107.14
C LYS I 99 20.24 7.79 106.14
N SER I 100 21.11 8.81 106.10
CA SER I 100 22.34 8.80 105.29
C SER I 100 22.06 8.71 103.79
N GLN I 101 21.08 9.45 103.30
CA GLN I 101 20.82 9.55 101.87
C GLN I 101 20.85 11.00 101.42
N GLU I 102 21.45 11.26 100.27
CA GLU I 102 21.49 12.60 99.71
C GLU I 102 20.08 12.98 99.26
N CYS I 103 19.43 13.85 100.02
CA CYS I 103 18.05 14.23 99.78
C CYS I 103 17.88 15.67 99.35
N LEU I 104 18.84 16.55 99.67
CA LEU I 104 18.74 17.97 99.34
C LEU I 104 20.08 18.40 98.74
N ILE I 105 20.03 19.06 97.58
CA ILE I 105 21.24 19.37 96.84
C ILE I 105 21.27 20.84 96.40
N PRO I 106 22.45 21.44 96.26
CA PRO I 106 22.53 22.76 95.63
C PRO I 106 22.32 22.65 94.12
N VAL I 107 21.74 23.69 93.54
CA VAL I 107 21.43 23.73 92.12
C VAL I 107 22.05 24.98 91.49
N HIS I 108 22.75 24.78 90.37
CA HIS I 108 23.39 25.89 89.68
C HIS I 108 22.36 26.85 89.09
N VAL I 109 22.62 28.14 89.24
CA VAL I 109 21.75 29.20 88.73
C VAL I 109 22.60 30.24 88.02
N ASP I 110 22.06 30.80 86.94
CA ASP I 110 22.74 31.85 86.19
C ASP I 110 23.08 33.02 87.09
N GLY I 111 24.32 33.50 87.00
CA GLY I 111 24.78 34.60 87.82
C GLY I 111 24.63 35.95 87.16
N ASP I 112 23.41 36.37 86.90
CA ASP I 112 23.13 37.67 86.26
C ASP I 112 22.72 38.74 87.26
N GLY I 113 22.80 38.45 88.57
CA GLY I 113 22.43 39.40 89.59
C GLY I 113 21.02 39.28 90.12
N HIS I 114 20.13 38.61 89.39
CA HIS I 114 18.78 38.33 89.87
C HIS I 114 18.58 36.86 90.18
N CYS I 115 19.63 36.17 90.62
CA CYS I 115 19.56 34.74 90.87
C CYS I 115 18.61 34.40 92.02
N LEU I 116 18.30 35.38 92.87
CA LEU I 116 17.44 35.10 94.02
C LEU I 116 16.08 34.57 93.58
N VAL I 117 15.41 35.29 92.68
CA VAL I 117 14.15 34.79 92.15
C VAL I 117 14.39 33.73 91.09
N HIS I 118 15.56 33.75 90.44
CA HIS I 118 15.93 32.66 89.54
C HIS I 118 16.00 31.34 90.29
N ALA I 119 16.62 31.36 91.48
CA ALA I 119 16.66 30.18 92.32
C ALA I 119 15.26 29.79 92.80
N VAL I 120 14.47 30.78 93.21
CA VAL I 120 13.12 30.50 93.69
C VAL I 120 12.28 29.88 92.58
N SER I 121 12.39 30.43 91.36
CA SER I 121 11.74 29.80 90.21
C SER I 121 12.31 28.40 89.98
N ARG I 122 13.63 28.25 90.09
CA ARG I 122 14.22 26.91 90.03
C ARG I 122 13.81 26.08 91.24
N ALA I 123 13.50 26.73 92.36
CA ALA I 123 12.93 25.99 93.49
C ALA I 123 11.49 25.56 93.21
N LEU I 124 10.77 26.32 92.39
CA LEU I 124 9.37 26.00 92.11
C LEU I 124 9.22 25.04 90.95
N VAL I 125 9.75 25.38 89.77
CA VAL I 125 9.53 24.58 88.58
C VAL I 125 10.85 24.06 88.03
N GLY I 126 11.97 24.48 88.63
CA GLY I 126 13.26 24.08 88.14
C GLY I 126 13.68 24.72 86.84
N ARG I 127 12.98 25.76 86.40
CA ARG I 127 13.30 26.41 85.14
C ARG I 127 13.33 27.91 85.36
N GLU I 128 13.89 28.63 84.41
CA GLU I 128 13.82 30.08 84.46
C GLU I 128 12.57 30.57 83.74
N LEU I 129 11.40 30.09 84.16
CA LEU I 129 10.16 30.49 83.52
C LEU I 129 9.24 31.31 84.41
N PHE I 130 9.19 31.04 85.71
CA PHE I 130 8.28 31.76 86.59
C PHE I 130 8.99 32.81 87.44
N TRP I 131 10.28 33.06 87.17
CA TRP I 131 11.02 34.00 88.01
C TRP I 131 10.53 35.44 87.84
N HIS I 132 10.18 35.84 86.60
CA HIS I 132 9.90 37.25 86.36
C HIS I 132 8.65 37.71 87.10
N ALA I 133 7.67 36.83 87.26
CA ALA I 133 6.49 37.18 88.04
C ALA I 133 6.81 37.33 89.52
N LEU I 134 7.86 36.63 89.99
CA LEU I 134 8.20 36.66 91.41
C LEU I 134 8.62 38.05 91.86
N ARG I 135 9.13 38.88 90.93
CA ARG I 135 9.60 40.21 91.32
C ARG I 135 8.51 41.27 91.14
N GLU I 136 7.90 41.31 89.95
CA GLU I 136 6.98 42.40 89.63
C GLU I 136 5.77 42.41 90.54
N ASN I 137 5.18 41.23 90.80
CA ASN I 137 4.07 41.16 91.73
C ASN I 137 4.54 41.39 93.17
N LEU I 138 5.79 41.05 93.46
CA LEU I 138 6.34 41.31 94.78
C LEU I 138 6.39 42.81 95.07
N LYS I 139 6.75 43.60 94.05
CA LYS I 139 6.71 45.05 94.20
C LYS I 139 5.30 45.53 94.54
N GLN I 140 4.30 44.95 93.88
CA GLN I 140 2.91 45.27 94.22
C GLN I 140 2.54 44.72 95.59
N HIS I 141 3.03 43.53 95.93
CA HIS I 141 2.77 42.98 97.26
C HIS I 141 3.42 43.84 98.34
N PHE I 142 4.61 44.37 98.08
CA PHE I 142 5.21 45.32 99.01
C PHE I 142 4.32 46.56 99.17
N GLN I 143 3.81 47.08 98.06
CA GLN I 143 3.01 48.31 98.12
C GLN I 143 1.71 48.08 98.88
N GLN I 144 1.04 46.95 98.63
CA GLN I 144 -0.25 46.71 99.27
C GLN I 144 -0.12 46.54 100.78
N HIS I 145 0.93 45.85 101.24
CA HIS I 145 1.15 45.64 102.67
C HIS I 145 2.30 46.45 103.22
N LEU I 146 2.63 47.59 102.58
CA LEU I 146 3.74 48.42 103.06
C LEU I 146 3.49 48.91 104.47
N ALA I 147 2.24 49.31 104.75
CA ALA I 147 1.89 49.69 106.12
C ALA I 147 2.11 48.53 107.08
N ARG I 148 1.76 47.31 106.67
CA ARG I 148 2.05 46.15 107.50
C ARG I 148 3.52 45.78 107.45
N TYR I 149 4.19 46.04 106.32
CA TYR I 149 5.65 45.98 106.30
C TYR I 149 6.24 47.05 107.20
N GLN I 150 5.62 48.23 107.23
CA GLN I 150 6.05 49.28 108.15
C GLN I 150 5.86 48.85 109.59
N ALA I 151 4.77 48.12 109.87
CA ALA I 151 4.47 47.72 111.24
C ALA I 151 5.63 46.94 111.87
N LEU I 152 6.34 46.15 111.06
CA LEU I 152 7.46 45.39 111.60
C LEU I 152 8.80 46.12 111.42
N PHE I 153 9.04 46.71 110.25
CA PHE I 153 10.38 47.12 109.86
C PHE I 153 10.57 48.64 109.86
N HIS I 154 9.60 49.41 110.36
CA HIS I 154 9.82 50.86 110.40
C HIS I 154 10.89 51.22 111.43
N ASP I 155 11.10 50.36 112.42
CA ASP I 155 12.18 50.57 113.39
C ASP I 155 13.45 49.83 113.01
N PHE I 156 13.46 49.09 111.91
CA PHE I 156 14.65 48.36 111.48
C PHE I 156 15.08 48.79 110.08
N ILE I 157 14.13 49.30 109.29
CA ILE I 157 14.40 49.73 107.93
C ILE I 157 13.96 51.18 107.80
N ASP I 158 14.80 52.01 107.17
CA ASP I 158 14.44 53.41 106.94
C ASP I 158 13.19 53.51 106.08
N ALA I 159 12.36 54.51 106.37
CA ALA I 159 11.13 54.72 105.60
C ALA I 159 11.44 55.04 104.15
N ALA I 160 12.54 55.75 103.89
CA ALA I 160 12.91 56.04 102.51
C ALA I 160 13.45 54.80 101.80
N GLU I 161 13.96 53.83 102.55
CA GLU I 161 14.47 52.59 101.95
C GLU I 161 13.37 51.79 101.26
N TRP I 162 12.16 51.77 101.81
CA TRP I 162 11.08 50.98 101.22
C TRP I 162 10.76 51.42 99.80
N GLU I 163 10.93 52.69 99.47
CA GLU I 163 10.79 53.13 98.09
C GLU I 163 11.91 52.56 97.23
N ASP I 164 13.10 52.40 97.82
CA ASP I 164 14.19 51.73 97.12
C ASP I 164 14.00 50.21 97.14
N ILE I 165 13.41 49.70 98.21
CA ILE I 165 13.18 48.25 98.32
C ILE I 165 12.23 47.78 97.23
N ILE I 166 11.15 48.53 96.98
CA ILE I 166 10.26 48.16 95.89
C ILE I 166 10.96 48.35 94.55
N ASN I 167 11.92 49.27 94.47
CA ASN I 167 12.71 49.41 93.25
C ASN I 167 13.61 48.20 93.01
N GLU I 168 13.93 47.47 94.08
CA GLU I 168 14.74 46.26 93.93
C GLU I 168 13.99 45.19 93.14
N CYS I 169 12.66 45.16 93.23
CA CYS I 169 11.88 44.18 92.49
C CYS I 169 11.76 44.53 91.01
N ASP I 170 12.17 45.72 90.60
CA ASP I 170 12.06 46.11 89.21
C ASP I 170 12.94 45.21 88.35
N PRO I 171 12.42 44.73 87.21
CA PRO I 171 13.13 43.68 86.47
C PRO I 171 14.49 44.11 85.93
N LEU I 172 14.55 45.16 85.12
CA LEU I 172 15.78 45.58 84.47
C LEU I 172 16.35 46.88 85.05
N PHE I 173 15.93 47.24 86.26
CA PHE I 173 16.41 48.46 86.87
C PHE I 173 17.78 48.22 87.51
N VAL I 174 18.80 48.86 86.95
CA VAL I 174 20.17 48.73 87.42
C VAL I 174 20.35 49.68 88.59
N PRO I 175 20.69 49.18 89.79
CA PRO I 175 20.94 50.09 90.91
C PRO I 175 22.20 50.91 90.68
N PRO I 176 22.34 52.05 91.35
CA PRO I 176 23.55 52.87 91.16
C PRO I 176 24.82 52.11 91.52
N GLU I 177 25.95 52.72 91.18
CA GLU I 177 27.25 52.06 91.32
C GLU I 177 27.52 51.71 92.79
N GLY I 178 28.21 50.58 92.99
CA GLY I 178 28.63 50.16 94.31
C GLY I 178 27.73 49.17 95.00
N VAL I 179 26.50 48.98 94.53
CA VAL I 179 25.59 48.01 95.14
C VAL I 179 26.14 46.60 94.93
N PRO I 180 26.27 45.80 95.98
CA PRO I 180 26.76 44.42 95.79
C PRO I 180 25.83 43.63 94.90
N LEU I 181 26.41 42.77 94.07
CA LEU I 181 25.66 42.01 93.07
C LEU I 181 24.84 40.94 93.79
N GLY I 182 23.60 41.26 94.13
CA GLY I 182 22.74 40.34 94.83
C GLY I 182 21.55 41.03 95.47
N LEU I 183 20.44 40.30 95.62
CA LEU I 183 19.24 40.87 96.20
C LEU I 183 19.16 40.53 97.69
N ARG I 184 18.59 41.43 98.47
CA ARG I 184 18.51 41.25 99.91
C ARG I 184 17.46 40.19 100.27
N ASN I 185 17.47 39.79 101.53
CA ASN I 185 16.55 38.78 102.05
C ASN I 185 15.13 39.33 102.19
N ILE I 186 14.97 40.65 102.07
CA ILE I 186 13.65 41.27 102.21
C ILE I 186 12.69 40.74 101.14
N HIS I 187 13.20 40.48 99.94
CA HIS I 187 12.36 39.89 98.90
C HIS I 187 11.84 38.51 99.30
N ILE I 188 12.72 37.68 99.89
CA ILE I 188 12.33 36.32 100.22
C ILE I 188 11.19 36.31 101.23
N PHE I 189 11.25 37.21 102.22
CA PHE I 189 10.14 37.39 103.15
C PHE I 189 8.85 37.65 102.40
N GLY I 190 8.86 38.62 101.49
CA GLY I 190 7.70 38.84 100.65
C GLY I 190 7.40 37.65 99.77
N LEU I 191 8.44 37.04 99.19
CA LEU I 191 8.25 35.88 98.34
C LEU I 191 7.62 34.73 99.11
N ALA I 192 8.07 34.50 100.34
CA ALA I 192 7.45 33.48 101.18
C ALA I 192 5.99 33.83 101.44
N ASN I 193 5.69 35.11 101.65
CA ASN I 193 4.32 35.54 101.80
C ASN I 193 3.57 35.49 100.46
N VAL I 194 4.25 35.85 99.38
CA VAL I 194 3.63 35.79 98.05
C VAL I 194 3.28 34.36 97.69
N LEU I 195 4.22 33.43 97.89
CA LEU I 195 4.01 32.05 97.48
C LEU I 195 3.02 31.30 98.36
N HIS I 196 2.56 31.90 99.47
CA HIS I 196 1.78 31.19 100.49
C HIS I 196 2.55 29.97 100.99
N ARG I 197 3.87 30.12 101.12
CA ARG I 197 4.74 29.00 101.37
C ARG I 197 5.95 29.44 102.18
N PRO I 198 6.39 28.64 103.14
CA PRO I 198 7.67 28.92 103.79
C PRO I 198 8.83 28.75 102.82
N ILE I 199 9.85 29.58 102.98
CA ILE I 199 11.09 29.47 102.22
C ILE I 199 12.24 29.39 103.22
N ILE I 200 13.14 28.44 103.01
CA ILE I 200 14.24 28.20 103.94
C ILE I 200 15.55 28.49 103.21
N LEU I 201 16.33 29.42 103.74
CA LEU I 201 17.62 29.79 103.18
C LEU I 201 18.71 29.25 104.11
N LEU I 202 19.57 28.39 103.57
CA LEU I 202 20.56 27.70 104.38
C LEU I 202 21.96 28.28 104.16
N ASP I 203 22.86 27.89 105.06
CA ASP I 203 24.27 28.23 104.99
C ASP I 203 25.05 27.06 105.57
N SER I 204 26.39 27.17 105.56
CA SER I 204 27.22 26.13 106.14
C SER I 204 27.01 26.05 107.64
N LEU I 205 27.58 25.01 108.26
CA LEU I 205 27.54 24.90 109.71
C LEU I 205 28.19 26.13 110.36
N SER I 206 29.24 26.66 109.73
CA SER I 206 29.79 27.93 110.17
C SER I 206 28.80 29.07 109.95
N GLY I 207 28.03 29.01 108.85
CA GLY I 207 27.07 30.07 108.57
C GLY I 207 25.98 30.16 109.62
N MET I 208 25.47 29.01 110.07
CA MET I 208 24.47 29.01 111.13
C MET I 208 25.02 29.54 112.44
N ARG I 209 26.24 29.16 112.81
CA ARG I 209 26.89 29.69 113.99
C ARG I 209 27.54 31.04 113.75
N SER I 210 27.54 31.53 112.52
CA SER I 210 27.90 32.91 112.26
C SER I 210 26.83 33.85 112.80
N SER I 211 27.26 35.01 113.27
CA SER I 211 26.38 35.96 113.94
C SER I 211 25.47 36.74 112.97
N GLY I 212 25.40 36.33 111.71
CA GLY I 212 24.57 36.99 110.71
C GLY I 212 23.25 36.25 110.54
N ASP I 213 22.18 37.01 110.31
CA ASP I 213 20.87 36.42 110.08
C ASP I 213 20.62 36.20 108.60
N TYR I 214 21.69 36.16 107.81
CA TYR I 214 21.57 35.92 106.37
C TYR I 214 21.08 34.52 106.05
N SER I 215 21.09 33.61 107.03
CA SER I 215 20.49 32.29 106.90
C SER I 215 19.31 32.21 107.85
N ALA I 216 18.10 32.14 107.30
CA ALA I 216 16.90 32.20 108.12
C ALA I 216 15.76 31.48 107.41
N THR I 217 14.72 31.17 108.19
CA THR I 217 13.52 30.51 107.68
C THR I 217 12.47 31.57 107.40
N PHE I 218 12.16 31.78 106.12
CA PHE I 218 11.21 32.80 105.68
C PHE I 218 9.81 32.19 105.65
N LEU I 219 8.96 32.63 106.56
CA LEU I 219 7.61 32.09 106.65
C LEU I 219 6.59 33.05 106.08
N PRO I 220 5.48 32.53 105.54
CA PRO I 220 4.42 33.42 105.05
C PRO I 220 3.67 34.06 106.20
N GLY I 221 4.30 35.02 106.87
CA GLY I 221 3.67 35.69 107.99
C GLY I 221 2.48 36.54 107.60
N LEU I 222 2.54 37.22 106.46
CA LEU I 222 1.45 38.07 106.01
C LEU I 222 0.24 37.30 105.49
N ILE I 223 0.35 35.99 105.37
CA ILE I 223 -0.71 35.13 104.83
C ILE I 223 -1.05 34.09 105.89
N PRO I 224 -2.32 33.93 106.27
CA PRO I 224 -2.65 32.98 107.33
C PRO I 224 -2.47 31.53 106.89
N ALA I 225 -2.19 30.67 107.88
CA ALA I 225 -1.77 29.30 107.64
C ALA I 225 -2.81 28.49 106.87
N GLU I 226 -4.11 28.73 107.08
CA GLU I 226 -5.12 28.03 106.31
C GLU I 226 -5.02 28.34 104.82
N LYS I 227 -4.50 29.50 104.46
CA LYS I 227 -4.21 29.86 103.07
C LYS I 227 -2.87 29.34 102.59
N CYS I 228 -2.04 28.81 103.50
CA CYS I 228 -0.72 28.30 103.16
C CYS I 228 -0.73 26.80 102.90
N THR I 229 -1.90 26.23 102.64
CA THR I 229 -2.05 24.80 102.40
C THR I 229 -2.28 24.55 100.91
N GLY I 230 -2.05 23.32 100.49
CA GLY I 230 -2.32 22.93 99.12
C GLY I 230 -3.79 22.67 98.89
N LYS I 231 -4.08 22.20 97.68
CA LYS I 231 -5.46 21.86 97.35
C LYS I 231 -5.95 20.59 98.04
N ASP I 232 -5.06 19.79 98.62
CA ASP I 232 -5.47 18.57 99.31
C ASP I 232 -5.71 18.78 100.82
N GLY I 233 -5.66 20.03 101.29
CA GLY I 233 -5.78 20.28 102.71
C GLY I 233 -4.50 20.14 103.49
N HIS I 234 -3.37 19.93 102.82
CA HIS I 234 -2.09 19.78 103.47
C HIS I 234 -1.22 21.01 103.24
N LEU I 235 -0.43 21.36 104.25
CA LEU I 235 0.47 22.49 104.13
C LEU I 235 1.51 22.24 103.06
N ASN I 236 1.86 23.30 102.32
CA ASN I 236 2.85 23.20 101.26
C ASN I 236 4.24 22.93 101.83
N LYS I 237 4.88 21.87 101.39
CA LYS I 237 6.23 21.57 101.84
C LYS I 237 7.18 22.64 101.32
N PRO I 238 7.98 23.25 102.18
CA PRO I 238 8.74 24.45 101.78
C PRO I 238 9.80 24.14 100.73
N ILE I 239 10.04 25.13 99.87
CA ILE I 239 11.22 25.12 99.00
C ILE I 239 12.41 25.66 99.79
N CYS I 240 13.57 25.06 99.57
CA CYS I 240 14.77 25.39 100.32
C CYS I 240 15.80 26.02 99.38
N ILE I 241 16.53 27.00 99.89
CA ILE I 241 17.59 27.67 99.15
C ILE I 241 18.82 27.78 100.06
N ALA I 242 19.95 28.13 99.46
CA ALA I 242 21.20 28.21 100.21
C ALA I 242 22.05 29.34 99.67
N TRP I 243 23.07 29.71 100.45
CA TRP I 243 24.08 30.65 100.00
C TRP I 243 25.14 29.91 99.21
N SER I 244 25.49 30.45 98.05
CA SER I 244 26.39 29.76 97.13
C SER I 244 27.85 30.16 97.28
N SER I 245 28.16 31.11 98.17
CA SER I 245 29.53 31.56 98.32
C SER I 245 29.68 32.28 99.66
N SER I 246 30.94 32.43 100.08
CA SER I 246 31.22 33.19 101.29
C SER I 246 31.08 34.68 101.07
N GLY I 247 31.15 35.14 99.81
CA GLY I 247 30.92 36.53 99.50
C GLY I 247 29.46 36.94 99.46
N ARG I 248 28.55 35.96 99.45
CA ARG I 248 27.11 36.23 99.50
C ARG I 248 26.65 37.11 98.34
N ASN I 249 26.78 36.58 97.12
CA ASN I 249 26.38 37.31 95.93
C ASN I 249 25.54 36.49 94.96
N HIS I 250 25.49 35.17 95.12
CA HIS I 250 24.71 34.31 94.23
C HIS I 250 23.86 33.37 95.07
N TYR I 251 22.59 33.21 94.68
CA TYR I 251 21.67 32.34 95.40
C TYR I 251 21.49 31.03 94.64
N ILE I 252 21.27 29.95 95.37
CA ILE I 252 21.05 28.63 94.78
C ILE I 252 19.81 28.00 95.40
N PRO I 253 19.03 27.24 94.65
CA PRO I 253 17.89 26.53 95.26
C PRO I 253 18.28 25.12 95.68
N LEU I 254 17.67 24.68 96.78
CA LEU I 254 17.89 23.34 97.31
C LEU I 254 16.64 22.50 97.05
N VAL I 255 16.75 21.56 96.13
CA VAL I 255 15.62 20.76 95.67
C VAL I 255 15.94 19.28 95.86
N GLY I 256 14.88 18.47 95.91
CA GLY I 256 15.05 17.04 96.04
C GLY I 256 15.30 16.34 94.71
N ILE I 257 15.50 15.04 94.79
CA ILE I 257 15.79 14.21 93.62
C ILE I 257 14.51 13.53 93.17
N LYS I 258 14.19 13.67 91.87
CA LYS I 258 12.92 13.18 91.35
C LYS I 258 12.84 11.67 91.46
N GLY I 259 11.79 11.18 92.13
CA GLY I 259 11.63 9.77 92.38
C GLY I 259 12.32 9.26 93.62
N ALA I 260 13.13 10.08 94.29
CA ALA I 260 13.86 9.66 95.47
C ALA I 260 13.12 10.08 96.73
N ALA I 261 13.80 9.90 97.87
CA ALA I 261 13.20 10.21 99.15
C ALA I 261 12.96 11.70 99.30
N LEU I 262 11.84 12.04 99.94
CA LEU I 262 11.54 13.44 100.21
C LEU I 262 12.52 13.99 101.24
N PRO I 263 13.22 15.09 100.94
CA PRO I 263 14.21 15.61 101.89
C PRO I 263 13.56 16.04 103.20
N LYS I 264 14.26 15.79 104.30
CA LYS I 264 13.84 16.20 105.63
C LYS I 264 14.91 17.10 106.22
N LEU I 265 14.50 18.26 106.75
CA LEU I 265 15.45 19.24 107.24
C LEU I 265 15.57 19.11 108.75
N PRO I 266 16.74 18.74 109.28
CA PRO I 266 16.89 18.62 110.73
C PRO I 266 16.77 19.96 111.43
N MET I 267 16.48 19.89 112.74
CA MET I 267 16.25 21.10 113.52
C MET I 267 17.48 21.99 113.57
N ASN I 268 18.69 21.42 113.67
CA ASN I 268 19.88 22.25 113.69
C ASN I 268 20.12 22.94 112.36
N LEU I 269 19.68 22.34 111.26
CA LEU I 269 19.75 22.98 109.95
C LEU I 269 18.48 23.71 109.60
N LEU I 270 17.48 23.72 110.48
CA LEU I 270 16.30 24.56 110.27
C LEU I 270 16.53 25.90 110.95
N PRO I 271 16.75 26.97 110.20
CA PRO I 271 17.10 28.25 110.81
C PRO I 271 15.90 28.91 111.46
N LYS I 272 16.17 29.92 112.27
CA LYS I 272 15.12 30.66 112.96
C LYS I 272 14.31 31.47 111.95
N ALA I 273 13.14 31.92 112.39
CA ALA I 273 12.26 32.71 111.54
C ALA I 273 12.88 34.05 111.20
N TRP I 274 12.48 34.60 110.06
CA TRP I 274 13.00 35.89 109.60
C TRP I 274 11.92 36.95 109.68
N GLY I 275 12.01 37.80 110.72
CA GLY I 275 11.07 38.89 110.89
C GLY I 275 9.72 38.51 111.43
N VAL I 276 9.50 37.23 111.76
CA VAL I 276 8.22 36.76 112.26
C VAL I 276 8.45 35.93 113.51
N PRO I 277 7.45 35.76 114.38
CA PRO I 277 7.66 34.97 115.60
C PRO I 277 8.07 33.54 115.30
N GLN I 278 8.90 32.98 116.19
CA GLN I 278 9.41 31.63 116.00
C GLN I 278 8.31 30.59 116.04
N ASP I 279 7.22 30.87 116.76
CA ASP I 279 6.12 29.91 116.84
C ASP I 279 5.45 29.67 115.50
N LEU I 280 5.68 30.54 114.51
CA LEU I 280 5.07 30.39 113.21
C LEU I 280 5.66 29.22 112.42
N ILE I 281 6.76 28.63 112.89
CA ILE I 281 7.32 27.44 112.24
C ILE I 281 6.33 26.30 112.31
N LYS I 282 5.70 26.12 113.47
CA LYS I 282 4.66 25.11 113.66
C LYS I 282 3.40 25.41 112.84
N LYS I 283 3.00 26.67 112.73
CA LYS I 283 1.75 27.03 112.05
C LYS I 283 1.88 26.99 110.53
N TYR I 284 3.02 27.40 109.96
CA TYR I 284 3.10 27.56 108.51
C TYR I 284 3.80 26.42 107.79
N ILE I 285 4.45 25.51 108.51
CA ILE I 285 5.16 24.40 107.90
C ILE I 285 4.46 23.11 108.29
N LYS I 286 4.32 22.20 107.33
CA LYS I 286 3.81 20.87 107.65
C LYS I 286 4.88 20.15 108.46
N LEU I 287 4.77 20.23 109.78
CA LEU I 287 5.84 19.76 110.66
C LEU I 287 5.64 18.30 111.02
N GLU I 288 6.76 17.62 111.26
CA GLU I 288 6.76 16.21 111.60
C GLU I 288 6.80 16.03 113.12
N GLU I 289 6.65 14.78 113.55
CA GLU I 289 6.63 14.48 114.99
C GLU I 289 8.04 14.37 115.55
N ASP I 290 9.05 14.25 114.69
CA ASP I 290 10.43 14.04 115.14
C ASP I 290 11.21 15.33 115.30
N GLY I 291 10.58 16.49 115.12
CA GLY I 291 11.26 17.77 115.25
C GLY I 291 11.73 18.38 113.95
N GLY I 292 11.71 17.65 112.84
CA GLY I 292 12.09 18.18 111.56
C GLY I 292 10.89 18.53 110.71
N CYS I 293 11.18 18.93 109.47
CA CYS I 293 10.14 19.27 108.50
C CYS I 293 10.49 18.65 107.16
N VAL I 294 9.46 18.40 106.35
CA VAL I 294 9.61 17.77 105.05
C VAL I 294 9.89 18.84 104.01
N ILE I 295 10.91 18.63 103.19
CA ILE I 295 11.32 19.56 102.15
C ILE I 295 10.93 18.97 100.80
N GLY I 296 10.72 19.84 99.81
CA GLY I 296 10.37 19.38 98.49
C GLY I 296 8.90 19.05 98.35
N GLY I 297 8.59 17.80 98.02
CA GLY I 297 7.21 17.36 97.84
C GLY I 297 6.97 16.46 96.63
N ASP I 298 5.74 15.95 96.50
CA ASP I 298 5.31 15.09 95.40
C ASP I 298 4.24 15.73 94.52
N ARG I 299 3.69 16.87 94.92
CA ARG I 299 2.79 17.63 94.04
C ARG I 299 3.57 18.50 93.07
N SER I 300 4.50 17.88 92.34
CA SER I 300 5.34 18.61 91.41
C SER I 300 4.84 18.45 89.98
N LEU I 301 5.24 19.39 89.12
CA LEU I 301 4.84 19.36 87.72
C LEU I 301 5.88 18.60 86.91
N GLN I 302 5.42 17.61 86.16
CA GLN I 302 6.32 16.85 85.30
C GLN I 302 6.82 17.72 84.16
N ASP I 303 8.02 17.39 83.66
CA ASP I 303 8.65 18.22 82.63
C ASP I 303 7.88 18.16 81.31
N LYS I 304 6.96 17.20 81.18
CA LYS I 304 6.19 17.09 79.94
C LYS I 304 5.27 18.27 79.72
N TYR I 305 4.64 18.77 80.79
CA TYR I 305 3.77 19.93 80.66
C TYR I 305 4.55 21.21 80.40
N LEU I 306 5.70 21.37 81.06
CA LEU I 306 6.49 22.59 80.89
C LEU I 306 7.03 22.70 79.47
N LEU I 307 7.29 21.56 78.82
CA LEU I 307 7.74 21.58 77.43
C LEU I 307 6.70 22.24 76.52
N ARG I 308 5.42 21.94 76.74
CA ARG I 308 4.37 22.64 76.00
C ARG I 308 4.38 24.13 76.30
N LEU I 309 4.52 24.49 77.58
CA LEU I 309 4.42 25.89 77.97
C LEU I 309 5.53 26.72 77.33
N VAL I 310 6.74 26.19 77.28
CA VAL I 310 7.82 26.86 76.55
C VAL I 310 7.45 26.99 75.08
N ALA I 311 6.94 25.90 74.49
CA ALA I 311 6.45 25.97 73.13
C ALA I 311 5.25 26.92 73.02
N ALA I 312 4.41 26.95 74.06
CA ALA I 312 3.25 27.83 74.04
C ALA I 312 3.65 29.30 74.06
N MET I 313 4.85 29.61 74.55
CA MET I 313 5.33 30.99 74.50
C MET I 313 6.08 31.30 73.22
N GLU I 314 6.76 30.31 72.64
CA GLU I 314 7.40 30.52 71.34
C GLU I 314 6.36 30.82 70.27
N GLU I 315 5.10 30.48 70.53
CA GLU I 315 4.01 30.79 69.60
C GLU I 315 3.83 32.29 69.46
N VAL I 316 3.44 32.97 70.55
CA VAL I 316 3.23 34.41 70.51
C VAL I 316 4.55 35.13 70.25
N PHE I 317 5.66 34.54 70.70
CA PHE I 317 6.96 35.18 70.52
C PHE I 317 7.27 35.36 69.04
N MET I 318 6.60 34.60 68.18
CA MET I 318 6.66 34.85 66.74
C MET I 318 6.09 36.22 66.41
N ASP I 319 4.89 36.50 66.92
CA ASP I 319 4.22 37.75 66.57
C ASP I 319 4.85 38.94 67.26
N LYS I 320 5.11 38.83 68.57
CA LYS I 320 5.56 39.97 69.35
C LYS I 320 6.96 40.41 68.98
N HIS I 321 7.89 39.46 68.84
CA HIS I 321 9.29 39.79 68.64
C HIS I 321 9.77 39.59 67.20
N GLY I 322 8.96 38.97 66.34
CA GLY I 322 9.35 38.75 64.96
C GLY I 322 10.57 37.89 64.79
N ILE I 323 10.84 36.99 65.74
CA ILE I 323 12.08 36.22 65.78
C ILE I 323 11.87 35.06 66.73
N HIS I 324 12.72 34.03 66.59
CA HIS I 324 12.60 32.89 67.50
C HIS I 324 13.56 33.05 68.68
N PRO I 325 13.09 32.78 69.90
CA PRO I 325 13.96 32.98 71.07
C PRO I 325 15.21 32.12 71.06
N SER I 326 15.12 30.88 70.55
CA SER I 326 16.33 30.09 70.36
C SER I 326 17.24 30.71 69.32
N LEU I 327 16.66 31.24 68.24
CA LEU I 327 17.45 31.97 67.25
C LEU I 327 18.10 33.20 67.86
N VAL I 328 17.41 33.86 68.79
CA VAL I 328 18.03 34.93 69.56
C VAL I 328 19.16 34.38 70.42
N ALA I 329 18.95 33.22 71.04
CA ALA I 329 19.95 32.65 71.94
C ALA I 329 21.25 32.35 71.20
N ASP I 330 21.16 31.79 69.99
CA ASP I 330 22.38 31.50 69.23
C ASP I 330 23.07 32.77 68.79
N VAL I 331 22.29 33.80 68.41
CA VAL I 331 22.87 35.10 68.08
C VAL I 331 23.62 35.66 69.29
N HIS I 332 23.06 35.47 70.48
CA HIS I 332 23.75 35.87 71.71
C HIS I 332 25.09 35.16 71.84
N GLN I 333 25.10 33.85 71.61
CA GLN I 333 26.32 33.06 71.82
C GLN I 333 27.39 33.40 70.80
N TYR I 334 26.99 33.61 69.55
CA TYR I 334 27.96 33.71 68.47
C TYR I 334 28.41 35.14 68.17
N PHE I 335 27.68 36.14 68.64
CA PHE I 335 28.03 37.53 68.35
C PHE I 335 28.11 38.39 69.60
N TYR I 336 27.22 38.18 70.57
CA TYR I 336 27.30 38.92 71.83
C TYR I 336 28.27 38.26 72.80
N ARG I 337 28.22 36.92 72.91
CA ARG I 337 29.21 36.21 73.69
C ARG I 337 30.57 36.19 73.02
N ARG I 338 30.63 36.52 71.72
CA ARG I 338 31.92 36.62 71.03
C ARG I 338 32.81 37.69 71.62
N THR I 339 32.23 38.75 72.18
CA THR I 339 32.99 39.83 72.79
C THR I 339 33.51 39.48 74.18
N GLY I 340 33.09 38.35 74.74
CA GLY I 340 33.52 37.96 76.07
C GLY I 340 32.82 38.67 77.20
N VAL I 341 31.78 39.45 76.91
CA VAL I 341 31.05 40.19 77.93
C VAL I 341 30.03 39.27 78.57
N ILE I 342 30.11 39.13 79.89
CA ILE I 342 29.18 38.30 80.64
C ILE I 342 28.08 39.18 81.20
N GLY I 343 26.83 38.78 80.99
CA GLY I 343 25.69 39.55 81.44
C GLY I 343 25.05 40.42 80.37
N VAL I 344 24.99 39.95 79.13
CA VAL I 344 24.39 40.73 78.06
C VAL I 344 22.87 40.64 78.19
N GLN I 345 22.19 41.76 77.96
CA GLN I 345 20.74 41.81 78.09
C GLN I 345 20.09 40.97 76.99
N PRO I 346 19.13 40.10 77.34
CA PRO I 346 18.40 39.36 76.30
C PRO I 346 17.64 40.26 75.34
N GLU I 347 17.14 41.41 75.81
CA GLU I 347 16.32 42.27 74.96
C GLU I 347 17.12 42.83 73.79
N GLU I 348 18.36 43.25 74.04
CA GLU I 348 19.19 43.79 72.96
C GLU I 348 19.47 42.75 71.90
N VAL I 349 19.71 41.50 72.32
CA VAL I 349 19.96 40.42 71.37
C VAL I 349 18.71 40.16 70.53
N THR I 350 17.53 40.29 71.16
CA THR I 350 16.28 40.03 70.44
C THR I 350 16.04 41.07 69.35
N ALA I 351 16.16 42.36 69.70
CA ALA I 351 15.82 43.41 68.75
C ALA I 351 16.86 43.52 67.63
N ALA I 352 18.14 43.46 67.97
CA ALA I 352 19.19 43.66 66.97
C ALA I 352 19.26 42.50 65.99
N ALA I 353 19.03 41.27 66.46
CA ALA I 353 19.09 40.12 65.57
C ALA I 353 17.97 40.15 64.55
N LYS I 354 16.90 40.91 64.83
CA LYS I 354 15.83 41.08 63.85
C LYS I 354 16.34 41.82 62.62
N LYS I 355 17.33 42.71 62.81
CA LYS I 355 17.99 43.32 61.66
C LYS I 355 18.68 42.27 60.80
N ALA I 356 19.35 41.31 61.44
CA ALA I 356 19.89 40.16 60.70
C ALA I 356 18.78 39.34 60.08
N VAL I 357 17.62 39.27 60.74
CA VAL I 357 16.47 38.58 60.17
C VAL I 357 15.97 39.31 58.93
N MET I 358 15.85 40.64 59.01
CA MET I 358 15.26 41.40 57.92
C MET I 358 16.12 41.32 56.66
N ASP I 359 17.44 41.41 56.82
CA ASP I 359 18.34 41.36 55.68
C ASP I 359 18.97 39.99 55.46
N ASN I 360 18.57 38.97 56.23
CA ASN I 360 19.11 37.61 56.08
C ASN I 360 20.63 37.59 56.24
N ARG I 361 21.14 38.31 57.24
CA ARG I 361 22.59 38.37 57.45
C ARG I 361 23.12 37.19 58.25
N LEU I 362 22.24 36.32 58.73
CA LEU I 362 22.68 35.12 59.45
C LEU I 362 22.96 34.01 58.46
N HIS I 363 24.14 33.39 58.58
CA HIS I 363 24.51 32.24 57.76
C HIS I 363 25.03 31.14 58.66
N LYS I 364 24.26 30.06 58.77
CA LYS I 364 24.52 29.00 59.74
C LYS I 364 25.38 27.92 59.13
N CYS I 365 26.41 27.49 59.87
CA CYS I 365 27.26 26.39 59.44
C CYS I 365 26.49 25.09 59.50
N LEU I 366 26.63 24.28 58.44
CA LEU I 366 25.87 23.04 58.35
C LEU I 366 26.59 21.85 58.96
N LEU I 367 27.87 21.99 59.31
CA LEU I 367 28.62 20.87 59.86
C LEU I 367 28.74 20.95 61.38
N CYS I 368 29.30 22.05 61.88
CA CYS I 368 29.45 22.24 63.32
C CYS I 368 28.31 23.04 63.94
N GLY I 369 27.34 23.47 63.14
CA GLY I 369 26.19 24.19 63.66
C GLY I 369 26.43 25.63 64.01
N ALA I 370 27.59 26.19 63.66
CA ALA I 370 27.90 27.57 64.03
C ALA I 370 27.01 28.55 63.28
N LEU I 371 26.47 29.52 64.02
CA LEU I 371 25.70 30.60 63.44
C LEU I 371 26.63 31.77 63.13
N SER I 372 26.92 31.96 61.84
CA SER I 372 27.82 33.01 61.39
C SER I 372 27.01 34.12 60.75
N GLU I 373 27.55 35.34 60.82
CA GLU I 373 26.88 36.52 60.30
C GLU I 373 27.83 37.28 59.39
N LEU I 374 27.28 37.90 58.35
CA LEU I 374 28.06 38.77 57.46
C LEU I 374 27.82 40.21 57.90
N HIS I 375 28.44 40.57 59.03
CA HIS I 375 28.27 41.88 59.63
C HIS I 375 29.38 42.82 59.19
N VAL I 376 28.98 43.96 58.64
CA VAL I 376 29.91 44.96 58.11
C VAL I 376 29.63 46.28 58.82
N PRO I 377 30.62 46.89 59.46
CA PRO I 377 30.42 48.22 60.03
C PRO I 377 30.03 49.23 58.97
N PRO I 378 29.16 50.19 59.31
CA PRO I 378 28.66 51.12 58.29
C PRO I 378 29.75 51.91 57.58
N GLU I 379 30.81 52.31 58.28
CA GLU I 379 31.85 53.12 57.66
C GLU I 379 32.67 52.36 56.62
N TRP I 380 32.64 51.02 56.65
CA TRP I 380 33.37 50.25 55.65
C TRP I 380 32.84 50.45 54.25
N LEU I 381 31.58 50.86 54.11
CA LEU I 381 30.99 51.19 52.82
C LEU I 381 30.87 52.69 52.59
N ALA I 382 30.92 53.49 53.66
CA ALA I 382 30.97 54.94 53.60
C ALA I 382 32.34 55.37 53.09
N PRO I 383 32.49 56.64 52.68
CA PRO I 383 33.80 57.12 52.25
C PRO I 383 34.86 56.92 53.32
N GLY I 384 36.03 56.44 52.90
CA GLY I 384 37.07 56.02 53.80
C GLY I 384 37.05 54.55 54.15
N GLY I 385 36.04 53.81 53.68
CA GLY I 385 35.94 52.40 54.03
C GLY I 385 36.78 51.52 53.12
N LYS I 386 36.79 50.23 53.45
CA LYS I 386 37.53 49.27 52.63
C LYS I 386 36.88 49.07 51.27
N LEU I 387 35.65 48.54 51.26
CA LEU I 387 34.95 48.30 50.00
C LEU I 387 34.67 49.59 49.25
N TYR I 388 34.75 50.72 49.95
CA TYR I 388 34.60 52.02 49.30
C TYR I 388 35.77 52.31 48.37
N ASN I 389 36.97 51.89 48.76
CA ASN I 389 38.16 52.15 47.93
C ASN I 389 38.19 51.26 46.69
N LEU I 390 37.77 50.00 46.83
CA LEU I 390 37.86 49.05 45.71
C LEU I 390 37.03 49.48 44.51
N ALA I 391 35.83 50.02 44.76
CA ALA I 391 34.91 50.31 43.67
C ALA I 391 35.50 51.33 42.69
N LYS I 392 36.51 52.09 43.12
CA LYS I 392 37.03 53.18 42.30
C LYS I 392 38.06 52.68 41.28
N SER I 393 38.95 51.78 41.69
CA SER I 393 40.00 51.32 40.77
C SER I 393 39.61 50.03 40.08
N THR I 394 38.64 49.30 40.63
CA THR I 394 38.21 48.05 40.02
C THR I 394 37.09 48.25 39.00
N HIS I 395 36.12 49.12 39.28
CA HIS I 395 35.03 49.37 38.36
C HIS I 395 34.79 50.85 38.08
N GLY I 396 35.78 51.72 38.32
CA GLY I 396 35.68 53.11 37.96
C GLY I 396 34.80 53.97 38.85
N GLN I 397 34.02 54.84 38.22
CA GLN I 397 33.22 55.84 38.92
C GLN I 397 32.12 55.17 39.75
N LEU I 398 31.77 55.79 40.88
CA LEU I 398 30.56 55.39 41.58
C LEU I 398 29.34 55.72 40.73
N ARG I 399 28.71 54.68 40.21
CA ARG I 399 27.58 54.83 39.30
C ARG I 399 26.30 54.42 40.02
N THR I 400 25.29 55.29 39.96
CA THR I 400 23.99 54.94 40.50
C THR I 400 23.30 53.83 39.72
N ASP I 401 23.67 53.66 38.44
CA ASP I 401 23.08 52.63 37.60
C ASP I 401 23.90 51.34 37.57
N LYS I 402 25.04 51.29 38.26
CA LYS I 402 25.93 50.14 38.23
C LYS I 402 26.09 49.57 39.64
N ASN I 403 25.84 48.27 39.76
CA ASN I 403 25.98 47.56 41.03
C ASN I 403 27.42 47.08 41.20
N TYR I 404 27.93 47.16 42.42
CA TYR I 404 29.28 46.74 42.75
C TYR I 404 29.24 45.44 43.55
N SER I 405 29.59 44.34 42.90
CA SER I 405 29.74 43.06 43.57
C SER I 405 31.16 42.92 44.07
N PHE I 406 31.30 42.45 45.31
CA PHE I 406 32.60 42.27 45.94
C PHE I 406 32.77 40.79 46.25
N PRO I 407 33.37 40.02 45.31
CA PRO I 407 33.51 38.58 45.55
C PRO I 407 34.20 38.27 46.87
N LEU I 408 35.13 39.13 47.31
CA LEU I 408 35.87 38.84 48.52
C LEU I 408 34.96 38.84 49.74
N ASN I 409 33.90 39.64 49.71
CA ASN I 409 32.90 39.72 50.76
C ASN I 409 31.53 39.26 50.30
N ASN I 410 31.39 38.87 49.02
CA ASN I 410 30.12 38.41 48.47
C ASN I 410 29.01 39.44 48.67
N LEU I 411 29.36 40.72 48.57
CA LEU I 411 28.40 41.81 48.75
C LEU I 411 28.20 42.52 47.43
N VAL I 412 26.94 42.62 47.00
CA VAL I 412 26.59 43.28 45.75
C VAL I 412 25.94 44.61 46.11
N CYS I 413 26.63 45.70 45.80
CA CYS I 413 26.29 47.02 46.30
C CYS I 413 25.85 47.94 45.18
N SER I 414 24.69 48.56 45.38
CA SER I 414 24.24 49.66 44.54
C SER I 414 24.68 50.98 45.18
N TYR I 415 24.80 52.02 44.37
CA TYR I 415 25.27 53.33 44.82
C TYR I 415 24.10 54.29 44.88
N ASP I 416 23.68 54.63 46.11
CA ASP I 416 22.55 55.53 46.33
C ASP I 416 23.11 56.95 46.31
N SER I 417 22.53 57.78 45.43
CA SER I 417 23.07 59.11 45.16
C SER I 417 23.07 60.02 46.37
N VAL I 418 21.99 60.06 47.15
CA VAL I 418 21.90 61.00 48.26
C VAL I 418 22.84 60.65 49.40
N LYS I 419 22.99 59.36 49.72
CA LYS I 419 23.76 58.94 50.88
C LYS I 419 25.22 58.69 50.57
N ASP I 420 25.59 58.55 49.29
CA ASP I 420 26.97 58.30 48.87
C ASP I 420 27.53 57.06 49.56
N VAL I 421 26.69 56.04 49.71
CA VAL I 421 27.09 54.78 50.31
C VAL I 421 26.75 53.64 49.35
N LEU I 422 27.57 52.61 49.38
CA LEU I 422 27.30 51.41 48.62
C LEU I 422 26.47 50.45 49.47
N VAL I 423 25.29 50.09 48.98
CA VAL I 423 24.29 49.38 49.76
C VAL I 423 24.23 47.93 49.27
N PRO I 424 24.79 46.98 50.01
CA PRO I 424 24.67 45.56 49.61
C PRO I 424 23.34 44.99 50.06
N ASP I 425 22.66 44.31 49.14
CA ASP I 425 21.47 43.53 49.49
C ASP I 425 21.96 42.28 50.19
N TYR I 426 21.89 42.29 51.53
CA TYR I 426 22.37 41.17 52.32
C TYR I 426 21.57 39.89 52.08
N GLY I 427 20.37 40.00 51.51
CA GLY I 427 19.70 38.82 50.97
C GLY I 427 20.48 38.20 49.82
N MET I 428 21.03 39.04 48.95
CA MET I 428 21.90 38.57 47.88
C MET I 428 23.31 38.27 48.40
N SER I 429 23.71 38.84 49.53
CA SER I 429 24.99 38.51 50.13
C SER I 429 24.98 37.10 50.71
N ASN I 430 26.00 36.31 50.37
CA ASN I 430 26.07 34.92 50.81
C ASN I 430 27.45 34.63 51.38
N LEU I 431 27.50 34.20 52.63
CA LEU I 431 28.76 33.74 53.19
C LEU I 431 29.18 32.44 52.51
N THR I 432 30.44 32.37 52.09
CA THR I 432 30.95 31.18 51.42
C THR I 432 31.83 30.32 52.32
N ALA I 433 32.42 30.90 53.34
CA ALA I 433 33.22 30.14 54.30
C ALA I 433 32.96 30.69 55.69
N CYS I 434 32.80 29.79 56.65
CA CYS I 434 32.43 30.18 58.00
C CYS I 434 33.56 30.98 58.64
N ASN I 435 33.18 31.88 59.56
CA ASN I 435 34.17 32.64 60.30
C ASN I 435 34.40 31.99 61.67
N TRP I 436 34.03 30.71 61.77
CA TRP I 436 34.27 29.94 62.99
C TRP I 436 35.08 28.69 62.67
N CYS I 437 34.76 28.04 61.55
CA CYS I 437 35.46 26.84 61.13
C CYS I 437 35.75 26.81 59.63
N HIS I 438 35.35 27.85 58.89
CA HIS I 438 35.58 27.97 57.45
C HIS I 438 34.90 26.84 56.69
N GLY I 439 33.80 26.32 57.22
CA GLY I 439 32.99 25.38 56.45
C GLY I 439 32.34 26.06 55.27
N THR I 440 32.46 25.43 54.10
CA THR I 440 31.90 26.00 52.88
C THR I 440 30.38 26.00 52.88
N SER I 441 29.75 25.03 53.55
CA SER I 441 28.30 24.95 53.62
C SER I 441 27.79 25.77 54.81
N VAL I 442 27.61 27.06 54.55
CA VAL I 442 27.02 27.99 55.51
C VAL I 442 25.83 28.66 54.85
N ARG I 443 24.65 28.51 55.47
CA ARG I 443 23.41 28.84 54.79
C ARG I 443 22.57 29.79 55.64
N LYS I 444 21.70 30.53 54.97
CA LYS I 444 20.91 31.56 55.61
C LYS I 444 19.91 30.98 56.62
N VAL I 445 19.52 31.81 57.58
CA VAL I 445 18.50 31.46 58.56
C VAL I 445 17.40 32.51 58.48
N ARG I 446 16.16 32.06 58.37
CA ARG I 446 15.01 32.96 58.29
C ARG I 446 14.47 33.25 59.69
N GLY I 447 13.60 34.27 59.76
CA GLY I 447 13.10 34.71 61.05
C GLY I 447 12.20 33.71 61.74
N ASP I 448 11.56 32.82 60.98
CA ASP I 448 10.74 31.78 61.58
C ASP I 448 11.56 30.65 62.16
N GLY I 449 12.89 30.72 62.06
CA GLY I 449 13.76 29.63 62.44
C GLY I 449 14.06 28.66 61.32
N SER I 450 13.41 28.80 60.17
CA SER I 450 13.68 27.94 59.04
C SER I 450 15.00 28.32 58.38
N ILE I 451 15.83 27.31 58.13
CA ILE I 451 17.10 27.48 57.45
C ILE I 451 16.84 27.41 55.95
N VAL I 452 17.52 28.27 55.18
CA VAL I 452 17.31 28.31 53.75
C VAL I 452 18.16 27.21 53.12
N TYR I 453 17.61 26.01 53.04
CA TYR I 453 18.33 24.91 52.41
C TYR I 453 18.27 25.05 50.90
N LEU I 454 19.17 24.33 50.23
CA LEU I 454 19.21 24.27 48.79
C LEU I 454 19.11 22.82 48.34
N ASP I 455 19.16 22.62 47.02
CA ASP I 455 19.04 21.28 46.48
C ASP I 455 20.36 20.54 46.64
N GLY I 456 20.35 19.51 47.47
CA GLY I 456 21.54 18.84 47.92
C GLY I 456 21.94 19.17 49.34
N ASP I 457 21.24 20.12 49.96
CA ASP I 457 21.53 20.47 51.35
C ASP I 457 20.99 19.40 52.29
N ARG I 458 21.83 18.97 53.22
CA ARG I 458 21.44 17.91 54.15
C ARG I 458 20.97 18.51 55.46
N THR I 459 19.74 18.20 55.86
CA THR I 459 19.12 18.83 57.01
C THR I 459 19.49 18.10 58.29
N ASN I 460 19.25 18.77 59.42
CA ASN I 460 19.55 18.20 60.73
C ASN I 460 18.49 17.21 61.19
N SER I 461 17.36 17.12 60.52
CA SER I 461 16.34 16.15 60.88
C SER I 461 16.84 14.74 60.58
N ARG I 462 16.66 13.83 61.55
CA ARG I 462 17.20 12.49 61.40
C ARG I 462 16.54 11.75 60.25
N SER I 463 17.37 11.10 59.44
CA SER I 463 16.88 10.15 58.45
C SER I 463 16.41 8.89 59.16
N THR I 464 15.18 8.47 58.87
CA THR I 464 14.66 7.23 59.43
C THR I 464 15.23 6.00 58.75
N GLY I 465 15.98 6.18 57.66
CA GLY I 465 16.58 5.06 56.95
C GLY I 465 16.93 5.46 55.53
N GLY I 466 18.07 4.97 55.03
CA GLY I 466 18.46 5.31 53.69
C GLY I 466 19.81 4.79 53.25
N LYS I 467 19.98 4.58 51.94
CA LYS I 467 21.25 4.15 51.38
C LYS I 467 22.32 5.24 51.44
N CYS I 468 21.94 6.47 51.79
CA CYS I 468 22.88 7.57 51.79
C CYS I 468 24.04 7.36 52.76
N GLY I 469 23.75 6.88 53.96
CA GLY I 469 24.80 6.67 54.95
C GLY I 469 25.00 7.90 55.82
N CYS I 470 24.42 9.02 55.39
CA CYS I 470 24.59 10.27 56.12
C CYS I 470 23.79 10.31 57.42
N GLY I 471 22.79 9.44 57.57
CA GLY I 471 21.99 9.41 58.77
C GLY I 471 21.08 10.59 58.99
N PHE I 472 21.17 11.63 58.16
CA PHE I 472 20.30 12.80 58.26
C PHE I 472 19.36 12.85 57.06
N LYS I 473 18.30 13.62 57.21
CA LYS I 473 17.41 13.85 56.09
C LYS I 473 18.02 14.84 55.11
N HIS I 474 17.64 14.70 53.85
CA HIS I 474 18.04 15.63 52.81
C HIS I 474 16.83 16.46 52.40
N PHE I 475 17.10 17.70 51.99
CA PHE I 475 16.06 18.64 51.60
C PHE I 475 15.97 18.69 50.09
N TRP I 476 14.74 18.70 49.56
CA TRP I 476 14.66 18.83 48.12
C TRP I 476 13.30 19.39 47.69
N ASP I 477 13.35 20.31 46.73
CA ASP I 477 12.21 21.03 46.16
C ASP I 477 11.17 21.42 47.21
N GLY I 478 11.63 21.88 48.37
CA GLY I 478 10.74 22.20 49.46
C GLY I 478 10.34 21.04 50.34
N LYS I 479 10.84 19.83 50.04
CA LYS I 479 10.45 18.63 50.77
C LYS I 479 11.69 17.96 51.33
N GLU I 480 11.45 17.04 52.28
CA GLU I 480 12.51 16.33 52.98
C GLU I 480 12.50 14.88 52.54
N TYR I 481 13.54 14.46 51.82
CA TYR I 481 13.66 13.09 51.35
C TYR I 481 14.82 12.38 52.06
N ASP I 482 14.60 11.10 52.34
CA ASP I 482 15.61 10.30 53.02
C ASP I 482 16.85 10.07 52.17
N ASN I 483 16.73 10.14 50.85
CA ASN I 483 17.83 9.83 49.94
C ASN I 483 17.93 10.91 48.87
N LEU I 484 19.05 10.91 48.18
CA LEU I 484 19.16 11.87 47.10
C LEU I 484 18.78 11.23 45.77
N PRO I 485 18.13 11.98 44.88
CA PRO I 485 17.54 11.36 43.70
C PRO I 485 18.54 11.13 42.59
N GLU I 486 18.38 9.99 41.92
CA GLU I 486 19.11 9.74 40.68
C GLU I 486 18.65 10.72 39.61
N ALA I 487 19.59 11.16 38.78
CA ALA I 487 19.31 12.10 37.70
C ALA I 487 19.93 11.57 36.41
N PHE I 488 19.24 11.83 35.29
CA PHE I 488 19.70 11.45 33.97
C PHE I 488 18.86 12.20 32.95
N PRO I 489 19.43 12.55 31.79
CA PRO I 489 18.78 13.52 30.92
C PRO I 489 17.62 12.92 30.13
N ILE I 490 16.83 13.81 29.53
CA ILE I 490 15.71 13.42 28.68
C ILE I 490 15.81 14.20 27.38
N THR I 491 15.14 13.71 26.35
CA THR I 491 15.26 14.25 24.99
C THR I 491 13.87 14.53 24.44
N LEU I 492 13.54 15.80 24.27
CA LEU I 492 12.21 16.18 23.83
C LEU I 492 12.25 16.80 22.43
N GLU I 493 11.36 16.33 21.55
CA GLU I 493 11.19 16.91 20.23
C GLU I 493 9.71 17.05 19.94
N TRP I 494 9.26 18.28 19.71
CA TRP I 494 7.88 18.55 19.34
C TRP I 494 7.82 19.84 18.55
N GLY I 495 6.98 19.85 17.52
CA GLY I 495 6.88 21.02 16.67
C GLY I 495 8.19 21.44 16.05
N GLY I 496 9.11 20.48 15.87
CA GLY I 496 10.44 20.78 15.40
C GLY I 496 11.39 21.29 16.45
N ARG I 497 10.90 21.90 17.53
CA ARG I 497 11.76 22.41 18.59
C ARG I 497 12.32 21.25 19.40
N VAL I 498 13.51 21.43 19.97
CA VAL I 498 14.22 20.41 20.72
C VAL I 498 14.68 21.01 22.04
N VAL I 499 14.54 20.25 23.13
CA VAL I 499 14.81 20.72 24.47
C VAL I 499 15.69 19.71 25.19
N ARG I 500 16.75 20.19 25.83
CA ARG I 500 17.47 19.43 26.83
C ARG I 500 16.83 19.68 28.19
N GLU I 501 16.60 18.61 28.93
CA GLU I 501 16.00 18.68 30.25
C GLU I 501 16.47 17.46 31.03
N THR I 502 16.81 17.68 32.29
CA THR I 502 17.35 16.64 33.15
C THR I 502 16.27 16.15 34.12
N VAL I 503 16.17 14.83 34.30
CA VAL I 503 15.06 14.23 35.01
C VAL I 503 15.54 13.59 36.30
N TYR I 504 15.05 14.10 37.41
CA TYR I 504 15.36 13.61 38.75
C TYR I 504 14.34 12.58 39.19
N TRP I 505 14.80 11.37 39.52
CA TRP I 505 13.92 10.23 39.70
C TRP I 505 14.12 9.62 41.08
N PHE I 506 13.38 10.12 42.07
CA PHE I 506 13.45 9.61 43.43
C PHE I 506 13.07 8.14 43.46
N GLN I 507 13.69 7.40 44.37
CA GLN I 507 13.41 5.98 44.54
C GLN I 507 13.92 5.55 45.91
N TYR I 508 13.37 4.43 46.39
CA TYR I 508 13.69 3.88 47.70
C TYR I 508 13.35 4.83 48.85
N GLU I 509 12.22 5.50 48.76
CA GLU I 509 11.77 6.33 49.86
C GLU I 509 11.13 5.47 50.94
N SER I 510 11.41 5.79 52.20
CA SER I 510 10.80 5.06 53.30
C SER I 510 9.29 5.21 53.30
N ASP I 511 8.80 6.42 53.05
CA ASP I 511 7.37 6.66 52.86
C ASP I 511 7.05 6.39 51.40
N SER I 512 6.04 5.55 51.16
CA SER I 512 5.74 5.12 49.80
C SER I 512 5.28 6.27 48.92
N SER I 513 4.44 7.17 49.43
CA SER I 513 3.81 8.20 48.63
C SER I 513 4.80 9.21 48.05
N LEU I 514 6.01 9.31 48.60
CA LEU I 514 6.97 10.31 48.14
C LEU I 514 7.80 9.85 46.95
N ASN I 515 7.71 8.58 46.58
CA ASN I 515 8.47 8.09 45.43
C ASN I 515 7.94 8.69 44.15
N SER I 516 8.81 8.76 43.14
CA SER I 516 8.44 9.36 41.87
C SER I 516 7.35 8.54 41.17
N ASN I 517 6.46 9.23 40.47
CA ASN I 517 5.42 8.59 39.68
C ASN I 517 5.56 9.11 38.25
N VAL I 518 5.79 8.19 37.30
CA VAL I 518 6.18 8.59 35.95
C VAL I 518 5.09 9.44 35.30
N TYR I 519 3.83 9.18 35.63
CA TYR I 519 2.76 9.91 34.94
C TYR I 519 2.61 11.32 35.50
N ASP I 520 3.34 11.64 36.56
CA ASP I 520 3.42 13.04 37.00
C ASP I 520 4.72 13.68 36.54
N VAL I 521 5.82 12.93 36.58
CA VAL I 521 7.09 13.48 36.11
C VAL I 521 6.99 13.81 34.63
N ALA I 522 6.44 12.91 33.83
CA ALA I 522 6.31 13.16 32.40
C ALA I 522 5.41 14.35 32.12
N MET I 523 4.27 14.44 32.81
CA MET I 523 3.35 15.53 32.57
C MET I 523 3.94 16.86 32.99
N LYS I 524 4.75 16.88 34.05
CA LYS I 524 5.35 18.12 34.50
C LYS I 524 6.26 18.72 33.43
N LEU I 525 7.10 17.89 32.80
CA LEU I 525 8.05 18.38 31.82
C LEU I 525 7.33 18.95 30.60
N VAL I 526 6.41 18.18 30.02
CA VAL I 526 5.70 18.64 28.83
C VAL I 526 4.98 19.94 29.11
N THR I 527 4.31 20.03 30.25
CA THR I 527 3.69 21.30 30.64
C THR I 527 4.73 22.39 30.85
N LYS I 528 5.86 22.06 31.49
CA LYS I 528 6.85 23.09 31.80
C LYS I 528 7.53 23.63 30.55
N HIS I 529 7.60 22.82 29.49
CA HIS I 529 8.33 23.24 28.29
C HIS I 529 7.46 23.37 27.06
N PHE I 530 6.20 22.92 27.10
CA PHE I 530 5.31 23.03 25.94
C PHE I 530 3.90 23.43 26.37
N PRO I 531 3.76 24.55 27.06
CA PRO I 531 2.43 24.93 27.55
C PRO I 531 1.51 25.37 26.42
N GLY I 532 0.45 24.57 26.21
CA GLY I 532 -0.56 24.94 25.25
C GLY I 532 -0.37 24.40 23.85
N GLU I 533 0.40 23.34 23.67
CA GLU I 533 0.49 22.73 22.36
C GLU I 533 -0.63 21.73 22.15
N PHE I 534 -1.07 21.57 20.92
CA PHE I 534 -2.11 20.60 20.62
C PHE I 534 -1.49 19.24 20.36
N GLY I 535 -2.19 18.19 20.79
CA GLY I 535 -1.71 16.84 20.59
C GLY I 535 -0.51 16.46 21.41
N SER I 536 -0.23 17.17 22.51
CA SER I 536 0.91 16.83 23.35
C SER I 536 0.70 15.52 24.09
N GLU I 537 -0.55 15.04 24.17
CA GLU I 537 -0.79 13.74 24.79
C GLU I 537 -0.03 12.62 24.09
N ILE I 538 0.27 12.80 22.81
CA ILE I 538 1.10 11.83 22.11
C ILE I 538 2.55 11.94 22.56
N LEU I 539 3.01 13.17 22.80
CA LEU I 539 4.37 13.36 23.27
C LEU I 539 4.59 12.72 24.62
N VAL I 540 3.59 12.82 25.51
CA VAL I 540 3.74 12.27 26.85
C VAL I 540 3.91 10.76 26.80
N GLN I 541 3.17 10.08 25.92
CA GLN I 541 3.34 8.64 25.79
C GLN I 541 4.76 8.30 25.37
N LYS I 542 5.32 9.04 24.42
CA LYS I 542 6.70 8.80 24.00
C LYS I 542 7.67 9.07 25.14
N VAL I 543 7.38 10.07 25.98
CA VAL I 543 8.26 10.38 27.11
C VAL I 543 8.22 9.26 28.14
N VAL I 544 7.02 8.80 28.48
CA VAL I 544 6.87 7.78 29.53
C VAL I 544 7.62 6.52 29.13
N HIS I 545 7.47 6.09 27.89
CA HIS I 545 8.13 4.88 27.43
C HIS I 545 9.65 4.98 27.58
N THR I 546 10.19 6.20 27.58
CA THR I 546 11.63 6.36 27.71
C THR I 546 12.08 6.22 29.16
N ILE I 547 11.39 6.91 30.08
CA ILE I 547 11.82 6.91 31.47
C ILE I 547 11.76 5.49 32.05
N LEU I 548 10.69 4.76 31.73
CA LEU I 548 10.56 3.39 32.23
C LEU I 548 11.72 2.53 31.77
N HIS I 549 12.07 2.61 30.49
CA HIS I 549 13.18 1.81 29.98
C HIS I 549 14.51 2.26 30.56
N GLN I 550 14.59 3.49 31.07
CA GLN I 550 15.85 3.95 31.63
C GLN I 550 15.99 3.63 33.11
N THR I 551 14.88 3.60 33.85
CA THR I 551 14.93 3.29 35.27
C THR I 551 14.83 1.79 35.57
N ALA I 552 14.72 0.96 34.54
CA ALA I 552 14.59 -0.48 34.74
C ALA I 552 15.91 -1.08 35.20
N LYS I 553 16.29 -0.80 36.44
CA LYS I 553 17.58 -1.23 36.93
C LYS I 553 17.58 -2.72 37.22
N LYS I 554 18.63 -3.41 36.75
CA LYS I 554 18.72 -4.86 36.92
C LYS I 554 18.74 -5.24 38.39
N ASN I 555 19.65 -4.66 39.16
CA ASN I 555 19.70 -4.86 40.61
C ASN I 555 18.93 -3.74 41.30
N PRO I 556 17.93 -4.04 42.11
CA PRO I 556 17.17 -2.97 42.78
C PRO I 556 18.02 -2.08 43.68
N ASP I 557 19.18 -2.55 44.14
CA ASP I 557 20.05 -1.73 44.97
C ASP I 557 21.12 -0.99 44.18
N ASP I 558 20.96 -0.89 42.86
CA ASP I 558 21.89 -0.10 42.05
C ASP I 558 21.63 1.38 42.26
N TYR I 559 22.24 1.96 43.30
CA TYR I 559 21.97 3.33 43.69
C TYR I 559 23.18 4.19 43.37
N THR I 560 23.01 5.16 42.47
CA THR I 560 24.07 6.07 42.04
C THR I 560 23.54 7.49 42.20
N PRO I 561 23.55 8.02 43.42
CA PRO I 561 22.90 9.31 43.68
C PRO I 561 23.56 10.45 42.93
N VAL I 562 22.93 11.62 43.03
CA VAL I 562 23.47 12.82 42.40
C VAL I 562 24.81 13.17 43.05
N ASN I 563 25.74 13.65 42.23
CA ASN I 563 27.06 14.05 42.71
C ASN I 563 27.05 15.53 43.05
N ILE I 564 26.87 15.85 44.33
CA ILE I 564 26.83 17.22 44.82
C ILE I 564 28.04 17.44 45.72
N ASP I 565 28.83 18.45 45.41
CA ASP I 565 30.03 18.74 46.17
C ASP I 565 29.66 19.30 47.55
N GLY I 566 30.43 18.91 48.56
CA GLY I 566 30.20 19.35 49.91
C GLY I 566 29.29 18.47 50.74
N ALA I 567 28.07 18.19 50.25
CA ALA I 567 27.18 17.30 50.98
C ALA I 567 27.75 15.89 51.08
N HIS I 568 28.20 15.34 49.95
CA HIS I 568 28.83 14.03 49.92
C HIS I 568 30.03 14.06 48.99
N ALA I 569 31.11 13.40 49.39
CA ALA I 569 32.33 13.36 48.60
C ALA I 569 32.91 11.96 48.55
#